data_6NCA
#
_entry.id   6NCA
#
_cell.length_a   189.910
_cell.length_b   100.170
_cell.length_c   292.410
_cell.angle_alpha   90.000
_cell.angle_beta   94.430
_cell.angle_gamma   90.000
#
_symmetry.space_group_name_H-M   'P 1 21 1'
#
loop_
_entity.id
_entity.type
_entity.pdbx_description
1 polymer 'Replication and transcription activator'
2 polymer 'HLA class I histocompatibility antigen, A-2 alpha chain'
3 polymer Beta-2-microglobulin
#
loop_
_entity_poly.entity_id
_entity_poly.type
_entity_poly.pdbx_seq_one_letter_code
_entity_poly.pdbx_strand_id
1 'polypeptide(L)' YVLDHLIVV Y,u,z,y,8,w,4,3,W,6,x,5,X,v,2,U,Z,V,7,1
2 'polypeptide(L)'
;GSHSMRYFFTSVSRPGRGEPRFIAVGYVDDTQFVRFDSDAASQRMEPRAPWIEQEGPEYWDGETRKVKAHSQTHRVDLGT
LRGYYNQSEAGSHTVQRMYGCDVGSDWRFLRGYHQYAYDGKDYIALKEDLRSWTAADMAAQTTKHKWEAAHVAEQLRAYL
EGTCVEWLRRYLENGKETLQRTDAPKTHMTHHAVSDHEATLRCWALSFYPAEITLTWQRDGEDQTQDTELVETRPAGDGT
FQKWAAVVVPSGQEQRYTCHVQHEGLPKPLTLRWE
;
A,B,C,D,E,F,G,H,S,J,K,L,M,N,O,P,Q,R,I,T
3 'polypeptide(L)'
;MIQRTPKIQVYSRHPAENGKSNFLNCYVSGFHPSDIEVDLLKNGERIEKVEHSDLSFSKDWSFYLLYYTEFTPTEKDEYA
CRVNHVTLSQPKIVKWDRDM
;
a,b,c,d,f,g,h,s,j,k,l,m,n,o,p,q,r,i,t,e
#
# COMPACT_ATOMS: atom_id res chain seq x y z
N TYR A 1 -13.66 -5.39 59.93
CA TYR A 1 -12.56 -4.96 59.08
C TYR A 1 -13.05 -4.76 57.65
N VAL A 2 -12.71 -3.61 57.05
CA VAL A 2 -13.16 -3.33 55.69
C VAL A 2 -12.38 -4.17 54.69
N LEU A 3 -12.98 -4.40 53.53
CA LEU A 3 -12.35 -5.15 52.46
C LEU A 3 -11.06 -4.45 52.02
N ASP A 4 -9.96 -5.20 51.99
CA ASP A 4 -8.68 -4.60 51.63
C ASP A 4 -8.45 -4.48 50.13
N HIS A 5 -9.22 -5.19 49.32
CA HIS A 5 -9.05 -5.19 47.87
C HIS A 5 -9.98 -4.19 47.21
N LEU A 6 -9.49 -3.55 46.16
CA LEU A 6 -10.25 -2.56 45.39
C LEU A 6 -10.63 -3.15 44.04
N ILE A 7 -11.86 -2.87 43.60
CA ILE A 7 -12.40 -3.38 42.35
C ILE A 7 -13.19 -2.28 41.66
N VAL A 8 -13.38 -2.41 40.35
CA VAL A 8 -14.19 -1.47 39.59
C VAL A 8 -15.08 -2.28 38.65
N VAL A 9 -16.29 -1.78 38.43
CA VAL A 9 -17.23 -2.48 37.55
C VAL A 9 -16.93 -2.14 36.10
N TYR B 1 -12.81 -4.53 -45.64
CA TYR B 1 -13.92 -4.83 -44.74
C TYR B 1 -14.40 -3.52 -44.14
N VAL B 2 -15.61 -3.09 -44.52
CA VAL B 2 -16.12 -1.83 -44.03
C VAL B 2 -16.47 -1.97 -42.55
N LEU B 3 -16.50 -0.84 -41.85
CA LEU B 3 -16.80 -0.85 -40.42
C LEU B 3 -18.17 -1.45 -40.15
N ASP B 4 -18.20 -2.46 -39.28
CA ASP B 4 -19.42 -3.17 -38.93
C ASP B 4 -20.22 -2.47 -37.84
N HIS B 5 -19.63 -1.52 -37.11
CA HIS B 5 -20.31 -0.85 -36.02
C HIS B 5 -20.93 0.46 -36.51
N LEU B 6 -22.11 0.78 -36.01
CA LEU B 6 -22.83 1.99 -36.37
C LEU B 6 -22.78 2.98 -35.21
N ILE B 7 -22.59 4.25 -35.55
CA ILE B 7 -22.48 5.33 -34.57
C ILE B 7 -23.24 6.53 -35.15
N VAL B 8 -23.66 7.44 -34.29
CA VAL B 8 -24.35 8.65 -34.73
C VAL B 8 -23.79 9.85 -33.98
N VAL B 9 -23.73 10.99 -34.69
CA VAL B 9 -23.23 12.23 -34.12
C VAL B 9 -24.32 12.92 -33.31
N TYR C 1 9.75 -48.03 -34.27
CA TYR C 1 8.83 -48.54 -33.25
C TYR C 1 8.30 -47.35 -32.45
N VAL C 2 7.06 -46.94 -32.73
CA VAL C 2 6.51 -45.78 -32.04
C VAL C 2 6.21 -46.11 -30.59
N LEU C 3 6.21 -45.08 -29.75
CA LEU C 3 5.94 -45.24 -28.33
C LEU C 3 4.56 -45.83 -28.10
N ASP C 4 4.51 -46.92 -27.32
CA ASP C 4 3.23 -47.59 -27.07
C ASP C 4 2.46 -46.92 -25.94
N HIS C 5 3.16 -46.31 -24.98
CA HIS C 5 2.50 -45.70 -23.84
C HIS C 5 1.89 -44.37 -24.27
N LEU C 6 0.72 -44.06 -23.73
CA LEU C 6 0.01 -42.84 -24.06
C LEU C 6 0.07 -41.85 -22.90
N ILE C 7 0.27 -40.58 -23.24
CA ILE C 7 0.37 -39.48 -22.28
C ILE C 7 -0.39 -38.32 -22.89
N VAL C 8 -0.82 -37.39 -22.05
CA VAL C 8 -1.52 -36.20 -22.52
C VAL C 8 -0.98 -34.96 -21.80
N VAL C 9 -0.93 -33.85 -22.53
CA VAL C 9 -0.45 -32.58 -21.99
C VAL C 9 -1.60 -31.93 -21.21
N TYR D 1 -11.75 28.67 80.75
CA TYR D 1 -12.87 29.58 80.55
C TYR D 1 -12.99 30.55 81.73
N VAL D 2 -14.16 31.17 81.90
CA VAL D 2 -14.32 32.14 82.97
C VAL D 2 -14.37 31.43 84.32
N LEU D 3 -14.04 32.17 85.38
CA LEU D 3 -14.04 31.64 86.73
C LEU D 3 -15.43 31.15 87.13
N ASP D 4 -15.51 29.90 87.59
CA ASP D 4 -16.79 29.30 87.96
C ASP D 4 -17.23 29.66 89.38
N HIS D 5 -16.33 30.17 90.22
CA HIS D 5 -16.67 30.47 91.60
C HIS D 5 -17.06 31.94 91.75
N LEU D 6 -18.05 32.19 92.60
CA LEU D 6 -18.55 33.53 92.85
C LEU D 6 -18.08 33.99 94.23
N ILE D 7 -17.68 35.26 94.32
CA ILE D 7 -17.16 35.84 95.56
C ILE D 7 -17.72 37.25 95.67
N VAL D 8 -17.72 37.77 96.91
CA VAL D 8 -18.15 39.14 97.17
C VAL D 8 -17.15 39.78 98.11
N VAL D 9 -16.91 41.08 97.91
CA VAL D 9 -15.96 41.82 98.73
C VAL D 9 -16.64 42.25 100.03
N TYR E 1 11.08 -13.21 92.94
CA TYR E 1 9.84 -13.54 93.63
C TYR E 1 9.64 -12.46 94.69
N VAL E 2 8.43 -11.87 94.75
CA VAL E 2 8.22 -10.79 95.71
C VAL E 2 8.14 -11.38 97.12
N LEU E 3 8.44 -10.55 98.12
CA LEU E 3 8.37 -11.01 99.50
C LEU E 3 6.96 -11.47 99.82
N ASP E 4 6.83 -12.71 100.31
CA ASP E 4 5.53 -13.27 100.62
C ASP E 4 5.04 -12.87 102.00
N HIS E 5 5.92 -12.38 102.86
CA HIS E 5 5.55 -12.05 104.23
C HIS E 5 5.20 -10.57 104.33
N LEU E 6 4.21 -10.27 105.15
CA LEU E 6 3.73 -8.91 105.36
C LEU E 6 4.19 -8.43 106.73
N ILE E 7 4.62 -7.17 106.79
CA ILE E 7 5.13 -6.54 108.00
C ILE E 7 4.56 -5.14 107.99
N VAL E 8 4.50 -4.50 109.15
CA VAL E 8 4.04 -3.13 109.23
C VAL E 8 4.97 -2.34 110.14
N VAL E 9 5.18 -1.07 109.81
CA VAL E 9 6.04 -0.20 110.58
C VAL E 9 5.27 0.34 111.77
N TYR F 1 -26.82 -11.00 -15.23
CA TYR F 1 -25.81 -10.28 -16.01
C TYR F 1 -26.34 -8.96 -16.54
N VAL F 2 -25.61 -7.87 -16.29
CA VAL F 2 -26.04 -6.56 -16.76
C VAL F 2 -25.78 -6.44 -18.26
N LEU F 3 -26.53 -5.56 -18.91
CA LEU F 3 -26.34 -5.33 -20.34
C LEU F 3 -24.93 -4.81 -20.59
N ASP F 4 -24.21 -5.48 -21.49
CA ASP F 4 -22.84 -5.09 -21.79
C ASP F 4 -22.74 -3.94 -22.77
N HIS F 5 -23.81 -3.62 -23.48
CA HIS F 5 -23.79 -2.59 -24.50
C HIS F 5 -24.26 -1.25 -23.93
N LEU F 6 -23.63 -0.17 -24.39
CA LEU F 6 -23.90 1.19 -23.95
C LEU F 6 -24.67 1.96 -25.02
N ILE F 7 -25.64 2.77 -24.58
CA ILE F 7 -26.48 3.55 -25.49
C ILE F 7 -26.65 4.94 -24.89
N VAL F 8 -26.98 5.91 -25.76
CA VAL F 8 -27.23 7.28 -25.36
C VAL F 8 -28.48 7.79 -26.06
N VAL F 9 -29.23 8.64 -25.36
CA VAL F 9 -30.46 9.21 -25.90
C VAL F 9 -30.10 10.39 -26.81
N TYR G 1 -3.62 -55.56 -3.70
CA TYR G 1 -2.99 -54.46 -2.98
C TYR G 1 -3.37 -53.14 -3.65
N VAL G 2 -2.59 -52.09 -3.42
CA VAL G 2 -2.91 -50.78 -3.98
C VAL G 2 -2.66 -50.78 -5.49
N LEU G 3 -3.35 -49.87 -6.17
CA LEU G 3 -3.25 -49.69 -7.62
C LEU G 3 -1.82 -49.36 -8.03
N ASP G 4 -1.32 -50.08 -9.05
CA ASP G 4 0.06 -49.90 -9.50
C ASP G 4 0.20 -48.68 -10.40
N HIS G 5 -0.70 -48.56 -11.37
CA HIS G 5 -0.66 -47.48 -12.35
C HIS G 5 -1.04 -46.14 -11.74
N LEU G 6 -0.38 -45.10 -12.21
CA LEU G 6 -0.60 -43.72 -11.76
C LEU G 6 -1.39 -43.00 -12.85
N ILE G 7 -2.35 -42.17 -12.43
CA ILE G 7 -3.24 -41.43 -13.30
C ILE G 7 -3.41 -40.03 -12.71
N VAL G 8 -3.84 -39.09 -13.53
CA VAL G 8 -4.10 -37.73 -13.08
C VAL G 8 -5.43 -37.28 -13.66
N VAL G 9 -6.17 -36.48 -12.89
CA VAL G 9 -7.47 -35.98 -13.32
C VAL G 9 -7.31 -34.78 -14.24
N TYR H 1 -53.35 -83.07 12.14
CA TYR H 1 -54.17 -83.80 11.17
C TYR H 1 -55.30 -82.94 10.58
N VAL H 2 -56.31 -83.57 9.98
CA VAL H 2 -57.38 -82.81 9.32
C VAL H 2 -58.25 -82.11 10.36
N LEU H 3 -58.90 -81.03 9.92
CA LEU H 3 -59.79 -80.27 10.79
C LEU H 3 -60.93 -81.14 11.29
N ASP H 4 -61.11 -81.20 12.60
CA ASP H 4 -62.14 -82.01 13.23
C ASP H 4 -63.50 -81.33 13.32
N HIS H 5 -63.66 -80.15 12.71
CA HIS H 5 -64.92 -79.42 12.82
C HIS H 5 -65.58 -79.26 11.46
N LEU H 6 -66.91 -79.33 11.46
CA LEU H 6 -67.73 -79.24 10.25
C LEU H 6 -68.46 -77.90 10.21
N ILE H 7 -68.53 -77.31 9.01
CA ILE H 7 -69.16 -76.01 8.79
C ILE H 7 -69.93 -76.12 7.49
N VAL H 8 -70.90 -75.23 7.29
CA VAL H 8 -71.66 -75.21 6.05
C VAL H 8 -71.81 -73.78 5.55
N VAL H 9 -71.80 -73.62 4.23
CA VAL H 9 -71.92 -72.32 3.59
C VAL H 9 -73.40 -71.92 3.52
N TYR I 1 -76.60 -39.55 -4.08
CA TYR I 1 -77.75 -39.66 -3.20
C TYR I 1 -78.82 -38.66 -3.64
N VAL I 2 -79.90 -39.19 -4.20
CA VAL I 2 -80.98 -38.35 -4.72
C VAL I 2 -81.75 -37.70 -3.57
N LEU I 3 -82.42 -36.59 -3.88
CA LEU I 3 -83.19 -35.85 -2.89
C LEU I 3 -84.28 -36.70 -2.25
N ASP I 4 -84.27 -36.74 -0.92
CA ASP I 4 -85.20 -37.52 -0.12
C ASP I 4 -86.53 -36.80 0.12
N HIS I 5 -86.74 -35.62 -0.44
CA HIS I 5 -87.95 -34.84 -0.22
C HIS I 5 -88.74 -34.72 -1.53
N LEU I 6 -90.06 -34.76 -1.42
CA LEU I 6 -90.93 -34.67 -2.58
C LEU I 6 -91.63 -33.32 -2.61
N ILE I 7 -91.72 -32.74 -3.82
CA ILE I 7 -92.33 -31.43 -4.03
C ILE I 7 -93.12 -31.48 -5.33
N VAL I 8 -94.07 -30.57 -5.47
CA VAL I 8 -94.85 -30.43 -6.71
C VAL I 8 -94.95 -28.94 -7.01
N VAL I 9 -94.92 -28.59 -8.29
CA VAL I 9 -95.01 -27.18 -8.66
C VAL I 9 -96.47 -26.72 -8.68
N TYR J 1 60.65 11.78 27.56
CA TYR J 1 61.80 12.44 26.95
C TYR J 1 61.28 13.61 26.11
N VAL J 2 61.92 14.76 26.31
CA VAL J 2 61.52 16.02 25.66
C VAL J 2 61.88 16.03 24.17
N LEU J 3 61.14 16.87 23.43
CA LEU J 3 61.34 17.05 21.99
C LEU J 3 62.75 17.51 21.66
N ASP J 4 63.40 16.80 20.74
CA ASP J 4 64.76 17.09 20.35
C ASP J 4 64.88 18.21 19.31
N HIS J 5 63.80 18.56 18.63
CA HIS J 5 63.85 19.56 17.57
C HIS J 5 63.47 20.95 18.07
N LEU J 6 64.14 21.96 17.52
CA LEU J 6 63.93 23.36 17.87
C LEU J 6 63.18 24.07 16.74
N ILE J 7 62.23 24.94 17.12
CA ILE J 7 61.41 25.68 16.18
C ILE J 7 61.25 27.09 16.74
N VAL J 8 60.93 28.05 15.87
CA VAL J 8 60.70 29.42 16.31
C VAL J 8 59.44 29.96 15.64
N VAL J 9 58.72 30.81 16.38
CA VAL J 9 57.49 31.42 15.88
C VAL J 9 57.83 32.62 15.00
N TYR K 1 37.01 56.77 14.38
CA TYR K 1 37.62 57.96 14.94
C TYR K 1 37.17 59.23 14.21
N VAL K 2 37.81 60.36 14.52
CA VAL K 2 37.39 61.62 13.91
C VAL K 2 37.79 61.64 12.43
N LEU K 3 37.09 62.47 11.67
CA LEU K 3 37.35 62.61 10.24
C LEU K 3 38.78 63.08 9.98
N ASP K 4 39.50 62.32 9.14
CA ASP K 4 40.88 62.64 8.80
C ASP K 4 41.00 63.66 7.68
N HIS K 5 39.91 63.94 6.95
CA HIS K 5 39.96 64.87 5.82
C HIS K 5 39.59 66.27 6.29
N LEU K 6 40.29 67.26 5.75
CA LEU K 6 40.05 68.66 6.09
C LEU K 6 39.39 69.41 4.96
N ILE K 7 38.42 70.26 5.31
CA ILE K 7 37.67 71.07 4.36
C ILE K 7 37.43 72.42 5.00
N VAL K 8 37.16 73.42 4.18
CA VAL K 8 36.86 74.76 4.68
C VAL K 8 35.65 75.30 3.92
N VAL K 9 34.82 76.06 4.63
CA VAL K 9 33.62 76.66 4.04
C VAL K 9 34.01 77.93 3.30
N TYR L 1 9.78 -14.44 38.01
CA TYR L 1 8.44 -14.70 38.53
C TYR L 1 7.44 -13.82 37.77
N VAL L 2 6.36 -14.42 37.26
CA VAL L 2 5.38 -13.66 36.48
C VAL L 2 4.57 -12.78 37.42
N LEU L 3 3.99 -11.71 36.87
CA LEU L 3 3.17 -10.83 37.68
C LEU L 3 2.02 -11.63 38.28
N ASP L 4 1.89 -11.59 39.61
CA ASP L 4 0.86 -12.36 40.28
C ASP L 4 -0.50 -11.66 40.32
N HIS L 5 -0.54 -10.35 40.08
CA HIS L 5 -1.78 -9.61 40.15
C HIS L 5 -2.39 -9.47 38.77
N LEU L 6 -3.72 -9.55 38.70
CA LEU L 6 -4.47 -9.45 37.45
C LEU L 6 -5.17 -8.10 37.38
N ILE L 7 -5.17 -7.50 36.19
CA ILE L 7 -5.78 -6.20 35.96
C ILE L 7 -6.49 -6.28 34.62
N VAL L 8 -7.47 -5.41 34.42
CA VAL L 8 -8.18 -5.37 33.15
C VAL L 8 -8.36 -3.93 32.70
N VAL L 9 -8.29 -3.74 31.39
CA VAL L 9 -8.45 -2.44 30.75
C VAL L 9 -9.93 -2.12 30.59
N TYR M 1 -14.43 30.04 27.34
CA TYR M 1 -15.58 29.97 28.24
C TYR M 1 -16.61 30.99 27.75
N VAL M 2 -17.70 30.47 27.20
CA VAL M 2 -18.75 31.33 26.62
C VAL M 2 -19.51 32.04 27.74
N LEU M 3 -20.14 33.16 27.36
CA LEU M 3 -20.91 33.95 28.31
C LEU M 3 -22.01 33.12 28.94
N ASP M 4 -22.03 33.11 30.27
CA ASP M 4 -22.98 32.32 31.06
C ASP M 4 -24.34 33.00 31.25
N HIS M 5 -24.59 34.15 30.64
CA HIS M 5 -25.85 34.87 30.82
C HIS M 5 -26.56 34.99 29.49
N LEU M 6 -27.89 34.88 29.53
CA LEU M 6 -28.72 34.96 28.33
C LEU M 6 -29.46 36.30 28.30
N ILE M 7 -29.54 36.89 27.11
CA ILE M 7 -30.17 38.19 26.90
C ILE M 7 -30.97 38.10 25.60
N VAL M 8 -31.94 38.98 25.44
CA VAL M 8 -32.73 39.02 24.21
C VAL M 8 -32.88 40.47 23.76
N VAL M 9 -32.88 40.68 22.45
CA VAL M 9 -33.02 42.00 21.87
C VAL M 9 -34.50 42.38 21.83
N TYR N 1 51.87 61.80 -14.35
CA TYR N 1 50.90 61.43 -13.34
C TYR N 1 50.40 62.73 -12.70
N VAL N 2 49.16 63.10 -13.00
CA VAL N 2 48.61 64.35 -12.48
C VAL N 2 48.34 64.23 -10.99
N LEU N 3 48.31 65.38 -10.31
CA LEU N 3 48.06 65.43 -8.88
C LEU N 3 46.73 64.79 -8.55
N ASP N 4 46.75 63.83 -7.61
CA ASP N 4 45.54 63.11 -7.24
C ASP N 4 44.70 63.85 -6.22
N HIS N 5 45.25 64.83 -5.54
CA HIS N 5 44.53 65.54 -4.49
C HIS N 5 43.93 66.82 -5.08
N LEU N 6 42.72 67.15 -4.62
CA LEU N 6 42.04 68.34 -5.09
C LEU N 6 42.04 69.40 -4.00
N ILE N 7 42.27 70.65 -4.41
CA ILE N 7 42.32 71.80 -3.51
C ILE N 7 41.63 72.95 -4.23
N VAL N 8 41.20 73.94 -3.44
CA VAL N 8 40.55 75.13 -3.99
C VAL N 8 41.15 76.36 -3.32
N VAL N 9 41.25 77.44 -4.09
CA VAL N 9 41.81 78.69 -3.62
C VAL N 9 40.79 79.48 -2.81
N TYR O 1 74.92 17.76 -4.26
CA TYR O 1 74.00 17.31 -3.23
C TYR O 1 73.55 18.54 -2.44
N VAL O 2 72.33 19.00 -2.70
CA VAL O 2 71.84 20.20 -2.05
C VAL O 2 71.54 19.93 -0.57
N LEU O 3 71.57 21.00 0.22
CA LEU O 3 71.30 20.92 1.65
C LEU O 3 69.90 20.38 1.95
N ASP O 4 69.86 19.36 2.81
CA ASP O 4 68.62 18.69 3.20
C ASP O 4 67.88 19.44 4.30
N HIS O 5 68.53 20.39 4.98
CA HIS O 5 67.89 21.09 6.09
C HIS O 5 67.23 22.36 5.58
N LEU O 6 66.08 22.68 6.15
CA LEU O 6 65.31 23.84 5.76
C LEU O 6 65.40 24.90 6.85
N ILE O 7 65.53 26.15 6.43
CA ILE O 7 65.68 27.29 7.33
C ILE O 7 64.85 28.43 6.75
N VAL O 8 64.50 29.38 7.62
CA VAL O 8 63.77 30.57 7.21
C VAL O 8 64.44 31.78 7.86
N VAL O 9 64.44 32.90 7.14
CA VAL O 9 65.05 34.12 7.65
C VAL O 9 64.09 34.84 8.59
N TYR P 1 -39.95 -25.46 -94.73
CA TYR P 1 -38.80 -24.91 -95.44
C TYR P 1 -38.48 -23.51 -94.91
N VAL P 2 -37.23 -23.26 -94.54
CA VAL P 2 -36.87 -21.95 -94.00
C VAL P 2 -36.80 -20.93 -95.15
N LEU P 3 -36.98 -19.66 -94.78
CA LEU P 3 -36.89 -18.58 -95.76
C LEU P 3 -35.51 -18.56 -96.39
N ASP P 4 -35.45 -18.58 -97.73
CA ASP P 4 -34.15 -18.61 -98.40
C ASP P 4 -33.51 -17.24 -98.57
N HIS P 5 -34.28 -16.16 -98.39
CA HIS P 5 -33.74 -14.81 -98.59
C HIS P 5 -33.28 -14.23 -97.27
N LEU P 6 -32.17 -13.49 -97.32
CA LEU P 6 -31.60 -12.86 -96.14
C LEU P 6 -31.81 -11.35 -96.18
N ILE P 7 -32.18 -10.78 -95.04
CA ILE P 7 -32.42 -9.34 -94.91
C ILE P 7 -31.89 -8.91 -93.55
N VAL P 8 -31.60 -7.62 -93.41
CA VAL P 8 -31.14 -7.09 -92.14
C VAL P 8 -31.87 -5.80 -91.81
N VAL P 9 -32.14 -5.58 -90.53
CA VAL P 9 -32.84 -4.40 -90.05
C VAL P 9 -31.87 -3.23 -89.94
N TYR Q 1 -17.13 -68.88 -83.84
CA TYR Q 1 -15.98 -68.29 -84.51
C TYR Q 1 -15.68 -66.92 -83.93
N VAL Q 2 -14.43 -66.68 -83.55
CA VAL Q 2 -14.08 -65.39 -82.96
C VAL Q 2 -14.06 -64.31 -84.03
N LEU Q 3 -14.25 -63.06 -83.61
CA LEU Q 3 -14.21 -61.94 -84.54
C LEU Q 3 -12.84 -61.90 -85.20
N ASP Q 4 -12.82 -61.87 -86.54
CA ASP Q 4 -11.56 -61.88 -87.24
C ASP Q 4 -10.94 -60.50 -87.33
N HIS Q 5 -11.72 -59.45 -87.08
CA HIS Q 5 -11.23 -58.09 -87.20
C HIS Q 5 -10.77 -57.59 -85.84
N LEU Q 6 -9.69 -56.83 -85.84
CA LEU Q 6 -9.11 -56.29 -84.62
C LEU Q 6 -9.36 -54.79 -84.55
N ILE Q 7 -9.71 -54.31 -83.36
CA ILE Q 7 -10.00 -52.90 -83.14
C ILE Q 7 -9.44 -52.47 -81.79
N VAL Q 8 -9.23 -51.17 -81.64
CA VAL Q 8 -8.74 -50.59 -80.40
C VAL Q 8 -9.56 -49.36 -80.06
N VAL Q 9 -9.77 -49.14 -78.76
CA VAL Q 9 -10.53 -48.02 -78.22
C VAL Q 9 -9.61 -46.80 -78.19
N TYR R 1 36.22 48.03 -44.60
CA TYR R 1 37.47 48.03 -45.34
C TYR R 1 37.22 47.47 -46.73
N VAL R 2 37.24 48.34 -47.76
CA VAL R 2 36.94 47.87 -49.10
C VAL R 2 38.11 47.03 -49.61
N LEU R 3 37.79 46.12 -50.55
CA LEU R 3 38.80 45.26 -51.16
C LEU R 3 39.82 46.15 -51.88
N ASP R 4 41.11 45.95 -51.58
CA ASP R 4 42.16 46.80 -52.12
C ASP R 4 42.61 46.47 -53.53
N HIS R 5 42.26 45.30 -54.06
CA HIS R 5 42.72 44.89 -55.38
C HIS R 5 41.70 45.27 -56.45
N LEU R 6 42.19 45.67 -57.62
CA LEU R 6 41.33 46.08 -58.71
C LEU R 6 41.33 44.99 -59.77
N ILE R 7 40.15 44.70 -60.32
CA ILE R 7 39.97 43.67 -61.34
C ILE R 7 38.96 44.21 -62.35
N VAL R 8 38.99 43.66 -63.55
CA VAL R 8 38.06 44.02 -64.61
C VAL R 8 37.56 42.73 -65.26
N VAL R 9 36.29 42.75 -65.67
CA VAL R 9 35.69 41.59 -66.31
C VAL R 9 36.05 41.55 -67.79
N TYR S 1 9.78 -46.35 71.68
CA TYR S 1 10.85 -46.35 70.69
C TYR S 1 10.24 -46.50 69.30
N VAL S 2 10.13 -45.36 68.61
CA VAL S 2 9.53 -45.33 67.28
C VAL S 2 10.45 -45.99 66.26
N LEU S 3 9.86 -46.38 65.14
CA LEU S 3 10.60 -47.04 64.07
C LEU S 3 11.76 -46.19 63.60
N ASP S 4 12.95 -46.80 63.60
CA ASP S 4 14.19 -46.14 63.22
C ASP S 4 14.42 -46.10 61.72
N HIS S 5 13.68 -46.90 60.94
CA HIS S 5 13.87 -46.96 59.50
C HIS S 5 12.88 -46.02 58.84
N LEU S 6 13.33 -45.35 57.78
CA LEU S 6 12.52 -44.39 57.03
C LEU S 6 12.12 -44.96 55.68
N ILE S 7 10.87 -44.70 55.28
CA ILE S 7 10.34 -45.22 54.02
C ILE S 7 9.51 -44.13 53.34
N VAL S 8 9.36 -44.28 52.03
CA VAL S 8 8.55 -43.40 51.20
C VAL S 8 7.73 -44.27 50.27
N VAL S 9 6.50 -43.85 49.97
CA VAL S 9 5.63 -44.62 49.09
C VAL S 9 5.99 -44.35 47.63
N GLY T 1 -59.80 -28.79 -92.00
CA GLY T 1 -59.94 -27.35 -92.05
C GLY T 1 -58.75 -26.62 -92.64
N SER T 2 -58.38 -25.52 -91.99
CA SER T 2 -57.26 -24.70 -92.41
C SER T 2 -55.96 -25.18 -91.76
N HIS T 3 -54.89 -25.22 -92.55
CA HIS T 3 -53.59 -25.67 -92.07
C HIS T 3 -52.60 -24.52 -92.19
N SER T 4 -51.54 -24.59 -91.41
CA SER T 4 -50.52 -23.54 -91.41
C SER T 4 -49.16 -24.13 -91.12
N MET T 5 -48.13 -23.44 -91.60
CA MET T 5 -46.75 -23.73 -91.26
C MET T 5 -46.13 -22.45 -90.72
N ARG T 6 -45.48 -22.55 -89.56
CA ARG T 6 -44.92 -21.40 -88.86
C ARG T 6 -43.53 -21.69 -88.37
N TYR T 7 -42.67 -20.66 -88.44
CA TYR T 7 -41.32 -20.70 -87.91
C TYR T 7 -41.23 -19.62 -86.85
N PHE T 8 -40.68 -19.96 -85.69
CA PHE T 8 -40.55 -19.02 -84.58
C PHE T 8 -39.07 -18.86 -84.28
N PHE T 9 -38.61 -17.62 -84.29
CA PHE T 9 -37.20 -17.31 -84.04
C PHE T 9 -37.11 -16.41 -82.82
N THR T 10 -36.19 -16.76 -81.91
CA THR T 10 -35.91 -15.95 -80.73
C THR T 10 -34.41 -15.81 -80.63
N SER T 11 -33.93 -14.56 -80.51
CA SER T 11 -32.51 -14.30 -80.35
C SER T 11 -32.30 -13.37 -79.17
N VAL T 12 -31.52 -13.85 -78.19
CA VAL T 12 -31.23 -13.10 -76.97
C VAL T 12 -29.72 -12.90 -76.89
N SER T 13 -29.30 -11.67 -76.60
CA SER T 13 -27.89 -11.33 -76.55
C SER T 13 -27.39 -11.48 -75.12
N ARG T 14 -26.28 -12.19 -74.95
CA ARG T 14 -25.67 -12.31 -73.62
C ARG T 14 -24.39 -11.49 -73.54
N PRO T 15 -24.41 -10.32 -72.89
CA PRO T 15 -23.25 -9.42 -72.89
C PRO T 15 -22.16 -9.92 -71.95
N GLY T 16 -20.99 -10.23 -72.52
CA GLY T 16 -20.01 -11.00 -71.77
C GLY T 16 -19.94 -12.47 -72.11
N ARG T 17 -20.87 -13.24 -71.53
CA ARG T 17 -20.86 -14.69 -71.63
C ARG T 17 -21.21 -15.12 -73.04
N GLY T 18 -20.20 -15.48 -73.80
CA GLY T 18 -20.34 -16.01 -75.13
C GLY T 18 -21.13 -15.17 -76.11
N GLU T 19 -21.67 -15.85 -77.08
CA GLU T 19 -22.39 -15.20 -78.15
C GLU T 19 -23.90 -15.13 -77.90
N PRO T 20 -24.71 -14.50 -78.77
CA PRO T 20 -26.15 -14.45 -78.47
C PRO T 20 -26.85 -15.78 -78.72
N ARG T 21 -27.83 -16.04 -77.85
CA ARG T 21 -28.65 -17.24 -77.89
C ARG T 21 -29.70 -17.17 -78.98
N PHE T 22 -29.77 -18.22 -79.79
CA PHE T 22 -30.72 -18.29 -80.91
C PHE T 22 -31.51 -19.59 -80.82
N ILE T 23 -32.84 -19.48 -80.77
CA ILE T 23 -33.71 -20.65 -80.75
C ILE T 23 -34.64 -20.56 -81.95
N ALA T 24 -34.78 -21.65 -82.69
CA ALA T 24 -35.67 -21.72 -83.83
C ALA T 24 -36.54 -22.97 -83.71
N VAL T 25 -37.85 -22.81 -83.90
CA VAL T 25 -38.80 -23.91 -83.85
C VAL T 25 -39.77 -23.77 -85.01
N GLY T 26 -40.18 -24.90 -85.57
CA GLY T 26 -41.12 -24.91 -86.67
C GLY T 26 -42.37 -25.70 -86.36
N TYR T 27 -43.54 -25.16 -86.69
CA TYR T 27 -44.80 -25.84 -86.41
C TYR T 27 -45.60 -26.03 -87.69
N VAL T 28 -46.21 -27.20 -87.80
CA VAL T 28 -47.28 -27.46 -88.76
C VAL T 28 -48.51 -27.82 -87.95
N ASP T 29 -49.55 -26.99 -88.06
CA ASP T 29 -50.74 -27.09 -87.21
C ASP T 29 -50.27 -26.90 -85.77
N ASP T 30 -50.47 -27.86 -84.87
CA ASP T 30 -50.00 -27.77 -83.49
C ASP T 30 -48.86 -28.74 -83.21
N THR T 31 -48.20 -29.24 -84.24
CA THR T 31 -47.11 -30.21 -84.10
C THR T 31 -45.77 -29.55 -84.43
N GLN T 32 -44.79 -29.75 -83.53
CA GLN T 32 -43.45 -29.24 -83.73
C GLN T 32 -42.62 -30.32 -84.44
N PHE T 33 -41.97 -29.95 -85.55
CA PHE T 33 -41.23 -30.89 -86.35
C PHE T 33 -39.75 -30.59 -86.53
N VAL T 34 -39.29 -29.37 -86.24
CA VAL T 34 -37.88 -29.00 -86.40
C VAL T 34 -37.47 -28.07 -85.27
N ARG T 35 -36.18 -28.10 -84.96
CA ARG T 35 -35.63 -27.23 -83.92
C ARG T 35 -34.18 -26.92 -84.24
N PHE T 36 -33.71 -25.80 -83.72
CA PHE T 36 -32.30 -25.44 -83.81
C PHE T 36 -31.93 -24.70 -82.53
N ASP T 37 -30.82 -25.12 -81.90
CA ASP T 37 -30.34 -24.47 -80.69
C ASP T 37 -28.89 -24.04 -80.92
N SER T 38 -28.58 -22.79 -80.59
CA SER T 38 -27.21 -22.30 -80.75
C SER T 38 -26.26 -22.97 -79.76
N ASP T 39 -26.77 -23.43 -78.62
CA ASP T 39 -25.97 -24.12 -77.61
C ASP T 39 -26.04 -25.62 -77.73
N ALA T 40 -26.67 -26.13 -78.79
CA ALA T 40 -26.74 -27.57 -79.03
C ALA T 40 -25.43 -28.06 -79.61
N ALA T 41 -25.00 -29.25 -79.21
CA ALA T 41 -23.76 -29.80 -79.72
C ALA T 41 -23.85 -30.08 -81.22
N SER T 42 -25.02 -30.50 -81.69
CA SER T 42 -25.17 -30.83 -83.11
C SER T 42 -24.95 -29.61 -84.00
N GLN T 43 -25.46 -28.45 -83.59
CA GLN T 43 -25.39 -27.22 -84.40
C GLN T 43 -26.06 -27.42 -85.76
N ARG T 44 -27.10 -28.25 -85.78
CA ARG T 44 -27.83 -28.61 -86.99
C ARG T 44 -29.32 -28.52 -86.75
N MET T 45 -30.07 -28.49 -87.85
CA MET T 45 -31.53 -28.56 -87.77
C MET T 45 -31.93 -29.99 -87.44
N GLU T 46 -32.55 -30.18 -86.29
CA GLU T 46 -32.86 -31.53 -85.87
C GLU T 46 -34.34 -31.82 -86.07
N PRO T 47 -34.69 -33.08 -86.31
CA PRO T 47 -36.12 -33.43 -86.44
C PRO T 47 -36.75 -33.75 -85.10
N ARG T 48 -37.99 -33.26 -84.92
CA ARG T 48 -38.74 -33.50 -83.71
C ARG T 48 -39.99 -34.33 -83.93
N ALA T 49 -40.36 -34.63 -85.17
CA ALA T 49 -41.50 -35.43 -85.54
C ALA T 49 -41.07 -36.57 -86.46
N PRO T 50 -41.73 -37.73 -86.37
CA PRO T 50 -41.27 -38.86 -87.20
C PRO T 50 -41.41 -38.59 -88.69
N TRP T 51 -42.46 -37.86 -89.09
CA TRP T 51 -42.71 -37.66 -90.52
C TRP T 51 -41.62 -36.79 -91.16
N ILE T 52 -40.98 -35.91 -90.39
CA ILE T 52 -39.90 -35.11 -90.96
C ILE T 52 -38.58 -35.88 -90.99
N GLU T 53 -38.43 -36.91 -90.15
CA GLU T 53 -37.17 -37.64 -90.06
C GLU T 53 -36.80 -38.33 -91.36
N GLN T 54 -37.79 -38.68 -92.16
CA GLN T 54 -37.67 -39.37 -93.43
C GLN T 54 -37.23 -38.49 -94.60
N GLU T 55 -36.67 -37.31 -94.35
CA GLU T 55 -36.17 -36.46 -95.41
C GLU T 55 -34.74 -36.82 -95.77
N GLY T 56 -34.39 -36.60 -97.03
CA GLY T 56 -33.07 -36.92 -97.53
C GLY T 56 -32.02 -35.98 -96.98
N PRO T 57 -30.75 -36.39 -97.06
CA PRO T 57 -29.67 -35.52 -96.56
C PRO T 57 -29.55 -34.22 -97.34
N GLU T 58 -30.09 -34.15 -98.55
CA GLU T 58 -30.07 -32.89 -99.29
C GLU T 58 -30.94 -31.83 -98.62
N TYR T 59 -32.08 -32.25 -98.07
CA TYR T 59 -32.96 -31.31 -97.37
C TYR T 59 -32.31 -30.77 -96.10
N TRP T 60 -31.79 -31.67 -95.26
CA TRP T 60 -31.22 -31.26 -93.98
C TRP T 60 -29.99 -30.37 -94.15
N ASP T 61 -29.15 -30.67 -95.15
CA ASP T 61 -27.98 -29.83 -95.38
C ASP T 61 -28.37 -28.41 -95.75
N GLY T 62 -29.40 -28.26 -96.59
CA GLY T 62 -29.86 -26.94 -96.96
C GLY T 62 -30.52 -26.19 -95.80
N GLU T 63 -31.37 -26.89 -95.03
CA GLU T 63 -32.07 -26.25 -93.91
C GLU T 63 -31.10 -25.79 -92.83
N THR T 64 -30.06 -26.58 -92.55
CA THR T 64 -29.05 -26.15 -91.59
C THR T 64 -28.34 -24.89 -92.06
N ARG T 65 -28.12 -24.79 -93.38
CA ARG T 65 -27.43 -23.64 -93.95
C ARG T 65 -28.22 -22.35 -93.75
N LYS T 66 -29.53 -22.39 -94.02
CA LYS T 66 -30.33 -21.17 -93.96
C LYS T 66 -30.57 -20.70 -92.53
N VAL T 67 -30.83 -21.62 -91.60
CA VAL T 67 -31.13 -21.20 -90.23
C VAL T 67 -29.92 -20.53 -89.60
N LYS T 68 -28.72 -21.06 -89.85
CA LYS T 68 -27.51 -20.43 -89.36
C LYS T 68 -27.29 -19.07 -90.00
N ALA T 69 -27.59 -18.94 -91.29
CA ALA T 69 -27.47 -17.63 -91.94
C ALA T 69 -28.44 -16.64 -91.31
N HIS T 70 -29.67 -17.07 -91.05
CA HIS T 70 -30.61 -16.19 -90.34
C HIS T 70 -30.12 -15.92 -88.91
N SER T 71 -29.51 -16.91 -88.27
CA SER T 71 -28.96 -16.71 -86.93
C SER T 71 -27.87 -15.64 -86.95
N GLN T 72 -26.99 -15.69 -87.94
CA GLN T 72 -25.97 -14.65 -88.08
C GLN T 72 -26.61 -13.30 -88.39
N THR T 73 -27.71 -13.32 -89.15
CA THR T 73 -28.45 -12.11 -89.47
C THR T 73 -28.97 -11.42 -88.23
N HIS T 74 -29.62 -12.16 -87.35
CA HIS T 74 -30.28 -11.57 -86.17
C HIS T 74 -29.26 -11.07 -85.16
N ARG T 75 -28.05 -11.63 -85.14
CA ARG T 75 -26.99 -11.09 -84.30
C ARG T 75 -26.65 -9.67 -84.74
N VAL T 76 -26.66 -9.44 -86.05
CA VAL T 76 -26.50 -8.08 -86.59
C VAL T 76 -27.72 -7.25 -86.23
N ASP T 77 -28.90 -7.86 -86.25
CA ASP T 77 -30.11 -7.13 -85.88
C ASP T 77 -30.03 -6.69 -84.42
N LEU T 78 -29.48 -7.55 -83.56
CA LEU T 78 -29.31 -7.20 -82.16
C LEU T 78 -28.36 -6.02 -82.01
N GLY T 79 -27.24 -6.04 -82.74
CA GLY T 79 -26.32 -4.93 -82.72
C GLY T 79 -26.88 -3.68 -83.36
N THR T 80 -27.56 -3.84 -84.50
CA THR T 80 -28.13 -2.68 -85.21
C THR T 80 -29.20 -2.00 -84.36
N LEU T 81 -30.08 -2.78 -83.74
CA LEU T 81 -31.13 -2.18 -82.92
C LEU T 81 -30.57 -1.48 -81.68
N ARG T 82 -29.40 -1.92 -81.20
CA ARG T 82 -28.78 -1.23 -80.07
C ARG T 82 -28.37 0.18 -80.44
N GLY T 83 -27.81 0.37 -81.65
CA GLY T 83 -27.45 1.70 -82.09
C GLY T 83 -28.66 2.61 -82.28
N TYR T 84 -29.77 2.04 -82.76
CA TYR T 84 -30.95 2.84 -83.04
C TYR T 84 -31.48 3.52 -81.78
N TYR T 85 -31.54 2.78 -80.67
CA TYR T 85 -32.13 3.25 -79.43
C TYR T 85 -31.10 3.87 -78.48
N ASN T 86 -29.85 4.02 -78.90
CA ASN T 86 -28.78 4.58 -78.07
C ASN T 86 -28.57 3.79 -76.79
N GLN T 87 -28.81 2.48 -76.85
CA GLN T 87 -28.69 1.63 -75.67
C GLN T 87 -27.24 1.25 -75.42
N SER T 88 -26.89 1.14 -74.14
CA SER T 88 -25.56 0.70 -73.76
C SER T 88 -25.37 -0.77 -74.11
N GLU T 89 -24.11 -1.21 -74.09
CA GLU T 89 -23.79 -2.61 -74.36
C GLU T 89 -24.06 -3.52 -73.18
N ALA T 90 -24.39 -2.98 -72.01
CA ALA T 90 -24.52 -3.79 -70.81
C ALA T 90 -25.85 -4.51 -70.72
N GLY T 91 -26.87 -4.07 -71.46
CA GLY T 91 -28.19 -4.68 -71.35
C GLY T 91 -28.36 -5.89 -72.24
N SER T 92 -29.14 -6.85 -71.73
CA SER T 92 -29.52 -8.03 -72.50
C SER T 92 -30.88 -7.78 -73.15
N HIS T 93 -30.97 -7.99 -74.46
CA HIS T 93 -32.19 -7.68 -75.19
C HIS T 93 -32.57 -8.88 -76.04
N THR T 94 -33.87 -8.97 -76.33
CA THR T 94 -34.42 -10.11 -77.05
C THR T 94 -35.04 -9.61 -78.34
N VAL T 95 -34.81 -10.34 -79.43
CA VAL T 95 -35.46 -10.10 -80.70
C VAL T 95 -36.18 -11.38 -81.12
N GLN T 96 -37.37 -11.22 -81.67
CA GLN T 96 -38.19 -12.36 -82.06
C GLN T 96 -38.75 -12.10 -83.44
N ARG T 97 -38.86 -13.17 -84.23
CA ARG T 97 -39.38 -13.11 -85.58
C ARG T 97 -40.39 -14.24 -85.77
N MET T 98 -41.45 -13.95 -86.51
CA MET T 98 -42.44 -14.96 -86.85
C MET T 98 -42.92 -14.72 -88.27
N TYR T 99 -42.85 -15.76 -89.09
CA TYR T 99 -43.43 -15.70 -90.43
C TYR T 99 -44.16 -17.00 -90.69
N GLY T 100 -45.28 -16.91 -91.41
CA GLY T 100 -46.10 -18.08 -91.63
C GLY T 100 -47.03 -17.90 -92.81
N CYS T 101 -47.69 -19.00 -93.13
CA CYS T 101 -48.60 -19.10 -94.27
C CYS T 101 -49.84 -19.85 -93.83
N ASP T 102 -51.00 -19.45 -94.36
CA ASP T 102 -52.26 -20.12 -94.09
C ASP T 102 -52.85 -20.61 -95.40
N VAL T 103 -53.40 -21.83 -95.38
CA VAL T 103 -54.07 -22.39 -96.54
C VAL T 103 -55.47 -22.82 -96.15
N GLY T 104 -56.38 -22.78 -97.11
CA GLY T 104 -57.75 -23.18 -96.88
C GLY T 104 -57.93 -24.68 -97.03
N SER T 105 -59.19 -25.10 -96.99
CA SER T 105 -59.50 -26.52 -97.18
C SER T 105 -59.09 -27.01 -98.57
N ASP T 106 -59.12 -26.13 -99.57
CA ASP T 106 -58.69 -26.50 -100.92
C ASP T 106 -57.18 -26.69 -101.04
N TRP T 107 -56.41 -26.31 -100.01
CA TRP T 107 -54.94 -26.41 -99.95
C TRP T 107 -54.27 -25.33 -100.79
N ARG T 108 -54.98 -24.26 -101.11
CA ARG T 108 -54.42 -23.14 -101.85
C ARG T 108 -54.17 -21.98 -100.89
N PHE T 109 -53.40 -21.01 -101.38
CA PHE T 109 -52.94 -19.93 -100.52
C PHE T 109 -54.12 -19.17 -99.93
N LEU T 110 -53.99 -18.81 -98.65
CA LEU T 110 -55.03 -18.06 -97.95
C LEU T 110 -54.47 -16.79 -97.31
N ARG T 111 -53.35 -16.91 -96.60
CA ARG T 111 -52.86 -15.82 -95.77
C ARG T 111 -51.36 -15.98 -95.56
N GLY T 112 -50.73 -14.88 -95.17
CA GLY T 112 -49.30 -14.88 -94.91
C GLY T 112 -48.96 -13.94 -93.77
N TYR T 113 -47.86 -14.25 -93.07
CA TYR T 113 -47.39 -13.48 -91.93
C TYR T 113 -45.89 -13.28 -92.04
N HIS T 114 -45.43 -12.07 -91.73
CA HIS T 114 -44.02 -11.80 -91.50
C HIS T 114 -43.94 -10.72 -90.44
N GLN T 115 -43.36 -11.03 -89.27
CA GLN T 115 -43.32 -10.05 -88.18
C GLN T 115 -42.00 -10.10 -87.43
N TYR T 116 -41.65 -8.96 -86.83
CA TYR T 116 -40.43 -8.79 -86.04
C TYR T 116 -40.76 -8.13 -84.70
N ALA T 117 -39.92 -8.40 -83.70
CA ALA T 117 -40.15 -7.90 -82.35
C ALA T 117 -38.81 -7.64 -81.67
N TYR T 118 -38.73 -6.54 -80.93
CA TYR T 118 -37.53 -6.18 -80.16
C TYR T 118 -37.94 -5.90 -78.72
N ASP T 119 -37.35 -6.65 -77.79
CA ASP T 119 -37.59 -6.49 -76.34
C ASP T 119 -39.05 -6.69 -75.97
N GLY T 120 -39.71 -7.63 -76.65
CA GLY T 120 -41.07 -7.98 -76.30
C GLY T 120 -42.13 -7.03 -76.82
N LYS T 121 -41.77 -6.12 -77.71
CA LYS T 121 -42.71 -5.18 -78.31
C LYS T 121 -42.68 -5.31 -79.82
N ASP T 122 -43.80 -5.01 -80.45
CA ASP T 122 -43.83 -4.99 -81.91
C ASP T 122 -42.87 -3.95 -82.44
N TYR T 123 -42.10 -4.33 -83.46
CA TYR T 123 -41.14 -3.44 -84.09
C TYR T 123 -41.58 -3.13 -85.52
N ILE T 124 -41.47 -4.11 -86.42
CA ILE T 124 -41.93 -3.97 -87.79
C ILE T 124 -42.66 -5.25 -88.16
N ALA T 125 -43.80 -5.09 -88.84
CA ALA T 125 -44.62 -6.23 -89.23
C ALA T 125 -45.10 -6.01 -90.65
N LEU T 126 -45.33 -7.11 -91.36
CA LEU T 126 -45.80 -7.04 -92.73
C LEU T 126 -47.32 -7.03 -92.73
N LYS T 127 -47.89 -6.08 -93.47
CA LYS T 127 -49.34 -5.97 -93.53
C LYS T 127 -49.93 -7.16 -94.30
N GLU T 128 -51.20 -7.46 -94.01
CA GLU T 128 -51.83 -8.62 -94.63
C GLU T 128 -52.15 -8.40 -96.10
N ASP T 129 -51.97 -7.19 -96.63
CA ASP T 129 -51.98 -7.02 -98.08
C ASP T 129 -50.73 -7.59 -98.72
N LEU T 130 -49.67 -7.78 -97.92
CA LEU T 130 -48.38 -8.34 -98.31
C LEU T 130 -47.56 -7.37 -99.15
N ARG T 131 -47.90 -6.08 -99.13
CA ARG T 131 -47.21 -5.09 -99.94
C ARG T 131 -46.79 -3.85 -99.17
N SER T 132 -47.13 -3.74 -97.89
CA SER T 132 -46.84 -2.55 -97.09
C SER T 132 -46.30 -2.95 -95.72
N TRP T 133 -45.65 -1.99 -95.07
CA TRP T 133 -45.03 -2.20 -93.77
C TRP T 133 -45.60 -1.22 -92.75
N THR T 134 -45.69 -1.70 -91.50
CA THR T 134 -46.13 -0.90 -90.36
C THR T 134 -44.96 -0.72 -89.40
N ALA T 135 -44.64 0.53 -89.09
CA ALA T 135 -43.51 0.85 -88.23
C ALA T 135 -44.04 1.33 -86.88
N ALA T 136 -43.54 0.70 -85.81
CA ALA T 136 -44.04 1.00 -84.46
C ALA T 136 -43.66 2.40 -84.02
N ASP T 137 -42.39 2.78 -84.17
CA ASP T 137 -41.90 4.03 -83.63
C ASP T 137 -40.90 4.64 -84.62
N MET T 138 -40.19 5.68 -84.17
CA MET T 138 -39.24 6.37 -85.03
C MET T 138 -38.13 5.42 -85.49
N ALA T 139 -37.58 4.62 -84.57
CA ALA T 139 -36.52 3.69 -84.92
C ALA T 139 -37.00 2.66 -85.95
N ALA T 140 -38.26 2.24 -85.85
CA ALA T 140 -38.81 1.28 -86.81
C ALA T 140 -38.97 1.88 -88.20
N GLN T 141 -39.21 3.19 -88.28
CA GLN T 141 -39.38 3.82 -89.59
C GLN T 141 -38.09 3.78 -90.40
N THR T 142 -36.94 3.87 -89.74
CA THR T 142 -35.66 3.77 -90.45
C THR T 142 -35.52 2.43 -91.16
N THR T 143 -35.90 1.33 -90.48
CA THR T 143 -35.86 0.02 -91.11
C THR T 143 -36.90 -0.07 -92.21
N LYS T 144 -38.04 0.61 -92.05
CA LYS T 144 -39.08 0.59 -93.05
C LYS T 144 -38.59 1.14 -94.38
N HIS T 145 -37.85 2.26 -94.33
CA HIS T 145 -37.38 2.89 -95.57
C HIS T 145 -36.41 1.99 -96.32
N LYS T 146 -35.48 1.35 -95.60
CA LYS T 146 -34.55 0.44 -96.26
C LYS T 146 -35.27 -0.77 -96.85
N TRP T 147 -36.21 -1.36 -96.09
CA TRP T 147 -36.92 -2.52 -96.58
C TRP T 147 -37.83 -2.17 -97.76
N GLU T 148 -38.42 -0.98 -97.74
CA GLU T 148 -39.24 -0.55 -98.87
C GLU T 148 -38.38 -0.32 -100.11
N ALA T 149 -37.23 0.33 -99.95
CA ALA T 149 -36.35 0.61 -101.09
C ALA T 149 -35.74 -0.67 -101.65
N ALA T 150 -35.39 -1.62 -100.79
CA ALA T 150 -34.72 -2.85 -101.20
C ALA T 150 -35.70 -3.89 -101.75
N HIS T 151 -36.98 -3.56 -101.85
CA HIS T 151 -38.00 -4.47 -102.37
C HIS T 151 -38.08 -5.77 -101.58
N VAL T 152 -37.97 -5.65 -100.24
CA VAL T 152 -38.04 -6.83 -99.39
C VAL T 152 -39.44 -7.43 -99.40
N ALA T 153 -40.47 -6.58 -99.47
CA ALA T 153 -41.85 -7.07 -99.42
C ALA T 153 -42.14 -8.01 -100.59
N GLU T 154 -41.59 -7.71 -101.77
CA GLU T 154 -41.85 -8.53 -102.94
C GLU T 154 -41.21 -9.90 -102.81
N GLN T 155 -40.01 -9.97 -102.21
CA GLN T 155 -39.35 -11.25 -102.01
C GLN T 155 -40.12 -12.11 -101.01
N LEU T 156 -40.62 -11.48 -99.94
CA LEU T 156 -41.42 -12.21 -98.95
C LEU T 156 -42.72 -12.67 -99.58
N ARG T 157 -43.33 -11.82 -100.40
CA ARG T 157 -44.58 -12.18 -101.06
C ARG T 157 -44.41 -13.44 -101.90
N ALA T 158 -43.25 -13.60 -102.53
CA ALA T 158 -43.00 -14.82 -103.29
C ALA T 158 -42.90 -16.06 -102.40
N TYR T 159 -42.28 -15.92 -101.23
CA TYR T 159 -42.12 -17.07 -100.33
C TYR T 159 -43.46 -17.51 -99.75
N LEU T 160 -44.24 -16.57 -99.20
CA LEU T 160 -45.49 -16.94 -98.55
C LEU T 160 -46.53 -17.45 -99.54
N GLU T 161 -46.69 -16.74 -100.66
CA GLU T 161 -47.71 -17.11 -101.64
C GLU T 161 -47.32 -18.38 -102.41
N GLY T 162 -46.04 -18.67 -102.54
CA GLY T 162 -45.63 -19.81 -103.33
C GLY T 162 -44.79 -20.86 -102.64
N THR T 163 -43.65 -20.47 -102.08
CA THR T 163 -42.70 -21.45 -101.55
C THR T 163 -43.26 -22.20 -100.36
N CYS T 164 -43.91 -21.50 -99.41
CA CYS T 164 -44.48 -22.21 -98.26
C CYS T 164 -45.58 -23.15 -98.70
N VAL T 165 -46.51 -22.68 -99.53
CA VAL T 165 -47.67 -23.47 -99.91
C VAL T 165 -47.21 -24.78 -100.55
N GLU T 166 -46.15 -24.72 -101.37
CA GLU T 166 -45.64 -25.92 -102.00
C GLU T 166 -45.10 -26.90 -100.96
N TRP T 167 -44.32 -26.39 -100.01
CA TRP T 167 -43.74 -27.25 -98.99
C TRP T 167 -44.75 -27.66 -97.93
N LEU T 168 -45.72 -26.79 -97.62
CA LEU T 168 -46.76 -27.17 -96.67
C LEU T 168 -47.59 -28.33 -97.19
N ARG T 169 -47.97 -28.30 -98.48
CA ARG T 169 -48.69 -29.43 -99.04
C ARG T 169 -47.85 -30.70 -98.97
N ARG T 170 -46.55 -30.58 -99.26
CA ARG T 170 -45.67 -31.75 -99.18
C ARG T 170 -45.62 -32.28 -97.76
N TYR T 171 -45.58 -31.41 -96.76
CA TYR T 171 -45.58 -31.86 -95.37
C TYR T 171 -46.89 -32.56 -95.01
N LEU T 172 -48.03 -32.01 -95.46
CA LEU T 172 -49.30 -32.62 -95.14
C LEU T 172 -49.40 -34.02 -95.73
N GLU T 173 -48.97 -34.17 -96.98
CA GLU T 173 -49.00 -35.49 -97.62
C GLU T 173 -47.99 -36.42 -96.97
N ASN T 174 -46.81 -35.89 -96.61
CA ASN T 174 -45.77 -36.71 -96.01
C ASN T 174 -46.16 -37.19 -94.61
N GLY T 175 -46.92 -36.37 -93.87
CA GLY T 175 -47.36 -36.76 -92.55
C GLY T 175 -48.87 -36.83 -92.43
N LYS T 176 -49.53 -37.44 -93.42
CA LYS T 176 -50.98 -37.56 -93.39
C LYS T 176 -51.46 -38.31 -92.17
N GLU T 177 -50.72 -39.33 -91.75
CA GLU T 177 -51.13 -40.12 -90.59
C GLU T 177 -50.99 -39.35 -89.29
N THR T 178 -50.00 -38.46 -89.20
CA THR T 178 -49.69 -37.81 -87.93
C THR T 178 -50.43 -36.48 -87.74
N LEU T 179 -50.54 -35.67 -88.80
CA LEU T 179 -51.11 -34.34 -88.69
C LEU T 179 -52.39 -34.11 -89.48
N GLN T 180 -52.80 -35.03 -90.35
CA GLN T 180 -54.09 -34.92 -91.02
C GLN T 180 -55.17 -35.68 -90.29
N ARG T 181 -54.82 -36.31 -89.17
CA ARG T 181 -55.73 -36.98 -88.26
C ARG T 181 -56.42 -35.98 -87.34
N THR T 182 -57.59 -36.37 -86.84
CA THR T 182 -58.30 -35.60 -85.82
C THR T 182 -58.68 -36.54 -84.69
N ASP T 183 -58.37 -36.13 -83.46
CA ASP T 183 -58.57 -36.95 -82.27
C ASP T 183 -59.68 -36.36 -81.43
N ALA T 184 -60.74 -37.14 -81.23
CA ALA T 184 -61.88 -36.69 -80.43
C ALA T 184 -61.50 -36.69 -78.95
N PRO T 185 -62.03 -35.75 -78.18
CA PRO T 185 -61.67 -35.68 -76.76
C PRO T 185 -62.16 -36.88 -75.97
N LYS T 186 -61.45 -37.14 -74.88
CA LYS T 186 -61.82 -38.19 -73.93
C LYS T 186 -62.47 -37.48 -72.74
N THR T 187 -63.79 -37.59 -72.64
CA THR T 187 -64.57 -36.76 -71.74
C THR T 187 -64.94 -37.53 -70.47
N HIS T 188 -64.94 -36.80 -69.36
CA HIS T 188 -65.41 -37.32 -68.07
C HIS T 188 -65.76 -36.13 -67.20
N MET T 189 -66.46 -36.42 -66.10
CA MET T 189 -67.00 -35.40 -65.21
C MET T 189 -66.63 -35.73 -63.77
N THR T 190 -66.33 -34.71 -62.98
CA THR T 190 -65.96 -34.91 -61.59
C THR T 190 -66.82 -34.04 -60.68
N HIS T 191 -66.96 -34.49 -59.43
CA HIS T 191 -67.79 -33.82 -58.43
C HIS T 191 -66.92 -33.46 -57.24
N HIS T 192 -66.98 -32.21 -56.81
CA HIS T 192 -66.23 -31.71 -55.66
C HIS T 192 -67.18 -30.94 -54.75
N ALA T 193 -67.09 -31.20 -53.44
CA ALA T 193 -67.99 -30.56 -52.49
C ALA T 193 -67.20 -29.43 -51.83
N VAL T 194 -67.55 -28.20 -52.18
CA VAL T 194 -66.90 -27.03 -51.60
C VAL T 194 -67.31 -26.81 -50.15
N SER T 195 -68.60 -26.89 -49.87
CA SER T 195 -69.06 -26.57 -48.51
C SER T 195 -70.35 -27.33 -48.21
N ASP T 196 -71.02 -26.89 -47.14
CA ASP T 196 -72.26 -27.49 -46.67
C ASP T 196 -73.40 -27.34 -47.67
N HIS T 197 -73.36 -26.36 -48.57
CA HIS T 197 -74.51 -26.04 -49.41
C HIS T 197 -74.26 -25.96 -50.90
N GLU T 198 -73.02 -25.80 -51.36
CA GLU T 198 -72.75 -25.67 -52.79
C GLU T 198 -71.48 -26.41 -53.18
N ALA T 199 -71.51 -26.98 -54.38
CA ALA T 199 -70.43 -27.77 -54.93
C ALA T 199 -70.03 -27.25 -56.32
N THR T 200 -68.83 -27.64 -56.74
CA THR T 200 -68.28 -27.26 -58.03
C THR T 200 -68.29 -28.47 -58.97
N LEU T 201 -68.71 -28.23 -60.22
CA LEU T 201 -68.74 -29.26 -61.24
C LEU T 201 -67.65 -28.98 -62.25
N ARG T 202 -66.90 -30.01 -62.64
CA ARG T 202 -65.77 -29.87 -63.55
C ARG T 202 -66.02 -30.70 -64.80
N CYS T 203 -65.85 -30.05 -65.96
CA CYS T 203 -65.97 -30.69 -67.27
C CYS T 203 -64.59 -30.88 -67.87
N TRP T 204 -64.24 -32.11 -68.23
CA TRP T 204 -62.90 -32.44 -68.72
C TRP T 204 -62.91 -32.88 -70.16
N ALA T 205 -61.96 -32.36 -70.94
CA ALA T 205 -61.67 -32.83 -72.29
C ALA T 205 -60.18 -33.12 -72.37
N LEU T 206 -59.82 -34.33 -72.80
CA LEU T 206 -58.43 -34.77 -72.81
C LEU T 206 -58.13 -35.55 -74.07
N SER T 207 -56.84 -35.60 -74.41
CA SER T 207 -56.33 -36.43 -75.51
C SER T 207 -57.04 -36.11 -76.83
N PHE T 208 -57.06 -34.84 -77.18
CA PHE T 208 -57.68 -34.39 -78.43
C PHE T 208 -56.72 -33.53 -79.23
N TYR T 209 -56.82 -33.63 -80.54
CA TYR T 209 -56.04 -32.84 -81.48
C TYR T 209 -56.93 -32.48 -82.68
N PRO T 210 -56.90 -31.22 -83.13
CA PRO T 210 -56.09 -30.05 -82.74
C PRO T 210 -56.45 -29.44 -81.39
N ALA T 211 -55.69 -28.41 -80.99
CA ALA T 211 -55.85 -27.81 -79.67
C ALA T 211 -57.17 -27.08 -79.51
N GLU T 212 -57.70 -26.48 -80.57
CA GLU T 212 -58.88 -25.64 -80.44
C GLU T 212 -60.10 -26.45 -80.02
N ILE T 213 -60.78 -25.97 -78.99
CA ILE T 213 -62.00 -26.61 -78.49
C ILE T 213 -62.81 -25.55 -77.77
N THR T 214 -64.13 -25.79 -77.66
CA THR T 214 -65.03 -24.88 -76.95
C THR T 214 -65.78 -25.66 -75.89
N LEU T 215 -65.75 -25.16 -74.65
CA LEU T 215 -66.46 -25.76 -73.53
C LEU T 215 -67.39 -24.71 -72.93
N THR T 216 -68.67 -25.05 -72.81
CA THR T 216 -69.68 -24.12 -72.34
C THR T 216 -70.56 -24.77 -71.28
N TRP T 217 -70.98 -23.96 -70.31
CA TRP T 217 -71.87 -24.40 -69.23
C TRP T 217 -73.25 -23.78 -69.42
N GLN T 218 -74.28 -24.61 -69.38
CA GLN T 218 -75.66 -24.17 -69.50
C GLN T 218 -76.47 -24.75 -68.36
N ARG T 219 -77.28 -23.91 -67.72
CA ARG T 219 -78.22 -24.33 -66.68
C ARG T 219 -79.62 -24.19 -67.27
N ASP T 220 -80.29 -25.33 -67.47
CA ASP T 220 -81.65 -25.38 -68.03
C ASP T 220 -81.70 -24.90 -69.48
N GLY T 221 -80.59 -25.01 -70.21
CA GLY T 221 -80.51 -24.55 -71.58
C GLY T 221 -80.19 -23.09 -71.81
N GLU T 222 -79.58 -22.40 -70.83
CA GLU T 222 -79.17 -21.00 -70.94
C GLU T 222 -77.69 -20.88 -70.66
N ASP T 223 -76.99 -20.18 -71.54
CA ASP T 223 -75.56 -20.02 -71.44
C ASP T 223 -75.17 -19.38 -70.12
N GLN T 224 -74.31 -20.06 -69.37
CA GLN T 224 -73.87 -19.64 -68.05
C GLN T 224 -72.41 -19.21 -68.14
N THR T 225 -72.14 -17.96 -67.77
CA THR T 225 -70.81 -17.39 -67.83
C THR T 225 -70.62 -16.50 -66.61
N GLN T 226 -69.38 -16.06 -66.41
CA GLN T 226 -69.00 -15.22 -65.27
C GLN T 226 -69.10 -15.98 -63.95
N ASP T 227 -69.93 -17.01 -63.88
CA ASP T 227 -69.94 -17.94 -62.76
C ASP T 227 -69.13 -19.19 -63.04
N THR T 228 -68.38 -19.21 -64.13
CA THR T 228 -67.59 -20.37 -64.55
C THR T 228 -66.12 -20.04 -64.50
N GLU T 229 -65.29 -21.09 -64.39
CA GLU T 229 -63.85 -20.97 -64.42
C GLU T 229 -63.32 -21.68 -65.66
N LEU T 230 -62.41 -21.03 -66.38
CA LEU T 230 -61.84 -21.56 -67.61
C LEU T 230 -60.34 -21.40 -67.63
N VAL T 231 -59.62 -22.51 -67.83
CA VAL T 231 -58.16 -22.54 -67.87
C VAL T 231 -57.67 -22.46 -69.30
N GLU T 232 -56.46 -21.92 -69.47
CA GLU T 232 -55.81 -21.87 -70.77
C GLU T 232 -55.56 -23.28 -71.27
N THR T 233 -55.70 -23.48 -72.58
CA THR T 233 -55.47 -24.80 -73.15
C THR T 233 -54.04 -25.24 -72.90
N ARG T 234 -53.88 -26.49 -72.49
CA ARG T 234 -52.60 -27.03 -72.07
C ARG T 234 -52.16 -28.22 -72.92
N PRO T 235 -50.85 -28.36 -73.16
CA PRO T 235 -50.34 -29.54 -73.86
C PRO T 235 -50.07 -30.71 -72.92
N ALA T 236 -50.51 -31.91 -73.29
CA ALA T 236 -50.25 -33.07 -72.46
C ALA T 236 -48.79 -33.51 -72.52
N GLY T 237 -48.09 -33.20 -73.60
CA GLY T 237 -46.71 -33.61 -73.79
C GLY T 237 -46.51 -34.77 -74.75
N ASP T 238 -47.59 -35.37 -75.25
CA ASP T 238 -47.52 -36.45 -76.21
C ASP T 238 -48.18 -36.09 -77.54
N GLY T 239 -48.35 -34.79 -77.81
CA GLY T 239 -49.04 -34.34 -78.99
C GLY T 239 -50.53 -34.14 -78.81
N THR T 240 -51.05 -34.30 -77.60
CA THR T 240 -52.46 -34.08 -77.29
C THR T 240 -52.60 -32.91 -76.33
N PHE T 241 -53.80 -32.34 -76.28
CA PHE T 241 -54.07 -31.16 -75.49
C PHE T 241 -55.19 -31.43 -74.48
N GLN T 242 -55.35 -30.49 -73.55
CA GLN T 242 -56.31 -30.61 -72.46
C GLN T 242 -56.93 -29.26 -72.18
N LYS T 243 -58.16 -29.28 -71.64
CA LYS T 243 -58.87 -28.09 -71.21
C LYS T 243 -60.03 -28.50 -70.34
N TRP T 244 -60.40 -27.64 -69.38
CA TRP T 244 -61.54 -27.93 -68.53
C TRP T 244 -62.27 -26.65 -68.14
N ALA T 245 -63.56 -26.80 -67.85
CA ALA T 245 -64.41 -25.70 -67.42
C ALA T 245 -65.14 -26.13 -66.15
N ALA T 246 -65.31 -25.19 -65.21
CA ALA T 246 -65.95 -25.48 -63.94
C ALA T 246 -66.99 -24.43 -63.58
N VAL T 247 -68.02 -24.85 -62.85
CA VAL T 247 -69.08 -23.97 -62.40
C VAL T 247 -69.47 -24.36 -60.98
N VAL T 248 -69.80 -23.36 -60.16
CA VAL T 248 -70.23 -23.58 -58.78
C VAL T 248 -71.75 -23.70 -58.76
N VAL T 249 -72.25 -24.79 -58.18
CA VAL T 249 -73.68 -25.08 -58.18
C VAL T 249 -74.17 -25.36 -56.76
N PRO T 250 -75.33 -24.86 -56.37
CA PRO T 250 -75.89 -25.23 -55.07
C PRO T 250 -76.33 -26.68 -55.03
N SER T 251 -76.23 -27.28 -53.86
CA SER T 251 -76.50 -28.71 -53.70
C SER T 251 -77.91 -29.07 -54.12
N GLY T 252 -78.05 -30.24 -54.73
CA GLY T 252 -79.33 -30.73 -55.21
C GLY T 252 -79.74 -30.24 -56.57
N GLN T 253 -79.01 -29.32 -57.16
CA GLN T 253 -79.30 -28.79 -58.49
C GLN T 253 -78.29 -29.23 -59.55
N GLU T 254 -77.46 -30.24 -59.24
CA GLU T 254 -76.46 -30.70 -60.20
C GLU T 254 -77.07 -31.20 -61.50
N GLN T 255 -78.35 -31.59 -61.48
CA GLN T 255 -79.00 -32.17 -62.65
C GLN T 255 -79.42 -31.14 -63.69
N ARG T 256 -79.54 -29.87 -63.30
CA ARG T 256 -80.03 -28.85 -64.23
C ARG T 256 -78.96 -28.36 -65.20
N TYR T 257 -77.69 -28.56 -64.87
CA TYR T 257 -76.59 -28.03 -65.66
C TYR T 257 -76.13 -29.03 -66.72
N THR T 258 -75.63 -28.50 -67.84
CA THR T 258 -75.17 -29.32 -68.95
C THR T 258 -73.87 -28.76 -69.50
N CYS T 259 -72.97 -29.66 -69.87
CA CYS T 259 -71.69 -29.32 -70.49
C CYS T 259 -71.71 -29.67 -71.96
N HIS T 260 -71.30 -28.74 -72.80
CA HIS T 260 -71.31 -28.92 -74.25
C HIS T 260 -69.88 -28.86 -74.78
N VAL T 261 -69.48 -29.89 -75.52
CA VAL T 261 -68.13 -30.01 -76.05
C VAL T 261 -68.22 -29.95 -77.57
N GLN T 262 -67.62 -28.92 -78.15
CA GLN T 262 -67.58 -28.72 -79.60
C GLN T 262 -66.14 -28.90 -80.06
N HIS T 263 -65.92 -29.82 -81.00
CA HIS T 263 -64.58 -30.08 -81.50
C HIS T 263 -64.68 -30.73 -82.87
N GLU T 264 -63.61 -30.57 -83.65
CA GLU T 264 -63.58 -31.15 -85.00
C GLU T 264 -63.62 -32.67 -84.93
N GLY T 265 -63.07 -33.26 -83.88
CA GLY T 265 -63.07 -34.71 -83.71
C GLY T 265 -64.44 -35.30 -83.43
N LEU T 266 -65.38 -34.47 -82.96
CA LEU T 266 -66.72 -34.94 -82.62
C LEU T 266 -67.66 -34.67 -83.79
N PRO T 267 -68.28 -35.70 -84.36
CA PRO T 267 -69.27 -35.44 -85.42
C PRO T 267 -70.50 -34.71 -84.92
N LYS T 268 -70.91 -34.97 -83.68
CA LYS T 268 -72.01 -34.32 -82.99
C LYS T 268 -71.49 -33.57 -81.76
N PRO T 269 -71.96 -32.34 -81.53
CA PRO T 269 -71.62 -31.65 -80.29
C PRO T 269 -72.03 -32.50 -79.09
N LEU T 270 -71.06 -32.77 -78.23
CA LEU T 270 -71.30 -33.66 -77.09
C LEU T 270 -72.00 -32.90 -75.99
N THR T 271 -72.84 -33.63 -75.26
CA THR T 271 -73.53 -33.09 -74.09
C THR T 271 -73.19 -33.96 -72.89
N LEU T 272 -72.82 -33.31 -71.78
CA LEU T 272 -72.42 -34.02 -70.57
C LEU T 272 -73.29 -33.55 -69.41
N ARG T 273 -73.94 -34.51 -68.74
CA ARG T 273 -74.68 -34.26 -67.51
C ARG T 273 -74.08 -35.09 -66.39
N TRP T 274 -74.10 -34.54 -65.18
CA TRP T 274 -73.73 -35.28 -63.98
C TRP T 274 -74.78 -36.36 -63.70
N GLU T 275 -74.59 -37.50 -64.35
CA GLU T 275 -75.47 -38.65 -64.19
C GLU T 275 -74.78 -39.92 -64.67
N MET U 1 -38.84 -1.52 -71.96
CA MET U 1 -38.98 -2.97 -72.01
C MET U 1 -40.20 -3.42 -71.23
N ILE U 2 -41.03 -4.27 -71.85
CA ILE U 2 -42.22 -4.81 -71.21
C ILE U 2 -41.92 -6.20 -70.69
N GLN U 3 -42.41 -6.48 -69.48
CA GLN U 3 -42.23 -7.76 -68.81
C GLN U 3 -43.58 -8.29 -68.32
N ARG U 4 -43.83 -9.57 -68.58
CA ARG U 4 -45.07 -10.23 -68.19
C ARG U 4 -44.72 -11.42 -67.30
N THR U 5 -45.45 -11.55 -66.18
CA THR U 5 -45.23 -12.61 -65.21
C THR U 5 -45.88 -13.92 -65.69
N PRO U 6 -45.25 -15.06 -65.45
CA PRO U 6 -45.73 -16.31 -66.05
C PRO U 6 -46.98 -16.87 -65.39
N LYS U 7 -47.76 -17.59 -66.18
CA LYS U 7 -48.91 -18.34 -65.70
C LYS U 7 -48.48 -19.79 -65.58
N ILE U 8 -48.82 -20.43 -64.46
CA ILE U 8 -48.33 -21.77 -64.15
C ILE U 8 -49.50 -22.73 -64.07
N GLN U 9 -49.37 -23.86 -64.76
CA GLN U 9 -50.32 -24.96 -64.71
C GLN U 9 -49.54 -26.25 -64.52
N VAL U 10 -49.70 -26.88 -63.36
CA VAL U 10 -49.08 -28.15 -63.05
C VAL U 10 -50.15 -29.23 -63.11
N TYR U 11 -49.87 -30.30 -63.85
CA TYR U 11 -50.87 -31.32 -64.13
C TYR U 11 -50.17 -32.62 -64.51
N SER U 12 -50.94 -33.57 -65.05
CA SER U 12 -50.44 -34.87 -65.48
C SER U 12 -50.84 -35.12 -66.92
N ARG U 13 -50.03 -35.92 -67.62
CA ARG U 13 -50.29 -36.27 -69.01
C ARG U 13 -51.57 -37.09 -69.16
N HIS U 14 -51.81 -37.99 -68.22
CA HIS U 14 -52.95 -38.91 -68.20
C HIS U 14 -53.70 -38.76 -66.89
N PRO U 15 -54.92 -39.26 -66.77
CA PRO U 15 -55.60 -39.20 -65.47
C PRO U 15 -54.75 -39.90 -64.41
N ALA U 16 -54.56 -39.20 -63.29
CA ALA U 16 -53.61 -39.60 -62.26
C ALA U 16 -54.08 -40.85 -61.52
N GLU U 17 -53.57 -42.00 -61.93
CA GLU U 17 -53.77 -43.26 -61.21
C GLU U 17 -52.58 -43.56 -60.31
N ASN U 18 -52.86 -43.88 -59.05
CA ASN U 18 -51.81 -44.15 -58.09
C ASN U 18 -51.16 -45.51 -58.39
N GLY U 19 -49.83 -45.55 -58.30
CA GLY U 19 -49.10 -46.78 -58.53
C GLY U 19 -48.93 -47.18 -59.98
N LYS U 20 -49.08 -46.25 -60.91
CA LYS U 20 -48.93 -46.52 -62.33
C LYS U 20 -48.03 -45.46 -62.95
N SER U 21 -47.43 -45.80 -64.09
CA SER U 21 -46.48 -44.88 -64.72
C SER U 21 -47.21 -43.69 -65.33
N ASN U 22 -46.70 -42.49 -65.08
CA ASN U 22 -47.31 -41.27 -65.59
C ASN U 22 -46.23 -40.21 -65.78
N PHE U 23 -46.63 -39.08 -66.35
CA PHE U 23 -45.76 -37.93 -66.56
C PHE U 23 -46.29 -36.71 -65.82
N LEU U 24 -45.40 -36.01 -65.13
CA LEU U 24 -45.74 -34.76 -64.45
C LEU U 24 -45.38 -33.59 -65.34
N ASN U 25 -46.31 -32.66 -65.49
CA ASN U 25 -46.13 -31.54 -66.42
C ASN U 25 -46.23 -30.21 -65.68
N CYS U 26 -45.35 -29.29 -66.06
CA CYS U 26 -45.43 -27.88 -65.68
C CYS U 26 -45.45 -27.08 -66.96
N TYR U 27 -46.51 -26.29 -67.16
CA TYR U 27 -46.66 -25.49 -68.37
C TYR U 27 -46.64 -24.03 -67.95
N VAL U 28 -45.54 -23.34 -68.25
CA VAL U 28 -45.38 -21.92 -67.97
C VAL U 28 -45.58 -21.14 -69.25
N SER U 29 -46.37 -20.07 -69.17
CA SER U 29 -46.72 -19.28 -70.34
C SER U 29 -46.96 -17.84 -69.90
N GLY U 30 -47.15 -16.98 -70.89
CA GLY U 30 -47.40 -15.57 -70.63
C GLY U 30 -46.30 -14.84 -69.90
N PHE U 31 -45.03 -15.12 -70.25
CA PHE U 31 -43.91 -14.45 -69.60
C PHE U 31 -42.90 -13.90 -70.61
N HIS U 32 -42.23 -12.83 -70.19
CA HIS U 32 -41.14 -12.19 -70.94
C HIS U 32 -40.21 -11.52 -69.94
N PRO U 33 -38.89 -11.61 -70.15
CA PRO U 33 -38.14 -12.25 -71.24
C PRO U 33 -37.99 -13.76 -71.12
N SER U 34 -37.13 -14.33 -71.96
CA SER U 34 -37.04 -15.79 -72.09
C SER U 34 -36.40 -16.43 -70.86
N ASP U 35 -35.55 -15.70 -70.16
CA ASP U 35 -34.81 -16.27 -69.02
C ASP U 35 -35.80 -16.61 -67.91
N ILE U 36 -35.87 -17.89 -67.55
CA ILE U 36 -36.80 -18.38 -66.54
C ILE U 36 -36.17 -19.55 -65.82
N GLU U 37 -36.52 -19.70 -64.54
CA GLU U 37 -36.03 -20.78 -63.71
C GLU U 37 -37.23 -21.58 -63.25
N VAL U 38 -37.26 -22.86 -63.63
CA VAL U 38 -38.38 -23.76 -63.36
C VAL U 38 -37.86 -25.07 -62.78
N ASP U 39 -38.40 -25.47 -61.63
CA ASP U 39 -38.02 -26.73 -61.00
C ASP U 39 -39.24 -27.57 -60.69
N LEU U 40 -39.07 -28.89 -60.82
CA LEU U 40 -40.09 -29.86 -60.45
C LEU U 40 -39.69 -30.50 -59.13
N LEU U 41 -40.62 -30.53 -58.17
CA LEU U 41 -40.30 -30.99 -56.83
C LEU U 41 -41.10 -32.22 -56.46
N LYS U 42 -40.45 -33.14 -55.74
CA LYS U 42 -41.08 -34.31 -55.14
C LYS U 42 -40.82 -34.22 -53.65
N ASN U 43 -41.87 -33.89 -52.89
CA ASN U 43 -41.77 -33.69 -51.44
C ASN U 43 -40.80 -32.57 -51.09
N GLY U 44 -40.69 -31.56 -51.95
CA GLY U 44 -39.78 -30.47 -51.71
C GLY U 44 -38.36 -30.69 -52.22
N GLU U 45 -38.11 -31.82 -52.88
CA GLU U 45 -36.79 -32.19 -53.36
C GLU U 45 -36.69 -32.05 -54.89
N ARG U 46 -35.56 -31.52 -55.34
CA ARG U 46 -35.34 -31.29 -56.76
C ARG U 46 -35.17 -32.61 -57.49
N ILE U 47 -35.78 -32.71 -58.66
CA ILE U 47 -35.72 -33.90 -59.50
C ILE U 47 -34.51 -33.87 -60.42
N GLU U 48 -33.83 -35.00 -60.49
CA GLU U 48 -32.54 -35.07 -61.19
C GLU U 48 -32.77 -35.00 -62.70
N LYS U 49 -33.72 -35.79 -63.19
CA LYS U 49 -34.01 -35.92 -64.61
C LYS U 49 -35.21 -35.01 -64.94
N VAL U 50 -34.94 -33.86 -65.53
CA VAL U 50 -36.00 -32.96 -65.96
C VAL U 50 -35.70 -32.54 -67.39
N GLU U 51 -36.58 -32.92 -68.31
CA GLU U 51 -36.46 -32.50 -69.70
C GLU U 51 -37.36 -31.29 -69.95
N HIS U 52 -37.13 -30.62 -71.08
CA HIS U 52 -37.95 -29.47 -71.42
C HIS U 52 -38.05 -29.33 -72.93
N SER U 53 -39.04 -28.56 -73.37
CA SER U 53 -39.26 -28.31 -74.78
C SER U 53 -38.43 -27.13 -75.25
N ASP U 54 -38.46 -26.89 -76.56
CA ASP U 54 -37.73 -25.77 -77.14
C ASP U 54 -38.49 -24.46 -77.00
N LEU U 55 -37.75 -23.41 -76.68
CA LEU U 55 -38.34 -22.10 -76.42
C LEU U 55 -39.11 -21.61 -77.65
N SER U 56 -40.38 -21.25 -77.43
CA SER U 56 -41.22 -20.71 -78.49
C SER U 56 -42.02 -19.56 -77.91
N PHE U 57 -42.80 -18.89 -78.76
CA PHE U 57 -43.59 -17.75 -78.31
C PHE U 57 -44.89 -17.64 -79.07
N SER U 58 -45.83 -16.89 -78.48
CA SER U 58 -47.17 -16.72 -79.01
C SER U 58 -47.24 -15.46 -79.88
N LYS U 59 -48.45 -15.04 -80.23
CA LYS U 59 -48.60 -13.89 -81.13
C LYS U 59 -48.23 -12.58 -80.42
N ASP U 60 -48.60 -12.43 -79.15
CA ASP U 60 -48.24 -11.24 -78.38
C ASP U 60 -46.78 -11.24 -77.95
N TRP U 61 -45.95 -12.11 -78.54
CA TRP U 61 -44.52 -12.26 -78.32
C TRP U 61 -44.21 -12.92 -76.99
N SER U 62 -45.23 -13.40 -76.29
CA SER U 62 -45.05 -14.04 -75.00
C SER U 62 -44.59 -15.48 -75.14
N PHE U 63 -43.76 -15.91 -74.19
CA PHE U 63 -43.10 -17.22 -74.19
C PHE U 63 -43.92 -18.29 -73.49
N TYR U 64 -43.75 -19.52 -73.95
CA TYR U 64 -44.38 -20.70 -73.35
C TYR U 64 -43.35 -21.83 -73.34
N LEU U 65 -43.33 -22.59 -72.24
CA LEU U 65 -42.37 -23.68 -72.08
C LEU U 65 -43.07 -24.85 -71.41
N LEU U 66 -42.60 -26.07 -71.71
CA LEU U 66 -43.18 -27.29 -71.12
C LEU U 66 -42.10 -28.13 -70.44
N TYR U 67 -42.21 -28.28 -69.12
CA TYR U 67 -41.29 -29.12 -68.35
C TYR U 67 -41.99 -30.43 -67.97
N TYR U 68 -41.31 -31.55 -68.17
CA TYR U 68 -41.93 -32.85 -67.92
C TYR U 68 -40.91 -33.89 -67.46
N THR U 69 -41.42 -34.87 -66.71
CA THR U 69 -40.65 -36.04 -66.28
C THR U 69 -41.61 -37.19 -66.03
N GLU U 70 -41.08 -38.41 -66.07
CA GLU U 70 -41.88 -39.60 -65.76
C GLU U 70 -41.98 -39.80 -64.25
N PHE U 71 -43.14 -40.24 -63.79
CA PHE U 71 -43.32 -40.45 -62.36
C PHE U 71 -44.46 -41.44 -62.12
N THR U 72 -44.50 -41.96 -60.90
CA THR U 72 -45.57 -42.82 -60.42
C THR U 72 -46.30 -42.10 -59.29
N PRO U 73 -47.56 -41.75 -59.45
CA PRO U 73 -48.26 -40.99 -58.41
C PRO U 73 -48.59 -41.84 -57.20
N THR U 74 -48.46 -41.25 -56.01
CA THR U 74 -48.75 -41.94 -54.77
C THR U 74 -49.59 -41.03 -53.90
N GLU U 75 -50.55 -41.62 -53.17
CA GLU U 75 -51.42 -40.83 -52.31
C GLU U 75 -50.63 -40.07 -51.26
N LYS U 76 -49.52 -40.64 -50.77
CA LYS U 76 -48.73 -40.02 -49.72
C LYS U 76 -47.82 -38.92 -50.26
N ASP U 77 -47.27 -39.10 -51.45
CA ASP U 77 -46.28 -38.16 -51.96
C ASP U 77 -46.95 -36.85 -52.36
N GLU U 78 -46.19 -35.76 -52.25
CA GLU U 78 -46.65 -34.45 -52.68
C GLU U 78 -45.73 -33.94 -53.79
N TYR U 79 -46.31 -33.25 -54.77
CA TYR U 79 -45.57 -32.72 -55.90
C TYR U 79 -45.96 -31.26 -56.15
N ALA U 80 -45.03 -30.51 -56.74
CA ALA U 80 -45.24 -29.09 -56.98
C ALA U 80 -44.29 -28.61 -58.06
N CYS U 81 -44.50 -27.38 -58.50
CA CYS U 81 -43.62 -26.69 -59.45
C CYS U 81 -43.16 -25.39 -58.84
N ARG U 82 -41.85 -25.13 -58.90
CA ARG U 82 -41.26 -23.90 -58.39
C ARG U 82 -40.72 -23.09 -59.57
N VAL U 83 -41.26 -21.90 -59.78
CA VAL U 83 -40.89 -21.04 -60.89
C VAL U 83 -40.40 -19.70 -60.34
N ASN U 84 -39.20 -19.31 -60.74
CA ASN U 84 -38.63 -18.01 -60.38
C ASN U 84 -38.43 -17.20 -61.65
N HIS U 85 -38.77 -15.92 -61.58
CA HIS U 85 -38.69 -15.05 -62.75
C HIS U 85 -38.37 -13.64 -62.26
N VAL U 86 -37.92 -12.79 -63.19
CA VAL U 86 -37.55 -11.43 -62.84
C VAL U 86 -38.76 -10.65 -62.33
N THR U 87 -39.95 -10.91 -62.88
CA THR U 87 -41.15 -10.21 -62.42
C THR U 87 -41.56 -10.63 -61.02
N LEU U 88 -41.07 -11.78 -60.54
CA LEU U 88 -41.47 -12.32 -59.24
C LEU U 88 -40.50 -11.87 -58.16
N SER U 89 -41.04 -11.27 -57.10
CA SER U 89 -40.20 -10.86 -55.97
C SER U 89 -39.55 -12.07 -55.31
N GLN U 90 -40.27 -13.18 -55.22
CA GLN U 90 -39.78 -14.43 -54.64
C GLN U 90 -40.21 -15.57 -55.55
N PRO U 91 -39.47 -16.68 -55.54
CA PRO U 91 -39.86 -17.83 -56.38
C PRO U 91 -41.26 -18.35 -56.03
N LYS U 92 -42.10 -18.46 -57.05
CA LYS U 92 -43.49 -18.89 -56.89
C LYS U 92 -43.62 -20.41 -57.07
N ILE U 93 -44.28 -21.06 -56.10
CA ILE U 93 -44.49 -22.50 -56.10
C ILE U 93 -45.98 -22.82 -56.26
N VAL U 94 -46.30 -23.77 -57.14
CA VAL U 94 -47.66 -24.23 -57.39
C VAL U 94 -47.71 -25.74 -57.17
N LYS U 95 -48.57 -26.18 -56.25
CA LYS U 95 -48.69 -27.60 -55.93
C LYS U 95 -49.58 -28.32 -56.94
N TRP U 96 -49.36 -29.62 -57.09
CA TRP U 96 -50.10 -30.43 -58.03
C TRP U 96 -51.39 -30.88 -57.36
N ASP U 97 -52.52 -30.59 -58.00
CA ASP U 97 -53.83 -31.06 -57.54
C ASP U 97 -54.35 -32.09 -58.54
N ARG U 98 -54.60 -33.29 -58.03
CA ARG U 98 -55.04 -34.41 -58.85
C ARG U 98 -56.43 -34.19 -59.41
N ASP U 99 -57.20 -33.26 -58.85
CA ASP U 99 -58.51 -32.91 -59.36
C ASP U 99 -58.46 -31.77 -60.36
N MET U 100 -57.28 -31.25 -60.67
CA MET U 100 -57.12 -30.17 -61.63
C MET U 100 -55.98 -30.43 -62.62
N GLY V 1 6.80 -2.26 -48.85
CA GLY V 1 6.94 -1.31 -47.76
C GLY V 1 5.72 -1.25 -46.86
N SER V 2 5.33 -0.04 -46.48
CA SER V 2 4.16 0.17 -45.63
C SER V 2 2.91 0.30 -46.48
N HIS V 3 1.84 -0.35 -46.04
CA HIS V 3 0.57 -0.36 -46.74
C HIS V 3 -0.55 0.21 -45.87
N SER V 4 -1.62 0.66 -46.52
CA SER V 4 -2.74 1.25 -45.81
C SER V 4 -4.04 0.92 -46.54
N MET V 5 -5.13 0.87 -45.77
CA MET V 5 -6.49 0.77 -46.32
C MET V 5 -7.35 1.90 -45.78
N ARG V 6 -8.05 2.60 -46.66
CA ARG V 6 -8.85 3.76 -46.29
C ARG V 6 -10.22 3.71 -46.94
N TYR V 7 -11.23 4.16 -46.21
CA TYR V 7 -12.60 4.28 -46.68
C TYR V 7 -13.02 5.74 -46.59
N PHE V 8 -13.62 6.26 -47.66
CA PHE V 8 -14.05 7.65 -47.72
C PHE V 8 -15.57 7.71 -47.91
N PHE V 9 -16.25 8.41 -47.00
CA PHE V 9 -17.69 8.56 -47.04
C PHE V 9 -18.03 10.04 -47.19
N THR V 10 -18.92 10.35 -48.11
CA THR V 10 -19.40 11.71 -48.33
C THR V 10 -20.93 11.70 -48.41
N SER V 11 -21.57 12.55 -47.61
CA SER V 11 -23.02 12.68 -47.65
C SER V 11 -23.37 14.15 -47.80
N VAL V 12 -24.10 14.47 -48.87
CA VAL V 12 -24.51 15.83 -49.21
C VAL V 12 -26.02 15.87 -49.24
N SER V 13 -26.61 16.87 -48.61
CA SER V 13 -28.06 16.97 -48.49
C SER V 13 -28.60 17.82 -49.63
N ARG V 14 -29.64 17.31 -50.31
CA ARG V 14 -30.31 18.07 -51.36
C ARG V 14 -31.66 18.52 -50.82
N PRO V 15 -31.81 19.80 -50.42
CA PRO V 15 -33.03 20.27 -49.77
C PRO V 15 -34.16 20.49 -50.76
N GLY V 16 -35.26 19.75 -50.60
CA GLY V 16 -36.25 19.69 -51.66
C GLY V 16 -36.23 18.47 -52.55
N ARG V 17 -35.28 18.46 -53.50
CA ARG V 17 -35.26 17.46 -54.56
C ARG V 17 -34.78 16.09 -54.04
N GLY V 18 -35.52 15.56 -53.07
CA GLY V 18 -35.30 14.20 -52.63
C GLY V 18 -34.44 14.02 -51.38
N GLU V 19 -33.80 12.87 -51.29
CA GLU V 19 -32.98 12.49 -50.15
C GLU V 19 -31.53 12.92 -50.36
N PRO V 20 -30.67 12.77 -49.35
CA PRO V 20 -29.27 13.16 -49.52
C PRO V 20 -28.43 12.15 -50.28
N ARG V 21 -27.49 12.69 -51.05
CA ARG V 21 -26.54 11.90 -51.84
C ARG V 21 -25.44 11.33 -50.96
N PHE V 22 -25.17 10.03 -51.12
CA PHE V 22 -24.16 9.32 -50.34
C PHE V 22 -23.20 8.64 -51.30
N ILE V 23 -21.91 8.94 -51.17
CA ILE V 23 -20.87 8.33 -51.97
C ILE V 23 -19.88 7.64 -51.05
N ALA V 24 -19.52 6.40 -51.37
CA ALA V 24 -18.57 5.61 -50.60
C ALA V 24 -17.53 5.03 -51.54
N VAL V 25 -16.25 5.17 -51.19
CA VAL V 25 -15.16 4.63 -51.98
C VAL V 25 -14.15 3.98 -51.03
N GLY V 26 -13.54 2.88 -51.48
CA GLY V 26 -12.56 2.18 -50.69
C GLY V 26 -11.22 2.08 -51.38
N TYR V 27 -10.15 2.36 -50.64
CA TYR V 27 -8.80 2.33 -51.18
C TYR V 27 -7.91 1.40 -50.36
N VAL V 28 -7.06 0.65 -51.07
CA VAL V 28 -5.93 -0.05 -50.49
C VAL V 28 -4.69 0.55 -51.13
N ASP V 29 -3.84 1.19 -50.33
CA ASP V 29 -2.70 1.97 -50.80
C ASP V 29 -3.28 3.07 -51.69
N ASP V 30 -2.90 3.16 -52.97
CA ASP V 30 -3.45 4.16 -53.87
C ASP V 30 -4.38 3.55 -54.92
N THR V 31 -4.86 2.33 -54.69
CA THR V 31 -5.74 1.64 -55.62
C THR V 31 -7.14 1.58 -55.06
N GLN V 32 -8.12 1.98 -55.86
CA GLN V 32 -9.54 1.93 -55.49
C GLN V 32 -10.14 0.61 -55.93
N PHE V 33 -10.78 -0.10 -54.99
CA PHE V 33 -11.33 -1.42 -55.26
C PHE V 33 -12.83 -1.57 -55.03
N VAL V 34 -13.48 -0.66 -54.33
CA VAL V 34 -14.92 -0.74 -54.06
C VAL V 34 -15.53 0.65 -54.09
N ARG V 35 -16.82 0.70 -54.43
CA ARG V 35 -17.56 1.95 -54.47
C ARG V 35 -19.04 1.69 -54.20
N PHE V 36 -19.73 2.72 -53.71
CA PHE V 36 -21.17 2.69 -53.53
C PHE V 36 -21.74 4.07 -53.83
N ASP V 37 -22.81 4.11 -54.63
CA ASP V 37 -23.49 5.36 -54.97
C ASP V 37 -24.96 5.25 -54.62
N SER V 38 -25.49 6.26 -53.93
CA SER V 38 -26.90 6.24 -53.56
C SER V 38 -27.80 6.41 -54.79
N ASP V 39 -27.31 7.07 -55.84
CA ASP V 39 -28.07 7.26 -57.07
C ASP V 39 -27.73 6.23 -58.13
N ALA V 40 -26.96 5.21 -57.78
CA ALA V 40 -26.63 4.14 -58.72
C ALA V 40 -27.80 3.18 -58.84
N ALA V 41 -28.02 2.69 -60.06
CA ALA V 41 -29.13 1.75 -60.28
C ALA V 41 -28.90 0.45 -59.53
N SER V 42 -27.64 0.02 -59.43
CA SER V 42 -27.35 -1.25 -58.75
C SER V 42 -27.75 -1.21 -57.29
N GLN V 43 -27.52 -0.08 -56.61
CA GLN V 43 -27.77 0.06 -55.17
C GLN V 43 -26.99 -0.97 -54.36
N ARG V 44 -25.81 -1.34 -54.84
CA ARG V 44 -25.00 -2.35 -54.18
C ARG V 44 -23.55 -1.88 -54.13
N MET V 45 -22.77 -2.52 -53.27
CA MET V 45 -21.33 -2.27 -53.24
C MET V 45 -20.70 -2.91 -54.46
N GLU V 46 -20.13 -2.09 -55.32
CA GLU V 46 -19.61 -2.57 -56.58
C GLU V 46 -18.10 -2.69 -56.54
N PRO V 47 -17.51 -3.62 -57.29
CA PRO V 47 -16.07 -3.75 -57.33
C PRO V 47 -15.43 -2.85 -58.38
N ARG V 48 -14.30 -2.24 -58.02
CA ARG V 48 -13.58 -1.37 -58.94
C ARG V 48 -12.21 -1.91 -59.31
N ALA V 49 -11.74 -2.97 -58.67
CA ALA V 49 -10.46 -3.60 -58.96
C ALA V 49 -10.67 -5.08 -59.22
N PRO V 50 -9.87 -5.67 -60.11
CA PRO V 50 -10.08 -7.08 -60.45
C PRO V 50 -9.84 -8.02 -59.28
N TRP V 51 -8.87 -7.69 -58.42
CA TRP V 51 -8.49 -8.60 -57.34
C TRP V 51 -9.59 -8.73 -56.30
N ILE V 52 -10.46 -7.73 -56.15
CA ILE V 52 -11.56 -7.87 -55.20
C ILE V 52 -12.72 -8.68 -55.75
N GLU V 53 -12.85 -8.79 -57.08
CA GLU V 53 -13.98 -9.50 -57.67
C GLU V 53 -14.01 -10.99 -57.28
N GLN V 54 -12.86 -11.57 -56.93
CA GLN V 54 -12.77 -12.98 -56.57
C GLN V 54 -13.28 -13.26 -55.16
N GLU V 55 -14.37 -12.61 -54.76
CA GLU V 55 -14.97 -12.81 -53.45
C GLU V 55 -16.35 -13.44 -53.59
N GLY V 56 -16.73 -14.20 -52.57
CA GLY V 56 -18.00 -14.88 -52.56
C GLY V 56 -19.16 -13.92 -52.40
N PRO V 57 -20.37 -14.37 -52.73
CA PRO V 57 -21.54 -13.49 -52.57
C PRO V 57 -21.81 -13.13 -51.12
N GLU V 58 -21.30 -13.89 -50.16
CA GLU V 58 -21.44 -13.52 -48.76
C GLU V 58 -20.74 -12.20 -48.47
N TYR V 59 -19.56 -12.00 -49.06
CA TYR V 59 -18.83 -10.75 -48.83
C TYR V 59 -19.59 -9.57 -49.39
N TRP V 60 -20.03 -9.66 -50.65
CA TRP V 60 -20.72 -8.53 -51.27
C TRP V 60 -22.05 -8.24 -50.57
N ASP V 61 -22.77 -9.28 -50.15
CA ASP V 61 -24.01 -9.06 -49.43
C ASP V 61 -23.74 -8.35 -48.10
N GLY V 62 -22.67 -8.75 -47.41
CA GLY V 62 -22.31 -8.09 -46.17
C GLY V 62 -21.83 -6.66 -46.38
N GLU V 63 -20.97 -6.45 -47.39
CA GLU V 63 -20.47 -5.11 -47.65
C GLU V 63 -21.59 -4.17 -48.08
N THR V 64 -22.52 -4.67 -48.91
CA THR V 64 -23.69 -3.87 -49.29
C THR V 64 -24.55 -3.56 -48.07
N ARG V 65 -24.63 -4.51 -47.13
CA ARG V 65 -25.46 -4.33 -45.95
C ARG V 65 -24.95 -3.20 -45.06
N LYS V 66 -23.64 -3.15 -44.81
CA LYS V 66 -23.10 -2.15 -43.89
C LYS V 66 -23.07 -0.75 -44.51
N VAL V 67 -22.74 -0.64 -45.79
CA VAL V 67 -22.63 0.68 -46.41
C VAL V 67 -23.98 1.37 -46.43
N LYS V 68 -25.05 0.61 -46.70
CA LYS V 68 -26.39 1.19 -46.66
C LYS V 68 -26.75 1.64 -45.24
N ALA V 69 -26.36 0.85 -44.24
CA ALA V 69 -26.58 1.27 -42.85
C ALA V 69 -25.80 2.52 -42.50
N HIS V 70 -24.54 2.60 -42.94
CA HIS V 70 -23.76 3.83 -42.73
C HIS V 70 -24.35 5.00 -43.50
N SER V 71 -24.89 4.76 -44.70
CA SER V 71 -25.53 5.84 -45.45
C SER V 71 -26.71 6.40 -44.67
N GLN V 72 -27.52 5.52 -44.08
CA GLN V 72 -28.63 5.94 -43.24
C GLN V 72 -28.11 6.65 -41.98
N THR V 73 -26.96 6.23 -41.48
CA THR V 73 -26.36 6.88 -40.31
C THR V 73 -26.06 8.35 -40.58
N HIS V 74 -25.41 8.64 -41.71
CA HIS V 74 -24.97 10.01 -41.98
C HIS V 74 -26.13 10.93 -42.33
N ARG V 75 -27.23 10.41 -42.86
CA ARG V 75 -28.40 11.27 -43.08
C ARG V 75 -28.96 11.77 -41.76
N VAL V 76 -28.95 10.93 -40.72
CA VAL V 76 -29.33 11.40 -39.39
C VAL V 76 -28.30 12.41 -38.88
N ASP V 77 -27.03 12.16 -39.18
CA ASP V 77 -25.98 13.08 -38.75
C ASP V 77 -26.18 14.46 -39.38
N LEU V 78 -26.60 14.51 -40.63
CA LEU V 78 -26.87 15.79 -41.28
C LEU V 78 -27.98 16.55 -40.57
N GLY V 79 -29.06 15.86 -40.18
CA GLY V 79 -30.11 16.52 -39.43
C GLY V 79 -29.66 16.93 -38.05
N THR V 80 -28.90 16.06 -37.37
CA THR V 80 -28.42 16.42 -36.03
C THR V 80 -27.47 17.61 -36.09
N LEU V 81 -26.55 17.61 -37.05
CA LEU V 81 -25.61 18.71 -37.18
C LEU V 81 -26.32 19.99 -37.62
N ARG V 82 -27.35 19.86 -38.46
CA ARG V 82 -28.16 21.00 -38.86
C ARG V 82 -28.76 21.70 -37.64
N GLY V 83 -29.09 20.94 -36.60
CA GLY V 83 -29.60 21.49 -35.37
C GLY V 83 -28.54 22.10 -34.48
N TYR V 84 -27.35 21.50 -34.47
CA TYR V 84 -26.28 21.97 -33.58
C TYR V 84 -25.88 23.41 -33.88
N TYR V 85 -25.74 23.75 -35.16
CA TYR V 85 -25.27 25.06 -35.55
C TYR V 85 -26.41 26.04 -35.83
N ASN V 86 -27.66 25.62 -35.59
CA ASN V 86 -28.84 26.46 -35.82
C ASN V 86 -28.94 26.90 -37.27
N GLN V 87 -28.60 25.99 -38.18
CA GLN V 87 -28.59 26.30 -39.61
C GLN V 87 -29.97 26.14 -40.22
N SER V 88 -30.26 26.97 -41.22
CA SER V 88 -31.56 26.95 -41.86
C SER V 88 -31.77 25.64 -42.61
N GLU V 89 -33.04 25.19 -42.64
CA GLU V 89 -33.39 23.98 -43.36
C GLU V 89 -33.21 24.12 -44.87
N ALA V 90 -33.12 25.36 -45.37
CA ALA V 90 -33.03 25.59 -46.80
C ALA V 90 -31.63 25.37 -47.37
N GLY V 91 -30.60 25.36 -46.53
CA GLY V 91 -29.24 25.23 -47.01
C GLY V 91 -28.82 23.78 -47.21
N SER V 92 -27.97 23.57 -48.22
CA SER V 92 -27.38 22.26 -48.47
C SER V 92 -26.02 22.17 -47.78
N HIS V 93 -25.84 21.13 -46.97
CA HIS V 93 -24.64 20.97 -46.17
C HIS V 93 -24.09 19.56 -46.38
N THR V 94 -22.78 19.41 -46.17
CA THR V 94 -22.09 18.16 -46.42
C THR V 94 -21.45 17.62 -45.15
N VAL V 95 -21.56 16.30 -44.96
CA VAL V 95 -20.87 15.59 -43.89
C VAL V 95 -20.00 14.51 -44.53
N GLN V 96 -18.79 14.35 -44.00
CA GLN V 96 -17.81 13.42 -44.54
C GLN V 96 -17.15 12.64 -43.42
N ARG V 97 -16.83 11.38 -43.70
CA ARG V 97 -16.15 10.51 -42.76
C ARG V 97 -14.99 9.84 -43.46
N MET V 98 -13.89 9.68 -42.74
CA MET V 98 -12.72 8.98 -43.21
C MET V 98 -12.10 8.21 -42.06
N TYR V 99 -11.93 6.90 -42.23
CA TYR V 99 -11.22 6.09 -41.27
C TYR V 99 -10.29 5.13 -42.01
N GLY V 100 -9.14 4.86 -41.39
CA GLY V 100 -8.14 4.03 -42.03
C GLY V 100 -7.15 3.45 -41.05
N CYS V 101 -6.32 2.57 -41.58
CA CYS V 101 -5.32 1.81 -40.84
C CYS V 101 -4.00 1.80 -41.61
N ASP V 102 -2.90 1.84 -40.87
CA ASP V 102 -1.57 1.78 -41.46
C ASP V 102 -0.80 0.58 -40.92
N VAL V 103 -0.08 -0.11 -41.79
CA VAL V 103 0.77 -1.24 -41.42
C VAL V 103 2.17 -0.96 -41.92
N GLY V 104 3.16 -1.49 -41.21
CA GLY V 104 4.54 -1.31 -41.59
C GLY V 104 4.99 -2.33 -42.63
N SER V 105 6.31 -2.34 -42.88
CA SER V 105 6.86 -3.31 -43.81
C SER V 105 6.67 -4.74 -43.30
N ASP V 106 6.67 -4.92 -41.98
CA ASP V 106 6.41 -6.24 -41.39
C ASP V 106 4.97 -6.66 -41.53
N TRP V 107 4.08 -5.75 -41.94
CA TRP V 107 2.64 -5.99 -42.13
C TRP V 107 1.86 -6.02 -40.82
N ARG V 108 2.42 -5.47 -39.75
CA ARG V 108 1.77 -5.37 -38.46
C ARG V 108 1.25 -3.96 -38.26
N PHE V 109 0.39 -3.80 -37.25
CA PHE V 109 -0.32 -2.53 -37.07
C PHE V 109 0.66 -1.39 -36.85
N LEU V 110 0.36 -0.24 -37.44
CA LEU V 110 1.22 0.93 -37.30
C LEU V 110 0.48 2.15 -36.77
N ARG V 111 -0.69 2.43 -37.32
CA ARG V 111 -1.42 3.64 -36.94
C ARG V 111 -2.87 3.50 -37.41
N GLY V 112 -3.74 4.26 -36.76
CA GLY V 112 -5.16 4.24 -37.09
C GLY V 112 -5.74 5.63 -37.19
N TYR V 113 -6.79 5.75 -38.00
CA TYR V 113 -7.47 7.01 -38.25
C TYR V 113 -8.99 6.86 -38.21
N HIS V 114 -9.64 7.82 -37.57
CA HIS V 114 -11.08 8.03 -37.67
C HIS V 114 -11.31 9.53 -37.60
N GLN V 115 -11.86 10.11 -38.67
CA GLN V 115 -12.05 11.56 -38.71
C GLN V 115 -13.39 11.89 -39.36
N TYR V 116 -13.99 12.98 -38.88
CA TYR V 116 -15.24 13.52 -39.40
C TYR V 116 -15.01 14.93 -39.90
N ALA V 117 -15.84 15.34 -40.86
CA ALA V 117 -15.78 16.70 -41.39
C ALA V 117 -17.18 17.18 -41.73
N TYR V 118 -17.45 18.45 -41.42
CA TYR V 118 -18.72 19.07 -41.74
C TYR V 118 -18.44 20.37 -42.49
N ASP V 119 -18.96 20.46 -43.72
CA ASP V 119 -18.84 21.66 -44.54
C ASP V 119 -17.37 22.04 -44.79
N GLY V 120 -16.53 21.01 -44.94
CA GLY V 120 -15.14 21.22 -45.29
C GLY V 120 -14.23 21.58 -44.14
N LYS V 121 -14.69 21.45 -42.89
CA LYS V 121 -13.86 21.73 -41.73
C LYS V 121 -13.85 20.52 -40.80
N ASP V 122 -12.76 20.38 -40.04
CA ASP V 122 -12.68 19.31 -39.06
C ASP V 122 -13.78 19.46 -38.02
N TYR V 123 -14.43 18.34 -37.68
CA TYR V 123 -15.48 18.34 -36.68
C TYR V 123 -15.05 17.57 -35.44
N ILE V 124 -14.96 16.25 -35.53
CA ILE V 124 -14.47 15.41 -34.44
C ILE V 124 -13.54 14.36 -35.02
N ALA V 125 -12.42 14.12 -34.35
CA ALA V 125 -11.42 13.18 -34.82
C ALA V 125 -10.90 12.34 -33.67
N LEU V 126 -10.48 11.12 -34.00
CA LEU V 126 -9.94 10.19 -33.02
C LEU V 126 -8.44 10.43 -32.93
N LYS V 127 -7.94 10.54 -31.70
CA LYS V 127 -6.51 10.80 -31.52
C LYS V 127 -5.68 9.59 -31.92
N GLU V 128 -4.38 9.84 -32.08
CA GLU V 128 -3.46 8.79 -32.52
C GLU V 128 -3.35 7.67 -31.50
N ASP V 129 -3.52 7.99 -30.21
CA ASP V 129 -3.52 6.95 -29.18
C ASP V 129 -4.75 6.05 -29.29
N LEU V 130 -5.81 6.52 -29.97
CA LEU V 130 -7.05 5.80 -30.18
C LEU V 130 -7.91 5.71 -28.93
N ARG V 131 -7.66 6.56 -27.94
CA ARG V 131 -8.42 6.52 -26.69
C ARG V 131 -8.99 7.87 -26.28
N SER V 132 -8.70 8.93 -27.04
CA SER V 132 -9.15 10.27 -26.71
C SER V 132 -9.67 10.93 -27.98
N TRP V 133 -10.46 11.99 -27.80
CA TRP V 133 -11.06 12.70 -28.91
C TRP V 133 -10.66 14.16 -28.88
N THR V 134 -10.53 14.75 -30.06
CA THR V 134 -10.24 16.17 -30.23
C THR V 134 -11.45 16.82 -30.87
N ALA V 135 -11.98 17.85 -30.20
CA ALA V 135 -13.18 18.54 -30.65
C ALA V 135 -12.81 19.91 -31.18
N ALA V 136 -13.27 20.21 -32.39
CA ALA V 136 -12.91 21.47 -33.04
C ALA V 136 -13.50 22.66 -32.29
N ASP V 137 -14.79 22.60 -31.98
CA ASP V 137 -15.49 23.73 -31.38
C ASP V 137 -16.48 23.20 -30.35
N MET V 138 -17.34 24.10 -29.86
CA MET V 138 -18.33 23.73 -28.85
C MET V 138 -19.29 22.66 -29.34
N ALA V 139 -19.77 22.80 -30.58
CA ALA V 139 -20.70 21.82 -31.12
C ALA V 139 -20.08 20.43 -31.19
N ALA V 140 -18.78 20.36 -31.47
CA ALA V 140 -18.12 19.06 -31.51
C ALA V 140 -18.03 18.42 -30.13
N GLN V 141 -17.92 19.23 -29.06
CA GLN V 141 -17.83 18.66 -27.72
C GLN V 141 -19.12 17.95 -27.31
N THR V 142 -20.28 18.44 -27.77
CA THR V 142 -21.52 17.76 -27.46
C THR V 142 -21.51 16.33 -27.98
N THR V 143 -21.03 16.14 -29.22
CA THR V 143 -20.89 14.80 -29.77
C THR V 143 -19.81 14.03 -29.04
N LYS V 144 -18.76 14.73 -28.59
CA LYS V 144 -17.65 14.08 -27.88
C LYS V 144 -18.12 13.41 -26.59
N HIS V 145 -18.96 14.11 -25.81
CA HIS V 145 -19.38 13.57 -24.53
C HIS V 145 -20.20 12.29 -24.69
N LYS V 146 -21.10 12.25 -25.67
CA LYS V 146 -21.87 11.04 -25.93
C LYS V 146 -20.97 9.89 -26.34
N TRP V 147 -20.00 10.16 -27.22
CA TRP V 147 -19.10 9.11 -27.69
C TRP V 147 -18.19 8.58 -26.60
N GLU V 148 -17.77 9.41 -25.65
CA GLU V 148 -16.97 8.91 -24.53
C GLU V 148 -17.76 7.95 -23.65
N ALA V 149 -19.01 8.30 -23.34
CA ALA V 149 -19.84 7.45 -22.48
C ALA V 149 -20.19 6.13 -23.16
N ALA V 150 -20.42 6.15 -24.47
CA ALA V 150 -20.85 4.97 -25.21
C ALA V 150 -19.71 4.02 -25.57
N HIS V 151 -18.49 4.30 -25.12
CA HIS V 151 -17.32 3.46 -25.40
C HIS V 151 -17.10 3.30 -26.90
N VAL V 152 -17.27 4.39 -27.64
CA VAL V 152 -17.05 4.34 -29.09
C VAL V 152 -15.58 4.10 -29.40
N ALA V 153 -14.68 4.71 -28.62
CA ALA V 153 -13.26 4.58 -28.88
C ALA V 153 -12.80 3.13 -28.80
N GLU V 154 -13.36 2.37 -27.85
CA GLU V 154 -12.96 0.98 -27.68
C GLU V 154 -13.41 0.11 -28.84
N GLN V 155 -14.60 0.36 -29.39
CA GLN V 155 -15.05 -0.43 -30.53
C GLN V 155 -14.20 -0.17 -31.77
N LEU V 156 -13.86 1.10 -32.02
CA LEU V 156 -13.00 1.42 -33.16
C LEU V 156 -11.58 0.90 -32.96
N ARG V 157 -11.06 1.04 -31.74
CA ARG V 157 -9.71 0.59 -31.43
C ARG V 157 -9.54 -0.89 -31.71
N ALA V 158 -10.57 -1.69 -31.42
CA ALA V 158 -10.51 -3.12 -31.74
C ALA V 158 -10.51 -3.34 -33.25
N TYR V 159 -11.31 -2.55 -33.98
CA TYR V 159 -11.41 -2.69 -35.43
C TYR V 159 -10.12 -2.28 -36.15
N LEU V 160 -9.59 -1.10 -35.82
CA LEU V 160 -8.42 -0.59 -36.54
C LEU V 160 -7.18 -1.44 -36.24
N GLU V 161 -6.95 -1.75 -34.96
CA GLU V 161 -5.75 -2.48 -34.58
C GLU V 161 -5.83 -3.95 -35.02
N GLY V 162 -7.04 -4.49 -35.16
CA GLY V 162 -7.20 -5.89 -35.50
C GLY V 162 -7.99 -6.18 -36.75
N THR V 163 -9.23 -5.69 -36.83
CA THR V 163 -10.11 -6.08 -37.93
C THR V 163 -9.58 -5.58 -39.27
N CYS V 164 -9.15 -4.32 -39.35
CA CYS V 164 -8.61 -3.83 -40.61
C CYS V 164 -7.33 -4.57 -40.98
N VAL V 165 -6.41 -4.69 -40.02
CA VAL V 165 -5.10 -5.28 -40.30
C VAL V 165 -5.28 -6.70 -40.83
N GLU V 166 -6.23 -7.46 -40.25
CA GLU V 166 -6.48 -8.80 -40.74
C GLU V 166 -7.02 -8.78 -42.17
N TRP V 167 -7.97 -7.90 -42.44
CA TRP V 167 -8.54 -7.81 -43.78
C TRP V 167 -7.60 -7.12 -44.76
N LEU V 168 -6.81 -6.14 -44.30
CA LEU V 168 -5.85 -5.54 -45.21
C LEU V 168 -4.81 -6.56 -45.66
N ARG V 169 -4.31 -7.37 -44.73
CA ARG V 169 -3.40 -8.44 -45.11
C ARG V 169 -4.08 -9.43 -46.03
N ARG V 170 -5.34 -9.78 -45.73
CA ARG V 170 -6.08 -10.69 -46.60
C ARG V 170 -6.24 -10.09 -47.99
N TYR V 171 -6.50 -8.77 -48.07
CA TYR V 171 -6.60 -8.13 -49.37
C TYR V 171 -5.27 -8.18 -50.11
N LEU V 172 -4.16 -7.97 -49.38
CA LEU V 172 -2.85 -7.99 -50.01
C LEU V 172 -2.53 -9.34 -50.62
N GLU V 173 -2.83 -10.43 -49.91
CA GLU V 173 -2.54 -11.75 -50.48
C GLU V 173 -3.44 -12.02 -51.69
N ASN V 174 -4.72 -11.62 -51.61
CA ASN V 174 -5.61 -11.85 -52.75
C ASN V 174 -5.19 -10.98 -53.93
N GLY V 175 -4.69 -9.79 -53.65
CA GLY V 175 -4.20 -8.87 -54.67
C GLY V 175 -2.74 -8.54 -54.48
N LYS V 176 -1.84 -9.27 -55.15
CA LYS V 176 -0.41 -9.01 -55.05
C LYS V 176 0.18 -8.44 -56.33
N GLU V 177 -0.21 -8.98 -57.47
CA GLU V 177 0.33 -8.52 -58.75
C GLU V 177 0.01 -7.06 -59.02
N THR V 178 -1.13 -6.58 -58.54
CA THR V 178 -1.61 -5.25 -58.90
C THR V 178 -1.15 -4.16 -57.93
N LEU V 179 -1.13 -4.44 -56.62
CA LEU V 179 -0.82 -3.42 -55.63
C LEU V 179 0.46 -3.65 -54.84
N GLN V 180 1.08 -4.83 -54.93
CA GLN V 180 2.40 -5.03 -54.31
C GLN V 180 3.53 -4.81 -55.32
N ARG V 181 3.19 -4.47 -56.55
CA ARG V 181 4.16 -4.11 -57.57
C ARG V 181 4.64 -2.68 -57.36
N THR V 182 5.83 -2.39 -57.87
CA THR V 182 6.35 -1.04 -57.89
C THR V 182 6.83 -0.72 -59.31
N ASP V 183 6.38 0.41 -59.84
CA ASP V 183 6.66 0.82 -61.21
C ASP V 183 7.59 2.03 -61.19
N ALA V 184 8.78 1.88 -61.76
CA ALA V 184 9.71 2.99 -61.79
C ALA V 184 9.27 4.05 -62.81
N PRO V 185 9.51 5.33 -62.52
CA PRO V 185 9.08 6.39 -63.43
C PRO V 185 9.84 6.37 -64.74
N LYS V 186 9.20 6.90 -65.78
CA LYS V 186 9.82 7.09 -67.09
C LYS V 186 10.19 8.56 -67.22
N THR V 187 11.47 8.87 -67.09
CA THR V 187 11.91 10.25 -66.94
C THR V 187 12.48 10.78 -68.25
N HIS V 188 12.21 12.06 -68.52
CA HIS V 188 12.80 12.79 -69.65
C HIS V 188 12.68 14.27 -69.35
N MET V 189 13.39 15.07 -70.14
CA MET V 189 13.49 16.51 -69.88
C MET V 189 13.16 17.27 -71.16
N THR V 190 12.48 18.40 -71.01
CA THR V 190 12.06 19.24 -72.13
C THR V 190 12.48 20.68 -71.90
N HIS V 191 12.62 21.42 -73.01
CA HIS V 191 13.05 22.80 -73.02
C HIS V 191 11.98 23.66 -73.66
N HIS V 192 11.58 24.73 -72.98
CA HIS V 192 10.58 25.66 -73.49
C HIS V 192 11.09 27.08 -73.36
N ALA V 193 10.98 27.86 -74.43
CA ALA V 193 11.50 29.22 -74.46
C ALA V 193 10.35 30.22 -74.35
N VAL V 194 10.26 30.91 -73.21
CA VAL V 194 9.24 31.94 -73.05
C VAL V 194 9.57 33.15 -73.91
N SER V 195 10.83 33.57 -73.90
CA SER V 195 11.26 34.77 -74.61
C SER V 195 12.73 34.62 -74.97
N ASP V 196 13.29 35.67 -75.58
CA ASP V 196 14.69 35.68 -75.98
C ASP V 196 15.64 35.59 -74.79
N HIS V 197 15.18 35.98 -73.60
CA HIS V 197 16.03 36.17 -72.43
C HIS V 197 16.04 34.98 -71.48
N GLU V 198 14.91 34.31 -71.30
CA GLU V 198 14.81 33.18 -70.38
C GLU V 198 13.92 32.09 -70.93
N ALA V 199 14.27 30.85 -70.61
CA ALA V 199 13.54 29.68 -71.07
C ALA V 199 13.18 28.84 -69.86
N THR V 200 12.20 27.97 -70.04
CA THR V 200 11.72 27.08 -68.98
C THR V 200 12.14 25.63 -69.23
N LEU V 201 12.61 24.98 -68.18
CA LEU V 201 13.02 23.59 -68.21
C LEU V 201 12.00 22.75 -67.44
N ARG V 202 11.60 21.63 -68.02
CA ARG V 202 10.57 20.77 -67.44
C ARG V 202 11.14 19.39 -67.15
N CYS V 203 10.92 18.91 -65.93
CA CYS V 203 11.33 17.58 -65.49
C CYS V 203 10.10 16.69 -65.45
N TRP V 204 10.16 15.55 -66.14
CA TRP V 204 9.00 14.69 -66.28
C TRP V 204 9.20 13.35 -65.59
N ALA V 205 8.18 12.92 -64.85
CA ALA V 205 8.08 11.57 -64.31
C ALA V 205 6.71 11.03 -64.71
N LEU V 206 6.68 9.85 -65.32
CA LEU V 206 5.44 9.33 -65.85
C LEU V 206 5.33 7.83 -65.60
N SER V 207 4.09 7.34 -65.59
CA SER V 207 3.78 5.92 -65.52
C SER V 207 4.46 5.23 -64.33
N PHE V 208 4.25 5.78 -63.14
CA PHE V 208 4.82 5.20 -61.93
C PHE V 208 3.77 4.98 -60.85
N TYR V 209 3.98 3.92 -60.08
CA TYR V 209 3.17 3.54 -58.92
C TYR V 209 4.13 2.97 -57.86
N PRO V 210 3.95 3.36 -56.59
CA PRO V 210 2.89 4.19 -56.02
C PRO V 210 2.95 5.67 -56.38
N ALA V 211 1.94 6.42 -55.92
CA ALA V 211 1.81 7.82 -56.30
C ALA V 211 2.92 8.68 -55.70
N GLU V 212 3.39 8.35 -54.51
CA GLU V 212 4.34 9.23 -53.82
C GLU V 212 5.66 9.30 -54.56
N ILE V 213 6.13 10.52 -54.79
CA ILE V 213 7.40 10.78 -55.47
C ILE V 213 7.87 12.14 -55.00
N THR V 214 9.17 12.38 -55.10
CA THR V 214 9.76 13.66 -54.73
C THR V 214 10.57 14.18 -55.91
N LEU V 215 10.30 15.44 -56.28
CA LEU V 215 11.00 16.11 -57.36
C LEU V 215 11.63 17.38 -56.80
N THR V 216 12.93 17.52 -57.02
CA THR V 216 13.70 18.63 -56.48
C THR V 216 14.55 19.23 -57.58
N TRP V 217 14.72 20.54 -57.52
CA TRP V 217 15.52 21.28 -58.49
C TRP V 217 16.79 21.76 -57.79
N GLN V 218 17.93 21.49 -58.40
CA GLN V 218 19.22 21.90 -57.85
C GLN V 218 20.02 22.64 -58.89
N ARG V 219 20.60 23.77 -58.50
CA ARG V 219 21.51 24.54 -59.35
C ARG V 219 22.91 24.39 -58.75
N ASP V 220 23.78 23.70 -59.49
CA ASP V 220 25.17 23.46 -59.09
C ASP V 220 25.26 22.59 -57.84
N GLY V 221 24.26 21.75 -57.61
CA GLY V 221 24.21 20.92 -56.43
C GLY V 221 23.64 21.57 -55.19
N GLU V 222 22.88 22.66 -55.36
CA GLU V 222 22.26 23.37 -54.25
C GLU V 222 20.75 23.40 -54.52
N ASP V 223 19.96 23.06 -53.51
CA ASP V 223 18.50 23.01 -53.69
C ASP V 223 17.95 24.36 -54.13
N GLN V 224 17.23 24.34 -55.24
CA GLN V 224 16.67 25.53 -55.87
C GLN V 224 15.17 25.53 -55.71
N THR V 225 14.64 26.59 -55.11
CA THR V 225 13.22 26.73 -54.83
C THR V 225 12.80 28.18 -55.08
N GLN V 226 11.49 28.41 -55.01
CA GLN V 226 10.86 29.72 -55.20
C GLN V 226 10.93 30.18 -56.66
N ASP V 227 11.93 29.73 -57.40
CA ASP V 227 11.99 29.95 -58.84
C ASP V 227 11.47 28.76 -59.64
N THR V 228 10.87 27.78 -58.96
CA THR V 228 10.39 26.56 -59.59
C THR V 228 8.88 26.45 -59.50
N GLU V 229 8.31 25.67 -60.42
CA GLU V 229 6.88 25.35 -60.45
C GLU V 229 6.70 23.86 -60.21
N LEU V 230 5.76 23.50 -59.35
CA LEU V 230 5.50 22.10 -59.02
C LEU V 230 4.01 21.83 -59.02
N VAL V 231 3.58 20.84 -59.81
CA VAL V 231 2.18 20.46 -59.92
C VAL V 231 1.90 19.26 -59.03
N GLU V 232 0.66 19.18 -58.56
CA GLU V 232 0.22 18.02 -57.78
C GLU V 232 0.26 16.77 -58.65
N THR V 233 0.61 15.64 -58.03
CA THR V 233 0.68 14.38 -58.76
C THR V 233 -0.68 14.03 -59.35
N ARG V 234 -0.68 13.56 -60.59
CA ARG V 234 -1.90 13.33 -61.34
C ARG V 234 -2.03 11.84 -61.69
N PRO V 235 -3.25 11.32 -61.74
CA PRO V 235 -3.44 9.93 -62.16
C PRO V 235 -3.53 9.84 -63.68
N ALA V 236 -2.79 8.89 -64.26
CA ALA V 236 -2.83 8.71 -65.71
C ALA V 236 -4.12 8.05 -66.17
N GLY V 237 -4.79 7.28 -65.31
CA GLY V 237 -5.99 6.58 -65.68
C GLY V 237 -5.80 5.09 -65.92
N ASP V 238 -4.57 4.59 -65.86
CA ASP V 238 -4.28 3.17 -66.03
C ASP V 238 -3.66 2.57 -64.77
N GLY V 239 -3.82 3.24 -63.63
CA GLY V 239 -3.20 2.81 -62.39
C GLY V 239 -1.83 3.38 -62.14
N THR V 240 -1.35 4.27 -63.01
CA THR V 240 -0.07 4.93 -62.83
C THR V 240 -0.29 6.43 -62.65
N PHE V 241 0.71 7.10 -62.11
CA PHE V 241 0.61 8.51 -61.79
C PHE V 241 1.69 9.31 -62.52
N GLN V 242 1.55 10.63 -62.51
CA GLN V 242 2.45 11.52 -63.21
C GLN V 242 2.72 12.76 -62.37
N LYS V 243 3.91 13.31 -62.51
CA LYS V 243 4.26 14.57 -61.84
C LYS V 243 5.39 15.22 -62.62
N TRP V 244 5.43 16.55 -62.58
CA TRP V 244 6.50 17.28 -63.26
C TRP V 244 6.84 18.55 -62.50
N ALA V 245 8.09 18.99 -62.68
CA ALA V 245 8.62 20.20 -62.05
C ALA V 245 9.30 21.07 -63.11
N ALA V 246 9.15 22.39 -62.96
CA ALA V 246 9.68 23.35 -63.91
C ALA V 246 10.43 24.46 -63.16
N VAL V 247 11.45 25.01 -63.82
CA VAL V 247 12.25 26.09 -63.25
C VAL V 247 12.56 27.11 -64.34
N VAL V 248 12.58 28.39 -63.96
CA VAL V 248 12.91 29.48 -64.88
C VAL V 248 14.40 29.74 -64.80
N VAL V 249 15.07 29.68 -65.95
CA VAL V 249 16.52 29.82 -66.04
C VAL V 249 16.89 30.86 -67.08
N PRO V 250 17.88 31.72 -66.84
CA PRO V 250 18.34 32.62 -67.89
C PRO V 250 19.06 31.82 -68.96
N SER V 251 18.96 32.30 -70.21
CA SER V 251 19.50 31.54 -71.33
C SER V 251 20.99 31.30 -71.17
N GLY V 252 21.44 30.11 -71.59
CA GLY V 252 22.83 29.72 -71.49
C GLY V 252 23.24 29.12 -70.16
N GLN V 253 22.36 29.12 -69.16
CA GLN V 253 22.66 28.58 -67.84
C GLN V 253 21.91 27.27 -67.57
N GLU V 254 21.33 26.64 -68.59
CA GLU V 254 20.56 25.42 -68.38
C GLU V 254 21.42 24.30 -67.79
N GLN V 255 22.67 24.18 -68.25
CA GLN V 255 23.51 23.06 -67.82
C GLN V 255 23.83 23.11 -66.32
N ARG V 256 23.64 24.25 -65.67
CA ARG V 256 23.87 24.34 -64.23
C ARG V 256 22.82 23.55 -63.45
N TYR V 257 21.61 23.42 -63.98
CA TYR V 257 20.51 22.87 -63.22
C TYR V 257 20.44 21.36 -63.38
N THR V 258 19.96 20.70 -62.33
CA THR V 258 19.84 19.25 -62.29
C THR V 258 18.52 18.88 -61.64
N CYS V 259 17.91 17.83 -62.16
CA CYS V 259 16.66 17.29 -61.64
C CYS V 259 16.91 15.98 -60.92
N HIS V 260 16.38 15.86 -59.71
CA HIS V 260 16.59 14.66 -58.89
C HIS V 260 15.25 13.99 -58.65
N VAL V 261 15.16 12.71 -59.01
CA VAL V 261 13.95 11.92 -58.87
C VAL V 261 14.22 10.80 -57.87
N GLN V 262 13.39 10.70 -56.84
CA GLN V 262 13.48 9.61 -55.88
C GLN V 262 12.13 8.93 -55.77
N HIS V 263 12.14 7.60 -55.91
CA HIS V 263 10.92 6.82 -55.93
C HIS V 263 11.25 5.42 -55.44
N GLU V 264 10.23 4.72 -54.93
CA GLU V 264 10.46 3.36 -54.44
C GLU V 264 10.88 2.42 -55.56
N GLY V 265 10.41 2.68 -56.79
CA GLY V 265 10.77 1.88 -57.94
C GLY V 265 12.22 2.03 -58.38
N LEU V 266 12.88 3.12 -57.99
CA LEU V 266 14.25 3.37 -58.41
C LEU V 266 15.23 2.93 -57.34
N PRO V 267 16.15 2.01 -57.61
CA PRO V 267 17.16 1.67 -56.61
C PRO V 267 18.11 2.82 -56.33
N LYS V 268 18.41 3.64 -57.34
CA LYS V 268 19.26 4.81 -57.27
C LYS V 268 18.44 6.07 -57.54
N PRO V 269 18.65 7.14 -56.77
CA PRO V 269 18.00 8.41 -57.11
C PRO V 269 18.53 8.94 -58.43
N LEU V 270 17.63 9.20 -59.36
CA LEU V 270 18.04 9.63 -60.70
C LEU V 270 18.40 11.11 -60.73
N THR V 271 19.37 11.43 -61.57
CA THR V 271 19.80 12.80 -61.81
C THR V 271 19.67 13.08 -63.31
N LEU V 272 19.05 14.21 -63.66
CA LEU V 272 18.84 14.58 -65.04
C LEU V 272 19.46 15.96 -65.28
N ARG V 273 20.58 15.98 -65.98
CA ARG V 273 21.24 17.22 -66.36
C ARG V 273 20.92 17.53 -67.81
N TRP V 274 20.77 18.82 -68.12
CA TRP V 274 20.37 19.24 -69.46
C TRP V 274 21.64 19.49 -70.27
N GLU V 275 22.05 18.48 -71.03
CA GLU V 275 23.30 18.55 -71.79
C GLU V 275 23.12 17.98 -73.19
N MET W 1 -19.57 27.58 -43.63
CA MET W 1 -19.13 26.75 -44.75
C MET W 1 -17.84 27.27 -45.37
N ILE W 2 -16.90 26.36 -45.60
CA ILE W 2 -15.62 26.65 -46.23
C ILE W 2 -15.71 26.30 -47.71
N GLN W 3 -15.14 27.15 -48.55
CA GLN W 3 -15.15 26.96 -49.99
C GLN W 3 -13.72 27.04 -50.53
N ARG W 4 -13.36 26.08 -51.37
CA ARG W 4 -12.05 26.01 -51.99
C ARG W 4 -12.25 25.98 -53.50
N THR W 5 -11.51 26.82 -54.21
CA THR W 5 -11.66 26.86 -55.66
C THR W 5 -10.89 25.71 -56.31
N PRO W 6 -11.43 25.09 -57.35
CA PRO W 6 -10.81 23.89 -57.88
C PRO W 6 -9.55 24.17 -58.68
N LYS W 7 -8.64 23.19 -58.65
CA LYS W 7 -7.45 23.21 -59.48
C LYS W 7 -7.68 22.25 -60.65
N ILE W 8 -7.36 22.70 -61.86
CA ILE W 8 -7.66 21.97 -63.08
C ILE W 8 -6.36 21.61 -63.78
N GLN W 9 -6.21 20.33 -64.15
CA GLN W 9 -5.07 19.88 -64.94
C GLN W 9 -5.58 19.02 -66.08
N VAL W 10 -5.42 19.52 -67.30
CA VAL W 10 -5.79 18.80 -68.52
C VAL W 10 -4.51 18.31 -69.19
N TYR W 11 -4.46 17.02 -69.52
CA TYR W 11 -3.25 16.39 -70.03
C TYR W 11 -3.69 15.14 -70.79
N SER W 12 -2.73 14.29 -71.09
CA SER W 12 -2.98 13.04 -71.80
C SER W 12 -2.42 11.89 -70.98
N ARG W 13 -3.04 10.71 -71.13
CA ARG W 13 -2.58 9.54 -70.40
C ARG W 13 -1.18 9.11 -70.82
N HIS W 14 -0.87 9.24 -72.09
CA HIS W 14 0.41 8.85 -72.66
C HIS W 14 1.04 10.04 -73.37
N PRO W 15 2.34 9.98 -73.68
CA PRO W 15 2.95 11.05 -74.45
C PRO W 15 2.25 11.25 -75.79
N ALA W 16 1.94 12.51 -76.09
CA ALA W 16 1.08 12.90 -77.19
C ALA W 16 1.76 12.63 -78.53
N GLU W 17 1.43 11.51 -79.14
CA GLU W 17 1.84 11.20 -80.51
C GLU W 17 0.70 11.58 -81.45
N ASN W 18 1.02 12.34 -82.50
CA ASN W 18 -0.01 12.82 -83.40
C ASN W 18 -0.54 11.69 -84.27
N GLY W 19 -1.85 11.64 -84.44
CA GLY W 19 -2.47 10.62 -85.27
C GLY W 19 -2.58 9.25 -84.66
N LYS W 20 -2.53 9.12 -83.33
CA LYS W 20 -2.63 7.83 -82.68
C LYS W 20 -3.63 7.89 -81.54
N SER W 21 -4.17 6.73 -81.16
CA SER W 21 -5.19 6.66 -80.14
C SER W 21 -4.57 6.94 -78.77
N ASN W 22 -5.23 7.79 -77.99
CA ASN W 22 -4.78 8.17 -76.67
C ASN W 22 -5.99 8.53 -75.83
N PHE W 23 -5.77 8.83 -74.55
CA PHE W 23 -6.83 9.23 -73.64
C PHE W 23 -6.55 10.65 -73.17
N LEU W 24 -7.60 11.49 -73.20
CA LEU W 24 -7.52 12.85 -72.71
C LEU W 24 -8.05 12.88 -71.28
N ASN W 25 -7.31 13.51 -70.39
CA ASN W 25 -7.65 13.50 -68.98
C ASN W 25 -7.85 14.93 -68.48
N CYS W 26 -8.86 15.10 -67.63
CA CYS W 26 -9.06 16.32 -66.85
C CYS W 26 -9.10 15.92 -65.38
N TYR W 27 -8.20 16.51 -64.60
CA TYR W 27 -8.09 16.20 -63.17
C TYR W 27 -8.42 17.47 -62.40
N VAL W 28 -9.60 17.51 -61.79
CA VAL W 28 -10.02 18.63 -60.95
C VAL W 28 -9.84 18.20 -59.50
N SER W 29 -9.22 19.07 -58.71
CA SER W 29 -8.91 18.75 -57.33
C SER W 29 -8.88 20.04 -56.51
N GLY W 30 -8.77 19.86 -55.20
CA GLY W 30 -8.69 20.99 -54.28
C GLY W 30 -9.90 21.90 -54.29
N PHE W 31 -11.11 21.34 -54.37
CA PHE W 31 -12.34 22.11 -54.36
C PHE W 31 -13.33 21.57 -53.36
N HIS W 32 -14.17 22.46 -52.86
CA HIS W 32 -15.27 22.15 -51.95
C HIS W 32 -16.35 23.19 -52.16
N PRO W 33 -17.63 22.77 -52.20
CA PRO W 33 -18.23 21.43 -52.06
C PRO W 33 -18.14 20.55 -53.31
N SER W 34 -18.88 19.43 -53.29
CA SER W 34 -18.75 18.40 -54.32
C SER W 34 -19.36 18.80 -55.65
N ASP W 35 -20.35 19.70 -55.67
CA ASP W 35 -21.05 20.02 -56.91
C ASP W 35 -20.13 20.71 -57.91
N ILE W 36 -19.93 20.07 -59.05
CA ILE W 36 -19.05 20.58 -60.10
C ILE W 36 -19.58 20.12 -61.44
N GLU W 37 -19.39 20.95 -62.47
CA GLU W 37 -19.78 20.65 -63.83
C GLU W 37 -18.53 20.68 -64.68
N VAL W 38 -18.20 19.55 -65.31
CA VAL W 38 -16.97 19.41 -66.09
C VAL W 38 -17.28 18.84 -67.46
N ASP W 39 -16.83 19.54 -68.50
CA ASP W 39 -17.00 19.11 -69.89
C ASP W 39 -15.64 19.13 -70.58
N LEU W 40 -15.47 18.19 -71.51
CA LEU W 40 -14.28 18.14 -72.36
C LEU W 40 -14.67 18.65 -73.75
N LEU W 41 -13.90 19.60 -74.27
CA LEU W 41 -14.24 20.28 -75.50
C LEU W 41 -13.19 20.03 -76.58
N LYS W 42 -13.66 19.88 -77.81
CA LYS W 42 -12.82 19.78 -79.00
C LYS W 42 -13.23 20.93 -79.91
N ASN W 43 -12.36 21.94 -80.01
CA ASN W 43 -12.61 23.14 -80.80
C ASN W 43 -13.85 23.88 -80.30
N GLY W 44 -14.12 23.81 -78.99
CA GLY W 44 -15.28 24.44 -78.43
C GLY W 44 -16.53 23.59 -78.45
N GLU W 45 -16.44 22.36 -78.93
CA GLU W 45 -17.59 21.45 -79.04
C GLU W 45 -17.54 20.38 -77.96
N ARG W 46 -18.69 20.11 -77.37
CA ARG W 46 -18.80 19.15 -76.27
C ARG W 46 -18.63 17.71 -76.76
N ILE W 47 -17.87 16.93 -75.99
CA ILE W 47 -17.64 15.51 -76.28
C ILE W 47 -18.74 14.70 -75.60
N GLU W 48 -19.31 13.74 -76.34
CA GLU W 48 -20.50 13.04 -75.83
C GLU W 48 -20.14 12.06 -74.72
N LYS W 49 -19.14 11.22 -74.94
CA LYS W 49 -18.78 10.16 -73.99
C LYS W 49 -17.60 10.64 -73.14
N VAL W 50 -17.89 11.05 -71.90
CA VAL W 50 -16.86 11.46 -70.95
C VAL W 50 -17.14 10.77 -69.62
N GLU W 51 -16.51 9.61 -69.39
CA GLU W 51 -16.67 8.97 -68.09
C GLU W 51 -15.84 9.71 -67.05
N HIS W 52 -16.10 9.42 -65.78
CA HIS W 52 -15.36 10.04 -64.71
C HIS W 52 -15.28 9.08 -63.52
N SER W 53 -14.37 9.39 -62.61
CA SER W 53 -14.15 8.53 -61.44
C SER W 53 -15.14 8.84 -60.32
N ASP W 54 -15.07 8.00 -59.29
CA ASP W 54 -15.92 8.13 -58.11
C ASP W 54 -15.38 9.16 -57.14
N LEU W 55 -16.30 9.94 -56.57
CA LEU W 55 -15.95 11.06 -55.69
C LEU W 55 -15.13 10.63 -54.49
N SER W 56 -13.98 11.26 -54.30
CA SER W 56 -13.10 11.02 -53.17
C SER W 56 -12.55 12.37 -52.71
N PHE W 57 -11.78 12.37 -51.62
CA PHE W 57 -11.25 13.62 -51.10
C PHE W 57 -9.88 13.40 -50.46
N SER W 58 -9.13 14.50 -50.32
CA SER W 58 -7.78 14.50 -49.81
C SER W 58 -7.77 14.75 -48.30
N LYS W 59 -6.59 15.08 -47.75
CA LYS W 59 -6.46 15.30 -46.31
C LYS W 59 -7.24 16.53 -45.86
N ASP W 60 -7.14 17.63 -46.60
CA ASP W 60 -7.82 18.87 -46.25
C ASP W 60 -9.32 18.82 -46.53
N TRP W 61 -9.87 17.63 -46.76
CA TRP W 61 -11.29 17.35 -47.01
C TRP W 61 -11.72 17.81 -48.39
N SER W 62 -10.79 18.26 -49.22
CA SER W 62 -11.12 18.74 -50.55
C SER W 62 -11.28 17.58 -51.53
N PHE W 63 -12.20 17.77 -52.48
CA PHE W 63 -12.61 16.73 -53.41
C PHE W 63 -11.77 16.76 -54.68
N TYR W 64 -11.62 15.59 -55.29
CA TYR W 64 -10.90 15.44 -56.55
C TYR W 64 -11.62 14.45 -57.46
N LEU W 65 -11.64 14.76 -58.75
CA LEU W 65 -12.30 13.93 -59.76
C LEU W 65 -11.44 13.89 -61.01
N LEU W 66 -11.55 12.79 -61.75
CA LEU W 66 -10.81 12.60 -62.99
C LEU W 66 -11.79 12.30 -64.12
N TYR W 67 -11.84 13.19 -65.10
CA TYR W 67 -12.70 13.02 -66.27
C TYR W 67 -11.81 12.59 -67.43
N TYR W 68 -12.25 11.58 -68.18
CA TYR W 68 -11.39 11.05 -69.23
C TYR W 68 -12.24 10.56 -70.40
N THR W 69 -11.62 10.58 -71.58
CA THR W 69 -12.22 10.02 -72.78
C THR W 69 -11.11 9.62 -73.73
N GLU W 70 -11.43 8.72 -74.66
CA GLU W 70 -10.47 8.32 -75.68
C GLU W 70 -10.48 9.34 -76.80
N PHE W 71 -9.30 9.61 -77.36
CA PHE W 71 -9.20 10.59 -78.42
C PHE W 71 -7.95 10.35 -79.26
N THR W 72 -7.94 10.96 -80.45
CA THR W 72 -6.79 10.96 -81.34
C THR W 72 -6.26 12.38 -81.49
N PRO W 73 -5.03 12.66 -81.05
CA PRO W 73 -4.52 14.03 -81.13
C PRO W 73 -4.19 14.42 -82.55
N THR W 74 -4.48 15.68 -82.89
CA THR W 74 -4.23 16.20 -84.22
C THR W 74 -3.54 17.55 -84.14
N GLU W 75 -2.64 17.80 -85.09
CA GLU W 75 -1.89 19.05 -85.12
C GLU W 75 -2.83 20.26 -85.24
N LYS W 76 -3.94 20.09 -85.95
CA LYS W 76 -4.89 21.18 -86.21
C LYS W 76 -5.91 21.34 -85.09
N ASP W 77 -6.31 20.25 -84.45
CA ASP W 77 -7.41 20.29 -83.50
C ASP W 77 -7.00 20.98 -82.20
N GLU W 78 -7.97 21.58 -81.53
CA GLU W 78 -7.76 22.19 -80.23
C GLU W 78 -8.63 21.47 -79.21
N TYR W 79 -8.09 21.29 -77.99
CA TYR W 79 -8.81 20.62 -76.92
C TYR W 79 -8.69 21.43 -75.64
N ALA W 80 -9.67 21.28 -74.77
CA ALA W 80 -9.72 22.03 -73.53
C ALA W 80 -10.65 21.34 -72.55
N CYS W 81 -10.62 21.83 -71.32
CA CYS W 81 -11.51 21.38 -70.25
C CYS W 81 -12.26 22.60 -69.73
N ARG W 82 -13.57 22.47 -69.62
CA ARG W 82 -14.43 23.53 -69.08
C ARG W 82 -15.01 23.06 -67.76
N VAL W 83 -14.68 23.79 -66.69
CA VAL W 83 -15.07 23.45 -65.34
C VAL W 83 -15.87 24.61 -64.78
N ASN W 84 -17.08 24.32 -64.31
CA ASN W 84 -17.93 25.32 -63.68
C ASN W 84 -18.17 24.93 -62.23
N HIS W 85 -18.08 25.92 -61.35
CA HIS W 85 -18.21 25.69 -59.92
C HIS W 85 -18.84 26.92 -59.29
N VAL W 86 -19.38 26.75 -58.07
CA VAL W 86 -20.02 27.88 -57.39
C VAL W 86 -18.99 28.95 -57.07
N THR W 87 -17.76 28.56 -56.75
CA THR W 87 -16.70 29.52 -56.43
C THR W 87 -16.22 30.29 -57.65
N LEU W 88 -16.53 29.81 -58.85
CA LEU W 88 -16.04 30.42 -60.08
C LEU W 88 -17.06 31.42 -60.60
N SER W 89 -16.62 32.66 -60.83
CA SER W 89 -17.50 33.67 -61.39
C SER W 89 -17.95 33.28 -62.79
N GLN W 90 -17.05 32.67 -63.56
CA GLN W 90 -17.32 32.19 -64.90
C GLN W 90 -16.74 30.79 -65.04
N PRO W 91 -17.29 29.97 -65.93
CA PRO W 91 -16.73 28.63 -66.14
C PRO W 91 -15.28 28.74 -66.59
N LYS W 92 -14.41 28.00 -65.91
CA LYS W 92 -12.99 28.07 -66.20
C LYS W 92 -12.65 27.08 -67.30
N ILE W 93 -11.96 27.56 -68.32
CA ILE W 93 -11.55 26.73 -69.45
C ILE W 93 -10.04 26.61 -69.39
N VAL W 94 -9.55 25.39 -69.52
CA VAL W 94 -8.11 25.12 -69.53
C VAL W 94 -7.80 24.39 -70.82
N LYS W 95 -6.94 24.97 -71.64
CA LYS W 95 -6.60 24.37 -72.91
C LYS W 95 -5.56 23.28 -72.71
N TRP W 96 -5.52 22.32 -73.63
CA TRP W 96 -4.60 21.20 -73.48
C TRP W 96 -3.25 21.59 -74.06
N ASP W 97 -2.22 21.50 -73.22
CA ASP W 97 -0.84 21.67 -73.64
C ASP W 97 -0.13 20.33 -73.48
N ARG W 98 0.37 19.80 -74.59
CA ARG W 98 1.06 18.51 -74.55
C ARG W 98 2.39 18.61 -73.82
N ASP W 99 2.88 19.83 -73.62
CA ASP W 99 4.11 20.11 -72.90
C ASP W 99 3.92 20.27 -71.39
N MET W 100 2.70 20.12 -70.89
CA MET W 100 2.45 20.23 -69.46
C MET W 100 1.10 19.62 -69.09
N GLY X 1 27.23 34.93 -31.07
CA GLY X 1 26.73 34.45 -32.35
C GLY X 1 27.71 34.63 -33.49
N SER X 2 27.29 34.27 -34.69
CA SER X 2 28.12 34.41 -35.89
C SER X 2 27.93 35.79 -36.50
N HIS X 3 29.03 36.40 -36.90
CA HIS X 3 29.02 37.74 -37.48
C HIS X 3 29.57 37.71 -38.90
N SER X 4 29.22 38.75 -39.67
CA SER X 4 29.65 38.82 -41.05
C SER X 4 29.85 40.28 -41.46
N MET X 5 30.74 40.49 -42.44
CA MET X 5 30.91 41.77 -43.10
C MET X 5 30.75 41.60 -44.59
N ARG X 6 29.91 42.43 -45.20
CA ARG X 6 29.59 42.32 -46.62
C ARG X 6 29.63 43.68 -47.28
N TYR X 7 30.09 43.71 -48.53
CA TYR X 7 30.08 44.92 -49.35
C TYR X 7 29.21 44.66 -50.57
N PHE X 8 28.31 45.59 -50.86
CA PHE X 8 27.40 45.48 -51.97
C PHE X 8 27.66 46.63 -52.93
N PHE X 9 27.93 46.31 -54.19
CA PHE X 9 28.21 47.31 -55.21
C PHE X 9 27.15 47.19 -56.29
N THR X 10 26.58 48.32 -56.69
CA THR X 10 25.62 48.38 -57.78
C THR X 10 26.04 49.49 -58.73
N SER X 11 26.16 49.16 -60.01
CA SER X 11 26.51 50.13 -61.04
C SER X 11 25.49 50.03 -62.16
N VAL X 12 24.81 51.13 -62.45
CA VAL X 12 23.79 51.18 -63.48
C VAL X 12 24.24 52.20 -64.52
N SER X 13 24.17 51.83 -65.78
CA SER X 13 24.65 52.66 -66.87
C SER X 13 23.53 53.51 -67.44
N ARG X 14 23.79 54.82 -67.60
CA ARG X 14 22.84 55.71 -68.23
C ARG X 14 23.37 56.04 -69.62
N PRO X 15 22.82 55.45 -70.69
CA PRO X 15 23.38 55.62 -72.03
C PRO X 15 23.04 56.99 -72.60
N GLY X 16 24.06 57.80 -72.86
CA GLY X 16 23.82 59.06 -73.54
C GLY X 16 23.78 60.18 -72.53
N ARG X 17 22.94 59.98 -71.53
CA ARG X 17 22.71 60.93 -70.45
C ARG X 17 23.74 60.79 -69.35
N GLY X 18 25.02 60.82 -69.71
CA GLY X 18 26.08 60.88 -68.72
C GLY X 18 26.81 59.59 -68.40
N GLU X 19 27.35 59.53 -67.19
CA GLU X 19 28.13 58.39 -66.70
C GLU X 19 27.22 57.38 -66.01
N PRO X 20 27.74 56.22 -65.62
CA PRO X 20 26.89 55.25 -64.92
C PRO X 20 26.70 55.58 -63.45
N ARG X 21 25.49 55.27 -62.96
CA ARG X 21 25.17 55.46 -61.55
C ARG X 21 25.80 54.33 -60.75
N PHE X 22 26.50 54.67 -59.67
CA PHE X 22 27.21 53.69 -58.85
C PHE X 22 26.79 53.82 -57.39
N ILE X 23 26.33 52.72 -56.80
CA ILE X 23 25.95 52.67 -55.39
C ILE X 23 26.78 51.61 -54.68
N ALA X 24 27.34 51.96 -53.53
CA ALA X 24 28.13 51.05 -52.72
C ALA X 24 27.64 51.11 -51.27
N VAL X 25 27.42 49.94 -50.67
CA VAL X 25 26.97 49.86 -49.28
C VAL X 25 27.75 48.77 -48.56
N GLY X 26 28.02 48.99 -47.28
CA GLY X 26 28.73 48.05 -46.44
C GLY X 26 27.91 47.66 -45.24
N TYR X 27 27.84 46.37 -44.93
CA TYR X 27 27.03 45.87 -43.83
C TYR X 27 27.85 45.08 -42.82
N VAL X 28 27.54 45.28 -41.53
CA VAL X 28 27.97 44.42 -40.44
C VAL X 28 26.69 43.86 -39.84
N ASP X 29 26.53 42.54 -39.91
CA ASP X 29 25.28 41.86 -39.55
C ASP X 29 24.22 42.45 -40.47
N ASP X 30 23.16 43.08 -39.95
CA ASP X 30 22.15 43.73 -40.77
C ASP X 30 22.22 45.25 -40.64
N THR X 31 23.34 45.77 -40.16
CA THR X 31 23.54 47.19 -39.94
C THR X 31 24.53 47.73 -40.97
N GLN X 32 24.14 48.84 -41.63
CA GLN X 32 24.98 49.52 -42.61
C GLN X 32 25.83 50.58 -41.94
N PHE X 33 27.14 50.56 -42.21
CA PHE X 33 28.07 51.47 -41.56
C PHE X 33 28.83 52.38 -42.52
N VAL X 34 28.85 52.08 -43.82
CA VAL X 34 29.54 52.90 -44.81
C VAL X 34 28.74 52.89 -46.11
N ARG X 35 28.88 53.97 -46.88
CA ARG X 35 28.21 54.07 -48.17
C ARG X 35 29.01 54.98 -49.09
N PHE X 36 28.81 54.78 -50.40
CA PHE X 36 29.38 55.65 -51.42
C PHE X 36 28.39 55.78 -52.57
N ASP X 37 27.79 56.96 -52.70
CA ASP X 37 26.86 57.26 -53.77
C ASP X 37 27.64 58.00 -54.85
N SER X 38 27.49 57.57 -56.10
CA SER X 38 28.22 58.25 -57.18
C SER X 38 27.71 59.66 -57.42
N ASP X 39 26.45 59.94 -57.08
CA ASP X 39 25.86 61.26 -57.22
C ASP X 39 25.87 62.06 -55.93
N ALA X 40 26.56 61.59 -54.89
CA ALA X 40 26.63 62.33 -53.63
C ALA X 40 27.62 63.49 -53.72
N ALA X 41 27.27 64.61 -53.08
CA ALA X 41 28.11 65.79 -53.10
C ALA X 41 29.43 65.56 -52.39
N SER X 42 29.43 64.76 -51.32
CA SER X 42 30.67 64.52 -50.59
C SER X 42 31.70 63.84 -51.48
N GLN X 43 31.25 62.90 -52.31
CA GLN X 43 32.11 62.09 -53.17
C GLN X 43 33.14 61.33 -52.34
N ARG X 44 32.73 60.95 -51.13
CA ARG X 44 33.59 60.27 -50.18
C ARG X 44 32.82 59.10 -49.58
N MET X 45 33.56 58.17 -48.97
CA MET X 45 32.93 57.08 -48.24
C MET X 45 32.36 57.65 -46.94
N GLU X 46 31.03 57.58 -46.78
CA GLU X 46 30.39 58.22 -45.64
C GLU X 46 29.99 57.23 -44.55
N PRO X 47 29.97 57.68 -43.30
CA PRO X 47 29.57 56.82 -42.18
C PRO X 47 28.07 56.83 -41.93
N ARG X 48 27.53 55.65 -41.62
CA ARG X 48 26.11 55.49 -41.33
C ARG X 48 25.80 55.06 -39.90
N ALA X 49 26.81 54.72 -39.11
CA ALA X 49 26.66 54.30 -37.72
C ALA X 49 27.55 55.13 -36.82
N PRO X 50 27.10 55.40 -35.58
CA PRO X 50 27.91 56.29 -34.71
C PRO X 50 29.27 55.70 -34.38
N TRP X 51 29.37 54.39 -34.21
CA TRP X 51 30.62 53.79 -33.79
C TRP X 51 31.69 53.88 -34.88
N ILE X 52 31.28 53.94 -36.15
CA ILE X 52 32.28 54.07 -37.22
C ILE X 52 32.73 55.51 -37.38
N GLU X 53 31.93 56.49 -36.92
CA GLU X 53 32.29 57.89 -37.08
C GLU X 53 33.57 58.23 -36.35
N GLN X 54 33.94 57.47 -35.33
CA GLN X 54 35.13 57.72 -34.54
C GLN X 54 36.41 57.31 -35.25
N GLU X 55 36.37 57.10 -36.57
CA GLU X 55 37.57 56.76 -37.31
C GLU X 55 38.28 58.03 -37.75
N GLY X 56 39.61 57.93 -37.88
CA GLY X 56 40.41 59.06 -38.26
C GLY X 56 40.21 59.39 -39.72
N PRO X 57 40.59 60.61 -40.13
CA PRO X 57 40.44 60.98 -41.55
C PRO X 57 41.30 60.14 -42.47
N GLU X 58 42.30 59.44 -41.93
CA GLU X 58 43.11 58.52 -42.72
C GLU X 58 42.28 57.35 -43.22
N TYR X 59 41.42 56.79 -42.35
CA TYR X 59 40.60 55.65 -42.73
C TYR X 59 39.66 56.02 -43.87
N TRP X 60 38.96 57.15 -43.73
CA TRP X 60 37.98 57.55 -44.74
C TRP X 60 38.66 57.83 -46.07
N ASP X 61 39.86 58.41 -46.04
CA ASP X 61 40.60 58.67 -47.27
C ASP X 61 40.92 57.36 -47.99
N GLY X 62 41.29 56.32 -47.25
CA GLY X 62 41.55 55.05 -47.88
C GLY X 62 40.30 54.42 -48.47
N GLU X 63 39.19 54.46 -47.71
CA GLU X 63 37.95 53.89 -48.23
C GLU X 63 37.45 54.67 -49.45
N THR X 64 37.57 56.01 -49.40
CA THR X 64 37.20 56.83 -50.55
C THR X 64 38.10 56.52 -51.74
N ARG X 65 39.38 56.26 -51.50
CA ARG X 65 40.31 55.99 -52.59
C ARG X 65 39.94 54.70 -53.33
N LYS X 66 39.66 53.65 -52.58
CA LYS X 66 39.39 52.34 -53.18
C LYS X 66 38.03 52.30 -53.85
N VAL X 67 37.01 52.90 -53.22
CA VAL X 67 35.66 52.81 -53.76
C VAL X 67 35.54 53.50 -55.13
N LYS X 68 36.18 54.66 -55.31
CA LYS X 68 36.15 55.30 -56.62
C LYS X 68 36.85 54.45 -57.66
N ALA X 69 37.97 53.82 -57.29
CA ALA X 69 38.65 52.91 -58.21
C ALA X 69 37.76 51.74 -58.56
N HIS X 70 37.04 51.19 -57.58
CA HIS X 70 36.08 50.13 -57.86
C HIS X 70 34.95 50.65 -58.74
N SER X 71 34.54 51.91 -58.56
CA SER X 71 33.51 52.46 -59.43
C SER X 71 33.99 52.48 -60.88
N GLN X 72 35.24 52.90 -61.11
CA GLN X 72 35.80 52.88 -62.46
C GLN X 72 35.96 51.47 -62.99
N THR X 73 36.30 50.50 -62.13
CA THR X 73 36.40 49.12 -62.60
C THR X 73 35.04 48.63 -63.11
N HIS X 74 33.97 48.85 -62.34
CA HIS X 74 32.67 48.32 -62.73
C HIS X 74 32.11 49.05 -63.95
N ARG X 75 32.50 50.32 -64.17
CA ARG X 75 32.10 51.02 -65.38
C ARG X 75 32.70 50.39 -66.63
N VAL X 76 33.96 49.95 -66.54
CA VAL X 76 34.56 49.22 -67.65
C VAL X 76 33.87 47.88 -67.85
N ASP X 77 33.46 47.24 -66.75
CA ASP X 77 32.78 45.96 -66.86
C ASP X 77 31.48 46.10 -67.65
N LEU X 78 30.76 47.21 -67.45
CA LEU X 78 29.53 47.44 -68.20
C LEU X 78 29.82 47.55 -69.70
N GLY X 79 30.88 48.28 -70.06
CA GLY X 79 31.25 48.36 -71.46
C GLY X 79 31.76 47.05 -72.01
N THR X 80 32.60 46.35 -71.22
CA THR X 80 33.13 45.07 -71.65
C THR X 80 32.04 44.03 -71.83
N LEU X 81 31.11 43.95 -70.86
CA LEU X 81 30.03 42.98 -70.95
C LEU X 81 29.07 43.29 -72.09
N ARG X 82 28.92 44.59 -72.44
CA ARG X 82 28.13 44.94 -73.61
C ARG X 82 28.72 44.31 -74.87
N GLY X 83 30.05 44.26 -74.96
CA GLY X 83 30.67 43.60 -76.10
C GLY X 83 30.52 42.09 -76.05
N TYR X 84 30.58 41.50 -74.85
CA TYR X 84 30.51 40.04 -74.73
C TYR X 84 29.20 39.50 -75.27
N TYR X 85 28.09 40.14 -74.93
CA TYR X 85 26.76 39.67 -75.33
C TYR X 85 26.28 40.31 -76.62
N ASN X 86 27.11 41.13 -77.28
CA ASN X 86 26.75 41.81 -78.53
C ASN X 86 25.53 42.72 -78.34
N GLN X 87 25.40 43.31 -77.15
CA GLN X 87 24.24 44.13 -76.84
C GLN X 87 24.42 45.54 -77.38
N SER X 88 23.29 46.19 -77.65
CA SER X 88 23.31 47.53 -78.21
C SER X 88 23.74 48.55 -77.16
N GLU X 89 24.14 49.73 -77.63
CA GLU X 89 24.66 50.78 -76.77
C GLU X 89 23.56 51.60 -76.08
N ALA X 90 22.30 51.37 -76.44
CA ALA X 90 21.20 52.20 -75.95
C ALA X 90 20.59 51.69 -74.65
N GLY X 91 20.83 50.45 -74.28
CA GLY X 91 20.22 49.87 -73.11
C GLY X 91 20.97 50.16 -71.82
N SER X 92 20.22 50.27 -70.74
CA SER X 92 20.79 50.43 -69.40
C SER X 92 20.94 49.07 -68.76
N HIS X 93 22.15 48.78 -68.28
CA HIS X 93 22.49 47.48 -67.75
C HIS X 93 23.17 47.65 -66.39
N THR X 94 23.06 46.61 -65.57
CA THR X 94 23.56 46.63 -64.19
C THR X 94 24.64 45.59 -63.99
N VAL X 95 25.69 45.97 -63.25
CA VAL X 95 26.73 45.05 -62.80
C VAL X 95 26.76 45.13 -61.28
N GLN X 96 26.90 43.98 -60.63
CA GLN X 96 26.86 43.91 -59.18
C GLN X 96 27.97 43.03 -58.65
N ARG X 97 28.49 43.40 -57.49
CA ARG X 97 29.53 42.66 -56.80
C ARG X 97 29.15 42.51 -55.33
N MET X 98 29.45 41.35 -54.77
CA MET X 98 29.26 41.10 -53.36
C MET X 98 30.41 40.24 -52.87
N TYR X 99 31.10 40.69 -51.83
CA TYR X 99 32.11 39.85 -51.19
C TYR X 99 31.98 40.00 -49.69
N GLY X 100 32.21 38.90 -48.98
CA GLY X 100 32.02 38.92 -47.55
C GLY X 100 32.72 37.78 -46.85
N CYS X 101 32.70 37.86 -45.52
CA CYS X 101 33.37 36.92 -44.65
C CYS X 101 32.44 36.58 -43.50
N ASP X 102 32.51 35.33 -43.05
CA ASP X 102 31.73 34.86 -41.92
C ASP X 102 32.68 34.40 -40.83
N VAL X 103 32.34 34.73 -39.58
CA VAL X 103 33.13 34.30 -38.44
C VAL X 103 32.22 33.55 -37.48
N GLY X 104 32.80 32.59 -36.76
CA GLY X 104 32.08 31.81 -35.78
C GLY X 104 32.03 32.51 -34.44
N SER X 105 31.53 31.77 -33.44
CA SER X 105 31.50 32.31 -32.08
C SER X 105 32.91 32.57 -31.57
N ASP X 106 33.89 31.79 -32.03
CA ASP X 106 35.28 32.01 -31.65
C ASP X 106 35.88 33.26 -32.29
N TRP X 107 35.19 33.86 -33.26
CA TRP X 107 35.60 35.08 -33.99
C TRP X 107 36.69 34.78 -35.02
N ARG X 108 36.80 33.52 -35.43
CA ARG X 108 37.77 33.09 -36.42
C ARG X 108 37.07 32.84 -37.76
N PHE X 109 37.88 32.73 -38.82
CA PHE X 109 37.33 32.66 -40.16
C PHE X 109 36.40 31.47 -40.31
N LEU X 110 35.30 31.67 -41.02
CA LEU X 110 34.33 30.61 -41.23
C LEU X 110 34.01 30.37 -42.69
N ARG X 111 33.83 31.43 -43.48
CA ARG X 111 33.38 31.28 -44.86
C ARG X 111 33.64 32.57 -45.62
N GLY X 112 33.64 32.47 -46.95
CA GLY X 112 33.88 33.62 -47.80
C GLY X 112 32.97 33.59 -49.01
N TYR X 113 32.67 34.78 -49.53
CA TYR X 113 31.78 34.91 -50.68
C TYR X 113 32.38 35.90 -51.67
N HIS X 114 32.34 35.55 -52.96
CA HIS X 114 32.60 36.53 -54.01
C HIS X 114 31.76 36.19 -55.24
N GLN X 115 30.84 37.07 -55.63
CA GLN X 115 29.96 36.81 -56.76
C GLN X 115 29.76 38.07 -57.58
N TYR X 116 29.63 37.88 -58.90
CA TYR X 116 29.34 38.94 -59.84
C TYR X 116 28.06 38.62 -60.62
N ALA X 117 27.33 39.69 -60.98
CA ALA X 117 26.04 39.56 -61.65
C ALA X 117 25.91 40.64 -62.72
N TYR X 118 25.35 40.26 -63.86
CA TYR X 118 25.09 41.19 -64.95
C TYR X 118 23.63 41.08 -65.37
N ASP X 119 22.90 42.20 -65.28
CA ASP X 119 21.49 42.28 -65.69
C ASP X 119 20.61 41.32 -64.90
N GLY X 120 20.92 41.14 -63.61
CA GLY X 120 20.08 40.34 -62.75
C GLY X 120 20.28 38.85 -62.83
N LYS X 121 21.34 38.38 -63.49
CA LYS X 121 21.64 36.96 -63.59
C LYS X 121 23.05 36.72 -63.05
N ASP X 122 23.26 35.51 -62.52
CA ASP X 122 24.60 35.14 -62.08
C ASP X 122 25.55 35.15 -63.27
N TYR X 123 26.74 35.71 -63.06
CA TYR X 123 27.76 35.78 -64.11
C TYR X 123 28.95 34.91 -63.75
N ILE X 124 29.77 35.32 -62.79
CA ILE X 124 30.90 34.53 -62.31
C ILE X 124 30.93 34.59 -60.78
N ALA X 125 31.18 33.43 -60.16
CA ALA X 125 31.19 33.35 -58.71
C ALA X 125 32.36 32.50 -58.23
N LEU X 126 32.84 32.82 -57.03
CA LEU X 126 33.95 32.10 -56.40
C LEU X 126 33.37 30.97 -55.56
N LYS X 127 33.93 29.76 -55.71
CA LYS X 127 33.45 28.62 -54.95
C LYS X 127 33.79 28.76 -53.47
N GLU X 128 33.40 27.73 -52.70
CA GLU X 128 33.59 27.76 -51.25
C GLU X 128 35.05 27.60 -50.87
N ASP X 129 35.81 26.80 -51.62
CA ASP X 129 37.23 26.62 -51.36
C ASP X 129 38.04 27.89 -51.61
N LEU X 130 37.48 28.85 -52.35
CA LEU X 130 38.13 30.12 -52.70
C LEU X 130 39.23 29.94 -53.73
N ARG X 131 39.21 28.84 -54.48
CA ARG X 131 40.23 28.56 -55.48
C ARG X 131 39.67 28.21 -56.85
N SER X 132 38.35 28.16 -57.01
CA SER X 132 37.75 27.78 -58.28
C SER X 132 36.62 28.75 -58.61
N TRP X 133 36.27 28.79 -59.89
CA TRP X 133 35.24 29.70 -60.39
C TRP X 133 34.13 28.93 -61.08
N THR X 134 32.92 29.46 -60.97
CA THR X 134 31.74 28.93 -61.63
C THR X 134 31.27 29.95 -62.66
N ALA X 135 31.17 29.54 -63.91
CA ALA X 135 30.80 30.41 -65.01
C ALA X 135 29.39 30.07 -65.47
N ALA X 136 28.52 31.09 -65.53
CA ALA X 136 27.13 30.85 -65.87
C ALA X 136 26.97 30.39 -67.32
N ASP X 137 27.59 31.10 -68.26
CA ASP X 137 27.38 30.81 -69.67
C ASP X 137 28.70 30.99 -70.40
N MET X 138 28.63 30.96 -71.74
CA MET X 138 29.82 31.08 -72.56
C MET X 138 30.53 32.41 -72.35
N ALA X 139 29.78 33.52 -72.33
CA ALA X 139 30.38 34.82 -72.13
C ALA X 139 31.10 34.92 -70.79
N ALA X 140 30.55 34.27 -69.76
CA ALA X 140 31.19 34.27 -68.45
C ALA X 140 32.49 33.47 -68.45
N GLN X 141 32.58 32.45 -69.30
CA GLN X 141 33.80 31.64 -69.36
C GLN X 141 35.01 32.44 -69.84
N THR X 142 34.79 33.40 -70.74
CA THR X 142 35.91 34.24 -71.19
C THR X 142 36.52 35.02 -70.03
N THR X 143 35.68 35.59 -69.17
CA THR X 143 36.20 36.28 -67.99
C THR X 143 36.83 35.31 -67.01
N LYS X 144 36.30 34.08 -66.91
CA LYS X 144 36.84 33.10 -66.00
C LYS X 144 38.28 32.75 -66.35
N HIS X 145 38.54 32.54 -67.66
CA HIS X 145 39.86 32.13 -68.11
C HIS X 145 40.91 33.21 -67.82
N LYS X 146 40.56 34.49 -68.06
CA LYS X 146 41.50 35.56 -67.75
C LYS X 146 41.79 35.61 -66.25
N TRP X 147 40.75 35.46 -65.44
CA TRP X 147 40.90 35.50 -63.99
C TRP X 147 41.71 34.31 -63.49
N GLU X 148 41.57 33.16 -64.13
CA GLU X 148 42.37 32.00 -63.75
C GLU X 148 43.85 32.26 -64.04
N ALA X 149 44.15 32.82 -65.21
CA ALA X 149 45.53 33.08 -65.59
C ALA X 149 46.15 34.16 -64.71
N ALA X 150 45.39 35.19 -64.35
CA ALA X 150 45.97 36.30 -63.58
C ALA X 150 46.08 36.01 -62.09
N HIS X 151 45.70 34.80 -61.66
CA HIS X 151 45.80 34.38 -60.27
C HIS X 151 45.06 35.31 -59.31
N VAL X 152 43.87 35.78 -59.74
CA VAL X 152 43.07 36.67 -58.91
C VAL X 152 42.51 35.95 -57.69
N ALA X 153 42.15 34.67 -57.85
CA ALA X 153 41.53 33.91 -56.77
C ALA X 153 42.40 33.86 -55.52
N GLU X 154 43.72 33.76 -55.70
CA GLU X 154 44.60 33.68 -54.54
C GLU X 154 44.58 35.01 -53.78
N GLN X 155 44.49 36.13 -54.50
CA GLN X 155 44.43 37.44 -53.84
C GLN X 155 43.13 37.60 -53.06
N LEU X 156 42.01 37.16 -53.62
CA LEU X 156 40.74 37.25 -52.91
C LEU X 156 40.71 36.33 -51.69
N ARG X 157 41.23 35.10 -51.84
CA ARG X 157 41.24 34.16 -50.72
C ARG X 157 42.04 34.72 -49.55
N ALA X 158 43.14 35.44 -49.83
CA ALA X 158 43.92 36.06 -48.76
C ALA X 158 43.14 37.15 -48.04
N TYR X 159 42.38 37.96 -48.78
CA TYR X 159 41.62 39.04 -48.16
C TYR X 159 40.50 38.47 -47.28
N LEU X 160 39.72 37.54 -47.83
CA LEU X 160 38.56 37.02 -47.09
C LEU X 160 39.01 36.22 -45.88
N GLU X 161 39.98 35.32 -46.06
CA GLU X 161 40.41 34.48 -44.95
C GLU X 161 41.19 35.26 -43.89
N GLY X 162 41.87 36.34 -44.28
CA GLY X 162 42.69 37.05 -43.31
C GLY X 162 42.41 38.52 -43.09
N THR X 163 42.50 39.32 -44.16
CA THR X 163 42.40 40.77 -44.01
C THR X 163 41.01 41.20 -43.53
N CYS X 164 39.98 40.63 -44.14
CA CYS X 164 38.60 40.93 -43.77
C CYS X 164 38.28 40.49 -42.35
N VAL X 165 38.63 39.24 -42.00
CA VAL X 165 38.27 38.69 -40.70
C VAL X 165 38.82 39.54 -39.55
N GLU X 166 40.05 40.03 -39.70
CA GLU X 166 40.67 40.85 -38.68
C GLU X 166 39.93 42.17 -38.48
N TRP X 167 39.54 42.83 -39.57
CA TRP X 167 38.87 44.13 -39.46
C TRP X 167 37.44 44.01 -38.97
N LEU X 168 36.73 42.93 -39.30
CA LEU X 168 35.38 42.74 -38.77
C LEU X 168 35.39 42.59 -37.26
N ARG X 169 36.34 41.81 -36.73
CA ARG X 169 36.46 41.66 -35.28
C ARG X 169 36.74 42.99 -34.61
N ARG X 170 37.62 43.81 -35.19
CA ARG X 170 37.91 45.11 -34.63
C ARG X 170 36.66 45.97 -34.59
N TYR X 171 35.83 45.88 -35.63
CA TYR X 171 34.57 46.63 -35.65
C TYR X 171 33.65 46.16 -34.54
N LEU X 172 33.62 44.85 -34.28
CA LEU X 172 32.75 44.33 -33.22
C LEU X 172 33.14 44.90 -31.87
N GLU X 173 34.44 44.97 -31.60
CA GLU X 173 34.92 45.54 -30.34
C GLU X 173 34.66 47.04 -30.29
N ASN X 174 34.83 47.73 -31.43
CA ASN X 174 34.62 49.16 -31.46
C ASN X 174 33.16 49.54 -31.27
N GLY X 175 32.24 48.71 -31.75
CA GLY X 175 30.82 48.95 -31.59
C GLY X 175 30.14 47.85 -30.80
N LYS X 176 30.63 47.60 -29.59
CA LYS X 176 30.16 46.44 -28.83
C LYS X 176 28.70 46.59 -28.41
N GLU X 177 28.27 47.81 -28.10
CA GLU X 177 26.92 47.99 -27.58
C GLU X 177 25.87 47.88 -28.68
N THR X 178 26.21 48.27 -29.91
CA THR X 178 25.24 48.38 -30.98
C THR X 178 25.07 47.11 -31.82
N LEU X 179 26.15 46.40 -32.13
CA LEU X 179 26.08 45.25 -33.02
C LEU X 179 26.43 43.91 -32.38
N GLN X 180 26.96 43.89 -31.17
CA GLN X 180 27.19 42.66 -30.42
C GLN X 180 26.04 42.33 -29.49
N ARG X 181 24.99 43.15 -29.50
CA ARG X 181 23.76 42.98 -28.76
C ARG X 181 22.84 41.96 -29.44
N THR X 182 21.94 41.40 -28.63
CA THR X 182 20.86 40.56 -29.12
C THR X 182 19.59 41.11 -28.49
N ASP X 183 18.58 41.37 -29.32
CA ASP X 183 17.34 42.01 -28.91
C ASP X 183 16.19 41.01 -28.99
N ALA X 184 15.55 40.75 -27.85
CA ALA X 184 14.44 39.81 -27.87
C ALA X 184 13.22 40.47 -28.53
N PRO X 185 12.42 39.70 -29.27
CA PRO X 185 11.27 40.28 -29.96
C PRO X 185 10.18 40.77 -29.02
N LYS X 186 9.41 41.75 -29.50
CA LYS X 186 8.24 42.25 -28.79
C LYS X 186 7.02 41.65 -29.49
N THR X 187 6.41 40.65 -28.86
CA THR X 187 5.40 39.81 -29.47
C THR X 187 4.00 40.17 -29.01
N HIS X 188 3.04 40.07 -29.94
CA HIS X 188 1.63 40.24 -29.60
C HIS X 188 0.81 39.55 -30.68
N MET X 189 -0.48 39.38 -30.39
CA MET X 189 -1.39 38.62 -31.24
C MET X 189 -2.64 39.45 -31.54
N THR X 190 -3.15 39.35 -32.76
CA THR X 190 -4.32 40.10 -33.18
C THR X 190 -5.37 39.19 -33.79
N HIS X 191 -6.62 39.65 -33.74
CA HIS X 191 -7.78 38.93 -34.24
C HIS X 191 -8.50 39.76 -35.29
N HIS X 192 -8.78 39.15 -36.44
CA HIS X 192 -9.53 39.79 -37.50
C HIS X 192 -10.64 38.83 -37.91
N ALA X 193 -11.86 39.33 -38.02
CA ALA X 193 -13.02 38.50 -38.32
C ALA X 193 -13.43 38.75 -39.78
N VAL X 194 -13.20 37.76 -40.64
CA VAL X 194 -13.63 37.89 -42.02
C VAL X 194 -15.15 37.76 -42.12
N SER X 195 -15.72 36.75 -41.46
CA SER X 195 -17.14 36.44 -41.55
C SER X 195 -17.61 35.77 -40.26
N ASP X 196 -18.86 35.32 -40.26
CA ASP X 196 -19.46 34.68 -39.09
C ASP X 196 -18.74 33.39 -38.69
N HIS X 197 -18.13 32.68 -39.65
CA HIS X 197 -17.63 31.34 -39.35
C HIS X 197 -16.12 31.22 -39.33
N GLU X 198 -15.40 32.16 -39.93
CA GLU X 198 -13.95 32.06 -39.92
C GLU X 198 -13.36 33.45 -39.73
N ALA X 199 -12.27 33.49 -38.98
CA ALA X 199 -11.57 34.71 -38.63
C ALA X 199 -10.09 34.55 -38.96
N THR X 200 -9.39 35.66 -39.06
CA THR X 200 -7.96 35.65 -39.34
C THR X 200 -7.20 36.01 -38.08
N LEU X 201 -6.16 35.24 -37.78
CA LEU X 201 -5.28 35.48 -36.64
C LEU X 201 -3.92 35.93 -37.17
N ARG X 202 -3.37 36.97 -36.55
CA ARG X 202 -2.11 37.55 -36.98
C ARG X 202 -1.10 37.41 -35.87
N CYS X 203 0.07 36.88 -36.19
CA CYS X 203 1.17 36.74 -35.23
C CYS X 203 2.23 37.79 -35.53
N TRP X 204 2.57 38.59 -34.53
CA TRP X 204 3.47 39.72 -34.68
C TRP X 204 4.75 39.51 -33.88
N ALA X 205 5.88 39.84 -34.50
CA ALA X 205 7.18 39.92 -33.84
C ALA X 205 7.77 41.28 -34.15
N LEU X 206 8.19 42.01 -33.12
CA LEU X 206 8.63 43.38 -33.30
C LEU X 206 9.85 43.69 -32.45
N SER X 207 10.59 44.71 -32.87
CA SER X 207 11.72 45.29 -32.14
C SER X 207 12.77 44.26 -31.77
N PHE X 208 13.23 43.50 -32.78
CA PHE X 208 14.28 42.51 -32.56
C PHE X 208 15.40 42.68 -33.58
N TYR X 209 16.61 42.39 -33.14
CA TYR X 209 17.82 42.42 -33.95
C TYR X 209 18.72 41.27 -33.51
N PRO X 210 19.31 40.51 -34.46
CA PRO X 210 19.34 40.61 -35.92
C PRO X 210 18.04 40.27 -36.64
N ALA X 211 18.07 40.42 -37.97
CA ALA X 211 16.87 40.24 -38.80
C ALA X 211 16.37 38.81 -38.85
N GLU X 212 17.27 37.82 -38.79
CA GLU X 212 16.86 36.44 -38.99
C GLU X 212 15.93 35.99 -37.87
N ILE X 213 14.79 35.43 -38.27
CA ILE X 213 13.79 34.92 -37.34
C ILE X 213 12.99 33.85 -38.07
N THR X 214 12.37 32.96 -37.32
CA THR X 214 11.52 31.90 -37.86
C THR X 214 10.15 32.01 -37.20
N LEU X 215 9.10 32.02 -38.02
CA LEU X 215 7.72 32.09 -37.56
C LEU X 215 6.94 30.90 -38.09
N THR X 216 6.32 30.14 -37.19
CA THR X 216 5.60 28.93 -37.53
C THR X 216 4.23 28.91 -36.88
N TRP X 217 3.26 28.34 -37.60
CA TRP X 217 1.88 28.20 -37.16
C TRP X 217 1.59 26.73 -36.89
N GLN X 218 1.02 26.44 -35.72
CA GLN X 218 0.67 25.07 -35.35
C GLN X 218 -0.78 25.00 -34.92
N ARG X 219 -1.50 24.00 -35.46
CA ARG X 219 -2.87 23.69 -35.08
C ARG X 219 -2.87 22.35 -34.34
N ASP X 220 -3.19 22.39 -33.03
CA ASP X 220 -3.25 21.20 -32.20
C ASP X 220 -1.88 20.54 -32.05
N GLY X 221 -0.81 21.32 -32.20
CA GLY X 221 0.51 20.74 -32.14
C GLY X 221 0.97 20.16 -33.47
N GLU X 222 0.36 20.59 -34.57
CA GLU X 222 0.70 20.13 -35.91
C GLU X 222 1.09 21.33 -36.76
N ASP X 223 2.22 21.21 -37.46
CA ASP X 223 2.69 22.31 -38.28
C ASP X 223 1.65 22.66 -39.34
N GLN X 224 1.23 23.93 -39.36
CA GLN X 224 0.18 24.37 -40.28
C GLN X 224 0.82 25.28 -41.32
N THR X 225 0.71 24.90 -42.59
CA THR X 225 1.30 25.65 -43.69
C THR X 225 0.37 25.62 -44.89
N GLN X 226 0.68 26.47 -45.87
CA GLN X 226 0.00 26.56 -47.16
C GLN X 226 -1.37 27.24 -47.06
N ASP X 227 -2.03 27.12 -45.91
CA ASP X 227 -3.23 27.91 -45.63
C ASP X 227 -2.90 29.18 -44.86
N THR X 228 -1.60 29.49 -44.72
CA THR X 228 -1.12 30.62 -43.95
C THR X 228 -0.45 31.65 -44.85
N GLU X 229 -0.40 32.88 -44.37
CA GLU X 229 0.29 33.97 -45.05
C GLU X 229 1.48 34.41 -44.23
N LEU X 230 2.60 34.60 -44.90
CA LEU X 230 3.87 35.00 -44.28
C LEU X 230 4.48 36.12 -45.10
N VAL X 231 4.79 37.22 -44.43
CA VAL X 231 5.36 38.39 -45.08
C VAL X 231 6.87 38.34 -44.92
N GLU X 232 7.54 38.96 -45.88
CA GLU X 232 8.99 39.09 -45.82
C GLU X 232 9.38 39.91 -44.60
N THR X 233 10.50 39.57 -43.99
CA THR X 233 10.95 40.29 -42.81
C THR X 233 11.18 41.74 -43.17
N ARG X 234 10.73 42.64 -42.30
CA ARG X 234 10.76 44.05 -42.64
C ARG X 234 11.66 44.81 -41.69
N PRO X 235 12.33 45.85 -42.16
CA PRO X 235 13.12 46.70 -41.25
C PRO X 235 12.20 47.76 -40.66
N ALA X 236 12.29 47.93 -39.33
CA ALA X 236 11.46 48.96 -38.69
C ALA X 236 11.98 50.35 -39.00
N GLY X 237 13.27 50.48 -39.33
CA GLY X 237 13.89 51.77 -39.60
C GLY X 237 14.74 52.30 -38.46
N ASP X 238 14.77 51.61 -37.32
CA ASP X 238 15.60 52.02 -36.19
C ASP X 238 16.63 50.95 -35.83
N GLY X 239 16.92 50.04 -36.76
CA GLY X 239 17.81 48.93 -36.49
C GLY X 239 17.13 47.69 -35.96
N THR X 240 15.81 47.67 -35.86
CA THR X 240 15.04 46.52 -35.44
C THR X 240 14.18 46.06 -36.61
N PHE X 241 13.73 44.81 -36.54
CA PHE X 241 12.97 44.22 -37.63
C PHE X 241 11.59 43.76 -37.17
N GLN X 242 10.74 43.50 -38.16
CA GLN X 242 9.38 43.04 -37.94
C GLN X 242 9.02 42.00 -38.98
N LYS X 243 8.12 41.10 -38.59
CA LYS X 243 7.64 40.03 -39.45
C LYS X 243 6.33 39.55 -38.86
N TRP X 244 5.43 39.05 -39.70
CA TRP X 244 4.20 38.52 -39.16
C TRP X 244 3.70 37.34 -39.96
N ALA X 245 2.94 36.48 -39.29
CA ALA X 245 2.35 35.30 -39.90
C ALA X 245 0.88 35.25 -39.55
N ALA X 246 0.08 34.82 -40.51
CA ALA X 246 -1.35 34.76 -40.36
C ALA X 246 -1.86 33.42 -40.87
N VAL X 247 -2.93 32.95 -40.27
CA VAL X 247 -3.57 31.70 -40.67
C VAL X 247 -5.07 31.94 -40.62
N VAL X 248 -5.79 31.35 -41.56
CA VAL X 248 -7.24 31.47 -41.60
C VAL X 248 -7.80 30.29 -40.82
N VAL X 249 -8.63 30.59 -39.82
CA VAL X 249 -9.17 29.58 -38.92
C VAL X 249 -10.68 29.73 -38.87
N PRO X 250 -11.44 28.63 -38.88
CA PRO X 250 -12.88 28.75 -38.68
C PRO X 250 -13.21 29.14 -37.26
N SER X 251 -14.31 29.88 -37.10
CA SER X 251 -14.68 30.40 -35.79
C SER X 251 -14.89 29.25 -34.81
N GLY X 252 -14.49 29.49 -33.57
CA GLY X 252 -14.60 28.49 -32.53
C GLY X 252 -13.42 27.53 -32.47
N GLN X 253 -12.52 27.60 -33.45
CA GLN X 253 -11.33 26.76 -33.45
C GLN X 253 -10.07 27.57 -33.16
N GLU X 254 -10.24 28.82 -32.71
CA GLU X 254 -9.07 29.65 -32.41
C GLU X 254 -8.23 29.05 -31.29
N GLN X 255 -8.88 28.38 -30.34
CA GLN X 255 -8.18 27.68 -29.27
C GLN X 255 -7.36 26.50 -29.78
N ARG X 256 -7.59 26.07 -31.02
CA ARG X 256 -6.78 25.01 -31.61
C ARG X 256 -5.40 25.51 -32.02
N TYR X 257 -5.31 26.75 -32.48
CA TYR X 257 -4.12 27.22 -33.16
C TYR X 257 -3.17 27.92 -32.18
N THR X 258 -1.87 27.78 -32.45
CA THR X 258 -0.81 28.34 -31.63
C THR X 258 0.28 28.91 -32.53
N CYS X 259 0.87 30.02 -32.11
CA CYS X 259 1.98 30.66 -32.81
C CYS X 259 3.27 30.42 -32.06
N HIS X 260 4.30 30.00 -32.79
CA HIS X 260 5.60 29.66 -32.22
C HIS X 260 6.66 30.60 -32.79
N VAL X 261 7.41 31.25 -31.91
CA VAL X 261 8.43 32.22 -32.28
C VAL X 261 9.80 31.67 -31.87
N GLN X 262 10.73 31.64 -32.83
CA GLN X 262 12.09 31.14 -32.61
C GLN X 262 13.07 32.28 -32.86
N HIS X 263 13.85 32.64 -31.84
CA HIS X 263 14.86 33.66 -32.02
C HIS X 263 15.91 33.54 -30.92
N GLU X 264 17.12 34.03 -31.22
CA GLU X 264 18.23 33.98 -30.28
C GLU X 264 18.00 34.79 -29.02
N GLY X 265 17.21 35.87 -29.10
CA GLY X 265 16.95 36.69 -27.93
C GLY X 265 16.14 36.00 -26.86
N LEU X 266 15.42 34.96 -27.23
CA LEU X 266 14.57 34.24 -26.29
C LEU X 266 15.33 33.02 -25.80
N PRO X 267 15.58 32.89 -24.49
CA PRO X 267 16.23 31.65 -24.01
C PRO X 267 15.35 30.42 -24.19
N LYS X 268 14.04 30.60 -24.25
CA LYS X 268 13.09 29.55 -24.58
C LYS X 268 12.18 30.05 -25.70
N PRO X 269 11.87 29.19 -26.67
CA PRO X 269 11.01 29.61 -27.78
C PRO X 269 9.63 30.04 -27.29
N LEU X 270 9.23 31.26 -27.67
CA LEU X 270 7.97 31.82 -27.20
C LEU X 270 6.80 31.27 -28.00
N THR X 271 5.87 30.62 -27.29
CA THR X 271 4.63 30.11 -27.85
C THR X 271 3.54 31.13 -27.57
N LEU X 272 2.74 31.44 -28.59
CA LEU X 272 1.67 32.44 -28.46
C LEU X 272 0.34 31.81 -28.80
N ARG X 273 -0.61 31.92 -27.87
CA ARG X 273 -1.90 31.24 -27.94
C ARG X 273 -3.01 32.25 -27.69
N TRP X 274 -3.98 32.30 -28.61
CA TRP X 274 -5.12 33.19 -28.45
C TRP X 274 -6.08 32.75 -27.36
N GLU X 275 -6.07 31.47 -26.99
CA GLU X 275 -7.10 30.87 -26.14
C GLU X 275 -8.43 30.95 -26.88
N MET Y 1 18.03 39.88 -70.12
CA MET Y 1 17.88 40.59 -68.86
C MET Y 1 16.60 40.18 -68.13
N ILE Y 2 16.77 39.65 -66.92
CA ILE Y 2 15.65 39.24 -66.09
C ILE Y 2 15.12 40.45 -65.33
N GLN Y 3 13.78 40.54 -65.23
CA GLN Y 3 13.13 41.64 -64.55
C GLN Y 3 12.14 41.07 -63.53
N ARG Y 4 12.17 41.61 -62.31
CA ARG Y 4 11.30 41.17 -61.22
C ARG Y 4 10.48 42.33 -60.68
N THR Y 5 9.17 42.11 -60.52
CA THR Y 5 8.24 43.13 -60.01
C THR Y 5 8.31 43.21 -58.48
N PRO Y 6 8.22 44.41 -57.92
CA PRO Y 6 8.44 44.59 -56.48
C PRO Y 6 7.31 44.12 -55.59
N LYS Y 7 7.67 43.71 -54.38
CA LYS Y 7 6.73 43.39 -53.30
C LYS Y 7 6.68 44.57 -52.35
N ILE Y 8 5.46 44.96 -51.95
CA ILE Y 8 5.24 46.17 -51.18
C ILE Y 8 4.68 45.83 -49.81
N GLN Y 9 5.29 46.41 -48.77
CA GLN Y 9 4.84 46.30 -47.39
C GLN Y 9 4.82 47.69 -46.77
N VAL Y 10 3.63 48.19 -46.46
CA VAL Y 10 3.46 49.48 -45.79
C VAL Y 10 3.07 49.22 -44.34
N TYR Y 11 3.78 49.87 -43.42
CA TYR Y 11 3.60 49.61 -42.00
C TYR Y 11 4.11 50.80 -41.19
N SER Y 12 4.22 50.61 -39.88
CA SER Y 12 4.68 51.65 -38.96
C SER Y 12 5.83 51.12 -38.11
N ARG Y 13 6.69 52.05 -37.67
CA ARG Y 13 7.82 51.67 -36.83
C ARG Y 13 7.35 51.15 -35.48
N HIS Y 14 6.29 51.75 -34.94
CA HIS Y 14 5.70 51.40 -33.65
C HIS Y 14 4.22 51.09 -33.85
N PRO Y 15 3.57 50.45 -32.88
CA PRO Y 15 2.12 50.25 -33.00
C PRO Y 15 1.39 51.57 -33.15
N ALA Y 16 0.47 51.61 -34.12
CA ALA Y 16 -0.16 52.87 -34.55
C ALA Y 16 -1.10 53.36 -33.45
N GLU Y 17 -0.60 54.28 -32.63
CA GLU Y 17 -1.41 54.99 -31.65
C GLU Y 17 -1.86 56.32 -32.22
N ASN Y 18 -3.16 56.60 -32.11
CA ASN Y 18 -3.70 57.81 -32.68
C ASN Y 18 -3.25 59.03 -31.87
N GLY Y 19 -2.85 60.09 -32.56
CA GLY Y 19 -2.44 61.30 -31.89
C GLY Y 19 -1.06 61.26 -31.27
N LYS Y 20 -0.18 60.36 -31.70
CA LYS Y 20 1.16 60.23 -31.16
C LYS Y 20 2.18 60.17 -32.28
N SER Y 21 3.43 60.52 -31.97
CA SER Y 21 4.46 60.56 -33.00
C SER Y 21 4.87 59.15 -33.41
N ASN Y 22 4.97 58.93 -34.73
CA ASN Y 22 5.35 57.62 -35.26
C ASN Y 22 6.05 57.84 -36.60
N PHE Y 23 6.56 56.75 -37.18
CA PHE Y 23 7.21 56.80 -38.49
C PHE Y 23 6.47 55.88 -39.46
N LEU Y 24 6.22 56.38 -40.67
CA LEU Y 24 5.58 55.61 -41.73
C LEU Y 24 6.64 55.04 -42.68
N ASN Y 25 6.53 53.75 -42.98
CA ASN Y 25 7.53 53.04 -43.77
C ASN Y 25 6.91 52.47 -45.03
N CYS Y 26 7.65 52.53 -46.13
CA CYS Y 26 7.34 51.81 -47.36
C CYS Y 26 8.57 50.96 -47.69
N TYR Y 27 8.36 49.64 -47.77
CA TYR Y 27 9.44 48.69 -48.03
C TYR Y 27 9.19 47.99 -49.36
N VAL Y 28 9.97 48.33 -50.38
CA VAL Y 28 9.90 47.68 -51.68
C VAL Y 28 11.07 46.71 -51.79
N SER Y 29 10.79 45.49 -52.24
CA SER Y 29 11.82 44.47 -52.30
C SER Y 29 11.51 43.48 -53.42
N GLY Y 30 12.47 42.60 -53.68
CA GLY Y 30 12.31 41.58 -54.70
C GLY Y 30 12.06 42.13 -56.09
N PHE Y 31 12.77 43.20 -56.47
CA PHE Y 31 12.60 43.78 -57.78
C PHE Y 31 13.93 43.99 -58.47
N HIS Y 32 13.89 43.94 -59.80
CA HIS Y 32 15.02 44.20 -60.67
C HIS Y 32 14.44 44.72 -61.97
N PRO Y 33 15.06 45.74 -62.57
CA PRO Y 33 16.28 46.46 -62.18
C PRO Y 33 16.09 47.50 -61.07
N SER Y 34 17.13 48.31 -60.87
CA SER Y 34 17.20 49.23 -59.74
C SER Y 34 16.26 50.42 -59.89
N ASP Y 35 15.92 50.78 -61.13
CA ASP Y 35 15.11 51.97 -61.37
C ASP Y 35 13.71 51.79 -60.80
N ILE Y 36 13.34 52.66 -59.86
CA ILE Y 36 12.05 52.59 -59.19
C ILE Y 36 11.61 53.99 -58.82
N GLU Y 37 10.30 54.22 -58.84
CA GLU Y 37 9.70 55.49 -58.47
C GLU Y 37 8.76 55.23 -57.30
N VAL Y 38 9.03 55.87 -56.16
CA VAL Y 38 8.27 55.63 -54.94
C VAL Y 38 7.81 56.96 -54.36
N ASP Y 39 6.51 57.09 -54.12
CA ASP Y 39 5.93 58.27 -53.52
C ASP Y 39 5.07 57.87 -52.33
N LEU Y 40 5.05 58.72 -51.31
CA LEU Y 40 4.18 58.55 -50.15
C LEU Y 40 3.02 59.53 -50.26
N LEU Y 41 1.80 59.04 -50.11
CA LEU Y 41 0.61 59.85 -50.33
C LEU Y 41 -0.20 59.94 -49.04
N LYS Y 42 -0.76 61.13 -48.80
CA LYS Y 42 -1.68 61.39 -47.70
C LYS Y 42 -3.00 61.90 -48.26
N ASN Y 43 -4.04 61.05 -48.22
CA ASN Y 43 -5.36 61.38 -48.77
C ASN Y 43 -5.31 61.66 -50.27
N GLY Y 44 -4.39 61.00 -50.97
CA GLY Y 44 -4.21 61.20 -52.39
C GLY Y 44 -3.26 62.33 -52.71
N GLU Y 45 -2.69 62.97 -51.70
CA GLU Y 45 -1.76 64.08 -51.84
C GLU Y 45 -0.35 63.59 -51.53
N ARG Y 46 0.61 64.02 -52.33
CA ARG Y 46 1.98 63.57 -52.14
C ARG Y 46 2.54 64.21 -50.87
N ILE Y 47 3.30 63.41 -50.11
CA ILE Y 47 3.90 63.89 -48.88
C ILE Y 47 5.23 64.54 -49.20
N GLU Y 48 5.46 65.71 -48.60
CA GLU Y 48 6.58 66.56 -48.97
C GLU Y 48 7.91 66.01 -48.49
N LYS Y 49 7.98 65.59 -47.24
CA LYS Y 49 9.21 65.15 -46.58
C LYS Y 49 9.33 63.63 -46.58
N VAL Y 50 10.25 63.08 -47.37
CA VAL Y 50 10.51 61.64 -47.35
C VAL Y 50 11.98 61.29 -47.45
N GLU Y 51 12.53 60.65 -46.41
CA GLU Y 51 13.90 60.15 -46.43
C GLU Y 51 13.89 58.66 -46.77
N HIS Y 52 15.06 58.12 -47.11
CA HIS Y 52 15.13 56.69 -47.43
C HIS Y 52 16.51 56.17 -47.06
N SER Y 53 16.60 54.84 -46.99
CA SER Y 53 17.86 54.19 -46.67
C SER Y 53 18.71 54.02 -47.92
N ASP Y 54 19.94 53.55 -47.73
CA ASP Y 54 20.85 53.36 -48.87
C ASP Y 54 20.58 52.05 -49.60
N LEU Y 55 20.64 52.13 -50.93
CA LEU Y 55 20.30 51.02 -51.82
C LEU Y 55 21.19 49.81 -51.58
N SER Y 56 20.56 48.66 -51.35
CA SER Y 56 21.25 47.39 -51.16
C SER Y 56 20.46 46.31 -51.91
N PHE Y 57 20.98 45.09 -51.88
CA PHE Y 57 20.34 44.00 -52.60
C PHE Y 57 20.54 42.69 -51.83
N SER Y 58 19.69 41.71 -52.16
CA SER Y 58 19.69 40.43 -51.47
C SER Y 58 20.59 39.43 -52.21
N LYS Y 59 20.58 38.18 -51.73
CA LYS Y 59 21.47 37.17 -52.30
C LYS Y 59 21.10 36.84 -53.74
N ASP Y 60 19.81 36.85 -54.06
CA ASP Y 60 19.35 36.58 -55.42
C ASP Y 60 19.47 37.79 -56.34
N TRP Y 61 20.21 38.82 -55.94
CA TRP Y 61 20.47 40.04 -56.68
C TRP Y 61 19.26 40.97 -56.73
N SER Y 62 18.20 40.65 -55.99
CA SER Y 62 17.01 41.48 -55.99
C SER Y 62 17.23 42.67 -55.08
N PHE Y 63 16.66 43.81 -55.47
CA PHE Y 63 16.90 45.05 -54.75
C PHE Y 63 15.85 45.24 -53.66
N TYR Y 64 16.27 45.91 -52.57
CA TYR Y 64 15.35 46.24 -51.49
C TYR Y 64 15.70 47.64 -51.02
N LEU Y 65 14.67 48.42 -50.74
CA LEU Y 65 14.82 49.80 -50.32
C LEU Y 65 13.78 50.15 -49.27
N LEU Y 66 14.12 51.10 -48.39
CA LEU Y 66 13.21 51.55 -47.33
C LEU Y 66 12.98 53.07 -47.30
N TYR Y 67 11.74 53.51 -47.52
CA TYR Y 67 11.31 54.90 -47.41
C TYR Y 67 10.59 55.12 -46.09
N TYR Y 68 10.93 56.22 -45.41
CA TYR Y 68 10.36 56.53 -44.11
C TYR Y 68 10.25 58.04 -43.99
N THR Y 69 9.29 58.48 -43.18
CA THR Y 69 9.08 59.88 -42.86
C THR Y 69 8.39 59.98 -41.51
N GLU Y 70 8.50 61.16 -40.89
CA GLU Y 70 7.82 61.40 -39.63
C GLU Y 70 6.36 61.74 -39.89
N PHE Y 71 5.48 61.22 -39.02
CA PHE Y 71 4.06 61.50 -39.15
C PHE Y 71 3.39 61.24 -37.81
N THR Y 72 2.18 61.77 -37.66
CA THR Y 72 1.35 61.50 -36.49
C THR Y 72 0.10 60.77 -36.97
N PRO Y 73 -0.13 59.52 -36.57
CA PRO Y 73 -1.29 58.80 -37.09
C PRO Y 73 -2.58 59.32 -36.49
N THR Y 74 -3.40 59.97 -37.30
CA THR Y 74 -4.67 60.52 -36.88
C THR Y 74 -5.79 59.65 -37.44
N GLU Y 75 -6.87 59.55 -36.66
CA GLU Y 75 -8.01 58.72 -37.03
C GLU Y 75 -8.61 59.08 -38.38
N LYS Y 76 -8.47 60.32 -38.85
CA LYS Y 76 -9.13 60.76 -40.07
C LYS Y 76 -8.26 60.64 -41.33
N ASP Y 77 -7.03 61.15 -41.27
CA ASP Y 77 -6.14 61.13 -42.43
C ASP Y 77 -5.93 59.71 -42.97
N GLU Y 78 -5.64 59.63 -44.27
CA GLU Y 78 -5.34 58.39 -44.95
C GLU Y 78 -3.91 58.43 -45.46
N TYR Y 79 -3.23 57.29 -45.43
CA TYR Y 79 -1.86 57.18 -45.90
C TYR Y 79 -1.75 55.98 -46.83
N ALA Y 80 -0.79 56.06 -47.76
CA ALA Y 80 -0.60 55.02 -48.76
C ALA Y 80 0.79 55.15 -49.35
N CYS Y 81 1.16 54.16 -50.15
CA CYS Y 81 2.41 54.18 -50.89
C CYS Y 81 2.09 53.99 -52.38
N ARG Y 82 3.02 54.43 -53.23
CA ARG Y 82 2.88 54.31 -54.67
C ARG Y 82 4.20 53.99 -55.33
N VAL Y 83 4.22 52.91 -56.11
CA VAL Y 83 5.42 52.42 -56.78
C VAL Y 83 5.18 52.40 -58.28
N ASN Y 84 6.08 53.04 -59.03
CA ASN Y 84 6.02 53.01 -60.48
C ASN Y 84 7.28 52.29 -60.92
N HIS Y 85 7.12 51.36 -61.85
CA HIS Y 85 8.26 50.54 -62.27
C HIS Y 85 8.03 50.14 -63.73
N VAL Y 86 9.12 49.71 -64.39
CA VAL Y 86 8.99 49.29 -65.78
C VAL Y 86 8.11 48.04 -65.86
N THR Y 87 8.19 47.17 -64.85
CA THR Y 87 7.39 45.96 -64.83
C THR Y 87 5.91 46.24 -64.59
N LEU Y 88 5.57 47.42 -64.07
CA LEU Y 88 4.19 47.75 -63.73
C LEU Y 88 3.54 48.47 -64.90
N SER Y 89 2.41 47.93 -65.38
CA SER Y 89 1.68 48.60 -66.46
C SER Y 89 1.16 49.95 -65.99
N GLN Y 90 0.72 50.00 -64.74
CA GLN Y 90 0.22 51.21 -64.08
C GLN Y 90 0.81 51.29 -62.69
N PRO Y 91 0.96 52.50 -62.14
CA PRO Y 91 1.48 52.64 -60.77
C PRO Y 91 0.57 51.95 -59.76
N LYS Y 92 1.17 51.08 -58.93
CA LYS Y 92 0.42 50.34 -57.94
C LYS Y 92 0.39 51.13 -56.63
N ILE Y 93 -0.81 51.29 -56.07
CA ILE Y 93 -1.02 52.01 -54.83
C ILE Y 93 -1.44 51.01 -53.77
N VAL Y 94 -0.82 51.10 -52.59
CA VAL Y 94 -1.11 50.23 -51.45
C VAL Y 94 -1.51 51.10 -50.27
N LYS Y 95 -2.70 50.86 -49.73
CA LYS Y 95 -3.21 51.65 -48.63
C LYS Y 95 -2.60 51.16 -47.33
N TRP Y 96 -2.52 52.06 -46.35
CA TRP Y 96 -1.91 51.74 -45.07
C TRP Y 96 -2.97 51.12 -44.15
N ASP Y 97 -2.70 49.92 -43.66
CA ASP Y 97 -3.53 49.27 -42.66
C ASP Y 97 -2.72 49.16 -41.38
N ARG Y 98 -3.19 49.81 -40.31
CA ARG Y 98 -2.45 49.81 -39.05
C ARG Y 98 -2.47 48.43 -38.40
N ASP Y 99 -3.37 47.55 -38.83
CA ASP Y 99 -3.50 46.17 -38.37
C ASP Y 99 -2.69 45.21 -39.21
N MET Y 100 -1.95 45.70 -40.20
CA MET Y 100 -1.14 44.84 -41.07
C MET Y 100 0.28 45.39 -41.23
N GLY Z 1 71.95 63.45 -16.15
CA GLY Z 1 71.97 64.48 -15.12
C GLY Z 1 70.71 64.54 -14.29
N SER Z 2 70.25 65.75 -14.03
CA SER Z 2 69.03 65.97 -13.25
C SER Z 2 67.81 65.98 -14.17
N HIS Z 3 66.76 65.32 -13.71
CA HIS Z 3 65.52 65.20 -14.47
C HIS Z 3 64.37 65.83 -13.68
N SER Z 4 63.32 66.19 -14.41
CA SER Z 4 62.16 66.83 -13.81
C SER Z 4 60.89 66.42 -14.52
N MET Z 5 59.79 66.43 -13.79
CA MET Z 5 58.46 66.29 -14.35
C MET Z 5 57.64 67.49 -13.90
N ARG Z 6 56.99 68.17 -14.84
CA ARG Z 6 56.26 69.39 -14.54
C ARG Z 6 54.90 69.37 -15.22
N TYR Z 7 53.90 69.91 -14.53
CA TYR Z 7 52.56 70.07 -15.06
C TYR Z 7 52.21 71.55 -15.07
N PHE Z 8 51.70 72.03 -16.19
CA PHE Z 8 51.35 73.44 -16.36
C PHE Z 8 49.85 73.54 -16.63
N PHE Z 9 49.15 74.31 -15.81
CA PHE Z 9 47.72 74.50 -15.93
C PHE Z 9 47.43 75.96 -16.20
N THR Z 10 46.57 76.21 -17.18
CA THR Z 10 46.13 77.55 -17.52
C THR Z 10 44.61 77.56 -17.64
N SER Z 11 43.97 78.49 -16.93
CA SER Z 11 42.52 78.64 -16.97
C SER Z 11 42.21 80.10 -17.26
N VAL Z 12 41.48 80.33 -18.35
CA VAL Z 12 41.12 81.67 -18.81
C VAL Z 12 39.60 81.78 -18.83
N SER Z 13 39.08 82.87 -18.27
CA SER Z 13 37.64 83.06 -18.16
C SER Z 13 37.13 83.88 -19.35
N ARG Z 14 36.08 83.39 -19.99
CA ARG Z 14 35.42 84.11 -21.06
C ARG Z 14 34.08 84.64 -20.54
N PRO Z 15 33.95 85.93 -20.24
CA PRO Z 15 32.72 86.40 -19.59
C PRO Z 15 31.58 86.44 -20.60
N GLY Z 16 30.56 85.63 -20.34
CA GLY Z 16 29.38 85.63 -21.17
C GLY Z 16 29.39 84.48 -22.15
N ARG Z 17 30.43 84.47 -22.97
CA ARG Z 17 30.55 83.57 -24.12
C ARG Z 17 31.05 82.19 -23.70
N GLY Z 18 30.31 81.57 -22.78
CA GLY Z 18 30.54 80.16 -22.45
C GLY Z 18 31.27 79.88 -21.16
N GLU Z 19 31.94 78.73 -21.11
CA GLU Z 19 32.65 78.26 -19.93
C GLU Z 19 34.10 78.74 -19.98
N PRO Z 20 34.87 78.55 -18.91
CA PRO Z 20 36.27 78.97 -18.95
C PRO Z 20 37.15 77.97 -19.68
N ARG Z 21 38.13 78.52 -20.39
CA ARG Z 21 39.10 77.70 -21.12
C ARG Z 21 40.15 77.14 -20.18
N PHE Z 22 40.41 75.83 -20.27
CA PHE Z 22 41.36 75.16 -19.40
C PHE Z 22 42.37 74.42 -20.26
N ILE Z 23 43.66 74.70 -20.07
CA ILE Z 23 44.72 74.01 -20.78
C ILE Z 23 45.63 73.35 -19.77
N ALA Z 24 45.95 72.07 -20.01
CA ALA Z 24 46.85 71.31 -19.15
C ALA Z 24 47.90 70.64 -20.02
N VAL Z 25 49.17 70.78 -19.64
CA VAL Z 25 50.28 70.17 -20.37
C VAL Z 25 51.26 69.57 -19.37
N GLY Z 26 51.85 68.44 -19.75
CA GLY Z 26 52.82 67.78 -18.89
C GLY Z 26 54.15 67.62 -19.59
N TYR Z 27 55.23 67.94 -18.89
CA TYR Z 27 56.58 67.86 -19.43
C TYR Z 27 57.46 66.98 -18.55
N VAL Z 28 58.28 66.16 -19.19
CA VAL Z 28 59.41 65.49 -18.55
C VAL Z 28 60.67 65.99 -19.24
N ASP Z 29 61.53 66.68 -18.48
CA ASP Z 29 62.70 67.37 -19.02
C ASP Z 29 62.19 68.41 -20.00
N ASP Z 30 62.58 68.37 -21.27
CA ASP Z 30 62.09 69.31 -22.28
C ASP Z 30 61.16 68.64 -23.29
N THR Z 31 60.62 67.47 -22.97
CA THR Z 31 59.73 66.74 -23.86
C THR Z 31 58.30 66.77 -23.33
N GLN Z 32 57.37 67.13 -24.19
CA GLN Z 32 55.95 67.15 -23.84
C GLN Z 32 55.34 65.80 -24.18
N PHE Z 33 54.67 65.17 -23.20
CA PHE Z 33 54.12 63.84 -23.39
C PHE Z 33 52.62 63.74 -23.19
N VAL Z 34 51.97 64.71 -22.55
CA VAL Z 34 50.53 64.67 -22.32
C VAL Z 34 49.97 66.08 -22.41
N ARG Z 35 48.70 66.17 -22.80
CA ARG Z 35 48.00 67.45 -22.87
C ARG Z 35 46.51 67.20 -22.67
N PHE Z 36 45.81 68.22 -22.21
CA PHE Z 36 44.37 68.17 -22.10
C PHE Z 36 43.78 69.54 -22.42
N ASP Z 37 42.75 69.56 -23.27
CA ASP Z 37 42.08 70.79 -23.63
C ASP Z 37 40.59 70.66 -23.34
N SER Z 38 40.03 71.65 -22.65
CA SER Z 38 38.60 71.63 -22.34
C SER Z 38 37.76 71.81 -23.59
N ASP Z 39 38.31 72.45 -24.62
CA ASP Z 39 37.61 72.66 -25.89
C ASP Z 39 37.95 71.59 -26.92
N ALA Z 40 38.66 70.55 -26.51
CA ALA Z 40 38.97 69.45 -27.41
C ALA Z 40 37.76 68.55 -27.55
N ALA Z 41 37.53 68.04 -28.75
CA ALA Z 41 36.37 67.17 -28.99
C ALA Z 41 36.48 65.88 -28.19
N SER Z 42 37.69 65.37 -28.00
CA SER Z 42 37.87 64.11 -27.27
C SER Z 42 37.42 64.24 -25.83
N GLN Z 43 37.70 65.38 -25.20
CA GLN Z 43 37.43 65.60 -23.77
C GLN Z 43 38.15 64.58 -22.91
N ARG Z 44 39.34 64.15 -23.37
CA ARG Z 44 40.11 63.14 -22.67
C ARG Z 44 41.57 63.59 -22.64
N MET Z 45 42.34 62.97 -21.73
CA MET Z 45 43.77 63.20 -21.68
C MET Z 45 44.46 62.49 -22.85
N GLU Z 46 45.11 63.26 -23.73
CA GLU Z 46 45.69 62.67 -24.93
C GLU Z 46 47.20 62.54 -24.81
N PRO Z 47 47.79 61.54 -25.46
CA PRO Z 47 49.25 61.39 -25.46
C PRO Z 47 49.88 62.20 -26.58
N ARG Z 48 51.02 62.81 -26.29
CA ARG Z 48 51.72 63.60 -27.28
C ARG Z 48 53.09 63.01 -27.65
N ALA Z 49 53.55 61.99 -26.94
CA ALA Z 49 54.81 61.32 -27.18
C ALA Z 49 54.59 59.82 -27.35
N PRO Z 50 55.36 59.15 -28.20
CA PRO Z 50 55.10 57.72 -28.45
C PRO Z 50 55.31 56.83 -27.24
N TRP Z 51 56.29 57.12 -26.38
CA TRP Z 51 56.59 56.21 -25.28
C TRP Z 51 55.47 56.15 -24.25
N ILE Z 52 54.68 57.22 -24.12
CA ILE Z 52 53.57 57.19 -23.18
C ILE Z 52 52.36 56.50 -23.79
N GLU Z 53 52.29 56.40 -25.12
CA GLU Z 53 51.13 55.82 -25.78
C GLU Z 53 50.91 54.36 -25.41
N GLN Z 54 51.97 53.66 -24.99
CA GLN Z 54 51.91 52.25 -24.61
C GLN Z 54 51.30 52.04 -23.24
N GLU Z 55 50.57 53.02 -22.70
CA GLU Z 55 49.94 52.83 -21.40
C GLU Z 55 48.58 52.14 -21.55
N GLY Z 56 48.21 51.39 -20.52
CA GLY Z 56 46.98 50.65 -20.51
C GLY Z 56 45.77 51.56 -20.37
N PRO Z 57 44.59 51.05 -20.72
CA PRO Z 57 43.37 51.86 -20.57
C PRO Z 57 43.08 52.21 -19.12
N GLU Z 58 43.63 51.45 -18.17
CA GLU Z 58 43.54 51.82 -16.76
C GLU Z 58 44.14 53.19 -16.50
N TYR Z 59 45.29 53.47 -17.10
CA TYR Z 59 46.03 54.70 -16.84
C TYR Z 59 45.30 55.92 -17.39
N TRP Z 60 44.86 55.85 -18.65
CA TRP Z 60 44.24 57.00 -19.30
C TRP Z 60 42.94 57.41 -18.63
N ASP Z 61 42.13 56.45 -18.19
CA ASP Z 61 40.88 56.80 -17.52
C ASP Z 61 41.13 57.55 -16.22
N GLY Z 62 42.13 57.11 -15.44
CA GLY Z 62 42.44 57.81 -14.20
C GLY Z 62 43.00 59.20 -14.44
N GLU Z 63 43.93 59.34 -15.39
CA GLU Z 63 44.51 60.65 -15.68
C GLU Z 63 43.47 61.60 -16.23
N THR Z 64 42.58 61.09 -17.10
CA THR Z 64 41.47 61.88 -17.62
C THR Z 64 40.53 62.32 -16.51
N ARG Z 65 40.33 61.45 -15.52
CA ARG Z 65 39.42 61.74 -14.42
C ARG Z 65 39.89 62.94 -13.59
N LYS Z 66 41.18 62.97 -13.26
CA LYS Z 66 41.67 64.02 -12.37
C LYS Z 66 41.76 65.38 -13.07
N VAL Z 67 42.15 65.41 -14.34
CA VAL Z 67 42.32 66.69 -15.03
C VAL Z 67 40.99 67.41 -15.17
N LYS Z 68 39.91 66.68 -15.45
CA LYS Z 68 38.59 67.32 -15.51
C LYS Z 68 38.20 67.87 -14.15
N ALA Z 69 38.52 67.14 -13.08
CA ALA Z 69 38.27 67.64 -11.74
C ALA Z 69 39.09 68.90 -11.47
N HIS Z 70 40.35 68.90 -11.93
CA HIS Z 70 41.18 70.09 -11.81
C HIS Z 70 40.61 71.26 -12.61
N SER Z 71 40.02 70.95 -13.78
CA SER Z 71 39.39 72.01 -14.58
C SER Z 71 38.25 72.68 -13.83
N GLN Z 72 37.43 71.88 -13.13
CA GLN Z 72 36.36 72.44 -12.31
C GLN Z 72 36.92 73.26 -11.15
N THR Z 73 38.07 72.87 -10.61
CA THR Z 73 38.70 73.63 -9.54
C THR Z 73 39.03 75.05 -9.98
N HIS Z 74 39.71 75.20 -11.12
CA HIS Z 74 40.18 76.52 -11.52
C HIS Z 74 39.04 77.43 -11.98
N ARG Z 75 37.93 76.88 -12.48
CA ARG Z 75 36.79 77.73 -12.78
C ARG Z 75 36.22 78.34 -11.49
N VAL Z 76 36.21 77.56 -10.41
CA VAL Z 76 35.82 78.10 -9.11
C VAL Z 76 36.86 79.09 -8.62
N ASP Z 77 38.14 78.82 -8.90
CA ASP Z 77 39.21 79.71 -8.46
C ASP Z 77 39.07 81.09 -9.08
N LEU Z 78 38.66 81.15 -10.35
CA LEU Z 78 38.44 82.44 -11.01
C LEU Z 78 37.34 83.24 -10.34
N GLY Z 79 36.24 82.60 -9.96
CA GLY Z 79 35.18 83.30 -9.26
C GLY Z 79 35.58 83.75 -7.88
N THR Z 80 36.28 82.90 -7.12
CA THR Z 80 36.71 83.29 -5.78
C THR Z 80 37.68 84.45 -5.83
N LEU Z 81 38.65 84.39 -6.75
CA LEU Z 81 39.64 85.46 -6.88
C LEU Z 81 38.98 86.75 -7.37
N ARG Z 82 38.00 86.63 -8.26
CA ARG Z 82 37.22 87.80 -8.69
C ARG Z 82 36.55 88.47 -7.50
N GLY Z 83 36.02 87.67 -6.56
CA GLY Z 83 35.47 88.24 -5.35
C GLY Z 83 36.53 88.82 -4.44
N TYR Z 84 37.69 88.17 -4.37
CA TYR Z 84 38.75 88.62 -3.47
C TYR Z 84 39.19 90.03 -3.80
N TYR Z 85 39.41 90.32 -5.08
CA TYR Z 85 39.91 91.63 -5.48
C TYR Z 85 38.77 92.59 -5.83
N ASN Z 86 37.53 92.16 -5.67
CA ASN Z 86 36.35 92.97 -5.95
C ASN Z 86 36.31 93.45 -7.40
N GLN Z 87 36.92 92.70 -8.31
CA GLN Z 87 36.92 93.09 -9.71
C GLN Z 87 35.59 92.75 -10.36
N SER Z 88 35.20 93.57 -11.33
CA SER Z 88 33.89 93.42 -11.96
C SER Z 88 33.82 92.13 -12.78
N GLU Z 89 32.60 91.63 -12.93
CA GLU Z 89 32.35 90.38 -13.63
C GLU Z 89 32.64 90.43 -15.12
N ALA Z 90 32.97 91.61 -15.66
CA ALA Z 90 33.10 91.79 -17.10
C ALA Z 90 34.49 91.47 -17.62
N GLY Z 91 35.50 91.43 -16.76
CA GLY Z 91 36.86 91.22 -17.21
C GLY Z 91 37.23 89.75 -17.35
N SER Z 92 38.08 89.47 -18.33
CA SER Z 92 38.63 88.14 -18.54
C SER Z 92 39.97 88.02 -17.82
N HIS Z 93 40.09 87.00 -16.98
CA HIS Z 93 41.27 86.82 -16.14
C HIS Z 93 41.79 85.40 -16.27
N THR Z 94 43.09 85.25 -16.01
CA THR Z 94 43.80 83.99 -16.18
C THR Z 94 44.34 83.52 -14.82
N VAL Z 95 44.22 82.22 -14.56
CA VAL Z 95 44.82 81.58 -13.40
C VAL Z 95 45.75 80.48 -13.89
N GLN Z 96 46.92 80.37 -13.26
CA GLN Z 96 47.93 79.41 -13.67
C GLN Z 96 48.50 78.69 -12.46
N ARG Z 97 48.83 77.42 -12.66
CA ARG Z 97 49.44 76.58 -11.65
C ARG Z 97 50.62 75.86 -12.27
N MET Z 98 51.69 75.70 -11.50
CA MET Z 98 52.84 74.93 -11.94
C MET Z 98 53.40 74.20 -10.72
N TYR Z 99 53.54 72.88 -10.82
CA TYR Z 99 54.19 72.10 -9.79
C TYR Z 99 55.10 71.07 -10.42
N GLY Z 100 56.22 70.79 -9.75
CA GLY Z 100 57.18 69.87 -10.32
C GLY Z 100 58.10 69.32 -9.26
N CYS Z 101 58.90 68.35 -9.69
CA CYS Z 101 59.83 67.61 -8.85
C CYS Z 101 61.15 67.47 -9.58
N ASP Z 102 62.26 67.52 -8.86
CA ASP Z 102 63.58 67.34 -9.44
C ASP Z 102 64.30 66.18 -8.78
N VAL Z 103 64.99 65.37 -9.58
CA VAL Z 103 65.79 64.26 -9.08
C VAL Z 103 67.20 64.41 -9.61
N GLY Z 104 68.17 63.94 -8.84
CA GLY Z 104 69.57 64.00 -9.24
C GLY Z 104 69.98 62.84 -10.11
N SER Z 105 71.29 62.76 -10.36
CA SER Z 105 71.84 61.66 -11.15
C SER Z 105 71.62 60.32 -10.44
N ASP Z 106 71.61 60.32 -9.10
CA ASP Z 106 71.33 59.11 -8.35
C ASP Z 106 69.87 58.69 -8.47
N TRP Z 107 69.04 59.56 -9.04
CA TRP Z 107 67.61 59.36 -9.26
C TRP Z 107 66.78 59.51 -7.99
N ARG Z 108 67.32 60.18 -6.97
CA ARG Z 108 66.59 60.45 -5.74
C ARG Z 108 66.13 61.90 -5.69
N PHE Z 109 65.22 62.16 -4.76
CA PHE Z 109 64.55 63.45 -4.66
C PHE Z 109 65.56 64.57 -4.44
N LEU Z 110 65.34 65.71 -5.09
CA LEU Z 110 66.25 66.84 -4.92
C LEU Z 110 65.52 68.10 -4.47
N ARG Z 111 64.41 68.43 -5.13
CA ARG Z 111 63.68 69.65 -4.80
C ARG Z 111 62.26 69.53 -5.34
N GLY Z 112 61.42 70.45 -4.92
CA GLY Z 112 60.01 70.42 -5.30
C GLY Z 112 59.48 71.83 -5.52
N TYR Z 113 58.46 71.92 -6.37
CA TYR Z 113 57.85 73.19 -6.72
C TYR Z 113 56.34 73.09 -6.69
N HIS Z 114 55.69 74.11 -6.13
CA HIS Z 114 54.25 74.30 -6.25
C HIS Z 114 54.00 75.81 -6.28
N GLN Z 115 53.45 76.32 -7.39
CA GLN Z 115 53.23 77.75 -7.52
C GLN Z 115 51.89 78.04 -8.19
N TYR Z 116 51.30 79.17 -7.81
CA TYR Z 116 50.05 79.66 -8.37
C TYR Z 116 50.25 81.07 -8.89
N ALA Z 117 49.47 81.43 -9.91
CA ALA Z 117 49.57 82.75 -10.53
C ALA Z 117 48.18 83.22 -10.95
N TYR Z 118 47.91 84.51 -10.74
CA TYR Z 118 46.66 85.12 -11.15
C TYR Z 118 46.95 86.36 -11.98
N ASP Z 119 46.47 86.37 -13.22
CA ASP Z 119 46.62 87.52 -14.13
C ASP Z 119 48.09 87.87 -14.35
N GLY Z 120 48.94 86.85 -14.41
CA GLY Z 120 50.34 87.06 -14.73
C GLY Z 120 51.18 87.49 -13.56
N LYS Z 121 50.67 87.43 -12.33
CA LYS Z 121 51.42 87.78 -11.14
C LYS Z 121 51.43 86.60 -10.18
N ASP Z 122 52.49 86.53 -9.38
CA ASP Z 122 52.57 85.51 -8.34
C ASP Z 122 51.44 85.69 -7.34
N TYR Z 123 50.80 84.58 -6.96
CA TYR Z 123 49.71 84.59 -6.01
C TYR Z 123 50.12 83.90 -4.72
N ILE Z 124 50.23 82.57 -4.74
CA ILE Z 124 50.71 81.80 -3.59
C ILE Z 124 51.67 80.73 -4.09
N ALA Z 125 52.77 80.54 -3.36
CA ALA Z 125 53.79 79.58 -3.75
C ALA Z 125 54.26 78.81 -2.53
N LEU Z 126 54.66 77.57 -2.76
CA LEU Z 126 55.17 76.69 -1.72
C LEU Z 126 56.67 76.86 -1.58
N LYS Z 127 57.14 77.04 -0.36
CA LYS Z 127 58.58 77.20 -0.15
C LYS Z 127 59.29 75.88 -0.43
N GLU Z 128 60.61 75.93 -0.43
CA GLU Z 128 61.38 74.76 -0.84
C GLU Z 128 61.34 73.66 0.21
N ASP Z 129 61.38 74.04 1.49
CA ASP Z 129 61.21 73.05 2.54
C ASP Z 129 59.94 72.23 2.37
N LEU Z 130 58.99 72.71 1.57
CA LEU Z 130 57.71 72.05 1.30
C LEU Z 130 56.77 72.12 2.48
N ARG Z 131 57.02 73.06 3.40
CA ARG Z 131 56.23 73.18 4.61
C ARG Z 131 55.70 74.59 4.87
N SER Z 132 56.02 75.57 4.02
CA SER Z 132 55.60 76.95 4.23
C SER Z 132 55.08 77.53 2.91
N TRP Z 133 54.30 78.60 3.04
CA TRP Z 133 53.67 79.24 1.89
C TRP Z 133 54.08 80.71 1.84
N THR Z 134 54.19 81.24 0.62
CA THR Z 134 54.48 82.65 0.40
C THR Z 134 53.28 83.32 -0.24
N ALA Z 135 52.77 84.36 0.41
CA ALA Z 135 51.59 85.08 -0.03
C ALA Z 135 51.98 86.46 -0.55
N ALA Z 136 51.54 86.79 -1.76
CA ALA Z 136 51.95 88.04 -2.38
C ALA Z 136 51.38 89.25 -1.65
N ASP Z 137 50.08 89.24 -1.38
CA ASP Z 137 49.40 90.39 -0.79
C ASP Z 137 48.35 89.91 0.19
N MET Z 138 47.50 90.84 0.64
CA MET Z 138 46.47 90.49 1.61
C MET Z 138 45.51 89.45 1.05
N ALA Z 139 45.09 89.63 -0.20
CA ALA Z 139 44.18 88.66 -0.82
C ALA Z 139 44.81 87.28 -0.85
N ALA Z 140 46.13 87.22 -1.10
CA ALA Z 140 46.81 85.94 -1.11
C ALA Z 140 46.88 85.31 0.28
N GLN Z 141 46.92 86.14 1.33
CA GLN Z 141 46.97 85.61 2.69
C GLN Z 141 45.69 84.89 3.07
N THR Z 142 44.56 85.32 2.53
CA THR Z 142 43.29 84.63 2.81
C THR Z 142 43.35 83.18 2.37
N THR Z 143 43.90 82.91 1.19
CA THR Z 143 44.06 81.53 0.77
C THR Z 143 45.09 80.79 1.61
N LYS Z 144 46.14 81.49 2.06
CA LYS Z 144 47.17 80.84 2.87
C LYS Z 144 46.58 80.30 4.17
N HIS Z 145 45.73 81.11 4.82
CA HIS Z 145 45.16 80.69 6.11
C HIS Z 145 44.29 79.46 5.95
N LYS Z 146 43.48 79.41 4.88
CA LYS Z 146 42.66 78.23 4.63
C LYS Z 146 43.55 77.02 4.35
N TRP Z 147 44.59 77.21 3.54
CA TRP Z 147 45.50 76.12 3.17
C TRP Z 147 46.31 75.63 4.35
N GLU Z 148 46.69 76.52 5.28
CA GLU Z 148 47.41 76.07 6.46
C GLU Z 148 46.54 75.19 7.35
N ALA Z 149 45.28 75.57 7.54
CA ALA Z 149 44.39 74.77 8.40
C ALA Z 149 44.08 73.42 7.76
N ALA Z 150 43.94 73.37 6.44
CA ALA Z 150 43.57 72.15 5.74
C ALA Z 150 44.73 71.20 5.51
N HIS Z 151 45.93 71.53 5.99
CA HIS Z 151 47.12 70.67 5.84
C HIS Z 151 47.41 70.41 4.37
N VAL Z 152 47.26 71.43 3.53
CA VAL Z 152 47.54 71.27 2.11
C VAL Z 152 49.03 71.06 1.85
N ALA Z 153 49.89 71.73 2.62
CA ALA Z 153 51.32 71.62 2.38
C ALA Z 153 51.82 70.19 2.55
N GLU Z 154 51.30 69.46 3.55
CA GLU Z 154 51.77 68.10 3.77
C GLU Z 154 51.32 67.14 2.67
N GLN Z 155 50.10 67.31 2.15
CA GLN Z 155 49.64 66.44 1.07
C GLN Z 155 50.42 66.68 -0.22
N LEU Z 156 50.69 67.94 -0.55
CA LEU Z 156 51.46 68.23 -1.75
C LEU Z 156 52.90 67.74 -1.58
N ARG Z 157 53.47 67.94 -0.40
CA ARG Z 157 54.83 67.51 -0.11
C ARG Z 157 54.97 66.00 -0.29
N ALA Z 158 53.93 65.25 0.08
CA ALA Z 158 53.93 63.80 -0.13
C ALA Z 158 53.93 63.44 -1.60
N TYR Z 159 53.20 64.19 -2.42
CA TYR Z 159 53.11 63.91 -3.84
C TYR Z 159 54.45 64.13 -4.53
N LEU Z 160 55.09 65.29 -4.29
CA LEU Z 160 56.33 65.61 -4.98
C LEU Z 160 57.46 64.69 -4.54
N GLU Z 161 57.61 64.48 -3.22
CA GLU Z 161 58.70 63.67 -2.71
C GLU Z 161 58.51 62.19 -2.99
N GLY Z 162 57.26 61.74 -3.14
CA GLY Z 162 57.01 60.33 -3.32
C GLY Z 162 56.26 59.99 -4.59
N THR Z 163 55.08 60.57 -4.79
CA THR Z 163 54.26 60.15 -5.93
C THR Z 163 54.94 60.52 -7.25
N CYS Z 164 55.48 61.74 -7.34
CA CYS Z 164 56.17 62.12 -8.57
C CYS Z 164 57.42 61.28 -8.78
N VAL Z 165 58.25 61.16 -7.73
CA VAL Z 165 59.54 60.49 -7.86
C VAL Z 165 59.38 59.05 -8.34
N GLU Z 166 58.37 58.34 -7.83
CA GLU Z 166 58.14 56.97 -8.28
C GLU Z 166 57.74 56.93 -9.75
N TRP Z 167 56.82 57.80 -10.15
CA TRP Z 167 56.33 57.82 -11.52
C TRP Z 167 57.30 58.44 -12.50
N LEU Z 168 58.12 59.40 -12.07
CA LEU Z 168 59.13 59.96 -12.96
C LEU Z 168 60.13 58.91 -13.40
N ARG Z 169 60.59 58.06 -12.47
CA ARG Z 169 61.51 56.99 -12.84
C ARG Z 169 60.88 56.00 -13.83
N ARG Z 170 59.61 55.64 -13.61
CA ARG Z 170 58.94 54.72 -14.52
C ARG Z 170 58.84 55.32 -15.93
N TYR Z 171 58.57 56.62 -16.02
CA TYR Z 171 58.50 57.28 -17.32
C TYR Z 171 59.84 57.24 -18.04
N LEU Z 172 60.94 57.42 -17.30
CA LEU Z 172 62.26 57.44 -17.93
C LEU Z 172 62.58 56.12 -18.61
N GLU Z 173 62.29 55.00 -17.95
CA GLU Z 173 62.55 53.69 -18.55
C GLU Z 173 61.63 53.42 -19.73
N ASN Z 174 60.36 53.83 -19.64
CA ASN Z 174 59.44 53.58 -20.73
C ASN Z 174 59.83 54.37 -21.97
N GLY Z 175 60.43 55.55 -21.79
CA GLY Z 175 60.88 56.34 -22.92
C GLY Z 175 62.39 56.55 -22.88
N LYS Z 176 63.13 55.47 -22.60
CA LYS Z 176 64.58 55.57 -22.49
C LYS Z 176 65.21 56.05 -23.79
N GLU Z 177 64.68 55.60 -24.93
CA GLU Z 177 65.21 56.04 -26.21
C GLU Z 177 64.95 57.51 -26.46
N THR Z 178 63.86 58.06 -25.92
CA THR Z 178 63.43 59.42 -26.27
C THR Z 178 64.00 60.48 -25.34
N LEU Z 179 64.08 60.23 -24.04
CA LEU Z 179 64.51 61.25 -23.09
C LEU Z 179 65.82 60.93 -22.38
N GLN Z 180 66.33 59.71 -22.47
CA GLN Z 180 67.65 59.38 -21.96
C GLN Z 180 68.71 59.47 -23.04
N ARG Z 181 68.30 59.85 -24.26
CA ARG Z 181 69.20 60.09 -25.37
C ARG Z 181 69.84 61.46 -25.21
N THR Z 182 71.00 61.63 -25.84
CA THR Z 182 71.61 62.94 -25.90
C THR Z 182 71.98 63.24 -27.35
N ASP Z 183 71.57 64.40 -27.84
CA ASP Z 183 71.76 64.79 -29.24
C ASP Z 183 72.78 65.93 -29.33
N ALA Z 184 73.88 65.68 -30.02
CA ALA Z 184 74.90 66.71 -30.19
C ALA Z 184 74.42 67.75 -31.21
N PRO Z 185 74.78 69.01 -31.00
CA PRO Z 185 74.32 70.07 -31.92
C PRO Z 185 74.92 69.92 -33.31
N LYS Z 186 74.19 70.46 -34.30
CA LYS Z 186 74.65 70.51 -35.68
C LYS Z 186 75.10 71.94 -35.93
N THR Z 187 76.41 72.15 -35.98
CA THR Z 187 76.99 73.49 -35.95
C THR Z 187 77.43 73.95 -37.33
N HIS Z 188 77.25 75.24 -37.59
CA HIS Z 188 77.76 75.88 -38.80
C HIS Z 188 77.85 77.38 -38.53
N MET Z 189 78.55 78.07 -39.43
CA MET Z 189 78.86 79.49 -39.25
C MET Z 189 78.50 80.27 -40.50
N THR Z 190 77.99 81.49 -40.31
CA THR Z 190 77.59 82.36 -41.41
C THR Z 190 78.23 83.72 -41.24
N HIS Z 191 78.40 84.43 -42.37
CA HIS Z 191 79.04 85.74 -42.40
C HIS Z 191 78.08 86.76 -42.98
N HIS Z 192 77.88 87.87 -42.26
CA HIS Z 192 77.01 88.96 -42.72
C HIS Z 192 77.76 90.27 -42.56
N ALA Z 193 77.73 91.11 -43.59
CA ALA Z 193 78.46 92.37 -43.60
C ALA Z 193 77.50 93.53 -43.39
N VAL Z 194 77.59 94.16 -42.21
CA VAL Z 194 76.78 95.33 -41.88
C VAL Z 194 77.23 96.54 -42.69
N SER Z 195 78.53 96.77 -42.82
CA SER Z 195 79.03 97.97 -43.49
C SER Z 195 80.37 97.66 -44.14
N ASP Z 196 80.95 98.70 -44.76
CA ASP Z 196 82.21 98.54 -45.48
C ASP Z 196 83.38 98.14 -44.57
N HIS Z 197 83.31 98.47 -43.28
CA HIS Z 197 84.45 98.31 -42.38
C HIS Z 197 84.28 97.22 -41.34
N GLU Z 198 83.04 96.78 -41.07
CA GLU Z 198 82.80 95.76 -40.06
C GLU Z 198 81.69 94.82 -40.51
N ALA Z 199 81.83 93.56 -40.14
CA ALA Z 199 80.90 92.51 -40.52
C ALA Z 199 80.45 91.76 -39.27
N THR Z 200 79.33 91.05 -39.38
CA THR Z 200 78.78 90.27 -38.29
C THR Z 200 78.99 88.78 -38.53
N LEU Z 201 79.42 88.07 -37.49
CA LEU Z 201 79.61 86.63 -37.55
C LEU Z 201 78.53 85.96 -36.71
N ARG Z 202 77.94 84.90 -37.26
CA ARG Z 202 76.85 84.19 -36.62
C ARG Z 202 77.24 82.74 -36.38
N CYS Z 203 77.06 82.27 -35.15
CA CYS Z 203 77.32 80.89 -34.76
C CYS Z 203 76.00 80.17 -34.59
N TRP Z 204 75.84 79.04 -35.29
CA TRP Z 204 74.59 78.30 -35.32
C TRP Z 204 74.72 76.94 -34.65
N ALA Z 205 73.74 76.60 -33.82
CA ALA Z 205 73.58 75.27 -33.25
C ALA Z 205 72.15 74.80 -33.51
N LEU Z 206 72.01 73.60 -34.07
CA LEU Z 206 70.70 73.11 -34.47
C LEU Z 206 70.57 71.62 -34.14
N SER Z 207 69.31 71.19 -34.02
CA SER Z 207 68.95 69.78 -33.86
C SER Z 207 69.66 69.13 -32.67
N PHE Z 208 69.54 69.76 -31.50
CA PHE Z 208 70.15 69.21 -30.29
C PHE Z 208 69.12 69.12 -29.16
N TYR Z 209 69.29 68.11 -28.33
CA TYR Z 209 68.48 67.86 -27.14
C TYR Z 209 69.37 67.29 -26.04
N PRO Z 210 69.22 67.78 -24.79
CA PRO Z 210 68.25 68.74 -24.24
C PRO Z 210 68.45 70.19 -24.69
N ALA Z 211 67.52 71.05 -24.25
CA ALA Z 211 67.51 72.45 -24.69
C ALA Z 211 68.69 73.24 -24.15
N GLU Z 212 69.17 72.94 -22.95
CA GLU Z 212 70.20 73.78 -22.34
C GLU Z 212 71.51 73.70 -23.13
N ILE Z 213 72.06 74.88 -23.45
CA ILE Z 213 73.31 74.97 -24.18
C ILE Z 213 73.93 76.32 -23.83
N THR Z 214 75.25 76.42 -23.99
CA THR Z 214 75.97 77.66 -23.76
C THR Z 214 76.76 78.01 -25.01
N LEU Z 215 76.58 79.23 -25.49
CA LEU Z 215 77.30 79.73 -26.67
C LEU Z 215 78.05 80.99 -26.29
N THR Z 216 79.36 81.00 -26.56
CA THR Z 216 80.22 82.10 -26.18
C THR Z 216 81.10 82.48 -27.37
N TRP Z 217 81.38 83.77 -27.47
CA TRP Z 217 82.22 84.31 -28.53
C TRP Z 217 83.54 84.77 -27.92
N GLN Z 218 84.65 84.32 -28.50
CA GLN Z 218 85.97 84.70 -27.99
C GLN Z 218 86.81 85.25 -29.12
N ARG Z 219 87.47 86.38 -28.87
CA ARG Z 219 88.43 86.99 -29.79
C ARG Z 219 89.82 86.83 -29.19
N ASP Z 220 90.66 86.03 -29.84
CA ASP Z 220 92.04 85.75 -29.42
C ASP Z 220 92.08 84.99 -28.10
N GLY Z 221 91.03 84.24 -27.78
CA GLY Z 221 91.00 83.54 -26.52
C GLY Z 221 90.49 84.33 -25.33
N GLU Z 222 89.75 85.41 -25.57
CA GLU Z 222 89.20 86.24 -24.50
C GLU Z 222 87.69 86.29 -24.64
N ASP Z 223 86.99 86.05 -23.53
CA ASP Z 223 85.54 86.05 -23.54
C ASP Z 223 85.01 87.41 -23.98
N GLN Z 224 84.18 87.40 -25.02
CA GLN Z 224 83.64 88.62 -25.61
C GLN Z 224 82.15 88.74 -25.30
N THR Z 225 81.78 89.85 -24.66
CA THR Z 225 80.42 90.12 -24.25
C THR Z 225 80.15 91.60 -24.50
N GLN Z 226 78.96 92.06 -24.12
CA GLN Z 226 78.47 93.41 -24.42
C GLN Z 226 78.31 93.60 -25.93
N ASP Z 227 79.34 93.30 -26.71
CA ASP Z 227 79.30 93.43 -28.16
C ASP Z 227 78.64 92.23 -28.84
N THR Z 228 78.02 91.32 -28.10
CA THR Z 228 77.42 90.13 -28.67
C THR Z 228 75.91 90.12 -28.51
N GLU Z 229 75.25 89.37 -29.39
CA GLU Z 229 73.82 89.15 -29.38
C GLU Z 229 73.51 87.68 -29.12
N LEU Z 230 72.55 87.42 -28.23
CA LEU Z 230 72.18 86.06 -27.89
C LEU Z 230 70.66 85.94 -27.88
N VAL Z 231 70.15 84.98 -28.65
CA VAL Z 231 68.72 84.73 -28.80
C VAL Z 231 68.29 83.60 -27.87
N GLU Z 232 67.03 83.65 -27.46
CA GLU Z 232 66.45 82.58 -26.66
C GLU Z 232 66.44 81.27 -27.44
N THR Z 233 66.67 80.17 -26.72
CA THR Z 233 66.67 78.86 -27.36
C THR Z 233 65.29 78.59 -27.94
N ARG Z 234 65.26 78.04 -29.16
CA ARG Z 234 63.99 77.87 -29.86
C ARG Z 234 63.75 76.40 -30.13
N PRO Z 235 62.49 75.96 -30.12
CA PRO Z 235 62.19 74.57 -30.49
C PRO Z 235 62.05 74.42 -32.00
N ALA Z 236 62.71 73.38 -32.54
CA ALA Z 236 62.63 73.11 -33.97
C ALA Z 236 61.29 72.52 -34.37
N GLY Z 237 60.57 71.88 -33.45
CA GLY Z 237 59.31 71.24 -33.74
C GLY Z 237 59.37 69.73 -33.87
N ASP Z 238 60.56 69.14 -33.80
CA ASP Z 238 60.71 67.68 -33.86
C ASP Z 238 61.31 67.12 -32.56
N GLY Z 239 61.24 67.88 -31.48
CA GLY Z 239 61.86 67.48 -30.23
C GLY Z 239 63.29 67.96 -30.08
N THR Z 240 63.79 68.75 -31.02
CA THR Z 240 65.13 69.32 -30.96
C THR Z 240 65.02 70.83 -30.86
N PHE Z 241 66.10 71.45 -30.41
CA PHE Z 241 66.12 72.89 -30.17
C PHE Z 241 67.19 73.57 -31.01
N GLN Z 242 67.12 74.90 -31.05
CA GLN Z 242 68.04 75.72 -31.85
C GLN Z 242 68.42 76.96 -31.06
N LYS Z 243 69.63 77.46 -31.32
CA LYS Z 243 70.14 78.67 -30.69
C LYS Z 243 71.28 79.21 -31.54
N TRP Z 244 71.46 80.52 -31.51
CA TRP Z 244 72.56 81.12 -32.24
C TRP Z 244 73.09 82.35 -31.51
N ALA Z 245 74.37 82.64 -31.73
CA ALA Z 245 75.07 83.77 -31.14
C ALA Z 245 75.79 84.55 -32.23
N ALA Z 246 75.83 85.87 -32.08
CA ALA Z 246 76.45 86.73 -33.08
C ALA Z 246 77.39 87.73 -32.42
N VAL Z 247 78.44 88.10 -33.15
CA VAL Z 247 79.44 89.06 -32.69
C VAL Z 247 79.81 89.98 -33.85
N VAL Z 248 80.08 91.24 -33.54
CA VAL Z 248 80.49 92.23 -34.54
C VAL Z 248 82.01 92.26 -34.62
N VAL Z 249 82.54 92.07 -35.82
CA VAL Z 249 83.98 92.00 -36.05
C VAL Z 249 84.38 92.97 -37.17
N PRO Z 250 85.49 93.69 -37.03
CA PRO Z 250 85.96 94.51 -38.15
C PRO Z 250 86.49 93.64 -39.28
N SER Z 251 86.32 94.13 -40.50
CA SER Z 251 86.68 93.35 -41.69
C SER Z 251 88.17 93.01 -41.67
N GLY Z 252 88.49 91.79 -42.13
CA GLY Z 252 89.85 91.33 -42.17
C GLY Z 252 90.36 90.71 -40.89
N GLN Z 253 89.58 90.77 -39.81
CA GLN Z 253 89.97 90.19 -38.53
C GLN Z 253 89.15 88.95 -38.18
N GLU Z 254 88.43 88.38 -39.15
CA GLU Z 254 87.60 87.20 -38.88
C GLU Z 254 88.42 86.02 -38.37
N GLN Z 255 89.75 86.03 -38.60
CA GLN Z 255 90.59 84.95 -38.12
C GLN Z 255 90.69 84.94 -36.59
N ARG Z 256 90.55 86.11 -35.96
CA ARG Z 256 90.83 86.22 -34.53
C ARG Z 256 89.72 85.62 -33.67
N TYR Z 257 88.50 85.46 -34.19
CA TYR Z 257 87.36 85.04 -33.40
C TYR Z 257 87.13 83.54 -33.50
N THR Z 258 86.61 82.98 -32.40
CA THR Z 258 86.34 81.56 -32.25
C THR Z 258 85.00 81.38 -31.55
N CYS Z 259 84.24 80.36 -31.98
CA CYS Z 259 82.97 80.02 -31.36
C CYS Z 259 83.12 78.74 -30.55
N HIS Z 260 82.62 78.76 -29.31
CA HIS Z 260 82.72 77.64 -28.39
C HIS Z 260 81.34 77.14 -28.05
N VAL Z 261 81.12 75.83 -28.25
CA VAL Z 261 79.83 75.20 -28.02
C VAL Z 261 79.99 74.20 -26.89
N GLN Z 262 79.27 74.43 -25.80
CA GLN Z 262 79.20 73.51 -24.68
C GLN Z 262 77.82 72.89 -24.63
N HIS Z 263 77.76 71.56 -24.52
CA HIS Z 263 76.49 70.85 -24.53
C HIS Z 263 76.73 69.43 -24.05
N GLU Z 264 75.66 68.81 -23.54
CA GLU Z 264 75.76 67.44 -23.06
C GLU Z 264 76.11 66.48 -24.19
N GLY Z 265 75.68 66.79 -25.41
CA GLY Z 265 75.98 65.94 -26.55
C GLY Z 265 77.44 65.92 -26.96
N LEU Z 266 78.21 66.93 -26.57
CA LEU Z 266 79.61 66.99 -26.96
C LEU Z 266 80.48 66.46 -25.83
N PRO Z 267 81.24 65.39 -26.05
CA PRO Z 267 82.19 64.97 -25.01
C PRO Z 267 83.30 65.99 -24.84
N LYS Z 268 83.62 66.71 -25.89
CA LYS Z 268 84.61 67.76 -25.95
C LYS Z 268 83.94 69.07 -26.38
N PRO Z 269 84.18 70.17 -25.69
CA PRO Z 269 83.64 71.46 -26.15
C PRO Z 269 84.10 71.77 -27.57
N LEU Z 270 83.13 72.05 -28.44
CA LEU Z 270 83.44 72.27 -29.85
C LEU Z 270 83.97 73.69 -30.07
N THR Z 271 84.88 73.81 -31.05
CA THR Z 271 85.44 75.11 -31.44
C THR Z 271 85.18 75.34 -32.93
N LEU Z 272 84.70 76.54 -33.25
CA LEU Z 272 84.38 76.93 -34.63
C LEU Z 272 85.15 78.20 -34.97
N ARG Z 273 85.84 78.17 -36.11
CA ARG Z 273 86.59 79.33 -36.60
C ARG Z 273 86.19 79.60 -38.04
N TRP Z 274 86.30 80.87 -38.45
CA TRP Z 274 85.85 81.32 -39.77
C TRP Z 274 87.05 81.40 -40.70
N GLU Z 275 87.18 80.41 -41.59
CA GLU Z 275 88.18 80.41 -42.65
C GLU Z 275 87.98 79.23 -43.59
N MET AA 1 45.96 93.74 -13.60
CA MET AA 1 46.49 92.83 -14.61
C MET AA 1 47.86 93.28 -15.08
N ILE AA 2 48.78 92.34 -15.26
CA ILE AA 2 50.06 92.61 -15.91
C ILE AA 2 49.97 92.09 -17.34
N GLN AA 3 50.51 92.87 -18.27
CA GLN AA 3 50.52 92.53 -19.69
C GLN AA 3 51.94 92.67 -20.23
N ARG AA 4 52.37 91.66 -20.98
CA ARG AA 4 53.70 91.61 -21.57
C ARG AA 4 53.55 91.46 -23.07
N THR AA 5 54.29 92.28 -23.82
CA THR AA 5 54.19 92.23 -25.27
C THR AA 5 54.99 91.05 -25.82
N PRO AA 6 54.48 90.37 -26.84
CA PRO AA 6 55.12 89.12 -27.28
C PRO AA 6 56.41 89.33 -28.06
N LYS AA 7 57.28 88.33 -27.96
CA LYS AA 7 58.50 88.26 -28.74
C LYS AA 7 58.25 87.27 -29.88
N ILE AA 8 58.64 87.66 -31.09
CA ILE AA 8 58.35 86.89 -32.28
C ILE AA 8 59.66 86.44 -32.91
N GLN AA 9 59.75 85.15 -33.21
CA GLN AA 9 60.90 84.59 -33.93
C GLN AA 9 60.37 83.72 -35.06
N VAL AA 10 60.59 84.15 -36.29
CA VAL AA 10 60.21 83.39 -37.48
C VAL AA 10 61.48 82.81 -38.08
N TYR AA 11 61.47 81.51 -38.35
CA TYR AA 11 62.65 80.80 -38.81
C TYR AA 11 62.18 79.53 -39.49
N SER AA 12 63.13 78.63 -39.75
CA SER AA 12 62.82 77.36 -40.39
C SER AA 12 63.36 76.23 -39.53
N ARG AA 13 62.70 75.08 -39.63
CA ARG AA 13 63.13 73.91 -38.86
C ARG AA 13 64.51 73.44 -39.29
N HIS AA 14 64.78 73.53 -40.59
CA HIS AA 14 66.03 73.08 -41.18
C HIS AA 14 66.67 74.24 -41.93
N PRO AA 15 67.97 74.16 -42.26
CA PRO AA 15 68.58 75.21 -43.08
C PRO AA 15 67.85 75.36 -44.42
N ALA AA 16 67.52 76.60 -44.76
CA ALA AA 16 66.64 76.92 -45.88
C ALA AA 16 67.31 76.62 -47.21
N GLU AA 17 67.04 75.45 -47.77
CA GLU AA 17 67.44 75.12 -49.14
C GLU AA 17 66.26 75.37 -50.08
N ASN AA 18 66.53 76.07 -51.18
CA ASN AA 18 65.48 76.46 -52.11
C ASN AA 18 64.96 75.27 -52.90
N GLY AA 19 63.64 75.21 -53.07
CA GLY AA 19 62.99 74.16 -53.83
C GLY AA 19 62.84 72.82 -53.13
N LYS AA 20 62.92 72.78 -51.80
CA LYS AA 20 62.79 71.54 -51.05
C LYS AA 20 61.81 71.74 -49.90
N SER AA 21 61.25 70.63 -49.42
CA SER AA 21 60.26 70.68 -48.36
C SER AA 21 60.91 71.05 -47.03
N ASN AA 22 60.29 71.98 -46.32
CA ASN AA 22 60.78 72.46 -45.04
C ASN AA 22 59.59 72.88 -44.20
N PHE AA 23 59.86 73.29 -42.97
CA PHE AA 23 58.81 73.76 -42.07
C PHE AA 23 59.08 75.21 -41.73
N LEU AA 24 58.04 76.03 -41.80
CA LEU AA 24 58.12 77.43 -41.41
C LEU AA 24 57.60 77.55 -40.00
N ASN AA 25 58.35 78.23 -39.14
CA ASN AA 25 58.03 78.29 -37.73
C ASN AA 25 57.82 79.73 -37.29
N CYS AA 26 56.82 79.93 -36.45
CA CYS AA 26 56.63 81.18 -35.73
C CYS AA 26 56.62 80.84 -34.25
N TYR AA 27 57.54 81.44 -33.51
CA TYR AA 27 57.66 81.18 -32.08
C TYR AA 27 57.34 82.48 -31.35
N VAL AA 28 56.16 82.54 -30.74
CA VAL AA 28 55.76 83.68 -29.94
C VAL AA 28 55.93 83.31 -28.48
N SER AA 29 56.55 84.19 -27.71
CA SER AA 29 56.84 83.91 -26.32
C SER AA 29 56.87 85.21 -25.55
N GLY AA 30 56.95 85.09 -24.22
CA GLY AA 30 57.02 86.27 -23.38
C GLY AA 30 55.81 87.17 -23.51
N PHE AA 31 54.61 86.60 -23.58
CA PHE AA 31 53.40 87.40 -23.70
C PHE AA 31 52.36 86.96 -22.68
N HIS AA 32 51.54 87.93 -22.27
CA HIS AA 32 50.42 87.73 -21.37
C HIS AA 32 49.39 88.80 -21.70
N PRO AA 33 48.09 88.44 -21.71
CA PRO AA 33 47.43 87.17 -21.40
C PRO AA 33 47.50 86.15 -22.53
N SER AA 34 46.70 85.07 -22.39
CA SER AA 34 46.81 83.94 -23.31
C SER AA 34 46.27 84.27 -24.69
N ASP AA 35 45.33 85.21 -24.77
CA ASP AA 35 44.67 85.52 -26.03
C ASP AA 35 45.66 86.13 -27.01
N ILE AA 36 45.86 85.47 -28.14
CA ILE AA 36 46.80 85.90 -29.16
C ILE AA 36 46.28 85.45 -30.50
N GLU AA 37 46.55 86.25 -31.54
CA GLU AA 37 46.16 85.93 -32.91
C GLU AA 37 47.43 85.85 -33.75
N VAL AA 38 47.66 84.69 -34.36
CA VAL AA 38 48.87 84.43 -35.13
C VAL AA 38 48.48 83.84 -36.48
N ASP AA 39 48.97 84.46 -37.55
CA ASP AA 39 48.74 84.01 -38.91
C ASP AA 39 50.08 83.88 -39.64
N LEU AA 40 50.17 82.89 -40.52
CA LEU AA 40 51.33 82.70 -41.38
C LEU AA 40 50.99 83.15 -42.79
N LEU AA 41 51.84 84.00 -43.36
CA LEU AA 41 51.58 84.63 -44.64
C LEU AA 41 52.61 84.23 -45.68
N LYS AA 42 52.13 84.06 -46.91
CA LYS AA 42 52.97 83.81 -48.08
C LYS AA 42 52.69 84.94 -49.07
N ASN AA 43 53.67 85.85 -49.21
CA ASN AA 43 53.52 87.03 -50.07
C ASN AA 43 52.35 87.91 -49.64
N GLY AA 44 52.08 87.94 -48.34
CA GLY AA 44 50.99 88.69 -47.78
C GLY AA 44 49.65 87.99 -47.73
N GLU AA 45 49.58 86.73 -48.16
CA GLU AA 45 48.33 85.98 -48.16
C GLU AA 45 48.37 84.95 -47.04
N ARG AA 46 47.25 84.84 -46.31
CA ARG AA 46 47.19 83.91 -45.19
C ARG AA 46 47.14 82.47 -45.65
N ILE AA 47 47.89 81.61 -44.95
CA ILE AA 47 47.97 80.17 -45.22
C ILE AA 47 46.87 79.45 -44.45
N GLU AA 48 46.19 78.51 -45.12
CA GLU AA 48 45.00 77.89 -44.56
C GLU AA 48 45.37 76.93 -43.43
N LYS AA 49 46.36 76.07 -43.65
CA LYS AA 49 46.73 75.04 -42.69
C LYS AA 49 47.90 75.54 -41.86
N VAL AA 50 47.59 75.98 -40.63
CA VAL AA 50 48.60 76.41 -39.68
C VAL AA 50 48.28 75.71 -38.37
N GLU AA 51 49.21 74.87 -37.91
CA GLU AA 51 49.09 74.19 -36.64
C GLU AA 51 49.84 74.95 -35.55
N HIS AA 52 49.57 74.58 -34.30
CA HIS AA 52 50.23 75.22 -33.18
C HIS AA 52 50.37 74.21 -32.05
N SER AA 53 51.25 74.55 -31.11
CA SER AA 53 51.51 73.69 -29.97
C SER AA 53 50.49 73.95 -28.87
N ASP AA 54 50.55 73.13 -27.82
CA ASP AA 54 49.65 73.28 -26.70
C ASP AA 54 50.16 74.37 -25.77
N LEU AA 55 49.23 75.19 -25.27
CA LEU AA 55 49.59 76.35 -24.46
C LEU AA 55 50.39 75.96 -23.22
N SER AA 56 51.56 76.59 -23.07
CA SER AA 56 52.42 76.41 -21.92
C SER AA 56 52.98 77.77 -21.54
N PHE AA 57 53.74 77.83 -20.46
CA PHE AA 57 54.29 79.10 -20.01
C PHE AA 57 55.65 78.89 -19.35
N SER AA 58 56.42 79.96 -19.27
CA SER AA 58 57.78 79.94 -18.75
C SER AA 58 57.80 80.27 -17.26
N LYS AA 59 59.00 80.57 -16.74
CA LYS AA 59 59.18 80.78 -15.30
C LYS AA 59 58.53 82.08 -14.85
N ASP AA 60 58.59 83.13 -15.66
CA ASP AA 60 58.00 84.42 -15.34
C ASP AA 60 56.50 84.48 -15.64
N TRP AA 61 55.86 83.33 -15.87
CA TRP AA 61 54.43 83.18 -16.15
C TRP AA 61 54.08 83.61 -17.56
N SER AA 62 55.08 83.92 -18.39
CA SER AA 62 54.82 84.33 -19.75
C SER AA 62 54.56 83.13 -20.64
N PHE AA 63 53.67 83.32 -21.61
CA PHE AA 63 53.20 82.25 -22.47
C PHE AA 63 54.08 82.13 -23.71
N TYR AA 64 54.19 80.90 -24.22
CA TYR AA 64 54.93 80.67 -25.45
C TYR AA 64 54.19 79.66 -26.31
N LEU AA 65 54.17 79.91 -27.62
CA LEU AA 65 53.48 79.09 -28.60
C LEU AA 65 54.33 78.99 -29.86
N LEU AA 66 54.19 77.88 -30.57
CA LEU AA 66 54.90 77.65 -31.82
C LEU AA 66 53.89 77.33 -32.91
N TYR AA 67 53.80 78.20 -33.91
CA TYR AA 67 52.93 78.00 -35.05
C TYR AA 67 53.80 77.55 -36.21
N TYR AA 68 53.37 76.50 -36.91
CA TYR AA 68 54.21 75.96 -37.96
C TYR AA 68 53.35 75.39 -39.09
N THR AA 69 53.96 75.34 -40.27
CA THR AA 69 53.37 74.72 -41.43
C THR AA 69 54.49 74.26 -42.35
N GLU AA 70 54.18 73.30 -43.21
CA GLU AA 70 55.15 72.83 -44.18
C GLU AA 70 55.16 73.77 -45.38
N PHE AA 71 56.35 74.00 -45.93
CA PHE AA 71 56.49 74.91 -47.06
C PHE AA 71 57.76 74.59 -47.83
N THR AA 72 57.83 75.11 -49.04
CA THR AA 72 59.02 75.00 -49.88
C THR AA 72 59.60 76.39 -50.09
N PRO AA 73 60.81 76.68 -49.60
CA PRO AA 73 61.34 78.04 -49.72
C PRO AA 73 61.77 78.36 -51.13
N THR AA 74 61.51 79.59 -51.54
CA THR AA 74 61.85 80.07 -52.87
C THR AA 74 62.50 81.44 -52.80
N GLU AA 75 63.48 81.67 -53.67
CA GLU AA 75 64.16 82.97 -53.69
C GLU AA 75 63.19 84.11 -53.96
N LYS AA 76 62.16 83.84 -54.77
CA LYS AA 76 61.18 84.83 -55.19
C LYS AA 76 60.11 85.09 -54.13
N ASP AA 77 59.79 84.08 -53.32
CA ASP AA 77 58.67 84.17 -52.40
C ASP AA 77 59.10 84.77 -51.07
N GLU AA 78 58.14 85.42 -50.40
CA GLU AA 78 58.33 85.99 -49.07
C GLU AA 78 57.38 85.32 -48.10
N TYR AA 79 57.84 85.13 -46.87
CA TYR AA 79 57.05 84.53 -45.82
C TYR AA 79 57.19 85.40 -44.59
N ALA AA 80 56.17 85.36 -43.73
CA ALA AA 80 56.16 86.22 -42.56
C ALA AA 80 55.18 85.68 -41.54
N CYS AA 81 55.23 86.28 -40.36
CA CYS AA 81 54.32 85.98 -39.27
C CYS AA 81 53.62 87.26 -38.83
N ARG AA 82 52.30 87.18 -38.71
CA ARG AA 82 51.49 88.30 -38.24
C ARG AA 82 50.92 87.94 -36.88
N VAL AA 83 51.28 88.72 -35.87
CA VAL AA 83 50.90 88.49 -34.48
C VAL AA 83 50.13 89.70 -33.99
N ASN AA 84 48.94 89.46 -33.47
CA ASN AA 84 48.09 90.50 -32.90
C ASN AA 84 47.88 90.23 -31.41
N HIS AA 85 47.97 91.30 -30.62
CA HIS AA 85 47.85 91.21 -29.17
C HIS AA 85 47.22 92.50 -28.65
N VAL AA 86 46.71 92.42 -27.42
CA VAL AA 86 46.05 93.59 -26.82
C VAL AA 86 47.04 94.72 -26.63
N THR AA 87 48.30 94.41 -26.32
CA THR AA 87 49.31 95.45 -26.13
C THR AA 87 49.68 96.12 -27.44
N LEU AA 88 49.36 95.51 -28.58
CA LEU AA 88 49.73 96.03 -29.88
C LEU AA 88 48.59 96.89 -30.41
N SER AA 89 48.89 98.15 -30.76
CA SER AA 89 47.86 99.01 -31.31
C SER AA 89 47.33 98.48 -32.65
N GLN AA 90 48.21 97.93 -33.46
CA GLN AA 90 47.89 97.34 -34.77
C GLN AA 90 48.63 96.02 -34.87
N PRO AA 91 48.13 95.08 -35.69
CA PRO AA 91 48.84 93.80 -35.83
C PRO AA 91 50.27 94.00 -36.33
N LYS AA 92 51.15 93.15 -35.83
CA LYS AA 92 52.58 93.20 -36.14
C LYS AA 92 52.96 92.06 -37.06
N ILE AA 93 53.67 92.39 -38.14
CA ILE AA 93 54.14 91.41 -39.13
C ILE AA 93 55.65 91.35 -39.04
N VAL AA 94 56.19 90.13 -39.01
CA VAL AA 94 57.63 89.90 -38.97
C VAL AA 94 58.00 89.03 -40.16
N LYS AA 95 58.88 89.54 -41.01
CA LYS AA 95 59.28 88.83 -42.22
C LYS AA 95 60.33 87.77 -41.90
N TRP AA 96 60.39 86.76 -42.74
CA TRP AA 96 61.31 85.64 -42.54
C TRP AA 96 62.68 85.96 -43.12
N ASP AA 97 63.70 85.89 -42.28
CA ASP AA 97 65.09 86.01 -42.69
C ASP AA 97 65.74 84.67 -42.48
N ARG AA 98 66.22 84.05 -43.55
CA ARG AA 98 66.84 82.74 -43.46
C ARG AA 98 68.16 82.78 -42.70
N ASP AA 99 68.74 83.96 -42.55
CA ASP AA 99 69.97 84.17 -41.81
C ASP AA 99 69.76 84.44 -40.33
N MET AA 100 68.52 84.45 -39.86
CA MET AA 100 68.23 84.67 -38.45
C MET AA 100 67.22 83.65 -37.93
N GLY BA 1 -59.00 -30.15 -5.15
CA GLY BA 1 -59.66 -28.86 -5.16
C GLY BA 1 -61.08 -28.91 -4.65
N SER BA 2 -61.97 -28.20 -5.34
CA SER BA 2 -63.38 -28.16 -4.99
C SER BA 2 -64.11 -29.30 -5.68
N HIS BA 3 -65.01 -29.95 -4.94
CA HIS BA 3 -65.76 -31.08 -5.46
C HIS BA 3 -67.25 -30.77 -5.41
N SER BA 4 -68.02 -31.46 -6.25
CA SER BA 4 -69.45 -31.23 -6.32
C SER BA 4 -70.17 -32.53 -6.66
N MET BA 5 -71.42 -32.62 -6.23
CA MET BA 5 -72.34 -33.67 -6.64
C MET BA 5 -73.58 -33.02 -7.22
N ARG BA 6 -73.98 -33.46 -8.41
CA ARG BA 6 -75.10 -32.84 -9.09
C ARG BA 6 -76.02 -33.90 -9.66
N TYR BA 7 -77.32 -33.63 -9.62
CA TYR BA 7 -78.34 -34.49 -10.20
C TYR BA 7 -79.10 -33.73 -11.27
N PHE BA 8 -79.27 -34.34 -12.42
CA PHE BA 8 -79.96 -33.74 -13.55
C PHE BA 8 -81.18 -34.59 -13.88
N PHE BA 9 -82.36 -33.96 -13.88
CA PHE BA 9 -83.60 -34.65 -14.17
C PHE BA 9 -84.21 -34.04 -15.41
N THR BA 10 -84.64 -34.90 -16.33
CA THR BA 10 -85.34 -34.46 -17.53
C THR BA 10 -86.59 -35.31 -17.70
N SER BA 11 -87.72 -34.64 -17.85
CA SER BA 11 -88.99 -35.31 -18.08
C SER BA 11 -89.64 -34.65 -19.30
N VAL BA 12 -89.92 -35.45 -20.31
CA VAL BA 12 -90.49 -34.97 -21.56
C VAL BA 12 -91.83 -35.68 -21.74
N SER BA 13 -92.86 -34.91 -22.08
CA SER BA 13 -94.20 -35.47 -22.18
C SER BA 13 -94.46 -35.90 -23.62
N ARG BA 14 -94.93 -37.14 -23.78
CA ARG BA 14 -95.33 -37.67 -25.07
C ARG BA 14 -96.84 -37.76 -25.11
N PRO BA 15 -97.52 -36.87 -25.84
CA PRO BA 15 -98.99 -36.81 -25.79
C PRO BA 15 -99.63 -37.97 -26.54
N GLY BA 16 -100.38 -38.79 -25.81
CA GLY BA 16 -101.18 -39.84 -26.42
C GLY BA 16 -100.41 -41.04 -26.92
N ARG BA 17 -99.13 -41.16 -26.58
CA ARG BA 17 -98.34 -42.32 -26.97
C ARG BA 17 -97.66 -42.96 -25.76
N GLY BA 18 -98.30 -42.92 -24.59
CA GLY BA 18 -97.78 -43.56 -23.40
C GLY BA 18 -97.47 -42.54 -22.32
N GLU BA 19 -96.52 -42.90 -21.45
CA GLU BA 19 -96.12 -42.07 -20.32
C GLU BA 19 -94.98 -41.16 -20.73
N PRO BA 20 -94.59 -40.21 -19.87
CA PRO BA 20 -93.47 -39.35 -20.21
C PRO BA 20 -92.13 -40.03 -19.97
N ARG BA 21 -91.17 -39.71 -20.83
CA ARG BA 21 -89.84 -40.25 -20.66
C ARG BA 21 -89.12 -39.48 -19.56
N PHE BA 22 -88.50 -40.21 -18.64
CA PHE BA 22 -87.83 -39.60 -17.50
C PHE BA 22 -86.40 -40.11 -17.45
N ILE BA 23 -85.45 -39.18 -17.46
CA ILE BA 23 -84.03 -39.49 -17.35
C ILE BA 23 -83.48 -38.78 -16.13
N ALA BA 24 -82.73 -39.52 -15.32
CA ALA BA 24 -82.09 -38.99 -14.13
C ALA BA 24 -80.63 -39.40 -14.18
N VAL BA 25 -79.74 -38.45 -13.94
CA VAL BA 25 -78.31 -38.73 -13.92
C VAL BA 25 -77.67 -38.03 -12.73
N GLY BA 26 -76.68 -38.69 -12.14
CA GLY BA 26 -75.96 -38.15 -11.00
C GLY BA 26 -74.49 -38.05 -11.32
N TYR BA 27 -73.88 -36.92 -10.98
CA TYR BA 27 -72.47 -36.68 -11.25
C TYR BA 27 -71.76 -36.34 -9.96
N VAL BA 28 -70.55 -36.87 -9.81
CA VAL BA 28 -69.58 -36.42 -8.82
C VAL BA 28 -68.40 -35.89 -9.59
N ASP BA 29 -68.12 -34.59 -9.46
CA ASP BA 29 -67.12 -33.88 -10.28
C ASP BA 29 -67.58 -34.01 -11.72
N ASP BA 30 -66.79 -34.60 -12.62
CA ASP BA 30 -67.21 -34.80 -14.00
C ASP BA 30 -67.45 -36.26 -14.34
N THR BA 31 -67.62 -37.11 -13.32
CA THR BA 31 -67.83 -38.53 -13.50
C THR BA 31 -69.28 -38.87 -13.17
N GLN BA 32 -69.93 -39.60 -14.07
CA GLN BA 32 -71.31 -40.05 -13.88
C GLN BA 32 -71.30 -41.43 -13.23
N PHE BA 33 -72.05 -41.57 -12.13
CA PHE BA 33 -72.06 -42.82 -11.36
C PHE BA 33 -73.42 -43.48 -11.24
N VAL BA 34 -74.52 -42.79 -11.52
CA VAL BA 34 -75.85 -43.36 -11.42
C VAL BA 34 -76.74 -42.82 -12.53
N ARG BA 35 -77.73 -43.61 -12.92
CA ARG BA 35 -78.69 -43.21 -13.93
C ARG BA 35 -80.00 -43.94 -13.69
N PHE BA 36 -81.09 -43.34 -14.18
CA PHE BA 36 -82.40 -43.97 -14.15
C PHE BA 36 -83.17 -43.61 -15.41
N ASP BA 37 -83.77 -44.61 -16.05
CA ASP BA 37 -84.57 -44.41 -17.25
C ASP BA 37 -85.94 -45.00 -17.02
N SER BA 38 -86.99 -44.22 -17.33
CA SER BA 38 -88.36 -44.70 -17.17
C SER BA 38 -88.68 -45.79 -18.18
N ASP BA 39 -88.01 -45.81 -19.33
CA ASP BA 39 -88.20 -46.82 -20.36
C ASP BA 39 -87.18 -47.94 -20.28
N ALA BA 40 -86.38 -47.99 -19.22
CA ALA BA 40 -85.42 -49.06 -19.05
C ALA BA 40 -86.13 -50.31 -18.54
N ALA BA 41 -85.69 -51.47 -19.02
CA ALA BA 41 -86.31 -52.72 -18.61
C ALA BA 41 -86.09 -52.98 -17.12
N SER BA 42 -84.94 -52.57 -16.58
CA SER BA 42 -84.64 -52.81 -15.18
C SER BA 42 -85.63 -52.08 -14.28
N GLN BA 43 -86.00 -50.85 -14.65
CA GLN BA 43 -86.87 -49.97 -13.84
C GLN BA 43 -86.25 -49.70 -12.49
N ARG BA 44 -84.91 -49.66 -12.44
CA ARG BA 44 -84.17 -49.45 -11.20
C ARG BA 44 -83.05 -48.46 -11.46
N MET BA 45 -82.52 -47.92 -10.37
CA MET BA 45 -81.34 -47.05 -10.44
C MET BA 45 -80.09 -47.89 -10.72
N GLU BA 46 -79.45 -47.63 -11.87
CA GLU BA 46 -78.33 -48.46 -12.24
C GLU BA 46 -77.02 -47.73 -11.97
N PRO BA 47 -75.94 -48.46 -11.67
CA PRO BA 47 -74.65 -47.81 -11.45
C PRO BA 47 -73.89 -47.64 -12.76
N ARG BA 48 -73.23 -46.50 -12.90
CA ARG BA 48 -72.45 -46.22 -14.10
C ARG BA 48 -70.96 -46.09 -13.83
N ALA BA 49 -70.54 -46.11 -12.57
CA ALA BA 49 -69.14 -46.03 -12.18
C ALA BA 49 -68.79 -47.19 -11.26
N PRO BA 50 -67.58 -47.72 -11.37
CA PRO BA 50 -67.23 -48.90 -10.56
C PRO BA 50 -67.23 -48.63 -9.06
N TRP BA 51 -66.81 -47.44 -8.64
CA TRP BA 51 -66.66 -47.18 -7.21
C TRP BA 51 -68.00 -47.13 -6.49
N ILE BA 52 -69.08 -46.79 -7.18
CA ILE BA 52 -70.39 -46.79 -6.53
C ILE BA 52 -71.00 -48.19 -6.47
N GLU BA 53 -70.55 -49.11 -7.33
CA GLU BA 53 -71.12 -50.44 -7.41
C GLU BA 53 -70.97 -51.23 -6.11
N GLN BA 54 -69.97 -50.91 -5.29
CA GLN BA 54 -69.72 -51.62 -4.05
C GLN BA 54 -70.67 -51.20 -2.92
N GLU BA 55 -71.80 -50.56 -3.23
CA GLU BA 55 -72.77 -50.18 -2.22
C GLU BA 55 -73.75 -51.32 -1.94
N GLY BA 56 -74.27 -51.34 -0.72
CA GLY BA 56 -75.17 -52.38 -0.29
C GLY BA 56 -76.54 -52.29 -0.94
N PRO BA 57 -77.29 -53.39 -0.89
CA PRO BA 57 -78.64 -53.39 -1.49
C PRO BA 57 -79.61 -52.43 -0.82
N GLU BA 58 -79.37 -52.06 0.44
CA GLU BA 58 -80.23 -51.06 1.07
C GLU BA 58 -80.15 -49.72 0.35
N TYR BA 59 -78.96 -49.36 -0.12
CA TYR BA 59 -78.80 -48.10 -0.84
C TYR BA 59 -79.59 -48.13 -2.15
N TRP BA 60 -79.39 -49.16 -2.96
CA TRP BA 60 -80.06 -49.23 -4.26
C TRP BA 60 -81.58 -49.34 -4.12
N ASP BA 61 -82.06 -50.09 -3.12
CA ASP BA 61 -83.51 -50.17 -2.93
C ASP BA 61 -84.07 -48.80 -2.57
N GLY BA 62 -83.35 -48.06 -1.73
CA GLY BA 62 -83.77 -46.71 -1.38
C GLY BA 62 -83.68 -45.74 -2.54
N GLU BA 63 -82.58 -45.80 -3.30
CA GLU BA 63 -82.40 -44.89 -4.43
C GLU BA 63 -83.45 -45.15 -5.51
N THR BA 64 -83.78 -46.42 -5.76
CA THR BA 64 -84.83 -46.74 -6.72
C THR BA 64 -86.17 -46.18 -6.25
N ARG BA 65 -86.39 -46.17 -4.93
CA ARG BA 65 -87.65 -45.68 -4.37
C ARG BA 65 -87.83 -44.19 -4.64
N LYS BA 66 -86.78 -43.39 -4.41
CA LYS BA 66 -86.92 -41.94 -4.54
C LYS BA 66 -87.00 -41.50 -5.99
N VAL BA 67 -86.22 -42.13 -6.88
CA VAL BA 67 -86.20 -41.71 -8.28
C VAL BA 67 -87.57 -41.93 -8.91
N LYS BA 68 -88.23 -43.05 -8.59
CA LYS BA 68 -89.58 -43.27 -9.09
C LYS BA 68 -90.54 -42.22 -8.57
N ALA BA 69 -90.40 -41.86 -7.29
CA ALA BA 69 -91.21 -40.79 -6.72
C ALA BA 69 -90.95 -39.46 -7.40
N HIS BA 70 -89.67 -39.15 -7.67
CA HIS BA 70 -89.35 -37.94 -8.40
C HIS BA 70 -89.91 -37.99 -9.81
N SER BA 71 -89.89 -39.17 -10.44
CA SER BA 71 -90.47 -39.31 -11.76
C SER BA 71 -91.97 -39.02 -11.74
N GLN BA 72 -92.66 -39.52 -10.72
CA GLN BA 72 -94.08 -39.21 -10.56
C GLN BA 72 -94.30 -37.72 -10.26
N THR BA 73 -93.37 -37.11 -9.54
CA THR BA 73 -93.46 -35.67 -9.26
C THR BA 73 -93.46 -34.84 -10.54
N HIS BA 74 -92.48 -35.07 -11.40
CA HIS BA 74 -92.35 -34.25 -12.60
C HIS BA 74 -93.43 -34.54 -13.62
N ARG BA 75 -93.99 -35.74 -13.62
CA ARG BA 75 -95.13 -36.03 -14.48
C ARG BA 75 -96.35 -35.22 -14.08
N VAL BA 76 -96.57 -35.03 -12.79
CA VAL BA 76 -97.65 -34.14 -12.34
C VAL BA 76 -97.31 -32.70 -12.70
N ASP BA 77 -96.02 -32.33 -12.60
CA ASP BA 77 -95.60 -30.98 -12.94
C ASP BA 77 -95.89 -30.64 -14.40
N LEU BA 78 -95.69 -31.61 -15.29
CA LEU BA 78 -95.98 -31.38 -16.70
C LEU BA 78 -97.45 -31.05 -16.92
N GLY BA 79 -98.35 -31.79 -16.27
CA GLY BA 79 -99.76 -31.48 -16.37
C GLY BA 79 -100.11 -30.16 -15.71
N THR BA 80 -99.54 -29.89 -14.54
CA THR BA 80 -99.81 -28.65 -13.82
C THR BA 80 -99.33 -27.44 -14.61
N LEU BA 81 -98.12 -27.53 -15.18
CA LEU BA 81 -97.59 -26.42 -15.96
C LEU BA 81 -98.37 -26.18 -17.23
N ARG BA 82 -99.03 -27.22 -17.75
CA ARG BA 82 -99.90 -27.03 -18.91
C ARG BA 82 -101.11 -26.17 -18.56
N GLY BA 83 -101.63 -26.32 -17.34
CA GLY BA 83 -102.75 -25.50 -16.93
C GLY BA 83 -102.35 -24.05 -16.67
N TYR BA 84 -101.15 -23.85 -16.11
CA TYR BA 84 -100.71 -22.50 -15.76
C TYR BA 84 -100.63 -21.61 -16.99
N TYR BA 85 -100.07 -22.13 -18.08
CA TYR BA 85 -99.83 -21.36 -19.29
C TYR BA 85 -100.97 -21.49 -20.30
N ASN BA 86 -102.06 -22.15 -19.95
CA ASN BA 86 -103.21 -22.34 -20.84
C ASN BA 86 -102.81 -23.08 -22.12
N GLN BA 87 -101.86 -24.00 -22.00
CA GLN BA 87 -101.36 -24.73 -23.15
C GLN BA 87 -102.24 -25.93 -23.46
N SER BA 88 -102.37 -26.24 -24.75
CA SER BA 88 -103.16 -27.37 -25.18
C SER BA 88 -102.49 -28.69 -24.78
N GLU BA 89 -103.30 -29.73 -24.68
CA GLU BA 89 -102.80 -31.05 -24.29
C GLU BA 89 -102.10 -31.77 -25.45
N ALA BA 90 -102.12 -31.20 -26.65
CA ALA BA 90 -101.54 -31.88 -27.80
C ALA BA 90 -100.03 -31.66 -27.92
N GLY BA 91 -99.48 -30.67 -27.24
CA GLY BA 91 -98.06 -30.36 -27.37
C GLY BA 91 -97.19 -31.18 -26.44
N SER BA 92 -95.98 -31.48 -26.92
CA SER BA 92 -94.97 -32.16 -26.11
C SER BA 92 -94.07 -31.11 -25.47
N HIS BA 93 -93.93 -31.20 -24.14
CA HIS BA 93 -93.19 -30.20 -23.37
C HIS BA 93 -92.18 -30.89 -22.47
N THR BA 94 -91.13 -30.15 -22.13
CA THR BA 94 -90.02 -30.68 -21.34
C THR BA 94 -89.91 -29.91 -20.04
N VAL BA 95 -89.67 -30.63 -18.95
CA VAL BA 95 -89.37 -30.04 -17.65
C VAL BA 95 -88.03 -30.57 -17.17
N GLN BA 96 -87.22 -29.68 -16.60
CA GLN BA 96 -85.88 -30.02 -16.14
C GLN BA 96 -85.64 -29.46 -14.75
N ARG BA 97 -84.87 -30.20 -13.97
CA ARG BA 97 -84.50 -29.84 -12.60
C ARG BA 97 -83.01 -30.06 -12.43
N MET BA 98 -82.38 -29.16 -11.67
CA MET BA 98 -80.97 -29.32 -11.33
C MET BA 98 -80.77 -28.85 -9.89
N TYR BA 99 -80.19 -29.71 -9.06
CA TYR BA 99 -79.81 -29.32 -7.72
C TYR BA 99 -78.42 -29.89 -7.45
N GLY BA 100 -77.64 -29.16 -6.68
CA GLY BA 100 -76.28 -29.60 -6.44
C GLY BA 100 -75.70 -28.94 -5.21
N CYS BA 101 -74.52 -29.43 -4.86
CA CYS BA 101 -73.79 -28.98 -3.68
C CYS BA 101 -72.34 -28.80 -4.09
N ASP BA 102 -71.69 -27.80 -3.51
CA ASP BA 102 -70.28 -27.54 -3.77
C ASP BA 102 -69.53 -27.64 -2.45
N VAL BA 103 -68.34 -28.25 -2.50
CA VAL BA 103 -67.50 -28.38 -1.32
C VAL BA 103 -66.11 -27.81 -1.62
N GLY BA 104 -65.47 -27.26 -0.59
CA GLY BA 104 -64.14 -26.71 -0.71
C GLY BA 104 -63.05 -27.75 -0.52
N SER BA 105 -61.81 -27.26 -0.47
CA SER BA 105 -60.66 -28.13 -0.22
C SER BA 105 -60.70 -28.76 1.17
N ASP BA 106 -61.27 -28.05 2.15
CA ASP BA 106 -61.39 -28.58 3.50
C ASP BA 106 -62.41 -29.71 3.62
N TRP BA 107 -63.22 -29.93 2.57
CA TRP BA 107 -64.23 -30.98 2.54
C TRP BA 107 -65.43 -30.58 3.37
N ARG BA 108 -65.76 -29.28 3.38
CA ARG BA 108 -66.92 -28.77 4.08
C ARG BA 108 -67.77 -27.97 3.10
N PHE BA 109 -69.02 -27.70 3.51
CA PHE BA 109 -70.01 -27.11 2.60
C PHE BA 109 -69.56 -25.76 2.06
N LEU BA 110 -69.83 -25.52 0.77
CA LEU BA 110 -69.50 -24.27 0.12
C LEU BA 110 -70.70 -23.60 -0.55
N ARG BA 111 -71.48 -24.36 -1.33
CA ARG BA 111 -72.51 -23.76 -2.17
C ARG BA 111 -73.59 -24.77 -2.48
N GLY BA 112 -74.76 -24.26 -2.86
CA GLY BA 112 -75.89 -25.11 -3.18
C GLY BA 112 -76.69 -24.56 -4.34
N TYR BA 113 -77.34 -25.47 -5.06
CA TYR BA 113 -78.15 -25.13 -6.24
C TYR BA 113 -79.47 -25.88 -6.19
N HIS BA 114 -80.56 -25.19 -6.54
CA HIS BA 114 -81.82 -25.84 -6.84
C HIS BA 114 -82.50 -25.02 -7.92
N GLN BA 115 -82.73 -25.61 -9.11
CA GLN BA 115 -83.31 -24.87 -10.21
C GLN BA 115 -84.32 -25.73 -10.97
N TYR BA 116 -85.26 -25.04 -11.63
CA TYR BA 116 -86.32 -25.65 -12.41
C TYR BA 116 -86.43 -24.97 -13.77
N ALA BA 117 -86.85 -25.74 -14.78
CA ALA BA 117 -86.98 -25.22 -16.13
C ALA BA 117 -88.18 -25.85 -16.82
N TYR BA 118 -88.90 -25.02 -17.58
CA TYR BA 118 -90.05 -25.48 -18.37
C TYR BA 118 -89.88 -25.02 -19.80
N ASP BA 119 -89.86 -25.98 -20.73
CA ASP BA 119 -89.77 -25.71 -22.17
C ASP BA 119 -88.51 -24.92 -22.50
N GLY BA 120 -87.41 -25.20 -21.81
CA GLY BA 120 -86.15 -24.58 -22.12
C GLY BA 120 -85.97 -23.19 -21.57
N LYS BA 121 -86.85 -22.74 -20.67
CA LYS BA 121 -86.75 -21.44 -20.04
C LYS BA 121 -86.72 -21.61 -18.53
N ASP BA 122 -86.08 -20.67 -17.86
CA ASP BA 122 -86.09 -20.68 -16.40
C ASP BA 122 -87.51 -20.53 -15.90
N TYR BA 123 -87.88 -21.33 -14.91
CA TYR BA 123 -89.21 -21.27 -14.31
C TYR BA 123 -89.10 -20.76 -12.87
N ILE BA 124 -88.58 -21.58 -11.96
CA ILE BA 124 -88.34 -21.16 -10.59
C ILE BA 124 -86.98 -21.68 -10.16
N ALA BA 125 -86.22 -20.84 -9.47
CA ALA BA 125 -84.88 -21.21 -9.05
C ALA BA 125 -84.67 -20.74 -7.61
N LEU BA 126 -83.83 -21.48 -6.89
CA LEU BA 126 -83.51 -21.14 -5.52
C LEU BA 126 -82.29 -20.23 -5.48
N LYS BA 127 -82.39 -19.14 -4.72
CA LYS BA 127 -81.27 -18.22 -4.63
C LYS BA 127 -80.13 -18.86 -3.86
N GLU BA 128 -78.99 -18.15 -3.80
CA GLU BA 128 -77.81 -18.73 -3.19
C GLU BA 128 -77.92 -18.80 -1.68
N ASP BA 129 -78.60 -17.84 -1.05
CA ASP BA 129 -78.81 -17.89 0.39
C ASP BA 129 -79.62 -19.11 0.81
N LEU BA 130 -80.33 -19.74 -0.13
CA LEU BA 130 -81.13 -20.94 0.10
C LEU BA 130 -82.40 -20.63 0.87
N ARG BA 131 -82.81 -19.36 0.88
CA ARG BA 131 -83.98 -18.93 1.63
C ARG BA 131 -84.96 -18.11 0.79
N SER BA 132 -84.65 -17.84 -0.47
CA SER BA 132 -85.48 -17.02 -1.34
C SER BA 132 -85.61 -17.70 -2.69
N TRP BA 133 -86.64 -17.32 -3.43
CA TRP BA 133 -86.93 -17.90 -4.74
C TRP BA 133 -86.98 -16.80 -5.79
N THR BA 134 -86.57 -17.15 -7.01
CA THR BA 134 -86.65 -16.25 -8.15
C THR BA 134 -87.65 -16.82 -9.15
N ALA BA 135 -88.67 -16.04 -9.48
CA ALA BA 135 -89.75 -16.47 -10.36
C ALA BA 135 -89.64 -15.76 -11.70
N ALA BA 136 -89.62 -16.55 -12.78
CA ALA BA 136 -89.44 -15.99 -14.12
C ALA BA 136 -90.64 -15.16 -14.55
N ASP BA 137 -91.85 -15.70 -14.39
CA ASP BA 137 -93.06 -15.06 -14.91
C ASP BA 137 -94.21 -15.26 -13.91
N MET BA 138 -95.41 -14.93 -14.36
CA MET BA 138 -96.60 -15.01 -13.50
C MET BA 138 -96.84 -16.44 -13.02
N ALA BA 139 -96.74 -17.42 -13.93
CA ALA BA 139 -96.97 -18.80 -13.54
C ALA BA 139 -95.97 -19.25 -12.48
N ALA BA 140 -94.71 -18.78 -12.57
CA ALA BA 140 -93.73 -19.15 -11.58
C ALA BA 140 -94.02 -18.55 -10.21
N GLN BA 141 -94.66 -17.37 -10.17
CA GLN BA 141 -94.96 -16.77 -8.87
C GLN BA 141 -95.98 -17.60 -8.11
N THR BA 142 -96.92 -18.23 -8.82
CA THR BA 142 -97.90 -19.10 -8.16
C THR BA 142 -97.21 -20.26 -7.46
N THR BA 143 -96.22 -20.86 -8.12
CA THR BA 143 -95.47 -21.94 -7.49
C THR BA 143 -94.62 -21.42 -6.33
N LYS BA 144 -94.12 -20.18 -6.44
CA LYS BA 144 -93.30 -19.62 -5.38
C LYS BA 144 -94.09 -19.51 -4.07
N HIS BA 145 -95.33 -19.02 -4.15
CA HIS BA 145 -96.13 -18.83 -2.95
C HIS BA 145 -96.44 -20.16 -2.26
N LYS BA 146 -96.77 -21.19 -3.03
CA LYS BA 146 -96.99 -22.49 -2.41
C LYS BA 146 -95.73 -23.00 -1.75
N TRP BA 147 -94.59 -22.85 -2.44
CA TRP BA 147 -93.31 -23.31 -1.89
C TRP BA 147 -92.90 -22.46 -0.69
N GLU BA 148 -93.22 -21.17 -0.70
CA GLU BA 148 -92.93 -20.33 0.47
C GLU BA 148 -93.75 -20.78 1.68
N ALA BA 149 -95.04 -21.04 1.47
CA ALA BA 149 -95.90 -21.45 2.58
C ALA BA 149 -95.51 -22.82 3.11
N ALA BA 150 -95.11 -23.74 2.22
CA ALA BA 150 -94.78 -25.10 2.62
C ALA BA 150 -93.37 -25.25 3.18
N HIS BA 151 -92.62 -24.15 3.30
CA HIS BA 151 -91.26 -24.16 3.84
C HIS BA 151 -90.35 -25.11 3.07
N VAL BA 152 -90.49 -25.11 1.73
CA VAL BA 152 -89.68 -25.97 0.88
C VAL BA 152 -88.21 -25.57 0.92
N ALA BA 153 -87.94 -24.26 0.99
CA ALA BA 153 -86.55 -23.80 0.97
C ALA BA 153 -85.76 -24.39 2.13
N GLU BA 154 -86.40 -24.50 3.30
CA GLU BA 154 -85.72 -25.02 4.48
C GLU BA 154 -85.39 -26.50 4.32
N GLN BA 155 -86.28 -27.26 3.68
CA GLN BA 155 -86.02 -28.69 3.48
C GLN BA 155 -84.88 -28.91 2.50
N LEU BA 156 -84.81 -28.13 1.43
CA LEU BA 156 -83.71 -28.26 0.49
C LEU BA 156 -82.40 -27.80 1.11
N ARG BA 157 -82.43 -26.71 1.88
CA ARG BA 157 -81.23 -26.22 2.53
C ARG BA 157 -80.65 -27.26 3.47
N ALA BA 158 -81.51 -28.03 4.15
CA ALA BA 158 -81.04 -29.10 5.02
C ALA BA 158 -80.36 -30.21 4.23
N TYR BA 159 -80.88 -30.54 3.05
CA TYR BA 159 -80.30 -31.60 2.23
C TYR BA 159 -78.94 -31.21 1.70
N LEU BA 160 -78.83 -30.01 1.10
CA LEU BA 160 -77.58 -29.59 0.48
C LEU BA 160 -76.50 -29.34 1.52
N GLU BA 161 -76.82 -28.63 2.59
CA GLU BA 161 -75.82 -28.27 3.59
C GLU BA 161 -75.37 -29.48 4.42
N GLY BA 162 -76.22 -30.49 4.54
CA GLY BA 162 -75.86 -31.62 5.38
C GLY BA 162 -75.87 -32.95 4.68
N THR BA 163 -76.99 -33.32 4.08
CA THR BA 163 -77.13 -34.66 3.51
C THR BA 163 -76.18 -34.88 2.34
N CYS BA 164 -76.09 -33.92 1.41
CA CYS BA 164 -75.18 -34.08 0.28
C CYS BA 164 -73.74 -34.14 0.75
N VAL BA 165 -73.34 -33.19 1.61
CA VAL BA 165 -71.94 -33.09 2.02
C VAL BA 165 -71.48 -34.38 2.68
N GLU BA 166 -72.35 -34.99 3.49
CA GLU BA 166 -71.99 -36.25 4.13
C GLU BA 166 -71.81 -37.35 3.10
N TRP BA 167 -72.75 -37.46 2.15
CA TRP BA 167 -72.65 -38.50 1.13
C TRP BA 167 -71.61 -38.17 0.06
N LEU BA 168 -71.44 -36.89 -0.27
CA LEU BA 168 -70.39 -36.53 -1.23
C LEU BA 168 -69.01 -36.88 -0.68
N ARG BA 169 -68.78 -36.59 0.61
CA ARG BA 169 -67.51 -36.96 1.23
C ARG BA 169 -67.32 -38.47 1.20
N ARG BA 170 -68.39 -39.22 1.48
CA ARG BA 170 -68.33 -40.67 1.44
C ARG BA 170 -67.97 -41.16 0.04
N TYR BA 171 -68.53 -40.52 -0.99
CA TYR BA 171 -68.22 -40.93 -2.36
C TYR BA 171 -66.75 -40.75 -2.69
N LEU BA 172 -66.14 -39.63 -2.27
CA LEU BA 172 -64.73 -39.41 -2.56
C LEU BA 172 -63.85 -40.48 -1.92
N GLU BA 173 -64.14 -40.82 -0.67
CA GLU BA 173 -63.36 -41.84 0.03
C GLU BA 173 -63.61 -43.22 -0.57
N ASN BA 174 -64.86 -43.51 -0.95
CA ASN BA 174 -65.17 -44.80 -1.53
C ASN BA 174 -64.51 -44.99 -2.90
N GLY BA 175 -64.37 -43.91 -3.66
CA GLY BA 175 -63.73 -43.97 -4.96
C GLY BA 175 -62.49 -43.11 -5.04
N LYS BA 176 -61.54 -43.34 -4.14
CA LYS BA 176 -60.34 -42.49 -4.08
C LYS BA 176 -59.50 -42.64 -5.34
N GLU BA 177 -59.38 -43.87 -5.86
CA GLU BA 177 -58.54 -44.10 -7.03
C GLU BA 177 -59.15 -43.52 -8.29
N THR BA 178 -60.48 -43.45 -8.38
CA THR BA 178 -61.13 -43.09 -9.63
C THR BA 178 -61.38 -41.59 -9.78
N LEU BA 179 -61.76 -40.89 -8.71
CA LEU BA 179 -62.13 -39.48 -8.84
C LEU BA 179 -61.20 -38.53 -8.10
N GLN BA 180 -60.29 -39.04 -7.26
CA GLN BA 180 -59.29 -38.18 -6.66
C GLN BA 180 -58.00 -38.16 -7.46
N ARG BA 181 -57.95 -38.90 -8.56
CA ARG BA 181 -56.80 -38.81 -9.44
C ARG BA 181 -56.92 -37.55 -10.28
N THR BA 182 -55.77 -37.05 -10.72
CA THR BA 182 -55.75 -35.94 -11.66
C THR BA 182 -54.82 -36.34 -12.81
N ASP BA 183 -55.31 -36.18 -14.03
CA ASP BA 183 -54.60 -36.61 -15.22
C ASP BA 183 -54.09 -35.41 -16.01
N ALA BA 184 -52.78 -35.33 -16.17
CA ALA BA 184 -52.19 -34.24 -16.92
C ALA BA 184 -52.45 -34.47 -18.41
N PRO BA 185 -52.63 -33.40 -19.17
CA PRO BA 185 -52.95 -33.56 -20.60
C PRO BA 185 -51.79 -34.16 -21.38
N LYS BA 186 -52.15 -34.83 -22.48
CA LYS BA 186 -51.18 -35.37 -23.42
C LYS BA 186 -51.13 -34.42 -24.61
N THR BA 187 -50.06 -33.64 -24.68
CA THR BA 187 -49.99 -32.51 -25.58
C THR BA 187 -49.14 -32.83 -26.82
N HIS BA 188 -49.57 -32.29 -27.96
CA HIS BA 188 -48.80 -32.36 -29.19
C HIS BA 188 -49.29 -31.23 -30.09
N MET BA 189 -48.51 -30.97 -31.14
CA MET BA 189 -48.76 -29.84 -32.02
C MET BA 189 -48.76 -30.31 -33.46
N THR BA 190 -49.66 -29.75 -34.27
CA THR BA 190 -49.74 -30.12 -35.67
C THR BA 190 -49.71 -28.86 -36.53
N HIS BA 191 -49.25 -29.03 -37.78
CA HIS BA 191 -49.12 -27.92 -38.71
C HIS BA 191 -49.93 -28.24 -39.96
N HIS BA 192 -50.78 -27.29 -40.36
CA HIS BA 192 -51.59 -27.41 -41.56
C HIS BA 192 -51.43 -26.13 -42.36
N ALA BA 193 -51.19 -26.28 -43.66
CA ALA BA 193 -50.92 -25.14 -44.53
C ALA BA 193 -52.17 -24.82 -45.35
N VAL BA 194 -52.79 -23.68 -45.04
CA VAL BA 194 -53.95 -23.24 -45.81
C VAL BA 194 -53.47 -22.83 -47.20
N SER BA 195 -52.36 -22.09 -47.25
CA SER BA 195 -51.79 -21.60 -48.49
C SER BA 195 -50.29 -21.50 -48.28
N ASP BA 196 -49.58 -21.12 -49.35
CA ASP BA 196 -48.13 -20.99 -49.27
C ASP BA 196 -47.69 -19.87 -48.34
N HIS BA 197 -48.55 -18.88 -48.07
CA HIS BA 197 -48.14 -17.67 -47.37
C HIS BA 197 -48.68 -17.62 -45.95
N GLU BA 198 -49.71 -18.41 -45.62
CA GLU BA 198 -50.24 -18.45 -44.27
C GLU BA 198 -50.59 -19.89 -43.92
N ALA BA 199 -50.34 -20.27 -42.67
CA ALA BA 199 -50.57 -21.62 -42.18
C ALA BA 199 -51.36 -21.60 -40.88
N THR BA 200 -51.96 -22.75 -40.55
CA THR BA 200 -52.72 -22.90 -39.31
C THR BA 200 -51.93 -23.78 -38.34
N LEU BA 201 -51.85 -23.36 -37.08
CA LEU BA 201 -51.18 -24.10 -36.03
C LEU BA 201 -52.21 -24.62 -35.04
N ARG BA 202 -52.08 -25.89 -34.64
CA ARG BA 202 -53.03 -26.52 -33.74
C ARG BA 202 -52.35 -26.99 -32.46
N CYS BA 203 -52.92 -26.60 -31.32
CA CYS BA 203 -52.46 -27.00 -29.99
C CYS BA 203 -53.44 -28.03 -29.42
N TRP BA 204 -52.92 -29.21 -29.03
CA TRP BA 204 -53.75 -30.31 -28.57
C TRP BA 204 -53.51 -30.65 -27.11
N ALA BA 205 -54.60 -30.88 -26.38
CA ALA BA 205 -54.57 -31.40 -25.02
C ALA BA 205 -55.49 -32.62 -24.95
N LEU BA 206 -54.99 -33.74 -24.44
CA LEU BA 206 -55.72 -35.00 -24.44
C LEU BA 206 -55.51 -35.74 -23.14
N SER BA 207 -56.47 -36.64 -22.84
CA SER BA 207 -56.40 -37.55 -21.71
C SER BA 207 -56.17 -36.83 -20.39
N PHE BA 208 -57.02 -35.84 -20.10
CA PHE BA 208 -56.94 -35.10 -18.85
C PHE BA 208 -58.30 -35.06 -18.16
N TYR BA 209 -58.24 -35.06 -16.83
CA TYR BA 209 -59.40 -34.95 -15.94
C TYR BA 209 -59.00 -34.13 -14.72
N PRO BA 210 -59.83 -33.18 -14.28
CA PRO BA 210 -61.20 -32.79 -14.70
C PRO BA 210 -61.28 -32.08 -16.03
N ALA BA 211 -62.52 -31.79 -16.45
CA ALA BA 211 -62.76 -31.21 -17.77
C ALA BA 211 -62.25 -29.77 -17.87
N GLU BA 212 -62.29 -29.01 -16.77
CA GLU BA 212 -61.94 -27.59 -16.85
C GLU BA 212 -60.47 -27.43 -17.19
N ILE BA 213 -60.19 -26.62 -18.20
CA ILE BA 213 -58.82 -26.36 -18.64
C ILE BA 213 -58.79 -25.03 -19.36
N THR BA 214 -57.62 -24.40 -19.42
CA THR BA 214 -57.44 -23.15 -20.14
C THR BA 214 -56.32 -23.31 -21.15
N LEU BA 215 -56.61 -22.96 -22.40
CA LEU BA 215 -55.65 -23.01 -23.50
C LEU BA 215 -55.55 -21.61 -24.09
N THR BA 216 -54.33 -21.09 -24.18
CA THR BA 216 -54.10 -19.73 -24.64
C THR BA 216 -52.98 -19.69 -25.69
N TRP BA 217 -53.15 -18.79 -26.65
CA TRP BA 217 -52.18 -18.57 -27.71
C TRP BA 217 -51.50 -17.24 -27.47
N GLN BA 218 -50.17 -17.24 -27.50
CA GLN BA 218 -49.39 -16.03 -27.30
C GLN BA 218 -48.39 -15.86 -28.43
N ARG BA 219 -48.32 -14.65 -28.98
CA ARG BA 219 -47.34 -14.28 -29.99
C ARG BA 219 -46.36 -13.32 -29.33
N ASP BA 220 -45.10 -13.77 -29.19
CA ASP BA 220 -44.02 -12.99 -28.59
C ASP BA 220 -44.27 -12.72 -27.11
N GLY BA 221 -45.05 -13.58 -26.46
CA GLY BA 221 -45.40 -13.38 -25.07
C GLY BA 221 -46.56 -12.46 -24.84
N GLU BA 222 -47.42 -12.25 -25.84
CA GLU BA 222 -48.59 -11.40 -25.72
C GLU BA 222 -49.83 -12.23 -26.06
N ASP BA 223 -50.85 -12.13 -25.21
CA ASP BA 223 -52.05 -12.92 -25.42
C ASP BA 223 -52.69 -12.59 -26.76
N GLN BA 224 -52.90 -13.61 -27.58
CA GLN BA 224 -53.44 -13.48 -28.93
C GLN BA 224 -54.85 -14.05 -28.94
N THR BA 225 -55.82 -13.22 -29.31
CA THR BA 225 -57.23 -13.61 -29.32
C THR BA 225 -57.87 -12.99 -30.56
N GLN BA 226 -59.14 -13.34 -30.78
CA GLN BA 226 -59.91 -12.96 -31.97
C GLN BA 226 -59.34 -13.61 -33.23
N ASP BA 227 -58.04 -13.94 -33.23
CA ASP BA 227 -57.41 -14.65 -34.32
C ASP BA 227 -57.24 -16.13 -34.02
N THR BA 228 -57.84 -16.61 -32.94
CA THR BA 228 -57.69 -18.00 -32.51
C THR BA 228 -59.05 -18.71 -32.59
N GLU BA 229 -58.99 -20.03 -32.70
CA GLU BA 229 -60.18 -20.87 -32.69
C GLU BA 229 -60.17 -21.74 -31.45
N LEU BA 230 -61.31 -21.82 -30.77
CA LEU BA 230 -61.42 -22.59 -29.54
C LEU BA 230 -62.71 -23.41 -29.59
N VAL BA 231 -62.57 -24.72 -29.41
CA VAL BA 231 -63.68 -25.65 -29.44
C VAL BA 231 -64.13 -25.93 -28.01
N GLU BA 232 -65.41 -26.26 -27.85
CA GLU BA 232 -65.92 -26.67 -26.55
C GLU BA 232 -65.21 -27.95 -26.11
N THR BA 233 -64.94 -28.07 -24.82
CA THR BA 233 -64.29 -29.27 -24.32
C THR BA 233 -65.15 -30.49 -24.60
N ARG BA 234 -64.53 -31.56 -25.06
CA ARG BA 234 -65.26 -32.74 -25.50
C ARG BA 234 -64.88 -33.94 -24.66
N PRO BA 235 -65.83 -34.85 -24.42
CA PRO BA 235 -65.49 -36.10 -23.71
C PRO BA 235 -64.95 -37.13 -24.69
N ALA BA 236 -63.83 -37.76 -24.30
CA ALA BA 236 -63.23 -38.79 -25.14
C ALA BA 236 -64.03 -40.08 -25.13
N GLY BA 237 -64.80 -40.33 -24.07
CA GLY BA 237 -65.56 -41.55 -23.95
C GLY BA 237 -64.99 -42.58 -22.99
N ASP BA 238 -63.80 -42.33 -22.42
CA ASP BA 238 -63.21 -43.23 -21.44
C ASP BA 238 -63.04 -42.57 -20.08
N GLY BA 239 -63.75 -41.47 -19.83
CA GLY BA 239 -63.61 -40.71 -18.62
C GLY BA 239 -62.57 -39.61 -18.70
N THR BA 240 -61.95 -39.41 -19.85
CA THR BA 240 -60.98 -38.35 -20.07
C THR BA 240 -61.53 -37.40 -21.12
N PHE BA 241 -60.98 -36.19 -21.16
CA PHE BA 241 -61.48 -35.16 -22.06
C PHE BA 241 -60.38 -34.69 -23.00
N GLN BA 242 -60.81 -33.98 -24.05
CA GLN BA 242 -59.92 -33.46 -25.07
C GLN BA 242 -60.33 -32.03 -25.40
N LYS BA 243 -59.34 -31.23 -25.81
CA LYS BA 243 -59.58 -29.86 -26.24
C LYS BA 243 -58.42 -29.43 -27.11
N TRP BA 244 -58.69 -28.53 -28.05
CA TRP BA 244 -57.63 -28.01 -28.89
C TRP BA 244 -57.91 -26.56 -29.26
N ALA BA 245 -56.84 -25.83 -29.54
CA ALA BA 245 -56.87 -24.43 -29.92
C ALA BA 245 -56.03 -24.23 -31.18
N ALA BA 246 -56.50 -23.35 -32.07
CA ALA BA 246 -55.83 -23.09 -33.33
C ALA BA 246 -55.70 -21.60 -33.55
N VAL BA 247 -54.64 -21.20 -34.26
CA VAL BA 247 -54.37 -19.81 -34.58
C VAL BA 247 -53.85 -19.72 -36.01
N VAL BA 248 -54.22 -18.64 -36.70
CA VAL BA 248 -53.76 -18.41 -38.06
C VAL BA 248 -52.49 -17.57 -38.01
N VAL BA 249 -51.43 -18.06 -38.65
CA VAL BA 249 -50.11 -17.44 -38.61
C VAL BA 249 -49.56 -17.23 -40.02
N PRO BA 250 -48.94 -16.10 -40.32
CA PRO BA 250 -48.27 -15.95 -41.61
C PRO BA 250 -47.02 -16.82 -41.68
N SER BA 251 -46.72 -17.30 -42.89
CA SER BA 251 -45.61 -18.22 -43.08
C SER BA 251 -44.28 -17.60 -42.64
N GLY BA 252 -43.42 -18.43 -42.06
CA GLY BA 252 -42.13 -17.97 -41.59
C GLY BA 252 -42.14 -17.39 -40.20
N GLN BA 253 -43.30 -17.23 -39.59
CA GLN BA 253 -43.44 -16.69 -38.24
C GLN BA 253 -43.84 -17.75 -37.23
N GLU BA 254 -43.74 -19.04 -37.58
CA GLU BA 254 -44.14 -20.11 -36.67
C GLU BA 254 -43.34 -20.10 -35.38
N GLN BA 255 -42.09 -19.62 -35.42
CA GLN BA 255 -41.27 -19.61 -34.22
C GLN BA 255 -41.69 -18.54 -33.22
N ARG BA 256 -42.53 -17.59 -33.64
CA ARG BA 256 -42.94 -16.52 -32.74
C ARG BA 256 -44.02 -16.99 -31.75
N TYR BA 257 -44.97 -17.78 -32.22
CA TYR BA 257 -46.13 -18.14 -31.43
C TYR BA 257 -45.81 -19.22 -30.41
N THR BA 258 -46.52 -19.17 -29.29
CA THR BA 258 -46.34 -20.11 -28.19
C THR BA 258 -47.69 -20.52 -27.64
N CYS BA 259 -47.81 -21.78 -27.26
CA CYS BA 259 -49.02 -22.33 -26.66
C CYS BA 259 -48.81 -22.55 -25.16
N HIS BA 260 -49.75 -22.08 -24.35
CA HIS BA 260 -49.67 -22.16 -22.90
C HIS BA 260 -50.82 -23.00 -22.37
N VAL BA 261 -50.49 -24.03 -21.59
CA VAL BA 261 -51.47 -24.96 -21.04
C VAL BA 261 -51.50 -24.82 -19.53
N GLN BA 262 -52.69 -24.68 -18.96
CA GLN BA 262 -52.91 -24.63 -17.52
C GLN BA 262 -53.90 -25.71 -17.12
N HIS BA 263 -53.51 -26.57 -16.17
CA HIS BA 263 -54.39 -27.62 -15.69
C HIS BA 263 -53.94 -28.05 -14.31
N GLU BA 264 -54.88 -28.62 -13.56
CA GLU BA 264 -54.55 -29.08 -12.21
C GLU BA 264 -53.53 -30.22 -12.23
N GLY BA 265 -53.53 -31.01 -13.31
CA GLY BA 265 -52.58 -32.11 -13.45
C GLY BA 265 -51.16 -31.65 -13.67
N LEU BA 266 -50.97 -30.41 -14.12
CA LEU BA 266 -49.64 -29.91 -14.41
C LEU BA 266 -49.17 -29.09 -13.22
N PRO BA 267 -48.05 -29.46 -12.59
CA PRO BA 267 -47.53 -28.61 -11.50
C PRO BA 267 -47.05 -27.26 -11.99
N LYS BA 268 -46.47 -27.21 -13.19
CA LYS BA 268 -46.04 -25.98 -13.82
C LYS BA 268 -46.85 -25.74 -15.09
N PRO BA 269 -47.24 -24.49 -15.37
CA PRO BA 269 -47.89 -24.21 -16.66
C PRO BA 269 -46.99 -24.63 -17.80
N LEU BA 270 -47.53 -25.45 -18.70
CA LEU BA 270 -46.72 -25.98 -19.78
C LEU BA 270 -46.56 -24.95 -20.89
N THR BA 271 -45.41 -24.98 -21.54
CA THR BA 271 -45.13 -24.14 -22.68
C THR BA 271 -44.76 -25.01 -23.87
N LEU BA 272 -45.40 -24.77 -25.00
CA LEU BA 272 -45.18 -25.53 -26.22
C LEU BA 272 -44.79 -24.60 -27.36
N ARG BA 273 -43.87 -25.05 -28.20
CA ARG BA 273 -43.43 -24.28 -29.34
C ARG BA 273 -43.29 -25.18 -30.55
N TRP BA 274 -43.57 -24.62 -31.73
CA TRP BA 274 -43.44 -25.37 -32.98
C TRP BA 274 -41.97 -25.38 -33.37
N GLU BA 275 -41.25 -26.38 -32.88
CA GLU BA 275 -39.82 -26.50 -33.14
C GLU BA 275 -39.40 -27.96 -33.27
N GLY CA 1 -43.58 -21.48 -12.41
CA GLY CA 1 -43.89 -21.48 -13.84
C GLY CA 1 -42.93 -20.63 -14.65
N SER CA 2 -43.34 -19.39 -14.91
CA SER CA 2 -42.52 -18.45 -15.66
C SER CA 2 -41.60 -17.69 -14.71
N HIS CA 3 -40.35 -17.55 -15.12
CA HIS CA 3 -39.35 -16.87 -14.31
C HIS CA 3 -38.84 -15.67 -15.09
N SER CA 4 -38.29 -14.69 -14.36
CA SER CA 4 -37.80 -13.49 -15.01
C SER CA 4 -36.60 -12.93 -14.27
N MET CA 5 -35.75 -12.23 -15.01
CA MET CA 5 -34.67 -11.43 -14.46
C MET CA 5 -34.85 -10.02 -14.98
N ARG CA 6 -34.82 -9.03 -14.07
CA ARG CA 6 -35.12 -7.66 -14.42
C ARG CA 6 -34.10 -6.72 -13.78
N TYR CA 7 -33.74 -5.67 -14.51
CA TYR CA 7 -32.86 -4.62 -14.01
C TYR CA 7 -33.59 -3.29 -14.04
N PHE CA 8 -33.52 -2.56 -12.93
CA PHE CA 8 -34.18 -1.26 -12.79
C PHE CA 8 -33.10 -0.22 -12.54
N PHE CA 9 -33.06 0.81 -13.39
CA PHE CA 9 -32.08 1.88 -13.28
C PHE CA 9 -32.80 3.20 -13.06
N THR CA 10 -32.33 3.98 -12.09
CA THR CA 10 -32.85 5.31 -11.80
C THR CA 10 -31.70 6.30 -11.66
N SER CA 11 -31.77 7.40 -12.39
CA SER CA 11 -30.76 8.45 -12.31
C SER CA 11 -31.47 9.78 -12.10
N VAL CA 12 -31.14 10.47 -11.01
CA VAL CA 12 -31.76 11.75 -10.66
C VAL CA 12 -30.66 12.81 -10.60
N SER CA 13 -30.91 13.96 -11.23
CA SER CA 13 -29.92 15.02 -11.34
C SER CA 13 -30.06 16.03 -10.21
N ARG CA 14 -28.95 16.35 -9.56
CA ARG CA 14 -28.91 17.39 -8.53
C ARG CA 14 -28.21 18.63 -9.08
N PRO CA 15 -28.94 19.68 -9.43
CA PRO CA 15 -28.34 20.85 -10.11
C PRO CA 15 -27.54 21.72 -9.15
N GLY CA 16 -26.24 21.85 -9.41
CA GLY CA 16 -25.33 22.40 -8.43
C GLY CA 16 -24.51 21.38 -7.65
N ARG CA 17 -25.19 20.62 -6.81
CA ARG CA 17 -24.55 19.75 -5.82
C ARG CA 17 -24.06 18.45 -6.46
N GLY CA 18 -23.11 18.60 -7.38
CA GLY CA 18 -22.43 17.43 -7.92
C GLY CA 18 -23.09 16.80 -9.14
N GLU CA 19 -22.84 15.51 -9.29
CA GLU CA 19 -23.34 14.73 -10.41
C GLU CA 19 -24.69 14.13 -10.04
N PRO CA 20 -25.39 13.51 -10.99
CA PRO CA 20 -26.68 12.92 -10.64
C PRO CA 20 -26.56 11.60 -9.90
N ARG CA 21 -27.50 11.39 -8.99
CA ARG CA 21 -27.55 10.15 -8.22
C ARG CA 21 -28.13 9.05 -9.09
N PHE CA 22 -27.47 7.90 -9.08
CA PHE CA 22 -27.82 6.75 -9.89
C PHE CA 22 -28.01 5.54 -8.99
N ILE CA 23 -29.18 4.92 -9.11
CA ILE CA 23 -29.51 3.72 -8.35
C ILE CA 23 -29.80 2.61 -9.35
N ALA CA 24 -29.20 1.45 -9.12
CA ALA CA 24 -29.40 0.29 -9.96
C ALA CA 24 -29.76 -0.89 -9.08
N VAL CA 25 -30.80 -1.62 -9.45
CA VAL CA 25 -31.23 -2.81 -8.71
C VAL CA 25 -31.55 -3.90 -9.72
N GLY CA 26 -31.25 -5.14 -9.34
CA GLY CA 26 -31.52 -6.27 -10.18
C GLY CA 26 -32.40 -7.29 -9.47
N TYR CA 27 -33.43 -7.77 -10.16
CA TYR CA 27 -34.36 -8.73 -9.59
C TYR CA 27 -34.41 -9.99 -10.43
N VAL CA 28 -34.47 -11.13 -9.76
CA VAL CA 28 -34.84 -12.41 -10.36
C VAL CA 28 -36.11 -12.85 -9.65
N ASP CA 29 -37.21 -12.95 -10.40
CA ASP CA 29 -38.54 -13.19 -9.85
C ASP CA 29 -38.84 -12.02 -8.92
N ASP CA 30 -39.09 -12.24 -7.63
CA ASP CA 30 -39.33 -11.15 -6.69
C ASP CA 30 -38.19 -10.98 -5.68
N THR CA 31 -37.02 -11.53 -5.99
CA THR CA 31 -35.87 -11.44 -5.10
C THR CA 31 -34.82 -10.51 -5.68
N GLN CA 32 -34.35 -9.56 -4.87
CA GLN CA 32 -33.30 -8.64 -5.27
C GLN CA 32 -31.94 -9.22 -4.89
N PHE CA 33 -31.02 -9.29 -5.86
CA PHE CA 33 -29.72 -9.90 -5.66
C PHE CA 33 -28.54 -8.96 -5.90
N VAL CA 34 -28.74 -7.81 -6.54
CA VAL CA 34 -27.66 -6.87 -6.82
C VAL CA 34 -28.19 -5.45 -6.69
N ARG CA 35 -27.29 -4.52 -6.34
CA ARG CA 35 -27.65 -3.12 -6.22
C ARG CA 35 -26.43 -2.25 -6.49
N PHE CA 36 -26.70 -1.00 -6.88
CA PHE CA 36 -25.65 0.00 -7.05
C PHE CA 36 -26.16 1.36 -6.61
N ASP CA 37 -25.35 2.04 -5.78
CA ASP CA 37 -25.65 3.38 -5.27
C ASP CA 37 -24.49 4.30 -5.60
N SER CA 38 -24.79 5.47 -6.17
CA SER CA 38 -23.74 6.44 -6.49
C SER CA 38 -23.13 7.04 -5.23
N ASP CA 39 -23.88 7.10 -4.14
CA ASP CA 39 -23.37 7.64 -2.88
C ASP CA 39 -22.87 6.56 -1.95
N ALA CA 40 -22.79 5.32 -2.41
CA ALA CA 40 -22.26 4.24 -1.60
C ALA CA 40 -20.75 4.29 -1.58
N ALA CA 41 -20.18 3.97 -0.40
CA ALA CA 41 -18.73 3.99 -0.25
C ALA CA 41 -18.05 2.94 -1.11
N SER CA 42 -18.69 1.79 -1.31
CA SER CA 42 -18.08 0.71 -2.07
C SER CA 42 -17.82 1.12 -3.52
N GLN CA 43 -18.76 1.85 -4.13
CA GLN CA 43 -18.66 2.22 -5.55
C GLN CA 43 -18.56 0.97 -6.42
N ARG CA 44 -19.22 -0.10 -5.97
CA ARG CA 44 -19.19 -1.40 -6.61
C ARG CA 44 -20.59 -1.98 -6.66
N MET CA 45 -20.77 -2.99 -7.50
CA MET CA 45 -22.02 -3.73 -7.50
C MET CA 45 -22.05 -4.60 -6.26
N GLU CA 46 -22.97 -4.35 -5.42
CA GLU CA 46 -22.88 -5.11 -4.20
C GLU CA 46 -23.90 -6.23 -4.21
N PRO CA 47 -23.61 -7.35 -3.53
CA PRO CA 47 -24.58 -8.45 -3.49
C PRO CA 47 -25.59 -8.27 -2.36
N ARG CA 48 -26.84 -8.60 -2.68
CA ARG CA 48 -27.91 -8.52 -1.71
C ARG CA 48 -28.52 -9.86 -1.36
N ALA CA 49 -28.12 -10.94 -2.04
CA ALA CA 49 -28.63 -12.27 -1.73
C ALA CA 49 -27.46 -13.21 -1.48
N PRO CA 50 -27.61 -14.16 -0.56
CA PRO CA 50 -26.47 -15.01 -0.21
C PRO CA 50 -25.98 -15.92 -1.33
N TRP CA 51 -26.88 -16.45 -2.16
CA TRP CA 51 -26.45 -17.43 -3.16
C TRP CA 51 -25.57 -16.80 -4.25
N ILE CA 52 -25.74 -15.49 -4.50
CA ILE CA 52 -24.91 -14.83 -5.51
C ILE CA 52 -23.56 -14.43 -4.94
N GLU CA 53 -23.43 -14.31 -3.62
CA GLU CA 53 -22.17 -13.85 -3.03
C GLU CA 53 -21.00 -14.79 -3.33
N GLN CA 54 -21.28 -16.06 -3.60
CA GLN CA 54 -20.25 -17.05 -3.89
C GLN CA 54 -19.70 -16.93 -5.31
N GLU CA 55 -19.91 -15.79 -5.96
CA GLU CA 55 -19.38 -15.56 -7.30
C GLU CA 55 -17.94 -15.06 -7.19
N GLY CA 56 -17.15 -15.36 -8.22
CA GLY CA 56 -15.77 -14.98 -8.21
C GLY CA 56 -15.57 -13.49 -8.37
N PRO CA 57 -14.38 -13.00 -8.00
CA PRO CA 57 -14.10 -11.56 -8.13
C PRO CA 57 -14.10 -11.07 -9.56
N GLU CA 58 -13.87 -11.95 -10.54
CA GLU CA 58 -13.92 -11.54 -11.94
C GLU CA 58 -15.31 -11.06 -12.32
N TYR CA 59 -16.35 -11.75 -11.83
CA TYR CA 59 -17.73 -11.35 -12.11
C TYR CA 59 -18.02 -9.96 -11.58
N TRP CA 60 -17.67 -9.70 -10.31
CA TRP CA 60 -18.00 -8.43 -9.70
C TRP CA 60 -17.29 -7.26 -10.39
N ASP CA 61 -16.04 -7.44 -10.79
CA ASP CA 61 -15.33 -6.37 -11.49
C ASP CA 61 -15.99 -6.05 -12.83
N GLY CA 62 -16.41 -7.08 -13.57
CA GLY CA 62 -17.08 -6.85 -14.82
C GLY CA 62 -18.45 -6.21 -14.64
N GLU CA 63 -19.21 -6.71 -13.67
CA GLU CA 63 -20.55 -6.15 -13.42
C GLU CA 63 -20.46 -4.71 -12.94
N THR CA 64 -19.46 -4.42 -12.08
CA THR CA 64 -19.24 -3.06 -11.62
C THR CA 64 -18.88 -2.12 -12.76
N ARG CA 65 -18.11 -2.62 -13.74
CA ARG CA 65 -17.70 -1.77 -14.85
C ARG CA 65 -18.88 -1.31 -15.68
N LYS CA 66 -19.81 -2.21 -16.01
CA LYS CA 66 -20.90 -1.85 -16.90
C LYS CA 66 -21.91 -0.92 -16.22
N VAL CA 67 -22.24 -1.16 -14.95
CA VAL CA 67 -23.23 -0.30 -14.32
C VAL CA 67 -22.71 1.12 -14.22
N LYS CA 68 -21.43 1.27 -13.87
CA LYS CA 68 -20.84 2.61 -13.87
C LYS CA 68 -20.80 3.19 -15.27
N ALA CA 69 -20.50 2.35 -16.27
CA ALA CA 69 -20.54 2.81 -17.65
C ALA CA 69 -21.96 3.20 -18.04
N HIS CA 70 -22.95 2.40 -17.63
CA HIS CA 70 -24.34 2.77 -17.84
C HIS CA 70 -24.70 4.03 -17.07
N SER CA 71 -24.11 4.21 -15.88
CA SER CA 71 -24.35 5.43 -15.11
C SER CA 71 -23.91 6.66 -15.89
N GLN CA 72 -22.76 6.58 -16.56
CA GLN CA 72 -22.32 7.70 -17.39
C GLN CA 72 -23.26 7.92 -18.56
N THR CA 73 -23.84 6.86 -19.11
CA THR CA 73 -24.82 7.03 -20.19
C THR CA 73 -25.99 7.88 -19.71
N HIS CA 74 -26.53 7.55 -18.55
CA HIS CA 74 -27.71 8.25 -18.06
C HIS CA 74 -27.36 9.67 -17.67
N ARG CA 75 -26.10 9.91 -17.31
CA ARG CA 75 -25.64 11.29 -17.07
C ARG CA 75 -25.69 12.10 -18.35
N VAL CA 76 -25.32 11.48 -19.47
CA VAL CA 76 -25.46 12.12 -20.77
C VAL CA 76 -26.93 12.29 -21.15
N ASP CA 77 -27.77 11.30 -20.81
CA ASP CA 77 -29.19 11.40 -21.14
C ASP CA 77 -29.84 12.59 -20.46
N LEU CA 78 -29.48 12.86 -19.21
CA LEU CA 78 -30.02 14.01 -18.51
C LEU CA 78 -29.64 15.31 -19.21
N GLY CA 79 -28.38 15.43 -19.63
CA GLY CA 79 -27.96 16.61 -20.36
C GLY CA 79 -28.59 16.70 -21.74
N THR CA 80 -28.65 15.57 -22.46
CA THR CA 80 -29.27 15.58 -23.78
C THR CA 80 -30.75 15.91 -23.71
N LEU CA 81 -31.46 15.31 -22.77
CA LEU CA 81 -32.89 15.58 -22.62
C LEU CA 81 -33.15 17.01 -22.16
N ARG CA 82 -32.23 17.57 -21.36
CA ARG CA 82 -32.40 18.95 -20.88
C ARG CA 82 -32.49 19.92 -22.05
N GLY CA 83 -31.73 19.67 -23.11
CA GLY CA 83 -31.76 20.49 -24.30
C GLY CA 83 -32.98 20.25 -25.17
N TYR CA 84 -33.42 18.99 -25.23
CA TYR CA 84 -34.53 18.62 -26.09
C TYR CA 84 -35.81 19.37 -25.72
N TYR CA 85 -36.12 19.44 -24.44
CA TYR CA 85 -37.35 20.06 -23.95
C TYR CA 85 -37.20 21.53 -23.61
N ASN CA 86 -36.05 22.14 -23.87
CA ASN CA 86 -35.80 23.55 -23.54
C ASN CA 86 -35.95 23.77 -22.05
N GLN CA 87 -35.70 22.71 -21.28
CA GLN CA 87 -35.87 22.71 -19.84
C GLN CA 87 -34.65 23.34 -19.18
N SER CA 88 -34.88 24.31 -18.30
CA SER CA 88 -33.78 25.05 -17.71
C SER CA 88 -32.97 24.17 -16.76
N GLU CA 89 -31.70 24.56 -16.57
CA GLU CA 89 -30.77 23.78 -15.75
C GLU CA 89 -31.15 23.78 -14.27
N ALA CA 90 -32.06 24.64 -13.84
CA ALA CA 90 -32.33 24.77 -12.42
C ALA CA 90 -33.17 23.62 -11.86
N GLY CA 91 -33.85 22.86 -12.71
CA GLY CA 91 -34.71 21.79 -12.24
C GLY CA 91 -33.98 20.49 -12.05
N SER CA 92 -34.42 19.72 -11.05
CA SER CA 92 -33.90 18.38 -10.82
C SER CA 92 -34.83 17.39 -11.52
N HIS CA 93 -34.27 16.53 -12.37
CA HIS CA 93 -35.08 15.63 -13.17
C HIS CA 93 -34.58 14.21 -13.07
N THR CA 94 -35.48 13.27 -13.30
CA THR CA 94 -35.24 11.84 -13.15
C THR CA 94 -35.39 11.12 -14.48
N VAL CA 95 -34.48 10.18 -14.73
CA VAL CA 95 -34.55 9.28 -15.87
C VAL CA 95 -34.55 7.85 -15.34
N GLN CA 96 -35.37 6.99 -15.93
CA GLN CA 96 -35.50 5.61 -15.48
C GLN CA 96 -35.50 4.68 -16.68
N ARG CA 97 -34.90 3.50 -16.48
CA ARG CA 97 -34.81 2.46 -17.49
C ARG CA 97 -35.20 1.12 -16.88
N MET CA 98 -35.86 0.28 -17.68
CA MET CA 98 -36.18 -1.07 -17.27
C MET CA 98 -36.06 -2.00 -18.46
N TYR CA 99 -35.27 -3.05 -18.30
CA TYR CA 99 -35.19 -4.11 -19.29
C TYR CA 99 -35.18 -5.46 -18.59
N GLY CA 100 -35.81 -6.45 -19.21
CA GLY CA 100 -35.93 -7.75 -18.59
C GLY CA 100 -36.26 -8.83 -19.59
N CYS CA 101 -36.24 -10.06 -19.09
CA CYS CA 101 -36.45 -11.27 -19.88
C CYS CA 101 -37.37 -12.22 -19.11
N ASP CA 102 -38.22 -12.93 -19.83
CA ASP CA 102 -39.11 -13.93 -19.26
C ASP CA 102 -38.85 -15.29 -19.90
N VAL CA 103 -38.86 -16.33 -19.07
CA VAL CA 103 -38.69 -17.71 -19.51
C VAL CA 103 -39.87 -18.54 -19.02
N GLY CA 104 -40.21 -19.58 -19.79
CA GLY CA 104 -41.30 -20.45 -19.42
C GLY CA 104 -40.86 -21.54 -18.46
N SER CA 105 -41.78 -22.49 -18.23
CA SER CA 105 -41.46 -23.62 -17.36
C SER CA 105 -40.35 -24.48 -17.96
N ASP CA 106 -40.25 -24.53 -19.29
CA ASP CA 106 -39.17 -25.26 -19.94
C ASP CA 106 -37.84 -24.54 -19.78
N TRP CA 107 -37.85 -23.30 -19.27
CA TRP CA 107 -36.68 -22.46 -19.06
C TRP CA 107 -36.19 -21.83 -20.35
N ARG CA 108 -37.06 -21.77 -21.35
CA ARG CA 108 -36.75 -21.15 -22.64
C ARG CA 108 -37.40 -19.77 -22.76
N PHE CA 109 -36.94 -19.02 -23.76
CA PHE CA 109 -37.29 -17.62 -23.95
C PHE CA 109 -38.79 -17.44 -24.15
N LEU CA 110 -39.34 -16.36 -23.57
CA LEU CA 110 -40.75 -16.04 -23.68
C LEU CA 110 -40.98 -14.64 -24.23
N ARG CA 111 -40.46 -13.58 -23.61
CA ARG CA 111 -40.61 -12.24 -24.15
C ARG CA 111 -39.57 -11.32 -23.50
N GLY CA 112 -39.45 -10.13 -24.08
CA GLY CA 112 -38.42 -9.18 -23.67
C GLY CA 112 -38.98 -7.78 -23.56
N TYR CA 113 -38.35 -6.97 -22.70
CA TYR CA 113 -38.78 -5.60 -22.45
C TYR CA 113 -37.59 -4.67 -22.43
N HIS CA 114 -37.74 -3.50 -23.06
CA HIS CA 114 -36.82 -2.38 -22.91
C HIS CA 114 -37.61 -1.09 -22.97
N GLN CA 115 -37.61 -0.31 -21.89
CA GLN CA 115 -38.40 0.92 -21.86
C GLN CA 115 -37.63 2.03 -21.15
N TYR CA 116 -37.86 3.26 -21.61
CA TYR CA 116 -37.27 4.46 -21.04
C TYR CA 116 -38.36 5.37 -20.50
N ALA CA 117 -38.00 6.14 -19.47
CA ALA CA 117 -38.91 7.07 -18.82
C ALA CA 117 -38.16 8.34 -18.44
N TYR CA 118 -38.81 9.48 -18.63
CA TYR CA 118 -38.23 10.76 -18.25
C TYR CA 118 -39.22 11.52 -17.37
N ASP CA 119 -38.81 11.82 -16.14
CA ASP CA 119 -39.62 12.60 -15.21
C ASP CA 119 -40.96 11.91 -14.93
N GLY CA 120 -40.93 10.58 -14.87
CA GLY CA 120 -42.12 9.82 -14.53
C GLY CA 120 -43.09 9.62 -15.66
N LYS CA 121 -42.69 9.91 -16.89
CA LYS CA 121 -43.52 9.72 -18.07
C LYS CA 121 -42.79 8.83 -19.05
N ASP CA 122 -43.56 8.08 -19.86
CA ASP CA 122 -42.95 7.28 -20.91
C ASP CA 122 -42.25 8.17 -21.92
N TYR CA 123 -41.04 7.78 -22.31
CA TYR CA 123 -40.26 8.52 -23.30
C TYR CA 123 -40.12 7.70 -24.58
N ILE CA 124 -39.31 6.65 -24.56
CA ILE CA 124 -39.17 5.74 -25.69
C ILE CA 124 -39.16 4.32 -25.16
N ALA CA 125 -39.87 3.43 -25.84
CA ALA CA 125 -39.98 2.04 -25.38
C ALA CA 125 -39.84 1.10 -26.57
N LEU CA 126 -39.31 -0.09 -26.29
CA LEU CA 126 -39.13 -1.12 -27.30
C LEU CA 126 -40.37 -1.98 -27.37
N LYS CA 127 -40.88 -2.21 -28.57
CA LYS CA 127 -42.05 -3.04 -28.72
C LYS CA 127 -41.73 -4.50 -28.42
N GLU CA 128 -42.77 -5.29 -28.19
CA GLU CA 128 -42.58 -6.69 -27.85
C GLU CA 128 -41.98 -7.51 -28.99
N ASP CA 129 -42.08 -7.01 -30.23
CA ASP CA 129 -41.43 -7.71 -31.34
C ASP CA 129 -39.92 -7.60 -31.29
N LEU CA 130 -39.40 -6.63 -30.54
CA LEU CA 130 -37.98 -6.35 -30.35
C LEU CA 130 -37.34 -5.75 -31.59
N ARG CA 131 -38.16 -5.21 -32.50
CA ARG CA 131 -37.67 -4.63 -33.74
C ARG CA 131 -38.22 -3.24 -34.03
N SER CA 132 -39.11 -2.72 -33.20
CA SER CA 132 -39.74 -1.42 -33.44
C SER CA 132 -39.74 -0.60 -32.16
N TRP CA 133 -39.88 0.72 -32.32
CA TRP CA 133 -39.84 1.65 -31.21
C TRP CA 133 -41.13 2.49 -31.16
N THR CA 134 -41.53 2.84 -29.95
CA THR CA 134 -42.68 3.71 -29.72
C THR CA 134 -42.18 5.00 -29.09
N ALA CA 135 -42.49 6.12 -29.74
CA ALA CA 135 -42.04 7.44 -29.31
C ALA CA 135 -43.22 8.22 -28.75
N ALA CA 136 -43.05 8.76 -27.55
CA ALA CA 136 -44.16 9.45 -26.88
C ALA CA 136 -44.52 10.74 -27.61
N ASP CA 137 -43.54 11.58 -27.92
CA ASP CA 137 -43.81 12.89 -28.49
C ASP CA 137 -42.73 13.21 -29.52
N MET CA 138 -42.72 14.45 -29.99
CA MET CA 138 -41.74 14.85 -31.01
C MET CA 138 -40.31 14.70 -30.49
N ALA CA 139 -40.07 15.15 -29.24
CA ALA CA 139 -38.73 15.03 -28.68
C ALA CA 139 -38.31 13.56 -28.59
N ALA CA 140 -39.26 12.68 -28.27
CA ALA CA 140 -38.94 11.25 -28.22
C ALA CA 140 -38.67 10.70 -29.61
N GLN CA 141 -39.31 11.29 -30.64
CA GLN CA 141 -39.10 10.82 -32.01
C GLN CA 141 -37.67 11.11 -32.47
N THR CA 142 -37.07 12.20 -31.99
CA THR CA 142 -35.68 12.51 -32.33
C THR CA 142 -34.76 11.39 -31.87
N THR CA 143 -34.98 10.89 -30.65
CA THR CA 143 -34.20 9.76 -30.15
C THR CA 143 -34.51 8.48 -30.93
N LYS CA 144 -35.75 8.33 -31.39
CA LYS CA 144 -36.14 7.13 -32.13
C LYS CA 144 -35.34 6.98 -33.42
N HIS CA 145 -35.17 8.08 -34.17
CA HIS CA 145 -34.47 8.02 -35.45
C HIS CA 145 -33.01 7.60 -35.28
N LYS CA 146 -32.33 8.13 -34.25
CA LYS CA 146 -30.95 7.72 -34.02
C LYS CA 146 -30.87 6.24 -33.67
N TRP CA 147 -31.78 5.76 -32.83
CA TRP CA 147 -31.77 4.36 -32.45
C TRP CA 147 -32.10 3.45 -33.63
N GLU CA 148 -32.98 3.90 -34.52
CA GLU CA 148 -33.27 3.12 -35.72
C GLU CA 148 -32.05 3.05 -36.64
N ALA CA 149 -31.36 4.17 -36.84
CA ALA CA 149 -30.21 4.18 -37.74
C ALA CA 149 -29.07 3.34 -37.17
N ALA CA 150 -28.85 3.39 -35.86
CA ALA CA 150 -27.73 2.67 -35.27
C ALA CA 150 -28.00 1.19 -35.05
N HIS CA 151 -29.19 0.70 -35.44
CA HIS CA 151 -29.54 -0.71 -35.31
C HIS CA 151 -29.43 -1.16 -33.85
N VAL CA 152 -29.88 -0.30 -32.94
CA VAL CA 152 -29.83 -0.60 -31.50
C VAL CA 152 -30.75 -1.75 -31.13
N ALA CA 153 -31.91 -1.84 -31.78
CA ALA CA 153 -32.88 -2.88 -31.44
C ALA CA 153 -32.27 -4.26 -31.61
N GLU CA 154 -31.44 -4.45 -32.63
CA GLU CA 154 -30.83 -5.74 -32.88
C GLU CA 154 -29.83 -6.09 -31.79
N GLN CA 155 -29.10 -5.10 -31.28
CA GLN CA 155 -28.15 -5.35 -30.20
C GLN CA 155 -28.88 -5.71 -28.91
N LEU CA 156 -29.98 -5.03 -28.61
CA LEU CA 156 -30.75 -5.34 -27.41
C LEU CA 156 -31.42 -6.70 -27.50
N ARG CA 157 -31.98 -7.03 -28.67
CA ARG CA 157 -32.67 -8.31 -28.87
C ARG CA 157 -31.73 -9.49 -28.62
N ALA CA 158 -30.45 -9.36 -28.98
CA ALA CA 158 -29.50 -10.43 -28.74
C ALA CA 158 -29.32 -10.69 -27.25
N TYR CA 159 -29.31 -9.62 -26.45
CA TYR CA 159 -29.14 -9.79 -25.01
C TYR CA 159 -30.35 -10.47 -24.40
N LEU CA 160 -31.55 -9.98 -24.72
CA LEU CA 160 -32.77 -10.51 -24.12
C LEU CA 160 -33.06 -11.94 -24.55
N GLU CA 161 -32.97 -12.21 -25.86
CA GLU CA 161 -33.31 -13.55 -26.34
C GLU CA 161 -32.26 -14.59 -25.99
N GLY CA 162 -31.01 -14.17 -25.82
CA GLY CA 162 -29.95 -15.13 -25.57
C GLY CA 162 -29.16 -14.92 -24.30
N THR CA 163 -28.58 -13.73 -24.14
CA THR CA 163 -27.66 -13.50 -23.04
C THR CA 163 -28.36 -13.58 -21.69
N CYS CA 164 -29.53 -12.95 -21.55
CA CYS CA 164 -30.25 -13.04 -20.28
C CYS CA 164 -30.68 -14.47 -19.98
N VAL CA 165 -31.29 -15.14 -20.96
CA VAL CA 165 -31.85 -16.46 -20.72
C VAL CA 165 -30.77 -17.42 -20.23
N GLU CA 166 -29.58 -17.31 -20.80
CA GLU CA 166 -28.47 -18.15 -20.37
C GLU CA 166 -28.08 -17.83 -18.93
N TRP CA 167 -27.97 -16.54 -18.60
CA TRP CA 167 -27.58 -16.15 -17.25
C TRP CA 167 -28.71 -16.31 -16.23
N LEU CA 168 -29.96 -16.11 -16.65
CA LEU CA 168 -31.07 -16.34 -15.73
C LEU CA 168 -31.13 -17.81 -15.32
N ARG CA 169 -30.95 -18.71 -16.29
CA ARG CA 169 -30.90 -20.14 -16.00
C ARG CA 169 -29.74 -20.47 -15.07
N ARG CA 170 -28.57 -19.88 -15.31
CA ARG CA 170 -27.41 -20.13 -14.44
C ARG CA 170 -27.67 -19.65 -13.02
N TYR CA 171 -28.34 -18.51 -12.84
CA TYR CA 171 -28.65 -18.03 -11.51
C TYR CA 171 -29.59 -18.99 -10.78
N LEU CA 172 -30.58 -19.52 -11.50
CA LEU CA 172 -31.55 -20.44 -10.91
C LEU CA 172 -30.88 -21.71 -10.39
N GLU CA 173 -29.93 -22.26 -11.15
CA GLU CA 173 -29.28 -23.49 -10.72
C GLU CA 173 -28.44 -23.26 -9.46
N ASN CA 174 -27.73 -22.13 -9.40
CA ASN CA 174 -26.89 -21.87 -8.24
C ASN CA 174 -27.71 -21.59 -6.98
N GLY CA 175 -28.88 -20.97 -7.12
CA GLY CA 175 -29.73 -20.70 -5.97
C GLY CA 175 -31.09 -21.36 -6.04
N LYS CA 176 -31.10 -22.69 -6.18
CA LYS CA 176 -32.37 -23.41 -6.29
C LYS CA 176 -33.12 -23.44 -4.97
N GLU CA 177 -32.40 -23.61 -3.86
CA GLU CA 177 -33.05 -23.72 -2.55
C GLU CA 177 -33.80 -22.44 -2.19
N THR CA 178 -33.31 -21.30 -2.66
CA THR CA 178 -33.81 -19.97 -2.32
C THR CA 178 -34.85 -19.46 -3.32
N LEU CA 179 -34.66 -19.74 -4.62
CA LEU CA 179 -35.53 -19.15 -5.63
C LEU CA 179 -36.42 -20.14 -6.37
N GLN CA 180 -36.12 -21.43 -6.31
CA GLN CA 180 -37.03 -22.43 -6.85
C GLN CA 180 -37.90 -23.05 -5.77
N ARG CA 181 -37.75 -22.59 -4.52
CA ARG CA 181 -38.62 -23.04 -3.46
C ARG CA 181 -39.94 -22.29 -3.58
N THR CA 182 -40.98 -22.87 -3.01
CA THR CA 182 -42.26 -22.20 -2.96
C THR CA 182 -42.77 -22.23 -1.52
N ASP CA 183 -43.19 -21.07 -1.03
CA ASP CA 183 -43.59 -20.89 0.36
C ASP CA 183 -45.10 -20.69 0.43
N ALA CA 184 -45.77 -21.59 1.12
CA ALA CA 184 -47.22 -21.51 1.28
C ALA CA 184 -47.57 -20.42 2.29
N PRO CA 185 -48.69 -19.74 2.09
CA PRO CA 185 -49.06 -18.64 3.00
C PRO CA 185 -49.38 -19.17 4.40
N LYS CA 186 -49.19 -18.31 5.39
CA LYS CA 186 -49.54 -18.62 6.77
C LYS CA 186 -50.86 -17.93 7.08
N THR CA 187 -51.94 -18.71 7.15
CA THR CA 187 -53.28 -18.16 7.19
C THR CA 187 -53.84 -18.21 8.61
N HIS CA 188 -54.57 -17.16 8.97
CA HIS CA 188 -55.32 -17.10 10.21
C HIS CA 188 -56.39 -16.04 10.03
N MET CA 189 -57.35 -16.02 10.96
CA MET CA 189 -58.50 -15.15 10.81
C MET CA 189 -58.70 -14.36 12.10
N THR CA 190 -59.10 -13.10 11.96
CA THR CA 190 -59.32 -12.23 13.10
C THR CA 190 -60.71 -11.60 13.00
N HIS CA 191 -61.23 -11.22 14.16
CA HIS CA 191 -62.56 -10.64 14.27
C HIS CA 191 -62.46 -9.26 14.89
N HIS CA 192 -63.07 -8.27 14.24
CA HIS CA 192 -63.10 -6.90 14.71
C HIS CA 192 -64.54 -6.43 14.70
N ALA CA 193 -64.98 -5.81 15.79
CA ALA CA 193 -66.35 -5.37 15.90
C ALA CA 193 -66.38 -3.86 15.71
N VAL CA 194 -66.92 -3.43 14.56
CA VAL CA 194 -67.09 -2.00 14.30
C VAL CA 194 -68.19 -1.46 15.20
N SER CA 195 -69.28 -2.20 15.29
CA SER CA 195 -70.46 -1.80 16.04
C SER CA 195 -71.14 -3.08 16.52
N ASP CA 196 -72.10 -2.91 17.42
CA ASP CA 196 -72.83 -4.04 17.97
C ASP CA 196 -73.63 -4.80 16.91
N HIS CA 197 -73.95 -4.17 15.79
CA HIS CA 197 -74.88 -4.73 14.82
C HIS CA 197 -74.20 -5.19 13.53
N GLU CA 198 -72.87 -5.10 13.46
CA GLU CA 198 -72.11 -5.55 12.29
C GLU CA 198 -70.63 -5.58 12.65
N ALA CA 199 -69.91 -6.58 12.13
CA ALA CA 199 -68.50 -6.76 12.41
C ALA CA 199 -67.70 -6.92 11.12
N THR CA 200 -66.40 -6.71 11.22
CA THR CA 200 -65.48 -6.86 10.10
C THR CA 200 -64.66 -8.12 10.29
N LEU CA 201 -64.51 -8.89 9.23
CA LEU CA 201 -63.72 -10.12 9.23
C LEU CA 201 -62.47 -9.92 8.40
N ARG CA 202 -61.34 -10.38 8.93
CA ARG CA 202 -60.04 -10.22 8.28
C ARG CA 202 -59.42 -11.57 7.96
N CYS CA 203 -59.00 -11.73 6.71
CA CYS CA 203 -58.31 -12.91 6.21
C CYS CA 203 -56.84 -12.54 6.04
N TRP CA 204 -55.94 -13.28 6.67
CA TRP CA 204 -54.53 -12.94 6.67
C TRP CA 204 -53.73 -14.00 5.93
N ALA CA 205 -52.81 -13.54 5.07
CA ALA CA 205 -51.81 -14.41 4.45
C ALA CA 205 -50.44 -13.80 4.70
N LEU CA 206 -49.53 -14.61 5.23
CA LEU CA 206 -48.22 -14.11 5.64
C LEU CA 206 -47.15 -15.14 5.28
N SER CA 207 -45.92 -14.63 5.16
CA SER CA 207 -44.72 -15.47 4.97
C SER CA 207 -44.86 -16.42 3.77
N PHE CA 208 -45.19 -15.84 2.62
CA PHE CA 208 -45.31 -16.62 1.39
C PHE CA 208 -44.46 -16.00 0.28
N TYR CA 209 -43.94 -16.87 -0.58
CA TYR CA 209 -43.16 -16.48 -1.76
C TYR CA 209 -43.51 -17.46 -2.88
N PRO CA 210 -43.72 -16.96 -4.10
CA PRO CA 210 -43.59 -15.59 -4.62
C PRO CA 210 -44.64 -14.60 -4.13
N ALA CA 211 -44.47 -13.33 -4.53
CA ALA CA 211 -45.34 -12.27 -4.05
C ALA CA 211 -46.76 -12.40 -4.57
N GLU CA 212 -46.94 -12.89 -5.79
CA GLU CA 212 -48.27 -12.90 -6.39
C GLU CA 212 -49.17 -13.85 -5.63
N ILE CA 213 -50.36 -13.37 -5.25
CA ILE CA 213 -51.33 -14.16 -4.53
C ILE CA 213 -52.70 -13.60 -4.82
N THR CA 214 -53.73 -14.43 -4.64
CA THR CA 214 -55.11 -14.02 -4.84
C THR CA 214 -55.89 -14.30 -3.57
N LEU CA 215 -56.59 -13.29 -3.07
CA LEU CA 215 -57.43 -13.37 -1.89
C LEU CA 215 -58.83 -12.97 -2.30
N THR CA 216 -59.80 -13.84 -2.03
CA THR CA 216 -61.16 -13.60 -2.46
C THR CA 216 -62.13 -13.85 -1.32
N TRP CA 217 -63.19 -13.05 -1.28
CA TRP CA 217 -64.24 -13.17 -0.27
C TRP CA 217 -65.49 -13.70 -0.95
N GLN CA 218 -66.06 -14.75 -0.38
CA GLN CA 218 -67.28 -15.34 -0.90
C GLN CA 218 -68.29 -15.46 0.21
N ARG CA 219 -69.51 -15.02 -0.06
CA ARG CA 219 -70.63 -15.19 0.86
C ARG CA 219 -71.56 -16.21 0.23
N ASP CA 220 -71.67 -17.38 0.87
CA ASP CA 220 -72.51 -18.49 0.41
C ASP CA 220 -72.01 -19.09 -0.89
N GLY CA 221 -70.72 -18.97 -1.17
CA GLY CA 221 -70.14 -19.46 -2.40
C GLY CA 221 -70.24 -18.55 -3.61
N GLU CA 222 -70.43 -17.25 -3.40
CA GLU CA 222 -70.50 -16.27 -4.47
C GLU CA 222 -69.46 -15.19 -4.23
N ASP CA 223 -68.70 -14.87 -5.28
CA ASP CA 223 -67.63 -13.89 -5.17
C ASP CA 223 -68.18 -12.55 -4.71
N GLN CA 224 -67.61 -12.04 -3.62
CA GLN CA 224 -68.05 -10.80 -3.00
C GLN CA 224 -66.97 -9.76 -3.26
N THR CA 225 -67.35 -8.67 -3.92
CA THR CA 225 -66.43 -7.61 -4.30
C THR CA 225 -67.12 -6.27 -4.12
N GLN CA 226 -66.35 -5.20 -4.31
CA GLN CA 226 -66.83 -3.83 -4.18
C GLN CA 226 -67.23 -3.49 -2.75
N ASP CA 227 -67.57 -4.51 -1.96
CA ASP CA 227 -67.86 -4.38 -0.55
C ASP CA 227 -66.72 -4.88 0.32
N THR CA 228 -65.57 -5.17 -0.28
CA THR CA 228 -64.41 -5.74 0.39
C THR CA 228 -63.24 -4.76 0.35
N GLU CA 229 -62.32 -4.95 1.28
CA GLU CA 229 -61.09 -4.16 1.33
C GLU CA 229 -59.90 -5.07 1.03
N LEU CA 230 -59.02 -4.60 0.16
CA LEU CA 230 -57.84 -5.34 -0.27
C LEU CA 230 -56.65 -4.40 -0.26
N VAL CA 231 -55.59 -4.79 0.42
CA VAL CA 231 -54.39 -3.97 0.51
C VAL CA 231 -53.39 -4.45 -0.54
N GLU CA 232 -52.56 -3.52 -1.00
CA GLU CA 232 -51.48 -3.88 -1.91
C GLU CA 232 -50.53 -4.83 -1.21
N THR CA 233 -50.00 -5.79 -1.97
CA THR CA 233 -49.09 -6.76 -1.38
C THR CA 233 -47.87 -6.06 -0.81
N ARG CA 234 -47.46 -6.48 0.38
CA ARG CA 234 -46.39 -5.79 1.10
C ARG CA 234 -45.21 -6.73 1.31
N PRO CA 235 -43.99 -6.21 1.29
CA PRO CA 235 -42.83 -7.05 1.60
C PRO CA 235 -42.62 -7.10 3.12
N ALA CA 236 -42.42 -8.31 3.65
CA ALA CA 236 -42.19 -8.45 5.07
C ALA CA 236 -40.79 -7.99 5.46
N GLY CA 237 -39.85 -8.02 4.52
CA GLY CA 237 -38.47 -7.66 4.78
C GLY CA 237 -37.52 -8.82 4.94
N ASP CA 238 -38.02 -10.06 4.92
CA ASP CA 238 -37.17 -11.25 5.02
C ASP CA 238 -37.28 -12.12 3.77
N GLY CA 239 -37.75 -11.55 2.66
CA GLY CA 239 -37.97 -12.29 1.44
C GLY CA 239 -39.36 -12.90 1.31
N THR CA 240 -40.24 -12.62 2.27
CA THR CA 240 -41.61 -13.08 2.24
C THR CA 240 -42.55 -11.88 2.15
N PHE CA 241 -43.78 -12.13 1.73
CA PHE CA 241 -44.75 -11.07 1.53
C PHE CA 241 -45.98 -11.30 2.41
N GLN CA 242 -46.81 -10.26 2.49
CA GLN CA 242 -48.00 -10.28 3.32
C GLN CA 242 -49.14 -9.57 2.60
N LYS CA 243 -50.35 -10.03 2.84
CA LYS CA 243 -51.54 -9.43 2.24
C LYS CA 243 -52.75 -9.83 3.08
N TRP CA 244 -53.75 -8.96 3.11
CA TRP CA 244 -54.98 -9.28 3.83
C TRP CA 244 -56.17 -8.67 3.13
N ALA CA 245 -57.33 -9.29 3.33
CA ALA CA 245 -58.60 -8.85 2.76
C ALA CA 245 -59.64 -8.79 3.86
N ALA CA 246 -60.52 -7.79 3.78
CA ALA CA 246 -61.56 -7.59 4.79
C ALA CA 246 -62.88 -7.34 4.10
N VAL CA 247 -63.96 -7.76 4.76
CA VAL CA 247 -65.33 -7.59 4.26
C VAL CA 247 -66.22 -7.21 5.43
N VAL CA 248 -67.20 -6.36 5.17
CA VAL CA 248 -68.17 -5.95 6.18
C VAL CA 248 -69.37 -6.88 6.14
N VAL CA 249 -69.70 -7.46 7.29
CA VAL CA 249 -70.77 -8.46 7.38
C VAL CA 249 -71.76 -8.08 8.48
N PRO CA 250 -73.06 -8.23 8.25
CA PRO CA 250 -74.03 -8.01 9.33
C PRO CA 250 -73.94 -9.11 10.38
N SER CA 251 -74.22 -8.73 11.62
CA SER CA 251 -74.09 -9.65 12.74
C SER CA 251 -74.98 -10.87 12.57
N GLY CA 252 -74.47 -12.03 13.01
CA GLY CA 252 -75.18 -13.28 12.91
C GLY CA 252 -75.06 -14.02 11.60
N GLN CA 253 -74.42 -13.43 10.59
CA GLN CA 253 -74.25 -14.10 9.30
C GLN CA 253 -72.80 -14.50 9.06
N GLU CA 254 -71.95 -14.46 10.09
CA GLU CA 254 -70.55 -14.81 9.92
C GLU CA 254 -70.36 -16.25 9.46
N GLN CA 255 -71.37 -17.10 9.61
CA GLN CA 255 -71.30 -18.47 9.11
C GLN CA 255 -71.44 -18.55 7.60
N ARG CA 256 -71.80 -17.45 6.93
CA ARG CA 256 -72.11 -17.48 5.50
C ARG CA 256 -70.91 -17.13 4.63
N TYR CA 257 -69.82 -16.64 5.21
CA TYR CA 257 -68.67 -16.17 4.45
C TYR CA 257 -67.53 -17.17 4.49
N THR CA 258 -66.76 -17.19 3.40
CA THR CA 258 -65.64 -18.09 3.24
C THR CA 258 -64.49 -17.33 2.59
N CYS CA 259 -63.27 -17.63 3.03
CA CYS CA 259 -62.07 -17.03 2.46
C CYS CA 259 -61.35 -18.06 1.62
N HIS CA 260 -61.00 -17.68 0.39
CA HIS CA 260 -60.33 -18.56 -0.55
C HIS CA 260 -58.96 -17.97 -0.89
N VAL CA 261 -57.91 -18.77 -0.72
CA VAL CA 261 -56.54 -18.33 -0.95
C VAL CA 261 -55.98 -19.14 -2.11
N GLN CA 262 -55.55 -18.45 -3.16
CA GLN CA 262 -54.90 -19.05 -4.31
C GLN CA 262 -53.44 -18.63 -4.33
N HIS CA 263 -52.54 -19.61 -4.32
CA HIS CA 263 -51.11 -19.32 -4.36
C HIS CA 263 -50.39 -20.55 -4.86
N GLU CA 264 -49.20 -20.33 -5.42
CA GLU CA 264 -48.38 -21.43 -5.93
C GLU CA 264 -47.98 -22.39 -4.82
N GLY CA 265 -47.83 -21.89 -3.60
CA GLY CA 265 -47.46 -22.73 -2.47
C GLY CA 265 -48.52 -23.71 -2.05
N LEU CA 266 -49.78 -23.46 -2.42
CA LEU CA 266 -50.85 -24.35 -2.02
C LEU CA 266 -51.16 -25.30 -3.16
N PRO CA 267 -51.03 -26.62 -2.98
CA PRO CA 267 -51.43 -27.55 -4.04
C PRO CA 267 -52.92 -27.52 -4.31
N LYS CA 268 -53.72 -27.25 -3.28
CA LYS CA 268 -55.15 -27.10 -3.20
C LYS CA 268 -55.52 -25.65 -2.94
N PRO CA 269 -56.52 -25.10 -3.62
CA PRO CA 269 -57.02 -23.78 -3.23
C PRO CA 269 -57.57 -23.85 -1.81
N LEU CA 270 -57.06 -22.99 -0.95
CA LEU CA 270 -57.43 -23.03 0.46
C LEU CA 270 -58.78 -22.36 0.72
N THR CA 271 -59.50 -22.90 1.71
CA THR CA 271 -60.76 -22.34 2.16
C THR CA 271 -60.63 -22.05 3.65
N LEU CA 272 -61.04 -20.84 4.05
CA LEU CA 272 -60.96 -20.40 5.44
C LEU CA 272 -62.35 -20.00 5.92
N ARG CA 273 -62.72 -20.46 7.12
CA ARG CA 273 -63.99 -20.12 7.72
C ARG CA 273 -63.78 -19.61 9.14
N TRP CA 274 -64.74 -18.80 9.59
CA TRP CA 274 -64.73 -18.26 10.95
C TRP CA 274 -65.71 -19.06 11.80
N GLU CA 275 -65.18 -19.80 12.77
CA GLU CA 275 -66.02 -20.59 13.68
C GLU CA 275 -65.20 -21.08 14.87
N MET DA 1 -43.86 16.52 -15.91
CA MET DA 1 -43.54 16.21 -14.53
C MET DA 1 -44.77 15.70 -13.78
N ILE DA 2 -45.19 14.48 -14.12
CA ILE DA 2 -46.31 13.83 -13.45
C ILE DA 2 -45.90 13.49 -12.02
N GLN DA 3 -46.83 13.69 -11.07
CA GLN DA 3 -46.57 13.43 -9.66
C GLN DA 3 -47.64 12.54 -9.05
N ARG DA 4 -47.20 11.52 -8.31
CA ARG DA 4 -48.06 10.57 -7.61
C ARG DA 4 -47.69 10.57 -6.14
N THR DA 5 -48.70 10.66 -5.27
CA THR DA 5 -48.54 10.71 -3.82
C THR DA 5 -48.32 9.31 -3.23
N PRO DA 6 -47.46 9.19 -2.21
CA PRO DA 6 -47.06 7.87 -1.73
C PRO DA 6 -48.15 7.18 -0.91
N LYS DA 7 -48.12 5.84 -0.96
CA LYS DA 7 -48.98 4.99 -0.14
C LYS DA 7 -48.17 4.45 1.03
N ILE DA 8 -48.74 4.50 2.23
CA ILE DA 8 -48.01 4.15 3.46
C ILE DA 8 -48.70 2.95 4.11
N GLN DA 9 -47.91 1.93 4.45
CA GLN DA 9 -48.38 0.76 5.18
C GLN DA 9 -47.41 0.44 6.32
N VAL DA 10 -47.85 0.60 7.55
CA VAL DA 10 -47.06 0.28 8.73
C VAL DA 10 -47.56 -1.02 9.35
N TYR DA 11 -46.63 -1.95 9.59
CA TYR DA 11 -46.97 -3.29 10.05
C TYR DA 11 -45.75 -3.90 10.73
N SER DA 12 -45.81 -5.21 10.99
CA SER DA 12 -44.71 -5.93 11.64
C SER DA 12 -44.32 -7.16 10.82
N ARG DA 13 -43.05 -7.55 10.95
CA ARG DA 13 -42.56 -8.72 10.22
C ARG DA 13 -43.23 -10.00 10.71
N HIS DA 14 -43.49 -10.11 12.00
CA HIS DA 14 -44.12 -11.27 12.61
C HIS DA 14 -45.36 -10.83 13.38
N PRO DA 15 -46.27 -11.76 13.72
CA PRO DA 15 -47.40 -11.39 14.57
C PRO DA 15 -46.94 -10.83 15.91
N ALA DA 16 -47.52 -9.68 16.28
CA ALA DA 16 -47.06 -8.88 17.41
C ALA DA 16 -47.39 -9.56 18.73
N GLU DA 17 -46.54 -10.51 19.14
CA GLU DA 17 -46.65 -11.04 20.49
C GLU DA 17 -46.06 -10.03 21.44
N ASN DA 18 -46.78 -9.72 22.51
CA ASN DA 18 -46.31 -8.68 23.42
C ASN DA 18 -45.12 -9.19 24.20
N GLY DA 19 -44.11 -8.34 24.35
CA GLY DA 19 -42.92 -8.73 25.08
C GLY DA 19 -41.97 -9.65 24.34
N LYS DA 20 -42.04 -9.67 23.00
CA LYS DA 20 -41.17 -10.52 22.20
C LYS DA 20 -40.54 -9.71 21.08
N SER DA 21 -39.41 -10.20 20.57
CA SER DA 21 -38.65 -9.48 19.55
C SER DA 21 -39.34 -9.51 18.19
N ASN DA 22 -39.41 -8.35 17.54
CA ASN DA 22 -40.04 -8.22 16.22
C ASN DA 22 -39.40 -7.08 15.45
N PHE DA 23 -39.82 -6.93 14.19
CA PHE DA 23 -39.38 -5.86 13.31
C PHE DA 23 -40.57 -5.00 12.91
N LEU DA 24 -40.39 -3.68 12.96
CA LEU DA 24 -41.41 -2.73 12.53
C LEU DA 24 -41.10 -2.28 11.11
N ASN DA 25 -42.11 -2.31 10.24
CA ASN DA 25 -41.91 -2.02 8.82
C ASN DA 25 -42.78 -0.85 8.39
N CYS DA 26 -42.21 0.01 7.54
CA CYS DA 26 -42.93 1.05 6.83
C CYS DA 26 -42.72 0.86 5.33
N TYR DA 27 -43.82 0.72 4.59
CA TYR DA 27 -43.78 0.51 3.15
C TYR DA 27 -44.41 1.68 2.43
N VAL DA 28 -43.58 2.50 1.79
CA VAL DA 28 -44.03 3.63 0.99
C VAL DA 28 -43.92 3.22 -0.47
N SER DA 29 -44.97 3.48 -1.24
CA SER DA 29 -45.00 3.07 -2.64
C SER DA 29 -45.89 4.01 -3.43
N GLY DA 30 -45.87 3.83 -4.75
CA GLY DA 30 -46.70 4.64 -5.63
C GLY DA 30 -46.43 6.13 -5.58
N PHE DA 31 -45.16 6.52 -5.51
CA PHE DA 31 -44.81 7.93 -5.45
C PHE DA 31 -43.74 8.30 -6.46
N HIS DA 32 -43.80 9.56 -6.89
CA HIS DA 32 -42.82 10.18 -7.77
C HIS DA 32 -42.84 11.67 -7.45
N PRO DA 33 -41.65 12.31 -7.41
CA PRO DA 33 -40.30 11.80 -7.64
C PRO DA 33 -39.68 11.03 -6.48
N SER DA 34 -38.37 10.77 -6.61
CA SER DA 34 -37.66 9.88 -5.70
C SER DA 34 -37.44 10.49 -4.31
N ASP DA 35 -37.38 11.81 -4.21
CA ASP DA 35 -37.05 12.43 -2.93
C ASP DA 35 -38.13 12.19 -1.89
N ILE DA 36 -37.76 11.51 -0.81
CA ILE DA 36 -38.71 11.18 0.26
C ILE DA 36 -37.95 11.13 1.57
N GLU DA 37 -38.63 11.55 2.64
CA GLU DA 37 -38.08 11.53 4.00
C GLU DA 37 -39.00 10.65 4.85
N VAL DA 38 -38.45 9.60 5.44
CA VAL DA 38 -39.23 8.63 6.21
C VAL DA 38 -38.59 8.44 7.57
N ASP DA 39 -39.39 8.62 8.62
CA ASP DA 39 -38.94 8.45 10.00
C ASP DA 39 -39.87 7.50 10.74
N LEU DA 40 -39.30 6.72 11.65
CA LEU DA 40 -40.05 5.83 12.53
C LEU DA 40 -40.11 6.44 13.92
N LEU DA 41 -41.31 6.51 14.49
CA LEU DA 41 -41.52 7.19 15.77
C LEU DA 41 -42.01 6.20 16.82
N LYS DA 42 -41.52 6.38 18.05
CA LYS DA 42 -41.98 5.63 19.21
C LYS DA 42 -42.46 6.64 20.24
N ASN DA 43 -43.78 6.71 20.42
CA ASN DA 43 -44.42 7.67 21.33
C ASN DA 43 -44.15 9.11 20.91
N GLY DA 44 -44.02 9.33 19.60
CA GLY DA 44 -43.74 10.62 19.01
C GLY DA 44 -42.28 11.00 18.90
N GLU DA 45 -41.36 10.13 19.32
CA GLU DA 45 -39.93 10.40 19.26
C GLU DA 45 -39.31 9.57 18.15
N ARG DA 46 -38.41 10.18 17.38
CA ARG DA 46 -37.79 9.48 16.26
C ARG DA 46 -36.84 8.41 16.78
N ILE DA 47 -36.87 7.25 16.13
CA ILE DA 47 -36.04 6.10 16.47
C ILE DA 47 -34.70 6.19 15.75
N GLU DA 48 -33.63 5.89 16.51
CA GLU DA 48 -32.27 6.13 16.04
C GLU DA 48 -31.86 5.13 14.96
N LYS DA 49 -32.12 3.85 15.19
CA LYS DA 49 -31.67 2.79 14.28
C LYS DA 49 -32.80 2.42 13.33
N VAL DA 50 -32.70 2.91 12.10
CA VAL DA 50 -33.65 2.61 11.03
C VAL DA 50 -32.86 2.20 9.79
N GLU DA 51 -33.35 1.19 9.08
CA GLU DA 51 -32.74 0.74 7.84
C GLU DA 51 -33.78 0.79 6.73
N HIS DA 52 -33.31 0.68 5.48
CA HIS DA 52 -34.22 0.69 4.35
C HIS DA 52 -33.63 -0.14 3.21
N SER DA 53 -34.49 -0.48 2.26
CA SER DA 53 -34.12 -1.29 1.11
C SER DA 53 -33.55 -0.41 0.00
N ASP DA 54 -33.07 -1.06 -1.05
CA ASP DA 54 -32.50 -0.34 -2.19
C ASP DA 54 -33.60 0.17 -3.11
N LEU DA 55 -33.43 1.40 -3.60
CA LEU DA 55 -34.44 2.07 -4.40
C LEU DA 55 -34.77 1.29 -5.68
N SER DA 56 -36.05 1.01 -5.86
CA SER DA 56 -36.58 0.32 -7.03
C SER DA 56 -37.88 0.99 -7.43
N PHE DA 57 -38.48 0.54 -8.52
CA PHE DA 57 -39.71 1.15 -8.99
C PHE DA 57 -40.59 0.08 -9.63
N SER DA 58 -41.88 0.40 -9.74
CA SER DA 58 -42.87 -0.54 -10.25
C SER DA 58 -43.07 -0.35 -11.75
N LYS DA 59 -44.06 -1.07 -12.30
CA LYS DA 59 -44.33 -1.04 -13.73
C LYS DA 59 -44.80 0.34 -14.20
N ASP DA 60 -45.55 1.05 -13.37
CA ASP DA 60 -46.04 2.38 -13.70
C ASP DA 60 -45.04 3.48 -13.36
N TRP DA 61 -43.77 3.12 -13.12
CA TRP DA 61 -42.64 4.01 -12.81
C TRP DA 61 -42.66 4.57 -11.39
N SER DA 62 -43.59 4.12 -10.54
CA SER DA 62 -43.65 4.64 -9.18
C SER DA 62 -42.61 3.97 -8.30
N PHE DA 63 -42.08 4.73 -7.35
CA PHE DA 63 -40.99 4.26 -6.51
C PHE DA 63 -41.57 3.61 -5.26
N TYR DA 64 -40.83 2.62 -4.73
CA TYR DA 64 -41.23 1.96 -3.49
C TYR DA 64 -40.01 1.66 -2.63
N LEU DA 65 -40.18 1.84 -1.31
CA LEU DA 65 -39.13 1.65 -0.33
C LEU DA 65 -39.71 0.98 0.91
N LEU DA 66 -38.86 0.22 1.61
CA LEU DA 66 -39.23 -0.47 2.83
C LEU DA 66 -38.28 -0.05 3.94
N TYR DA 67 -38.82 0.60 4.96
CA TYR DA 67 -38.04 1.01 6.13
C TYR DA 67 -38.34 0.06 7.27
N TYR DA 68 -37.30 -0.40 7.97
CA TYR DA 68 -37.50 -1.41 9.01
C TYR DA 68 -36.50 -1.21 10.13
N THR DA 69 -36.89 -1.67 11.31
CA THR DA 69 -36.02 -1.71 12.47
C THR DA 69 -36.48 -2.82 13.40
N GLU DA 70 -35.57 -3.29 14.26
CA GLU DA 70 -35.93 -4.29 15.26
C GLU DA 70 -36.56 -3.59 16.45
N PHE DA 71 -37.57 -4.22 17.03
CA PHE DA 71 -38.23 -3.63 18.19
C PHE DA 71 -38.95 -4.72 18.97
N THR DA 72 -39.29 -4.39 20.21
CA THR DA 72 -40.09 -5.28 21.05
C THR DA 72 -41.43 -4.62 21.36
N PRO DA 73 -42.55 -5.17 20.88
CA PRO DA 73 -43.84 -4.52 21.10
C PRO DA 73 -44.33 -4.67 22.53
N THR DA 74 -44.94 -3.59 23.04
CA THR DA 74 -45.48 -3.52 24.39
C THR DA 74 -46.86 -2.89 24.31
N GLU DA 75 -47.77 -3.34 25.18
CA GLU DA 75 -49.14 -2.82 25.17
C GLU DA 75 -49.22 -1.31 25.34
N LYS DA 76 -48.20 -0.67 25.93
CA LYS DA 76 -48.33 0.74 26.26
C LYS DA 76 -47.81 1.65 25.15
N ASP DA 77 -46.61 1.38 24.66
CA ASP DA 77 -45.95 2.23 23.67
C ASP DA 77 -46.78 2.36 22.40
N GLU DA 78 -46.58 3.48 21.71
CA GLU DA 78 -47.21 3.79 20.44
C GLU DA 78 -46.12 3.89 19.37
N TYR DA 79 -46.45 3.42 18.17
CA TYR DA 79 -45.53 3.44 17.05
C TYR DA 79 -46.25 4.04 15.85
N ALA DA 80 -45.48 4.63 14.95
CA ALA DA 80 -46.07 5.28 13.79
C ALA DA 80 -45.00 5.47 12.73
N CYS DA 81 -45.45 5.90 11.56
CA CYS DA 81 -44.57 6.25 10.45
C CYS DA 81 -44.88 7.67 10.03
N ARG DA 82 -43.84 8.48 9.90
CA ARG DA 82 -43.95 9.87 9.46
C ARG DA 82 -43.32 9.99 8.08
N VAL DA 83 -44.13 10.36 7.09
CA VAL DA 83 -43.67 10.46 5.72
C VAL DA 83 -43.92 11.88 5.24
N ASN DA 84 -42.86 12.53 4.76
CA ASN DA 84 -42.94 13.86 4.18
C ASN DA 84 -42.51 13.79 2.73
N HIS DA 85 -43.26 14.47 1.87
CA HIS DA 85 -42.99 14.42 0.43
C HIS DA 85 -43.37 15.76 -0.18
N VAL DA 86 -42.84 16.01 -1.38
CA VAL DA 86 -43.14 17.27 -2.06
C VAL DA 86 -44.62 17.37 -2.40
N THR DA 87 -45.26 16.24 -2.70
CA THR DA 87 -46.69 16.22 -3.02
C THR DA 87 -47.55 16.48 -1.79
N LEU DA 88 -46.99 16.32 -0.59
CA LEU DA 88 -47.76 16.45 0.64
C LEU DA 88 -47.68 17.88 1.17
N SER DA 89 -48.84 18.50 1.38
CA SER DA 89 -48.86 19.84 1.95
C SER DA 89 -48.28 19.85 3.36
N GLN DA 90 -48.55 18.80 4.13
CA GLN DA 90 -48.04 18.64 5.48
C GLN DA 90 -47.57 17.20 5.66
N PRO DA 91 -46.62 16.98 6.57
CA PRO DA 91 -46.15 15.61 6.83
C PRO DA 91 -47.27 14.68 7.29
N LYS DA 92 -47.38 13.54 6.62
CA LYS DA 92 -48.42 12.56 6.89
C LYS DA 92 -47.95 11.58 7.95
N ILE DA 93 -48.78 11.38 8.97
CA ILE DA 93 -48.49 10.47 10.08
C ILE DA 93 -49.46 9.30 9.99
N VAL DA 94 -48.93 8.09 10.11
CA VAL DA 94 -49.73 6.87 10.12
C VAL DA 94 -49.42 6.09 11.38
N LYS DA 95 -50.43 5.85 12.21
CA LYS DA 95 -50.20 5.12 13.45
C LYS DA 95 -50.20 3.62 13.19
N TRP DA 96 -49.51 2.88 14.05
CA TRP DA 96 -49.39 1.44 13.86
C TRP DA 96 -50.61 0.76 14.48
N ASP DA 97 -51.32 -0.02 13.68
CA ASP DA 97 -52.40 -0.86 14.16
C ASP DA 97 -51.95 -2.31 13.95
N ARG DA 98 -51.84 -3.06 15.04
CA ARG DA 98 -51.39 -4.44 14.96
C ARG DA 98 -52.41 -5.31 14.26
N ASP DA 99 -53.64 -4.82 14.15
CA ASP DA 99 -54.74 -5.49 13.47
C ASP DA 99 -54.82 -5.13 11.99
N MET DA 100 -53.89 -4.33 11.48
CA MET DA 100 -53.86 -3.96 10.06
C MET DA 100 -52.46 -4.10 9.48
N GLY EA 1 2.90 40.10 24.72
CA GLY EA 1 2.61 41.02 25.80
C GLY EA 1 1.17 41.00 26.24
N SER EA 2 0.31 41.66 25.47
CA SER EA 2 -1.11 41.71 25.76
C SER EA 2 -1.82 40.53 25.09
N HIS EA 3 -2.72 39.91 25.84
CA HIS EA 3 -3.46 38.76 25.36
C HIS EA 3 -4.96 39.05 25.37
N SER EA 4 -5.70 38.30 24.56
CA SER EA 4 -7.14 38.49 24.46
C SER EA 4 -7.83 37.17 24.20
N MET EA 5 -9.08 37.08 24.64
CA MET EA 5 -9.96 35.98 24.28
C MET EA 5 -11.22 36.59 23.69
N ARG EA 6 -11.61 36.12 22.51
CA ARG EA 6 -12.75 36.69 21.80
C ARG EA 6 -13.63 35.58 21.26
N TYR EA 7 -14.94 35.81 21.29
CA TYR EA 7 -15.92 34.90 20.73
C TYR EA 7 -16.69 35.64 19.65
N PHE EA 8 -16.84 35.01 18.49
CA PHE EA 8 -17.53 35.61 17.34
C PHE EA 8 -18.73 34.76 17.00
N PHE EA 9 -19.92 35.38 16.98
CA PHE EA 9 -21.16 34.69 16.68
C PHE EA 9 -21.79 35.28 15.43
N THR EA 10 -22.22 34.41 14.53
CA THR EA 10 -22.93 34.79 13.32
C THR EA 10 -24.17 33.92 13.18
N SER EA 11 -25.33 34.55 13.01
CA SER EA 11 -26.59 33.85 12.79
C SER EA 11 -27.26 34.44 11.57
N VAL EA 12 -27.53 33.60 10.57
CA VAL EA 12 -28.14 34.00 9.32
C VAL EA 12 -29.46 33.25 9.16
N SER EA 13 -30.51 33.98 8.79
CA SER EA 13 -31.85 33.43 8.69
C SER EA 13 -32.13 32.97 7.26
N ARG EA 14 -32.64 31.74 7.11
CA ARG EA 14 -33.06 31.22 5.81
C ARG EA 14 -34.57 31.21 5.77
N PRO EA 15 -35.21 32.15 5.06
CA PRO EA 15 -36.67 32.32 5.08
C PRO EA 15 -37.40 31.26 4.28
N GLY EA 16 -38.23 30.46 4.97
CA GLY EA 16 -38.75 29.26 4.35
C GLY EA 16 -38.07 27.97 4.72
N ARG EA 17 -36.87 27.79 4.16
CA ARG EA 17 -36.20 26.50 4.07
C ARG EA 17 -35.46 26.13 5.37
N GLY EA 18 -36.23 26.10 6.45
CA GLY EA 18 -35.70 25.59 7.72
C GLY EA 18 -35.35 26.64 8.75
N GLU EA 19 -34.42 26.29 9.64
CA GLU EA 19 -34.02 27.17 10.73
C GLU EA 19 -32.85 28.06 10.31
N PRO EA 20 -32.48 29.03 11.14
CA PRO EA 20 -31.32 29.88 10.82
C PRO EA 20 -29.99 29.21 11.12
N ARG EA 21 -29.00 29.49 10.29
CA ARG EA 21 -27.66 28.98 10.47
C ARG EA 21 -26.94 29.79 11.55
N PHE EA 22 -26.31 29.08 12.49
CA PHE EA 22 -25.63 29.72 13.62
C PHE EA 22 -24.18 29.23 13.65
N ILE EA 23 -23.24 30.17 13.64
CA ILE EA 23 -21.82 29.86 13.71
C ILE EA 23 -21.22 30.53 14.94
N ALA EA 24 -20.43 29.76 15.69
CA ALA EA 24 -19.73 30.24 16.87
C ALA EA 24 -18.27 29.84 16.77
N VAL EA 25 -17.37 30.78 17.00
CA VAL EA 25 -15.94 30.52 16.96
C VAL EA 25 -15.26 31.19 18.15
N GLY EA 26 -14.24 30.54 18.70
CA GLY EA 26 -13.51 31.09 19.82
C GLY EA 26 -12.03 31.25 19.52
N TYR EA 27 -11.47 32.41 19.85
CA TYR EA 27 -10.08 32.71 19.61
C TYR EA 27 -9.38 33.11 20.89
N VAL EA 28 -8.15 32.63 21.07
CA VAL EA 28 -7.22 33.17 22.05
C VAL EA 28 -6.03 33.72 21.27
N ASP EA 29 -5.82 35.04 21.36
CA ASP EA 29 -4.84 35.74 20.53
C ASP EA 29 -5.28 35.52 19.08
N ASP EA 30 -4.47 34.92 18.22
CA ASP EA 30 -4.87 34.65 16.85
C ASP EA 30 -5.09 33.15 16.59
N THR EA 31 -5.26 32.36 17.64
CA THR EA 31 -5.47 30.92 17.54
C THR EA 31 -6.90 30.57 17.89
N GLN EA 32 -7.54 29.79 17.02
CA GLN EA 32 -8.91 29.31 17.25
C GLN EA 32 -8.89 27.97 17.97
N PHE EA 33 -9.64 27.86 19.06
CA PHE EA 33 -9.64 26.66 19.88
C PHE EA 33 -10.99 25.97 20.03
N VAL EA 34 -12.11 26.64 19.72
CA VAL EA 34 -13.44 26.05 19.84
C VAL EA 34 -14.31 26.56 18.69
N ARG EA 35 -15.30 25.75 18.32
CA ARG EA 35 -16.22 26.11 17.25
C ARG EA 35 -17.57 25.43 17.45
N PHE EA 36 -18.60 26.03 16.85
CA PHE EA 36 -19.94 25.45 16.81
C PHE EA 36 -20.62 25.76 15.49
N ASP EA 37 -21.20 24.72 14.88
CA ASP EA 37 -21.93 24.82 13.63
C ASP EA 37 -23.33 24.24 13.82
N SER EA 38 -24.35 24.98 13.38
CA SER EA 38 -25.71 24.47 13.50
C SER EA 38 -25.98 23.29 12.56
N ASP EA 39 -25.24 23.21 11.45
CA ASP EA 39 -25.38 22.11 10.50
C ASP EA 39 -24.33 21.02 10.71
N ALA EA 40 -23.57 21.09 11.80
CA ALA EA 40 -22.60 20.05 12.09
C ALA EA 40 -23.30 18.84 12.71
N ALA EA 41 -22.83 17.66 12.35
CA ALA EA 41 -23.44 16.43 12.87
C ALA EA 41 -23.26 16.31 14.37
N SER EA 42 -22.12 16.77 14.89
CA SER EA 42 -21.86 16.65 16.33
C SER EA 42 -22.88 17.45 17.14
N GLN EA 43 -23.21 18.66 16.68
CA GLN EA 43 -24.10 19.57 17.41
C GLN EA 43 -23.55 19.87 18.80
N ARG EA 44 -22.23 19.90 18.92
CA ARG EA 44 -21.56 20.10 20.19
C ARG EA 44 -20.44 21.11 20.03
N MET EA 45 -19.97 21.62 21.17
CA MET EA 45 -18.79 22.48 21.16
C MET EA 45 -17.56 21.61 20.91
N GLU EA 46 -16.92 21.86 19.82
CA GLU EA 46 -15.81 21.04 19.35
C GLU EA 46 -14.48 21.75 19.62
N PRO EA 47 -13.41 20.99 19.85
CA PRO EA 47 -12.09 21.62 20.03
C PRO EA 47 -11.41 21.80 18.68
N ARG EA 48 -10.75 22.94 18.52
CA ARG EA 48 -10.01 23.21 17.30
C ARG EA 48 -8.51 23.33 17.49
N ALA EA 49 -8.04 23.33 18.73
CA ALA EA 49 -6.63 23.40 19.05
C ALA EA 49 -6.27 22.24 19.96
N PRO EA 50 -5.06 21.69 19.82
CA PRO EA 50 -4.70 20.50 20.60
C PRO EA 50 -4.66 20.73 22.10
N TRP EA 51 -4.23 21.92 22.55
CA TRP EA 51 -4.03 22.14 23.98
C TRP EA 51 -5.34 22.15 24.76
N ILE EA 52 -6.46 22.47 24.12
CA ILE EA 52 -7.75 22.47 24.81
C ILE EA 52 -8.38 21.08 24.94
N GLU EA 53 -7.98 20.11 24.11
CA GLU EA 53 -8.63 18.80 24.13
C GLU EA 53 -8.51 18.05 25.47
N GLN EA 54 -7.49 18.31 26.28
CA GLN EA 54 -7.37 17.55 27.52
C GLN EA 54 -8.34 18.03 28.62
N GLU EA 55 -9.39 18.76 28.28
CA GLU EA 55 -10.37 19.17 29.28
C GLU EA 55 -11.38 18.03 29.46
N GLY EA 56 -11.95 17.95 30.66
CA GLY EA 56 -12.87 16.87 30.95
C GLY EA 56 -14.20 17.00 30.24
N PRO EA 57 -14.94 15.89 30.13
CA PRO EA 57 -16.25 15.94 29.48
C PRO EA 57 -17.26 16.81 30.21
N GLU EA 58 -17.09 17.01 31.52
CA GLU EA 58 -17.94 17.94 32.25
C GLU EA 58 -17.83 19.35 31.67
N TYR EA 59 -16.61 19.74 31.28
CA TYR EA 59 -16.39 21.02 30.62
C TYR EA 59 -17.08 21.10 29.26
N TRP EA 60 -16.87 20.07 28.42
CA TRP EA 60 -17.41 20.11 27.06
C TRP EA 60 -18.93 20.13 27.06
N ASP EA 61 -19.56 19.36 27.96
CA ASP EA 61 -21.01 19.34 28.06
C ASP EA 61 -21.57 20.70 28.48
N GLY EA 62 -20.90 21.37 29.41
CA GLY EA 62 -21.36 22.69 29.83
C GLY EA 62 -21.27 23.74 28.75
N GLU EA 63 -20.16 23.75 28.01
CA GLU EA 63 -20.00 24.74 26.94
C GLU EA 63 -21.03 24.50 25.84
N THR EA 64 -21.31 23.23 25.53
CA THR EA 64 -22.33 22.90 24.55
C THR EA 64 -23.72 23.34 25.01
N ARG EA 65 -23.99 23.26 26.31
CA ARG EA 65 -25.32 23.63 26.80
C ARG EA 65 -25.62 25.11 26.57
N LYS EA 66 -24.68 26.00 26.90
CA LYS EA 66 -24.95 27.43 26.81
C LYS EA 66 -24.95 27.93 25.37
N VAL EA 67 -24.06 27.40 24.52
CA VAL EA 67 -23.96 27.90 23.15
C VAL EA 67 -25.26 27.67 22.40
N LYS EA 68 -25.90 26.51 22.62
CA LYS EA 68 -27.20 26.26 22.01
C LYS EA 68 -28.22 27.28 22.50
N ALA EA 69 -28.15 27.63 23.79
CA ALA EA 69 -29.03 28.66 24.33
C ALA EA 69 -28.75 30.00 23.64
N HIS EA 70 -27.48 30.32 23.39
CA HIS EA 70 -27.18 31.53 22.63
C HIS EA 70 -27.74 31.43 21.21
N SER EA 71 -27.70 30.21 20.63
CA SER EA 71 -28.30 30.03 19.31
C SER EA 71 -29.80 30.31 19.36
N GLN EA 72 -30.47 29.81 20.41
CA GLN EA 72 -31.88 30.08 20.61
C GLN EA 72 -32.08 31.57 20.90
N THR EA 73 -31.11 32.18 21.57
CA THR EA 73 -31.15 33.61 21.83
C THR EA 73 -31.18 34.43 20.54
N HIS EA 74 -30.23 34.17 19.65
CA HIS EA 74 -30.08 34.96 18.43
C HIS EA 74 -31.18 34.68 17.41
N ARG EA 75 -31.77 33.48 17.44
CA ARG EA 75 -32.91 33.19 16.56
C ARG EA 75 -34.13 34.05 16.90
N VAL EA 76 -34.37 34.31 18.19
CA VAL EA 76 -35.45 35.22 18.57
C VAL EA 76 -35.14 36.65 18.14
N ASP EA 77 -33.86 37.04 18.22
CA ASP EA 77 -33.46 38.39 17.83
C ASP EA 77 -33.76 38.66 16.36
N LEU EA 78 -33.56 37.67 15.50
CA LEU EA 78 -33.87 37.85 14.08
C LEU EA 78 -35.35 38.17 13.87
N GLY EA 79 -36.24 37.46 14.57
CA GLY EA 79 -37.65 37.78 14.47
C GLY EA 79 -37.99 39.13 15.06
N THR EA 80 -37.41 39.45 16.22
CA THR EA 80 -37.67 40.73 16.85
C THR EA 80 -37.20 41.90 15.99
N LEU EA 81 -35.98 41.78 15.44
CA LEU EA 81 -35.45 42.84 14.60
C LEU EA 81 -36.23 42.98 13.29
N ARG EA 82 -36.78 41.87 12.78
CA ARG EA 82 -37.63 41.94 11.60
C ARG EA 82 -38.86 42.80 11.86
N GLY EA 83 -39.46 42.66 13.05
CA GLY EA 83 -40.59 43.51 13.41
C GLY EA 83 -40.18 44.97 13.57
N TYR EA 84 -38.98 45.21 14.10
CA TYR EA 84 -38.54 46.58 14.37
C TYR EA 84 -38.47 47.41 13.09
N TYR EA 85 -37.92 46.83 12.03
CA TYR EA 85 -37.68 47.50 10.75
C TYR EA 85 -38.79 47.30 9.73
N ASN EA 86 -39.90 46.67 10.11
CA ASN EA 86 -41.02 46.42 9.19
C ASN EA 86 -40.57 45.59 7.99
N GLN EA 87 -39.66 44.65 8.25
CA GLN EA 87 -39.00 43.93 7.17
C GLN EA 87 -39.82 42.71 6.75
N SER EA 88 -39.76 42.40 5.46
CA SER EA 88 -40.45 41.24 4.92
C SER EA 88 -39.81 39.96 5.44
N GLU EA 89 -40.62 38.92 5.58
CA GLU EA 89 -40.11 37.62 5.98
C GLU EA 89 -39.42 36.90 4.82
N ALA EA 90 -39.48 37.44 3.61
CA ALA EA 90 -38.85 36.79 2.45
C ALA EA 90 -37.34 37.00 2.41
N GLY EA 91 -36.83 38.00 3.13
CA GLY EA 91 -35.41 38.30 3.08
C GLY EA 91 -34.60 37.48 4.06
N SER EA 92 -33.36 37.19 3.67
CA SER EA 92 -32.41 36.51 4.55
C SER EA 92 -31.59 37.58 5.25
N HIS EA 93 -31.54 37.52 6.57
CA HIS EA 93 -30.90 38.55 7.37
C HIS EA 93 -29.93 37.93 8.36
N THR EA 94 -28.93 38.73 8.74
CA THR EA 94 -27.83 38.31 9.59
C THR EA 94 -27.82 39.11 10.89
N VAL EA 95 -27.56 38.43 12.00
CA VAL EA 95 -27.33 39.05 13.29
C VAL EA 95 -25.95 38.62 13.77
N GLN EA 96 -25.19 39.56 14.32
CA GLN EA 96 -23.83 39.26 14.73
C GLN EA 96 -23.56 39.84 16.12
N ARG EA 97 -22.77 39.10 16.90
CA ARG EA 97 -22.35 39.51 18.23
C ARG EA 97 -20.86 39.27 18.38
N MET EA 98 -20.18 40.18 19.07
CA MET EA 98 -18.76 40.00 19.38
C MET EA 98 -18.51 40.53 20.78
N TYR EA 99 -17.91 39.71 21.64
CA TYR EA 99 -17.48 40.16 22.95
C TYR EA 99 -16.11 39.58 23.25
N GLY EA 100 -15.30 40.37 23.96
CA GLY EA 100 -13.95 39.94 24.24
C GLY EA 100 -13.36 40.70 25.41
N CYS EA 101 -12.18 40.25 25.82
CA CYS EA 101 -11.46 40.78 26.97
C CYS EA 101 -10.00 40.94 26.59
N ASP EA 102 -9.37 41.99 27.11
CA ASP EA 102 -7.94 42.23 26.89
C ASP EA 102 -7.22 42.26 28.23
N VAL EA 103 -6.04 41.65 28.28
CA VAL EA 103 -5.20 41.65 29.47
C VAL EA 103 -3.82 42.16 29.10
N GLY EA 104 -3.15 42.79 30.06
CA GLY EA 104 -1.83 43.32 29.85
C GLY EA 104 -0.75 42.26 30.06
N SER EA 105 0.50 42.74 30.06
CA SER EA 105 1.63 41.84 30.31
C SER EA 105 1.58 41.23 31.71
N ASP EA 106 1.01 41.96 32.67
CA ASP EA 106 0.86 41.44 34.02
C ASP EA 106 -0.19 40.34 34.09
N TRP EA 107 -0.97 40.15 33.03
CA TRP EA 107 -2.04 39.15 32.93
C TRP EA 107 -3.27 39.60 33.69
N ARG EA 108 -3.37 40.89 33.98
CA ARG EA 108 -4.51 41.44 34.67
C ARG EA 108 -5.40 42.19 33.66
N PHE EA 109 -6.63 42.47 34.08
CA PHE EA 109 -7.63 43.00 33.16
C PHE EA 109 -7.21 44.34 32.56
N LEU EA 110 -7.51 44.52 31.27
CA LEU EA 110 -7.19 45.74 30.54
C LEU EA 110 -8.43 46.35 29.86
N ARG EA 111 -9.12 45.57 29.03
CA ARG EA 111 -10.17 46.12 28.17
C ARG EA 111 -11.25 45.06 27.94
N GLY EA 112 -12.39 45.52 27.44
CA GLY EA 112 -13.52 44.65 27.18
C GLY EA 112 -14.35 45.14 26.01
N TYR EA 113 -15.02 44.20 25.34
CA TYR EA 113 -15.83 44.51 24.18
C TYR EA 113 -17.16 43.77 24.26
N HIS EA 114 -18.24 44.46 23.90
CA HIS EA 114 -19.53 43.83 23.64
C HIS EA 114 -20.22 44.63 22.53
N GLN EA 115 -20.46 44.01 21.38
CA GLN EA 115 -21.08 44.72 20.27
C GLN EA 115 -22.07 43.83 19.54
N TYR EA 116 -23.08 44.46 18.94
CA TYR EA 116 -24.09 43.79 18.15
C TYR EA 116 -24.13 44.37 16.74
N ALA EA 117 -24.48 43.53 15.77
CA ALA EA 117 -24.61 43.94 14.39
C ALA EA 117 -25.79 43.24 13.74
N TYR EA 118 -26.54 43.98 12.93
CA TYR EA 118 -27.66 43.43 12.18
C TYR EA 118 -27.48 43.80 10.72
N ASP EA 119 -27.38 42.78 9.86
CA ASP EA 119 -27.26 42.98 8.41
C ASP EA 119 -26.02 43.81 8.07
N GLY EA 120 -24.94 43.60 8.81
CA GLY EA 120 -23.69 44.25 8.50
C GLY EA 120 -23.56 45.67 8.98
N LYS EA 121 -24.45 46.14 9.85
CA LYS EA 121 -24.38 47.49 10.42
C LYS EA 121 -24.36 47.39 11.93
N ASP EA 122 -23.72 48.37 12.56
CA ASP EA 122 -23.73 48.43 14.02
C ASP EA 122 -25.16 48.59 14.53
N TYR EA 123 -25.50 47.81 15.56
CA TYR EA 123 -26.83 47.88 16.16
C TYR EA 123 -26.73 48.43 17.58
N ILE EA 124 -26.24 47.63 18.53
CA ILE EA 124 -26.03 48.09 19.90
C ILE EA 124 -24.67 47.58 20.38
N ALA EA 125 -23.93 48.44 21.05
CA ALA EA 125 -22.59 48.11 21.52
C ALA EA 125 -22.41 48.62 22.93
N LEU EA 126 -21.56 47.92 23.69
CA LEU EA 126 -21.26 48.31 25.05
C LEU EA 126 -20.07 49.26 25.04
N LYS EA 127 -20.20 50.37 25.74
CA LYS EA 127 -19.15 51.38 25.77
C LYS EA 127 -17.93 50.86 26.54
N GLU EA 128 -16.86 51.65 26.50
CA GLU EA 128 -15.60 51.24 27.10
C GLU EA 128 -15.69 51.18 28.61
N ASP EA 129 -16.46 52.10 29.22
CA ASP EA 129 -16.63 52.09 30.67
C ASP EA 129 -17.33 50.85 31.17
N LEU EA 130 -18.03 50.13 30.28
CA LEU EA 130 -18.77 48.90 30.58
C LEU EA 130 -20.04 49.17 31.38
N ARG EA 131 -20.53 50.41 31.37
CA ARG EA 131 -21.71 50.79 32.11
C ARG EA 131 -22.73 51.53 31.27
N SER EA 132 -22.42 51.81 29.99
CA SER EA 132 -23.30 52.57 29.13
C SER EA 132 -23.39 51.88 27.76
N TRP EA 133 -24.44 52.22 27.02
CA TRP EA 133 -24.72 51.63 25.72
C TRP EA 133 -24.80 52.72 24.67
N THR EA 134 -24.37 52.38 23.45
CA THR EA 134 -24.45 53.26 22.29
C THR EA 134 -25.41 52.65 21.29
N ALA EA 135 -26.44 53.41 20.91
CA ALA EA 135 -27.47 52.94 19.99
C ALA EA 135 -27.31 53.64 18.66
N ALA EA 136 -27.22 52.86 17.59
CA ALA EA 136 -26.99 53.41 16.25
C ALA EA 136 -28.18 54.21 15.75
N ASP EA 137 -29.37 53.64 15.83
CA ASP EA 137 -30.56 54.23 15.23
C ASP EA 137 -31.77 54.02 16.14
N MET EA 138 -32.95 54.30 15.59
CA MET EA 138 -34.20 54.21 16.36
C MET EA 138 -34.46 52.81 16.89
N ALA EA 139 -34.28 51.79 16.05
CA ALA EA 139 -34.54 50.41 16.47
C ALA EA 139 -33.62 49.99 17.62
N ALA EA 140 -32.37 50.44 17.61
CA ALA EA 140 -31.45 50.08 18.69
C ALA EA 140 -31.84 50.72 20.01
N GLN EA 141 -32.44 51.91 19.97
CA GLN EA 141 -32.81 52.56 21.22
C GLN EA 141 -33.89 51.79 21.96
N THR EA 142 -34.82 51.15 21.23
CA THR EA 142 -35.83 50.34 21.90
C THR EA 142 -35.18 49.20 22.68
N THR EA 143 -34.19 48.54 22.08
CA THR EA 143 -33.45 47.49 22.78
C THR EA 143 -32.58 48.08 23.89
N LYS EA 144 -32.07 49.30 23.68
CA LYS EA 144 -31.24 49.95 24.69
C LYS EA 144 -31.99 50.16 25.98
N HIS EA 145 -33.23 50.65 25.90
CA HIS EA 145 -34.00 50.95 27.11
C HIS EA 145 -34.26 49.68 27.91
N LYS EA 146 -34.63 48.59 27.23
CA LYS EA 146 -34.84 47.33 27.93
C LYS EA 146 -33.55 46.83 28.56
N TRP EA 147 -32.43 46.91 27.82
CA TRP EA 147 -31.17 46.45 28.36
C TRP EA 147 -30.69 47.32 29.53
N GLU EA 148 -30.98 48.63 29.47
CA GLU EA 148 -30.64 49.49 30.59
C GLU EA 148 -31.45 49.14 31.83
N ALA EA 149 -32.76 48.90 31.64
CA ALA EA 149 -33.63 48.56 32.77
C ALA EA 149 -33.28 47.20 33.37
N ALA EA 150 -32.90 46.25 32.53
CA ALA EA 150 -32.63 44.88 32.98
C ALA EA 150 -31.23 44.72 33.58
N HIS EA 151 -30.46 45.80 33.69
CA HIS EA 151 -29.12 45.77 34.27
C HIS EA 151 -28.22 44.80 33.52
N VAL EA 152 -28.33 44.80 32.18
CA VAL EA 152 -27.51 43.92 31.37
C VAL EA 152 -26.04 44.32 31.43
N ALA EA 153 -25.77 45.64 31.48
CA ALA EA 153 -24.37 46.10 31.46
C ALA EA 153 -23.59 45.56 32.65
N GLU EA 154 -24.22 45.49 33.82
CA GLU EA 154 -23.52 45.01 35.02
C GLU EA 154 -23.21 43.53 34.94
N GLN EA 155 -24.10 42.72 34.37
CA GLN EA 155 -23.84 41.29 34.25
C GLN EA 155 -22.71 41.01 33.26
N LEU EA 156 -22.68 41.74 32.14
CA LEU EA 156 -21.59 41.55 31.18
C LEU EA 156 -20.27 42.02 31.76
N ARG EA 157 -20.28 43.15 32.47
CA ARG EA 157 -19.06 43.67 33.08
C ARG EA 157 -18.45 42.66 34.04
N ALA EA 158 -19.29 41.90 34.76
CA ALA EA 158 -18.77 40.87 35.66
C ALA EA 158 -18.05 39.77 34.88
N TYR EA 159 -18.57 39.39 33.70
CA TYR EA 159 -17.94 38.35 32.91
C TYR EA 159 -16.60 38.81 32.38
N LEU EA 160 -16.56 39.99 31.76
CA LEU EA 160 -15.32 40.47 31.14
C LEU EA 160 -14.26 40.80 32.18
N GLU EA 161 -14.64 41.52 33.23
CA GLU EA 161 -13.65 41.94 34.24
C GLU EA 161 -13.19 40.77 35.10
N GLY EA 162 -14.03 39.74 35.26
CA GLY EA 162 -13.66 38.65 36.15
C GLY EA 162 -13.63 37.27 35.52
N THR EA 163 -14.76 36.86 34.94
CA THR EA 163 -14.87 35.48 34.46
C THR EA 163 -13.92 35.21 33.30
N CYS EA 164 -13.83 36.12 32.33
CA CYS EA 164 -12.91 35.90 31.22
C CYS EA 164 -11.47 35.87 31.71
N VAL EA 165 -11.09 36.86 32.52
CA VAL EA 165 -9.70 36.99 32.94
C VAL EA 165 -9.22 35.73 33.66
N GLU EA 166 -10.08 35.14 34.50
CA GLU EA 166 -9.71 33.91 35.19
C GLU EA 166 -9.50 32.76 34.20
N TRP EA 167 -10.43 32.59 33.26
CA TRP EA 167 -10.30 31.50 32.29
C TRP EA 167 -9.26 31.79 31.21
N LEU EA 168 -9.08 33.05 30.82
CA LEU EA 168 -8.02 33.35 29.87
C LEU EA 168 -6.65 33.01 30.45
N ARG EA 169 -6.43 33.34 31.72
CA ARG EA 169 -5.17 32.96 32.38
C ARG EA 169 -5.04 31.44 32.42
N ARG EA 170 -6.13 30.74 32.72
CA ARG EA 170 -6.09 29.28 32.74
C ARG EA 170 -5.73 28.71 31.38
N TYR EA 171 -6.28 29.29 30.31
CA TYR EA 171 -5.96 28.83 28.97
C TYR EA 171 -4.50 29.06 28.62
N LEU EA 172 -3.95 30.21 29.01
CA LEU EA 172 -2.54 30.51 28.70
C LEU EA 172 -1.60 29.53 29.36
N GLU EA 173 -1.83 29.22 30.64
CA GLU EA 173 -0.95 28.28 31.35
C GLU EA 173 -1.07 26.85 30.82
N ASN EA 174 -2.29 26.42 30.46
CA ASN EA 174 -2.49 25.06 29.98
C ASN EA 174 -1.85 24.84 28.61
N GLY EA 175 -1.81 25.86 27.76
CA GLY EA 175 -1.17 25.69 26.47
C GLY EA 175 0.02 26.61 26.26
N LYS EA 176 0.96 26.56 27.22
CA LYS EA 176 2.14 27.42 27.13
C LYS EA 176 2.96 27.10 25.89
N GLU EA 177 3.13 25.81 25.57
CA GLU EA 177 3.91 25.45 24.40
C GLU EA 177 3.26 25.95 23.11
N THR EA 178 1.94 26.03 23.06
CA THR EA 178 1.27 26.34 21.80
C THR EA 178 1.03 27.83 21.60
N LEU EA 179 0.63 28.56 22.66
CA LEU EA 179 0.27 29.97 22.51
C LEU EA 179 1.18 30.94 23.27
N GLN EA 180 2.05 30.45 24.16
CA GLN EA 180 3.05 31.30 24.79
C GLN EA 180 4.37 31.26 24.05
N ARG EA 181 4.43 30.52 22.96
CA ARG EA 181 5.58 30.48 22.07
C ARG EA 181 5.60 31.74 21.22
N THR EA 182 6.78 32.10 20.75
CA THR EA 182 6.91 33.19 19.79
C THR EA 182 7.76 32.71 18.63
N ASP EA 183 7.27 32.91 17.41
CA ASP EA 183 7.94 32.40 16.21
C ASP EA 183 8.51 33.55 15.38
N ALA EA 184 9.84 33.56 15.22
CA ALA EA 184 10.49 34.58 14.42
C ALA EA 184 10.28 34.31 12.92
N PRO EA 185 10.13 35.35 12.10
CA PRO EA 185 9.88 35.13 10.68
C PRO EA 185 11.09 34.53 9.97
N LYS EA 186 10.81 33.80 8.89
CA LYS EA 186 11.84 33.26 8.00
C LYS EA 186 11.87 34.11 6.73
N THR EA 187 12.92 34.92 6.61
CA THR EA 187 12.98 35.99 5.62
C THR EA 187 13.85 35.59 4.42
N HIS EA 188 13.44 36.04 3.25
CA HIS EA 188 14.21 35.89 2.02
C HIS EA 188 13.74 36.95 1.03
N MET EA 189 14.51 37.13 -0.03
CA MET EA 189 14.30 38.21 -0.99
C MET EA 189 14.28 37.66 -2.41
N THR EA 190 13.41 38.23 -3.25
CA THR EA 190 13.26 37.80 -4.64
C THR EA 190 13.40 38.99 -5.57
N HIS EA 191 13.77 38.69 -6.81
CA HIS EA 191 14.02 39.70 -7.85
C HIS EA 191 13.11 39.45 -9.05
N HIS EA 192 12.42 40.51 -9.49
CA HIS EA 192 11.54 40.47 -10.64
C HIS EA 192 11.89 41.64 -11.56
N ALA EA 193 12.00 41.37 -12.86
CA ALA EA 193 12.40 42.39 -13.83
C ALA EA 193 11.16 42.82 -14.60
N VAL EA 194 10.71 44.04 -14.34
CA VAL EA 194 9.56 44.60 -15.07
C VAL EA 194 9.95 44.93 -16.50
N SER EA 195 11.10 45.56 -16.69
CA SER EA 195 11.55 46.01 -18.00
C SER EA 195 13.07 46.02 -18.01
N ASP EA 196 13.63 46.46 -19.13
CA ASP EA 196 15.08 46.51 -19.27
C ASP EA 196 15.72 47.47 -18.26
N HIS EA 197 14.97 48.46 -17.78
CA HIS EA 197 15.50 49.55 -16.97
C HIS EA 197 15.07 49.52 -15.51
N GLU EA 198 14.00 48.82 -15.15
CA GLU EA 198 13.55 48.79 -13.75
C GLU EA 198 13.08 47.39 -13.36
N ALA EA 199 13.34 47.05 -12.10
CA ALA EA 199 13.03 45.73 -11.54
C ALA EA 199 12.25 45.87 -10.24
N THR EA 200 11.59 44.78 -9.84
CA THR EA 200 10.80 44.71 -8.61
C THR EA 200 11.51 43.88 -7.55
N LEU EA 201 11.52 44.40 -6.32
CA LEU EA 201 12.12 43.71 -5.19
C LEU EA 201 11.01 43.27 -4.24
N ARG EA 202 11.08 42.02 -3.76
CA ARG EA 202 10.06 41.47 -2.89
C ARG EA 202 10.68 41.06 -1.55
N CYS EA 203 10.08 41.53 -0.46
CA CYS EA 203 10.50 41.18 0.90
C CYS EA 203 9.49 40.21 1.50
N TRP EA 204 9.97 39.05 1.96
CA TRP EA 204 9.10 37.99 2.44
C TRP EA 204 9.31 37.73 3.93
N ALA EA 205 8.20 37.57 4.65
CA ALA EA 205 8.19 37.12 6.05
C ALA EA 205 7.26 35.94 6.17
N LEU EA 206 7.74 34.84 6.76
CA LEU EA 206 6.99 33.60 6.82
C LEU EA 206 7.16 32.92 8.18
N SER EA 207 6.18 32.06 8.50
CA SER EA 207 6.21 31.20 9.69
C SER EA 207 6.40 31.99 10.98
N PHE EA 208 5.55 32.99 11.19
CA PHE EA 208 5.61 33.80 12.40
C PHE EA 208 4.24 33.89 13.07
N TYR EA 209 4.28 33.97 14.39
CA TYR EA 209 3.10 34.14 15.24
C TYR EA 209 3.51 35.04 16.41
N PRO EA 210 2.67 36.03 16.77
CA PRO EA 210 1.33 36.43 16.30
C PRO EA 210 1.29 37.05 14.90
N ALA EA 211 0.08 37.35 14.44
CA ALA EA 211 -0.12 37.84 13.07
C ALA EA 211 0.46 39.23 12.83
N GLU EA 212 0.44 40.10 13.84
CA GLU EA 212 0.83 41.50 13.62
C GLU EA 212 2.32 41.60 13.27
N ILE EA 213 2.61 42.34 12.19
CA ILE EA 213 3.97 42.55 11.74
C ILE EA 213 4.01 43.87 10.96
N THR EA 214 5.20 44.47 10.90
CA THR EA 214 5.43 45.69 10.15
C THR EA 214 6.57 45.51 9.16
N LEU EA 215 6.32 45.85 7.90
CA LEU EA 215 7.32 45.77 6.83
C LEU EA 215 7.47 47.14 6.20
N THR EA 216 8.70 47.64 6.14
CA THR EA 216 8.99 48.97 5.64
C THR EA 216 10.14 48.94 4.63
N TRP EA 217 10.04 49.81 3.63
CA TRP EA 217 11.02 49.95 2.57
C TRP EA 217 11.76 51.28 2.74
N GLN EA 218 13.10 51.22 2.72
CA GLN EA 218 13.92 52.41 2.85
C GLN EA 218 14.92 52.48 1.72
N ARG EA 219 15.04 53.67 1.10
CA ARG EA 219 16.04 53.97 0.09
C ARG EA 219 17.05 54.94 0.69
N ASP EA 220 18.29 54.47 0.87
CA ASP EA 220 19.38 55.26 1.43
C ASP EA 220 19.13 55.62 2.89
N GLY EA 221 18.34 54.82 3.59
CA GLY EA 221 17.99 55.14 4.96
C GLY EA 221 16.83 56.09 5.12
N GLU EA 222 15.97 56.21 4.10
CA GLU EA 222 14.80 57.06 4.14
C GLU EA 222 13.57 56.21 3.88
N ASP EA 223 12.54 56.38 4.71
CA ASP EA 223 11.33 55.59 4.58
C ASP EA 223 10.69 55.82 3.22
N GLN EA 224 10.46 54.72 2.49
CA GLN EA 224 9.92 54.76 1.14
C GLN EA 224 8.49 54.22 1.16
N THR EA 225 7.55 55.04 0.70
CA THR EA 225 6.14 54.71 0.69
C THR EA 225 5.53 55.23 -0.60
N GLN EA 226 4.27 54.84 -0.84
CA GLN EA 226 3.53 55.16 -2.07
C GLN EA 226 4.13 54.49 -3.29
N ASP EA 227 5.43 54.17 -3.24
CA ASP EA 227 6.10 53.42 -4.29
C ASP EA 227 6.25 51.94 -3.93
N THR EA 228 5.61 51.51 -2.85
CA THR EA 228 5.70 50.15 -2.34
C THR EA 228 4.35 49.45 -2.45
N GLU EA 229 4.40 48.11 -2.47
CA GLU EA 229 3.22 47.28 -2.49
C GLU EA 229 3.14 46.48 -1.19
N LEU EA 230 1.96 46.44 -0.58
CA LEU EA 230 1.74 45.76 0.68
C LEU EA 230 0.47 44.92 0.62
N VAL EA 231 0.60 43.64 0.93
CA VAL EA 231 -0.52 42.71 0.90
C VAL EA 231 -1.07 42.55 2.31
N GLU EA 232 -2.36 42.25 2.38
CA GLU EA 232 -2.99 41.97 3.66
C GLU EA 232 -2.37 40.72 4.27
N THR EA 233 -2.21 40.72 5.60
CA THR EA 233 -1.62 39.57 6.26
C THR EA 233 -2.46 38.32 6.03
N ARG EA 234 -1.78 37.22 5.73
CA ARG EA 234 -2.47 35.99 5.37
C ARG EA 234 -2.13 34.86 6.33
N PRO EA 235 -3.07 33.96 6.61
CA PRO EA 235 -2.77 32.78 7.43
C PRO EA 235 -2.19 31.68 6.57
N ALA EA 236 -1.09 31.08 7.03
CA ALA EA 236 -0.47 29.99 6.29
C ALA EA 236 -1.27 28.70 6.34
N GLY EA 237 -2.08 28.50 7.38
CA GLY EA 237 -2.83 27.27 7.55
C GLY EA 237 -2.28 26.30 8.57
N ASP EA 238 -1.12 26.60 9.16
CA ASP EA 238 -0.52 25.76 10.20
C ASP EA 238 -0.41 26.51 11.53
N GLY EA 239 -1.18 27.58 11.69
CA GLY EA 239 -1.10 28.42 12.86
C GLY EA 239 -0.10 29.55 12.73
N THR EA 240 0.52 29.72 11.56
CA THR EA 240 1.45 30.79 11.28
C THR EA 240 0.86 31.68 10.19
N PHE EA 241 1.39 32.88 10.08
CA PHE EA 241 0.90 33.87 9.15
C PHE EA 241 2.01 34.28 8.19
N GLN EA 242 1.63 34.99 7.13
CA GLN EA 242 2.55 35.40 6.08
C GLN EA 242 2.19 36.79 5.58
N LYS EA 243 3.19 37.51 5.09
CA LYS EA 243 3.03 38.86 4.56
C LYS EA 243 4.26 39.18 3.73
N TRP EA 244 4.08 40.03 2.70
CA TRP EA 244 5.21 40.44 1.89
C TRP EA 244 5.02 41.87 1.41
N ALA EA 245 6.15 42.53 1.13
CA ALA EA 245 6.18 43.90 0.64
C ALA EA 245 7.08 43.98 -0.59
N ALA EA 246 6.67 44.80 -1.57
CA ALA EA 246 7.39 44.93 -2.82
C ALA EA 246 7.57 46.40 -3.19
N VAL EA 247 8.66 46.69 -3.88
CA VAL EA 247 8.97 48.04 -4.34
C VAL EA 247 9.57 47.96 -5.74
N VAL EA 248 9.23 48.92 -6.58
CA VAL EA 248 9.76 49.01 -7.94
C VAL EA 248 11.01 49.89 -7.91
N VAL EA 249 12.12 49.35 -8.41
CA VAL EA 249 13.41 50.04 -8.36
C VAL EA 249 14.05 50.11 -9.75
N PRO EA 250 14.63 51.24 -10.13
CA PRO EA 250 15.38 51.29 -11.38
C PRO EA 250 16.67 50.48 -11.32
N SER EA 251 17.04 49.93 -12.47
CA SER EA 251 18.19 49.03 -12.56
C SER EA 251 19.47 49.72 -12.10
N GLY EA 252 20.34 48.95 -11.43
CA GLY EA 252 21.59 49.45 -10.93
C GLY EA 252 21.52 50.10 -9.56
N GLN EA 253 20.32 50.28 -9.01
CA GLN EA 253 20.15 50.89 -7.70
C GLN EA 253 19.72 49.88 -6.64
N GLU EA 254 19.82 48.57 -6.92
CA GLU EA 254 19.42 47.56 -5.95
C GLU EA 254 20.23 47.65 -4.67
N GLN EA 255 21.38 48.33 -4.71
CA GLN EA 255 22.21 48.51 -3.53
C GLN EA 255 21.57 49.45 -2.51
N ARG EA 256 20.80 50.43 -2.98
CA ARG EA 256 20.38 51.53 -2.11
C ARG EA 256 19.30 51.12 -1.14
N TYR EA 257 18.48 50.12 -1.48
CA TYR EA 257 17.27 49.84 -0.73
C TYR EA 257 17.52 48.78 0.34
N THR EA 258 16.78 48.89 1.45
CA THR EA 258 16.93 47.96 2.56
C THR EA 258 15.56 47.59 3.12
N CYS EA 259 15.39 46.32 3.50
CA CYS EA 259 14.15 45.85 4.10
C CYS EA 259 14.34 45.55 5.58
N HIS EA 260 13.44 46.09 6.41
CA HIS EA 260 13.46 45.94 7.86
C HIS EA 260 12.17 45.27 8.32
N VAL EA 261 12.31 44.21 9.12
CA VAL EA 261 11.17 43.41 9.58
C VAL EA 261 11.03 43.60 11.09
N GLN EA 262 9.91 44.19 11.51
CA GLN EA 262 9.58 44.42 12.90
C GLN EA 262 8.57 43.36 13.34
N HIS EA 263 8.92 42.60 14.39
CA HIS EA 263 8.02 41.58 14.89
C HIS EA 263 8.41 41.24 16.32
N GLU EA 264 7.42 40.73 17.07
CA GLU EA 264 7.66 40.34 18.46
C GLU EA 264 8.68 39.21 18.54
N GLY EA 265 8.72 38.35 17.53
CA GLY EA 265 9.67 37.24 17.51
C GLY EA 265 11.11 37.65 17.34
N LEU EA 266 11.36 38.84 16.80
CA LEU EA 266 12.73 39.26 16.59
C LEU EA 266 13.15 40.17 17.73
N PRO EA 267 14.20 39.82 18.49
CA PRO EA 267 14.67 40.77 19.51
C PRO EA 267 15.26 42.01 18.90
N LYS EA 268 15.92 41.88 17.75
CA LYS EA 268 16.53 42.93 16.94
C LYS EA 268 15.81 43.06 15.61
N PRO EA 269 15.54 44.28 15.15
CA PRO EA 269 14.98 44.45 13.81
C PRO EA 269 15.93 43.94 12.74
N LEU EA 270 15.42 43.05 11.89
CA LEU EA 270 16.22 42.41 10.86
C LEU EA 270 16.40 43.36 9.68
N THR EA 271 17.54 43.23 9.01
CA THR EA 271 17.81 44.03 7.81
C THR EA 271 18.07 43.14 6.62
N LEU EA 272 17.41 43.46 5.50
CA LEU EA 272 17.52 42.70 4.26
C LEU EA 272 17.95 43.65 3.15
N ARG EA 273 18.96 43.22 2.38
CA ARG EA 273 19.38 43.90 1.17
C ARG EA 273 19.42 42.88 0.04
N TRP EA 274 19.61 43.36 -1.19
CA TRP EA 274 19.70 42.46 -2.34
C TRP EA 274 21.15 42.03 -2.51
N GLU EA 275 21.50 40.92 -1.87
CA GLU EA 275 22.84 40.35 -1.94
C GLU EA 275 22.85 38.95 -1.35
N MET FA 1 -29.47 46.88 3.24
CA MET FA 1 -28.37 46.16 3.87
C MET FA 1 -27.02 46.69 3.39
N ILE FA 2 -25.94 46.26 4.02
CA ILE FA 2 -24.60 46.54 3.54
C ILE FA 2 -24.09 45.31 2.81
N GLN FA 3 -23.44 45.53 1.67
CA GLN FA 3 -22.87 44.46 0.86
C GLN FA 3 -21.43 44.86 0.56
N ARG FA 4 -20.49 43.94 0.78
CA ARG FA 4 -19.08 44.19 0.54
C ARG FA 4 -18.52 43.15 -0.42
N THR FA 5 -17.78 43.61 -1.43
CA THR FA 5 -17.23 42.65 -2.38
C THR FA 5 -15.98 42.02 -1.79
N PRO FA 6 -15.77 40.72 -2.00
CA PRO FA 6 -14.68 40.02 -1.30
C PRO FA 6 -13.30 40.35 -1.85
N LYS FA 7 -12.31 40.27 -0.96
CA LYS FA 7 -10.91 40.38 -1.34
C LYS FA 7 -10.33 38.97 -1.39
N ILE FA 8 -9.60 38.67 -2.45
CA ILE FA 8 -9.11 37.33 -2.71
C ILE FA 8 -7.59 37.33 -2.71
N GLN FA 9 -7.00 36.39 -1.97
CA GLN FA 9 -5.56 36.19 -1.97
C GLN FA 9 -5.30 34.70 -2.15
N VAL FA 10 -4.73 34.36 -3.30
CA VAL FA 10 -4.34 32.99 -3.63
C VAL FA 10 -2.82 32.89 -3.52
N TYR FA 11 -2.35 31.88 -2.81
CA TYR FA 11 -0.94 31.74 -2.52
C TYR FA 11 -0.67 30.27 -2.18
N SER FA 12 0.51 30.01 -1.64
CA SER FA 12 0.91 28.67 -1.26
C SER FA 12 1.34 28.71 0.21
N ARG FA 13 1.19 27.58 0.90
CA ARG FA 13 1.58 27.55 2.31
C ARG FA 13 3.08 27.75 2.45
N HIS FA 14 3.87 27.16 1.56
CA HIS FA 14 5.32 27.24 1.56
C HIS FA 14 5.78 27.73 0.19
N PRO FA 15 7.03 28.16 0.06
CA PRO FA 15 7.55 28.52 -1.26
C PRO FA 15 7.46 27.35 -2.23
N ALA FA 16 6.95 27.63 -3.43
CA ALA FA 16 6.58 26.60 -4.40
C ALA FA 16 7.82 25.92 -4.97
N GLU FA 17 8.16 24.75 -4.41
CA GLU FA 17 9.19 23.86 -4.94
C GLU FA 17 8.54 22.77 -5.79
N ASN FA 18 9.06 22.56 -7.00
CA ASN FA 18 8.47 21.60 -7.91
C ASN FA 18 8.74 20.18 -7.42
N GLY FA 19 7.72 19.34 -7.50
CA GLY FA 19 7.84 17.95 -7.10
C GLY FA 19 7.82 17.68 -5.61
N LYS FA 20 7.29 18.60 -4.80
CA LYS FA 20 7.24 18.39 -3.36
C LYS FA 20 5.84 18.70 -2.85
N SER FA 21 5.51 18.13 -1.70
CA SER FA 21 4.17 18.28 -1.14
C SER FA 21 3.98 19.69 -0.57
N ASN FA 22 2.84 20.30 -0.89
CA ASN FA 22 2.54 21.64 -0.41
C ASN FA 22 1.03 21.80 -0.29
N PHE FA 23 0.61 22.94 0.26
CA PHE FA 23 -0.80 23.27 0.38
C PHE FA 23 -1.10 24.55 -0.39
N LEU FA 24 -2.19 24.54 -1.15
CA LEU FA 24 -2.65 25.71 -1.87
C LEU FA 24 -3.73 26.37 -1.03
N ASN FA 25 -3.62 27.68 -0.83
CA ASN FA 25 -4.53 28.40 0.05
C ASN FA 25 -5.24 29.51 -0.72
N CYS FA 26 -6.53 29.67 -0.41
CA CYS FA 26 -7.33 30.80 -0.84
C CYS FA 26 -7.88 31.50 0.39
N TYR FA 27 -7.58 32.79 0.52
CA TYR FA 27 -8.00 33.58 1.67
C TYR FA 27 -8.94 34.65 1.14
N VAL FA 28 -10.24 34.48 1.41
CA VAL FA 28 -11.27 35.43 1.04
C VAL FA 28 -11.66 36.23 2.27
N SER FA 29 -11.72 37.54 2.12
CA SER FA 29 -12.01 38.43 3.25
C SER FA 29 -12.71 39.67 2.73
N GLY FA 30 -13.16 40.50 3.66
CA GLY FA 30 -13.83 41.74 3.31
C GLY FA 30 -15.09 41.61 2.50
N PHE FA 31 -15.95 40.63 2.83
CA PHE FA 31 -17.19 40.43 2.12
C PHE FA 31 -18.36 40.31 3.07
N HIS FA 32 -19.53 40.73 2.59
CA HIS FA 32 -20.80 40.60 3.32
C HIS FA 32 -21.91 40.55 2.28
N PRO FA 33 -22.91 39.66 2.48
CA PRO FA 33 -23.17 38.71 3.56
C PRO FA 33 -22.33 37.43 3.46
N SER FA 34 -22.68 36.44 4.28
CA SER FA 34 -21.84 35.25 4.43
C SER FA 34 -21.88 34.35 3.20
N ASP FA 35 -22.97 34.37 2.43
CA ASP FA 35 -23.09 33.45 1.30
C ASP FA 35 -22.06 33.78 0.24
N ILE FA 36 -21.18 32.82 -0.04
CA ILE FA 36 -20.09 32.97 -0.99
C ILE FA 36 -19.81 31.62 -1.62
N GLU FA 37 -19.36 31.63 -2.86
CA GLU FA 37 -19.04 30.41 -3.59
C GLU FA 37 -17.55 30.42 -3.95
N VAL FA 38 -16.82 29.42 -3.45
CA VAL FA 38 -15.38 29.33 -3.63
C VAL FA 38 -15.01 27.93 -4.11
N ASP FA 39 -14.30 27.85 -5.22
CA ASP FA 39 -13.82 26.60 -5.78
C ASP FA 39 -12.33 26.70 -6.05
N LEU FA 40 -11.62 25.58 -5.89
CA LEU FA 40 -10.21 25.51 -6.23
C LEU FA 40 -10.06 24.75 -7.54
N LEU FA 41 -9.32 25.34 -8.49
CA LEU FA 41 -9.21 24.80 -9.83
C LEU FA 41 -7.77 24.42 -10.15
N LYS FA 42 -7.60 23.32 -10.87
CA LYS FA 42 -6.32 22.88 -11.40
C LYS FA 42 -6.46 22.79 -12.92
N ASN FA 43 -5.85 23.74 -13.64
CA ASN FA 43 -5.95 23.83 -15.09
C ASN FA 43 -7.38 24.04 -15.56
N GLY FA 44 -8.18 24.73 -14.74
CA GLY FA 44 -9.57 24.97 -15.05
C GLY FA 44 -10.52 23.88 -14.59
N GLU FA 45 -10.01 22.84 -13.92
CA GLU FA 45 -10.81 21.73 -13.44
C GLU FA 45 -10.96 21.82 -11.93
N ARG FA 46 -12.17 21.58 -11.43
CA ARG FA 46 -12.44 21.71 -10.01
C ARG FA 46 -11.77 20.60 -9.21
N ILE FA 47 -11.22 20.97 -8.06
CA ILE FA 47 -10.57 20.03 -7.15
C ILE FA 47 -11.62 19.47 -6.19
N GLU FA 48 -11.59 18.14 -6.00
CA GLU FA 48 -12.67 17.46 -5.29
C GLU FA 48 -12.65 17.73 -3.79
N LYS FA 49 -11.48 17.59 -3.16
CA LYS FA 49 -11.34 17.70 -1.70
C LYS FA 49 -10.85 19.09 -1.34
N VAL FA 50 -11.76 19.93 -0.84
CA VAL FA 50 -11.41 21.28 -0.38
C VAL FA 50 -12.01 21.50 1.00
N GLU FA 51 -11.14 21.72 1.98
CA GLU FA 51 -11.54 22.05 3.34
C GLU FA 51 -11.51 23.56 3.52
N HIS FA 52 -12.12 24.01 4.61
CA HIS FA 52 -12.13 25.44 4.89
C HIS FA 52 -12.18 25.66 6.40
N SER FA 53 -11.87 26.89 6.81
CA SER FA 53 -11.85 27.24 8.22
C SER FA 53 -13.26 27.60 8.69
N ASP FA 54 -13.39 27.82 9.98
CA ASP FA 54 -14.69 28.19 10.55
C ASP FA 54 -14.96 29.68 10.36
N LEU FA 55 -16.20 29.99 10.01
CA LEU FA 55 -16.60 31.36 9.67
C LEU FA 55 -16.36 32.34 10.82
N SER FA 56 -15.65 33.41 10.52
CA SER FA 56 -15.38 34.48 11.47
C SER FA 56 -15.52 35.81 10.74
N PHE FA 57 -15.39 36.91 11.49
CA PHE FA 57 -15.54 38.24 10.90
C PHE FA 57 -14.62 39.22 11.62
N SER FA 58 -14.38 40.36 10.95
CA SER FA 58 -13.46 41.38 11.43
C SER FA 58 -14.23 42.42 12.24
N LYS FA 59 -13.54 43.48 12.66
CA LYS FA 59 -14.17 44.48 13.52
C LYS FA 59 -15.26 45.26 12.79
N ASP FA 60 -15.09 45.51 11.50
CA ASP FA 60 -16.11 46.17 10.69
C ASP FA 60 -17.24 45.24 10.31
N TRP FA 61 -17.33 44.07 10.94
CA TRP FA 61 -18.37 43.05 10.78
C TRP FA 61 -18.20 42.26 9.49
N SER FA 62 -17.12 42.49 8.75
CA SER FA 62 -16.88 41.79 7.50
C SER FA 62 -16.30 40.40 7.72
N PHE FA 63 -16.68 39.46 6.86
CA PHE FA 63 -16.34 38.04 6.99
C PHE FA 63 -15.05 37.69 6.26
N TYR FA 64 -14.35 36.68 6.78
CA TYR FA 64 -13.14 36.16 6.16
C TYR FA 64 -13.13 34.64 6.26
N LEU FA 65 -12.69 33.97 5.19
CA LEU FA 65 -12.66 32.51 5.16
C LEU FA 65 -11.41 32.04 4.42
N LEU FA 66 -10.91 30.85 4.77
CA LEU FA 66 -9.73 30.27 4.15
C LEU FA 66 -10.01 28.88 3.58
N TYR FA 67 -9.90 28.74 2.25
CA TYR FA 67 -10.08 27.47 1.55
C TYR FA 67 -8.71 26.89 1.17
N TYR FA 68 -8.52 25.59 1.42
CA TYR FA 68 -7.21 24.97 1.19
C TYR FA 68 -7.34 23.51 0.75
N THR FA 69 -6.32 23.04 0.04
CA THR FA 69 -6.18 21.64 -0.35
C THR FA 69 -4.70 21.32 -0.52
N GLU FA 70 -4.36 20.03 -0.44
CA GLU FA 70 -3.00 19.56 -0.64
C GLU FA 70 -2.67 19.42 -2.13
N PHE FA 71 -1.44 19.76 -2.49
CA PHE FA 71 -1.03 19.67 -3.89
C PHE FA 71 0.49 19.57 -4.00
N THR FA 72 0.94 19.15 -5.18
CA THR FA 72 2.35 19.11 -5.56
C THR FA 72 2.55 20.07 -6.72
N PRO FA 73 3.34 21.15 -6.56
CA PRO FA 73 3.46 22.13 -7.64
C PRO FA 73 4.27 21.63 -8.82
N THR FA 74 3.81 21.99 -10.02
CA THR FA 74 4.45 21.62 -11.28
C THR FA 74 4.51 22.87 -12.16
N GLU FA 75 5.59 22.99 -12.94
CA GLU FA 75 5.73 24.16 -13.81
C GLU FA 75 4.56 24.29 -14.78
N LYS FA 76 4.14 23.17 -15.39
CA LYS FA 76 3.13 23.22 -16.43
C LYS FA 76 1.76 23.57 -15.86
N ASP FA 77 1.42 23.04 -14.69
CA ASP FA 77 0.07 23.16 -14.19
C ASP FA 77 -0.27 24.61 -13.85
N GLU FA 78 -1.54 24.95 -13.97
CA GLU FA 78 -2.03 26.27 -13.59
C GLU FA 78 -3.04 26.11 -12.47
N TYR FA 79 -3.02 27.03 -11.52
CA TYR FA 79 -3.94 27.00 -10.39
C TYR FA 79 -4.55 28.37 -10.21
N ALA FA 80 -5.75 28.38 -9.63
CA ALA FA 80 -6.50 29.61 -9.45
C ALA FA 80 -7.56 29.37 -8.39
N CYS FA 81 -8.21 30.45 -8.00
CA CYS FA 81 -9.35 30.42 -7.11
C CYS FA 81 -10.47 31.10 -7.87
N ARG FA 82 -11.63 30.45 -7.94
CA ARG FA 82 -12.80 31.00 -8.62
C ARG FA 82 -13.83 31.28 -7.54
N VAL FA 83 -14.19 32.56 -7.38
CA VAL FA 83 -15.09 33.02 -6.34
C VAL FA 83 -16.28 33.74 -6.95
N ASN FA 84 -17.48 33.29 -6.57
CA ASN FA 84 -18.74 33.90 -6.97
C ASN FA 84 -19.44 34.44 -5.74
N HIS FA 85 -20.00 35.64 -5.87
CA HIS FA 85 -20.64 36.32 -4.74
C HIS FA 85 -21.80 37.14 -5.29
N VAL FA 86 -22.70 37.51 -4.38
CA VAL FA 86 -23.88 38.28 -4.79
C VAL FA 86 -23.47 39.65 -5.33
N THR FA 87 -22.42 40.24 -4.74
CA THR FA 87 -21.92 41.54 -5.19
C THR FA 87 -21.23 41.46 -6.54
N LEU FA 88 -20.85 40.27 -6.97
CA LEU FA 88 -20.08 40.06 -8.19
C LEU FA 88 -21.01 39.79 -9.38
N SER FA 89 -20.85 40.58 -10.44
CA SER FA 89 -21.65 40.37 -11.64
C SER FA 89 -21.34 39.01 -12.26
N GLN FA 90 -20.08 38.59 -12.20
CA GLN FA 90 -19.65 37.29 -12.72
C GLN FA 90 -18.71 36.65 -11.71
N PRO FA 91 -18.64 35.32 -11.69
CA PRO FA 91 -17.70 34.65 -10.78
C PRO FA 91 -16.27 35.09 -11.08
N LYS FA 92 -15.58 35.56 -10.05
CA LYS FA 92 -14.22 36.06 -10.19
C LYS FA 92 -13.18 34.96 -10.00
N ILE FA 93 -12.26 34.86 -10.94
CA ILE FA 93 -11.17 33.90 -10.89
C ILE FA 93 -9.88 34.68 -10.71
N VAL FA 94 -9.05 34.25 -9.76
CA VAL FA 94 -7.75 34.86 -9.53
C VAL FA 94 -6.72 33.74 -9.63
N LYS FA 95 -5.80 33.86 -10.58
CA LYS FA 95 -4.82 32.80 -10.75
C LYS FA 95 -3.66 32.93 -9.77
N TRP FA 96 -3.04 31.78 -9.49
CA TRP FA 96 -1.95 31.69 -8.53
C TRP FA 96 -0.60 31.99 -9.17
N ASP FA 97 0.11 32.94 -8.60
CA ASP FA 97 1.47 33.26 -8.98
C ASP FA 97 2.37 32.86 -7.82
N ARG FA 98 3.30 31.94 -8.08
CA ARG FA 98 4.18 31.44 -7.01
C ARG FA 98 5.12 32.52 -6.50
N ASP FA 99 5.26 33.61 -7.25
CA ASP FA 99 6.06 34.75 -6.85
C ASP FA 99 5.26 35.77 -6.05
N MET FA 100 3.99 35.48 -5.79
CA MET FA 100 3.12 36.36 -5.00
C MET FA 100 2.35 35.56 -3.97
N GLY GA 1 19.40 46.32 17.40
CA GLY GA 1 18.81 47.16 16.38
C GLY GA 1 19.83 48.02 15.64
N SER GA 2 19.48 49.27 15.41
CA SER GA 2 20.35 50.22 14.72
C SER GA 2 21.27 50.95 15.70
N HIS GA 3 22.54 51.07 15.32
CA HIS GA 3 23.55 51.74 16.12
C HIS GA 3 24.11 52.92 15.33
N SER GA 4 24.68 53.88 16.05
CA SER GA 4 25.23 55.06 15.41
C SER GA 4 26.43 55.57 16.20
N MET GA 5 27.34 56.23 15.48
CA MET GA 5 28.43 56.97 16.09
C MET GA 5 28.35 58.40 15.57
N ARG GA 6 28.38 59.37 16.48
CA ARG GA 6 28.21 60.76 16.10
C ARG GA 6 29.22 61.65 16.78
N TYR GA 7 29.68 62.65 16.04
CA TYR GA 7 30.57 63.68 16.54
C TYR GA 7 29.87 65.02 16.39
N PHE GA 8 29.88 65.82 17.45
CA PHE GA 8 29.24 67.13 17.45
C PHE GA 8 30.31 68.17 17.69
N PHE GA 9 30.41 69.14 16.78
CA PHE GA 9 31.41 70.19 16.85
C PHE GA 9 30.69 71.53 16.98
N THR GA 10 31.14 72.34 17.92
CA THR GA 10 30.63 73.69 18.11
C THR GA 10 31.80 74.65 18.23
N SER GA 11 31.78 75.70 17.42
CA SER GA 11 32.80 76.73 17.45
C SER GA 11 32.10 78.08 17.55
N VAL GA 12 32.43 78.83 18.60
CA VAL GA 12 31.83 80.13 18.89
C VAL GA 12 32.92 81.18 18.88
N SER GA 13 32.67 82.28 18.19
CA SER GA 13 33.65 83.35 18.02
C SER GA 13 33.48 84.39 19.12
N ARG GA 14 34.58 84.77 19.73
CA ARG GA 14 34.57 85.82 20.76
C ARG GA 14 35.16 87.08 20.15
N PRO GA 15 34.34 88.07 19.81
CA PRO GA 15 34.80 89.26 19.06
C PRO GA 15 35.60 90.26 19.89
N GLY GA 16 36.84 90.48 19.50
CA GLY GA 16 37.83 91.20 20.30
C GLY GA 16 38.45 90.48 21.48
N ARG GA 17 37.86 89.40 21.96
CA ARG GA 17 38.35 88.72 23.16
C ARG GA 17 38.83 87.33 22.79
N GLY GA 18 40.11 87.09 22.99
CA GLY GA 18 40.84 85.85 22.71
C GLY GA 18 40.42 85.18 21.42
N GLU GA 19 40.64 83.88 21.38
CA GLU GA 19 40.37 83.02 20.26
C GLU GA 19 38.95 82.45 20.35
N PRO GA 20 38.47 81.74 19.32
CA PRO GA 20 37.13 81.17 19.38
C PRO GA 20 37.06 79.90 20.22
N ARG GA 21 35.94 79.74 20.92
CA ARG GA 21 35.71 78.57 21.75
C ARG GA 21 35.31 77.38 20.88
N PHE GA 22 35.96 76.24 21.11
CA PHE GA 22 35.72 75.04 20.33
C PHE GA 22 35.39 73.90 21.26
N ILE GA 23 34.24 73.27 21.05
CA ILE GA 23 33.82 72.11 21.83
C ILE GA 23 33.61 70.95 20.88
N ALA GA 24 34.16 69.79 21.25
CA ALA GA 24 34.01 68.58 20.47
C ALA GA 24 33.56 67.46 21.39
N VAL GA 25 32.53 66.72 20.98
CA VAL GA 25 32.02 65.60 21.75
C VAL GA 25 31.76 64.44 20.79
N GLY GA 26 32.00 63.23 21.27
CA GLY GA 26 31.76 62.05 20.46
C GLY GA 26 30.77 61.13 21.14
N TYR GA 27 29.81 60.63 20.37
CA TYR GA 27 28.78 59.76 20.89
C TYR GA 27 28.75 58.44 20.13
N VAL GA 28 28.56 57.36 20.88
CA VAL GA 28 28.18 56.06 20.33
C VAL GA 28 26.82 55.72 20.91
N ASP GA 29 25.82 55.61 20.05
CA ASP GA 29 24.42 55.47 20.46
C ASP GA 29 24.07 56.71 21.27
N ASP GA 30 23.67 56.60 22.53
CA ASP GA 30 23.39 57.75 23.37
C ASP GA 30 24.44 57.94 24.47
N THR GA 31 25.60 57.32 24.32
CA THR GA 31 26.68 57.39 25.30
C THR GA 31 27.82 58.24 24.79
N GLN GA 32 28.27 59.19 25.60
CA GLN GA 32 29.41 60.04 25.26
C GLN GA 32 30.69 59.41 25.77
N PHE GA 33 31.69 59.26 24.89
CA PHE GA 33 32.92 58.58 25.25
C PHE GA 33 34.18 59.42 25.09
N VAL GA 34 34.15 60.52 24.35
CA VAL GA 34 35.32 61.36 24.13
C VAL GA 34 34.89 62.82 24.06
N ARG GA 35 35.80 63.72 24.43
CA ARG GA 35 35.52 65.15 24.37
C ARG GA 35 36.82 65.91 24.15
N PHE GA 36 36.67 67.13 23.63
CA PHE GA 36 37.78 68.06 23.49
C PHE GA 36 37.23 69.44 23.76
N ASP GA 37 37.92 70.21 24.60
CA ASP GA 37 37.52 71.56 24.96
C ASP GA 37 38.67 72.51 24.69
N SER GA 38 38.37 73.63 24.01
CA SER GA 38 39.41 74.60 23.70
C SER GA 38 39.90 75.32 24.96
N ASP GA 39 39.07 75.43 25.99
CA ASP GA 39 39.46 76.05 27.25
C ASP GA 39 39.89 75.04 28.30
N ALA GA 40 40.06 73.78 27.92
CA ALA GA 40 40.53 72.76 28.84
C ALA GA 40 42.03 72.89 29.01
N ALA GA 41 42.52 72.66 30.23
CA ALA GA 41 43.94 72.76 30.49
C ALA GA 41 44.72 71.70 29.72
N SER GA 42 44.14 70.51 29.55
CA SER GA 42 44.83 69.43 28.85
C SER GA 42 45.12 69.80 27.41
N GLN GA 43 44.17 70.47 26.74
CA GLN GA 43 44.28 70.80 25.31
C GLN GA 43 44.44 69.54 24.47
N ARG GA 44 43.81 68.45 24.92
CA ARG GA 44 43.88 67.14 24.30
C ARG GA 44 42.49 66.55 24.22
N MET GA 45 42.33 65.54 23.39
CA MET GA 45 41.07 64.80 23.34
C MET GA 45 40.96 63.94 24.59
N GLU GA 46 39.95 64.24 25.42
CA GLU GA 46 39.91 63.51 26.66
C GLU GA 46 38.84 62.44 26.62
N PRO GA 47 39.04 61.33 27.33
CA PRO GA 47 38.01 60.29 27.39
C PRO GA 47 37.03 60.55 28.53
N ARG GA 48 35.76 60.31 28.25
CA ARG GA 48 34.71 60.46 29.24
C ARG GA 48 34.02 59.15 29.60
N ALA GA 49 34.34 58.06 28.90
CA ALA GA 49 33.76 56.77 29.18
C ALA GA 49 34.89 55.76 29.42
N PRO GA 50 34.70 54.80 30.32
CA PRO GA 50 35.81 53.89 30.65
C PRO GA 50 36.27 52.97 29.54
N TRP GA 51 35.38 52.48 28.67
CA TRP GA 51 35.81 51.49 27.69
C TRP GA 51 36.75 52.06 26.63
N ILE GA 52 36.68 53.36 26.35
CA ILE GA 52 37.60 53.94 25.37
C ILE GA 52 38.96 54.24 25.99
N GLU GA 53 39.04 54.36 27.32
CA GLU GA 53 40.29 54.71 27.98
C GLU GA 53 41.38 53.67 27.74
N GLN GA 54 41.00 52.42 27.45
CA GLN GA 54 41.94 51.33 27.22
C GLN GA 54 42.61 51.39 25.85
N GLU GA 55 42.57 52.53 25.18
CA GLU GA 55 43.23 52.67 23.89
C GLU GA 55 44.69 53.04 24.07
N GLY GA 56 45.52 52.64 23.11
CA GLY GA 56 46.94 52.90 23.19
C GLY GA 56 47.25 54.37 23.01
N PRO GA 57 48.46 54.77 23.42
CA PRO GA 57 48.85 56.18 23.27
C PRO GA 57 48.93 56.66 21.83
N GLU GA 58 49.05 55.76 20.86
CA GLU GA 58 49.05 56.19 19.47
C GLU GA 58 47.68 56.71 19.05
N TYR GA 59 46.61 56.09 19.56
CA TYR GA 59 45.27 56.49 19.17
C TYR GA 59 44.95 57.90 19.64
N TRP GA 60 45.20 58.18 20.93
CA TRP GA 60 44.87 59.49 21.49
C TRP GA 60 45.70 60.60 20.84
N ASP GA 61 46.96 60.33 20.53
CA ASP GA 61 47.79 61.33 19.87
C ASP GA 61 47.21 61.67 18.50
N GLY GA 62 46.73 60.67 17.78
CA GLY GA 62 46.11 60.93 16.48
C GLY GA 62 44.80 61.68 16.63
N GLU GA 63 43.97 61.28 17.59
CA GLU GA 63 42.69 61.96 17.79
C GLU GA 63 42.87 63.42 18.19
N THR GA 64 43.86 63.70 19.04
CA THR GA 64 44.13 65.09 19.41
C THR GA 64 44.56 65.91 18.21
N ARG GA 65 45.32 65.31 17.29
CA ARG GA 65 45.80 66.05 16.12
C ARG GA 65 44.63 66.45 15.22
N LYS GA 66 43.72 65.52 14.97
CA LYS GA 66 42.65 65.80 14.00
C LYS GA 66 41.62 66.78 14.56
N VAL GA 67 41.27 66.66 15.84
CA VAL GA 67 40.26 67.56 16.37
C VAL GA 67 40.80 68.98 16.40
N LYS GA 68 42.07 69.14 16.78
CA LYS GA 68 42.70 70.46 16.76
C LYS GA 68 42.83 70.99 15.35
N ALA GA 69 43.18 70.13 14.39
CA ALA GA 69 43.23 70.56 12.99
C ALA GA 69 41.86 70.98 12.51
N HIS GA 70 40.83 70.22 12.89
CA HIS GA 70 39.46 70.61 12.58
C HIS GA 70 39.08 71.89 13.30
N SER GA 71 39.60 72.08 14.53
CA SER GA 71 39.33 73.32 15.26
C SER GA 71 39.85 74.54 14.51
N GLN GA 72 41.05 74.45 13.94
CA GLN GA 72 41.55 75.56 13.13
C GLN GA 72 40.69 75.76 11.89
N THR GA 73 40.14 74.67 11.34
CA THR GA 73 39.26 74.77 10.20
C THR GA 73 38.03 75.62 10.53
N HIS GA 74 37.37 75.31 11.66
CA HIS GA 74 36.13 76.00 11.98
C HIS GA 74 36.41 77.44 12.38
N ARG GA 75 37.62 77.71 12.88
CA ARG GA 75 38.04 79.08 13.15
C ARG GA 75 38.14 79.87 11.85
N VAL GA 76 38.62 79.23 10.79
CA VAL GA 76 38.61 79.86 9.47
C VAL GA 76 37.17 79.99 8.96
N ASP GA 77 36.33 79.00 9.26
CA ASP GA 77 34.94 79.04 8.82
C ASP GA 77 34.22 80.24 9.42
N LEU GA 78 34.50 80.55 10.69
CA LEU GA 78 33.89 81.72 11.31
C LEU GA 78 34.28 83.01 10.61
N GLY GA 79 35.56 83.15 10.27
CA GLY GA 79 36.00 84.34 9.55
C GLY GA 79 35.45 84.40 8.14
N THR GA 80 35.44 83.28 7.42
CA THR GA 80 34.93 83.26 6.06
C THR GA 80 33.43 83.58 6.05
N LEU GA 81 32.67 82.98 6.96
CA LEU GA 81 31.22 83.23 7.02
C LEU GA 81 30.92 84.67 7.44
N ARG GA 82 31.78 85.28 8.27
CA ARG GA 82 31.64 86.71 8.51
C ARG GA 82 31.81 87.51 7.23
N GLY GA 83 32.60 86.99 6.30
CA GLY GA 83 32.80 87.65 5.02
C GLY GA 83 31.68 87.36 4.04
N TYR GA 84 31.13 86.14 4.06
CA TYR GA 84 30.09 85.79 3.10
C TYR GA 84 28.87 86.68 3.25
N TYR GA 85 28.44 86.92 4.49
CA TYR GA 85 27.24 87.69 4.77
C TYR GA 85 27.53 89.16 4.99
N ASN GA 86 28.78 89.58 4.81
CA ASN GA 86 29.19 90.97 5.01
C ASN GA 86 28.93 91.43 6.44
N GLN GA 87 29.09 90.51 7.38
CA GLN GA 87 28.78 90.77 8.78
C GLN GA 87 29.92 91.50 9.46
N SER GA 88 29.57 92.38 10.40
CA SER GA 88 30.55 93.12 11.16
C SER GA 88 31.32 92.17 12.09
N GLU GA 89 32.60 92.49 12.30
CA GLU GA 89 33.46 91.68 13.14
C GLU GA 89 33.11 91.80 14.62
N ALA GA 90 32.26 92.74 14.99
CA ALA GA 90 31.95 92.96 16.40
C ALA GA 90 31.01 91.90 16.96
N GLY GA 91 30.32 91.16 16.11
CA GLY GA 91 29.35 90.18 16.57
C GLY GA 91 29.97 88.82 16.87
N SER GA 92 29.41 88.15 17.87
CA SER GA 92 29.80 86.78 18.21
C SER GA 92 28.87 85.82 17.48
N HIS GA 93 29.44 84.89 16.73
CA HIS GA 93 28.68 83.99 15.88
C HIS GA 93 29.09 82.55 16.14
N THR GA 94 28.17 81.63 15.88
CA THR GA 94 28.36 80.22 16.16
C THR GA 94 28.30 79.41 14.86
N VAL GA 95 29.20 78.45 14.73
CA VAL GA 95 29.18 77.46 13.66
C VAL GA 95 29.12 76.08 14.29
N GLN GA 96 28.32 75.20 13.70
CA GLN GA 96 28.13 73.86 14.25
C GLN GA 96 28.19 72.85 13.13
N ARG GA 97 28.76 71.68 13.44
CA ARG GA 97 28.87 70.58 12.50
C ARG GA 97 28.45 69.29 13.17
N MET GA 98 27.78 68.43 12.40
CA MET GA 98 27.41 67.11 12.86
C MET GA 98 27.55 66.15 11.70
N TYR GA 99 28.30 65.07 11.90
CA TYR GA 99 28.38 64.01 10.92
C TYR GA 99 28.31 62.68 11.64
N GLY GA 100 27.67 61.71 10.98
CA GLY GA 100 27.46 60.42 11.60
C GLY GA 100 27.16 59.33 10.61
N CYS GA 101 27.10 58.12 11.14
CA CYS GA 101 26.90 56.89 10.41
C CYS GA 101 25.88 56.03 11.14
N ASP GA 102 25.05 55.32 10.37
CA ASP GA 102 24.07 54.41 10.94
C ASP GA 102 24.34 53.00 10.45
N VAL GA 103 24.23 52.02 11.34
CA VAL GA 103 24.39 50.62 11.01
C VAL GA 103 23.17 49.85 11.48
N GLY GA 104 22.86 48.78 10.77
CA GLY GA 104 21.74 47.93 11.12
C GLY GA 104 22.12 46.90 12.17
N SER GA 105 21.19 45.97 12.40
CA SER GA 105 21.46 44.89 13.35
C SER GA 105 22.61 44.01 12.88
N ASP GA 106 22.81 43.91 11.56
CA ASP GA 106 23.91 43.16 10.99
C ASP GA 106 25.27 43.84 11.19
N TRP GA 107 25.26 45.10 11.65
CA TRP GA 107 26.44 45.93 11.91
C TRP GA 107 27.05 46.46 10.62
N ARG GA 108 26.27 46.46 9.53
CA ARG GA 108 26.72 46.99 8.26
C ARG GA 108 26.06 48.34 7.99
N PHE GA 109 26.62 49.07 7.02
CA PHE GA 109 26.21 50.45 6.78
C PHE GA 109 24.74 50.54 6.41
N LEU GA 110 24.07 51.57 6.95
CA LEU GA 110 22.67 51.84 6.69
C LEU GA 110 22.40 53.25 6.20
N ARG GA 111 23.07 54.25 6.78
CA ARG GA 111 22.75 55.65 6.52
C ARG GA 111 23.89 56.51 7.06
N GLY GA 112 23.89 57.78 6.67
CA GLY GA 112 24.98 58.68 6.99
C GLY GA 112 24.49 60.10 7.10
N TYR GA 113 25.21 60.90 7.90
CA TYR GA 113 24.87 62.29 8.13
C TYR GA 113 26.12 63.16 8.02
N HIS GA 114 25.98 64.29 7.34
CA HIS GA 114 26.96 65.37 7.39
C HIS GA 114 26.21 66.67 7.27
N GLN GA 115 26.24 67.51 8.30
CA GLN GA 115 25.50 68.76 8.26
C GLN GA 115 26.29 69.89 8.90
N TYR GA 116 26.12 71.09 8.35
CA TYR GA 116 26.73 72.31 8.86
C TYR GA 116 25.62 73.26 9.31
N ALA GA 117 25.91 74.02 10.35
CA ALA GA 117 24.97 74.99 10.87
C ALA GA 117 25.70 76.29 11.21
N TYR GA 118 25.06 77.41 10.87
CA TYR GA 118 25.59 78.73 11.20
C TYR GA 118 24.52 79.52 11.92
N ASP GA 119 24.83 79.96 13.15
CA ASP GA 119 23.92 80.78 13.96
C ASP GA 119 22.59 80.07 14.21
N GLY GA 120 22.66 78.75 14.39
CA GLY GA 120 21.49 77.96 14.75
C GLY GA 120 20.57 77.60 13.61
N LYS GA 121 20.97 77.83 12.36
CA LYS GA 121 20.19 77.48 11.20
C LYS GA 121 20.99 76.58 10.29
N ASP GA 122 20.31 75.74 9.52
CA ASP GA 122 21.00 74.91 8.56
C ASP GA 122 21.69 75.79 7.53
N TYR GA 123 22.94 75.43 7.21
CA TYR GA 123 23.75 76.15 6.23
C TYR GA 123 23.95 75.26 5.01
N ILE GA 124 24.75 74.21 5.15
CA ILE GA 124 24.94 73.23 4.08
C ILE GA 124 24.89 71.85 4.71
N ALA GA 125 24.19 70.94 4.04
CA ALA GA 125 24.00 69.58 4.52
C ALA GA 125 24.17 68.63 3.35
N LEU GA 126 24.62 67.42 3.65
CA LEU GA 126 24.81 66.42 2.61
C LEU GA 126 23.52 65.64 2.45
N LYS GA 127 23.08 65.48 1.20
CA LYS GA 127 21.84 64.75 0.95
C LYS GA 127 22.05 63.27 1.23
N GLU GA 128 20.95 62.59 1.54
CA GLU GA 128 21.02 61.22 2.03
C GLU GA 128 21.67 60.27 1.02
N ASP GA 129 21.67 60.63 -0.26
CA ASP GA 129 22.35 59.82 -1.27
C ASP GA 129 23.86 59.85 -1.12
N LEU GA 130 24.39 60.84 -0.41
CA LEU GA 130 25.82 61.04 -0.16
C LEU GA 130 26.55 61.52 -1.40
N ARG GA 131 25.81 62.04 -2.38
CA ARG GA 131 26.38 62.51 -3.63
C ARG GA 131 25.93 63.92 -4.01
N SER GA 132 25.05 64.54 -3.23
CA SER GA 132 24.52 65.85 -3.53
C SER GA 132 24.54 66.72 -2.27
N TRP GA 133 24.48 68.03 -2.48
CA TRP GA 133 24.53 68.99 -1.39
C TRP GA 133 23.29 69.88 -1.42
N THR GA 134 22.85 70.28 -0.23
CA THR GA 134 21.72 71.19 -0.07
C THR GA 134 22.23 72.51 0.52
N ALA GA 135 21.97 73.61 -0.18
CA ALA GA 135 22.44 74.93 0.21
C ALA GA 135 21.25 75.75 0.70
N ALA GA 136 21.39 76.33 1.89
CA ALA GA 136 20.28 77.06 2.49
C ALA GA 136 19.95 78.33 1.70
N ASP GA 137 20.97 79.13 1.39
CA ASP GA 137 20.77 80.42 0.76
C ASP GA 137 21.89 80.63 -0.26
N MET GA 138 21.97 81.86 -0.78
CA MET GA 138 22.99 82.17 -1.78
C MET GA 138 24.39 81.97 -1.22
N ALA GA 139 24.63 82.45 0.00
CA ALA GA 139 25.95 82.28 0.61
C ALA GA 139 26.30 80.80 0.76
N ALA GA 140 25.30 79.97 1.06
CA ALA GA 140 25.56 78.53 1.18
C ALA GA 140 25.87 77.93 -0.19
N GLN GA 141 25.31 78.49 -1.26
CA GLN GA 141 25.57 77.98 -2.60
C GLN GA 141 27.02 78.17 -2.99
N THR GA 142 27.65 79.25 -2.51
CA THR GA 142 29.06 79.49 -2.79
C THR GA 142 29.92 78.36 -2.24
N THR GA 143 29.61 77.89 -1.02
CA THR GA 143 30.31 76.75 -0.46
C THR GA 143 30.02 75.48 -1.25
N LYS GA 144 28.81 75.35 -1.79
CA LYS GA 144 28.44 74.17 -2.56
C LYS GA 144 29.35 73.98 -3.77
N HIS GA 145 29.62 75.05 -4.51
CA HIS GA 145 30.42 74.93 -5.72
C HIS GA 145 31.84 74.49 -5.40
N LYS GA 146 32.45 75.06 -4.34
CA LYS GA 146 33.79 74.63 -3.95
C LYS GA 146 33.80 73.17 -3.50
N TRP GA 147 32.81 72.78 -2.70
CA TRP GA 147 32.77 71.40 -2.23
C TRP GA 147 32.47 70.41 -3.34
N GLU GA 148 31.64 70.80 -4.32
CA GLU GA 148 31.39 69.92 -5.46
C GLU GA 148 32.65 69.73 -6.30
N ALA GA 149 33.36 70.82 -6.57
CA ALA GA 149 34.57 70.74 -7.39
C ALA GA 149 35.68 69.96 -6.69
N ALA GA 150 35.81 70.12 -5.38
CA ALA GA 150 36.87 69.51 -4.60
C ALA GA 150 36.61 68.05 -4.23
N HIS GA 151 35.50 67.47 -4.69
CA HIS GA 151 35.16 66.07 -4.40
C HIS GA 151 35.06 65.78 -2.91
N VAL GA 152 34.45 66.71 -2.16
CA VAL GA 152 34.31 66.51 -0.73
C VAL GA 152 33.34 65.37 -0.42
N ALA GA 153 32.29 65.22 -1.23
CA ALA GA 153 31.31 64.18 -0.95
C ALA GA 153 31.94 62.80 -1.01
N GLU GA 154 32.86 62.59 -1.95
CA GLU GA 154 33.49 61.28 -2.09
C GLU GA 154 34.40 60.97 -0.91
N GLN GA 155 35.10 61.98 -0.37
CA GLN GA 155 35.94 61.73 0.80
C GLN GA 155 35.08 61.42 2.02
N LEU GA 156 33.98 62.16 2.18
CA LEU GA 156 33.08 61.92 3.31
C LEU GA 156 32.34 60.59 3.18
N ARG GA 157 31.88 60.27 1.97
CA ARG GA 157 31.16 59.00 1.77
C ARG GA 157 32.03 57.81 2.12
N ALA GA 158 33.33 57.89 1.84
CA ALA GA 158 34.25 56.81 2.21
C ALA GA 158 34.34 56.69 3.73
N TYR GA 159 34.36 57.81 4.44
CA TYR GA 159 34.46 57.78 5.89
C TYR GA 159 33.21 57.17 6.51
N LEU GA 160 32.03 57.65 6.10
CA LEU GA 160 30.78 57.19 6.71
C LEU GA 160 30.52 55.72 6.35
N GLU GA 161 30.65 55.37 5.07
CA GLU GA 161 30.34 54.00 4.65
C GLU GA 161 31.39 53.01 5.13
N GLY GA 162 32.63 53.45 5.33
CA GLY GA 162 33.67 52.52 5.69
C GLY GA 162 34.39 52.80 7.00
N THR GA 163 34.98 53.99 7.14
CA THR GA 163 35.83 54.25 8.30
C THR GA 163 35.03 54.25 9.59
N CYS GA 164 33.86 54.89 9.61
CA CYS GA 164 33.06 54.88 10.83
C CYS GA 164 32.58 53.48 11.17
N VAL GA 165 32.02 52.77 10.19
CA VAL GA 165 31.43 51.46 10.45
C VAL GA 165 32.48 50.51 11.03
N GLU GA 166 33.71 50.59 10.52
CA GLU GA 166 34.79 49.75 11.03
C GLU GA 166 35.12 50.09 12.48
N TRP GA 167 35.22 51.39 12.79
CA TRP GA 167 35.58 51.80 14.13
C TRP GA 167 34.42 51.67 15.11
N LEU GA 168 33.18 51.83 14.65
CA LEU GA 168 32.04 51.61 15.53
C LEU GA 168 31.99 50.16 16.00
N ARG GA 169 32.23 49.21 15.08
CA ARG GA 169 32.29 47.81 15.47
C ARG GA 169 33.41 47.56 16.46
N ARG GA 170 34.58 48.19 16.23
CA ARG GA 170 35.68 48.06 17.16
C ARG GA 170 35.30 48.59 18.55
N TYR GA 171 34.58 49.72 18.57
CA TYR GA 171 34.15 50.29 19.84
C TYR GA 171 33.15 49.39 20.56
N LEU GA 172 32.20 48.80 19.81
CA LEU GA 172 31.19 47.94 20.42
C LEU GA 172 31.80 46.71 21.08
N GLU GA 173 32.76 46.07 20.40
CA GLU GA 173 33.38 44.88 20.98
C GLU GA 173 34.22 45.23 22.19
N ASN GA 174 34.94 46.34 22.14
CA ASN GA 174 35.77 46.73 23.27
C ASN GA 174 34.91 47.16 24.46
N GLY GA 175 33.74 47.75 24.19
CA GLY GA 175 32.83 48.16 25.24
C GLY GA 175 31.51 47.43 25.12
N LYS GA 176 31.61 46.10 25.14
CA LYS GA 176 30.44 45.25 24.98
C LYS GA 176 29.52 45.32 26.20
N GLU GA 177 30.10 45.28 27.39
CA GLU GA 177 29.32 45.39 28.62
C GLU GA 177 28.61 46.74 28.75
N THR GA 178 29.19 47.80 28.18
CA THR GA 178 28.68 49.15 28.42
C THR GA 178 27.63 49.58 27.39
N LEU GA 179 27.79 49.25 26.11
CA LEU GA 179 26.89 49.74 25.09
C LEU GA 179 26.07 48.65 24.41
N GLN GA 180 26.39 47.38 24.64
CA GLN GA 180 25.56 46.27 24.18
C GLN GA 180 24.59 45.80 25.27
N ARG GA 181 24.61 46.44 26.43
CA ARG GA 181 23.67 46.17 27.50
C ARG GA 181 22.33 46.85 27.23
N THR GA 182 21.28 46.32 27.83
CA THR GA 182 19.99 46.97 27.81
C THR GA 182 19.46 47.01 29.24
N ASP GA 183 19.03 48.19 29.68
CA ASP GA 183 18.58 48.41 31.05
C ASP GA 183 17.08 48.68 31.08
N ALA GA 184 16.34 47.81 31.77
CA ALA GA 184 14.91 47.98 31.88
C ALA GA 184 14.57 49.14 32.82
N PRO GA 185 13.50 49.89 32.55
CA PRO GA 185 13.16 51.03 33.40
C PRO GA 185 12.73 50.61 34.79
N LYS GA 186 12.92 51.53 35.74
CA LYS GA 186 12.46 51.35 37.12
C LYS GA 186 11.21 52.19 37.30
N THR GA 187 10.06 51.52 37.35
CA THR GA 187 8.76 52.17 37.26
C THR GA 187 8.10 52.28 38.63
N HIS GA 188 7.40 53.39 38.84
CA HIS GA 188 6.59 53.59 40.03
C HIS GA 188 5.55 54.66 39.72
N MET GA 189 4.55 54.76 40.60
CA MET GA 189 3.40 55.63 40.38
C MET GA 189 3.19 56.51 41.61
N THR GA 190 2.79 57.76 41.37
CA THR GA 190 2.56 58.70 42.46
C THR GA 190 1.18 59.32 42.32
N HIS GA 191 0.65 59.78 43.46
CA HIS GA 191 -0.68 60.36 43.55
C HIS GA 191 -0.57 61.77 44.12
N HIS GA 192 -1.16 62.74 43.43
CA HIS GA 192 -1.19 64.11 43.88
C HIS GA 192 -2.63 64.61 43.79
N ALA GA 193 -3.11 65.25 44.85
CA ALA GA 193 -4.49 65.71 44.90
C ALA GA 193 -4.53 67.22 44.71
N VAL GA 194 -5.04 67.65 43.56
CA VAL GA 194 -5.21 69.09 43.32
C VAL GA 194 -6.33 69.62 44.20
N SER GA 195 -7.46 68.90 44.24
CA SER GA 195 -8.64 69.31 44.98
C SER GA 195 -9.40 68.05 45.39
N ASP GA 196 -10.54 68.26 46.04
CA ASP GA 196 -11.36 67.15 46.50
C ASP GA 196 -11.91 66.30 45.35
N HIS GA 197 -12.02 66.85 44.15
CA HIS GA 197 -12.74 66.18 43.08
C HIS GA 197 -11.86 65.64 41.96
N GLU GA 198 -10.63 66.11 41.82
CA GLU GA 198 -9.76 65.59 40.78
C GLU GA 198 -8.35 65.51 41.32
N ALA GA 199 -7.64 64.47 40.92
CA ALA GA 199 -6.29 64.19 41.37
C ALA GA 199 -5.39 63.96 40.15
N THR GA 200 -4.09 64.10 40.35
CA THR GA 200 -3.10 63.89 39.30
C THR GA 200 -2.36 62.57 39.56
N LEU GA 201 -2.20 61.78 38.50
CA LEU GA 201 -1.47 60.51 38.57
C LEU GA 201 -0.18 60.69 37.79
N ARG GA 202 0.94 60.22 38.35
CA ARG GA 202 2.24 60.37 37.72
C ARG GA 202 2.84 59.01 37.44
N CYS GA 203 3.27 58.79 36.21
CA CYS GA 203 3.94 57.57 35.79
C CYS GA 203 5.42 57.87 35.61
N TRP GA 204 6.27 57.11 36.30
CA TRP GA 204 7.71 57.36 36.31
C TRP GA 204 8.46 56.21 35.66
N ALA GA 205 9.43 56.55 34.82
CA ALA GA 205 10.39 55.60 34.28
C ALA GA 205 11.78 56.14 34.55
N LEU GA 206 12.63 55.33 35.17
CA LEU GA 206 13.95 55.79 35.61
C LEU GA 206 15.00 54.70 35.37
N SER GA 207 16.25 55.14 35.28
CA SER GA 207 17.41 54.26 35.21
C SER GA 207 17.30 53.25 34.07
N PHE GA 208 17.06 53.75 32.86
CA PHE GA 208 16.96 52.90 31.69
C PHE GA 208 17.86 53.42 30.57
N TYR GA 209 18.41 52.48 29.80
CA TYR GA 209 19.22 52.78 28.63
C TYR GA 209 18.88 51.72 27.58
N PRO GA 210 18.72 52.12 26.31
CA PRO GA 210 18.88 53.43 25.67
C PRO GA 210 17.83 54.48 26.04
N ALA GA 211 18.02 55.69 25.51
CA ALA GA 211 17.16 56.82 25.87
C ALA GA 211 15.75 56.67 25.34
N GLU GA 212 15.57 56.05 24.17
CA GLU GA 212 14.26 56.02 23.54
C GLU GA 212 13.28 55.20 24.38
N ILE GA 213 12.10 55.77 24.64
CA ILE GA 213 11.05 55.11 25.41
C ILE GA 213 9.72 55.71 25.00
N THR GA 214 8.66 54.93 25.21
CA THR GA 214 7.29 55.37 24.93
C THR GA 214 6.43 55.23 26.17
N LEU GA 215 5.74 56.30 26.54
CA LEU GA 215 4.84 56.32 27.68
C LEU GA 215 3.45 56.73 27.23
N THR GA 216 2.46 55.91 27.55
CA THR GA 216 1.09 56.12 27.12
C THR GA 216 0.13 55.96 28.29
N TRP GA 217 -0.93 56.75 28.28
CA TRP GA 217 -1.96 56.73 29.31
C TRP GA 217 -3.23 56.15 28.69
N GLN GA 218 -3.81 55.16 29.36
CA GLN GA 218 -5.05 54.54 28.89
C GLN GA 218 -6.09 54.52 30.00
N ARG GA 219 -7.31 54.93 29.68
CA ARG GA 219 -8.46 54.84 30.58
C ARG GA 219 -9.40 53.79 30.03
N ASP GA 220 -9.53 52.67 30.75
CA ASP GA 220 -10.40 51.56 30.36
C ASP GA 220 -9.92 50.89 29.08
N GLY GA 221 -8.62 50.98 28.79
CA GLY GA 221 -8.10 50.42 27.57
C GLY GA 221 -8.21 51.32 26.35
N GLU GA 222 -8.34 52.63 26.55
CA GLU GA 222 -8.44 53.59 25.46
C GLU GA 222 -7.32 54.61 25.59
N ASP GA 223 -6.62 54.85 24.48
CA ASP GA 223 -5.50 55.78 24.48
C ASP GA 223 -5.93 57.17 24.88
N GLN GA 224 -5.25 57.72 25.89
CA GLN GA 224 -5.56 59.03 26.45
C GLN GA 224 -4.44 59.98 26.05
N THR GA 225 -4.81 61.05 25.35
CA THR GA 225 -3.85 62.03 24.85
C THR GA 225 -4.45 63.42 24.98
N GLN GA 226 -3.59 64.43 24.79
CA GLN GA 226 -3.95 65.84 24.88
C GLN GA 226 -4.41 66.24 26.27
N ASP GA 227 -4.89 65.28 27.05
CA ASP GA 227 -5.20 65.49 28.46
C ASP GA 227 -4.09 64.99 29.37
N THR GA 228 -2.94 64.64 28.80
CA THR GA 228 -1.80 64.10 29.51
C THR GA 228 -0.62 65.06 29.42
N GLU GA 229 0.29 64.94 30.38
CA GLU GA 229 1.52 65.73 30.39
C GLU GA 229 2.72 64.82 30.20
N LEU GA 230 3.63 65.22 29.33
CA LEU GA 230 4.82 64.46 29.00
C LEU GA 230 6.03 65.40 29.00
N VAL GA 231 7.04 65.05 29.78
CA VAL GA 231 8.25 65.87 29.89
C VAL GA 231 9.30 65.32 28.94
N GLU GA 232 10.19 66.20 28.50
CA GLU GA 232 11.30 65.79 27.66
C GLU GA 232 12.20 64.83 28.44
N THR GA 233 12.75 63.84 27.73
CA THR GA 233 13.62 62.87 28.37
C THR GA 233 14.85 63.55 28.97
N ARG GA 234 15.21 63.15 30.19
CA ARG GA 234 16.27 63.81 30.93
C ARG GA 234 17.40 62.83 31.22
N PRO GA 235 18.64 63.31 31.26
CA PRO GA 235 19.74 62.43 31.66
C PRO GA 235 19.87 62.41 33.18
N ALA GA 236 20.00 61.22 33.75
CA ALA GA 236 20.15 61.11 35.19
C ALA GA 236 21.52 61.56 35.66
N GLY GA 237 22.53 61.50 34.80
CA GLY GA 237 23.89 61.84 35.14
C GLY GA 237 24.80 60.66 35.37
N ASP GA 238 24.28 59.44 35.33
CA ASP GA 238 25.08 58.24 35.48
C ASP GA 238 25.03 57.36 34.23
N GLY GA 239 24.63 57.93 33.08
CA GLY GA 239 24.45 57.17 31.88
C GLY GA 239 23.06 56.60 31.69
N THR GA 240 22.13 56.93 32.56
CA THR GA 240 20.74 56.51 32.48
C THR GA 240 19.85 57.73 32.27
N PHE GA 241 18.63 57.47 31.79
CA PHE GA 241 17.70 58.54 31.47
C PHE GA 241 16.43 58.42 32.28
N GLN GA 242 15.63 59.48 32.26
CA GLN GA 242 14.39 59.56 33.02
C GLN GA 242 13.32 60.25 32.17
N LYS GA 243 12.07 59.88 32.44
CA LYS GA 243 10.92 60.50 31.79
C LYS GA 243 9.69 60.16 32.61
N TRP GA 244 8.71 61.05 32.60
CA TRP GA 244 7.46 60.77 33.31
C TRP GA 244 6.28 61.39 32.58
N ALA GA 245 5.11 60.79 32.79
CA ALA GA 245 3.86 61.23 32.20
C ALA GA 245 2.79 61.35 33.27
N ALA GA 246 1.94 62.37 33.14
CA ALA GA 246 0.90 62.65 34.11
C ALA GA 246 -0.43 62.90 33.41
N VAL GA 247 -1.51 62.53 34.09
CA VAL GA 247 -2.88 62.72 33.60
C VAL GA 247 -3.75 63.18 34.75
N VAL GA 248 -4.71 64.06 34.47
CA VAL GA 248 -5.64 64.54 35.48
C VAL GA 248 -6.87 63.66 35.49
N VAL GA 249 -7.20 63.12 36.66
CA VAL GA 249 -8.31 62.17 36.80
C VAL GA 249 -9.26 62.61 37.91
N PRO GA 250 -10.56 62.52 37.71
CA PRO GA 250 -11.49 62.78 38.81
C PRO GA 250 -11.45 61.68 39.86
N SER GA 251 -11.70 62.06 41.11
CA SER GA 251 -11.59 61.13 42.22
C SER GA 251 -12.53 59.95 42.02
N GLY GA 252 -12.08 58.76 42.45
CA GLY GA 252 -12.87 57.56 42.29
C GLY GA 252 -12.70 56.85 40.97
N GLN GA 253 -11.94 57.43 40.03
CA GLN GA 253 -11.69 56.85 38.72
C GLN GA 253 -10.26 56.33 38.59
N GLU GA 254 -9.53 56.20 39.71
CA GLU GA 254 -8.14 55.76 39.66
C GLU GA 254 -8.00 54.38 39.02
N GLN GA 255 -8.84 53.43 39.41
CA GLN GA 255 -8.69 52.08 38.88
C GLN GA 255 -9.03 51.97 37.40
N ARG GA 256 -9.54 53.04 36.78
CA ARG GA 256 -9.88 53.02 35.36
C ARG GA 256 -8.70 53.36 34.46
N TYR GA 257 -7.63 53.92 35.00
CA TYR GA 257 -6.49 54.36 34.20
C TYR GA 257 -5.32 53.37 34.31
N THR GA 258 -4.55 53.28 33.23
CA THR GA 258 -3.43 52.37 33.14
C THR GA 258 -2.26 53.07 32.46
N CYS GA 259 -1.04 52.80 32.92
CA CYS GA 259 0.16 53.32 32.32
C CYS GA 259 0.88 52.22 31.56
N HIS GA 260 1.25 52.50 30.32
CA HIS GA 260 1.90 51.53 29.45
C HIS GA 260 3.28 52.03 29.06
N VAL GA 261 4.29 51.20 29.29
CA VAL GA 261 5.68 51.54 29.03
C VAL GA 261 6.20 50.64 27.91
N GLN GA 262 6.91 51.25 26.96
CA GLN GA 262 7.51 50.54 25.84
C GLN GA 262 8.97 50.90 25.74
N HIS GA 263 9.84 49.91 25.93
CA HIS GA 263 11.28 50.11 25.92
C HIS GA 263 11.95 48.81 25.54
N GLU GA 264 13.17 48.91 25.02
CA GLU GA 264 13.91 47.72 24.62
C GLU GA 264 14.21 46.83 25.82
N GLY GA 265 14.35 47.41 27.01
CA GLY GA 265 14.61 46.63 28.20
C GLY GA 265 13.46 45.74 28.62
N LEU GA 266 12.25 46.05 28.16
CA LEU GA 266 11.08 45.28 28.52
C LEU GA 266 10.79 44.28 27.42
N PRO GA 267 10.79 42.97 27.70
CA PRO GA 267 10.41 42.02 26.64
C PRO GA 267 8.96 42.15 26.24
N LYS GA 268 8.06 42.34 27.21
CA LYS GA 268 6.66 42.61 26.99
C LYS GA 268 6.32 44.02 27.49
N PRO GA 269 5.50 44.76 26.75
CA PRO GA 269 5.13 46.12 27.20
C PRO GA 269 4.52 46.08 28.59
N LEU GA 270 5.08 46.89 29.50
CA LEU GA 270 4.66 46.88 30.89
C LEU GA 270 3.37 47.68 31.08
N THR GA 271 2.56 47.24 32.03
CA THR GA 271 1.33 47.91 32.41
C THR GA 271 1.39 48.28 33.89
N LEU GA 272 1.03 49.52 34.20
CA LEU GA 272 1.06 50.04 35.57
C LEU GA 272 -0.33 50.56 35.91
N ARG GA 273 -0.89 50.07 37.02
CA ARG GA 273 -2.20 50.49 37.48
C ARG GA 273 -2.11 50.94 38.93
N TRP GA 274 -2.93 51.93 39.27
CA TRP GA 274 -2.94 52.54 40.60
C TRP GA 274 -3.87 51.73 41.50
N GLU GA 275 -3.29 51.04 42.47
CA GLU GA 275 -4.06 50.16 43.35
C GLU GA 275 -3.25 49.72 44.57
N MET HA 1 19.37 85.73 12.48
CA MET HA 1 19.76 84.92 13.63
C MET HA 1 18.53 84.40 14.38
N ILE HA 2 18.56 83.12 14.74
CA ILE HA 2 17.51 82.50 15.52
C ILE HA 2 17.95 82.42 16.98
N GLN HA 3 17.02 82.70 17.89
CA GLN HA 3 17.28 82.67 19.32
C GLN HA 3 16.18 81.80 19.93
N ARG HA 4 16.57 80.87 20.79
CA ARG HA 4 15.64 79.96 21.45
C ARG HA 4 15.79 80.08 22.96
N THR HA 5 14.66 80.20 23.64
CA THR HA 5 14.69 80.31 25.09
C THR HA 5 14.84 78.92 25.71
N PRO HA 6 15.62 78.80 26.80
CA PRO HA 6 15.94 77.47 27.32
C PRO HA 6 14.78 76.80 28.06
N LYS HA 7 14.78 75.47 28.03
CA LYS HA 7 13.84 74.68 28.82
C LYS HA 7 14.58 74.21 30.06
N ILE HA 8 13.96 74.34 31.22
CA ILE HA 8 14.62 74.06 32.49
C ILE HA 8 13.90 72.91 33.17
N GLN HA 9 14.66 71.90 33.59
CA GLN HA 9 14.15 70.79 34.39
C GLN HA 9 15.12 70.56 35.54
N VAL HA 10 14.65 70.84 36.76
CA VAL HA 10 15.45 70.61 37.95
C VAL HA 10 14.89 69.36 38.64
N TYR HA 11 15.77 68.43 38.96
CA TYR HA 11 15.37 67.12 39.49
C TYR HA 11 16.56 66.51 40.23
N SER HA 12 16.44 65.22 40.55
CA SER HA 12 17.47 64.49 41.25
C SER HA 12 17.84 63.24 40.47
N ARG HA 13 19.09 62.78 40.65
CA ARG HA 13 19.55 61.58 39.95
C ARG HA 13 18.78 60.34 40.42
N HIS HA 14 18.48 60.26 41.71
CA HIS HA 14 17.79 59.14 42.30
C HIS HA 14 16.56 59.63 43.05
N PRO HA 15 15.63 58.72 43.38
CA PRO HA 15 14.48 59.12 44.20
C PRO HA 15 14.93 59.73 45.52
N ALA HA 16 14.35 60.87 45.86
CA ALA HA 16 14.79 61.72 46.96
C ALA HA 16 14.49 61.07 48.31
N GLU HA 17 15.49 60.42 48.89
CA GLU HA 17 15.41 59.94 50.26
C GLU HA 17 16.08 60.96 51.17
N ASN HA 18 15.39 61.35 52.24
CA ASN HA 18 15.91 62.39 53.11
C ASN HA 18 17.09 61.87 53.92
N GLY HA 19 18.13 62.69 54.02
CA GLY HA 19 19.30 62.32 54.78
C GLY HA 19 20.23 61.35 54.09
N LYS HA 20 20.17 61.25 52.76
CA LYS HA 20 21.03 60.35 52.02
C LYS HA 20 21.67 61.09 50.85
N SER HA 21 22.81 60.58 50.39
CA SER HA 21 23.56 61.24 49.33
C SER HA 21 22.86 61.10 47.98
N ASN HA 22 22.76 62.20 47.25
CA ASN HA 22 22.12 62.23 45.94
C ASN HA 22 22.76 63.36 45.12
N PHE HA 23 22.35 63.45 43.87
CA PHE HA 23 22.82 64.49 42.97
C PHE HA 23 21.64 65.34 42.53
N LEU HA 24 21.82 66.65 42.56
CA LEU HA 24 20.81 67.60 42.09
C LEU HA 24 21.16 67.97 40.66
N ASN HA 25 20.16 67.92 39.78
CA ASN HA 25 20.39 68.12 38.36
C ASN HA 25 19.57 69.30 37.85
N CYS HA 26 20.19 70.07 36.97
CA CYS HA 26 19.53 71.11 36.18
C CYS HA 26 19.78 70.80 34.72
N TYR HA 27 18.70 70.63 33.96
CA TYR HA 27 18.77 70.31 32.54
C TYR HA 27 18.22 71.46 31.72
N VAL HA 28 19.14 72.18 31.07
CA VAL HA 28 18.77 73.27 30.18
C VAL HA 28 18.91 72.77 28.75
N SER HA 29 17.90 73.02 27.93
CA SER HA 29 17.90 72.52 26.56
C SER HA 29 17.07 73.47 25.71
N GLY HA 30 17.14 73.24 24.40
CA GLY HA 30 16.36 74.04 23.46
C GLY HA 30 16.68 75.52 23.52
N PHE HA 31 17.96 75.88 23.64
CA PHE HA 31 18.34 77.27 23.70
C PHE HA 31 19.47 77.59 22.72
N HIS HA 32 19.47 78.83 22.24
CA HIS HA 32 20.51 79.36 21.38
C HIS HA 32 20.58 80.87 21.58
N PRO HA 33 21.81 81.43 21.62
CA PRO HA 33 23.11 80.79 21.49
C PRO HA 33 23.62 80.08 22.74
N SER HA 34 24.89 79.70 22.69
CA SER HA 34 25.48 78.84 23.71
C SER HA 34 25.69 79.59 25.04
N ASP HA 35 25.83 80.91 24.99
CA ASP HA 35 26.15 81.67 26.20
C ASP HA 35 25.01 81.57 27.20
N ILE HA 36 25.29 80.99 28.36
CA ILE HA 36 24.29 80.78 29.40
C ILE HA 36 24.98 80.82 30.76
N GLU HA 37 24.25 81.31 31.76
CA GLU HA 37 24.74 81.36 33.14
C GLU HA 37 23.77 80.53 33.98
N VAL HA 38 24.30 79.49 34.63
CA VAL HA 38 23.47 78.56 35.40
C VAL HA 38 24.07 78.38 36.78
N ASP HA 39 23.25 78.60 37.81
CA ASP HA 39 23.66 78.42 39.20
C ASP HA 39 22.65 77.53 39.92
N LEU HA 40 23.16 76.74 40.85
CA LEU HA 40 22.35 75.91 41.73
C LEU HA 40 22.29 76.54 43.11
N LEU HA 41 21.09 76.67 43.66
CA LEU HA 41 20.87 77.39 44.90
C LEU HA 41 20.34 76.46 45.99
N LYS HA 42 20.81 76.68 47.22
CA LYS HA 42 20.35 75.99 48.41
C LYS HA 42 19.83 77.05 49.39
N ASN HA 43 18.49 77.11 49.55
CA ASN HA 43 17.84 78.09 50.40
C ASN HA 43 18.12 79.52 49.93
N GLY HA 44 18.29 79.70 48.63
CA GLY HA 44 18.59 81.00 48.07
C GLY HA 44 20.06 81.33 48.02
N GLU HA 45 20.93 80.41 48.43
CA GLU HA 45 22.38 80.63 48.45
C GLU HA 45 23.03 79.85 47.33
N ARG HA 46 23.97 80.48 46.63
CA ARG HA 46 24.64 79.84 45.51
C ARG HA 46 25.59 78.76 46.01
N ILE HA 47 25.59 77.63 45.31
CA ILE HA 47 26.47 76.51 45.64
C ILE HA 47 27.78 76.70 44.89
N GLU HA 48 28.90 76.54 45.60
CA GLU HA 48 30.19 76.88 45.02
C GLU HA 48 30.64 75.85 43.99
N LYS HA 49 30.55 74.57 44.32
CA LYS HA 49 31.07 73.50 43.44
C LYS HA 49 29.88 72.95 42.65
N VAL HA 50 29.78 73.36 41.38
CA VAL HA 50 28.77 72.90 40.45
C VAL HA 50 29.46 72.50 39.16
N GLU HA 51 29.32 71.22 38.79
CA GLU HA 51 29.88 70.71 37.54
C GLU HA 51 28.83 70.74 36.44
N HIS HA 52 29.30 70.58 35.20
CA HIS HA 52 28.42 70.56 34.04
C HIS HA 52 29.02 69.68 32.96
N SER HA 53 28.19 69.30 32.00
CA SER HA 53 28.64 68.47 30.89
C SER HA 53 29.22 69.35 29.79
N ASP HA 54 29.77 68.70 28.77
CA ASP HA 54 30.33 69.42 27.63
C ASP HA 54 29.24 69.80 26.64
N LEU HA 55 29.36 71.02 26.10
CA LEU HA 55 28.33 71.56 25.23
C LEU HA 55 28.10 70.67 24.01
N SER HA 56 26.84 70.28 23.81
CA SER HA 56 26.41 69.47 22.69
C SER HA 56 25.09 70.03 22.21
N PHE HA 57 24.55 69.46 21.13
CA PHE HA 57 23.30 69.98 20.60
C PHE HA 57 22.47 68.85 20.02
N SER HA 58 21.18 69.12 19.87
CA SER HA 58 20.22 68.13 19.41
C SER HA 58 20.05 68.22 17.89
N LYS HA 59 19.05 67.51 17.37
CA LYS HA 59 18.83 67.46 15.92
C LYS HA 59 18.45 68.82 15.36
N ASP HA 60 17.70 69.61 16.13
CA ASP HA 60 17.27 70.94 15.70
C ASP HA 60 18.30 72.02 15.98
N TRP HA 61 19.53 71.64 16.29
CA TRP HA 61 20.67 72.52 16.56
C TRP HA 61 20.59 73.19 17.92
N SER HA 62 19.62 72.82 18.75
CA SER HA 62 19.49 73.44 20.06
C SER HA 62 20.48 72.84 21.05
N PHE HA 63 21.00 73.66 21.95
CA PHE HA 63 22.04 73.23 22.86
C PHE HA 63 21.43 72.70 24.14
N TYR HA 64 22.12 71.74 24.76
CA TYR HA 64 21.70 71.17 26.03
C TYR HA 64 22.89 70.92 26.95
N LEU HA 65 22.70 71.20 28.24
CA LEU HA 65 23.71 71.05 29.28
C LEU HA 65 23.04 70.50 30.52
N LEU HA 66 23.81 69.76 31.32
CA LEU HA 66 23.33 69.18 32.56
C LEU HA 66 24.22 69.61 33.71
N TYR HA 67 23.80 70.65 34.44
CA TYR HA 67 24.55 71.09 35.62
C TYR HA 67 24.17 70.20 36.80
N TYR HA 68 25.17 69.73 37.54
CA TYR HA 68 24.91 68.80 38.62
C TYR HA 68 25.91 69.00 39.75
N THR HA 69 25.48 68.62 40.95
CA THR HA 69 26.33 68.61 42.13
C THR HA 69 25.80 67.57 43.10
N GLU HA 70 26.67 67.12 44.00
CA GLU HA 70 26.25 66.18 45.04
C GLU HA 70 25.58 66.96 46.17
N PHE HA 71 24.54 66.37 46.75
CA PHE HA 71 23.84 67.03 47.84
C PHE HA 71 23.09 66.00 48.66
N THR HA 72 22.69 66.42 49.87
CA THR HA 72 21.87 65.61 50.76
C THR HA 72 20.52 66.28 50.97
N PRO HA 73 19.42 65.67 50.53
CA PRO HA 73 18.11 66.32 50.65
C PRO HA 73 17.62 66.34 52.09
N THR HA 74 16.99 67.44 52.47
CA THR HA 74 16.47 67.64 53.81
C THR HA 74 15.03 68.15 53.72
N GLU HA 75 14.22 67.73 54.69
CA GLU HA 75 12.81 68.13 54.72
C GLU HA 75 12.64 69.64 54.75
N LYS HA 76 13.55 70.34 55.41
CA LYS HA 76 13.45 71.79 55.57
C LYS HA 76 14.02 72.56 54.38
N ASP HA 77 15.07 72.04 53.75
CA ASP HA 77 15.83 72.81 52.78
C ASP HA 77 15.06 72.96 51.47
N GLU HA 78 15.34 74.06 50.78
CA GLU HA 78 14.79 74.35 49.46
C GLU HA 78 15.92 74.43 48.45
N TYR HA 79 15.65 73.94 47.24
CA TYR HA 79 16.62 73.95 46.17
C TYR HA 79 15.98 74.48 44.91
N ALA HA 80 16.80 75.05 44.03
CA ALA HA 80 16.31 75.66 42.81
C ALA HA 80 17.46 75.80 41.82
N CYS HA 81 17.10 76.17 40.61
CA CYS HA 81 18.05 76.46 39.56
C CYS HA 81 17.81 77.87 39.06
N ARG HA 82 18.89 78.65 38.95
CA ARG HA 82 18.83 80.00 38.43
C ARG HA 82 19.56 79.99 37.10
N VAL HA 83 18.82 80.28 36.03
CA VAL HA 83 19.34 80.24 34.67
C VAL HA 83 19.13 81.62 34.08
N ASN HA 84 20.21 82.22 33.59
CA ASN HA 84 20.14 83.52 32.92
C ASN HA 84 20.59 83.35 31.47
N HIS HA 85 19.86 84.00 30.57
CA HIS HA 85 20.12 83.89 29.14
C HIS HA 85 19.75 85.23 28.51
N VAL HA 86 20.27 85.44 27.30
CA VAL HA 86 20.00 86.71 26.61
C VAL HA 86 18.52 86.87 26.32
N THR HA 87 17.81 85.77 26.02
CA THR HA 87 16.39 85.86 25.76
C THR HA 87 15.58 86.20 27.00
N LEU HA 88 16.15 86.01 28.18
CA LEU HA 88 15.42 86.23 29.43
C LEU HA 88 15.71 87.65 29.92
N SER HA 89 14.63 88.42 30.14
CA SER HA 89 14.79 89.77 30.67
C SER HA 89 15.38 89.74 32.08
N GLN HA 90 15.00 88.74 32.86
CA GLN HA 90 15.45 88.53 34.22
C GLN HA 90 15.80 87.05 34.42
N PRO HA 91 16.70 86.76 35.36
CA PRO HA 91 17.05 85.36 35.63
C PRO HA 91 15.83 84.54 36.04
N LYS HA 92 15.64 83.42 35.35
CA LYS HA 92 14.51 82.53 35.59
C LYS HA 92 14.90 81.52 36.65
N ILE HA 93 14.08 81.39 37.69
CA ILE HA 93 14.33 80.46 38.78
C ILE HA 93 13.28 79.36 38.75
N VAL HA 94 13.72 78.12 38.87
CA VAL HA 94 12.85 76.95 38.93
C VAL HA 94 13.15 76.20 40.21
N LYS HA 95 12.15 76.05 41.06
CA LYS HA 95 12.34 75.38 42.34
C LYS HA 95 12.29 73.87 42.15
N TRP HA 96 12.95 73.15 43.06
CA TRP HA 96 13.02 71.70 42.96
C TRP HA 96 11.78 71.07 43.60
N ASP HA 97 11.06 70.27 42.82
CA ASP HA 97 9.96 69.47 43.33
C ASP HA 97 10.36 68.01 43.20
N ARG HA 98 10.43 67.31 44.33
CA ARG HA 98 10.83 65.91 44.30
C ARG HA 98 9.80 65.03 43.62
N ASP HA 99 8.57 65.53 43.48
CA ASP HA 99 7.49 64.84 42.79
C ASP HA 99 7.44 65.16 41.29
N MET HA 100 8.36 65.97 40.79
CA MET HA 100 8.42 66.30 39.37
C MET HA 100 9.84 66.18 38.82
N GLY IA 1 -1.69 -60.77 81.46
CA GLY IA 1 -2.00 -61.37 80.17
C GLY IA 1 -1.17 -60.83 79.03
N SER IA 2 -1.83 -60.58 77.90
CA SER IA 2 -1.15 -60.06 76.72
C SER IA 2 -1.15 -58.53 76.73
N HIS IA 3 0.00 -57.97 76.37
CA HIS IA 3 0.21 -56.53 76.33
C HIS IA 3 0.57 -56.11 74.90
N SER IA 4 0.37 -54.83 74.61
CA SER IA 4 0.67 -54.32 73.27
C SER IA 4 1.15 -52.89 73.36
N MET IA 5 1.97 -52.50 72.37
CA MET IA 5 2.38 -51.12 72.15
C MET IA 5 2.03 -50.74 70.73
N ARG IA 6 1.38 -49.60 70.56
CA ARG IA 6 0.93 -49.20 69.24
C ARG IA 6 1.25 -47.73 69.03
N TYR IA 7 1.65 -47.38 67.80
CA TYR IA 7 1.92 -46.02 67.39
C TYR IA 7 0.97 -45.64 66.26
N PHE IA 8 0.35 -44.47 66.38
CA PHE IA 8 -0.60 -43.98 65.40
C PHE IA 8 -0.10 -42.68 64.82
N PHE IA 9 0.01 -42.61 63.50
CA PHE IA 9 0.49 -41.42 62.80
C PHE IA 9 -0.62 -40.93 61.89
N THR IA 10 -0.89 -39.62 61.95
CA THR IA 10 -1.85 -38.97 61.08
C THR IA 10 -1.22 -37.71 60.51
N SER IA 11 -1.25 -37.59 59.19
CA SER IA 11 -0.75 -36.39 58.52
C SER IA 11 -1.84 -35.91 57.57
N VAL IA 12 -2.28 -34.67 57.75
CA VAL IA 12 -3.34 -34.09 56.93
C VAL IA 12 -2.78 -32.84 56.28
N SER IA 13 -2.98 -32.71 54.97
CA SER IA 13 -2.42 -31.61 54.21
C SER IA 13 -3.44 -30.48 54.11
N ARG IA 14 -3.00 -29.26 54.43
CA ARG IA 14 -3.83 -28.07 54.27
C ARG IA 14 -3.27 -27.30 53.08
N PRO IA 15 -3.92 -27.35 51.91
CA PRO IA 15 -3.32 -26.73 50.73
C PRO IA 15 -3.44 -25.21 50.76
N GLY IA 16 -2.29 -24.55 50.79
CA GLY IA 16 -2.21 -23.11 50.67
C GLY IA 16 -2.02 -22.40 51.99
N ARG IA 17 -2.49 -23.00 53.08
CA ARG IA 17 -2.55 -22.34 54.37
C ARG IA 17 -1.39 -22.72 55.30
N GLY IA 18 -0.38 -23.42 54.78
CA GLY IA 18 0.75 -23.83 55.60
C GLY IA 18 1.26 -25.23 55.29
N GLU IA 19 1.89 -25.87 56.27
CA GLU IA 19 2.45 -27.20 56.09
C GLU IA 19 1.40 -28.23 56.47
N PRO IA 20 1.63 -29.52 56.21
CA PRO IA 20 0.62 -30.52 56.60
C PRO IA 20 0.69 -30.84 58.08
N ARG IA 21 -0.46 -30.71 58.75
CA ARG IA 21 -0.54 -31.03 60.17
C ARG IA 21 -0.18 -32.48 60.41
N PHE IA 22 0.69 -32.72 61.39
CA PHE IA 22 1.16 -34.07 61.70
C PHE IA 22 0.93 -34.33 63.18
N ILE IA 23 0.20 -35.41 63.47
CA ILE IA 23 -0.07 -35.84 64.84
C ILE IA 23 0.47 -37.26 64.99
N ALA IA 24 1.20 -37.49 66.08
CA ALA IA 24 1.74 -38.80 66.40
C ALA IA 24 1.38 -39.11 67.85
N VAL IA 25 0.87 -40.31 68.09
CA VAL IA 25 0.52 -40.73 69.44
C VAL IA 25 0.99 -42.16 69.65
N GLY IA 26 1.42 -42.45 70.87
CA GLY IA 26 1.89 -43.78 71.22
C GLY IA 26 1.11 -44.36 72.38
N TYR IA 27 0.71 -45.62 72.26
CA TYR IA 27 -0.07 -46.30 73.28
C TYR IA 27 0.64 -47.57 73.71
N VAL IA 28 0.62 -47.83 75.01
CA VAL IA 28 0.96 -49.13 75.58
C VAL IA 28 -0.30 -49.64 76.27
N ASP IA 29 -0.83 -50.75 75.78
CA ASP IA 29 -2.12 -51.29 76.21
C ASP IA 29 -3.15 -50.20 75.89
N ASP IA 30 -3.89 -49.68 76.86
CA ASP IA 30 -4.85 -48.61 76.61
C ASP IA 30 -4.39 -47.29 77.20
N THR IA 31 -3.10 -47.18 77.53
CA THR IA 31 -2.51 -45.98 78.12
C THR IA 31 -1.62 -45.28 77.09
N GLN IA 32 -1.81 -43.97 76.93
CA GLN IA 32 -1.01 -43.17 76.04
C GLN IA 32 0.18 -42.58 76.80
N PHE IA 33 1.38 -42.77 76.24
CA PHE IA 33 2.61 -42.36 76.91
C PHE IA 33 3.45 -41.33 76.14
N VAL IA 34 3.22 -41.14 74.84
CA VAL IA 34 3.98 -40.18 74.04
C VAL IA 34 3.05 -39.51 73.03
N ARG IA 35 3.42 -38.29 72.65
CA ARG IA 35 2.66 -37.53 71.67
C ARG IA 35 3.60 -36.59 70.94
N PHE IA 36 3.20 -36.20 69.74
CA PHE IA 36 3.91 -35.19 68.96
C PHE IA 36 2.89 -34.36 68.18
N ASP IA 37 3.22 -33.09 67.97
CA ASP IA 37 2.35 -32.20 67.22
C ASP IA 37 3.21 -31.27 66.36
N SER IA 38 2.86 -31.15 65.09
CA SER IA 38 3.60 -30.27 64.20
C SER IA 38 3.37 -28.80 64.55
N ASP IA 39 2.23 -28.48 65.15
CA ASP IA 39 1.91 -27.12 65.57
C ASP IA 39 2.21 -26.86 67.05
N ALA IA 40 2.88 -27.78 67.73
CA ALA IA 40 3.23 -27.56 69.13
C ALA IA 40 4.44 -26.65 69.24
N ALA IA 41 4.42 -25.77 70.25
CA ALA IA 41 5.53 -24.85 70.45
C ALA IA 41 6.80 -25.59 70.83
N SER IA 42 6.67 -26.68 71.59
CA SER IA 42 7.84 -27.44 72.02
C SER IA 42 8.58 -28.02 70.82
N GLN IA 43 7.84 -28.50 69.82
CA GLN IA 43 8.40 -29.18 68.66
C GLN IA 43 9.23 -30.40 69.07
N ARG IA 44 8.81 -31.06 70.14
CA ARG IA 44 9.53 -32.20 70.68
C ARG IA 44 8.54 -33.31 71.00
N MET IA 45 9.06 -34.53 71.15
CA MET IA 45 8.22 -35.64 71.60
C MET IA 45 7.94 -35.50 73.08
N GLU IA 46 6.68 -35.33 73.44
CA GLU IA 46 6.33 -35.07 74.82
C GLU IA 46 5.77 -36.31 75.50
N PRO IA 47 5.97 -36.44 76.81
CA PRO IA 47 5.40 -37.58 77.55
C PRO IA 47 4.00 -37.32 78.05
N ARG IA 48 3.16 -38.36 77.97
CA ARG IA 48 1.79 -38.29 78.44
C ARG IA 48 1.51 -39.22 79.62
N ALA IA 49 2.46 -40.07 80.00
CA ALA IA 49 2.33 -40.97 81.13
C ALA IA 49 3.49 -40.79 82.08
N PRO IA 50 3.26 -40.93 83.39
CA PRO IA 50 4.35 -40.68 84.35
C PRO IA 50 5.51 -41.65 84.24
N TRP IA 51 5.25 -42.92 83.93
CA TRP IA 51 6.32 -43.92 83.95
C TRP IA 51 7.36 -43.69 82.85
N ILE IA 52 6.98 -43.05 81.75
CA ILE IA 52 7.95 -42.77 80.70
C ILE IA 52 8.79 -41.54 81.01
N GLU IA 53 8.32 -40.65 81.89
CA GLU IA 53 9.03 -39.42 82.17
C GLU IA 53 10.41 -39.65 82.76
N GLN IA 54 10.62 -40.80 83.41
CA GLN IA 54 11.90 -41.12 84.04
C GLN IA 54 12.96 -41.54 83.03
N GLU IA 55 12.77 -41.25 81.74
CA GLU IA 55 13.76 -41.58 80.74
C GLU IA 55 14.79 -40.47 80.62
N GLY IA 56 16.00 -40.85 80.21
CA GLY IA 56 17.10 -39.92 80.10
C GLY IA 56 16.94 -38.96 78.93
N PRO IA 57 17.68 -37.85 78.97
CA PRO IA 57 17.61 -36.87 77.87
C PRO IA 57 18.07 -37.42 76.53
N GLU IA 58 18.89 -38.47 76.53
CA GLU IA 58 19.26 -39.10 75.26
C GLU IA 58 18.05 -39.72 74.57
N TYR IA 59 17.12 -40.26 75.36
CA TYR IA 59 15.96 -40.93 74.79
C TYR IA 59 15.04 -39.95 74.08
N TRP IA 60 14.70 -38.84 74.75
CA TRP IA 60 13.77 -37.87 74.17
C TRP IA 60 14.36 -37.23 72.92
N ASP IA 61 15.66 -36.95 72.92
CA ASP IA 61 16.28 -36.38 71.74
C ASP IA 61 16.21 -37.35 70.57
N GLY IA 62 16.41 -38.64 70.84
CA GLY IA 62 16.30 -39.64 69.78
C GLY IA 62 14.88 -39.78 69.28
N GLU IA 63 13.90 -39.82 70.19
CA GLU IA 63 12.51 -39.95 69.76
C GLU IA 63 12.09 -38.72 68.96
N THR IA 64 12.52 -37.54 69.40
CA THR IA 64 12.24 -36.33 68.61
C THR IA 64 12.91 -36.39 67.25
N ARG IA 65 14.12 -36.98 67.19
CA ARG IA 65 14.84 -37.06 65.93
C ARG IA 65 14.12 -37.95 64.93
N LYS IA 66 13.68 -39.13 65.36
CA LYS IA 66 13.08 -40.08 64.42
C LYS IA 66 11.68 -39.64 64.01
N VAL IA 67 10.90 -39.09 64.95
CA VAL IA 67 9.52 -38.70 64.64
C VAL IA 67 9.51 -37.59 63.60
N LYS IA 68 10.45 -36.65 63.69
CA LYS IA 68 10.54 -35.59 62.69
C LYS IA 68 10.89 -36.15 61.30
N ALA IA 69 11.78 -37.15 61.25
CA ALA IA 69 12.11 -37.77 59.98
C ALA IA 69 10.91 -38.47 59.36
N HIS IA 70 10.12 -39.18 60.17
CA HIS IA 70 8.89 -39.79 59.67
C HIS IA 70 7.88 -38.74 59.20
N SER IA 71 7.81 -37.60 59.88
CA SER IA 71 6.89 -36.55 59.46
C SER IA 71 7.19 -36.05 58.05
N GLN IA 72 8.47 -35.87 57.71
CA GLN IA 72 8.84 -35.47 56.36
C GLN IA 72 8.50 -36.54 55.33
N THR IA 73 8.58 -37.82 55.71
CA THR IA 73 8.22 -38.89 54.79
C THR IA 73 6.76 -38.76 54.35
N HIS IA 74 5.86 -38.59 55.32
CA HIS IA 74 4.43 -38.56 55.00
C HIS IA 74 4.08 -37.30 54.22
N ARG IA 75 4.85 -36.23 54.40
CA ARG IA 75 4.67 -35.04 53.58
C ARG IA 75 5.00 -35.33 52.12
N VAL IA 76 6.04 -36.12 51.88
CA VAL IA 76 6.32 -36.57 50.52
C VAL IA 76 5.24 -37.54 50.05
N ASP IA 77 4.76 -38.39 50.96
CA ASP IA 77 3.73 -39.35 50.61
C ASP IA 77 2.44 -38.65 50.18
N LEU IA 78 2.10 -37.55 50.84
CA LEU IA 78 0.91 -36.79 50.46
C LEU IA 78 1.04 -36.26 49.04
N GLY IA 79 2.22 -35.74 48.70
CA GLY IA 79 2.45 -35.28 47.34
C GLY IA 79 2.46 -36.42 46.33
N THR IA 80 3.08 -37.54 46.70
CA THR IA 80 3.17 -38.69 45.81
C THR IA 80 1.79 -39.26 45.50
N LEU IA 81 0.92 -39.39 46.51
CA LEU IA 81 -0.41 -39.93 46.30
C LEU IA 81 -1.28 -39.02 45.43
N ARG IA 82 -1.07 -37.70 45.50
CA ARG IA 82 -1.83 -36.79 44.64
C ARG IA 82 -1.55 -37.08 43.17
N GLY IA 83 -0.31 -37.42 42.84
CA GLY IA 83 0.01 -37.76 41.47
C GLY IA 83 -0.56 -39.10 41.05
N TYR IA 84 -0.58 -40.07 41.99
CA TYR IA 84 -1.04 -41.41 41.66
C TYR IA 84 -2.50 -41.39 41.21
N TYR IA 85 -3.35 -40.67 41.94
CA TYR IA 85 -4.77 -40.65 41.64
C TYR IA 85 -5.17 -39.47 40.75
N ASN IA 86 -4.20 -38.66 40.31
CA ASN IA 86 -4.46 -37.48 39.47
C ASN IA 86 -5.41 -36.49 40.14
N GLN IA 87 -5.28 -36.35 41.45
CA GLN IA 87 -6.16 -35.46 42.20
C GLN IA 87 -5.69 -34.01 42.09
N SER IA 88 -6.66 -33.09 42.05
CA SER IA 88 -6.35 -31.67 42.01
C SER IA 88 -5.66 -31.24 43.31
N GLU IA 89 -4.76 -30.27 43.19
CA GLU IA 89 -3.95 -29.82 44.31
C GLU IA 89 -4.72 -28.91 45.28
N ALA IA 90 -6.03 -28.79 45.11
CA ALA IA 90 -6.84 -27.95 45.98
C ALA IA 90 -7.44 -28.69 47.16
N GLY IA 91 -7.47 -30.02 47.10
CA GLY IA 91 -8.10 -30.81 48.15
C GLY IA 91 -7.18 -31.10 49.33
N SER IA 92 -7.79 -31.18 50.50
CA SER IA 92 -7.09 -31.57 51.72
C SER IA 92 -7.24 -33.08 51.90
N HIS IA 93 -6.10 -33.77 52.08
CA HIS IA 93 -6.10 -35.22 52.13
C HIS IA 93 -5.34 -35.69 53.37
N THR IA 94 -5.69 -36.89 53.82
CA THR IA 94 -5.14 -37.46 55.04
C THR IA 94 -4.40 -38.75 54.71
N VAL IA 95 -3.24 -38.93 55.34
CA VAL IA 95 -2.48 -40.17 55.27
C VAL IA 95 -2.29 -40.66 56.69
N GLN IA 96 -2.44 -41.97 56.88
CA GLN IA 96 -2.33 -42.54 58.22
C GLN IA 96 -1.48 -43.80 58.18
N ARG IA 97 -0.72 -44.00 59.25
CA ARG IA 97 0.14 -45.16 59.43
C ARG IA 97 -0.09 -45.69 60.83
N MET IA 98 -0.07 -47.01 60.96
CA MET IA 98 -0.17 -47.66 62.26
C MET IA 98 0.75 -48.87 62.26
N TYR IA 99 1.62 -48.94 63.25
CA TYR IA 99 2.42 -50.14 63.43
C TYR IA 99 2.44 -50.48 64.91
N GLY IA 100 2.45 -51.77 65.19
CA GLY IA 100 2.37 -52.22 66.57
C GLY IA 100 2.86 -53.65 66.68
N CYS IA 101 2.95 -54.07 67.93
CA CYS IA 101 3.47 -55.38 68.31
C CYS IA 101 2.57 -55.99 69.38
N ASP IA 102 2.41 -57.30 69.32
CA ASP IA 102 1.63 -58.03 70.31
C ASP IA 102 2.53 -59.08 70.95
N VAL IA 103 2.41 -59.21 72.28
CA VAL IA 103 3.16 -60.23 73.02
C VAL IA 103 2.16 -61.05 73.80
N GLY IA 104 2.51 -62.32 74.02
CA GLY IA 104 1.67 -63.22 74.78
C GLY IA 104 1.94 -63.08 76.27
N SER IA 105 1.35 -64.01 77.03
CA SER IA 105 1.60 -64.01 78.47
C SER IA 105 3.06 -64.29 78.77
N ASP IA 106 3.74 -65.06 77.90
CA ASP IA 106 5.15 -65.34 78.06
C ASP IA 106 6.04 -64.13 77.78
N TRP IA 107 5.48 -63.06 77.19
CA TRP IA 107 6.16 -61.82 76.87
C TRP IA 107 7.06 -61.93 75.63
N ARG IA 108 6.83 -62.94 74.80
CA ARG IA 108 7.56 -63.14 73.56
C ARG IA 108 6.70 -62.73 72.37
N PHE IA 109 7.34 -62.60 71.22
CA PHE IA 109 6.65 -62.05 70.06
C PHE IA 109 5.43 -62.89 69.70
N LEU IA 110 4.34 -62.21 69.34
CA LEU IA 110 3.10 -62.86 68.95
C LEU IA 110 2.65 -62.35 67.60
N ARG IA 111 2.54 -61.03 67.44
CA ARG IA 111 1.97 -60.46 66.23
C ARG IA 111 2.57 -59.08 65.97
N GLY IA 112 2.48 -58.66 64.72
CA GLY IA 112 3.00 -57.37 64.30
C GLY IA 112 2.04 -56.73 63.33
N TYR IA 113 2.06 -55.40 63.29
CA TYR IA 113 1.14 -54.66 62.42
C TYR IA 113 1.91 -53.57 61.70
N HIS IA 114 1.65 -53.42 60.40
CA HIS IA 114 2.06 -52.24 59.65
C HIS IA 114 1.01 -51.97 58.59
N GLN IA 115 0.33 -50.82 58.67
CA GLN IA 115 -0.72 -50.51 57.70
C GLN IA 115 -0.68 -49.04 57.32
N TYR IA 116 -1.25 -48.75 56.15
CA TYR IA 116 -1.35 -47.41 55.61
C TYR IA 116 -2.77 -47.14 55.16
N ALA IA 117 -3.19 -45.87 55.28
CA ALA IA 117 -4.52 -45.45 54.86
C ALA IA 117 -4.45 -44.09 54.22
N TYR IA 118 -5.20 -43.90 53.14
CA TYR IA 118 -5.30 -42.63 52.44
C TYR IA 118 -6.77 -42.26 52.29
N ASP IA 119 -7.14 -41.10 52.83
CA ASP IA 119 -8.51 -40.57 52.74
C ASP IA 119 -9.53 -41.53 53.35
N GLY IA 120 -9.14 -42.19 54.43
CA GLY IA 120 -10.03 -43.05 55.20
C GLY IA 120 -10.26 -44.43 54.65
N LYS IA 121 -9.49 -44.85 53.65
CA LYS IA 121 -9.59 -46.19 53.08
C LYS IA 121 -8.22 -46.86 53.13
N ASP IA 122 -8.23 -48.19 53.20
CA ASP IA 122 -6.98 -48.94 53.18
C ASP IA 122 -6.21 -48.73 51.89
N TYR IA 123 -4.90 -48.54 52.02
CA TYR IA 123 -4.01 -48.35 50.88
C TYR IA 123 -3.07 -49.53 50.72
N ILE IA 124 -2.07 -49.67 51.61
CA ILE IA 124 -1.18 -50.82 51.60
C ILE IA 124 -0.97 -51.28 53.04
N ALA IA 125 -0.99 -52.59 53.24
CA ALA IA 125 -0.86 -53.16 54.58
C ALA IA 125 0.06 -54.37 54.53
N LEU IA 126 0.74 -54.62 55.64
CA LEU IA 126 1.64 -55.75 55.78
C LEU IA 126 0.85 -56.94 56.32
N LYS IA 127 1.00 -58.10 55.70
CA LYS IA 127 0.28 -59.29 56.13
C LYS IA 127 0.82 -59.78 57.48
N GLU IA 128 0.21 -60.85 57.99
CA GLU IA 128 0.62 -61.38 59.29
C GLU IA 128 1.94 -62.15 59.19
N ASP IA 129 2.22 -62.77 58.05
CA ASP IA 129 3.48 -63.50 57.89
C ASP IA 129 4.68 -62.56 57.95
N LEU IA 130 4.46 -61.27 57.72
CA LEU IA 130 5.50 -60.22 57.75
C LEU IA 130 6.43 -60.27 56.54
N ARG IA 131 6.01 -60.95 55.46
CA ARG IA 131 6.84 -61.08 54.28
C ARG IA 131 6.12 -60.70 52.99
N SER IA 132 4.84 -60.36 53.06
CA SER IA 132 4.05 -60.04 51.88
C SER IA 132 3.23 -58.79 52.16
N TRP IA 133 2.79 -58.14 51.08
CA TRP IA 133 2.04 -56.90 51.16
C TRP IA 133 0.69 -57.08 50.47
N THR IA 134 -0.31 -56.38 50.98
CA THR IA 134 -1.64 -56.38 50.39
C THR IA 134 -1.95 -54.99 49.85
N ALA IA 135 -2.26 -54.91 48.57
CA ALA IA 135 -2.52 -53.66 47.88
C ALA IA 135 -4.01 -53.56 47.56
N ALA IA 136 -4.63 -52.45 47.97
CA ALA IA 136 -6.06 -52.30 47.81
C ALA IA 136 -6.45 -52.21 46.33
N ASP IA 137 -5.78 -51.35 45.57
CA ASP IA 137 -6.16 -51.09 44.19
C ASP IA 137 -4.90 -50.90 43.35
N MET IA 138 -5.10 -50.43 42.11
CA MET IA 138 -4.00 -50.24 41.18
C MET IA 138 -2.97 -49.24 41.70
N ALA IA 139 -3.43 -48.12 42.25
CA ALA IA 139 -2.49 -47.12 42.77
C ALA IA 139 -1.62 -47.71 43.86
N ALA IA 140 -2.19 -48.58 44.68
CA ALA IA 140 -1.41 -49.24 45.74
C ALA IA 140 -0.39 -50.20 45.16
N GLN IA 141 -0.67 -50.78 43.99
CA GLN IA 141 0.25 -51.74 43.37
C GLN IA 141 1.56 -51.09 42.96
N THR IA 142 1.55 -49.82 42.55
CA THR IA 142 2.80 -49.15 42.21
C THR IA 142 3.74 -49.09 43.41
N THR IA 143 3.21 -48.76 44.59
CA THR IA 143 4.00 -48.75 45.80
C THR IA 143 4.41 -50.16 46.23
N LYS IA 144 3.56 -51.15 45.97
CA LYS IA 144 3.87 -52.53 46.37
C LYS IA 144 5.13 -53.04 45.70
N HIS IA 145 5.28 -52.79 44.39
CA HIS IA 145 6.44 -53.30 43.67
C HIS IA 145 7.74 -52.70 44.20
N LYS IA 146 7.74 -51.39 44.47
CA LYS IA 146 8.94 -50.75 45.01
C LYS IA 146 9.30 -51.30 46.38
N TRP IA 147 8.30 -51.49 47.25
CA TRP IA 147 8.57 -52.00 48.59
C TRP IA 147 9.06 -53.44 48.56
N GLU IA 148 8.57 -54.24 47.62
CA GLU IA 148 9.08 -55.60 47.47
C GLU IA 148 10.54 -55.59 47.04
N ALA IA 149 10.89 -54.74 46.07
CA ALA IA 149 12.25 -54.69 45.59
C ALA IA 149 13.21 -54.16 46.66
N ALA IA 150 12.77 -53.20 47.46
CA ALA IA 150 13.64 -52.59 48.46
C ALA IA 150 13.77 -53.42 49.73
N HIS IA 151 13.13 -54.59 49.79
CA HIS IA 151 13.22 -55.48 50.95
C HIS IA 151 12.75 -54.78 52.22
N VAL IA 152 11.67 -54.00 52.10
CA VAL IA 152 11.14 -53.28 53.25
C VAL IA 152 10.59 -54.23 54.29
N ALA IA 153 9.98 -55.33 53.86
CA ALA IA 153 9.36 -56.27 54.80
C ALA IA 153 10.38 -56.82 55.79
N GLU IA 154 11.61 -57.08 55.32
CA GLU IA 154 12.61 -57.65 56.23
C GLU IA 154 13.05 -56.64 57.28
N GLN IA 155 13.17 -55.36 56.91
CA GLN IA 155 13.55 -54.34 57.89
C GLN IA 155 12.45 -54.11 58.91
N LEU IA 156 11.19 -54.08 58.46
CA LEU IA 156 10.07 -53.90 59.37
C LEU IA 156 9.90 -55.11 60.28
N ARG IA 157 10.06 -56.32 59.71
CA ARG IA 157 9.92 -57.54 60.49
C ARG IA 157 10.91 -57.57 61.65
N ALA IA 158 12.11 -57.04 61.45
CA ALA IA 158 13.09 -56.98 62.53
C ALA IA 158 12.64 -56.06 63.66
N TYR IA 159 12.02 -54.92 63.31
CA TYR IA 159 11.57 -53.98 64.33
C TYR IA 159 10.42 -54.57 65.16
N LEU IA 160 9.41 -55.10 64.49
CA LEU IA 160 8.23 -55.61 65.18
C LEU IA 160 8.55 -56.85 66.00
N GLU IA 161 9.28 -57.81 65.40
CA GLU IA 161 9.56 -59.06 66.08
C GLU IA 161 10.58 -58.90 67.20
N GLY IA 162 11.46 -57.91 67.11
CA GLY IA 162 12.51 -57.76 68.09
C GLY IA 162 12.57 -56.44 68.82
N THR IA 163 12.67 -55.34 68.07
CA THR IA 163 12.92 -54.04 68.70
C THR IA 163 11.74 -53.61 69.57
N CYS IA 164 10.50 -53.74 69.08
CA CYS IA 164 9.37 -53.38 69.92
C CYS IA 164 9.28 -54.27 71.14
N VAL IA 165 9.36 -55.58 70.95
CA VAL IA 165 9.17 -56.51 72.06
C VAL IA 165 10.17 -56.23 73.16
N GLU IA 166 11.41 -55.93 72.78
CA GLU IA 166 12.41 -55.60 73.78
C GLU IA 166 12.06 -54.31 74.50
N TRP IA 167 11.65 -53.29 73.75
CA TRP IA 167 11.30 -52.03 74.37
C TRP IA 167 9.94 -52.09 75.06
N LEU IA 168 9.01 -52.88 74.51
CA LEU IA 168 7.71 -53.06 75.17
C LEU IA 168 7.88 -53.74 76.53
N ARG IA 169 8.71 -54.78 76.60
CA ARG IA 169 8.98 -55.40 77.90
C ARG IA 169 9.62 -54.40 78.84
N ARG IA 170 10.55 -53.61 78.33
CA ARG IA 170 11.20 -52.58 79.13
C ARG IA 170 10.20 -51.54 79.62
N TYR IA 171 9.25 -51.15 78.77
CA TYR IA 171 8.24 -50.19 79.17
C TYR IA 171 7.35 -50.75 80.28
N LEU IA 172 6.98 -52.02 80.17
CA LEU IA 172 6.12 -52.67 81.15
C LEU IA 172 6.79 -52.71 82.54
N GLU IA 173 8.08 -53.01 82.57
CA GLU IA 173 8.80 -53.08 83.85
C GLU IA 173 8.91 -51.71 84.49
N ASN IA 174 9.14 -50.66 83.70
CA ASN IA 174 9.28 -49.33 84.27
C ASN IA 174 7.95 -48.82 84.84
N GLY IA 175 6.84 -49.21 84.25
CA GLY IA 175 5.54 -48.80 84.76
C GLY IA 175 4.68 -49.97 85.18
N LYS IA 176 5.25 -50.85 86.01
CA LYS IA 176 4.49 -52.01 86.49
C LYS IA 176 3.26 -51.58 87.28
N GLU IA 177 3.35 -50.48 88.02
CA GLU IA 177 2.26 -50.08 88.90
C GLU IA 177 1.06 -49.57 88.11
N THR IA 178 1.30 -48.96 86.95
CA THR IA 178 0.23 -48.28 86.21
C THR IA 178 -0.44 -49.17 85.18
N LEU IA 179 0.32 -50.01 84.48
CA LEU IA 179 -0.23 -50.79 83.38
C LEU IA 179 -0.22 -52.30 83.59
N GLN IA 180 0.48 -52.82 84.60
CA GLN IA 180 0.36 -54.23 84.91
C GLN IA 180 -0.66 -54.50 86.01
N ARG IA 181 -1.30 -53.46 86.52
CA ARG IA 181 -2.39 -53.62 87.47
C ARG IA 181 -3.66 -53.94 86.69
N THR IA 182 -4.61 -54.59 87.37
CA THR IA 182 -5.92 -54.80 86.79
C THR IA 182 -6.97 -54.36 87.80
N ASP IA 183 -7.92 -53.54 87.36
CA ASP IA 183 -8.95 -52.96 88.20
C ASP IA 183 -10.30 -53.56 87.84
N ALA IA 184 -10.92 -54.25 88.80
CA ALA IA 184 -12.21 -54.87 88.55
C ALA IA 184 -13.32 -53.83 88.49
N PRO IA 185 -14.33 -54.04 87.65
CA PRO IA 185 -15.40 -53.05 87.52
C PRO IA 185 -16.23 -52.92 88.79
N LYS IA 186 -16.83 -51.75 88.96
CA LYS IA 186 -17.77 -51.49 90.06
C LYS IA 186 -19.18 -51.54 89.47
N THR IA 187 -19.90 -52.61 89.78
CA THR IA 187 -21.15 -52.92 89.09
C THR IA 187 -22.34 -52.56 89.97
N HIS IA 188 -23.39 -52.06 89.31
CA HIS IA 188 -24.67 -51.79 89.96
C HIS IA 188 -25.74 -51.74 88.88
N MET IA 189 -26.99 -51.77 89.32
CA MET IA 189 -28.13 -51.88 88.40
C MET IA 189 -29.15 -50.80 88.73
N THR IA 190 -29.77 -50.25 87.68
CA THR IA 190 -30.76 -49.18 87.82
C THR IA 190 -32.03 -49.57 87.08
N HIS IA 191 -33.15 -48.96 87.51
CA HIS IA 191 -34.46 -49.25 86.96
C HIS IA 191 -35.07 -47.97 86.38
N HIS IA 192 -35.52 -48.06 85.14
CA HIS IA 192 -36.18 -46.95 84.45
C HIS IA 192 -37.46 -47.46 83.82
N ALA IA 193 -38.55 -46.72 84.00
CA ALA IA 193 -39.86 -47.14 83.50
C ALA IA 193 -40.21 -46.32 82.27
N VAL IA 194 -40.22 -46.97 81.10
CA VAL IA 194 -40.61 -46.30 79.87
C VAL IA 194 -42.11 -46.01 79.88
N SER IA 195 -42.91 -46.99 80.29
CA SER IA 195 -44.36 -46.84 80.26
C SER IA 195 -44.95 -47.72 81.34
N ASP IA 196 -46.29 -47.74 81.39
CA ASP IA 196 -47.00 -48.53 82.37
C ASP IA 196 -46.74 -50.02 82.20
N HIS IA 197 -46.32 -50.45 81.00
CA HIS IA 197 -46.27 -51.87 80.67
C HIS IA 197 -44.85 -52.43 80.55
N GLU IA 198 -43.86 -51.58 80.35
CA GLU IA 198 -42.48 -52.03 80.20
C GLU IA 198 -41.50 -51.06 80.85
N ALA IA 199 -40.44 -51.60 81.41
CA ALA IA 199 -39.42 -50.81 82.09
C ALA IA 199 -38.05 -51.17 81.52
N THR IA 200 -37.09 -50.28 81.74
CA THR IA 200 -35.73 -50.46 81.26
C THR IA 200 -34.81 -50.82 82.42
N LEU IA 201 -33.97 -51.81 82.21
CA LEU IA 201 -32.99 -52.25 83.19
C LEU IA 201 -31.61 -51.86 82.69
N ARG IA 202 -30.79 -51.29 83.55
CA ARG IA 202 -29.46 -50.83 83.17
C ARG IA 202 -28.41 -51.55 83.99
N CYS IA 203 -27.42 -52.11 83.30
CA CYS IA 203 -26.28 -52.77 83.93
C CYS IA 203 -25.07 -51.87 83.78
N TRP IA 204 -24.43 -51.52 84.90
CA TRP IA 204 -23.33 -50.57 84.89
C TRP IA 204 -22.03 -51.24 85.31
N ALA IA 205 -20.96 -50.93 84.57
CA ALA IA 205 -19.60 -51.28 84.94
C ALA IA 205 -18.78 -50.01 84.87
N LEU IA 206 -18.07 -49.69 85.95
CA LEU IA 206 -17.36 -48.42 86.00
C LEU IA 206 -15.99 -48.59 86.64
N SER IA 207 -15.11 -47.66 86.32
CA SER IA 207 -13.79 -47.56 86.95
C SER IA 207 -13.02 -48.87 86.86
N PHE IA 208 -12.89 -49.40 85.64
CA PHE IA 208 -12.16 -50.63 85.41
C PHE IA 208 -11.12 -50.46 84.31
N TYR IA 209 -10.02 -51.18 84.47
CA TYR IA 209 -8.93 -51.23 83.51
C TYR IA 209 -8.38 -52.66 83.51
N PRO IA 210 -8.09 -53.23 82.33
CA PRO IA 210 -8.11 -52.73 80.94
C PRO IA 210 -9.50 -52.49 80.34
N ALA IA 211 -9.52 -51.97 79.12
CA ALA IA 211 -10.76 -51.59 78.45
C ALA IA 211 -11.62 -52.79 78.10
N GLU IA 212 -11.01 -53.93 77.77
CA GLU IA 212 -11.77 -55.07 77.27
C GLU IA 212 -12.70 -55.63 78.35
N ILE IA 213 -13.97 -55.80 78.00
CA ILE IA 213 -14.97 -56.33 78.93
C ILE IA 213 -16.09 -56.95 78.10
N THR IA 214 -16.81 -57.89 78.70
CA THR IA 214 -17.95 -58.54 78.06
C THR IA 214 -19.17 -58.40 78.95
N LEU IA 215 -20.27 -57.92 78.38
CA LEU IA 215 -21.54 -57.77 79.07
C LEU IA 215 -22.59 -58.57 78.32
N THR IA 216 -23.28 -59.46 79.03
CA THR IA 216 -24.25 -60.36 78.41
C THR IA 216 -25.55 -60.35 79.22
N TRP IA 217 -26.66 -60.47 78.49
CA TRP IA 217 -28.00 -60.49 79.06
C TRP IA 217 -28.59 -61.89 78.94
N GLN IA 218 -29.12 -62.42 80.04
CA GLN IA 218 -29.75 -63.73 80.03
C GLN IA 218 -31.14 -63.61 80.64
N ARG IA 219 -32.13 -64.19 79.96
CA ARG IA 219 -33.50 -64.28 80.44
C ARG IA 219 -33.82 -65.74 80.76
N ASP IA 220 -34.02 -66.03 82.05
CA ASP IA 220 -34.37 -67.38 82.49
C ASP IA 220 -33.23 -68.36 82.21
N GLY IA 221 -32.00 -67.84 82.13
CA GLY IA 221 -30.87 -68.67 81.80
C GLY IA 221 -30.69 -68.86 80.31
N GLU IA 222 -31.27 -67.99 79.50
CA GLU IA 222 -31.17 -68.04 78.04
C GLU IA 222 -30.61 -66.73 77.54
N ASP IA 223 -29.61 -66.81 76.66
CA ASP IA 223 -28.96 -65.62 76.14
C ASP IA 223 -29.96 -64.74 75.39
N GLN IA 224 -30.02 -63.48 75.79
CA GLN IA 224 -30.95 -62.49 75.25
C GLN IA 224 -30.21 -61.48 74.40
N THR IA 225 -30.60 -61.36 73.13
CA THR IA 225 -29.94 -60.47 72.19
C THR IA 225 -31.01 -59.83 71.31
N GLN IA 226 -30.60 -58.81 70.55
CA GLN IA 226 -31.44 -58.10 69.57
C GLN IA 226 -32.42 -57.15 70.24
N ASP IA 227 -32.83 -57.46 71.48
CA ASP IA 227 -33.74 -56.61 72.24
C ASP IA 227 -33.02 -55.75 73.27
N THR IA 228 -31.70 -55.69 73.21
CA THR IA 228 -30.87 -54.97 74.16
C THR IA 228 -30.15 -53.81 73.50
N GLU IA 229 -29.75 -52.83 74.33
CA GLU IA 229 -28.98 -51.69 73.90
C GLU IA 229 -27.60 -51.76 74.56
N LEU IA 230 -26.55 -51.52 73.76
CA LEU IA 230 -25.17 -51.59 74.22
C LEU IA 230 -24.38 -50.40 73.72
N VAL IA 231 -23.75 -49.67 74.64
CA VAL IA 231 -22.96 -48.50 74.30
C VAL IA 231 -21.50 -48.88 74.17
N GLU IA 232 -20.79 -48.13 73.35
CA GLU IA 232 -19.35 -48.30 73.19
C GLU IA 232 -18.65 -48.00 74.51
N THR IA 233 -17.57 -48.73 74.79
CA THR IA 233 -16.84 -48.52 76.02
C THR IA 233 -16.30 -47.10 76.06
N ARG IA 234 -16.43 -46.46 77.23
CA ARG IA 234 -16.09 -45.05 77.32
C ARG IA 234 -14.95 -44.84 78.29
N PRO IA 235 -14.08 -43.86 78.04
CA PRO IA 235 -13.04 -43.53 79.02
C PRO IA 235 -13.58 -42.57 80.08
N ALA IA 236 -13.30 -42.88 81.34
CA ALA IA 236 -13.74 -42.02 82.43
C ALA IA 236 -12.93 -40.73 82.52
N GLY IA 237 -11.70 -40.75 82.02
CA GLY IA 237 -10.82 -39.60 82.09
C GLY IA 237 -9.74 -39.69 83.14
N ASP IA 238 -9.75 -40.76 83.95
CA ASP IA 238 -8.74 -40.98 84.97
C ASP IA 238 -7.93 -42.26 84.72
N GLY IA 239 -7.96 -42.78 83.50
CA GLY IA 239 -7.30 -44.03 83.18
C GLY IA 239 -8.18 -45.25 83.35
N THR IA 240 -9.46 -45.07 83.68
CA THR IA 240 -10.42 -46.14 83.82
C THR IA 240 -11.50 -45.99 82.75
N PHE IA 241 -12.23 -47.07 82.50
CA PHE IA 241 -13.23 -47.11 81.45
C PHE IA 241 -14.60 -47.42 82.04
N GLN IA 242 -15.63 -47.21 81.22
CA GLN IA 242 -17.01 -47.42 81.60
C GLN IA 242 -17.78 -48.04 80.45
N LYS IA 243 -18.75 -48.88 80.79
CA LYS IA 243 -19.62 -49.48 79.79
C LYS IA 243 -20.92 -49.88 80.47
N TRP IA 244 -22.01 -49.85 79.71
CA TRP IA 244 -23.29 -50.28 80.27
C TRP IA 244 -24.16 -50.92 79.20
N ALA IA 245 -25.06 -51.80 79.66
CA ALA IA 245 -26.00 -52.52 78.80
C ALA IA 245 -27.41 -52.38 79.36
N ALA IA 246 -28.39 -52.26 78.46
CA ALA IA 246 -29.78 -52.08 78.86
C ALA IA 246 -30.69 -53.01 78.07
N VAL IA 247 -31.78 -53.43 78.71
CA VAL IA 247 -32.77 -54.31 78.10
C VAL IA 247 -34.17 -53.85 78.50
N VAL IA 248 -35.11 -53.97 77.58
CA VAL IA 248 -36.51 -53.63 77.83
C VAL IA 248 -37.23 -54.89 78.32
N VAL IA 249 -37.90 -54.77 79.46
CA VAL IA 249 -38.55 -55.92 80.11
C VAL IA 249 -40.01 -55.60 80.41
N PRO IA 250 -40.92 -56.54 80.21
CA PRO IA 250 -42.31 -56.32 80.61
C PRO IA 250 -42.46 -56.28 82.12
N SER IA 251 -43.43 -55.48 82.58
CA SER IA 251 -43.60 -55.28 84.01
C SER IA 251 -43.88 -56.60 84.70
N GLY IA 252 -43.31 -56.77 85.90
CA GLY IA 252 -43.49 -57.97 86.67
C GLY IA 252 -42.54 -59.10 86.31
N GLN IA 253 -41.75 -58.93 85.24
CA GLN IA 253 -40.79 -59.93 84.79
C GLN IA 253 -39.35 -59.51 85.01
N GLU IA 254 -39.12 -58.46 85.82
CA GLU IA 254 -37.75 -57.98 86.04
C GLU IA 254 -36.87 -59.06 86.65
N GLN IA 255 -37.43 -59.90 87.52
CA GLN IA 255 -36.63 -60.90 88.23
C GLN IA 255 -36.17 -62.05 87.34
N ARG IA 256 -36.68 -62.16 86.12
CA ARG IA 256 -36.24 -63.21 85.22
C ARG IA 256 -34.83 -62.96 84.68
N TYR IA 257 -34.39 -61.73 84.65
CA TYR IA 257 -33.22 -61.32 83.88
C TYR IA 257 -31.97 -61.25 84.75
N THR IA 258 -30.83 -61.53 84.13
CA THR IA 258 -29.54 -61.54 84.79
C THR IA 258 -28.50 -60.87 83.91
N CYS IA 259 -27.59 -60.13 84.53
CA CYS IA 259 -26.49 -59.48 83.85
C CYS IA 259 -25.21 -60.22 84.19
N HIS IA 260 -24.43 -60.55 83.16
CA HIS IA 260 -23.20 -61.31 83.32
C HIS IA 260 -22.02 -60.45 82.88
N VAL IA 261 -21.03 -60.31 83.77
CA VAL IA 261 -19.85 -59.48 83.52
C VAL IA 261 -18.63 -60.38 83.47
N GLN IA 262 -17.84 -60.25 82.41
CA GLN IA 262 -16.59 -60.96 82.25
C GLN IA 262 -15.46 -59.94 82.11
N HIS IA 263 -14.54 -59.92 83.07
CA HIS IA 263 -13.44 -58.98 83.03
C HIS IA 263 -12.21 -59.65 83.63
N GLU IA 264 -11.04 -59.14 83.23
CA GLU IA 264 -9.78 -59.68 83.74
C GLU IA 264 -9.64 -59.48 85.24
N GLY IA 265 -10.21 -58.38 85.76
CA GLY IA 265 -10.15 -58.11 87.20
C GLY IA 265 -10.99 -59.02 88.05
N LEU IA 266 -11.99 -59.68 87.47
CA LEU IA 266 -12.88 -60.54 88.24
C LEU IA 266 -12.45 -61.99 88.10
N PRO IA 267 -12.11 -62.68 89.20
CA PRO IA 267 -11.80 -64.11 89.08
C PRO IA 267 -13.03 -64.91 88.69
N LYS IA 268 -14.19 -64.55 89.23
CA LYS IA 268 -15.52 -65.12 88.99
C LYS IA 268 -16.31 -64.20 88.09
N PRO IA 269 -16.91 -64.70 87.01
CA PRO IA 269 -17.89 -63.89 86.28
C PRO IA 269 -19.08 -63.55 87.17
N LEU IA 270 -19.38 -62.26 87.28
CA LEU IA 270 -20.42 -61.80 88.18
C LEU IA 270 -21.81 -61.99 87.55
N THR IA 271 -22.83 -61.86 88.40
CA THR IA 271 -24.22 -61.91 87.99
C THR IA 271 -25.02 -60.93 88.81
N LEU IA 272 -25.85 -60.13 88.14
CA LEU IA 272 -26.67 -59.10 88.77
C LEU IA 272 -28.13 -59.35 88.44
N ARG IA 273 -28.99 -59.32 89.46
CA ARG IA 273 -30.43 -59.51 89.27
C ARG IA 273 -31.17 -58.42 90.04
N TRP IA 274 -32.27 -57.95 89.45
CA TRP IA 274 -33.06 -56.86 90.02
C TRP IA 274 -34.08 -57.45 90.98
N GLU IA 275 -34.02 -57.05 92.24
CA GLU IA 275 -34.95 -57.53 93.25
C GLU IA 275 -35.05 -56.57 94.43
N MET JA 1 -12.71 -40.72 48.72
CA MET JA 1 -12.72 -40.25 50.09
C MET JA 1 -13.83 -40.93 50.89
N ILE JA 2 -13.50 -41.41 52.07
CA ILE JA 2 -14.48 -42.01 52.98
C ILE JA 2 -14.78 -41.01 54.09
N GLN JA 3 -16.05 -40.89 54.44
CA GLN JA 3 -16.49 -39.99 55.50
C GLN JA 3 -17.39 -40.77 56.45
N ARG JA 4 -17.11 -40.65 57.75
CA ARG JA 4 -17.90 -41.32 58.78
C ARG JA 4 -18.42 -40.27 59.75
N THR JA 5 -19.71 -40.35 60.05
CA THR JA 5 -20.29 -39.38 60.98
C THR JA 5 -19.98 -39.77 62.41
N PRO JA 6 -19.70 -38.81 63.28
CA PRO JA 6 -19.21 -39.15 64.62
C PRO JA 6 -20.30 -39.68 65.54
N LYS JA 7 -19.87 -40.54 66.47
CA LYS JA 7 -20.73 -41.02 67.53
C LYS JA 7 -20.37 -40.26 68.80
N ILE JA 8 -21.40 -39.78 69.50
CA ILE JA 8 -21.24 -38.89 70.64
C ILE JA 8 -21.77 -39.56 71.89
N GLN JA 9 -20.98 -39.54 72.96
CA GLN JA 9 -21.40 -40.03 74.27
C GLN JA 9 -21.03 -38.98 75.30
N VAL JA 10 -22.05 -38.37 75.90
CA VAL JA 10 -21.87 -37.38 76.96
C VAL JA 10 -22.26 -38.03 78.28
N TYR JA 11 -21.37 -37.92 79.26
CA TYR JA 11 -21.53 -38.60 80.54
C TYR JA 11 -20.69 -37.88 81.58
N SER JA 12 -20.51 -38.51 82.74
CA SER JA 12 -19.72 -37.96 83.83
C SER JA 12 -18.68 -38.98 84.27
N ARG JA 13 -17.56 -38.47 84.79
CA ARG JA 13 -16.49 -39.36 85.26
C ARG JA 13 -16.95 -40.20 86.44
N HIS JA 14 -17.75 -39.63 87.33
CA HIS JA 14 -18.24 -40.30 88.51
C HIS JA 14 -19.76 -40.25 88.55
N PRO JA 15 -20.40 -41.09 89.37
CA PRO JA 15 -21.86 -40.99 89.51
C PRO JA 15 -22.28 -39.60 89.96
N ALA JA 16 -23.27 -39.05 89.26
CA ALA JA 16 -23.67 -37.65 89.41
C ALA JA 16 -24.36 -37.42 90.74
N GLU JA 17 -23.62 -36.94 91.73
CA GLU JA 17 -24.17 -36.47 92.98
C GLU JA 17 -24.33 -34.96 92.90
N ASN JA 18 -25.51 -34.46 93.26
CA ASN JA 18 -25.79 -33.04 93.11
C ASN JA 18 -24.99 -32.22 94.11
N GLY JA 19 -24.43 -31.11 93.64
CA GLY JA 19 -23.66 -30.24 94.51
C GLY JA 19 -22.27 -30.72 94.83
N LYS JA 20 -21.69 -31.61 94.02
CA LYS JA 20 -20.36 -32.14 94.27
C LYS JA 20 -19.52 -32.05 93.00
N SER JA 21 -18.20 -32.06 93.19
CA SER JA 21 -17.28 -31.90 92.07
C SER JA 21 -17.26 -33.15 91.20
N ASN JA 22 -17.34 -32.94 89.88
CA ASN JA 22 -17.35 -34.01 88.91
C ASN JA 22 -16.73 -33.52 87.62
N PHE JA 23 -16.58 -34.42 86.66
CA PHE JA 23 -16.06 -34.10 85.34
C PHE JA 23 -17.13 -34.44 84.32
N LEU JA 24 -17.36 -33.52 83.38
CA LEU JA 24 -18.29 -33.74 82.28
C LEU JA 24 -17.47 -34.19 81.07
N ASN JA 25 -17.90 -35.26 80.43
CA ASN JA 25 -17.13 -35.86 79.35
C ASN JA 25 -17.96 -35.89 78.08
N CYS JA 26 -17.31 -35.59 76.96
CA CYS JA 26 -17.86 -35.81 75.63
C CYS JA 26 -16.88 -36.69 74.88
N TYR JA 27 -17.35 -37.85 74.43
CA TYR JA 27 -16.51 -38.81 73.72
C TYR JA 27 -17.02 -38.93 72.30
N VAL JA 28 -16.27 -38.37 71.36
CA VAL JA 28 -16.59 -38.47 69.94
C VAL JA 28 -15.66 -39.50 69.32
N SER JA 29 -16.24 -40.41 68.53
CA SER JA 29 -15.49 -41.50 67.94
C SER JA 29 -16.20 -41.89 66.64
N GLY JA 30 -15.56 -42.77 65.88
CA GLY JA 30 -16.16 -43.23 64.65
C GLY JA 30 -16.44 -42.13 63.63
N PHE JA 31 -15.51 -41.18 63.47
CA PHE JA 31 -15.68 -40.11 62.52
C PHE JA 31 -14.45 -39.96 61.62
N HIS JA 32 -14.70 -39.48 60.41
CA HIS JA 32 -13.67 -39.17 59.43
C HIS JA 32 -14.20 -38.07 58.51
N PRO JA 33 -13.36 -37.09 58.16
CA PRO JA 33 -11.95 -36.87 58.48
C PRO JA 33 -11.70 -36.29 59.88
N SER JA 34 -10.46 -35.87 60.11
CA SER JA 34 -10.04 -35.48 61.47
C SER JA 34 -10.63 -34.16 61.92
N ASP JA 35 -10.95 -33.26 60.99
CA ASP JA 35 -11.41 -31.93 61.38
C ASP JA 35 -12.76 -32.01 62.09
N ILE JA 36 -12.80 -31.60 63.36
CA ILE JA 36 -14.03 -31.65 64.15
C ILE JA 36 -14.02 -30.56 65.22
N GLU JA 37 -15.20 -30.03 65.51
CA GLU JA 37 -15.39 -29.02 66.56
C GLU JA 37 -16.37 -29.55 67.59
N VAL JA 38 -15.94 -29.60 68.85
CA VAL JA 38 -16.72 -30.15 69.94
C VAL JA 38 -16.74 -29.12 71.06
N ASP JA 39 -17.94 -28.74 71.50
CA ASP JA 39 -18.12 -27.78 72.57
C ASP JA 39 -19.03 -28.37 73.63
N LEU JA 40 -18.76 -28.01 74.89
CA LEU JA 40 -19.59 -28.38 76.02
C LEU JA 40 -20.40 -27.17 76.46
N LEU JA 41 -21.70 -27.36 76.61
CA LEU JA 41 -22.61 -26.25 76.89
C LEU JA 41 -23.27 -26.45 78.25
N LYS JA 42 -23.44 -25.34 78.96
CA LYS JA 42 -24.16 -25.30 80.23
C LYS JA 42 -25.32 -24.32 80.09
N ASN JA 43 -26.55 -24.86 80.01
CA ASN JA 43 -27.75 -24.05 79.84
C ASN JA 43 -27.71 -23.24 78.54
N GLY JA 44 -27.06 -23.81 77.51
CA GLY JA 44 -26.93 -23.13 76.24
C GLY JA 44 -25.72 -22.23 76.10
N GLU JA 45 -24.87 -22.14 77.12
CA GLU JA 45 -23.69 -21.29 77.08
C GLU JA 45 -22.45 -22.14 76.90
N ARG JA 46 -21.56 -21.72 76.01
CA ARG JA 46 -20.35 -22.48 75.73
C ARG JA 46 -19.38 -22.35 76.90
N ILE JA 47 -18.75 -23.47 77.27
CA ILE JA 47 -17.78 -23.45 78.36
C ILE JA 47 -16.42 -23.12 77.78
N GLU JA 48 -15.71 -22.19 78.44
CA GLU JA 48 -14.48 -21.66 77.86
C GLU JA 48 -13.31 -22.62 77.95
N LYS JA 49 -13.06 -23.18 79.14
CA LYS JA 49 -11.89 -24.01 79.38
C LYS JA 49 -12.33 -25.47 79.26
N VAL JA 50 -12.03 -26.08 78.12
CA VAL JA 50 -12.31 -27.49 77.85
C VAL JA 50 -11.05 -28.13 77.29
N GLU JA 51 -10.55 -29.14 77.97
CA GLU JA 51 -9.39 -29.86 77.46
C GLU JA 51 -9.85 -31.06 76.66
N HIS JA 52 -8.92 -31.63 75.88
CA HIS JA 52 -9.23 -32.79 75.07
C HIS JA 52 -7.98 -33.65 74.94
N SER JA 53 -8.19 -34.88 74.49
CA SER JA 53 -7.09 -35.82 74.34
C SER JA 53 -6.39 -35.61 72.99
N ASP JA 54 -5.29 -36.34 72.82
CA ASP JA 54 -4.50 -36.28 71.59
C ASP JA 54 -5.12 -37.16 70.51
N LEU JA 55 -5.12 -36.66 69.28
CA LEU JA 55 -5.78 -37.34 68.18
C LEU JA 55 -5.22 -38.73 67.95
N SER JA 56 -6.11 -39.72 67.96
CA SER JA 56 -5.77 -41.12 67.70
C SER JA 56 -6.88 -41.70 66.85
N PHE JA 57 -6.73 -42.96 66.44
CA PHE JA 57 -7.74 -43.58 65.59
C PHE JA 57 -7.84 -45.06 65.91
N SER JA 58 -8.97 -45.66 65.50
CA SER JA 58 -9.29 -47.04 65.79
C SER JA 58 -8.82 -47.95 64.64
N LYS JA 59 -9.22 -49.22 64.71
CA LYS JA 59 -8.81 -50.20 63.70
C LYS JA 59 -9.36 -49.86 62.32
N ASP JA 60 -10.55 -49.27 62.25
CA ASP JA 60 -11.19 -48.91 61.00
C ASP JA 60 -10.76 -47.54 60.49
N TRP JA 61 -9.68 -46.97 61.05
CA TRP JA 61 -9.08 -45.68 60.68
C TRP JA 61 -9.90 -44.48 61.14
N SER JA 62 -10.96 -44.70 61.90
CA SER JA 62 -11.78 -43.60 62.37
C SER JA 62 -11.15 -42.95 63.59
N PHE JA 63 -11.33 -41.63 63.70
CA PHE JA 63 -10.68 -40.85 64.73
C PHE JA 63 -11.55 -40.78 65.97
N TYR JA 64 -10.91 -40.68 67.14
CA TYR JA 64 -11.65 -40.54 68.39
C TYR JA 64 -10.97 -39.55 69.32
N LEU JA 65 -11.78 -38.74 70.00
CA LEU JA 65 -11.35 -37.70 70.92
C LEU JA 65 -12.27 -37.66 72.13
N LEU JA 66 -11.71 -37.23 73.26
CA LEU JA 66 -12.45 -37.09 74.51
C LEU JA 66 -12.31 -35.65 75.00
N TYR JA 67 -13.42 -34.93 75.05
CA TYR JA 67 -13.46 -33.56 75.55
C TYR JA 67 -14.03 -33.57 76.96
N TYR JA 68 -13.38 -32.84 77.87
CA TYR JA 68 -13.80 -32.87 79.26
C TYR JA 68 -13.55 -31.52 79.92
N THR JA 69 -14.33 -31.26 80.97
CA THR JA 69 -14.17 -30.08 81.81
C THR JA 69 -14.71 -30.40 83.19
N GLU JA 70 -14.27 -29.63 84.17
CA GLU JA 70 -14.76 -29.79 85.52
C GLU JA 70 -16.09 -29.06 85.69
N PHE JA 71 -17.00 -29.67 86.45
CA PHE JA 71 -18.30 -29.06 86.69
C PHE JA 71 -18.89 -29.65 87.95
N THR JA 72 -19.90 -28.97 88.48
CA THR JA 72 -20.67 -29.47 89.62
C THR JA 72 -22.10 -29.69 89.19
N PRO JA 73 -22.62 -30.92 89.18
CA PRO JA 73 -24.00 -31.12 88.71
C PRO JA 73 -24.97 -30.61 89.76
N THR JA 74 -26.02 -29.95 89.29
CA THR JA 74 -27.05 -29.36 90.15
C THR JA 74 -28.43 -29.67 89.62
N GLU JA 75 -29.38 -29.81 90.53
CA GLU JA 75 -30.77 -30.10 90.17
C GLU JA 75 -31.34 -29.07 89.20
N LYS JA 76 -30.75 -27.88 89.14
CA LYS JA 76 -31.17 -26.80 88.25
C LYS JA 76 -30.50 -26.90 86.88
N ASP JA 77 -29.19 -27.11 86.83
CA ASP JA 77 -28.42 -26.89 85.61
C ASP JA 77 -28.63 -27.99 84.59
N GLU JA 78 -28.49 -27.63 83.32
CA GLU JA 78 -28.56 -28.55 82.19
C GLU JA 78 -27.21 -28.52 81.47
N TYR JA 79 -26.78 -29.67 80.96
CA TYR JA 79 -25.52 -29.79 80.26
C TYR JA 79 -25.71 -30.56 78.96
N ALA JA 80 -24.84 -30.30 78.00
CA ALA JA 80 -24.95 -30.91 76.69
C ALA JA 80 -23.61 -30.80 75.97
N CYS JA 81 -23.51 -31.49 74.84
CA CYS JA 81 -22.36 -31.44 73.95
C CYS JA 81 -22.83 -31.01 72.57
N ARG JA 82 -22.14 -30.03 71.99
CA ARG JA 82 -22.44 -29.58 70.64
C ARG JA 82 -21.25 -29.95 69.76
N VAL JA 83 -21.50 -30.80 68.78
CA VAL JA 83 -20.46 -31.32 67.88
C VAL JA 83 -20.86 -30.99 66.45
N ASN JA 84 -19.96 -30.31 65.73
CA ASN JA 84 -20.15 -29.99 64.33
C ASN JA 84 -19.11 -30.69 63.48
N HIS JA 85 -19.54 -31.24 62.34
CA HIS JA 85 -18.66 -32.00 61.46
C HIS JA 85 -19.14 -31.79 60.04
N VAL JA 86 -18.25 -32.10 59.09
CA VAL JA 86 -18.57 -31.91 57.67
C VAL JA 86 -19.71 -32.82 57.24
N THR JA 87 -19.79 -34.02 57.80
CA THR JA 87 -20.86 -34.94 57.46
C THR JA 87 -22.22 -34.49 57.98
N LEU JA 88 -22.23 -33.59 58.95
CA LEU JA 88 -23.47 -33.16 59.59
C LEU JA 88 -24.02 -31.91 58.90
N SER JA 89 -25.28 -31.99 58.47
CA SER JA 89 -25.92 -30.83 57.84
C SER JA 89 -26.03 -29.68 58.84
N GLN JA 90 -26.31 -30.02 60.11
CA GLN JA 90 -26.41 -29.05 61.18
C GLN JA 90 -25.66 -29.63 62.38
N PRO JA 91 -25.13 -28.78 63.26
CA PRO JA 91 -24.46 -29.28 64.45
C PRO JA 91 -25.38 -30.10 65.33
N LYS JA 92 -24.94 -31.31 65.68
CA LYS JA 92 -25.74 -32.21 66.50
C LYS JA 92 -25.41 -31.95 67.97
N ILE JA 93 -26.46 -31.76 68.77
CA ILE JA 93 -26.33 -31.51 70.20
C ILE JA 93 -26.90 -32.71 70.94
N VAL JA 94 -26.16 -33.19 71.93
CA VAL JA 94 -26.57 -34.30 72.78
C VAL JA 94 -26.53 -33.81 74.22
N LYS JA 95 -27.68 -33.87 74.88
CA LYS JA 95 -27.82 -33.41 76.26
C LYS JA 95 -27.33 -34.46 77.24
N TRP JA 96 -26.97 -34.00 78.43
CA TRP JA 96 -26.41 -34.87 79.45
C TRP JA 96 -27.55 -35.56 80.17
N ASP JA 97 -27.50 -36.88 80.19
CA ASP JA 97 -28.45 -37.73 80.91
C ASP JA 97 -27.75 -38.41 82.08
N ARG JA 98 -28.25 -38.15 83.28
CA ARG JA 98 -27.65 -38.71 84.49
C ARG JA 98 -27.80 -40.22 84.54
N ASP JA 99 -28.74 -40.76 83.78
CA ASP JA 99 -28.98 -42.19 83.68
C ASP JA 99 -28.21 -42.86 82.55
N MET JA 100 -27.40 -42.11 81.81
CA MET JA 100 -26.63 -42.69 80.72
C MET JA 100 -25.18 -42.23 80.73
N GLY KA 1 6.44 28.75 73.37
CA GLY KA 1 7.05 29.58 74.40
C GLY KA 1 6.12 29.89 75.55
N SER KA 2 6.12 31.14 75.99
CA SER KA 2 5.27 31.55 77.09
C SER KA 2 3.92 32.01 76.56
N HIS KA 3 2.85 31.58 77.23
CA HIS KA 3 1.50 31.93 76.83
C HIS KA 3 0.70 32.29 78.07
N SER KA 4 -0.37 33.06 77.86
CA SER KA 4 -1.21 33.48 78.97
C SER KA 4 -2.66 33.63 78.51
N MET KA 5 -3.58 33.44 79.45
CA MET KA 5 -4.98 33.75 79.25
C MET KA 5 -5.38 34.69 80.38
N ARG KA 6 -5.99 35.82 80.03
CA ARG KA 6 -6.30 36.82 81.04
C ARG KA 6 -7.71 37.35 80.86
N TYR KA 7 -8.39 37.60 81.98
CA TYR KA 7 -9.70 38.20 81.97
C TYR KA 7 -9.65 39.52 82.73
N PHE KA 8 -10.22 40.56 82.13
CA PHE KA 8 -10.24 41.89 82.70
C PHE KA 8 -11.68 42.33 82.92
N PHE KA 9 -12.01 42.71 84.14
CA PHE KA 9 -13.36 43.14 84.49
C PHE KA 9 -13.31 44.58 84.96
N THR KA 10 -14.22 45.39 84.44
CA THR KA 10 -14.37 46.77 84.87
C THR KA 10 -15.85 47.04 85.13
N SER KA 11 -16.17 47.53 86.32
CA SER KA 11 -17.53 47.90 86.68
C SER KA 11 -17.50 49.31 87.24
N VAL KA 12 -18.25 50.22 86.62
CA VAL KA 12 -18.30 51.60 87.04
C VAL KA 12 -19.75 51.93 87.38
N SER KA 13 -19.96 52.56 88.53
CA SER KA 13 -21.31 52.84 88.98
C SER KA 13 -21.69 54.24 88.51
N ARG KA 14 -22.85 54.34 87.88
CA ARG KA 14 -23.39 55.63 87.47
C ARG KA 14 -24.59 56.01 88.34
N PRO KA 15 -24.42 56.93 89.29
CA PRO KA 15 -25.44 57.30 90.29
C PRO KA 15 -26.13 58.61 89.93
N GLY KA 16 -27.44 58.55 89.70
CA GLY KA 16 -28.20 57.33 89.82
C GLY KA 16 -29.10 57.12 88.62
N ARG KA 17 -28.56 57.45 87.44
CA ARG KA 17 -29.31 57.31 86.21
C ARG KA 17 -29.77 55.87 86.00
N GLY KA 18 -28.97 54.91 86.42
CA GLY KA 18 -29.25 53.50 86.18
C GLY KA 18 -28.33 52.59 86.99
N GLU KA 19 -28.10 51.40 86.49
CA GLU KA 19 -27.27 50.42 87.19
C GLU KA 19 -25.83 50.60 86.75
N PRO KA 20 -24.87 49.91 87.35
CA PRO KA 20 -23.48 50.10 86.92
C PRO KA 20 -23.15 49.37 85.63
N ARG KA 21 -22.29 50.03 84.85
CA ARG KA 21 -21.81 49.49 83.59
C ARG KA 21 -20.74 48.45 83.85
N PHE KA 22 -20.86 47.31 83.17
CA PHE KA 22 -19.95 46.19 83.37
C PHE KA 22 -19.35 45.81 82.02
N ILE KA 23 -18.02 45.81 81.96
CA ILE KA 23 -17.29 45.42 80.76
C ILE KA 23 -16.39 44.25 81.15
N ALA KA 24 -16.41 43.21 80.35
CA ALA KA 24 -15.57 42.02 80.54
C ALA KA 24 -14.87 41.72 79.24
N VAL KA 25 -13.56 41.48 79.31
CA VAL KA 25 -12.78 41.15 78.13
C VAL KA 25 -11.85 40.00 78.48
N GLY KA 26 -11.63 39.11 77.50
CA GLY KA 26 -10.75 37.99 77.69
C GLY KA 26 -9.64 38.01 76.66
N TYR KA 27 -8.42 37.77 77.11
CA TYR KA 27 -7.26 37.80 76.23
C TYR KA 27 -6.53 36.48 76.31
N VAL KA 28 -6.07 36.00 75.16
CA VAL KA 28 -5.09 34.92 75.09
C VAL KA 28 -3.85 35.48 74.41
N ASP KA 29 -2.74 35.51 75.14
CA ASP KA 29 -1.51 36.19 74.70
C ASP KA 29 -1.87 37.66 74.51
N ASP KA 30 -1.71 38.22 73.32
CA ASP KA 30 -2.08 39.61 73.06
C ASP KA 30 -3.30 39.71 72.16
N THR KA 31 -4.06 38.63 72.04
CA THR KA 31 -5.24 38.57 71.19
C THR KA 31 -6.50 38.52 72.05
N GLN KA 32 -7.46 39.39 71.74
CA GLN KA 32 -8.75 39.41 72.44
C GLN KA 32 -9.74 38.50 71.72
N PHE KA 33 -10.37 37.60 72.47
CA PHE KA 33 -11.28 36.62 71.88
C PHE KA 33 -12.70 36.66 72.40
N VAL KA 34 -12.97 37.32 73.54
CA VAL KA 34 -14.33 37.38 74.10
C VAL KA 34 -14.54 38.75 74.74
N ARG KA 35 -15.79 39.19 74.76
CA ARG KA 35 -16.16 40.46 75.38
C ARG KA 35 -17.60 40.38 75.87
N PHE KA 36 -17.92 41.22 76.85
CA PHE KA 36 -19.28 41.37 77.36
C PHE KA 36 -19.53 42.82 77.76
N ASP KA 37 -20.67 43.36 77.33
CA ASP KA 37 -21.07 44.73 77.66
C ASP KA 37 -22.44 44.71 78.31
N SER KA 38 -22.57 45.39 79.45
CA SER KA 38 -23.85 45.45 80.15
C SER KA 38 -24.89 46.26 79.38
N ASP KA 39 -24.45 47.20 78.55
CA ASP KA 39 -25.36 48.00 77.74
C ASP KA 39 -25.53 47.47 76.33
N ALA KA 40 -25.01 46.28 76.05
CA ALA KA 40 -25.16 45.67 74.75
C ALA KA 40 -26.54 45.03 74.62
N ALA KA 41 -27.12 45.14 73.43
CA ALA KA 41 -28.44 44.58 73.17
C ALA KA 41 -28.43 43.06 73.26
N SER KA 42 -27.34 42.43 72.86
CA SER KA 42 -27.27 40.96 72.87
C SER KA 42 -27.42 40.40 74.26
N GLN KA 43 -26.82 41.05 75.26
CA GLN KA 43 -26.80 40.56 76.65
C GLN KA 43 -26.16 39.17 76.74
N ARG KA 44 -25.19 38.89 75.88
CA ARG KA 44 -24.54 37.60 75.85
C ARG KA 44 -23.03 37.79 75.72
N MET KA 45 -22.29 36.74 76.04
CA MET KA 45 -20.85 36.76 75.82
C MET KA 45 -20.58 36.60 74.33
N GLU KA 46 -19.98 37.62 73.73
CA GLU KA 46 -19.80 37.59 72.29
C GLU KA 46 -18.36 37.26 71.93
N PRO KA 47 -18.14 36.64 70.77
CA PRO KA 47 -16.78 36.31 70.33
C PRO KA 47 -16.11 37.43 69.55
N ARG KA 48 -14.81 37.59 69.82
CA ARG KA 48 -13.99 38.58 69.14
C ARG KA 48 -12.88 37.98 68.28
N ALA KA 49 -12.67 36.67 68.34
CA ALA KA 49 -11.66 35.99 67.55
C ALA KA 49 -12.30 34.84 66.79
N PRO KA 50 -11.82 34.54 65.57
CA PRO KA 50 -12.45 33.49 64.78
C PRO KA 50 -12.34 32.12 65.42
N TRP KA 51 -11.20 31.84 66.07
CA TRP KA 51 -10.96 30.51 66.61
C TRP KA 51 -11.89 30.16 67.77
N ILE KA 52 -12.41 31.16 68.50
CA ILE KA 52 -13.36 30.83 69.56
C ILE KA 52 -14.76 30.60 69.02
N GLU KA 53 -15.07 31.12 67.82
CA GLU KA 53 -16.42 31.01 67.27
C GLU KA 53 -16.82 29.57 67.00
N GLN KA 54 -15.85 28.67 66.79
CA GLN KA 54 -16.16 27.28 66.49
C GLN KA 54 -16.58 26.47 67.72
N GLU KA 55 -16.93 27.13 68.82
CA GLU KA 55 -17.39 26.43 70.01
C GLU KA 55 -18.89 26.18 69.93
N GLY KA 56 -19.33 25.11 70.58
CA GLY KA 56 -20.72 24.74 70.55
C GLY KA 56 -21.59 25.70 71.33
N PRO KA 57 -22.90 25.68 71.06
CA PRO KA 57 -23.82 26.57 71.80
C PRO KA 57 -23.87 26.29 73.29
N GLU KA 58 -23.50 25.08 73.72
CA GLU KA 58 -23.46 24.79 75.15
C GLU KA 58 -22.37 25.61 75.85
N TYR KA 59 -21.26 25.84 75.15
CA TYR KA 59 -20.15 26.61 75.72
C TYR KA 59 -20.55 28.06 75.95
N TRP KA 60 -21.13 28.70 74.93
CA TRP KA 60 -21.48 30.11 75.03
C TRP KA 60 -22.54 30.36 76.09
N ASP KA 61 -23.51 29.45 76.23
CA ASP KA 61 -24.52 29.61 77.27
C ASP KA 61 -23.90 29.58 78.66
N GLY KA 62 -22.92 28.69 78.88
CA GLY KA 62 -22.25 28.65 80.16
C GLY KA 62 -21.43 29.91 80.43
N GLU KA 63 -20.69 30.37 79.42
CA GLU KA 63 -19.88 31.57 79.60
C GLU KA 63 -20.74 32.79 79.86
N THR KA 64 -21.88 32.90 79.16
CA THR KA 64 -22.82 33.99 79.43
C THR KA 64 -23.38 33.93 80.84
N ARG KA 65 -23.60 32.71 81.35
CA ARG KA 65 -24.16 32.57 82.69
C ARG KA 65 -23.20 33.12 83.75
N LYS KA 66 -21.92 32.79 83.63
CA LYS KA 66 -20.96 33.16 84.67
C LYS KA 66 -20.66 34.66 84.64
N VAL KA 67 -20.53 35.25 83.46
CA VAL KA 67 -20.20 36.68 83.38
C VAL KA 67 -21.34 37.50 83.96
N LYS KA 68 -22.58 37.11 83.70
CA LYS KA 68 -23.72 37.80 84.28
C LYS KA 68 -23.72 37.66 85.80
N ALA KA 69 -23.38 36.47 86.30
CA ALA KA 69 -23.27 36.26 87.74
C ALA KA 69 -22.15 37.12 88.33
N HIS KA 70 -21.01 37.18 87.64
CA HIS KA 70 -19.91 38.04 88.07
C HIS KA 70 -20.29 39.52 88.02
N SER KA 71 -21.12 39.90 87.04
CA SER KA 71 -21.57 41.29 86.97
C SER KA 71 -22.34 41.70 88.22
N GLN KA 72 -23.20 40.81 88.72
CA GLN KA 72 -23.90 41.08 89.96
C GLN KA 72 -22.94 41.17 91.14
N THR KA 73 -21.85 40.40 91.11
CA THR KA 73 -20.86 40.49 92.17
C THR KA 73 -20.26 41.88 92.28
N HIS KA 74 -19.79 42.44 91.16
CA HIS KA 74 -19.08 43.71 91.23
C HIS KA 74 -20.02 44.87 91.52
N ARG KA 75 -21.30 44.76 91.14
CA ARG KA 75 -22.27 45.78 91.52
C ARG KA 75 -22.50 45.78 93.03
N VAL KA 76 -22.51 44.61 93.67
CA VAL KA 76 -22.58 44.56 95.13
C VAL KA 76 -21.30 45.10 95.75
N ASP KA 77 -20.15 44.82 95.12
CA ASP KA 77 -18.88 45.31 95.64
C ASP KA 77 -18.85 46.84 95.67
N LEU KA 78 -19.41 47.49 94.65
CA LEU KA 78 -19.45 48.95 94.63
C LEU KA 78 -20.24 49.49 95.81
N GLY KA 79 -21.38 48.89 96.13
CA GLY KA 79 -22.12 49.33 97.30
C GLY KA 79 -21.37 49.03 98.59
N THR KA 80 -20.77 47.85 98.68
CA THR KA 80 -20.03 47.48 99.88
C THR KA 80 -18.83 48.39 100.09
N LEU KA 81 -18.08 48.67 99.03
CA LEU KA 81 -16.91 49.53 99.15
C LEU KA 81 -17.29 50.97 99.47
N ARG KA 82 -18.41 51.45 98.92
CA ARG KA 82 -18.87 52.79 99.24
C ARG KA 82 -19.15 52.93 100.74
N GLY KA 83 -19.66 51.85 101.36
CA GLY KA 83 -19.83 51.87 102.81
C GLY KA 83 -18.49 51.83 103.54
N TYR KA 84 -17.51 51.11 102.99
CA TYR KA 84 -16.23 50.97 103.66
C TYR KA 84 -15.54 52.32 103.85
N TYR KA 85 -15.54 53.15 102.81
CA TYR KA 85 -14.85 54.43 102.85
C TYR KA 85 -15.75 55.58 103.26
N ASN KA 86 -17.00 55.31 103.63
CA ASN KA 86 -17.96 56.33 104.04
C ASN KA 86 -18.19 57.39 102.96
N GLN KA 87 -18.16 56.97 101.70
CA GLN KA 87 -18.33 57.91 100.60
C GLN KA 87 -19.81 58.20 100.37
N SER KA 88 -20.10 59.44 100.00
CA SER KA 88 -21.48 59.81 99.67
C SER KA 88 -21.94 59.09 98.41
N GLU KA 89 -23.23 58.77 98.37
CA GLU KA 89 -23.80 58.00 97.28
C GLU KA 89 -23.79 58.74 95.94
N ALA KA 90 -23.47 60.04 95.94
CA ALA KA 90 -23.51 60.83 94.72
C ALA KA 90 -22.31 60.59 93.80
N GLY KA 91 -21.23 60.01 94.32
CA GLY KA 91 -20.03 59.82 93.51
C GLY KA 91 -20.04 58.55 92.68
N SER KA 92 -19.41 58.65 91.51
CA SER KA 92 -19.22 57.51 90.62
C SER KA 92 -17.86 56.87 90.89
N HIS KA 93 -17.87 55.56 91.12
CA HIS KA 93 -16.66 54.83 91.50
C HIS KA 93 -16.49 53.61 90.61
N THR KA 94 -15.25 53.17 90.47
CA THR KA 94 -14.89 52.08 89.58
C THR KA 94 -14.29 50.93 90.38
N VAL KA 95 -14.69 49.70 90.04
CA VAL KA 95 -14.09 48.50 90.59
C VAL KA 95 -13.56 47.65 89.44
N GLN KA 96 -12.37 47.08 89.63
CA GLN KA 96 -11.73 46.30 88.58
C GLN KA 96 -11.16 45.02 89.17
N ARG KA 97 -11.20 43.95 88.37
CA ARG KA 97 -10.66 42.65 88.73
C ARG KA 97 -9.84 42.13 87.56
N MET KA 98 -8.74 41.45 87.87
CA MET KA 98 -7.92 40.82 86.87
C MET KA 98 -7.39 39.50 87.42
N TYR KA 99 -7.61 38.43 86.68
CA TYR KA 99 -7.02 37.14 87.02
C TYR KA 99 -6.50 36.50 85.76
N GLY KA 100 -5.39 35.77 85.91
CA GLY KA 100 -4.77 35.19 84.73
C GLY KA 100 -3.84 34.05 85.14
N CYS KA 101 -3.35 33.37 84.11
CA CYS KA 101 -2.50 32.21 84.24
C CYS KA 101 -1.37 32.31 83.23
N ASP KA 102 -0.18 31.85 83.63
CA ASP KA 102 0.98 31.81 82.75
C ASP KA 102 1.47 30.38 82.60
N VAL KA 103 1.84 30.01 81.38
CA VAL KA 103 2.40 28.70 81.09
C VAL KA 103 3.73 28.89 80.39
N GLY KA 104 4.63 27.93 80.60
CA GLY KA 104 5.93 27.98 79.96
C GLY KA 104 5.87 27.38 78.57
N SER KA 105 7.04 27.21 77.98
CA SER KA 105 7.11 26.59 76.65
C SER KA 105 6.60 25.15 76.70
N ASP KA 106 6.74 24.49 77.85
CA ASP KA 106 6.23 23.14 78.04
C ASP KA 106 4.71 23.07 78.09
N TRP KA 107 4.03 24.21 78.19
CA TRP KA 107 2.57 24.35 78.23
C TRP KA 107 1.99 23.95 79.58
N ARG KA 108 2.83 23.88 80.61
CA ARG KA 108 2.44 23.55 81.98
C ARG KA 108 2.44 24.80 82.85
N PHE KA 109 1.83 24.68 84.02
CA PHE KA 109 1.60 25.84 84.88
C PHE KA 109 2.91 26.52 85.27
N LEU KA 110 2.88 27.86 85.28
CA LEU KA 110 4.03 28.67 85.64
C LEU KA 110 3.69 29.66 86.75
N ARG KA 111 2.56 30.36 86.63
CA ARG KA 111 2.27 31.47 87.52
C ARG KA 111 0.78 31.76 87.49
N GLY KA 112 0.30 32.43 88.53
CA GLY KA 112 -1.10 32.82 88.62
C GLY KA 112 -1.24 34.20 89.21
N TYR KA 113 -2.33 34.88 88.81
CA TYR KA 113 -2.61 36.24 89.26
C TYR KA 113 -4.07 36.37 89.65
N HIS KA 114 -4.32 37.04 90.77
CA HIS KA 114 -5.66 37.50 91.13
C HIS KA 114 -5.53 38.83 91.86
N GLN KA 115 -6.08 39.90 91.29
CA GLN KA 115 -5.96 41.22 91.90
C GLN KA 115 -7.26 42.00 91.76
N TYR KA 116 -7.48 42.91 92.71
CA TYR KA 116 -8.63 43.80 92.75
C TYR KA 116 -8.17 45.26 92.79
N ALA KA 117 -8.99 46.14 92.25
CA ALA KA 117 -8.69 47.57 92.28
C ALA KA 117 -9.97 48.37 92.51
N TYR KA 118 -9.87 49.40 93.33
CA TYR KA 118 -10.98 50.30 93.61
C TYR KA 118 -10.54 51.74 93.40
N ASP KA 119 -11.20 52.44 92.48
CA ASP KA 119 -10.92 53.86 92.21
C ASP KA 119 -9.49 54.07 91.77
N GLY KA 120 -8.95 53.12 91.00
CA GLY KA 120 -7.63 53.27 90.44
C GLY KA 120 -6.49 52.93 91.38
N LYS KA 121 -6.77 52.33 92.53
CA LYS KA 121 -5.74 51.93 93.48
C LYS KA 121 -5.85 50.44 93.76
N ASP KA 122 -4.72 49.82 94.10
CA ASP KA 122 -4.75 48.43 94.50
C ASP KA 122 -5.59 48.28 95.77
N TYR KA 123 -6.42 47.25 95.80
CA TYR KA 123 -7.27 46.99 96.96
C TYR KA 123 -6.82 45.70 97.65
N ILE KA 124 -7.06 44.54 97.05
CA ILE KA 124 -6.60 43.27 97.59
C ILE KA 124 -6.06 42.44 96.43
N ALA KA 125 -4.93 41.78 96.65
CA ALA KA 125 -4.28 40.99 95.61
C ALA KA 125 -3.79 39.68 96.20
N LEU KA 126 -3.75 38.66 95.34
CA LEU KA 126 -3.30 37.33 95.73
C LEU KA 126 -1.79 37.24 95.50
N LYS KA 127 -1.07 36.72 96.50
CA LYS KA 127 0.37 36.60 96.40
C LYS KA 127 0.77 35.53 95.38
N GLU KA 128 2.07 35.46 95.11
CA GLU KA 128 2.58 34.56 94.08
C GLU KA 128 2.34 33.10 94.45
N ASP KA 129 2.46 32.77 95.74
CA ASP KA 129 2.28 31.40 96.19
C ASP KA 129 0.86 30.89 96.00
N LEU KA 130 -0.10 31.80 95.84
CA LEU KA 130 -1.52 31.48 95.65
C LEU KA 130 -2.15 30.99 96.95
N ARG KA 131 -1.52 31.30 98.08
CA ARG KA 131 -1.99 30.87 99.38
C ARG KA 131 -2.09 32.01 100.39
N SER KA 132 -1.68 33.23 100.02
CA SER KA 132 -1.70 34.36 100.94
C SER KA 132 -2.26 35.57 100.21
N TRP KA 133 -2.72 36.54 101.01
CA TRP KA 133 -3.32 37.77 100.49
C TRP KA 133 -2.56 38.99 101.00
N THR KA 134 -2.51 40.02 100.17
CA THR KA 134 -1.91 41.29 100.51
C THR KA 134 -3.00 42.36 100.55
N ALA KA 135 -3.13 43.05 101.68
CA ALA KA 135 -4.16 44.05 101.88
C ALA KA 135 -3.48 45.42 101.90
N ALA KA 136 -3.98 46.33 101.06
CA ALA KA 136 -3.35 47.63 100.92
C ALA KA 136 -3.49 48.47 102.19
N ASP KA 137 -4.71 48.59 102.72
CA ASP KA 137 -4.97 49.48 103.84
C ASP KA 137 -5.99 48.83 104.77
N MET KA 138 -6.50 49.62 105.72
CA MET KA 138 -7.46 49.13 106.70
C MET KA 138 -8.73 48.62 106.04
N ALA KA 139 -9.26 49.36 105.07
CA ALA KA 139 -10.48 48.92 104.40
C ALA KA 139 -10.27 47.57 103.72
N ALA KA 140 -9.08 47.34 103.18
CA ALA KA 140 -8.78 46.07 102.56
C ALA KA 140 -8.69 44.93 103.58
N GLN KA 141 -8.31 45.24 104.82
CA GLN KA 141 -8.20 44.21 105.84
C GLN KA 141 -9.54 43.58 106.19
N THR KA 142 -10.63 44.35 106.14
CA THR KA 142 -11.94 43.75 106.41
C THR KA 142 -12.26 42.66 105.41
N THR KA 143 -12.00 42.90 104.12
CA THR KA 143 -12.20 41.89 103.09
C THR KA 143 -11.19 40.75 103.21
N LYS KA 144 -9.97 41.04 103.65
CA LYS KA 144 -8.95 40.01 103.74
C LYS KA 144 -9.35 38.91 104.73
N HIS KA 145 -9.86 39.29 105.90
CA HIS KA 145 -10.20 38.31 106.92
C HIS KA 145 -11.32 37.38 106.44
N LYS KA 146 -12.34 37.93 105.78
CA LYS KA 146 -13.43 37.12 105.27
C LYS KA 146 -12.94 36.13 104.20
N TRP KA 147 -12.07 36.59 103.29
CA TRP KA 147 -11.58 35.71 102.24
C TRP KA 147 -10.70 34.60 102.80
N GLU KA 148 -9.95 34.88 103.86
CA GLU KA 148 -9.15 33.84 104.51
C GLU KA 148 -10.05 32.77 105.12
N ALA KA 149 -11.13 33.18 105.79
CA ALA KA 149 -12.02 32.21 106.42
C ALA KA 149 -12.75 31.37 105.38
N ALA KA 150 -13.12 31.97 104.24
CA ALA KA 150 -13.88 31.24 103.24
C ALA KA 150 -13.02 30.37 102.36
N HIS KA 151 -11.70 30.32 102.60
CA HIS KA 151 -10.78 29.48 101.83
C HIS KA 151 -10.83 29.82 100.34
N VAL KA 152 -10.89 31.11 100.04
CA VAL KA 152 -10.95 31.56 98.65
C VAL KA 152 -9.66 31.24 97.92
N ALA KA 153 -8.51 31.32 98.60
CA ALA KA 153 -7.24 31.09 97.91
C ALA KA 153 -7.19 29.70 97.30
N GLU KA 154 -7.71 28.70 98.01
CA GLU KA 154 -7.68 27.33 97.48
C GLU KA 154 -8.61 27.19 96.28
N GLN KA 155 -9.77 27.85 96.31
CA GLN KA 155 -10.70 27.78 95.19
C GLN KA 155 -10.11 28.45 93.95
N LEU KA 156 -9.48 29.61 94.12
CA LEU KA 156 -8.85 30.29 93.00
C LEU KA 156 -7.63 29.52 92.52
N ARG KA 157 -6.84 29.00 93.46
CA ARG KA 157 -5.64 28.23 93.13
C ARG KA 157 -5.97 27.01 92.29
N ALA KA 158 -7.11 26.37 92.55
CA ALA KA 158 -7.50 25.23 91.72
C ALA KA 158 -7.79 25.67 90.29
N TYR KA 159 -8.42 26.83 90.13
CA TYR KA 159 -8.74 27.33 88.80
C TYR KA 159 -7.47 27.70 88.03
N LEU KA 160 -6.59 28.48 88.66
CA LEU KA 160 -5.39 28.95 87.97
C LEU KA 160 -4.43 27.80 87.68
N GLU KA 161 -4.17 26.96 88.67
CA GLU KA 161 -3.20 25.87 88.47
C GLU KA 161 -3.77 24.78 87.57
N GLY KA 162 -5.09 24.62 87.52
CA GLY KA 162 -5.67 23.55 86.75
C GLY KA 162 -6.67 23.95 85.68
N THR KA 163 -7.73 24.67 86.07
CA THR KA 163 -8.83 24.94 85.14
C THR KA 163 -8.38 25.82 83.98
N CYS KA 164 -7.63 26.90 84.25
CA CYS KA 164 -7.16 27.75 83.17
C CYS KA 164 -6.21 27.00 82.23
N VAL KA 165 -5.22 26.31 82.80
CA VAL KA 165 -4.19 25.68 82.00
C VAL KA 165 -4.79 24.68 81.03
N GLU KA 166 -5.81 23.93 81.47
CA GLU KA 166 -6.46 22.97 80.60
C GLU KA 166 -7.18 23.67 79.46
N TRP KA 167 -7.90 24.74 79.77
CA TRP KA 167 -8.64 25.47 78.73
C TRP KA 167 -7.71 26.35 77.90
N LEU KA 168 -6.65 26.89 78.49
CA LEU KA 168 -5.69 27.67 77.72
C LEU KA 168 -5.02 26.83 76.64
N ARG KA 169 -4.62 25.59 76.98
CA ARG KA 169 -4.04 24.72 75.97
C ARG KA 169 -5.03 24.42 74.86
N ARG KA 170 -6.29 24.16 75.21
CA ARG KA 170 -7.31 23.92 74.20
C ARG KA 170 -7.50 25.12 73.29
N TYR KA 171 -7.46 26.33 73.86
CA TYR KA 171 -7.59 27.53 73.04
C TYR KA 171 -6.43 27.64 72.07
N LEU KA 172 -5.22 27.32 72.54
CA LEU KA 172 -4.04 27.40 71.68
C LEU KA 172 -4.15 26.45 70.50
N GLU KA 173 -4.62 25.23 70.74
CA GLU KA 173 -4.77 24.23 69.68
C GLU KA 173 -5.86 24.63 68.69
N ASN KA 174 -6.96 25.19 69.18
CA ASN KA 174 -8.05 25.57 68.28
C ASN KA 174 -7.66 26.72 67.37
N GLY KA 175 -6.81 27.62 67.85
CA GLY KA 175 -6.35 28.73 67.03
C GLY KA 175 -4.85 28.71 66.82
N LYS KA 176 -4.33 27.52 66.47
CA LYS KA 176 -2.89 27.36 66.28
C LYS KA 176 -2.35 28.30 65.22
N GLU KA 177 -3.11 28.51 64.15
CA GLU KA 177 -2.64 29.37 63.06
C GLU KA 177 -2.58 30.84 63.48
N THR KA 178 -3.46 31.26 64.39
CA THR KA 178 -3.60 32.68 64.72
C THR KA 178 -2.72 33.13 65.88
N LEU KA 179 -2.56 32.30 66.92
CA LEU KA 179 -1.84 32.72 68.11
C LEU KA 179 -0.55 31.94 68.38
N GLN KA 180 -0.30 30.84 67.66
CA GLN KA 180 0.97 30.16 67.76
C GLN KA 180 1.93 30.61 66.67
N ARG KA 181 1.49 31.55 65.82
CA ARG KA 181 2.34 32.17 64.82
C ARG KA 181 3.23 33.20 65.47
N THR KA 182 4.35 33.48 64.82
CA THR KA 182 5.21 34.59 65.23
C THR KA 182 5.53 35.41 63.99
N ASP KA 183 5.35 36.72 64.09
CA ASP KA 183 5.53 37.63 62.96
C ASP KA 183 6.77 38.49 63.24
N ALA KA 184 7.77 38.37 62.39
CA ALA KA 184 8.98 39.15 62.56
C ALA KA 184 8.72 40.60 62.19
N PRO KA 185 9.34 41.55 62.88
CA PRO KA 185 9.09 42.96 62.59
C PRO KA 185 9.60 43.34 61.21
N LYS KA 186 8.98 44.36 60.63
CA LYS KA 186 9.41 44.92 59.36
C LYS KA 186 10.15 46.22 59.66
N THR KA 187 11.47 46.20 59.54
CA THR KA 187 12.31 47.27 60.04
C THR KA 187 12.79 48.15 58.91
N HIS KA 188 12.86 49.45 59.17
CA HIS KA 188 13.44 50.42 58.26
C HIS KA 188 13.83 51.63 59.08
N MET KA 189 14.61 52.52 58.46
CA MET KA 189 15.18 53.65 59.18
C MET KA 189 14.89 54.92 58.40
N THR KA 190 14.60 56.01 59.13
CA THR KA 190 14.28 57.29 58.53
C THR KA 190 15.16 58.37 59.14
N HIS KA 191 15.35 59.45 58.37
CA HIS KA 191 16.19 60.57 58.75
C HIS KA 191 15.38 61.85 58.79
N HIS KA 192 15.48 62.57 59.89
CA HIS KA 192 14.81 63.85 60.06
C HIS KA 192 15.82 64.88 60.57
N ALA KA 193 15.83 66.04 59.94
CA ALA KA 193 16.79 67.10 60.25
C ALA KA 193 16.09 68.19 61.06
N VAL KA 194 16.46 68.30 62.34
CA VAL KA 194 15.89 69.36 63.17
C VAL KA 194 16.42 70.71 62.73
N SER KA 195 17.73 70.79 62.50
CA SER KA 195 18.39 72.04 62.15
C SER KA 195 19.63 71.71 61.33
N ASP KA 196 20.38 72.74 60.97
CA ASP KA 196 21.60 72.57 60.19
C ASP KA 196 22.65 71.75 60.93
N HIS KA 197 22.58 71.68 62.27
CA HIS KA 197 23.68 71.10 63.03
C HIS KA 197 23.39 69.73 63.62
N GLU KA 198 22.12 69.37 63.80
CA GLU KA 198 21.81 68.06 64.36
C GLU KA 198 20.54 67.51 63.71
N ALA KA 199 20.50 66.19 63.54
CA ALA KA 199 19.39 65.52 62.89
C ALA KA 199 18.88 64.39 63.78
N THR KA 200 17.65 63.96 63.52
CA THR KA 200 17.00 62.89 64.26
C THR KA 200 16.92 61.63 63.41
N LEU KA 201 17.26 60.49 64.02
CA LEU KA 201 17.21 59.20 63.36
C LEU KA 201 16.07 58.39 63.97
N ARG KA 202 15.27 57.75 63.12
CA ARG KA 202 14.11 56.98 63.56
C ARG KA 202 14.26 55.52 63.17
N CYS KA 203 14.07 54.63 64.14
CA CYS KA 203 14.10 53.20 63.95
C CYS KA 203 12.67 52.67 64.03
N TRP KA 204 12.22 51.96 63.00
CA TRP KA 204 10.85 51.51 62.91
C TRP KA 204 10.75 49.99 62.97
N ALA KA 205 9.81 49.50 63.77
CA ALA KA 205 9.43 48.09 63.79
C ALA KA 205 7.92 48.01 63.60
N LEU KA 206 7.49 47.22 62.62
CA LEU KA 206 6.07 47.17 62.27
C LEU KA 206 5.67 45.74 61.96
N SER KA 207 4.36 45.48 62.08
CA SER KA 207 3.74 44.21 61.68
C SER KA 207 4.41 43.02 62.35
N PHE KA 208 4.50 43.05 63.68
CA PHE KA 208 5.08 41.93 64.42
C PHE KA 208 4.15 41.49 65.54
N TYR KA 209 4.18 40.18 65.80
CA TYR KA 209 3.43 39.54 66.89
C TYR KA 209 4.31 38.42 67.45
N PRO KA 210 4.38 38.30 68.80
CA PRO KA 210 3.67 39.03 69.85
C PRO KA 210 4.14 40.47 70.05
N ALA KA 211 3.47 41.19 70.95
CA ALA KA 211 3.73 42.61 71.15
C ALA KA 211 5.10 42.88 71.76
N GLU KA 212 5.59 42.01 72.63
CA GLU KA 212 6.82 42.30 73.36
C GLU KA 212 8.01 42.35 72.41
N ILE KA 213 8.80 43.43 72.52
CA ILE KA 213 9.98 43.65 71.70
C ILE KA 213 10.94 44.56 72.46
N THR KA 214 12.22 44.49 72.11
CA THR KA 214 13.25 45.33 72.71
C THR KA 214 13.99 46.08 71.61
N LEU KA 215 14.09 47.40 71.78
CA LEU KA 215 14.78 48.29 70.85
C LEU KA 215 15.88 49.04 71.59
N THR KA 216 17.11 48.96 71.08
CA THR KA 216 18.26 49.56 71.73
C THR KA 216 19.07 50.36 70.72
N TRP KA 217 19.64 51.46 71.20
CA TRP KA 217 20.46 52.37 70.42
C TRP KA 217 21.90 52.25 70.89
N GLN KA 218 22.82 52.05 69.95
CA GLN KA 218 24.25 51.96 70.29
C GLN KA 218 25.03 52.92 69.42
N ARG KA 219 25.93 53.69 70.05
CA ARG KA 219 26.86 54.57 69.34
C ARG KA 219 28.27 54.00 69.51
N ASP KA 220 28.86 53.56 68.40
CA ASP KA 220 30.21 52.99 68.37
C ASP KA 220 30.30 51.70 69.17
N GLY KA 221 29.18 50.98 69.32
CA GLY KA 221 29.17 49.77 70.11
C GLY KA 221 28.96 50.00 71.59
N GLU KA 222 28.43 51.15 71.98
CA GLU KA 222 28.17 51.48 73.37
C GLU KA 222 26.69 51.81 73.53
N ASP KA 223 26.04 51.21 74.52
CA ASP KA 223 24.62 51.45 74.73
C ASP KA 223 24.35 52.93 74.97
N GLN KA 224 23.46 53.50 74.17
CA GLN KA 224 23.13 54.92 74.20
C GLN KA 224 21.73 55.08 74.75
N THR KA 225 21.60 55.84 75.85
CA THR KA 225 20.33 56.04 76.51
C THR KA 225 20.24 57.49 76.99
N GLN KA 226 19.05 57.85 77.50
CA GLN KA 226 18.74 59.16 78.05
C GLN KA 226 18.72 60.26 76.98
N ASP KA 227 19.42 60.05 75.86
CA ASP KA 227 19.34 60.94 74.72
C ASP KA 227 18.45 60.39 73.62
N THR KA 228 17.71 59.31 73.90
CA THR KA 228 16.87 58.64 72.92
C THR KA 228 15.41 58.76 73.33
N GLU KA 229 14.52 58.63 72.34
CA GLU KA 229 13.08 58.62 72.56
C GLU KA 229 12.49 57.27 72.18
N LEU KA 230 11.63 56.74 73.04
CA LEU KA 230 10.99 55.45 72.84
C LEU KA 230 9.50 55.53 73.13
N VAL KA 231 8.67 55.13 72.16
CA VAL KA 231 7.23 55.17 72.33
C VAL KA 231 6.74 53.78 72.75
N GLU KA 232 5.65 53.75 73.50
CA GLU KA 232 5.02 52.49 73.88
C GLU KA 232 4.50 51.76 72.63
N THR KA 233 4.57 50.44 72.67
CA THR KA 233 4.13 49.62 71.55
C THR KA 233 2.65 49.86 71.26
N ARG KA 234 2.33 49.96 69.97
CA ARG KA 234 1.00 50.34 69.48
C ARG KA 234 0.41 49.20 68.66
N PRO KA 235 -0.91 49.03 68.69
CA PRO KA 235 -1.55 48.01 67.83
C PRO KA 235 -1.80 48.57 66.44
N ALA KA 236 -1.43 47.79 65.43
CA ALA KA 236 -1.66 48.21 64.05
C ALA KA 236 -3.13 48.10 63.65
N GLY KA 237 -3.90 47.24 64.32
CA GLY KA 237 -5.29 47.01 63.98
C GLY KA 237 -5.56 45.73 63.23
N ASP KA 238 -4.53 44.98 62.85
CA ASP KA 238 -4.69 43.70 62.17
C ASP KA 238 -4.14 42.54 62.99
N GLY KA 239 -3.95 42.73 64.29
CA GLY KA 239 -3.34 41.73 65.14
C GLY KA 239 -1.84 41.83 65.24
N THR KA 240 -1.24 42.85 64.63
CA THR KA 240 0.18 43.10 64.68
C THR KA 240 0.42 44.42 65.40
N PHE KA 241 1.64 44.61 65.87
CA PHE KA 241 1.99 45.77 66.68
C PHE KA 241 3.10 46.58 66.02
N GLN KA 242 3.32 47.78 66.56
CA GLN KA 242 4.31 48.72 66.03
C GLN KA 242 5.04 49.40 67.18
N LYS KA 243 6.30 49.74 66.95
CA LYS KA 243 7.09 50.47 67.93
C LYS KA 243 8.24 51.16 67.19
N TRP KA 244 8.68 52.30 67.73
CA TRP KA 244 9.81 52.98 67.11
C TRP KA 244 10.64 53.69 68.17
N ALA KA 245 11.93 53.88 67.85
CA ALA KA 245 12.89 54.55 68.72
C ALA KA 245 13.64 55.61 67.93
N ALA KA 246 13.92 56.74 68.58
CA ALA KA 246 14.59 57.86 67.91
C ALA KA 246 15.72 58.40 68.79
N VAL KA 247 16.76 58.90 68.12
CA VAL KA 247 17.92 59.50 68.79
C VAL KA 247 18.35 60.73 68.02
N VAL KA 248 18.81 61.75 68.74
CA VAL KA 248 19.31 62.99 68.14
C VAL KA 248 20.82 62.86 67.94
N VAL KA 249 21.27 63.09 66.72
CA VAL KA 249 22.68 62.92 66.35
C VAL KA 249 23.22 64.17 65.69
N PRO KA 250 24.45 64.58 66.01
CA PRO KA 250 25.07 65.70 65.31
C PRO KA 250 25.42 65.31 63.88
N SER KA 251 25.37 66.29 62.99
CA SER KA 251 25.57 66.03 61.57
C SER KA 251 26.95 65.41 61.33
N GLY KA 252 27.00 64.47 60.40
CA GLY KA 252 28.24 63.78 60.06
C GLY KA 252 28.55 62.59 60.94
N GLN KA 253 27.78 62.37 62.00
CA GLN KA 253 27.99 61.24 62.92
C GLN KA 253 26.89 60.19 62.80
N GLU KA 254 26.06 60.27 61.75
CA GLU KA 254 24.97 59.32 61.59
C GLU KA 254 25.48 57.88 61.48
N GLN KA 255 26.69 57.69 60.96
CA GLN KA 255 27.23 56.35 60.77
C GLN KA 255 27.70 55.71 62.07
N ARG KA 256 27.87 56.51 63.13
CA ARG KA 256 28.32 55.96 64.41
C ARG KA 256 27.24 55.13 65.10
N TYR KA 257 25.97 55.34 64.75
CA TYR KA 257 24.85 54.82 65.50
C TYR KA 257 24.29 53.55 64.86
N THR KA 258 23.76 52.68 65.71
CA THR KA 258 23.19 51.40 65.29
C THR KA 258 21.91 51.14 66.05
N CYS KA 259 20.94 50.56 65.36
CA CYS KA 259 19.67 50.18 65.95
C CYS KA 259 19.62 48.66 66.08
N HIS KA 260 19.27 48.18 67.28
CA HIS KA 260 19.24 46.75 67.55
C HIS KA 260 17.83 46.33 67.91
N VAL KA 261 17.31 45.33 67.18
CA VAL KA 261 15.95 44.83 67.36
C VAL KA 261 16.01 43.40 67.86
N GLN KA 262 15.34 43.13 68.97
CA GLN KA 262 15.26 41.80 69.56
C GLN KA 262 13.80 41.38 69.60
N HIS KA 263 13.45 40.36 68.83
CA HIS KA 263 12.07 39.87 68.77
C HIS KA 263 12.10 38.36 68.66
N GLU KA 264 11.00 37.74 69.08
CA GLU KA 264 10.89 36.28 69.02
C GLU KA 264 10.93 35.77 67.59
N GLY KA 265 10.43 36.58 66.64
CA GLY KA 265 10.43 36.23 65.23
C GLY KA 265 11.79 36.23 64.57
N LEU KA 266 12.76 36.91 65.16
CA LEU KA 266 14.09 37.03 64.59
C LEU KA 266 15.03 36.01 65.21
N PRO KA 267 15.63 35.13 64.41
CA PRO KA 267 16.61 34.19 64.99
C PRO KA 267 17.85 34.89 65.53
N LYS KA 268 18.28 35.98 64.89
CA LYS KA 268 19.37 36.78 65.43
C LYS KA 268 18.94 38.23 65.53
N PRO KA 269 19.26 38.90 66.63
CA PRO KA 269 18.94 40.32 66.77
C PRO KA 269 19.49 41.15 65.63
N LEU KA 270 18.61 41.91 64.99
CA LEU KA 270 18.98 42.70 63.81
C LEU KA 270 19.70 43.97 64.22
N THR KA 271 20.62 44.39 63.35
CA THR KA 271 21.37 45.63 63.51
C THR KA 271 21.13 46.50 62.29
N LEU KA 272 20.81 47.78 62.52
CA LEU KA 272 20.52 48.72 61.45
C LEU KA 272 21.47 49.91 61.56
N ARG KA 273 22.18 50.20 60.47
CA ARG KA 273 23.10 51.32 60.39
C ARG KA 273 22.63 52.26 59.28
N TRP KA 274 22.75 53.56 59.51
CA TRP KA 274 22.30 54.56 58.55
C TRP KA 274 23.41 54.82 57.56
N GLU KA 275 23.20 54.42 56.30
CA GLU KA 275 24.22 54.54 55.28
C GLU KA 275 23.61 54.55 53.87
N MET LA 1 -9.12 58.82 95.15
CA MET LA 1 -9.19 58.54 93.72
C MET LA 1 -7.87 58.84 93.04
N ILE LA 2 -7.42 57.93 92.18
CA ILE LA 2 -6.25 58.18 91.33
C ILE LA 2 -6.75 58.55 89.94
N GLN LA 3 -6.12 59.56 89.34
CA GLN LA 3 -6.47 60.02 88.01
C GLN LA 3 -5.19 60.11 87.18
N ARG LA 4 -5.21 59.55 85.98
CA ARG LA 4 -4.08 59.59 85.07
C ARG LA 4 -4.53 60.20 83.75
N THR LA 5 -3.76 61.13 83.24
CA THR LA 5 -4.10 61.78 82.00
C THR LA 5 -3.70 60.88 80.83
N PRO LA 6 -4.51 60.82 79.77
CA PRO LA 6 -4.26 59.82 78.73
C PRO LA 6 -3.06 60.15 77.85
N LYS LA 7 -2.44 59.09 77.34
CA LYS LA 7 -1.38 59.21 76.36
C LYS LA 7 -1.98 58.91 75.00
N ILE LA 8 -1.67 59.74 74.01
CA ILE LA 8 -2.30 59.69 72.70
C ILE LA 8 -1.24 59.39 71.65
N GLN LA 9 -1.53 58.39 70.80
CA GLN LA 9 -0.68 58.06 69.67
C GLN LA 9 -1.55 57.93 68.44
N VAL LA 10 -1.39 58.86 67.49
CA VAL LA 10 -2.12 58.83 66.22
C VAL LA 10 -1.14 58.36 65.14
N TYR LA 11 -1.55 57.37 64.38
CA TYR LA 11 -0.68 56.74 63.39
C TYR LA 11 -1.53 56.04 62.35
N SER LA 12 -0.89 55.22 61.52
CA SER LA 12 -1.58 54.48 60.47
C SER LA 12 -1.27 52.99 60.57
N ARG LA 13 -2.22 52.18 60.09
CA ARG LA 13 -2.05 50.73 60.11
C ARG LA 13 -0.91 50.28 59.20
N HIS LA 14 -0.75 50.94 58.06
CA HIS LA 14 0.27 50.62 57.08
C HIS LA 14 1.13 51.84 56.79
N PRO LA 15 2.29 51.66 56.17
CA PRO LA 15 3.10 52.81 55.75
C PRO LA 15 2.30 53.73 54.83
N ALA LA 16 2.34 55.03 55.13
CA ALA LA 16 1.47 56.02 54.50
C ALA LA 16 1.88 56.27 53.05
N GLU LA 17 1.20 55.61 52.12
CA GLU LA 17 1.31 55.92 50.70
C GLU LA 17 0.17 56.84 50.30
N ASN LA 18 0.49 57.92 49.61
CA ASN LA 18 -0.53 58.90 49.26
C ASN LA 18 -1.45 58.34 48.18
N GLY LA 19 -2.75 58.58 48.36
CA GLY LA 19 -3.73 58.11 47.40
C GLY LA 19 -4.07 56.64 47.47
N LYS LA 20 -3.82 55.99 48.60
CA LYS LA 20 -4.10 54.57 48.75
C LYS LA 20 -4.86 54.33 50.06
N SER LA 21 -5.57 53.21 50.11
CA SER LA 21 -6.41 52.91 51.26
C SER LA 21 -5.57 52.55 52.48
N ASN LA 22 -5.92 53.13 53.62
CA ASN LA 22 -5.22 52.91 54.88
C ASN LA 22 -6.20 53.09 56.03
N PHE LA 23 -5.74 52.82 57.24
CA PHE LA 23 -6.54 53.00 58.44
C PHE LA 23 -5.86 54.03 59.32
N LEU LA 24 -6.65 54.97 59.85
CA LEU LA 24 -6.15 55.97 60.77
C LEU LA 24 -6.46 55.50 62.18
N ASN LA 25 -5.46 55.53 63.06
CA ASN LA 25 -5.60 54.99 64.39
C ASN LA 25 -5.34 56.06 65.43
N CYS LA 26 -6.13 56.04 66.49
CA CYS LA 26 -5.89 56.81 67.69
C CYS LA 26 -5.81 55.84 68.86
N TYR LA 27 -4.68 55.85 69.56
CA TYR LA 27 -4.45 54.94 70.67
C TYR LA 27 -4.34 55.76 71.94
N VAL LA 28 -5.37 55.70 72.78
CA VAL LA 28 -5.38 56.38 74.06
C VAL LA 28 -5.12 55.35 75.14
N SER LA 29 -4.20 55.66 76.04
CA SER LA 29 -3.78 54.74 77.09
C SER LA 29 -3.32 55.56 78.27
N GLY LA 30 -3.05 54.87 79.37
CA GLY LA 30 -2.57 55.55 80.56
C GLY LA 30 -3.54 56.59 81.10
N PHE LA 31 -4.84 56.27 81.12
CA PHE LA 31 -5.83 57.21 81.63
C PHE LA 31 -6.75 56.55 82.64
N HIS LA 32 -7.24 57.36 83.56
CA HIS LA 32 -8.22 56.96 84.57
C HIS LA 32 -9.01 58.22 84.92
N PRO LA 33 -10.34 58.11 85.11
CA PRO LA 33 -11.25 56.95 85.07
C PRO LA 33 -11.62 56.50 83.66
N SER LA 34 -12.63 55.63 83.56
CA SER LA 34 -12.92 54.98 82.28
C SER LA 34 -13.55 55.94 81.29
N ASP LA 35 -14.25 56.97 81.78
CA ASP LA 35 -14.96 57.88 80.88
C ASP LA 35 -13.99 58.68 80.04
N ILE LA 36 -14.05 58.51 78.71
CA ILE LA 36 -13.16 59.21 77.80
C ILE LA 36 -13.92 59.41 76.49
N GLU LA 37 -13.66 60.54 75.84
CA GLU LA 37 -14.27 60.86 74.56
C GLU LA 37 -13.18 61.06 73.52
N VAL LA 38 -13.20 60.27 72.45
CA VAL LA 38 -12.16 60.30 71.44
C VAL LA 38 -12.81 60.44 70.06
N ASP LA 39 -12.37 61.44 69.29
CA ASP LA 39 -12.86 61.68 67.95
C ASP LA 39 -11.69 61.78 66.98
N LEU LA 40 -11.93 61.32 65.75
CA LEU LA 40 -10.98 61.43 64.66
C LEU LA 40 -11.45 62.54 63.73
N LEU LA 41 -10.55 63.45 63.39
CA LEU LA 41 -10.89 64.63 62.62
C LEU LA 41 -10.15 64.63 61.29
N LYS LA 42 -10.83 65.11 60.25
CA LYS LA 42 -10.25 65.31 58.92
C LYS LA 42 -10.41 66.79 58.57
N ASN LA 43 -9.31 67.53 58.60
CA ASN LA 43 -9.30 68.97 58.33
C ASN LA 43 -10.15 69.73 59.34
N GLY LA 44 -10.21 69.23 60.58
CA GLY LA 44 -11.01 69.85 61.61
C GLY LA 44 -12.45 69.40 61.65
N GLU LA 45 -12.84 68.47 60.79
CA GLU LA 45 -14.22 67.99 60.72
C GLU LA 45 -14.27 66.59 61.32
N ARG LA 46 -15.29 66.32 62.13
CA ARG LA 46 -15.41 65.03 62.80
C ARG LA 46 -15.77 63.94 61.80
N ILE LA 47 -15.15 62.78 61.95
CA ILE LA 47 -15.43 61.64 61.08
C ILE LA 47 -16.57 60.85 61.70
N GLU LA 48 -17.56 60.49 60.87
CA GLU LA 48 -18.80 59.91 61.38
C GLU LA 48 -18.62 58.46 61.83
N LYS LA 49 -17.98 57.63 61.01
CA LYS LA 49 -17.87 56.20 61.31
C LYS LA 49 -16.50 55.95 61.93
N VAL LA 50 -16.48 55.79 63.25
CA VAL LA 50 -15.28 55.48 64.01
C VAL LA 50 -15.58 54.33 64.95
N GLU LA 51 -14.88 53.20 64.78
CA GLU LA 51 -15.03 52.08 65.69
C GLU LA 51 -13.93 52.13 66.74
N HIS LA 52 -14.11 51.35 67.81
CA HIS LA 52 -13.13 51.30 68.87
C HIS LA 52 -13.14 49.92 69.50
N SER LA 53 -12.09 49.62 70.26
CA SER LA 53 -11.98 48.32 70.90
C SER LA 53 -12.76 48.28 72.21
N ASP LA 54 -12.81 47.09 72.79
CA ASP LA 54 -13.49 46.87 74.05
C ASP LA 54 -12.61 47.29 75.22
N LEU LA 55 -13.22 47.94 76.22
CA LEU LA 55 -12.46 48.49 77.33
C LEU LA 55 -11.65 47.43 78.06
N SER LA 56 -10.35 47.67 78.16
CA SER LA 56 -9.43 46.81 78.88
C SER LA 56 -8.45 47.71 79.63
N PHE LA 57 -7.55 47.11 80.40
CA PHE LA 57 -6.62 47.89 81.18
C PHE LA 57 -5.28 47.17 81.30
N SER LA 58 -4.25 47.93 81.64
CA SER LA 58 -2.89 47.42 81.72
C SER LA 58 -2.61 47.00 83.17
N LYS LA 59 -1.36 46.68 83.48
CA LYS LA 59 -1.04 46.19 84.81
C LYS LA 59 -1.22 47.26 85.88
N ASP LA 60 -1.07 48.53 85.52
CA ASP LA 60 -1.23 49.62 86.49
C ASP LA 60 -2.68 50.05 86.64
N TRP LA 61 -3.63 49.26 86.13
CA TRP LA 61 -5.08 49.48 86.21
C TRP LA 61 -5.55 50.60 85.29
N SER LA 62 -4.66 51.15 84.46
CA SER LA 62 -5.04 52.22 83.56
C SER LA 62 -5.72 51.66 82.32
N PHE LA 63 -6.67 52.41 81.78
CA PHE LA 63 -7.50 51.95 80.68
C PHE LA 63 -6.85 52.30 79.35
N TYR LA 64 -7.09 51.47 78.34
CA TYR LA 64 -6.58 51.74 76.99
C TYR LA 64 -7.62 51.36 75.93
N LEU LA 65 -7.70 52.20 74.88
CA LEU LA 65 -8.65 52.05 73.79
C LEU LA 65 -7.96 52.39 72.47
N LEU LA 66 -8.44 51.77 71.39
CA LEU LA 66 -7.93 52.01 70.04
C LEU LA 66 -9.10 52.40 69.14
N TYR LA 67 -9.08 53.63 68.64
CA TYR LA 67 -10.08 54.13 67.71
C TYR LA 67 -9.53 54.12 66.30
N TYR LA 68 -10.32 53.62 65.34
CA TYR LA 68 -9.82 53.48 63.98
C TYR LA 68 -10.96 53.69 62.98
N THR LA 69 -10.57 54.12 61.78
CA THR LA 69 -11.46 54.25 60.64
C THR LA 69 -10.64 54.12 59.38
N GLU LA 70 -11.30 53.80 58.27
CA GLU LA 70 -10.60 53.74 57.00
C GLU LA 70 -10.48 55.13 56.40
N PHE LA 71 -9.33 55.39 55.78
CA PHE LA 71 -9.09 56.69 55.16
C PHE LA 71 -8.01 56.51 54.10
N THR LA 72 -7.91 57.50 53.23
CA THR LA 72 -6.86 57.51 52.22
C THR LA 72 -5.93 58.69 52.48
N PRO LA 73 -4.65 58.46 52.82
CA PRO LA 73 -3.77 59.59 53.13
C PRO LA 73 -3.43 60.31 51.83
N THR LA 74 -3.62 61.62 51.85
CA THR LA 74 -3.36 62.46 50.69
C THR LA 74 -2.61 63.71 51.12
N GLU LA 75 -1.74 64.19 50.22
CA GLU LA 75 -0.94 65.37 50.50
C GLU LA 75 -1.80 66.58 50.83
N LYS LA 76 -3.05 66.59 50.36
CA LYS LA 76 -3.91 67.75 50.58
C LYS LA 76 -4.52 67.75 51.98
N ASP LA 77 -4.88 66.59 52.50
CA ASP LA 77 -5.71 66.50 53.69
C ASP LA 77 -4.88 66.37 54.96
N GLU LA 78 -5.45 66.86 56.06
CA GLU LA 78 -4.87 66.77 57.39
C GLU LA 78 -5.79 65.93 58.28
N TYR LA 79 -5.18 65.16 59.17
CA TYR LA 79 -5.92 64.31 60.08
C TYR LA 79 -5.38 64.51 61.49
N ALA LA 80 -6.25 64.27 62.48
CA ALA LA 80 -5.88 64.49 63.87
C ALA LA 80 -6.83 63.70 64.75
N CYS LA 81 -6.50 63.68 66.04
CA CYS LA 81 -7.32 63.06 67.08
C CYS LA 81 -7.67 64.09 68.14
N ARG LA 82 -8.94 64.15 68.50
CA ARG LA 82 -9.42 65.03 69.56
C ARG LA 82 -9.89 64.17 70.72
N VAL LA 83 -9.22 64.31 71.86
CA VAL LA 83 -9.50 63.51 73.06
C VAL LA 83 -9.82 64.47 74.19
N ASN LA 84 -10.98 64.28 74.81
CA ASN LA 84 -11.39 65.07 75.96
C ASN LA 84 -11.54 64.17 77.18
N HIS LA 85 -11.06 64.65 78.33
CA HIS LA 85 -11.07 63.87 79.56
C HIS LA 85 -11.27 64.82 80.73
N VAL LA 86 -11.68 64.26 81.86
CA VAL LA 86 -11.93 65.08 83.05
C VAL LA 86 -10.64 65.71 83.55
N THR LA 87 -9.51 64.99 83.42
CA THR LA 87 -8.23 65.54 83.87
C THR LA 87 -7.75 66.67 82.98
N LEU LA 88 -8.29 66.78 81.76
CA LEU LA 88 -7.84 67.77 80.80
C LEU LA 88 -8.71 69.02 80.91
N SER LA 89 -8.06 70.18 81.11
CA SER LA 89 -8.81 71.43 81.17
C SER LA 89 -9.52 71.71 79.86
N GLN LA 90 -8.88 71.39 78.74
CA GLN LA 90 -9.48 71.56 77.41
C GLN LA 90 -9.18 70.31 76.60
N PRO LA 91 -10.03 69.98 75.63
CA PRO LA 91 -9.74 68.81 74.78
C PRO LA 91 -8.43 68.98 74.03
N LYS LA 92 -7.55 67.99 74.17
CA LYS LA 92 -6.24 68.02 73.55
C LYS LA 92 -6.32 67.38 72.17
N ILE LA 93 -5.77 68.07 71.16
CA ILE LA 93 -5.77 67.59 69.79
C ILE LA 93 -4.34 67.25 69.39
N VAL LA 94 -4.16 66.09 68.77
CA VAL LA 94 -2.86 65.62 68.30
C VAL LA 94 -2.97 65.34 66.80
N LYS LA 95 -2.12 66.02 66.02
CA LYS LA 95 -2.14 65.90 64.57
C LYS LA 95 -1.38 64.66 64.11
N TRP LA 96 -1.75 64.17 62.94
CA TRP LA 96 -1.15 62.95 62.39
C TRP LA 96 0.13 63.26 61.64
N ASP LA 97 1.22 62.63 62.06
CA ASP LA 97 2.49 62.70 61.34
C ASP LA 97 2.80 61.31 60.80
N ARG LA 98 2.90 61.19 59.48
CA ARG LA 98 3.18 59.89 58.88
C ARG LA 98 4.58 59.41 59.20
N ASP LA 99 5.45 60.31 59.65
CA ASP LA 99 6.81 60.00 60.07
C ASP LA 99 6.90 59.65 61.55
N MET LA 100 5.77 59.63 62.25
CA MET LA 100 5.72 59.28 63.66
C MET LA 100 4.61 58.28 63.94
N GLY MA 1 -36.63 -72.94 -81.52
CA GLY MA 1 -36.88 -71.51 -81.54
C GLY MA 1 -35.71 -70.69 -82.05
N SER MA 2 -35.45 -69.58 -81.37
CA SER MA 2 -34.36 -68.68 -81.72
C SER MA 2 -33.07 -69.10 -81.02
N HIS MA 3 -31.96 -69.07 -81.76
CA HIS MA 3 -30.66 -69.46 -81.24
C HIS MA 3 -29.70 -68.27 -81.29
N SER MA 4 -28.65 -68.34 -80.48
CA SER MA 4 -27.69 -67.25 -80.42
C SER MA 4 -26.30 -67.81 -80.13
N MET MA 5 -25.29 -67.07 -80.57
CA MET MA 5 -23.89 -67.32 -80.22
C MET MA 5 -23.31 -66.03 -79.65
N ARG MA 6 -22.66 -66.12 -78.50
CA ARG MA 6 -22.12 -64.98 -77.78
C ARG MA 6 -20.71 -65.21 -77.26
N TYR MA 7 -19.91 -64.14 -77.31
CA TYR MA 7 -18.55 -64.13 -76.79
C TYR MA 7 -18.48 -63.06 -75.70
N PHE MA 8 -17.91 -63.42 -74.56
CA PHE MA 8 -17.77 -62.50 -73.42
C PHE MA 8 -16.29 -62.33 -73.10
N PHE MA 9 -15.84 -61.07 -73.07
CA PHE MA 9 -14.44 -60.75 -72.78
C PHE MA 9 -14.35 -59.91 -71.51
N THR MA 10 -13.43 -60.28 -70.62
CA THR MA 10 -13.15 -59.52 -69.41
C THR MA 10 -11.64 -59.34 -69.26
N SER MA 11 -11.21 -58.09 -69.10
CA SER MA 11 -9.80 -57.76 -68.89
C SER MA 11 -9.65 -56.86 -67.68
N VAL MA 12 -8.86 -57.29 -66.70
CA VAL MA 12 -8.64 -56.55 -65.45
C VAL MA 12 -7.16 -56.22 -65.35
N SER MA 13 -6.85 -54.96 -65.02
CA SER MA 13 -5.47 -54.49 -64.96
C SER MA 13 -4.89 -54.60 -63.55
N ARG MA 14 -3.69 -55.19 -63.45
CA ARG MA 14 -2.94 -55.30 -62.21
C ARG MA 14 -1.75 -54.35 -62.22
N PRO MA 15 -1.80 -53.24 -61.48
CA PRO MA 15 -0.75 -52.22 -61.58
C PRO MA 15 0.58 -52.54 -60.92
N GLY MA 16 1.57 -52.95 -61.71
CA GLY MA 16 2.76 -53.55 -61.16
C GLY MA 16 2.87 -55.06 -61.22
N ARG MA 17 1.94 -55.76 -60.58
CA ARG MA 17 2.07 -57.20 -60.35
C ARG MA 17 1.71 -58.00 -61.62
N GLY MA 18 2.45 -57.72 -62.68
CA GLY MA 18 2.40 -58.51 -63.89
C GLY MA 18 1.51 -57.93 -64.97
N GLU MA 19 1.03 -58.82 -65.82
CA GLU MA 19 0.19 -58.46 -66.96
C GLU MA 19 -1.28 -58.50 -66.58
N PRO MA 20 -2.16 -58.05 -67.47
CA PRO MA 20 -3.60 -58.09 -67.18
C PRO MA 20 -4.24 -59.46 -67.37
N ARG MA 21 -5.23 -59.73 -66.51
CA ARG MA 21 -6.00 -60.97 -66.57
C ARG MA 21 -7.02 -60.92 -67.71
N PHE MA 22 -7.05 -61.97 -68.51
CA PHE MA 22 -7.96 -62.05 -69.66
C PHE MA 22 -8.76 -63.34 -69.58
N ILE MA 23 -10.08 -63.22 -69.59
CA ILE MA 23 -10.99 -64.36 -69.60
C ILE MA 23 -11.86 -64.22 -70.84
N ALA MA 24 -11.99 -65.32 -71.59
CA ALA MA 24 -12.82 -65.34 -72.79
C ALA MA 24 -13.72 -66.57 -72.71
N VAL MA 25 -15.01 -66.38 -72.97
CA VAL MA 25 -15.97 -67.48 -72.97
C VAL MA 25 -16.88 -67.34 -74.18
N GLY MA 26 -17.26 -68.48 -74.75
CA GLY MA 26 -18.15 -68.51 -75.89
C GLY MA 26 -19.37 -69.32 -75.55
N TYR MA 27 -20.55 -68.80 -75.90
CA TYR MA 27 -21.80 -69.47 -75.58
C TYR MA 27 -22.59 -69.69 -76.86
N VAL MA 28 -23.20 -70.87 -76.98
CA VAL MA 28 -24.25 -71.12 -77.97
C VAL MA 28 -25.51 -71.46 -77.18
N ASP MA 29 -26.53 -70.62 -77.30
CA ASP MA 29 -27.74 -70.71 -76.47
C ASP MA 29 -27.27 -70.54 -75.03
N ASP MA 30 -27.48 -71.50 -74.14
CA ASP MA 30 -27.01 -71.40 -72.77
C ASP MA 30 -25.88 -72.38 -72.48
N THR MA 31 -25.22 -72.90 -73.51
CA THR MA 31 -24.13 -73.85 -73.36
C THR MA 31 -22.81 -73.19 -73.71
N GLN MA 32 -21.83 -73.32 -72.82
CA GLN MA 32 -20.49 -72.79 -73.04
C GLN MA 32 -19.62 -73.84 -73.70
N PHE MA 33 -18.97 -73.48 -74.81
CA PHE MA 33 -18.19 -74.42 -75.58
C PHE MA 33 -16.70 -74.09 -75.73
N VAL MA 34 -16.29 -72.85 -75.44
CA VAL MA 34 -14.89 -72.46 -75.57
C VAL MA 34 -14.53 -71.50 -74.44
N ARG MA 35 -13.25 -71.50 -74.09
CA ARG MA 35 -12.75 -70.61 -73.05
C ARG MA 35 -11.29 -70.30 -73.35
N PHE MA 36 -10.83 -69.16 -72.85
CA PHE MA 36 -9.43 -68.79 -72.92
C PHE MA 36 -9.09 -68.03 -71.65
N ASP MA 37 -7.97 -68.40 -71.01
CA ASP MA 37 -7.52 -67.73 -69.80
C ASP MA 37 -6.09 -67.25 -70.02
N SER MA 38 -5.83 -65.98 -69.70
CA SER MA 38 -4.49 -65.44 -69.86
C SER MA 38 -3.51 -66.06 -68.87
N ASP MA 39 -4.00 -66.53 -67.72
CA ASP MA 39 -3.17 -67.17 -66.72
C ASP MA 39 -3.20 -68.69 -66.84
N ALA MA 40 -3.81 -69.24 -67.89
CA ALA MA 40 -3.83 -70.67 -68.10
C ALA MA 40 -2.51 -71.14 -68.70
N ALA MA 41 -2.06 -72.32 -68.26
CA ALA MA 41 -0.80 -72.86 -68.75
C ALA MA 41 -0.87 -73.21 -70.23
N SER MA 42 -2.03 -73.66 -70.72
CA SER MA 42 -2.16 -74.06 -72.11
C SER MA 42 -1.93 -72.89 -73.06
N GLN MA 43 -2.43 -71.71 -72.72
CA GLN MA 43 -2.36 -70.52 -73.58
C GLN MA 43 -3.01 -70.78 -74.94
N ARG MA 44 -4.06 -71.60 -74.98
CA ARG MA 44 -4.72 -71.95 -76.22
C ARG MA 44 -6.23 -71.87 -76.02
N MET MA 45 -6.95 -71.83 -77.13
CA MET MA 45 -8.41 -71.89 -77.04
C MET MA 45 -8.81 -73.32 -76.70
N GLU MA 46 -9.40 -73.49 -75.55
CA GLU MA 46 -9.68 -74.85 -75.13
C GLU MA 46 -11.16 -75.16 -75.29
N PRO MA 47 -11.51 -76.42 -75.55
CA PRO MA 47 -12.92 -76.78 -75.65
C PRO MA 47 -13.50 -77.15 -74.30
N ARG MA 48 -14.73 -76.70 -74.06
CA ARG MA 48 -15.43 -77.01 -72.83
C ARG MA 48 -16.66 -77.86 -73.06
N ALA MA 49 -17.04 -78.09 -74.32
CA ALA MA 49 -18.17 -78.92 -74.68
C ALA MA 49 -17.71 -79.99 -75.66
N PRO MA 50 -18.28 -81.20 -75.59
CA PRO MA 50 -17.80 -82.29 -76.46
C PRO MA 50 -18.00 -82.05 -77.95
N TRP MA 51 -19.09 -81.40 -78.34
CA TRP MA 51 -19.42 -81.27 -79.76
C TRP MA 51 -18.44 -80.38 -80.53
N ILE MA 52 -17.78 -79.44 -79.85
CA ILE MA 52 -16.81 -78.58 -80.52
C ILE MA 52 -15.46 -79.27 -80.70
N GLU MA 53 -15.17 -80.32 -79.92
CA GLU MA 53 -13.89 -80.99 -79.95
C GLU MA 53 -13.56 -81.61 -81.31
N GLN MA 54 -14.58 -81.90 -82.12
CA GLN MA 54 -14.42 -82.54 -83.43
C GLN MA 54 -13.89 -81.61 -84.52
N GLU MA 55 -13.32 -80.46 -84.17
CA GLU MA 55 -12.75 -79.56 -85.16
C GLU MA 55 -11.31 -79.92 -85.48
N GLY MA 56 -10.90 -79.59 -86.71
CA GLY MA 56 -9.56 -79.87 -87.18
C GLY MA 56 -8.54 -79.00 -86.50
N PRO MA 57 -7.27 -79.37 -86.57
CA PRO MA 57 -6.22 -78.55 -85.94
C PRO MA 57 -6.07 -77.17 -86.55
N GLU MA 58 -6.57 -76.95 -87.76
CA GLU MA 58 -6.53 -75.61 -88.34
C GLU MA 58 -7.45 -74.66 -87.60
N TYR MA 59 -8.63 -75.14 -87.20
CA TYR MA 59 -9.58 -74.30 -86.48
C TYR MA 59 -8.99 -73.83 -85.16
N TRP MA 60 -8.44 -74.77 -84.37
CA TRP MA 60 -7.92 -74.42 -83.06
C TRP MA 60 -6.73 -73.47 -83.16
N ASP MA 61 -5.86 -73.68 -84.16
CA ASP MA 61 -4.73 -72.77 -84.34
C ASP MA 61 -5.20 -71.36 -84.69
N GLY MA 62 -6.21 -71.26 -85.55
CA GLY MA 62 -6.75 -69.96 -85.89
C GLY MA 62 -7.47 -69.29 -84.73
N GLU MA 63 -8.29 -70.05 -84.00
CA GLU MA 63 -9.03 -69.48 -82.88
C GLU MA 63 -8.08 -69.02 -81.77
N THR MA 64 -7.02 -69.79 -81.51
CA THR MA 64 -6.03 -69.35 -80.54
C THR MA 64 -5.37 -68.06 -80.99
N ARG MA 65 -5.15 -67.92 -82.29
CA ARG MA 65 -4.51 -66.72 -82.82
C ARG MA 65 -5.38 -65.49 -82.61
N LYS MA 66 -6.69 -65.60 -82.88
CA LYS MA 66 -7.56 -64.44 -82.79
C LYS MA 66 -7.84 -64.02 -81.36
N VAL MA 67 -8.04 -64.98 -80.45
CA VAL MA 67 -8.39 -64.60 -79.08
C VAL MA 67 -7.22 -63.88 -78.41
N LYS MA 68 -5.99 -64.36 -78.64
CA LYS MA 68 -4.82 -63.68 -78.11
C LYS MA 68 -4.66 -62.29 -78.72
N ALA MA 69 -4.95 -62.17 -80.01
CA ALA MA 69 -4.90 -60.86 -80.66
C ALA MA 69 -5.93 -59.92 -80.04
N HIS MA 70 -7.14 -60.41 -79.77
CA HIS MA 70 -8.12 -59.59 -79.07
C HIS MA 70 -7.64 -59.26 -77.66
N SER MA 71 -6.97 -60.21 -77.02
CA SER MA 71 -6.41 -59.98 -75.69
C SER MA 71 -5.38 -58.87 -75.69
N GLN MA 72 -4.50 -58.84 -76.70
CA GLN MA 72 -3.51 -57.76 -76.81
C GLN MA 72 -4.18 -56.41 -77.04
N THR MA 73 -5.30 -56.38 -77.77
CA THR MA 73 -6.02 -55.14 -77.98
C THR MA 73 -6.51 -54.56 -76.65
N HIS MA 74 -7.13 -55.40 -75.82
CA HIS MA 74 -7.77 -54.90 -74.60
C HIS MA 74 -6.75 -54.43 -73.56
N ARG MA 75 -5.52 -54.97 -73.56
CA ARG MA 75 -4.52 -54.40 -72.67
C ARG MA 75 -4.18 -52.96 -73.07
N VAL MA 76 -4.15 -52.69 -74.38
CA VAL MA 76 -3.96 -51.32 -74.84
C VAL MA 76 -5.18 -50.48 -74.48
N ASP MA 77 -6.37 -51.08 -74.57
CA ASP MA 77 -7.59 -50.36 -74.22
C ASP MA 77 -7.57 -49.95 -72.75
N LEU MA 78 -7.06 -50.84 -71.89
CA LEU MA 78 -6.94 -50.53 -70.46
C LEU MA 78 -6.00 -49.37 -70.22
N GLY MA 79 -4.86 -49.35 -70.92
CA GLY MA 79 -3.93 -48.23 -70.79
C GLY MA 79 -4.49 -46.94 -71.34
N THR MA 80 -5.14 -47.01 -72.50
CA THR MA 80 -5.72 -45.81 -73.11
C THR MA 80 -6.79 -45.20 -72.22
N LEU MA 81 -7.67 -46.03 -71.66
CA LEU MA 81 -8.73 -45.53 -70.79
C LEU MA 81 -8.19 -44.91 -69.50
N ARG MA 82 -7.04 -45.38 -69.03
CA ARG MA 82 -6.37 -44.68 -67.94
C ARG MA 82 -6.01 -43.26 -68.35
N GLY MA 83 -5.51 -43.10 -69.58
CA GLY MA 83 -5.22 -41.77 -70.09
C GLY MA 83 -6.49 -40.97 -70.39
N TYR MA 84 -7.54 -41.66 -70.86
CA TYR MA 84 -8.76 -40.95 -71.24
C TYR MA 84 -9.37 -40.22 -70.05
N TYR MA 85 -9.44 -40.89 -68.90
CA TYR MA 85 -10.07 -40.34 -67.71
C TYR MA 85 -9.07 -39.65 -66.80
N ASN MA 86 -7.80 -39.55 -67.20
CA ASN MA 86 -6.75 -38.92 -66.41
C ASN MA 86 -6.56 -39.63 -65.07
N GLN MA 87 -6.81 -40.94 -65.05
CA GLN MA 87 -6.72 -41.73 -63.85
C GLN MA 87 -5.27 -42.14 -63.58
N SER MA 88 -4.94 -42.27 -62.29
CA SER MA 88 -3.61 -42.67 -61.91
C SER MA 88 -3.34 -44.12 -62.28
N GLU MA 89 -2.06 -44.48 -62.30
CA GLU MA 89 -1.62 -45.81 -62.72
C GLU MA 89 -1.80 -46.87 -61.64
N ALA MA 90 -2.40 -46.53 -60.49
CA ALA MA 90 -2.40 -47.41 -59.34
C ALA MA 90 -3.68 -48.23 -59.18
N GLY MA 91 -4.77 -47.84 -59.84
CA GLY MA 91 -6.03 -48.53 -59.66
C GLY MA 91 -6.18 -49.73 -60.59
N SER MA 92 -6.88 -50.75 -60.09
CA SER MA 92 -7.21 -51.91 -60.91
C SER MA 92 -8.60 -51.68 -61.50
N HIS MA 93 -8.68 -51.78 -62.83
CA HIS MA 93 -9.90 -51.46 -63.55
C HIS MA 93 -10.25 -52.60 -64.48
N THR MA 94 -11.54 -52.70 -64.80
CA THR MA 94 -12.05 -53.80 -65.61
C THR MA 94 -12.63 -53.24 -66.89
N VAL MA 95 -12.36 -53.93 -68.00
CA VAL MA 95 -12.97 -53.63 -69.29
C VAL MA 95 -13.66 -54.90 -69.77
N GLN MA 96 -14.86 -54.73 -70.33
CA GLN MA 96 -15.63 -55.86 -70.77
C GLN MA 96 -16.21 -55.58 -72.14
N ARG MA 97 -16.28 -56.63 -72.96
CA ARG MA 97 -16.85 -56.55 -74.29
C ARG MA 97 -17.78 -57.72 -74.48
N MET MA 98 -18.88 -57.48 -75.18
CA MET MA 98 -19.81 -58.54 -75.54
C MET MA 98 -20.32 -58.24 -76.93
N TYR MA 99 -20.19 -59.21 -77.82
CA TYR MA 99 -20.78 -59.10 -79.15
C TYR MA 99 -21.43 -60.43 -79.48
N GLY MA 100 -22.55 -60.37 -80.18
CA GLY MA 100 -23.30 -61.56 -80.47
C GLY MA 100 -24.25 -61.36 -81.63
N CYS MA 101 -24.86 -62.47 -82.01
CA CYS MA 101 -25.76 -62.55 -83.14
C CYS MA 101 -26.97 -63.37 -82.73
N ASP MA 102 -28.14 -63.00 -83.21
CA ASP MA 102 -29.37 -63.72 -82.96
C ASP MA 102 -29.97 -64.18 -84.27
N VAL MA 103 -30.47 -65.42 -84.28
CA VAL MA 103 -31.13 -65.97 -85.46
C VAL MA 103 -32.51 -66.44 -85.04
N GLY MA 104 -33.45 -66.40 -85.98
CA GLY MA 104 -34.80 -66.83 -85.75
C GLY MA 104 -34.93 -68.33 -85.93
N SER MA 105 -36.18 -68.79 -85.91
CA SER MA 105 -36.44 -70.21 -86.13
C SER MA 105 -36.00 -70.65 -87.52
N ASP MA 106 -36.03 -69.73 -88.49
CA ASP MA 106 -35.57 -70.03 -89.85
C ASP MA 106 -34.05 -70.19 -89.94
N TRP MA 107 -33.33 -69.83 -88.88
CA TRP MA 107 -31.86 -69.90 -88.78
C TRP MA 107 -31.19 -68.77 -89.56
N ARG MA 108 -31.92 -67.71 -89.89
CA ARG MA 108 -31.38 -66.56 -90.58
C ARG MA 108 -31.21 -65.41 -89.59
N PHE MA 109 -30.46 -64.40 -90.02
CA PHE MA 109 -30.08 -63.32 -89.11
C PHE MA 109 -31.31 -62.60 -88.56
N LEU MA 110 -31.25 -62.27 -87.27
CA LEU MA 110 -32.31 -61.55 -86.57
C LEU MA 110 -31.83 -60.30 -85.86
N ARG MA 111 -30.67 -60.37 -85.18
CA ARG MA 111 -30.26 -59.31 -84.28
C ARG MA 111 -28.75 -59.41 -84.05
N GLY MA 112 -28.14 -58.27 -83.77
CA GLY MA 112 -26.71 -58.22 -83.50
C GLY MA 112 -26.41 -57.32 -82.32
N TYR MA 113 -25.30 -57.64 -81.63
CA TYR MA 113 -24.88 -56.89 -80.46
C TYR MA 113 -23.38 -56.62 -80.52
N HIS MA 114 -22.98 -55.39 -80.19
CA HIS MA 114 -21.58 -55.09 -79.91
C HIS MA 114 -21.55 -54.01 -78.83
N GLN MA 115 -20.99 -54.31 -77.66
CA GLN MA 115 -20.97 -53.34 -76.57
C GLN MA 115 -19.65 -53.38 -75.82
N TYR MA 116 -19.33 -52.26 -75.17
CA TYR MA 116 -18.12 -52.10 -74.38
C TYR MA 116 -18.49 -51.59 -72.99
N ALA MA 117 -17.58 -51.82 -72.04
CA ALA MA 117 -17.80 -51.39 -70.67
C ALA MA 117 -16.46 -51.18 -69.98
N TYR MA 118 -16.36 -50.12 -69.19
CA TYR MA 118 -15.19 -49.81 -68.39
C TYR MA 118 -15.61 -49.59 -66.95
N ASP MA 119 -15.08 -50.40 -66.04
CA ASP MA 119 -15.36 -50.27 -64.60
C ASP MA 119 -16.86 -50.43 -64.29
N GLY MA 120 -17.53 -51.30 -65.02
CA GLY MA 120 -18.92 -51.62 -64.74
C GLY MA 120 -19.95 -50.64 -65.27
N LYS MA 121 -19.58 -49.72 -66.14
CA LYS MA 121 -20.53 -48.78 -66.73
C LYS MA 121 -20.46 -48.88 -68.25
N ASP MA 122 -21.58 -48.55 -68.89
CA ASP MA 122 -21.61 -48.52 -70.35
C ASP MA 122 -20.64 -47.47 -70.87
N TYR MA 123 -19.87 -47.84 -71.91
CA TYR MA 123 -18.91 -46.93 -72.49
C TYR MA 123 -19.37 -46.59 -73.93
N ILE MA 124 -19.06 -47.45 -74.89
CA ILE MA 124 -19.52 -47.25 -76.27
C ILE MA 124 -20.17 -48.55 -76.71
N ALA MA 125 -21.32 -48.42 -77.38
CA ALA MA 125 -22.11 -49.56 -77.80
C ALA MA 125 -22.60 -49.34 -79.22
N LEU MA 126 -22.80 -50.44 -79.93
CA LEU MA 126 -23.29 -50.40 -81.30
C LEU MA 126 -24.82 -50.43 -81.27
N LYS MA 127 -25.43 -49.52 -82.02
CA LYS MA 127 -26.87 -49.44 -82.07
C LYS MA 127 -27.45 -50.65 -82.81
N GLU MA 128 -28.76 -50.86 -82.64
CA GLU MA 128 -29.41 -52.03 -83.22
C GLU MA 128 -29.39 -52.01 -84.75
N ASP MA 129 -29.29 -50.84 -85.38
CA ASP MA 129 -29.23 -50.75 -86.83
C ASP MA 129 -27.93 -51.29 -87.40
N LEU MA 130 -26.89 -51.39 -86.57
CA LEU MA 130 -25.56 -51.89 -86.93
C LEU MA 130 -24.78 -50.90 -87.78
N ARG MA 131 -25.20 -49.62 -87.79
CA ARG MA 131 -24.54 -48.60 -88.58
C ARG MA 131 -24.23 -47.34 -87.80
N SER MA 132 -24.62 -47.27 -86.52
CA SER MA 132 -24.43 -46.09 -85.69
C SER MA 132 -23.90 -46.50 -84.33
N TRP MA 133 -23.30 -45.55 -83.62
CA TRP MA 133 -22.70 -45.79 -82.32
C TRP MA 133 -23.33 -44.88 -81.26
N THR MA 134 -23.42 -45.41 -80.05
CA THR MA 134 -23.90 -44.68 -78.89
C THR MA 134 -22.76 -44.51 -77.90
N ALA MA 135 -22.47 -43.26 -77.54
CA ALA MA 135 -21.38 -42.91 -76.64
C ALA MA 135 -21.97 -42.48 -75.31
N ALA MA 136 -21.48 -43.07 -74.22
CA ALA MA 136 -22.04 -42.79 -72.90
C ALA MA 136 -21.76 -41.36 -72.49
N ASP MA 137 -20.51 -40.92 -72.61
CA ASP MA 137 -20.11 -39.61 -72.13
C ASP MA 137 -19.12 -39.01 -73.11
N MET MA 138 -18.49 -37.90 -72.72
CA MET MA 138 -17.55 -37.22 -73.60
C MET MA 138 -16.36 -38.12 -73.94
N ALA MA 139 -15.81 -38.81 -72.94
CA ALA MA 139 -14.67 -39.69 -73.20
C ALA MA 139 -15.03 -40.79 -74.18
N ALA MA 140 -16.26 -41.29 -74.10
CA ALA MA 140 -16.70 -42.32 -75.04
C ALA MA 140 -16.85 -41.75 -76.45
N GLN MA 141 -17.18 -40.46 -76.57
CA GLN MA 141 -17.34 -39.86 -77.89
C GLN MA 141 -16.02 -39.81 -78.65
N THR MA 142 -14.89 -39.65 -77.95
CA THR MA 142 -13.61 -39.66 -78.64
C THR MA 142 -13.39 -41.00 -79.34
N THR MA 143 -13.72 -42.10 -78.67
CA THR MA 143 -13.64 -43.40 -79.34
C THR MA 143 -14.67 -43.50 -80.45
N LYS MA 144 -15.82 -42.87 -80.26
CA LYS MA 144 -16.87 -42.89 -81.27
C LYS MA 144 -16.36 -42.27 -82.56
N HIS MA 145 -15.67 -41.14 -82.46
CA HIS MA 145 -15.18 -40.45 -83.65
C HIS MA 145 -14.17 -41.30 -84.42
N LYS MA 146 -13.25 -41.96 -83.71
CA LYS MA 146 -12.29 -42.83 -84.37
C LYS MA 146 -12.96 -44.02 -85.04
N TRP MA 147 -13.90 -44.67 -84.34
CA TRP MA 147 -14.59 -45.83 -84.92
C TRP MA 147 -15.48 -45.45 -86.09
N GLU MA 148 -16.09 -44.26 -86.04
CA GLU MA 148 -16.89 -43.81 -87.18
C GLU MA 148 -16.03 -43.60 -88.42
N ALA MA 149 -14.87 -42.95 -88.25
CA ALA MA 149 -14.00 -42.69 -89.40
C ALA MA 149 -13.40 -43.97 -89.95
N ALA MA 150 -13.05 -44.92 -89.08
CA ALA MA 150 -12.38 -46.15 -89.50
C ALA MA 150 -13.33 -47.20 -90.05
N HIS MA 151 -14.63 -46.89 -90.14
CA HIS MA 151 -15.64 -47.82 -90.67
C HIS MA 151 -15.68 -49.13 -89.88
N VAL MA 152 -15.58 -49.02 -88.55
CA VAL MA 152 -15.63 -50.21 -87.71
C VAL MA 152 -17.00 -50.86 -87.76
N ALA MA 153 -18.06 -50.04 -87.82
CA ALA MA 153 -19.41 -50.57 -87.82
C ALA MA 153 -19.64 -51.49 -89.02
N GLU MA 154 -19.08 -51.13 -90.18
CA GLU MA 154 -19.28 -51.93 -91.37
C GLU MA 154 -18.59 -53.28 -91.25
N GLN MA 155 -17.40 -53.31 -90.64
CA GLN MA 155 -16.71 -54.58 -90.44
C GLN MA 155 -17.47 -55.45 -89.45
N LEU MA 156 -17.98 -54.85 -88.38
CA LEU MA 156 -18.76 -55.61 -87.41
C LEU MA 156 -20.07 -56.07 -88.03
N ARG MA 157 -20.73 -55.20 -88.80
CA ARG MA 157 -21.99 -55.57 -89.45
C ARG MA 157 -21.80 -56.75 -90.39
N ALA MA 158 -20.65 -56.83 -91.06
CA ALA MA 158 -20.37 -57.96 -91.94
C ALA MA 158 -20.22 -59.25 -91.14
N TYR MA 159 -19.59 -59.19 -89.97
CA TYR MA 159 -19.40 -60.39 -89.16
C TYR MA 159 -20.72 -60.91 -88.62
N LEU MA 160 -21.53 -60.03 -88.03
CA LEU MA 160 -22.76 -60.46 -87.39
C LEU MA 160 -23.77 -60.96 -88.41
N GLU MA 161 -23.97 -60.21 -89.50
CA GLU MA 161 -24.98 -60.60 -90.48
C GLU MA 161 -24.58 -61.83 -91.30
N GLY MA 162 -23.27 -62.07 -91.45
CA GLY MA 162 -22.86 -63.18 -92.29
C GLY MA 162 -21.98 -64.22 -91.63
N THR MA 163 -20.84 -63.80 -91.08
CA THR MA 163 -19.87 -64.76 -90.57
C THR MA 163 -20.41 -65.52 -89.36
N CYS MA 164 -21.04 -64.83 -88.41
CA CYS MA 164 -21.59 -65.52 -87.26
C CYS MA 164 -22.71 -66.47 -87.69
N VAL MA 165 -23.64 -65.99 -88.50
CA VAL MA 165 -24.80 -66.78 -88.88
C VAL MA 165 -24.37 -68.08 -89.54
N GLU MA 166 -23.33 -68.01 -90.38
CA GLU MA 166 -22.82 -69.22 -91.02
C GLU MA 166 -22.23 -70.18 -89.99
N TRP MA 167 -21.44 -69.64 -89.06
CA TRP MA 167 -20.80 -70.47 -88.05
C TRP MA 167 -21.77 -70.92 -86.95
N LEU MA 168 -22.75 -70.08 -86.60
CA LEU MA 168 -23.74 -70.50 -85.62
C LEU MA 168 -24.57 -71.67 -86.13
N ARG MA 169 -24.99 -71.63 -87.39
CA ARG MA 169 -25.73 -72.76 -87.96
C ARG MA 169 -24.88 -74.02 -87.99
N ARG MA 170 -23.60 -73.91 -88.36
CA ARG MA 170 -22.75 -75.10 -88.37
C ARG MA 170 -22.64 -75.69 -86.96
N TYR MA 171 -22.53 -74.82 -85.95
CA TYR MA 171 -22.46 -75.31 -84.58
C TYR MA 171 -23.74 -76.03 -84.18
N LEU MA 172 -24.89 -75.50 -84.60
CA LEU MA 172 -26.15 -76.17 -84.26
C LEU MA 172 -26.18 -77.55 -84.90
N GLU MA 173 -25.76 -77.62 -86.17
CA GLU MA 173 -25.70 -78.91 -86.87
C GLU MA 173 -24.61 -79.79 -86.29
N ASN MA 174 -23.46 -79.20 -85.93
CA ASN MA 174 -22.34 -79.97 -85.40
C ASN MA 174 -22.65 -80.54 -84.02
N GLY MA 175 -23.44 -79.83 -83.22
CA GLY MA 175 -23.82 -80.31 -81.91
C GLY MA 175 -25.32 -80.50 -81.79
N LYS MA 176 -25.89 -81.15 -82.80
CA LYS MA 176 -27.34 -81.31 -82.85
C LYS MA 176 -27.86 -82.11 -81.65
N GLU MA 177 -27.11 -83.12 -81.22
CA GLU MA 177 -27.57 -83.92 -80.10
C GLU MA 177 -27.44 -83.18 -78.77
N THR MA 178 -26.44 -82.31 -78.64
CA THR MA 178 -26.13 -81.70 -77.35
C THR MA 178 -26.84 -80.38 -77.12
N LEU MA 179 -26.94 -79.52 -78.14
CA LEU MA 179 -27.49 -78.17 -77.98
C LEU MA 179 -28.79 -77.91 -78.74
N GLN MA 180 -29.21 -78.80 -79.63
CA GLN MA 180 -30.51 -78.65 -80.27
C GLN MA 180 -31.60 -79.39 -79.53
N ARG MA 181 -31.24 -80.05 -78.43
CA ARG MA 181 -32.19 -80.69 -77.53
C ARG MA 181 -32.86 -79.68 -76.62
N THR MA 182 -34.06 -80.05 -76.16
CA THR MA 182 -34.77 -79.30 -75.13
C THR MA 182 -35.22 -80.31 -74.08
N ASP MA 183 -34.92 -80.03 -72.82
CA ASP MA 183 -35.19 -80.94 -71.71
C ASP MA 183 -36.30 -80.39 -70.81
N ALA MA 184 -37.37 -81.15 -70.67
CA ALA MA 184 -38.48 -80.74 -69.83
C ALA MA 184 -38.11 -80.83 -68.35
N PRO MA 185 -38.63 -79.92 -67.53
CA PRO MA 185 -38.28 -79.89 -66.11
C PRO MA 185 -38.77 -81.10 -65.34
N LYS MA 186 -38.06 -81.38 -64.25
CA LYS MA 186 -38.44 -82.43 -63.30
C LYS MA 186 -39.07 -81.72 -62.10
N THR MA 187 -40.40 -81.81 -62.01
CA THR MA 187 -41.17 -80.98 -61.10
C THR MA 187 -41.61 -81.74 -59.86
N HIS MA 188 -41.62 -81.05 -58.72
CA HIS MA 188 -42.18 -81.57 -57.48
C HIS MA 188 -42.50 -80.40 -56.58
N MET MA 189 -43.25 -80.68 -55.52
CA MET MA 189 -43.77 -79.65 -54.62
C MET MA 189 -43.45 -80.03 -53.18
N THR MA 190 -43.14 -79.03 -52.36
CA THR MA 190 -42.78 -79.24 -50.96
C THR MA 190 -43.63 -78.37 -50.05
N HIS MA 191 -43.76 -78.83 -48.81
CA HIS MA 191 -44.57 -78.18 -47.79
C HIS MA 191 -43.69 -77.84 -46.59
N HIS MA 192 -43.76 -76.59 -46.15
CA HIS MA 192 -43.00 -76.10 -44.99
C HIS MA 192 -43.97 -75.39 -44.07
N ALA MA 193 -43.91 -75.68 -42.77
CA ALA MA 193 -44.83 -75.09 -41.82
C ALA MA 193 -44.08 -74.01 -41.06
N VAL MA 194 -44.41 -72.76 -41.36
CA VAL MA 194 -43.83 -71.60 -40.66
C VAL MA 194 -44.35 -71.51 -39.24
N SER MA 195 -45.66 -71.67 -39.06
CA SER MA 195 -46.31 -71.49 -37.77
C SER MA 195 -47.53 -72.39 -37.70
N ASP MA 196 -48.26 -72.27 -36.59
CA ASP MA 196 -49.45 -73.09 -36.37
C ASP MA 196 -50.56 -72.84 -37.38
N HIS MA 197 -50.61 -71.68 -38.01
CA HIS MA 197 -51.76 -71.32 -38.83
C HIS MA 197 -51.46 -71.01 -40.29
N GLU MA 198 -50.21 -70.73 -40.67
CA GLU MA 198 -49.92 -70.42 -42.06
C GLU MA 198 -48.63 -71.14 -42.46
N ALA MA 199 -48.62 -71.61 -43.69
CA ALA MA 199 -47.52 -72.38 -44.24
C ALA MA 199 -47.07 -71.81 -45.58
N THR MA 200 -45.86 -72.18 -45.96
CA THR MA 200 -45.26 -71.78 -47.22
C THR MA 200 -45.25 -72.98 -48.16
N LEU MA 201 -45.65 -72.75 -49.41
CA LEU MA 201 -45.65 -73.80 -50.42
C LEU MA 201 -44.56 -73.50 -51.43
N ARG MA 202 -43.80 -74.53 -51.80
CA ARG MA 202 -42.66 -74.36 -52.70
C ARG MA 202 -42.88 -75.18 -53.97
N CYS MA 203 -42.74 -74.54 -55.12
CA CYS MA 203 -42.84 -75.16 -56.43
C CYS MA 203 -41.44 -75.26 -57.02
N TRP MA 204 -41.03 -76.48 -57.39
CA TRP MA 204 -39.67 -76.73 -57.86
C TRP MA 204 -39.66 -77.15 -59.33
N ALA MA 205 -38.73 -76.56 -60.09
CA ALA MA 205 -38.43 -76.99 -61.45
C ALA MA 205 -36.93 -77.24 -61.55
N LEU MA 206 -36.54 -78.42 -62.02
CA LEU MA 206 -35.14 -78.82 -62.04
C LEU MA 206 -34.82 -79.56 -63.32
N SER MA 207 -33.53 -79.56 -63.65
CA SER MA 207 -32.97 -80.33 -64.77
C SER MA 207 -33.67 -80.03 -66.09
N PHE MA 208 -33.75 -78.75 -66.43
CA PHE MA 208 -34.37 -78.32 -67.69
C PHE MA 208 -33.44 -77.39 -68.45
N TYR MA 209 -33.52 -77.47 -69.78
CA TYR MA 209 -32.79 -76.62 -70.70
C TYR MA 209 -33.68 -76.30 -71.89
N PRO MA 210 -33.72 -75.03 -72.34
CA PRO MA 210 -32.97 -73.83 -71.94
C PRO MA 210 -33.36 -73.25 -70.58
N ALA MA 211 -32.65 -72.19 -70.16
CA ALA MA 211 -32.84 -71.61 -68.84
C ALA MA 211 -34.19 -70.96 -68.68
N GLU MA 212 -34.75 -70.38 -69.75
CA GLU MA 212 -35.97 -69.60 -69.63
C GLU MA 212 -37.14 -70.50 -69.23
N ILE MA 213 -37.88 -70.07 -68.21
CA ILE MA 213 -39.04 -70.79 -67.72
C ILE MA 213 -39.95 -69.77 -67.03
N THR MA 214 -41.24 -70.10 -66.94
CA THR MA 214 -42.21 -69.24 -66.27
C THR MA 214 -42.91 -70.03 -65.18
N LEU MA 215 -42.91 -69.48 -63.97
CA LEU MA 215 -43.58 -70.09 -62.82
C LEU MA 215 -44.57 -69.08 -62.26
N THR MA 216 -45.83 -69.50 -62.12
CA THR MA 216 -46.87 -68.60 -61.66
C THR MA 216 -47.71 -69.27 -60.57
N TRP MA 217 -48.14 -68.47 -59.61
CA TRP MA 217 -48.98 -68.92 -58.51
C TRP MA 217 -50.37 -68.34 -58.68
N GLN MA 218 -51.38 -69.20 -58.60
CA GLN MA 218 -52.77 -68.79 -58.74
C GLN MA 218 -53.59 -69.31 -57.56
N ARG MA 219 -54.42 -68.44 -56.98
CA ARG MA 219 -55.36 -68.81 -55.94
C ARG MA 219 -56.74 -68.74 -56.58
N ASP MA 220 -57.39 -69.89 -56.72
CA ASP MA 220 -58.72 -70.00 -57.33
C ASP MA 220 -58.68 -69.62 -58.80
N GLY MA 221 -57.53 -69.78 -59.43
CA GLY MA 221 -57.33 -69.40 -60.82
C GLY MA 221 -56.98 -67.95 -61.10
N GLU MA 222 -56.46 -67.22 -60.13
CA GLU MA 222 -56.07 -65.82 -60.34
C GLU MA 222 -54.61 -65.67 -59.97
N ASP MA 223 -53.84 -65.03 -60.87
CA ASP MA 223 -52.42 -64.84 -60.65
C ASP MA 223 -52.13 -64.04 -59.39
N GLN MA 224 -51.30 -64.61 -58.52
CA GLN MA 224 -50.96 -64.03 -57.23
C GLN MA 224 -49.51 -63.56 -57.26
N THR MA 225 -49.30 -62.27 -56.98
CA THR MA 225 -47.98 -61.66 -57.03
C THR MA 225 -47.87 -60.68 -55.87
N GLN MA 226 -46.65 -60.15 -55.69
CA GLN MA 226 -46.27 -59.30 -54.57
C GLN MA 226 -46.26 -60.06 -53.24
N ASP MA 227 -46.96 -61.20 -53.17
CA ASP MA 227 -46.94 -62.05 -51.99
C ASP MA 227 -46.13 -63.33 -52.22
N THR MA 228 -45.41 -63.42 -53.34
CA THR MA 228 -44.65 -64.61 -53.69
C THR MA 228 -43.16 -64.29 -53.72
N GLU MA 229 -42.36 -65.33 -53.54
CA GLU MA 229 -40.91 -65.23 -53.65
C GLU MA 229 -40.47 -66.06 -54.84
N LEU MA 230 -39.60 -65.51 -55.69
CA LEU MA 230 -39.13 -66.20 -56.89
C LEU MA 230 -37.63 -66.00 -57.00
N VAL MA 231 -36.87 -67.03 -56.60
CA VAL MA 231 -35.42 -66.96 -56.65
C VAL MA 231 -34.93 -66.92 -58.09
N GLU MA 232 -33.76 -66.33 -58.28
CA GLU MA 232 -33.13 -66.29 -59.60
C GLU MA 232 -32.81 -67.69 -60.08
N THR MA 233 -32.94 -67.88 -61.39
CA THR MA 233 -32.68 -69.19 -61.99
C THR MA 233 -31.22 -69.58 -61.77
N ARG MA 234 -31.00 -70.84 -61.40
CA ARG MA 234 -29.66 -71.27 -61.03
C ARG MA 234 -29.18 -72.36 -61.97
N PRO MA 235 -27.90 -72.41 -62.27
CA PRO MA 235 -27.36 -73.52 -63.06
C PRO MA 235 -27.00 -74.70 -62.18
N ALA MA 236 -27.42 -75.90 -62.58
CA ALA MA 236 -27.10 -77.09 -61.80
C ALA MA 236 -25.64 -77.52 -61.93
N GLY MA 237 -24.98 -77.14 -63.02
CA GLY MA 237 -23.61 -77.54 -63.25
C GLY MA 237 -23.41 -78.66 -64.25
N ASP MA 238 -24.50 -79.25 -64.76
CA ASP MA 238 -24.41 -80.30 -65.78
C ASP MA 238 -25.07 -79.87 -67.09
N GLY MA 239 -25.25 -78.58 -67.29
CA GLY MA 239 -25.95 -78.08 -68.45
C GLY MA 239 -27.44 -77.91 -68.25
N THR MA 240 -27.95 -78.15 -67.05
CA THR MA 240 -29.35 -77.95 -66.73
C THR MA 240 -29.50 -76.84 -65.70
N PHE MA 241 -30.71 -76.29 -65.61
CA PHE MA 241 -30.97 -75.16 -64.74
C PHE MA 241 -32.07 -75.49 -63.73
N GLN MA 242 -32.23 -74.59 -62.75
CA GLN MA 242 -33.20 -74.76 -61.68
C GLN MA 242 -33.82 -73.42 -61.33
N LYS MA 243 -35.08 -73.46 -60.87
CA LYS MA 243 -35.78 -72.28 -60.40
C LYS MA 243 -36.94 -72.74 -59.55
N TRP MA 244 -37.32 -71.92 -58.57
CA TRP MA 244 -38.47 -72.26 -57.74
C TRP MA 244 -39.20 -71.01 -57.31
N ALA MA 245 -40.50 -71.17 -57.03
CA ALA MA 245 -41.37 -70.10 -56.57
C ALA MA 245 -42.13 -70.55 -55.34
N ALA MA 246 -42.32 -69.62 -54.39
CA ALA MA 246 -42.97 -69.91 -53.13
C ALA MA 246 -44.00 -68.84 -52.82
N VAL MA 247 -45.06 -69.24 -52.12
CA VAL MA 247 -46.14 -68.35 -51.70
C VAL MA 247 -46.55 -68.74 -50.28
N VAL MA 248 -46.89 -67.74 -49.47
CA VAL MA 248 -47.36 -67.98 -48.11
C VAL MA 248 -48.88 -68.08 -48.13
N VAL MA 249 -49.40 -69.18 -47.61
CA VAL MA 249 -50.84 -69.46 -47.65
C VAL MA 249 -51.35 -69.81 -46.25
N PRO MA 250 -52.52 -69.31 -45.85
CA PRO MA 250 -53.10 -69.75 -44.59
C PRO MA 250 -53.59 -71.19 -44.66
N SER MA 251 -53.51 -71.88 -43.53
CA SER MA 251 -53.84 -73.30 -43.46
C SER MA 251 -55.29 -73.55 -43.90
N GLY MA 252 -55.50 -74.68 -44.56
CA GLY MA 252 -56.81 -75.07 -45.05
C GLY MA 252 -57.19 -74.51 -46.40
N GLN MA 253 -56.40 -73.60 -46.97
CA GLN MA 253 -56.67 -73.06 -48.29
C GLN MA 253 -55.67 -73.58 -49.33
N GLU MA 254 -54.90 -74.60 -48.97
CA GLU MA 254 -53.90 -75.15 -49.87
C GLU MA 254 -54.53 -75.70 -51.14
N GLN MA 255 -55.71 -76.33 -51.01
CA GLN MA 255 -56.42 -76.90 -52.15
C GLN MA 255 -56.87 -75.86 -53.16
N ARG MA 256 -56.74 -74.57 -52.84
CA ARG MA 256 -57.17 -73.49 -53.71
C ARG MA 256 -56.05 -72.94 -54.58
N TYR MA 257 -54.80 -73.34 -54.34
CA TYR MA 257 -53.65 -72.81 -55.06
C TYR MA 257 -53.14 -73.82 -56.09
N THR MA 258 -52.59 -73.29 -57.17
CA THR MA 258 -52.08 -74.08 -58.28
C THR MA 258 -50.76 -73.50 -58.77
N CYS MA 259 -49.84 -74.37 -59.13
CA CYS MA 259 -48.55 -73.98 -59.68
C CYS MA 259 -48.54 -74.27 -61.17
N HIS MA 260 -48.13 -73.28 -61.96
CA HIS MA 260 -48.12 -73.37 -63.41
C HIS MA 260 -46.71 -73.26 -63.93
N VAL MA 261 -46.29 -74.24 -64.74
CA VAL MA 261 -44.94 -74.31 -65.27
C VAL MA 261 -45.04 -74.15 -66.78
N GLN MA 262 -44.50 -73.04 -67.30
CA GLN MA 262 -44.43 -72.79 -68.73
C GLN MA 262 -42.98 -72.90 -69.18
N HIS MA 263 -42.70 -73.86 -70.06
CA HIS MA 263 -41.36 -74.07 -70.57
C HIS MA 263 -41.44 -74.60 -71.99
N GLU MA 264 -40.37 -74.36 -72.76
CA GLU MA 264 -40.31 -74.83 -74.14
C GLU MA 264 -40.31 -76.35 -74.23
N GLY MA 265 -39.74 -77.02 -73.23
CA GLY MA 265 -39.71 -78.48 -73.23
C GLY MA 265 -41.06 -79.12 -73.03
N LEU MA 266 -42.00 -78.38 -72.46
CA LEU MA 266 -43.33 -78.92 -72.20
C LEU MA 266 -44.24 -78.47 -73.33
N PRO MA 267 -44.85 -79.38 -74.08
CA PRO MA 267 -45.82 -78.95 -75.10
C PRO MA 267 -47.06 -78.32 -74.52
N LYS MA 268 -47.37 -78.61 -73.25
CA LYS MA 268 -48.50 -78.04 -72.55
C LYS MA 268 -48.05 -77.49 -71.20
N PRO MA 269 -48.51 -76.30 -70.83
CA PRO MA 269 -48.14 -75.75 -69.51
C PRO MA 269 -48.62 -76.64 -68.38
N LEU MA 270 -47.70 -77.02 -67.51
CA LEU MA 270 -48.02 -77.96 -66.44
C LEU MA 270 -48.72 -77.25 -65.28
N THR MA 271 -49.61 -77.99 -64.63
CA THR MA 271 -50.32 -77.50 -63.45
C THR MA 271 -50.04 -78.44 -62.29
N LEU MA 272 -49.70 -77.88 -61.13
CA LEU MA 272 -49.38 -78.65 -59.93
C LEU MA 272 -50.29 -78.22 -58.80
N ARG MA 273 -50.99 -79.18 -58.20
CA ARG MA 273 -51.82 -78.94 -57.04
C ARG MA 273 -51.28 -79.74 -55.85
N TRP MA 274 -51.69 -79.34 -54.65
CA TRP MA 274 -51.19 -79.91 -53.40
C TRP MA 274 -52.18 -80.95 -52.89
N GLU MA 275 -51.75 -82.20 -52.86
CA GLU MA 275 -52.58 -83.32 -52.42
C GLU MA 275 -51.72 -84.54 -52.11
N MET NA 1 -17.09 -45.47 -60.61
CA MET NA 1 -17.01 -46.93 -60.50
C MET NA 1 -18.23 -47.48 -59.78
N ILE NA 2 -18.82 -48.52 -60.37
CA ILE NA 2 -20.02 -49.14 -59.81
C ILE NA 2 -19.63 -50.42 -59.09
N GLN NA 3 -20.23 -50.64 -57.93
CA GLN NA 3 -19.99 -51.83 -57.11
C GLN NA 3 -21.33 -52.46 -56.77
N ARG NA 4 -21.43 -53.76 -56.96
CA ARG NA 4 -22.64 -54.51 -56.69
C ARG NA 4 -22.33 -55.62 -55.70
N THR NA 5 -23.18 -55.74 -54.69
CA THR NA 5 -22.95 -56.78 -53.70
C THR NA 5 -23.46 -58.12 -54.23
N PRO NA 6 -22.76 -59.22 -53.96
CA PRO NA 6 -23.11 -60.47 -54.63
C PRO NA 6 -24.39 -61.08 -54.06
N LYS NA 7 -25.09 -61.80 -54.92
CA LYS NA 7 -26.24 -62.58 -54.51
C LYS NA 7 -25.77 -64.02 -54.37
N ILE NA 8 -26.15 -64.66 -53.26
CA ILE NA 8 -25.62 -65.98 -52.93
C ILE NA 8 -26.77 -66.96 -52.91
N GLN NA 9 -26.61 -68.08 -53.63
CA GLN NA 9 -27.55 -69.18 -53.59
C GLN NA 9 -26.73 -70.46 -53.43
N VAL NA 10 -26.86 -71.10 -52.28
CA VAL NA 10 -26.21 -72.37 -51.99
C VAL NA 10 -27.27 -73.46 -52.06
N TYR NA 11 -26.99 -74.50 -52.81
CA TYR NA 11 -27.97 -75.54 -53.09
C TYR NA 11 -27.23 -76.81 -53.49
N SER NA 12 -27.98 -77.77 -54.02
CA SER NA 12 -27.44 -79.04 -54.47
C SER NA 12 -27.86 -79.23 -55.93
N ARG NA 13 -27.04 -79.96 -56.68
CA ARG NA 13 -27.35 -80.20 -58.09
C ARG NA 13 -28.63 -81.01 -58.24
N HIS NA 14 -28.84 -81.98 -57.37
CA HIS NA 14 -30.00 -82.87 -57.40
C HIS NA 14 -30.70 -82.80 -56.05
N PRO NA 15 -31.96 -83.25 -55.96
CA PRO NA 15 -32.62 -83.31 -54.66
C PRO NA 15 -31.83 -84.16 -53.67
N ALA NA 16 -31.62 -83.60 -52.48
CA ALA NA 16 -30.70 -84.17 -51.50
C ALA NA 16 -31.26 -85.45 -50.91
N GLU NA 17 -30.85 -86.59 -51.46
CA GLU NA 17 -31.11 -87.90 -50.86
C GLU NA 17 -29.87 -88.30 -50.07
N ASN NA 18 -30.08 -88.72 -48.82
CA ASN NA 18 -28.96 -89.03 -47.94
C ASN NA 18 -28.26 -90.33 -48.34
N GLY NA 19 -26.93 -90.30 -48.27
CA GLY NA 19 -26.11 -91.45 -48.62
C GLY NA 19 -25.91 -91.70 -50.10
N LYS NA 20 -26.08 -90.69 -50.93
CA LYS NA 20 -25.90 -90.82 -52.38
C LYS NA 20 -25.03 -89.68 -52.87
N SER NA 21 -24.39 -89.89 -54.02
CA SER NA 21 -23.47 -88.91 -54.56
C SER NA 21 -24.20 -87.69 -55.11
N ASN NA 22 -23.72 -86.51 -54.76
CA ASN NA 22 -24.32 -85.27 -55.19
C ASN NA 22 -23.25 -84.19 -55.27
N PHE NA 23 -23.64 -83.02 -55.76
CA PHE NA 23 -22.78 -81.85 -55.87
C PHE NA 23 -23.35 -80.70 -55.05
N LEU NA 24 -22.47 -80.04 -54.30
CA LEU NA 24 -22.84 -78.86 -53.54
C LEU NA 24 -22.47 -77.68 -54.40
N ASN NA 25 -23.40 -76.75 -54.57
CA ASN NA 25 -23.21 -75.63 -55.48
C ASN NA 25 -23.31 -74.31 -54.75
N CYS NA 26 -22.44 -73.38 -55.12
CA CYS NA 26 -22.54 -71.99 -54.73
C CYS NA 26 -22.61 -71.15 -55.99
N TYR NA 27 -23.68 -70.38 -56.14
CA TYR NA 27 -23.86 -69.55 -57.32
C TYR NA 27 -23.85 -68.11 -56.83
N VAL NA 28 -22.76 -67.41 -57.11
CA VAL NA 28 -22.60 -66.01 -56.76
C VAL NA 28 -22.82 -65.19 -58.02
N SER NA 29 -23.62 -64.13 -57.90
CA SER NA 29 -23.99 -63.31 -59.04
C SER NA 29 -24.25 -61.90 -58.53
N GLY NA 30 -24.44 -60.99 -59.49
CA GLY NA 30 -24.72 -59.61 -59.16
C GLY NA 30 -23.62 -58.92 -58.38
N PHE NA 31 -22.36 -59.15 -58.74
CA PHE NA 31 -21.25 -58.49 -58.05
C PHE NA 31 -20.29 -57.87 -59.05
N HIS NA 32 -19.64 -56.79 -58.62
CA HIS NA 32 -18.60 -56.09 -59.36
C HIS NA 32 -17.69 -55.41 -58.34
N PRO NA 33 -16.37 -55.43 -58.56
CA PRO NA 33 -15.55 -55.97 -59.64
C PRO NA 33 -15.31 -57.48 -59.58
N SER NA 34 -14.38 -57.97 -60.40
CA SER NA 34 -14.19 -59.40 -60.59
C SER NA 34 -13.54 -60.06 -59.38
N ASP NA 35 -12.76 -59.31 -58.60
CA ASP NA 35 -12.02 -59.90 -57.48
C ASP NA 35 -12.98 -60.40 -56.41
N ILE NA 36 -12.95 -61.70 -56.14
CA ILE NA 36 -13.84 -62.32 -55.17
C ILE NA 36 -13.15 -63.52 -54.53
N GLU NA 37 -13.47 -63.77 -53.25
CA GLU NA 37 -12.94 -64.89 -52.50
C GLU NA 37 -14.12 -65.77 -52.09
N VAL NA 38 -14.10 -67.02 -52.54
CA VAL NA 38 -15.19 -67.97 -52.31
C VAL NA 38 -14.61 -69.26 -51.77
N ASP NA 39 -15.14 -69.73 -50.64
CA ASP NA 39 -14.70 -70.98 -50.04
C ASP NA 39 -15.92 -71.86 -49.80
N LEU NA 40 -15.72 -73.16 -49.94
CA LEU NA 40 -16.74 -74.15 -49.62
C LEU NA 40 -16.36 -74.82 -48.31
N LEU NA 41 -17.30 -74.88 -47.37
CA LEU NA 41 -17.03 -75.35 -46.02
C LEU NA 41 -17.85 -76.59 -45.72
N LYS NA 42 -17.25 -77.52 -44.99
CA LYS NA 42 -17.92 -78.71 -44.46
C LYS NA 42 -17.73 -78.65 -42.96
N ASN NA 43 -18.81 -78.31 -42.24
CA ASN NA 43 -18.80 -78.15 -40.79
C ASN NA 43 -17.84 -77.05 -40.36
N GLY NA 44 -17.69 -76.01 -41.19
CA GLY NA 44 -16.79 -74.91 -40.92
C GLY NA 44 -15.35 -75.09 -41.35
N GLU NA 45 -15.02 -76.21 -41.99
CA GLU NA 45 -13.67 -76.50 -42.44
C GLU NA 45 -13.60 -76.36 -43.95
N ARG NA 46 -12.53 -75.74 -44.44
CA ARG NA 46 -12.41 -75.51 -45.87
C ARG NA 46 -12.15 -76.81 -46.63
N ILE NA 47 -12.84 -76.96 -47.75
CA ILE NA 47 -12.72 -78.12 -48.63
C ILE NA 47 -11.62 -77.87 -49.65
N GLU NA 48 -10.77 -78.87 -49.86
CA GLU NA 48 -9.57 -78.66 -50.67
C GLU NA 48 -9.91 -78.55 -52.15
N LYS NA 49 -10.75 -79.46 -52.66
CA LYS NA 49 -11.07 -79.52 -54.07
C LYS NA 49 -12.39 -78.79 -54.28
N VAL NA 50 -12.29 -77.56 -54.79
CA VAL NA 50 -13.44 -76.75 -55.14
C VAL NA 50 -13.19 -76.22 -56.55
N GLU NA 51 -13.90 -76.78 -57.53
CA GLU NA 51 -13.78 -76.29 -58.88
C GLU NA 51 -14.68 -75.07 -59.06
N HIS NA 52 -14.45 -74.35 -60.16
CA HIS NA 52 -15.26 -73.17 -60.45
C HIS NA 52 -15.37 -73.00 -61.96
N SER NA 53 -16.33 -72.19 -62.37
CA SER NA 53 -16.59 -71.92 -63.76
C SER NA 53 -15.68 -70.80 -64.27
N ASP NA 54 -15.75 -70.57 -65.58
CA ASP NA 54 -14.96 -69.52 -66.20
C ASP NA 54 -15.66 -68.17 -65.99
N LEU NA 55 -14.86 -67.14 -65.69
CA LEU NA 55 -15.42 -65.84 -65.36
C LEU NA 55 -16.28 -65.33 -66.50
N SER NA 56 -17.53 -64.99 -66.18
CA SER NA 56 -18.48 -64.44 -67.14
C SER NA 56 -19.27 -63.33 -66.46
N PHE NA 57 -20.13 -62.68 -67.24
CA PHE NA 57 -20.92 -61.57 -66.71
C PHE NA 57 -22.30 -61.55 -67.37
N SER NA 58 -23.22 -60.85 -66.72
CA SER NA 58 -24.61 -60.77 -67.16
C SER NA 58 -24.82 -59.54 -68.03
N LYS NA 59 -26.09 -59.19 -68.27
CA LYS NA 59 -26.42 -58.08 -69.17
C LYS NA 59 -26.01 -56.73 -68.58
N ASP NA 60 -26.19 -56.55 -67.28
CA ASP NA 60 -25.84 -55.31 -66.58
C ASP NA 60 -24.34 -55.22 -66.27
N TRP NA 61 -23.51 -56.05 -66.91
CA TRP NA 61 -22.05 -56.09 -66.76
C TRP NA 61 -21.67 -56.74 -65.43
N SER NA 62 -22.65 -57.26 -64.70
CA SER NA 62 -22.39 -57.91 -63.42
C SER NA 62 -21.89 -59.33 -63.62
N PHE NA 63 -21.01 -59.75 -62.72
CA PHE NA 63 -20.33 -61.04 -62.83
C PHE NA 63 -21.10 -62.14 -62.10
N TYR NA 64 -20.98 -63.37 -62.59
CA TYR NA 64 -21.59 -64.54 -61.97
C TYR NA 64 -20.62 -65.71 -62.04
N LEU NA 65 -20.57 -66.50 -60.97
CA LEU NA 65 -19.66 -67.63 -60.84
C LEU NA 65 -20.39 -68.81 -60.20
N LEU NA 66 -19.95 -70.02 -60.55
CA LEU NA 66 -20.50 -71.26 -60.00
C LEU NA 66 -19.38 -72.10 -59.38
N TYR NA 67 -19.44 -72.29 -58.07
CA TYR NA 67 -18.47 -73.11 -57.35
C TYR NA 67 -19.13 -74.45 -57.00
N TYR NA 68 -18.42 -75.56 -57.25
CA TYR NA 68 -19.03 -76.86 -57.02
C TYR NA 68 -18.00 -77.90 -56.59
N THR NA 69 -18.47 -78.91 -55.87
CA THR NA 69 -17.67 -80.06 -55.48
C THR NA 69 -18.58 -81.26 -55.26
N GLU NA 70 -18.00 -82.46 -55.33
CA GLU NA 70 -18.75 -83.69 -55.07
C GLU NA 70 -18.81 -83.95 -53.57
N PHE NA 71 -19.96 -84.45 -53.11
CA PHE NA 71 -20.10 -84.75 -51.69
C PHE NA 71 -21.22 -85.76 -51.50
N THR NA 72 -21.25 -86.37 -50.31
CA THR NA 72 -22.34 -87.27 -49.93
C THR NA 72 -23.06 -86.64 -48.75
N PRO NA 73 -24.32 -86.24 -48.90
CA PRO NA 73 -25.03 -85.56 -47.82
C PRO NA 73 -25.46 -86.49 -46.70
N THR NA 74 -25.35 -85.97 -45.46
CA THR NA 74 -25.72 -86.68 -44.24
C THR NA 74 -26.54 -85.70 -43.41
N GLU NA 75 -27.54 -86.19 -42.70
CA GLU NA 75 -28.40 -85.30 -41.91
C GLU NA 75 -27.59 -84.51 -40.89
N LYS NA 76 -26.57 -85.11 -40.31
CA LYS NA 76 -25.80 -84.43 -39.27
C LYS NA 76 -24.93 -83.34 -39.85
N ASP NA 77 -24.38 -83.56 -41.04
CA ASP NA 77 -23.39 -82.66 -41.60
C ASP NA 77 -24.01 -81.31 -41.93
N GLU NA 78 -23.18 -80.26 -41.84
CA GLU NA 78 -23.60 -78.91 -42.21
C GLU NA 78 -22.72 -78.43 -43.36
N TYR NA 79 -23.32 -77.69 -44.29
CA TYR NA 79 -22.60 -77.16 -45.43
C TYR NA 79 -22.96 -75.69 -45.59
N ALA NA 80 -22.04 -74.91 -46.16
CA ALA NA 80 -22.27 -73.48 -46.31
C ALA NA 80 -21.33 -72.92 -47.36
N CYS NA 81 -21.55 -71.66 -47.72
CA CYS NA 81 -20.69 -70.91 -48.63
C CYS NA 81 -20.23 -69.64 -47.94
N ARG NA 82 -18.92 -69.39 -47.96
CA ARG NA 82 -18.36 -68.17 -47.40
C ARG NA 82 -17.79 -67.29 -48.52
N VAL NA 83 -18.35 -66.11 -48.69
CA VAL NA 83 -17.96 -65.19 -49.75
C VAL NA 83 -17.55 -63.86 -49.13
N ASN NA 84 -16.34 -63.40 -49.45
CA ASN NA 84 -15.86 -62.11 -48.99
C ASN NA 84 -15.61 -61.20 -50.19
N HIS NA 85 -16.02 -59.93 -50.07
CA HIS NA 85 -15.91 -58.97 -51.15
C HIS NA 85 -15.70 -57.59 -50.56
N VAL NA 86 -15.23 -56.66 -51.40
CA VAL NA 86 -14.97 -55.30 -50.96
C VAL NA 86 -16.25 -54.62 -50.49
N THR NA 87 -17.38 -54.95 -51.12
CA THR NA 87 -18.64 -54.35 -50.70
C THR NA 87 -19.09 -54.87 -49.33
N LEU NA 88 -18.54 -55.99 -48.88
CA LEU NA 88 -18.95 -56.61 -47.63
C LEU NA 88 -18.05 -56.12 -46.49
N SER NA 89 -18.67 -55.59 -45.44
CA SER NA 89 -17.90 -55.15 -44.27
C SER NA 89 -17.21 -56.33 -43.60
N GLN NA 90 -17.87 -57.48 -43.56
CA GLN NA 90 -17.34 -58.71 -42.99
C GLN NA 90 -17.66 -59.84 -43.94
N PRO NA 91 -16.88 -60.92 -43.93
CA PRO NA 91 -17.17 -62.05 -44.81
C PRO NA 91 -18.55 -62.63 -44.55
N LYS NA 92 -19.36 -62.72 -45.61
CA LYS NA 92 -20.73 -63.22 -45.51
C LYS NA 92 -20.79 -64.72 -45.74
N ILE NA 93 -21.45 -65.43 -44.82
CA ILE NA 93 -21.63 -66.88 -44.90
C ILE NA 93 -23.11 -67.19 -45.10
N VAL NA 94 -23.42 -68.09 -46.05
CA VAL NA 94 -24.78 -68.53 -46.32
C VAL NA 94 -24.80 -70.05 -46.17
N LYS NA 95 -25.63 -70.54 -45.26
CA LYS NA 95 -25.72 -71.98 -44.98
C LYS NA 95 -26.61 -72.70 -45.99
N TRP NA 96 -26.35 -73.99 -46.16
CA TRP NA 96 -27.07 -74.81 -47.13
C TRP NA 96 -28.34 -75.36 -46.50
N ASP NA 97 -29.48 -75.10 -47.15
CA ASP NA 97 -30.75 -75.67 -46.76
C ASP NA 97 -31.20 -76.64 -47.86
N ARG NA 98 -31.35 -77.91 -47.48
CA ARG NA 98 -31.73 -78.93 -48.45
C ARG NA 98 -33.15 -78.73 -48.96
N ASP NA 99 -33.96 -77.95 -48.25
CA ASP NA 99 -35.31 -77.61 -48.64
C ASP NA 99 -35.38 -76.33 -49.46
N MET NA 100 -34.24 -75.71 -49.74
CA MET NA 100 -34.21 -74.48 -50.55
C MET NA 100 -33.11 -74.54 -51.60
N GLY OA 1 29.83 -45.98 -36.96
CA GLY OA 1 29.88 -45.00 -35.88
C GLY OA 1 28.62 -44.95 -35.03
N SER OA 2 28.11 -43.75 -34.72
CA SER OA 2 26.91 -43.61 -33.90
C SER OA 2 25.64 -43.59 -34.77
N HIS OA 3 24.62 -44.31 -34.30
CA HIS OA 3 23.35 -44.41 -34.99
C HIS OA 3 22.23 -43.88 -34.11
N SER OA 4 21.12 -43.50 -34.73
CA SER OA 4 19.99 -42.97 -33.97
C SER OA 4 18.70 -43.35 -34.67
N MET OA 5 17.63 -43.45 -33.87
CA MET OA 5 16.28 -43.61 -34.37
C MET OA 5 15.40 -42.52 -33.79
N ARG OA 6 14.68 -41.80 -34.64
CA ARG OA 6 13.87 -40.67 -34.22
C ARG OA 6 12.49 -40.71 -34.86
N TYR OA 7 11.49 -40.28 -34.09
CA TYR OA 7 10.12 -40.14 -34.56
C TYR OA 7 9.71 -38.68 -34.42
N PHE OA 8 9.13 -38.13 -35.48
CA PHE OA 8 8.70 -36.73 -35.51
C PHE OA 8 7.20 -36.71 -35.73
N PHE OA 9 6.48 -36.04 -34.83
CA PHE OA 9 5.03 -35.93 -34.87
C PHE OA 9 4.65 -34.47 -35.02
N THR OA 10 3.73 -34.19 -35.94
CA THR OA 10 3.20 -32.85 -36.14
C THR OA 10 1.69 -32.93 -36.20
N SER OA 11 1.02 -32.09 -35.40
CA SER OA 11 -0.44 -32.02 -35.38
C SER OA 11 -0.84 -30.56 -35.54
N VAL OA 12 -1.62 -30.28 -36.59
CA VAL OA 12 -2.08 -28.92 -36.90
C VAL OA 12 -3.61 -28.93 -36.88
N SER OA 13 -4.19 -27.95 -36.20
CA SER OA 13 -5.63 -27.87 -36.04
C SER OA 13 -6.29 -27.00 -37.11
N ARG OA 14 -7.35 -27.52 -37.73
CA ARG OA 14 -8.14 -26.78 -38.71
C ARG OA 14 -9.49 -26.42 -38.09
N PRO OA 15 -9.69 -25.16 -37.71
CA PRO OA 15 -10.88 -24.72 -36.95
C PRO OA 15 -12.14 -24.61 -37.79
N GLY OA 16 -13.17 -25.39 -37.43
CA GLY OA 16 -14.36 -25.64 -38.22
C GLY OA 16 -14.27 -26.13 -39.65
N ARG OA 17 -13.07 -26.23 -40.22
CA ARG OA 17 -12.88 -26.86 -41.51
C ARG OA 17 -12.56 -28.35 -41.37
N GLY OA 18 -12.87 -28.95 -40.22
CA GLY OA 18 -12.69 -30.36 -39.98
C GLY OA 18 -11.91 -30.67 -38.72
N GLU OA 19 -11.26 -31.83 -38.70
CA GLU OA 19 -10.49 -32.26 -37.55
C GLU OA 19 -9.05 -31.79 -37.70
N PRO OA 20 -8.20 -31.96 -36.68
CA PRO OA 20 -6.81 -31.52 -36.84
C PRO OA 20 -5.98 -32.50 -37.67
N ARG OA 21 -5.08 -31.94 -38.48
CA ARG OA 21 -4.18 -32.73 -39.32
C ARG OA 21 -3.01 -33.26 -38.49
N PHE OA 22 -2.72 -34.55 -38.62
CA PHE OA 22 -1.65 -35.19 -37.86
C PHE OA 22 -0.73 -35.91 -38.83
N ILE OA 23 0.57 -35.58 -38.78
CA ILE OA 23 1.58 -36.22 -39.61
C ILE OA 23 2.62 -36.87 -38.70
N ALA OA 24 2.98 -38.12 -39.00
CA ALA OA 24 3.98 -38.87 -38.27
C ALA OA 24 4.99 -39.46 -39.23
N VAL OA 25 6.28 -39.29 -38.93
CA VAL OA 25 7.37 -39.81 -39.75
C VAL OA 25 8.42 -40.44 -38.83
N GLY OA 26 9.05 -41.50 -39.32
CA GLY OA 26 10.08 -42.18 -38.56
C GLY OA 26 11.40 -42.21 -39.30
N TYR OA 27 12.48 -41.91 -38.58
CA TYR OA 27 13.83 -41.85 -39.14
C TYR OA 27 14.79 -42.77 -38.40
N VAL OA 28 15.66 -43.43 -39.16
CA VAL OA 28 16.86 -44.07 -38.64
C VAL OA 28 18.03 -43.37 -39.31
N ASP OA 29 18.84 -42.68 -38.51
CA ASP OA 29 19.92 -41.82 -39.01
C ASP OA 29 19.26 -40.75 -39.88
N ASP OA 30 19.59 -40.64 -41.16
CA ASP OA 30 18.98 -39.67 -42.05
C ASP OA 30 18.06 -40.32 -43.09
N THR OA 31 17.63 -41.55 -42.84
CA THR OA 31 16.77 -42.28 -43.76
C THR OA 31 15.37 -42.40 -43.17
N GLN OA 32 14.36 -42.05 -43.97
CA GLN OA 32 12.96 -42.15 -43.57
C GLN OA 32 12.40 -43.51 -43.98
N PHE OA 33 11.79 -44.23 -43.03
CA PHE OA 33 11.29 -45.58 -43.29
C PHE OA 33 9.81 -45.79 -43.04
N VAL OA 34 9.13 -44.91 -42.29
CA VAL OA 34 7.70 -45.07 -42.01
C VAL OA 34 7.03 -43.70 -42.00
N ARG OA 35 5.74 -43.69 -42.32
CA ARG OA 35 4.96 -42.46 -42.31
C ARG OA 35 3.50 -42.76 -42.04
N PHE OA 36 2.81 -41.74 -41.53
CA PHE OA 36 1.36 -41.77 -41.32
C PHE OA 36 0.82 -40.38 -41.62
N ASP OA 37 -0.24 -40.32 -42.42
CA ASP OA 37 -0.90 -39.06 -42.77
C ASP OA 37 -2.38 -39.16 -42.44
N SER OA 38 -2.91 -38.15 -41.75
CA SER OA 38 -4.32 -38.16 -41.41
C SER OA 38 -5.21 -38.00 -42.64
N ASP OA 39 -4.69 -37.37 -43.69
CA ASP OA 39 -5.45 -37.19 -44.93
C ASP OA 39 -5.10 -38.26 -45.96
N ALA OA 40 -4.34 -39.28 -45.58
CA ALA OA 40 -4.01 -40.37 -46.49
C ALA OA 40 -5.18 -41.35 -46.58
N ALA OA 41 -5.40 -41.87 -47.79
CA ALA OA 41 -6.49 -42.81 -48.01
C ALA OA 41 -6.27 -44.12 -47.26
N SER OA 42 -5.01 -44.56 -47.15
CA SER OA 42 -4.72 -45.83 -46.49
C SER OA 42 -5.14 -45.82 -45.02
N GLN OA 43 -4.89 -44.69 -44.33
CA GLN OA 43 -5.15 -44.56 -42.90
C GLN OA 43 -4.38 -45.60 -42.08
N ARG OA 44 -3.19 -45.96 -42.56
CA ARG OA 44 -2.35 -46.98 -41.95
C ARG OA 44 -0.94 -46.44 -41.92
N MET OA 45 -0.10 -47.06 -41.09
CA MET OA 45 1.32 -46.72 -41.10
C MET OA 45 1.96 -47.29 -42.35
N GLU OA 46 2.46 -46.42 -43.22
CA GLU OA 46 2.98 -46.84 -44.51
C GLU OA 46 4.50 -46.85 -44.50
N PRO OA 47 5.11 -47.74 -45.30
CA PRO OA 47 6.57 -47.77 -45.39
C PRO OA 47 7.12 -46.84 -46.45
N ARG OA 48 8.24 -46.19 -46.12
CA ARG OA 48 8.91 -45.29 -47.04
C ARG OA 48 10.30 -45.78 -47.45
N ALA OA 49 10.80 -46.86 -46.85
CA ALA OA 49 12.08 -47.44 -47.17
C ALA OA 49 11.92 -48.92 -47.46
N PRO OA 50 12.71 -49.46 -48.38
CA PRO OA 50 12.54 -50.88 -48.76
C PRO OA 50 12.83 -51.85 -47.62
N TRP OA 51 13.81 -51.53 -46.76
CA TRP OA 51 14.23 -52.48 -45.73
C TRP OA 51 13.17 -52.71 -44.66
N ILE OA 52 12.25 -51.77 -44.46
CA ILE OA 52 11.18 -51.97 -43.48
C ILE OA 52 10.07 -52.84 -44.06
N GLU OA 53 9.96 -52.95 -45.39
CA GLU OA 53 8.85 -53.69 -45.98
C GLU OA 53 8.86 -55.17 -45.61
N GLN OA 54 10.00 -55.77 -45.26
CA GLN OA 54 9.98 -57.19 -44.94
C GLN OA 54 9.43 -57.49 -43.55
N GLU OA 55 8.72 -56.56 -42.92
CA GLU OA 55 8.12 -56.84 -41.62
C GLU OA 55 6.76 -57.51 -41.81
N GLY OA 56 6.38 -58.32 -40.85
CA GLY OA 56 5.14 -59.05 -40.91
C GLY OA 56 3.92 -58.17 -40.73
N PRO OA 57 2.76 -58.66 -41.15
CA PRO OA 57 1.52 -57.88 -40.98
C PRO OA 57 1.17 -57.63 -39.54
N GLU OA 58 1.69 -58.44 -38.61
CA GLU OA 58 1.51 -58.17 -37.19
C GLU OA 58 2.17 -56.85 -36.81
N TYR OA 59 3.35 -56.58 -37.36
CA TYR OA 59 4.04 -55.32 -37.06
C TYR OA 59 3.23 -54.13 -37.54
N TRP OA 60 2.79 -54.16 -38.80
CA TRP OA 60 2.06 -53.02 -39.35
C TRP OA 60 0.75 -52.79 -38.61
N ASP OA 61 0.05 -53.87 -38.27
CA ASP OA 61 -1.20 -53.74 -37.52
C ASP OA 61 -0.95 -53.13 -36.14
N GLY OA 62 0.11 -53.57 -35.47
CA GLY OA 62 0.44 -53.00 -34.17
C GLY OA 62 0.91 -51.57 -34.23
N GLU OA 63 1.78 -51.26 -35.19
CA GLU OA 63 2.30 -49.89 -35.33
C GLU OA 63 1.20 -48.92 -35.71
N THR OA 64 0.27 -49.34 -36.57
CA THR OA 64 -0.88 -48.50 -36.92
C THR OA 64 -1.73 -48.21 -35.68
N ARG OA 65 -1.82 -49.19 -34.78
CA ARG OA 65 -2.62 -49.02 -33.57
C ARG OA 65 -2.06 -47.91 -32.68
N LYS OA 66 -0.74 -47.89 -32.49
CA LYS OA 66 -0.15 -46.92 -31.56
C LYS OA 66 -0.16 -45.51 -32.13
N VAL OA 67 0.10 -45.35 -33.42
CA VAL OA 67 0.17 -44.01 -34.01
C VAL OA 67 -1.20 -43.35 -33.97
N LYS OA 68 -2.26 -44.12 -34.23
CA LYS OA 68 -3.62 -43.57 -34.14
C LYS OA 68 -3.94 -43.13 -32.72
N ALA OA 69 -3.51 -43.91 -31.72
CA ALA OA 69 -3.70 -43.49 -30.34
C ALA OA 69 -2.91 -42.22 -30.04
N HIS OA 70 -1.68 -42.14 -30.54
CA HIS OA 70 -0.91 -40.91 -30.37
C HIS OA 70 -1.56 -39.76 -31.14
N SER OA 71 -2.15 -40.05 -32.30
CA SER OA 71 -2.87 -39.02 -33.04
C SER OA 71 -4.03 -38.49 -32.22
N GLN OA 72 -4.76 -39.39 -31.56
CA GLN OA 72 -5.84 -39.01 -30.67
C GLN OA 72 -5.30 -38.25 -29.47
N THR OA 73 -4.09 -38.60 -29.02
CA THR OA 73 -3.46 -37.88 -27.92
C THR OA 73 -3.23 -36.41 -28.25
N HIS OA 74 -2.62 -36.14 -29.40
CA HIS OA 74 -2.24 -34.78 -29.74
C HIS OA 74 -3.45 -33.90 -30.08
N ARG OA 75 -4.54 -34.50 -30.56
CA ARG OA 75 -5.76 -33.73 -30.76
C ARG OA 75 -6.31 -33.24 -29.43
N VAL OA 76 -6.21 -34.06 -28.38
CA VAL OA 76 -6.56 -33.61 -27.05
C VAL OA 76 -5.56 -32.58 -26.56
N ASP OA 77 -4.28 -32.75 -26.91
CA ASP OA 77 -3.24 -31.81 -26.50
C ASP OA 77 -3.51 -30.41 -27.05
N LEU OA 78 -4.00 -30.33 -28.30
CA LEU OA 78 -4.32 -29.04 -28.88
C LEU OA 78 -5.41 -28.33 -28.08
N GLY OA 79 -6.45 -29.06 -27.67
CA GLY OA 79 -7.49 -28.47 -26.86
C GLY OA 79 -7.00 -28.07 -25.49
N THR OA 80 -6.20 -28.92 -24.84
CA THR OA 80 -5.68 -28.59 -23.53
C THR OA 80 -4.77 -27.37 -23.60
N LEU OA 81 -3.87 -27.35 -24.59
CA LEU OA 81 -2.96 -26.21 -24.74
C LEU OA 81 -3.72 -24.95 -25.12
N ARG OA 82 -4.77 -25.08 -25.94
CA ARG OA 82 -5.62 -23.94 -26.28
C ARG OA 82 -6.25 -23.35 -25.02
N GLY OA 83 -6.64 -24.21 -24.08
CA GLY OA 83 -7.17 -23.72 -22.82
C GLY OA 83 -6.11 -23.08 -21.94
N TYR OA 84 -4.89 -23.64 -21.97
CA TYR OA 84 -3.82 -23.15 -21.11
C TYR OA 84 -3.49 -21.69 -21.39
N TYR OA 85 -3.40 -21.32 -22.66
CA TYR OA 85 -2.99 -19.98 -23.06
C TYR OA 85 -4.16 -19.03 -23.29
N ASN OA 86 -5.39 -19.46 -23.00
CA ASN OA 86 -6.59 -18.64 -23.18
C ASN OA 86 -6.75 -18.21 -24.64
N GLN OA 87 -6.36 -19.07 -25.56
CA GLN OA 87 -6.39 -18.73 -26.98
C GLN OA 87 -7.80 -18.95 -27.55
N SER OA 88 -8.16 -18.08 -28.50
CA SER OA 88 -9.49 -18.14 -29.08
C SER OA 88 -9.66 -19.39 -29.95
N GLU OA 89 -10.92 -19.70 -30.25
CA GLU OA 89 -11.25 -20.85 -31.07
C GLU OA 89 -10.97 -20.64 -32.56
N ALA OA 90 -10.72 -19.40 -32.98
CA ALA OA 90 -10.58 -19.10 -34.40
C ALA OA 90 -9.18 -19.33 -34.94
N GLY OA 91 -8.17 -19.42 -34.08
CA GLY OA 91 -6.80 -19.56 -34.53
C GLY OA 91 -6.39 -21.00 -34.79
N SER OA 92 -5.54 -21.18 -35.79
CA SER OA 92 -4.93 -22.47 -36.09
C SER OA 92 -3.57 -22.56 -35.41
N HIS OA 93 -3.36 -23.64 -34.65
CA HIS OA 93 -2.16 -23.79 -33.85
C HIS OA 93 -1.53 -25.16 -34.11
N THR OA 94 -0.22 -25.23 -33.87
CA THR OA 94 0.58 -26.41 -34.17
C THR OA 94 1.18 -27.00 -32.91
N VAL OA 95 1.17 -28.34 -32.82
CA VAL OA 95 1.84 -29.08 -31.77
C VAL OA 95 2.81 -30.06 -32.43
N GLN OA 96 4.00 -30.19 -31.86
CA GLN OA 96 5.03 -31.05 -32.42
C GLN OA 96 5.68 -31.86 -31.31
N ARG OA 97 6.05 -33.10 -31.61
CA ARG OA 97 6.71 -33.99 -30.67
C ARG OA 97 7.90 -34.67 -31.34
N MET OA 98 9.00 -34.84 -30.60
CA MET OA 98 10.15 -35.57 -31.10
C MET OA 98 10.79 -36.36 -29.96
N TYR OA 99 10.96 -37.67 -30.16
CA TYR OA 99 11.70 -38.51 -29.24
C TYR OA 99 12.60 -39.47 -30.01
N GLY OA 100 13.77 -39.75 -29.43
CA GLY OA 100 14.75 -40.58 -30.10
C GLY OA 100 15.76 -41.18 -29.16
N CYS OA 101 16.61 -42.05 -29.71
CA CYS OA 101 17.61 -42.78 -28.95
C CYS OA 101 18.95 -42.71 -29.70
N ASP OA 102 20.03 -42.68 -28.94
CA ASP OA 102 21.39 -42.66 -29.49
C ASP OA 102 22.17 -43.86 -29.02
N VAL OA 103 22.94 -44.45 -29.94
CA VAL OA 103 23.82 -45.58 -29.65
C VAL OA 103 25.23 -45.22 -30.07
N GLY OA 104 26.20 -45.81 -29.37
CA GLY OA 104 27.60 -45.58 -29.66
C GLY OA 104 28.11 -46.47 -30.78
N SER OA 105 29.43 -46.44 -30.98
CA SER OA 105 30.02 -47.30 -32.00
C SER OA 105 29.83 -48.77 -31.65
N ASP OA 106 29.79 -49.11 -30.37
CA ASP OA 106 29.52 -50.46 -29.90
C ASP OA 106 28.06 -50.87 -30.09
N TRP OA 107 27.19 -49.92 -30.45
CA TRP OA 107 25.75 -50.12 -30.64
C TRP OA 107 25.00 -50.17 -29.32
N ARG OA 108 25.59 -49.65 -28.25
CA ARG OA 108 24.94 -49.60 -26.95
C ARG OA 108 24.42 -48.19 -26.66
N PHE OA 109 23.56 -48.10 -25.65
CA PHE OA 109 22.83 -46.86 -25.40
C PHE OA 109 23.79 -45.69 -25.15
N LEU OA 110 23.43 -44.53 -25.69
CA LEU OA 110 24.20 -43.30 -25.56
C LEU OA 110 23.41 -42.13 -24.99
N ARG OA 111 22.18 -41.91 -25.45
CA ARG OA 111 21.43 -40.72 -25.04
C ARG OA 111 19.97 -40.91 -25.41
N GLY OA 112 19.14 -40.03 -24.87
CA GLY OA 112 17.71 -40.04 -25.17
C GLY OA 112 17.16 -38.63 -25.24
N TYR OA 113 16.09 -38.48 -26.03
CA TYR OA 113 15.44 -37.20 -26.23
C TYR OA 113 13.92 -37.38 -26.16
N HIS OA 114 13.25 -36.46 -25.47
CA HIS OA 114 11.80 -36.35 -25.56
C HIS OA 114 11.44 -34.88 -25.43
N GLN OA 115 10.85 -34.29 -26.47
CA GLN OA 115 10.51 -32.88 -26.43
C GLN OA 115 9.17 -32.62 -27.11
N TYR OA 116 8.51 -31.55 -26.65
CA TYR OA 116 7.28 -31.05 -27.25
C TYR OA 116 7.46 -29.60 -27.66
N ALA OA 117 6.70 -29.17 -28.66
CA ALA OA 117 6.72 -27.79 -29.11
C ALA OA 117 5.30 -27.36 -29.43
N TYR OA 118 4.96 -26.13 -29.05
CA TYR OA 118 3.66 -25.55 -29.35
C TYR OA 118 3.87 -24.19 -30.02
N ASP OA 119 3.37 -24.06 -31.24
CA ASP OA 119 3.44 -22.80 -32.01
C ASP OA 119 4.89 -22.36 -32.24
N GLY OA 120 5.78 -23.33 -32.46
CA GLY OA 120 7.16 -23.06 -32.82
C GLY OA 120 8.10 -22.71 -31.69
N LYS OA 121 7.69 -22.87 -30.43
CA LYS OA 121 8.56 -22.61 -29.30
C LYS OA 121 8.65 -23.85 -28.42
N ASP OA 122 9.76 -23.98 -27.72
CA ASP OA 122 9.90 -25.08 -26.78
C ASP OA 122 8.82 -24.97 -25.72
N TYR OA 123 8.19 -26.08 -25.39
CA TYR OA 123 7.13 -26.13 -24.38
C TYR OA 123 7.60 -26.92 -23.17
N ILE OA 124 7.70 -28.24 -23.30
CA ILE OA 124 8.21 -29.08 -22.22
C ILE OA 124 9.17 -30.11 -22.84
N ALA OA 125 10.29 -30.32 -22.18
CA ALA OA 125 11.31 -31.23 -22.68
C ALA OA 125 11.84 -32.08 -21.54
N LEU OA 126 12.28 -33.28 -21.88
CA LEU OA 126 12.83 -34.21 -20.89
C LEU OA 126 14.32 -33.96 -20.79
N LYS OA 127 14.83 -33.84 -19.57
CA LYS OA 127 16.24 -33.59 -19.36
C LYS OA 127 17.06 -34.82 -19.75
N GLU OA 128 18.38 -34.58 -19.91
CA GLU OA 128 19.26 -35.62 -20.45
C GLU OA 128 19.36 -36.81 -19.51
N ASP OA 129 19.22 -36.60 -18.20
CA ASP OA 129 19.19 -37.70 -17.26
C ASP OA 129 17.96 -38.58 -17.45
N LEU OA 130 16.93 -38.07 -18.10
CA LEU OA 130 15.68 -38.76 -18.38
C LEU OA 130 14.82 -38.93 -17.13
N ARG OA 131 15.10 -38.13 -16.09
CA ARG OA 131 14.38 -38.23 -14.84
C ARG OA 131 13.84 -36.89 -14.36
N SER OA 132 14.11 -35.80 -15.09
CA SER OA 132 13.70 -34.46 -14.71
C SER OA 132 13.14 -33.77 -15.94
N TRP OA 133 12.35 -32.72 -15.70
CA TRP OA 133 11.71 -31.97 -16.77
C TRP OA 133 12.10 -30.50 -16.72
N THR OA 134 12.15 -29.90 -17.91
CA THR OA 134 12.42 -28.48 -18.09
C THR OA 134 11.18 -27.85 -18.68
N ALA OA 135 10.66 -26.83 -17.99
CA ALA OA 135 9.43 -26.17 -18.39
C ALA OA 135 9.76 -24.77 -18.93
N ALA OA 136 9.26 -24.48 -20.13
CA ALA OA 136 9.59 -23.22 -20.78
C ALA OA 136 8.99 -22.03 -20.03
N ASP OA 137 7.70 -22.13 -19.70
CA ASP OA 137 6.99 -21.00 -19.11
C ASP OA 137 6.02 -21.54 -18.06
N MET OA 138 5.15 -20.65 -17.57
CA MET OA 138 4.19 -21.03 -16.54
C MET OA 138 3.24 -22.12 -17.02
N ALA OA 139 2.72 -21.98 -18.25
CA ALA OA 139 1.80 -22.97 -18.79
C ALA OA 139 2.44 -24.35 -18.88
N ALA OA 140 3.73 -24.40 -19.19
CA ALA OA 140 4.43 -25.69 -19.26
C ALA OA 140 4.56 -26.33 -17.89
N GLN OA 141 4.62 -25.51 -16.83
CA GLN OA 141 4.76 -26.04 -15.47
C GLN OA 141 3.52 -26.83 -15.05
N THR OA 142 2.33 -26.43 -15.52
CA THR OA 142 1.13 -27.18 -15.20
C THR OA 142 1.22 -28.62 -15.71
N THR OA 143 1.72 -28.80 -16.94
CA THR OA 143 1.94 -30.14 -17.46
C THR OA 143 3.04 -30.86 -16.69
N LYS OA 144 4.04 -30.11 -16.23
CA LYS OA 144 5.15 -30.69 -15.49
C LYS OA 144 4.66 -31.37 -14.20
N HIS OA 145 3.79 -30.69 -13.46
CA HIS OA 145 3.32 -31.24 -12.18
C HIS OA 145 2.57 -32.55 -12.39
N LYS OA 146 1.70 -32.59 -13.40
CA LYS OA 146 0.98 -33.82 -13.71
C LYS OA 146 1.94 -34.93 -14.10
N TRP OA 147 2.91 -34.60 -14.95
CA TRP OA 147 3.89 -35.58 -15.41
C TRP OA 147 4.81 -36.05 -14.29
N GLU OA 148 5.16 -35.16 -13.36
CA GLU OA 148 5.97 -35.58 -12.21
C GLU OA 148 5.21 -36.54 -11.32
N ALA OA 149 3.94 -36.22 -11.02
CA ALA OA 149 3.15 -37.08 -10.13
C ALA OA 149 2.84 -38.43 -10.76
N ALA OA 150 2.58 -38.46 -12.07
CA ALA OA 150 2.18 -39.68 -12.76
C ALA OA 150 3.34 -40.59 -13.11
N HIS OA 151 4.58 -40.23 -12.73
CA HIS OA 151 5.76 -41.05 -13.02
C HIS OA 151 5.91 -41.27 -14.52
N VAL OA 152 5.66 -40.22 -15.30
CA VAL OA 152 5.78 -40.32 -16.76
C VAL OA 152 7.23 -40.51 -17.18
N ALA OA 153 8.15 -39.87 -16.48
CA ALA OA 153 9.57 -39.94 -16.83
C ALA OA 153 10.09 -41.37 -16.78
N GLU OA 154 9.61 -42.16 -15.82
CA GLU OA 154 10.08 -43.54 -15.65
C GLU OA 154 9.67 -44.43 -16.82
N GLN OA 155 8.48 -44.22 -17.37
CA GLN OA 155 8.05 -45.02 -18.52
C GLN OA 155 8.90 -44.71 -19.74
N LEU OA 156 9.26 -43.45 -19.94
CA LEU OA 156 10.10 -43.07 -21.06
C LEU OA 156 11.49 -43.66 -20.95
N ARG OA 157 12.07 -43.68 -19.73
CA ARG OA 157 13.40 -44.26 -19.57
C ARG OA 157 13.45 -45.71 -20.00
N ALA OA 158 12.37 -46.46 -19.76
CA ALA OA 158 12.35 -47.86 -20.21
C ALA OA 158 12.36 -47.94 -21.73
N TYR OA 159 11.61 -47.07 -22.41
CA TYR OA 159 11.57 -47.11 -23.87
C TYR OA 159 12.91 -46.70 -24.46
N LEU OA 160 13.44 -45.55 -24.04
CA LEU OA 160 14.67 -45.04 -24.63
C LEU OA 160 15.88 -45.90 -24.29
N GLU OA 161 16.04 -46.25 -23.01
CA GLU OA 161 17.21 -47.01 -22.62
C GLU OA 161 17.15 -48.46 -23.10
N GLY OA 162 15.94 -49.01 -23.26
CA GLY OA 162 15.84 -50.40 -23.65
C GLY OA 162 15.05 -50.65 -24.92
N THR OA 163 13.78 -50.23 -24.93
CA THR OA 163 12.89 -50.56 -26.05
C THR OA 163 13.35 -49.89 -27.33
N CYS OA 164 13.71 -48.60 -27.27
CA CYS OA 164 14.16 -47.90 -28.46
C CYS OA 164 15.46 -48.53 -28.97
N VAL OA 165 16.42 -48.73 -28.07
CA VAL OA 165 17.73 -49.27 -28.47
C VAL OA 165 17.59 -50.66 -29.08
N GLU OA 166 16.70 -51.49 -28.52
CA GLU OA 166 16.49 -52.84 -29.04
C GLU OA 166 15.90 -52.85 -30.44
N TRP OA 167 14.90 -52.01 -30.71
CA TRP OA 167 14.32 -52.01 -32.04
C TRP OA 167 15.23 -51.31 -33.04
N LEU OA 168 16.00 -50.32 -32.59
CA LEU OA 168 16.95 -49.69 -33.50
C LEU OA 168 17.99 -50.69 -33.99
N ARG OA 169 18.49 -51.56 -33.09
CA ARG OA 169 19.43 -52.60 -33.51
C ARG OA 169 18.81 -53.53 -34.54
N ARG OA 170 17.56 -53.94 -34.32
CA ARG OA 170 16.90 -54.81 -35.29
C ARG OA 170 16.75 -54.13 -36.64
N TYR OA 171 16.43 -52.83 -36.63
CA TYR OA 171 16.29 -52.10 -37.88
C TYR OA 171 17.62 -52.05 -38.64
N LEU OA 172 18.73 -51.87 -37.91
CA LEU OA 172 20.04 -51.77 -38.53
C LEU OA 172 20.39 -53.07 -39.27
N GLU OA 173 20.11 -54.22 -38.65
CA GLU OA 173 20.41 -55.51 -39.29
C GLU OA 173 19.54 -55.76 -40.51
N ASN OA 174 18.26 -55.38 -40.45
CA ASN OA 174 17.37 -55.61 -41.59
C ASN OA 174 17.74 -54.74 -42.78
N GLY OA 175 18.24 -53.53 -42.54
CA GLY OA 175 18.65 -52.67 -43.62
C GLY OA 175 20.13 -52.34 -43.59
N LYS OA 176 20.94 -53.39 -43.46
CA LYS OA 176 22.39 -53.23 -43.41
C LYS OA 176 22.92 -52.54 -44.65
N GLU OA 177 22.42 -52.94 -45.82
CA GLU OA 177 22.88 -52.35 -47.08
C GLU OA 177 22.48 -50.88 -47.22
N THR OA 178 21.35 -50.48 -46.64
CA THR OA 178 20.81 -49.15 -46.89
C THR OA 178 21.32 -48.10 -45.89
N LEU OA 179 21.43 -48.45 -44.61
CA LEU OA 179 21.79 -47.47 -43.59
C LEU OA 179 23.13 -47.74 -42.92
N GLN OA 180 23.73 -48.91 -43.12
CA GLN OA 180 25.07 -49.18 -42.65
C GLN OA 180 26.11 -48.92 -43.74
N ARG OA 181 25.66 -48.49 -44.91
CA ARG OA 181 26.56 -48.09 -45.99
C ARG OA 181 27.10 -46.70 -45.72
N THR OA 182 28.26 -46.42 -46.29
CA THR OA 182 28.82 -45.08 -46.27
C THR OA 182 29.23 -44.69 -47.68
N ASP OA 183 28.81 -43.51 -48.13
CA ASP OA 183 29.07 -43.06 -49.49
C ASP OA 183 30.04 -41.88 -49.43
N ALA OA 184 31.21 -42.05 -50.02
CA ALA OA 184 32.19 -40.97 -50.02
C ALA OA 184 31.76 -39.88 -51.00
N PRO OA 185 32.02 -38.62 -50.69
CA PRO OA 185 31.58 -37.55 -51.59
C PRO OA 185 32.35 -37.59 -52.91
N LYS OA 186 31.70 -37.07 -53.95
CA LYS OA 186 32.32 -36.91 -55.26
C LYS OA 186 32.65 -35.43 -55.41
N THR OA 187 33.92 -35.09 -55.30
CA THR OA 187 34.34 -33.70 -55.15
C THR OA 187 34.88 -33.14 -56.46
N HIS OA 188 34.58 -31.87 -56.70
CA HIS OA 188 35.13 -31.12 -57.82
C HIS OA 188 35.01 -29.64 -57.48
N MET OA 189 35.70 -28.82 -58.27
CA MET OA 189 35.80 -27.38 -58.00
C MET OA 189 35.46 -26.61 -59.25
N THR OA 190 34.76 -25.48 -59.08
CA THR OA 190 34.33 -24.63 -60.17
C THR OA 190 34.77 -23.19 -59.93
N HIS OA 191 34.88 -22.44 -61.03
CA HIS OA 191 35.33 -21.06 -61.02
C HIS OA 191 34.25 -20.17 -61.61
N HIS OA 192 33.90 -19.11 -60.88
CA HIS OA 192 32.92 -18.13 -61.33
C HIS OA 192 33.51 -16.73 -61.14
N ALA OA 193 33.39 -15.90 -62.18
CA ALA OA 193 33.96 -14.56 -62.19
C ALA OA 193 32.86 -13.52 -61.99
N VAL OA 194 32.87 -12.86 -60.83
CA VAL OA 194 31.91 -11.79 -60.57
C VAL OA 194 32.22 -10.57 -61.44
N SER OA 195 33.49 -10.19 -61.52
CA SER OA 195 33.88 -8.99 -62.25
C SER OA 195 35.31 -9.19 -62.76
N ASP OA 196 35.85 -8.15 -63.42
CA ASP OA 196 37.19 -8.23 -63.98
C ASP OA 196 38.27 -8.43 -62.91
N HIS OA 197 37.98 -8.02 -61.68
CA HIS OA 197 38.97 -7.96 -60.61
C HIS OA 197 38.77 -8.98 -59.48
N GLU OA 198 37.58 -9.57 -59.33
CA GLU OA 198 37.38 -10.57 -58.29
C GLU OA 198 36.48 -11.68 -58.82
N ALA OA 199 36.78 -12.92 -58.38
CA ALA OA 199 36.07 -14.11 -58.80
C ALA OA 199 35.63 -14.93 -57.60
N THR OA 200 34.66 -15.81 -57.82
CA THR OA 200 34.14 -16.69 -56.79
C THR OA 200 34.59 -18.13 -57.03
N LEU OA 201 35.02 -18.80 -55.96
CA LEU OA 201 35.45 -20.19 -56.02
C LEU OA 201 34.42 -21.06 -55.32
N ARG OA 202 34.06 -22.18 -55.95
CA ARG OA 202 33.03 -23.08 -55.43
C ARG OA 202 33.59 -24.46 -55.17
N CYS OA 203 33.35 -24.98 -53.97
CA CYS OA 203 33.72 -26.33 -53.56
C CYS OA 203 32.48 -27.19 -53.53
N TRP OA 204 32.48 -28.30 -54.25
CA TRP OA 204 31.29 -29.13 -54.40
C TRP OA 204 31.47 -30.50 -53.75
N ALA OA 205 30.44 -30.92 -53.01
CA ALA OA 205 30.33 -32.28 -52.49
C ALA OA 205 28.95 -32.81 -52.89
N LEU OA 206 28.91 -33.98 -53.52
CA LEU OA 206 27.66 -34.51 -54.04
C LEU OA 206 27.60 -36.01 -53.81
N SER OA 207 26.37 -36.53 -53.79
CA SER OA 207 26.10 -37.96 -53.72
C SER OA 207 26.83 -38.64 -52.56
N PHE OA 208 26.63 -38.11 -51.35
CA PHE OA 208 27.25 -38.70 -50.17
C PHE OA 208 26.23 -38.99 -49.08
N TYR OA 209 26.50 -40.06 -48.33
CA TYR OA 209 25.72 -40.48 -47.17
C TYR OA 209 26.70 -41.03 -46.15
N PRO OA 210 26.53 -40.69 -44.85
CA PRO OA 210 25.46 -39.91 -44.22
C PRO OA 210 25.47 -38.41 -44.53
N ALA OA 211 24.46 -37.70 -44.03
CA ALA OA 211 24.29 -36.28 -44.34
C ALA OA 211 25.38 -35.41 -43.73
N GLU OA 212 25.89 -35.77 -42.55
CA GLU OA 212 26.83 -34.90 -41.86
C GLU OA 212 28.13 -34.79 -42.65
N ILE OA 213 28.59 -33.56 -42.84
CA ILE OA 213 29.82 -33.29 -43.56
C ILE OA 213 30.35 -31.95 -43.07
N THR OA 214 31.66 -31.74 -43.20
CA THR OA 214 32.29 -30.49 -42.83
C THR OA 214 33.07 -29.93 -44.01
N LEU OA 215 32.80 -28.66 -44.31
CA LEU OA 215 33.47 -27.95 -45.40
C LEU OA 215 34.12 -26.71 -44.80
N THR OA 216 35.43 -26.57 -45.03
CA THR OA 216 36.21 -25.48 -44.46
C THR OA 216 37.05 -24.84 -45.55
N TRP OA 217 37.23 -23.53 -45.43
CA TRP OA 217 38.01 -22.75 -46.39
C TRP OA 217 39.31 -22.30 -45.73
N GLN OA 218 40.43 -22.54 -46.40
CA GLN OA 218 41.74 -22.14 -45.91
C GLN OA 218 42.46 -21.37 -47.00
N ARG OA 219 43.06 -20.23 -46.63
CA ARG OA 219 43.90 -19.45 -47.53
C ARG OA 219 45.34 -19.55 -47.05
N ASP OA 220 46.20 -20.18 -47.87
CA ASP OA 220 47.61 -20.36 -47.57
C ASP OA 220 47.84 -21.26 -46.36
N GLY OA 221 46.89 -22.14 -46.07
CA GLY OA 221 46.96 -22.99 -44.91
C GLY OA 221 46.47 -22.33 -43.64
N GLU OA 222 45.68 -21.27 -43.78
CA GLU OA 222 45.10 -20.53 -42.66
C GLU OA 222 43.59 -20.53 -42.84
N ASP OA 223 42.87 -20.84 -41.77
CA ASP OA 223 41.41 -20.91 -41.84
C ASP OA 223 40.83 -19.59 -42.31
N GLN OA 224 40.04 -19.66 -43.39
CA GLN OA 224 39.44 -18.50 -44.04
C GLN OA 224 37.94 -18.53 -43.77
N THR OA 225 37.44 -17.46 -43.16
CA THR OA 225 36.02 -17.37 -42.79
C THR OA 225 35.53 -15.95 -43.03
N GLN OA 226 34.23 -15.75 -42.79
CA GLN OA 226 33.55 -14.46 -42.87
C GLN OA 226 33.42 -13.94 -44.30
N ASP OA 227 34.31 -14.37 -45.19
CA ASP OA 227 34.23 -14.05 -46.61
C ASP OA 227 33.66 -15.20 -47.44
N THR OA 228 33.13 -16.23 -46.79
CA THR OA 228 32.63 -17.42 -47.47
C THR OA 228 31.12 -17.56 -47.31
N GLU OA 229 30.53 -18.29 -48.25
CA GLU OA 229 29.10 -18.63 -48.24
C GLU OA 229 28.93 -20.14 -48.08
N LEU OA 230 28.03 -20.54 -47.20
CA LEU OA 230 27.78 -21.95 -46.93
C LEU OA 230 26.27 -22.20 -46.90
N VAL OA 231 25.80 -23.15 -47.71
CA VAL OA 231 24.38 -23.49 -47.79
C VAL OA 231 24.08 -24.69 -46.91
N GLU OA 232 22.86 -24.76 -46.42
CA GLU OA 232 22.40 -25.92 -45.64
C GLU OA 232 22.41 -27.18 -46.51
N THR OA 233 22.75 -28.31 -45.91
CA THR OA 233 22.78 -29.56 -46.64
C THR OA 233 21.39 -29.91 -47.18
N ARG OA 234 21.34 -30.36 -48.43
CA ARG OA 234 20.15 -30.62 -49.22
C ARG OA 234 20.08 -32.09 -49.61
N PRO OA 235 18.88 -32.66 -49.71
CA PRO OA 235 18.75 -34.05 -50.20
C PRO OA 235 18.69 -34.11 -51.71
N ALA OA 236 19.47 -35.00 -52.32
CA ALA OA 236 19.44 -35.15 -53.76
C ALA OA 236 18.18 -35.85 -54.25
N GLY OA 237 17.54 -36.64 -53.41
CA GLY OA 237 16.36 -37.40 -53.80
C GLY OA 237 16.59 -38.87 -54.04
N ASP OA 238 17.85 -39.34 -53.96
CA ASP OA 238 18.17 -40.75 -54.13
C ASP OA 238 18.77 -41.34 -52.86
N GLY OA 239 18.58 -40.68 -51.72
CA GLY OA 239 19.18 -41.08 -50.47
C GLY OA 239 20.54 -40.49 -50.21
N THR OA 240 21.01 -39.61 -51.09
CA THR OA 240 22.28 -38.92 -50.95
C THR OA 240 22.04 -37.42 -50.82
N PHE OA 241 23.06 -36.73 -50.32
CA PHE OA 241 22.96 -35.30 -50.05
C PHE OA 241 24.02 -34.56 -50.85
N GLN OA 242 23.86 -33.23 -50.92
CA GLN OA 242 24.77 -32.36 -51.63
C GLN OA 242 25.01 -31.11 -50.79
N LYS OA 243 26.16 -30.47 -51.01
CA LYS OA 243 26.53 -29.26 -50.29
C LYS OA 243 27.64 -28.57 -51.06
N TRP OA 244 27.69 -27.25 -50.95
CA TRP OA 244 28.75 -26.49 -51.59
C TRP OA 244 29.10 -25.28 -50.74
N ALA OA 245 30.34 -24.83 -50.89
CA ALA OA 245 30.87 -23.66 -50.19
C ALA OA 245 31.53 -22.75 -51.21
N ALA OA 246 31.40 -21.45 -51.01
CA ALA OA 246 31.94 -20.47 -51.95
C ALA OA 246 32.69 -19.40 -51.18
N VAL OA 247 33.73 -18.86 -51.82
CA VAL OA 247 34.55 -17.81 -51.23
C VAL OA 247 34.89 -16.78 -52.30
N VAL OA 248 34.96 -15.51 -51.90
CA VAL OA 248 35.31 -14.42 -52.80
C VAL OA 248 36.82 -14.21 -52.72
N VAL OA 249 37.48 -14.24 -53.87
CA VAL OA 249 38.94 -14.17 -53.96
C VAL OA 249 39.36 -13.08 -54.94
N PRO OA 250 40.38 -12.28 -54.63
CA PRO OA 250 40.89 -11.33 -55.63
C PRO OA 250 41.58 -12.07 -56.76
N SER OA 251 41.49 -11.48 -57.96
CA SER OA 251 42.03 -12.14 -59.15
C SER OA 251 43.51 -12.41 -59.04
N GLY OA 252 43.94 -13.55 -59.56
CA GLY OA 252 45.33 -13.96 -59.53
C GLY OA 252 45.78 -14.64 -58.27
N GLN OA 253 44.95 -14.69 -57.23
CA GLN OA 253 45.29 -15.33 -55.97
C GLN OA 253 44.51 -16.62 -55.73
N GLU OA 254 43.87 -17.17 -56.76
CA GLU OA 254 43.07 -18.38 -56.59
C GLU OA 254 43.92 -19.56 -56.10
N GLN OA 255 45.21 -19.58 -56.44
CA GLN OA 255 46.07 -20.69 -56.06
C GLN OA 255 46.42 -20.69 -54.58
N ARG OA 256 46.05 -19.65 -53.83
CA ARG OA 256 46.28 -19.61 -52.39
C ARG OA 256 45.29 -20.47 -51.63
N TYR OA 257 44.06 -20.57 -52.12
CA TYR OA 257 42.96 -21.15 -51.35
C TYR OA 257 42.90 -22.66 -51.50
N THR OA 258 42.42 -23.32 -50.44
CA THR OA 258 42.30 -24.76 -50.38
C THR OA 258 40.97 -25.13 -49.74
N CYS OA 259 40.35 -26.18 -50.26
CA CYS OA 259 39.10 -26.70 -49.74
C CYS OA 259 39.33 -28.02 -49.02
N HIS OA 260 38.78 -28.13 -47.82
CA HIS OA 260 38.96 -29.32 -47.00
C HIS OA 260 37.59 -29.97 -46.77
N VAL OA 261 37.50 -31.25 -47.11
CA VAL OA 261 36.25 -32.01 -47.01
C VAL OA 261 36.45 -33.10 -45.98
N GLN OA 262 35.68 -33.05 -44.90
CA GLN OA 262 35.74 -34.04 -43.83
C GLN OA 262 34.42 -34.80 -43.80
N HIS OA 263 34.51 -36.12 -43.98
CA HIS OA 263 33.31 -36.96 -44.06
C HIS OA 263 33.67 -38.38 -43.67
N GLU OA 264 32.66 -39.12 -43.23
CA GLU OA 264 32.84 -40.51 -42.83
C GLU OA 264 33.27 -41.38 -44.00
N GLY OA 265 32.84 -41.03 -45.22
CA GLY OA 265 33.20 -41.78 -46.41
C GLY OA 265 34.65 -41.68 -46.81
N LEU OA 266 35.36 -40.66 -46.34
CA LEU OA 266 36.75 -40.47 -46.70
C LEU OA 266 37.64 -41.03 -45.61
N PRO OA 267 38.51 -42.00 -45.91
CA PRO OA 267 39.46 -42.45 -44.89
C PRO OA 267 40.45 -41.39 -44.49
N LYS OA 268 40.82 -40.50 -45.43
CA LYS OA 268 41.58 -39.31 -45.13
C LYS OA 268 40.80 -38.09 -45.58
N PRO OA 269 40.73 -37.03 -44.77
CA PRO OA 269 40.06 -35.80 -45.20
C PRO OA 269 40.65 -35.27 -46.51
N LEU OA 270 39.76 -35.03 -47.47
CA LEU OA 270 40.19 -34.60 -48.80
C LEU OA 270 40.54 -33.12 -48.80
N THR OA 271 41.53 -32.78 -49.64
CA THR OA 271 41.96 -31.41 -49.85
C THR OA 271 41.82 -31.08 -51.32
N LEU OA 272 41.23 -29.92 -51.62
CA LEU OA 272 40.99 -29.49 -52.99
C LEU OA 272 41.67 -28.16 -53.23
N ARG OA 273 42.62 -28.15 -54.15
CA ARG OA 273 43.40 -26.97 -54.53
C ARG OA 273 43.02 -26.56 -55.94
N TRP OA 274 43.10 -25.26 -56.22
CA TRP OA 274 42.73 -24.72 -57.52
C TRP OA 274 44.00 -24.44 -58.31
N GLU OA 275 44.21 -25.18 -59.39
CA GLU OA 275 45.39 -25.03 -60.23
C GLU OA 275 45.20 -25.74 -61.56
N MET PA 1 2.89 -17.05 -31.12
CA MET PA 1 3.36 -17.78 -32.30
C MET PA 1 4.72 -17.27 -32.76
N ILE PA 2 5.60 -18.20 -33.12
CA ILE PA 2 6.89 -17.88 -33.73
C ILE PA 2 6.77 -18.09 -35.23
N GLN PA 3 7.35 -17.19 -36.01
CA GLN PA 3 7.32 -17.29 -37.46
C GLN PA 3 8.73 -17.17 -38.00
N ARG PA 4 9.09 -18.09 -38.88
CA ARG PA 4 10.39 -18.13 -39.53
C ARG PA 4 10.18 -18.14 -41.04
N THR PA 5 10.92 -17.30 -41.74
CA THR PA 5 10.75 -17.23 -43.18
C THR PA 5 11.50 -18.39 -43.84
N PRO PA 6 10.94 -18.98 -44.90
CA PRO PA 6 11.53 -20.21 -45.44
C PRO PA 6 12.80 -19.94 -46.23
N LYS PA 7 13.67 -20.95 -46.23
CA LYS PA 7 14.87 -20.93 -47.04
C LYS PA 7 14.61 -21.80 -48.26
N ILE PA 8 14.96 -21.29 -49.45
CA ILE PA 8 14.64 -21.96 -50.69
C ILE PA 8 15.94 -22.30 -51.41
N GLN PA 9 16.07 -23.55 -51.84
CA GLN PA 9 17.20 -24.01 -52.64
C GLN PA 9 16.67 -24.80 -53.82
N VAL PA 10 16.84 -24.26 -55.02
CA VAL PA 10 16.45 -24.94 -56.25
C VAL PA 10 17.70 -25.45 -56.94
N TYR PA 11 17.70 -26.73 -57.30
CA TYR PA 11 18.88 -27.39 -57.84
C TYR PA 11 18.44 -28.62 -58.61
N SER PA 12 19.40 -29.48 -58.94
CA SER PA 12 19.15 -30.71 -59.68
C SER PA 12 19.73 -31.88 -58.90
N ARG PA 13 19.12 -33.06 -59.10
CA ARG PA 13 19.58 -34.27 -58.44
C ARG PA 13 20.98 -34.67 -58.89
N HIS PA 14 21.28 -34.49 -60.17
CA HIS PA 14 22.55 -34.85 -60.76
C HIS PA 14 23.17 -33.64 -61.45
N PRO PA 15 24.46 -33.67 -61.77
CA PRO PA 15 25.07 -32.57 -62.52
C PRO PA 15 24.36 -32.35 -63.86
N ALA PA 16 24.05 -31.08 -64.13
CA ALA PA 16 23.18 -30.68 -65.24
C ALA PA 16 23.87 -30.87 -66.57
N GLU PA 17 23.58 -32.00 -67.24
CA GLU PA 17 24.00 -32.22 -68.61
C GLU PA 17 22.84 -31.86 -69.54
N ASN PA 18 23.15 -31.06 -70.57
CA ASN PA 18 22.09 -30.59 -71.45
C ASN PA 18 21.59 -31.72 -72.34
N GLY PA 19 20.27 -31.78 -72.50
CA GLY PA 19 19.66 -32.80 -73.33
C GLY PA 19 19.56 -34.18 -72.73
N LYS PA 20 19.63 -34.31 -71.40
CA LYS PA 20 19.53 -35.60 -70.75
C LYS PA 20 18.54 -35.53 -69.59
N SER PA 21 18.02 -36.69 -69.21
CA SER PA 21 17.01 -36.78 -68.17
C SER PA 21 17.62 -36.49 -66.80
N ASN PA 22 16.93 -35.66 -66.03
CA ASN PA 22 17.38 -35.27 -64.70
C ASN PA 22 16.15 -34.97 -63.85
N PHE PA 23 16.38 -34.69 -62.57
CA PHE PA 23 15.31 -34.33 -61.66
C PHE PA 23 15.56 -32.92 -61.14
N LEU PA 24 14.52 -32.10 -61.14
CA LEU PA 24 14.57 -30.74 -60.63
C LEU PA 24 14.06 -30.73 -59.21
N ASN PA 25 14.81 -30.09 -58.32
CA ASN PA 25 14.49 -30.11 -56.89
C ASN PA 25 14.28 -28.70 -56.38
N CYS PA 26 13.29 -28.56 -55.51
CA CYS PA 26 13.08 -27.36 -54.70
C CYS PA 26 13.09 -27.82 -53.26
N TYR PA 27 14.00 -27.27 -52.47
CA TYR PA 27 14.15 -27.65 -51.07
C TYR PA 27 13.82 -26.44 -50.22
N VAL PA 28 12.65 -26.48 -49.57
CA VAL PA 28 12.23 -25.42 -48.68
C VAL PA 28 12.45 -25.91 -47.26
N SER PA 29 13.07 -25.05 -46.43
CA SER PA 29 13.43 -25.41 -45.08
C SER PA 29 13.43 -24.14 -44.24
N GLY PA 30 13.58 -24.33 -42.94
CA GLY PA 30 13.64 -23.18 -42.04
C GLY PA 30 12.40 -22.32 -42.05
N PHE PA 31 11.21 -22.94 -42.09
CA PHE PA 31 9.96 -22.19 -42.10
C PHE PA 31 9.00 -22.74 -41.06
N HIS PA 32 8.15 -21.84 -40.55
CA HIS PA 32 7.07 -22.17 -39.63
C HIS PA 32 5.98 -21.11 -39.83
N PRO PA 33 4.71 -21.52 -39.83
CA PRO PA 33 4.16 -22.87 -39.62
C PRO PA 33 4.24 -23.79 -40.84
N SER PA 34 3.55 -24.93 -40.75
CA SER PA 34 3.70 -25.99 -41.74
C SER PA 34 3.06 -25.61 -43.08
N ASP PA 35 2.06 -24.75 -43.06
CA ASP PA 35 1.31 -24.40 -44.28
C ASP PA 35 2.23 -23.65 -45.24
N ILE PA 36 2.44 -24.22 -46.42
CA ILE PA 36 3.34 -23.64 -47.41
C ILE PA 36 2.82 -23.99 -48.80
N GLU PA 37 3.04 -23.08 -49.74
CA GLU PA 37 2.63 -23.25 -51.13
C GLU PA 37 3.88 -23.22 -52.01
N VAL PA 38 4.13 -24.32 -52.72
CA VAL PA 38 5.33 -24.49 -53.54
C VAL PA 38 4.96 -24.99 -54.93
N ASP PA 39 5.41 -24.27 -55.96
CA ASP PA 39 5.17 -24.67 -57.34
C ASP PA 39 6.49 -24.70 -58.10
N LEU PA 40 6.61 -25.63 -59.04
CA LEU PA 40 7.75 -25.73 -59.93
C LEU PA 40 7.36 -25.21 -61.32
N LEU PA 41 8.17 -24.30 -61.86
CA LEU PA 41 7.85 -23.59 -63.09
C LEU PA 41 8.85 -23.87 -64.20
N LYS PA 42 8.35 -23.97 -65.42
CA LYS PA 42 9.15 -24.07 -66.64
C LYS PA 42 8.78 -22.87 -67.51
N ASN PA 43 9.68 -21.90 -67.60
CA ASN PA 43 9.45 -20.67 -68.35
C ASN PA 43 8.24 -19.91 -67.79
N GLY PA 44 8.03 -20.04 -66.48
CA GLY PA 44 6.91 -19.41 -65.81
C GLY PA 44 5.62 -20.21 -65.79
N GLU PA 45 5.62 -21.43 -66.32
CA GLU PA 45 4.43 -22.26 -66.35
C GLU PA 45 4.54 -23.38 -65.34
N ARG PA 46 3.45 -23.62 -64.60
CA ARG PA 46 3.45 -24.63 -63.55
C ARG PA 46 3.46 -26.04 -64.12
N ILE PA 47 4.27 -26.90 -63.51
CA ILE PA 47 4.38 -28.31 -63.89
C ILE PA 47 3.36 -29.12 -63.10
N GLU PA 48 2.66 -30.02 -63.78
CA GLU PA 48 1.53 -30.72 -63.17
C GLU PA 48 2.01 -31.75 -62.15
N LYS PA 49 3.01 -32.55 -62.50
CA LYS PA 49 3.47 -33.65 -61.65
C LYS PA 49 4.66 -33.16 -60.84
N VAL PA 50 4.39 -32.85 -59.58
CA VAL PA 50 5.40 -32.44 -58.60
C VAL PA 50 5.16 -33.26 -57.34
N GLU PA 51 6.13 -34.06 -56.95
CA GLU PA 51 6.02 -34.84 -55.72
C GLU PA 51 6.72 -34.09 -54.59
N HIS PA 52 6.44 -34.52 -53.36
CA HIS PA 52 7.05 -33.89 -52.20
C HIS PA 52 7.23 -34.92 -51.10
N SER PA 53 8.07 -34.58 -50.13
CA SER PA 53 8.35 -35.46 -49.01
C SER PA 53 7.30 -35.29 -47.92
N ASP PA 54 7.39 -36.14 -46.91
CA ASP PA 54 6.49 -36.10 -45.77
C ASP PA 54 6.96 -35.03 -44.80
N LEU PA 55 6.01 -34.27 -44.26
CA LEU PA 55 6.35 -33.14 -43.41
C LEU PA 55 7.19 -33.58 -42.22
N SER PA 56 8.34 -32.93 -42.06
CA SER PA 56 9.26 -33.19 -40.95
C SER PA 56 9.80 -31.84 -40.49
N PHE PA 57 10.62 -31.86 -39.44
CA PHE PA 57 11.15 -30.61 -38.91
C PHE PA 57 12.54 -30.81 -38.35
N SER PA 58 13.26 -29.70 -38.21
CA SER PA 58 14.64 -29.68 -37.76
C SER PA 58 14.70 -29.46 -36.24
N LYS PA 59 15.89 -29.11 -35.73
CA LYS PA 59 16.07 -28.99 -34.29
C LYS PA 59 15.38 -27.75 -33.73
N ASP PA 60 15.35 -26.65 -34.49
CA ASP PA 60 14.68 -25.43 -34.06
C ASP PA 60 13.17 -25.48 -34.25
N TRP PA 61 12.63 -26.68 -34.48
CA TRP PA 61 11.21 -26.98 -34.67
C TRP PA 61 10.71 -26.51 -36.03
N SER PA 62 11.61 -26.02 -36.87
CA SER PA 62 11.25 -25.53 -38.19
C SER PA 62 11.10 -26.69 -39.18
N PHE PA 63 10.18 -26.52 -40.11
CA PHE PA 63 9.79 -27.57 -41.06
C PHE PA 63 10.65 -27.49 -42.32
N TYR PA 64 10.85 -28.65 -42.95
CA TYR PA 64 11.57 -28.72 -44.21
C TYR PA 64 10.87 -29.71 -45.13
N LEU PA 65 10.81 -29.36 -46.42
CA LEU PA 65 10.14 -30.15 -47.45
C LEU PA 65 10.97 -30.10 -48.72
N LEU PA 66 10.86 -31.17 -49.53
CA LEU PA 66 11.57 -31.27 -50.80
C LEU PA 66 10.56 -31.52 -51.91
N TYR PA 67 10.44 -30.56 -52.83
CA TYR PA 67 9.58 -30.67 -54.00
C TYR PA 67 10.44 -30.99 -55.21
N TYR PA 68 10.00 -31.95 -56.01
CA TYR PA 68 10.81 -32.41 -57.13
C TYR PA 68 9.91 -32.84 -58.27
N THR PA 69 10.48 -32.79 -59.48
CA THR PA 69 9.81 -33.28 -60.68
C THR PA 69 10.89 -33.70 -61.67
N GLU PA 70 10.51 -34.56 -62.60
CA GLU PA 70 11.43 -34.99 -63.64
C GLU PA 70 11.49 -33.94 -64.73
N PHE PA 71 12.69 -33.71 -65.27
CA PHE PA 71 12.84 -32.72 -66.32
C PHE PA 71 14.09 -33.00 -67.13
N THR PA 72 14.15 -32.38 -68.30
CA THR PA 72 15.31 -32.42 -69.18
C THR PA 72 15.87 -31.00 -69.29
N PRO PA 73 17.09 -30.73 -68.82
CA PRO PA 73 17.58 -29.34 -68.88
C PRO PA 73 17.89 -28.98 -70.32
N THR PA 74 17.59 -27.74 -70.67
CA THR PA 74 17.77 -27.24 -72.02
C THR PA 74 18.46 -25.87 -71.99
N GLU PA 75 19.30 -25.65 -73.01
CA GLU PA 75 20.05 -24.41 -73.14
C GLU PA 75 19.14 -23.19 -73.19
N LYS PA 76 17.94 -23.33 -73.74
CA LYS PA 76 17.03 -22.21 -73.88
C LYS PA 76 16.05 -22.10 -72.72
N ASP PA 77 15.60 -23.24 -72.18
CA ASP PA 77 14.53 -23.24 -71.21
C ASP PA 77 14.97 -22.62 -69.88
N GLU PA 78 14.00 -22.06 -69.16
CA GLU PA 78 14.20 -21.48 -67.85
C GLU PA 78 13.38 -22.24 -66.82
N TYR PA 79 13.93 -22.39 -65.62
CA TYR PA 79 13.25 -23.09 -64.54
C TYR PA 79 13.35 -22.24 -63.27
N ALA PA 80 12.38 -22.41 -62.39
CA ALA PA 80 12.33 -21.62 -61.17
C ALA PA 80 11.42 -22.31 -60.16
N CYS PA 81 11.45 -21.80 -58.94
CA CYS PA 81 10.57 -22.23 -57.87
C CYS PA 81 9.83 -21.02 -57.31
N ARG PA 82 8.51 -21.15 -57.17
CA ARG PA 82 7.67 -20.09 -56.60
C ARG PA 82 7.14 -20.60 -55.27
N VAL PA 83 7.52 -19.92 -54.19
CA VAL PA 83 7.16 -20.29 -52.83
C VAL PA 83 6.42 -19.14 -52.17
N ASN PA 84 5.23 -19.42 -51.65
CA ASN PA 84 4.43 -18.45 -50.91
C ASN PA 84 4.27 -18.95 -49.49
N HIS PA 85 4.40 -18.03 -48.54
CA HIS PA 85 4.35 -18.36 -47.12
C HIS PA 85 3.73 -17.19 -46.37
N VAL PA 86 3.28 -17.45 -45.15
CA VAL PA 86 2.64 -16.39 -44.36
C VAL PA 86 3.64 -15.28 -44.08
N THR PA 87 4.92 -15.63 -43.87
CA THR PA 87 5.95 -14.63 -43.64
C THR PA 87 6.29 -13.83 -44.89
N LEU PA 88 5.93 -14.34 -46.08
CA LEU PA 88 6.30 -13.71 -47.34
C LEU PA 88 5.21 -12.77 -47.82
N SER PA 89 5.58 -11.51 -48.08
CA SER PA 89 4.62 -10.54 -48.61
C SER PA 89 4.15 -10.94 -50.01
N GLN PA 90 5.05 -11.47 -50.83
CA GLN PA 90 4.73 -11.92 -52.18
C GLN PA 90 5.42 -13.26 -52.41
N PRO PA 91 4.86 -14.09 -53.32
CA PRO PA 91 5.50 -15.39 -53.62
C PRO PA 91 6.92 -15.28 -54.13
N LYS PA 92 7.89 -15.53 -53.26
CA LYS PA 92 9.29 -15.44 -53.62
C LYS PA 92 9.61 -16.42 -54.75
N ILE PA 93 10.25 -15.92 -55.80
CA ILE PA 93 10.63 -16.75 -56.94
C ILE PA 93 12.15 -16.84 -56.97
N VAL PA 94 12.66 -18.05 -57.13
CA VAL PA 94 14.09 -18.31 -57.22
C VAL PA 94 14.37 -19.08 -58.51
N LYS PA 95 15.21 -18.51 -59.37
CA LYS PA 95 15.53 -19.16 -60.62
C LYS PA 95 16.59 -20.23 -60.41
N TRP PA 96 16.61 -21.21 -61.31
CA TRP PA 96 17.54 -22.33 -61.18
C TRP PA 96 18.88 -21.97 -61.78
N ASP PA 97 19.94 -22.10 -60.97
CA ASP PA 97 21.32 -21.94 -61.40
C ASP PA 97 22.03 -23.29 -61.30
N ARG PA 98 22.52 -23.78 -62.45
CA ARG PA 98 23.19 -25.08 -62.44
C ARG PA 98 24.49 -25.04 -61.66
N ASP PA 99 25.02 -23.84 -61.42
CA ASP PA 99 26.24 -23.62 -60.64
C ASP PA 99 25.94 -23.43 -59.16
N MET PA 100 24.67 -23.54 -58.75
CA MET PA 100 24.29 -23.40 -57.36
C MET PA 100 23.34 -24.52 -56.95
N GLY QA 1 50.33 -9.27 -19.35
CA GLY QA 1 49.83 -9.75 -20.63
C GLY QA 1 50.75 -9.43 -21.79
N SER QA 2 50.34 -9.79 -23.00
CA SER QA 2 51.11 -9.53 -24.19
C SER QA 2 50.76 -8.16 -24.77
N HIS QA 3 51.79 -7.42 -25.18
CA HIS QA 3 51.65 -6.09 -25.76
C HIS QA 3 52.22 -6.06 -27.17
N SER QA 4 51.77 -5.08 -27.95
CA SER QA 4 52.21 -4.96 -29.33
C SER QA 4 52.26 -3.48 -29.71
N MET QA 5 53.15 -3.17 -30.67
CA MET QA 5 53.19 -1.84 -31.29
C MET QA 5 53.07 -2.00 -32.79
N ARG QA 6 52.17 -1.22 -33.40
CA ARG QA 6 51.87 -1.32 -34.82
C ARG QA 6 51.80 0.06 -35.44
N TYR QA 7 52.26 0.14 -36.69
CA TYR QA 7 52.21 1.34 -37.50
C TYR QA 7 51.36 1.03 -38.73
N PHE QA 8 50.42 1.92 -39.04
CA PHE QA 8 49.51 1.75 -40.16
C PHE QA 8 49.72 2.88 -41.15
N PHE QA 9 50.00 2.54 -42.40
CA PHE QA 9 50.25 3.51 -43.46
C PHE QA 9 49.22 3.36 -44.57
N THR QA 10 48.67 4.49 -45.01
CA THR QA 10 47.74 4.57 -46.12
C THR QA 10 48.19 5.68 -47.06
N SER QA 11 48.30 5.34 -48.34
CA SER QA 11 48.66 6.31 -49.39
C SER QA 11 47.65 6.23 -50.51
N VAL QA 12 47.01 7.36 -50.82
CA VAL QA 12 45.99 7.44 -51.84
C VAL QA 12 46.43 8.45 -52.91
N SER QA 13 46.33 8.05 -54.17
CA SER QA 13 46.78 8.87 -55.29
C SER QA 13 45.61 9.69 -55.83
N ARG QA 14 45.83 10.99 -56.01
CA ARG QA 14 44.80 11.85 -56.61
C ARG QA 14 45.17 12.23 -58.03
N PRO QA 15 44.55 11.62 -59.05
CA PRO QA 15 44.96 11.84 -60.45
C PRO QA 15 44.47 13.19 -60.98
N GLY QA 16 45.42 14.06 -61.36
CA GLY QA 16 45.07 15.44 -61.60
C GLY QA 16 45.41 16.41 -60.48
N ARG QA 17 44.62 16.37 -59.41
CA ARG QA 17 44.66 17.39 -58.37
C ARG QA 17 45.77 17.08 -57.35
N GLY QA 18 47.01 17.19 -57.83
CA GLY QA 18 48.15 17.22 -56.93
C GLY QA 18 48.88 15.92 -56.65
N GLU QA 19 49.51 15.86 -55.49
CA GLU QA 19 50.31 14.71 -55.07
C GLU QA 19 49.44 13.73 -54.30
N PRO QA 20 49.97 12.55 -53.95
CA PRO QA 20 49.17 11.58 -53.20
C PRO QA 20 49.03 11.89 -51.73
N ARG QA 21 47.85 11.55 -51.21
CA ARG QA 21 47.51 11.70 -49.80
C ARG QA 21 48.14 10.59 -48.98
N PHE QA 22 48.81 10.95 -47.89
CA PHE QA 22 49.51 10.00 -47.03
C PHE QA 22 49.04 10.17 -45.60
N ILE QA 23 48.56 9.08 -45.00
CA ILE QA 23 48.13 9.07 -43.61
C ILE QA 23 48.95 8.02 -42.89
N ALA QA 24 49.49 8.39 -41.73
CA ALA QA 24 50.27 7.49 -40.90
C ALA QA 24 49.74 7.57 -39.48
N VAL QA 25 49.52 6.40 -38.87
CA VAL QA 25 49.04 6.33 -37.49
C VAL QA 25 49.83 5.27 -36.75
N GLY QA 26 50.10 5.51 -35.48
CA GLY QA 26 50.83 4.56 -34.67
C GLY QA 26 50.04 4.13 -33.45
N TYR QA 27 50.02 2.83 -33.20
CA TYR QA 27 49.29 2.26 -32.07
C TYR QA 27 50.21 1.44 -31.18
N VAL QA 28 49.99 1.58 -29.88
CA VAL QA 28 50.51 0.66 -28.87
C VAL QA 28 49.28 0.05 -28.22
N ASP QA 29 49.12 -1.27 -28.37
CA ASP QA 29 47.91 -1.98 -27.98
C ASP QA 29 46.78 -1.37 -28.81
N ASP QA 30 45.73 -0.80 -28.20
CA ASP QA 30 44.65 -0.15 -28.95
C ASP QA 30 44.65 1.37 -28.78
N THR QA 31 45.74 1.95 -28.32
CA THR QA 31 45.84 3.39 -28.11
C THR QA 31 46.75 4.00 -29.16
N GLN QA 32 46.28 5.07 -29.80
CA GLN QA 32 47.05 5.79 -30.80
C GLN QA 32 47.84 6.92 -30.13
N PHE QA 33 49.14 6.97 -30.39
CA PHE QA 33 50.02 7.93 -29.75
C PHE QA 33 50.74 8.87 -30.72
N VAL QA 34 50.80 8.54 -32.01
CA VAL QA 34 51.46 9.38 -33.00
C VAL QA 34 50.68 9.30 -34.30
N ARG QA 35 50.76 10.38 -35.08
CA ARG QA 35 50.10 10.45 -36.37
C ARG QA 35 50.84 11.42 -37.29
N PHE QA 36 50.67 11.22 -38.59
CA PHE QA 36 51.21 12.13 -39.61
C PHE QA 36 50.23 12.20 -40.77
N ASP QA 37 49.94 13.42 -41.20
CA ASP QA 37 49.04 13.68 -42.32
C ASP QA 37 49.76 14.53 -43.36
N SER QA 38 49.68 14.12 -44.63
CA SER QA 38 50.31 14.87 -45.71
C SER QA 38 49.63 16.22 -45.93
N ASP QA 39 48.35 16.32 -45.57
CA ASP QA 39 47.61 17.58 -45.70
C ASP QA 39 47.58 18.37 -44.40
N ALA QA 40 48.34 17.95 -43.38
CA ALA QA 40 48.40 18.69 -42.13
C ALA QA 40 49.33 19.89 -42.27
N ALA QA 41 48.92 21.00 -41.65
CA ALA QA 41 49.72 22.22 -41.70
C ALA QA 41 51.05 22.06 -40.98
N SER QA 42 51.09 21.27 -39.91
CA SER QA 42 52.30 21.10 -39.12
C SER QA 42 53.44 20.47 -39.91
N GLN QA 43 53.14 19.49 -40.77
CA GLN QA 43 54.15 18.74 -41.49
C GLN QA 43 55.11 18.06 -40.51
N ARG QA 44 54.58 17.65 -39.35
CA ARG QA 44 55.36 17.05 -38.30
C ARG QA 44 54.59 15.85 -37.75
N MET QA 45 55.31 14.96 -37.06
CA MET QA 45 54.69 13.86 -36.34
C MET QA 45 54.01 14.37 -35.08
N GLU QA 46 52.67 14.23 -35.00
CA GLU QA 46 52.10 14.85 -33.82
C GLU QA 46 51.73 13.80 -32.78
N PRO QA 47 51.77 14.16 -31.49
CA PRO QA 47 51.40 13.21 -30.44
C PRO QA 47 49.90 13.25 -30.12
N ARG QA 48 49.35 12.06 -29.87
CA ARG QA 48 47.93 11.93 -29.55
C ARG QA 48 47.69 11.40 -28.14
N ALA QA 49 48.72 10.98 -27.42
CA ALA QA 49 48.59 10.49 -26.06
C ALA QA 49 49.52 11.28 -25.14
N PRO QA 50 49.10 11.52 -23.89
CA PRO QA 50 49.92 12.35 -23.01
C PRO QA 50 51.28 11.76 -22.68
N TRP QA 51 51.37 10.43 -22.53
CA TRP QA 51 52.62 9.82 -22.09
C TRP QA 51 53.73 9.93 -23.12
N ILE QA 52 53.40 10.04 -24.41
CA ILE QA 52 54.44 10.21 -25.43
C ILE QA 52 54.91 11.66 -25.54
N GLU QA 53 54.11 12.61 -25.06
CA GLU QA 53 54.44 14.03 -25.21
C GLU QA 53 55.73 14.42 -24.49
N GLN QA 54 56.15 13.68 -23.48
CA GLN QA 54 57.36 14.00 -22.74
C GLN QA 54 58.65 13.63 -23.48
N GLU QA 55 58.58 13.40 -24.79
CA GLU QA 55 59.77 13.10 -25.57
C GLU QA 55 60.45 14.39 -26.04
N GLY QA 56 61.77 14.32 -26.20
CA GLY QA 56 62.54 15.45 -26.61
C GLY QA 56 62.32 15.83 -28.06
N PRO QA 57 62.68 17.06 -28.43
CA PRO QA 57 62.52 17.48 -29.83
C PRO QA 57 63.37 16.69 -30.81
N GLU QA 58 64.43 16.02 -30.33
CA GLU QA 58 65.22 15.17 -31.20
C GLU QA 58 64.42 13.96 -31.68
N TYR QA 59 63.56 13.42 -30.82
CA TYR QA 59 62.75 12.26 -31.20
C TYR QA 59 61.80 12.63 -32.33
N TRP QA 60 61.07 13.73 -32.18
CA TRP QA 60 60.08 14.13 -33.18
C TRP QA 60 60.74 14.46 -34.51
N ASP QA 61 61.92 15.10 -34.47
CA ASP QA 61 62.63 15.41 -35.71
C ASP QA 61 63.00 14.13 -36.45
N GLY QA 62 63.43 13.10 -35.71
CA GLY QA 62 63.74 11.83 -36.34
C GLY QA 62 62.51 11.16 -36.89
N GLU QA 63 61.41 11.16 -36.12
CA GLU QA 63 60.18 10.53 -36.59
C GLU QA 63 59.63 11.26 -37.80
N THR QA 64 59.69 12.60 -37.79
CA THR QA 64 59.28 13.37 -38.97
C THR QA 64 60.17 13.07 -40.16
N ARG QA 65 61.47 12.87 -39.93
CA ARG QA 65 62.38 12.61 -41.04
C ARG QA 65 62.05 11.28 -41.73
N LYS QA 66 61.85 10.22 -40.93
CA LYS QA 66 61.64 8.89 -41.51
C LYS QA 66 60.25 8.76 -42.11
N VAL QA 67 59.23 9.33 -41.45
CA VAL QA 67 57.87 9.17 -41.97
C VAL QA 67 57.72 9.88 -43.31
N LYS QA 68 58.34 11.06 -43.46
CA LYS QA 68 58.31 11.76 -44.73
C LYS QA 68 59.06 10.97 -45.81
N ALA QA 69 60.18 10.34 -45.43
CA ALA QA 69 60.91 9.50 -46.38
C ALA QA 69 60.05 8.32 -46.83
N HIS QA 70 59.32 7.71 -45.90
CA HIS QA 70 58.39 6.65 -46.28
C HIS QA 70 57.28 7.19 -47.17
N SER QA 71 56.86 8.44 -46.93
CA SER QA 71 55.85 9.04 -47.80
C SER QA 71 56.35 9.13 -49.23
N GLN QA 72 57.61 9.52 -49.42
CA GLN QA 72 58.19 9.53 -50.76
C GLN QA 72 58.26 8.12 -51.31
N THR QA 73 58.49 7.13 -50.44
CA THR QA 73 58.48 5.74 -50.88
C THR QA 73 57.13 5.34 -51.44
N HIS QA 74 56.07 5.61 -50.70
CA HIS QA 74 54.76 5.16 -51.13
C HIS QA 74 54.26 5.95 -52.32
N ARG QA 75 54.70 7.20 -52.46
CA ARG QA 75 54.36 7.96 -53.65
C ARG QA 75 54.99 7.33 -54.89
N VAL QA 76 56.24 6.85 -54.79
CA VAL QA 76 56.83 6.10 -55.88
C VAL QA 76 56.15 4.74 -56.02
N ASP QA 77 55.79 4.13 -54.88
CA ASP QA 77 55.12 2.83 -54.91
C ASP QA 77 53.79 2.90 -55.62
N LEU QA 78 53.04 3.99 -55.43
CA LEU QA 78 51.77 4.15 -56.13
C LEU QA 78 51.99 4.18 -57.63
N GLY QA 79 52.99 4.93 -58.09
CA GLY QA 79 53.31 4.94 -59.51
C GLY QA 79 53.86 3.62 -60.00
N THR QA 80 54.74 2.99 -59.20
CA THR QA 80 55.33 1.72 -59.59
C THR QA 80 54.27 0.62 -59.69
N LEU QA 81 53.37 0.54 -58.70
CA LEU QA 81 52.33 -0.49 -58.74
C LEU QA 81 51.35 -0.27 -59.88
N ARG QA 82 51.11 0.99 -60.26
CA ARG QA 82 50.28 1.27 -61.43
C ARG QA 82 50.86 0.63 -62.67
N GLY QA 83 52.19 0.64 -62.80
CA GLY QA 83 52.83 0.01 -63.95
C GLY QA 83 52.72 -1.50 -63.92
N TYR QA 84 52.79 -2.10 -62.72
CA TYR QA 84 52.79 -3.56 -62.61
C TYR QA 84 51.51 -4.16 -63.18
N TYR QA 85 50.36 -3.57 -62.85
CA TYR QA 85 49.06 -4.10 -63.26
C TYR QA 85 48.55 -3.50 -64.56
N ASN QA 86 49.35 -2.66 -65.23
CA ASN QA 86 48.97 -2.01 -66.49
C ASN QA 86 47.72 -1.15 -66.32
N GLN QA 87 47.64 -0.47 -65.18
CA GLN QA 87 46.46 0.34 -64.87
C GLN QA 87 46.56 1.71 -65.52
N SER QA 88 45.40 2.25 -65.89
CA SER QA 88 45.35 3.57 -66.49
C SER QA 88 45.74 4.65 -65.49
N GLU QA 89 46.34 5.72 -65.98
CA GLU QA 89 46.85 6.78 -65.11
C GLU QA 89 45.71 7.60 -64.49
N ALA QA 90 44.55 7.64 -65.15
CA ALA QA 90 43.45 8.46 -64.68
C ALA QA 90 42.82 7.94 -63.39
N GLY QA 91 43.06 6.68 -63.03
CA GLY QA 91 42.44 6.09 -61.87
C GLY QA 91 43.19 6.37 -60.57
N SER QA 92 42.42 6.51 -59.49
CA SER QA 92 42.97 6.67 -58.15
C SER QA 92 43.09 5.31 -57.46
N HIS QA 93 44.28 5.01 -56.94
CA HIS QA 93 44.57 3.72 -56.35
C HIS QA 93 45.21 3.92 -54.98
N THR QA 94 45.06 2.91 -54.13
CA THR QA 94 45.50 2.96 -52.75
C THR QA 94 46.56 1.90 -52.47
N VAL QA 95 47.60 2.27 -51.72
CA VAL QA 95 48.60 1.34 -51.22
C VAL QA 95 48.64 1.45 -49.70
N GLN QA 96 48.77 0.30 -49.04
CA GLN QA 96 48.77 0.23 -47.58
C GLN QA 96 49.89 -0.67 -47.10
N ARG QA 97 50.47 -0.31 -45.96
CA ARG QA 97 51.54 -1.05 -45.33
C ARG QA 97 51.26 -1.22 -43.84
N MET QA 98 51.62 -2.38 -43.31
CA MET QA 98 51.52 -2.64 -41.88
C MET QA 98 52.71 -3.49 -41.46
N TYR QA 99 53.43 -3.01 -40.44
CA TYR QA 99 54.50 -3.78 -39.83
C TYR QA 99 54.39 -3.62 -38.32
N GLY QA 100 54.70 -4.68 -37.59
CA GLY QA 100 54.53 -4.64 -36.15
C GLY QA 100 55.34 -5.70 -35.44
N CYS QA 101 55.32 -5.59 -34.12
CA CYS QA 101 56.06 -6.44 -33.21
C CYS QA 101 55.16 -6.85 -32.05
N ASP QA 102 55.32 -8.08 -31.57
CA ASP QA 102 54.58 -8.59 -30.43
C ASP QA 102 55.53 -9.01 -29.33
N VAL QA 103 55.17 -8.70 -28.08
CA VAL QA 103 55.96 -9.12 -26.94
C VAL QA 103 55.05 -9.90 -25.99
N GLY QA 104 55.64 -10.85 -25.27
CA GLY QA 104 54.92 -11.66 -24.32
C GLY QA 104 54.80 -11.00 -22.96
N SER QA 105 54.30 -11.78 -22.00
CA SER QA 105 54.20 -11.28 -20.63
C SER QA 105 55.58 -10.98 -20.07
N ASP QA 106 56.60 -11.72 -20.51
CA ASP QA 106 57.97 -11.46 -20.10
C ASP QA 106 58.52 -10.20 -20.73
N TRP QA 107 57.83 -9.62 -21.71
CA TRP QA 107 58.19 -8.40 -22.42
C TRP QA 107 59.29 -8.63 -23.45
N ARG QA 108 59.51 -9.87 -23.86
CA ARG QA 108 60.49 -10.21 -24.87
C ARG QA 108 59.81 -10.50 -26.21
N PHE QA 109 60.62 -10.54 -27.26
CA PHE QA 109 60.11 -10.62 -28.62
C PHE QA 109 59.25 -11.88 -28.80
N LEU QA 110 58.16 -11.74 -29.53
CA LEU QA 110 57.26 -12.86 -29.77
C LEU QA 110 56.99 -13.12 -31.25
N ARG QA 111 56.78 -12.08 -32.05
CA ARG QA 111 56.39 -12.28 -33.44
C ARG QA 111 56.61 -10.98 -34.21
N GLY QA 112 56.63 -11.10 -35.53
CA GLY QA 112 56.81 -9.95 -36.39
C GLY QA 112 55.89 -10.01 -37.59
N TYR QA 113 55.55 -8.83 -38.11
CA TYR QA 113 54.66 -8.69 -39.24
C TYR QA 113 55.22 -7.67 -40.22
N HIS QA 114 55.13 -7.99 -41.51
CA HIS QA 114 55.36 -7.03 -42.58
C HIS QA 114 54.42 -7.37 -43.72
N GLN QA 115 53.49 -6.47 -44.05
CA GLN QA 115 52.52 -6.73 -45.09
C GLN QA 115 52.27 -5.48 -45.92
N TYR QA 116 51.98 -5.71 -47.20
CA TYR QA 116 51.62 -4.66 -48.13
C TYR QA 116 50.26 -4.97 -48.74
N ALA QA 117 49.46 -3.93 -48.98
CA ALA QA 117 48.17 -4.08 -49.65
C ALA QA 117 48.03 -3.02 -50.74
N TYR QA 118 47.48 -3.44 -51.88
CA TYR QA 118 47.21 -2.54 -52.99
C TYR QA 118 45.75 -2.73 -53.39
N ASP QA 119 44.97 -1.64 -53.34
CA ASP QA 119 43.56 -1.64 -53.74
C ASP QA 119 42.74 -2.63 -52.92
N GLY QA 120 43.07 -2.76 -51.64
CA GLY QA 120 42.30 -3.57 -50.72
C GLY QA 120 42.55 -5.07 -50.78
N LYS QA 121 43.59 -5.51 -51.48
CA LYS QA 121 43.94 -6.93 -51.56
C LYS QA 121 45.38 -7.12 -51.12
N ASP QA 122 45.67 -8.32 -50.60
CA ASP QA 122 47.05 -8.64 -50.24
C ASP QA 122 47.94 -8.61 -51.47
N TYR QA 123 49.11 -8.01 -51.31
CA TYR QA 123 50.09 -7.91 -52.39
C TYR QA 123 51.32 -8.76 -52.05
N ILE QA 124 52.14 -8.32 -51.09
CA ILE QA 124 53.30 -9.07 -50.64
C ILE QA 124 53.34 -9.01 -49.12
N ALA QA 125 53.63 -10.14 -48.48
CA ALA QA 125 53.65 -10.23 -47.04
C ALA QA 125 54.86 -11.04 -46.59
N LEU QA 126 55.35 -10.71 -45.39
CA LEU QA 126 56.48 -11.40 -44.80
C LEU QA 126 56.00 -12.57 -43.96
N LYS QA 127 56.61 -13.73 -44.15
CA LYS QA 127 56.23 -14.92 -43.39
C LYS QA 127 56.62 -14.77 -41.93
N GLU QA 128 56.27 -15.77 -41.12
CA GLU QA 128 56.52 -15.70 -39.69
C GLU QA 128 58.00 -15.81 -39.36
N ASP QA 129 58.76 -16.52 -40.19
CA ASP QA 129 60.19 -16.67 -39.97
C ASP QA 129 60.97 -15.37 -40.13
N LEU QA 130 60.36 -14.38 -40.81
CA LEU QA 130 60.94 -13.07 -41.07
C LEU QA 130 62.04 -13.12 -42.13
N ARG QA 131 62.09 -14.20 -42.91
CA ARG QA 131 63.12 -14.37 -43.94
C ARG QA 131 62.56 -14.74 -45.30
N SER QA 132 61.24 -14.93 -45.43
CA SER QA 132 60.64 -15.34 -46.68
C SER QA 132 59.42 -14.48 -46.97
N TRP QA 133 59.02 -14.46 -48.23
CA TRP QA 133 57.91 -13.65 -48.69
C TRP QA 133 56.84 -14.49 -49.36
N THR QA 134 55.59 -14.07 -49.20
CA THR QA 134 54.44 -14.69 -49.85
C THR QA 134 53.88 -13.68 -50.85
N ALA QA 135 53.78 -14.10 -52.11
CA ALA QA 135 53.35 -13.25 -53.19
C ALA QA 135 51.96 -13.66 -53.64
N ALA QA 136 51.04 -12.68 -53.69
CA ALA QA 136 49.65 -12.97 -54.02
C ALA QA 136 49.51 -13.43 -55.47
N ASP QA 137 50.11 -12.70 -56.40
CA ASP QA 137 49.93 -12.98 -57.82
C ASP QA 137 51.25 -12.75 -58.54
N MET QA 138 51.19 -12.76 -59.87
CA MET QA 138 52.39 -12.59 -60.69
C MET QA 138 53.07 -11.25 -60.46
N ALA QA 139 52.28 -10.17 -60.40
CA ALA QA 139 52.86 -8.85 -60.19
C ALA QA 139 53.61 -8.77 -58.87
N ALA QA 140 53.11 -9.45 -57.84
CA ALA QA 140 53.80 -9.45 -56.55
C ALA QA 140 55.12 -10.21 -56.62
N GLN QA 141 55.22 -11.22 -57.48
CA GLN QA 141 56.46 -11.98 -57.58
C GLN QA 141 57.61 -11.15 -58.11
N THR QA 142 57.34 -10.20 -59.02
CA THR QA 142 58.41 -9.33 -59.49
C THR QA 142 59.01 -8.52 -58.35
N THR QA 143 58.16 -7.96 -57.49
CA THR QA 143 58.65 -7.26 -56.31
C THR QA 143 59.29 -8.21 -55.32
N LYS QA 144 58.77 -9.44 -55.22
CA LYS QA 144 59.33 -10.42 -54.30
C LYS QA 144 60.78 -10.75 -54.62
N HIS QA 145 61.07 -10.96 -55.91
CA HIS QA 145 62.43 -11.33 -56.31
C HIS QA 145 63.43 -10.23 -55.99
N LYS QA 146 63.05 -8.97 -56.24
CA LYS QA 146 63.94 -7.85 -55.92
C LYS QA 146 64.20 -7.78 -54.43
N TRP QA 147 63.16 -7.95 -53.60
CA TRP QA 147 63.33 -7.87 -52.16
C TRP QA 147 64.17 -9.02 -51.63
N GLU QA 148 64.07 -10.21 -52.23
CA GLU QA 148 64.93 -11.32 -51.84
C GLU QA 148 66.39 -11.04 -52.17
N ALA QA 149 66.66 -10.51 -53.36
CA ALA QA 149 68.02 -10.24 -53.77
C ALA QA 149 68.66 -9.13 -52.94
N ALA QA 150 67.88 -8.11 -52.56
CA ALA QA 150 68.40 -6.96 -51.84
C ALA QA 150 68.57 -7.21 -50.34
N HIS QA 151 68.29 -8.42 -49.87
CA HIS QA 151 68.43 -8.78 -48.45
C HIS QA 151 67.59 -7.87 -47.55
N VAL QA 152 66.37 -7.57 -48.00
CA VAL QA 152 65.48 -6.70 -47.23
C VAL QA 152 65.04 -7.39 -45.94
N ALA QA 153 64.83 -8.71 -45.99
CA ALA QA 153 64.34 -9.45 -44.83
C ALA QA 153 65.27 -9.33 -43.63
N GLU QA 154 66.58 -9.34 -43.85
CA GLU QA 154 67.51 -9.29 -42.72
C GLU QA 154 67.45 -7.95 -42.00
N GLN QA 155 67.33 -6.84 -42.76
CA GLN QA 155 67.22 -5.54 -42.11
C GLN QA 155 65.89 -5.40 -41.38
N LEU QA 156 64.79 -5.87 -42.00
CA LEU QA 156 63.50 -5.80 -41.35
C LEU QA 156 63.45 -6.72 -40.14
N ARG QA 157 64.01 -7.92 -40.26
CA ARG QA 157 64.04 -8.86 -39.15
C ARG QA 157 64.78 -8.26 -37.97
N ALA QA 158 65.83 -7.48 -38.24
CA ALA QA 158 66.58 -6.80 -37.18
C ALA QA 158 65.72 -5.75 -36.48
N TYR QA 159 64.88 -5.04 -37.24
CA TYR QA 159 64.04 -4.00 -36.65
C TYR QA 159 63.00 -4.62 -35.72
N LEU QA 160 62.29 -5.64 -36.21
CA LEU QA 160 61.21 -6.23 -35.43
C LEU QA 160 61.74 -6.95 -34.19
N GLU QA 161 62.80 -7.77 -34.36
CA GLU QA 161 63.32 -8.55 -33.23
C GLU QA 161 64.04 -7.68 -32.21
N GLY QA 162 64.58 -6.55 -32.62
CA GLY QA 162 65.35 -5.74 -31.69
C GLY QA 162 64.90 -4.32 -31.51
N THR QA 163 64.82 -3.55 -32.60
CA THR QA 163 64.56 -2.13 -32.48
C THR QA 163 63.17 -1.84 -31.93
N CYS QA 164 62.14 -2.51 -32.45
CA CYS QA 164 60.79 -2.28 -31.92
C CYS QA 164 60.65 -2.74 -30.48
N VAL QA 165 61.08 -3.97 -30.18
CA VAL QA 165 60.85 -4.54 -28.86
C VAL QA 165 61.48 -3.68 -27.78
N GLU QA 166 62.68 -3.16 -28.05
CA GLU QA 166 63.34 -2.28 -27.09
C GLU QA 166 62.56 -0.98 -26.92
N TRP QA 167 62.09 -0.39 -28.02
CA TRP QA 167 61.35 0.87 -27.94
C TRP QA 167 59.94 0.66 -27.41
N LEU QA 168 59.32 -0.49 -27.68
CA LEU QA 168 58.01 -0.76 -27.11
C LEU QA 168 58.09 -0.83 -25.60
N ARG QA 169 59.14 -1.47 -25.07
CA ARG QA 169 59.34 -1.50 -23.62
C ARG QA 169 59.53 -0.08 -23.08
N ARG QA 170 60.27 0.74 -23.82
CA ARG QA 170 60.46 2.13 -23.41
C ARG QA 170 59.13 2.86 -23.36
N TYR QA 171 58.25 2.60 -24.34
CA TYR QA 171 56.93 3.21 -24.36
C TYR QA 171 56.11 2.74 -23.16
N LEU QA 172 56.23 1.45 -22.83
CA LEU QA 172 55.47 0.87 -21.71
C LEU QA 172 55.85 1.53 -20.39
N GLU QA 173 57.14 1.76 -20.16
CA GLU QA 173 57.57 2.37 -18.90
C GLU QA 173 57.13 3.83 -18.80
N ASN QA 174 57.20 4.59 -19.90
CA ASN QA 174 56.80 5.98 -19.86
C ASN QA 174 55.29 6.14 -19.66
N GLY QA 175 54.50 5.23 -20.20
CA GLY QA 175 53.06 5.28 -20.02
C GLY QA 175 52.48 4.07 -19.30
N LYS QA 176 53.04 3.75 -18.14
CA LYS QA 176 52.56 2.60 -17.38
C LYS QA 176 51.12 2.79 -16.94
N GLU QA 177 50.74 4.02 -16.61
CA GLU QA 177 49.39 4.29 -16.13
C GLU QA 177 48.34 4.18 -17.24
N THR QA 178 48.72 4.47 -18.48
CA THR QA 178 47.77 4.59 -19.57
C THR QA 178 47.53 3.28 -20.33
N LEU QA 179 48.56 2.48 -20.55
CA LEU QA 179 48.42 1.29 -21.37
C LEU QA 179 48.62 -0.03 -20.64
N GLN QA 180 49.13 -0.02 -19.41
CA GLN QA 180 49.18 -1.21 -18.58
C GLN QA 180 47.99 -1.32 -17.65
N ARG QA 181 47.08 -0.37 -17.71
CA ARG QA 181 45.84 -0.44 -16.95
C ARG QA 181 44.86 -1.38 -17.62
N THR QA 182 43.95 -1.92 -16.81
CA THR QA 182 42.84 -2.72 -17.31
C THR QA 182 41.54 -2.20 -16.70
N ASP QA 183 40.55 -1.97 -17.55
CA ASP QA 183 39.28 -1.40 -17.14
C ASP QA 183 38.24 -2.50 -17.26
N ALA QA 184 37.61 -2.87 -16.15
CA ALA QA 184 36.60 -3.90 -16.18
C ALA QA 184 35.34 -3.33 -16.83
N PRO QA 185 34.60 -4.15 -17.57
CA PRO QA 185 33.41 -3.63 -18.25
C PRO QA 185 32.33 -3.24 -17.26
N LYS QA 186 31.49 -2.31 -17.65
CA LYS QA 186 30.34 -1.89 -16.86
C LYS QA 186 29.12 -2.54 -17.50
N THR QA 187 28.61 -3.58 -16.86
CA THR QA 187 27.61 -4.45 -17.46
C THR QA 187 26.22 -4.12 -16.92
N HIS QA 188 25.23 -4.22 -17.81
CA HIS QA 188 23.83 -4.09 -17.43
C HIS QA 188 22.99 -4.73 -18.52
N MET QA 189 21.71 -4.94 -18.21
CA MET QA 189 20.80 -5.67 -19.08
C MET QA 189 19.54 -4.86 -19.30
N THR QA 190 19.00 -4.92 -20.53
CA THR QA 190 17.80 -4.18 -20.90
C THR QA 190 16.79 -5.12 -21.55
N HIS QA 191 15.52 -4.73 -21.47
CA HIS QA 191 14.41 -5.50 -22.01
C HIS QA 191 13.64 -4.66 -23.01
N HIS QA 192 13.42 -5.22 -24.20
CA HIS QA 192 12.65 -4.56 -25.25
C HIS QA 192 11.61 -5.54 -25.76
N ALA QA 193 10.36 -5.11 -25.89
CA ALA QA 193 9.27 -5.98 -26.30
C ALA QA 193 8.94 -5.69 -27.76
N VAL QA 194 9.28 -6.63 -28.65
CA VAL QA 194 8.96 -6.50 -30.06
C VAL QA 194 7.46 -6.69 -30.31
N SER QA 195 6.88 -7.71 -29.71
CA SER QA 195 5.48 -8.05 -29.94
C SER QA 195 4.90 -8.72 -28.71
N ASP QA 196 3.62 -9.13 -28.82
CA ASP QA 196 2.96 -9.78 -27.70
C ASP QA 196 3.62 -11.11 -27.34
N HIS QA 197 4.29 -11.75 -28.30
CA HIS QA 197 4.79 -13.10 -28.08
C HIS QA 197 6.31 -13.20 -27.98
N GLU QA 198 7.05 -12.21 -28.47
CA GLU QA 198 8.51 -12.26 -28.40
C GLU QA 198 9.09 -10.89 -28.10
N ALA QA 199 10.16 -10.89 -27.32
CA ALA QA 199 10.85 -9.69 -26.87
C ALA QA 199 12.33 -9.83 -27.16
N THR QA 200 13.02 -8.69 -27.18
CA THR QA 200 14.46 -8.67 -27.41
C THR QA 200 15.17 -8.33 -26.10
N LEU QA 201 16.23 -9.08 -25.81
CA LEU QA 201 17.05 -8.87 -24.62
C LEU QA 201 18.38 -8.32 -25.07
N ARG QA 202 18.86 -7.28 -24.39
CA ARG QA 202 20.11 -6.63 -24.76
C ARG QA 202 21.10 -6.72 -23.62
N CYS QA 203 22.31 -7.18 -23.94
CA CYS QA 203 23.41 -7.27 -22.99
C CYS QA 203 24.42 -6.17 -23.31
N TRP QA 204 24.74 -5.35 -22.31
CA TRP QA 204 25.60 -4.20 -22.52
C TRP QA 204 26.91 -4.35 -21.76
N ALA QA 205 28.00 -4.02 -22.44
CA ALA QA 205 29.32 -3.88 -21.84
C ALA QA 205 29.85 -2.51 -22.25
N LEU QA 206 30.28 -1.72 -21.27
CA LEU QA 206 30.67 -0.34 -21.55
C LEU QA 206 31.92 0.01 -20.76
N SER QA 207 32.63 1.02 -21.26
CA SER QA 207 33.77 1.61 -20.57
C SER QA 207 34.81 0.57 -20.16
N PHE QA 208 35.26 -0.24 -21.13
CA PHE QA 208 36.27 -1.25 -20.84
C PHE QA 208 37.44 -1.12 -21.79
N TYR QA 209 38.62 -1.43 -21.28
CA TYR QA 209 39.88 -1.45 -22.02
C TYR QA 209 40.72 -2.60 -21.48
N PRO QA 210 41.37 -3.39 -22.36
CA PRO QA 210 41.50 -3.35 -23.82
C PRO QA 210 40.24 -3.70 -24.62
N ALA QA 211 40.35 -3.60 -25.94
CA ALA QA 211 39.20 -3.79 -26.82
C ALA QA 211 38.70 -5.23 -26.84
N GLU QA 212 39.59 -6.22 -26.71
CA GLU QA 212 39.17 -7.60 -26.88
C GLU QA 212 38.21 -8.03 -25.77
N ILE QA 213 37.08 -8.62 -26.17
CA ILE QA 213 36.09 -9.11 -25.23
C ILE QA 213 35.29 -10.20 -25.93
N THR QA 214 34.68 -11.09 -25.15
CA THR QA 214 33.84 -12.16 -25.67
C THR QA 214 32.47 -12.08 -25.01
N LEU QA 215 31.43 -12.08 -25.84
CA LEU QA 215 30.05 -12.04 -25.36
C LEU QA 215 29.31 -13.25 -25.93
N THR QA 216 28.69 -14.04 -25.05
CA THR QA 216 28.01 -15.26 -25.44
C THR QA 216 26.64 -15.34 -24.78
N TRP QA 217 25.69 -15.90 -25.51
CA TRP QA 217 24.32 -16.10 -25.06
C TRP QA 217 24.09 -17.59 -24.83
N GLN QA 218 23.58 -17.96 -23.66
CA GLN QA 218 23.29 -19.34 -23.34
C GLN QA 218 21.87 -19.48 -22.83
N ARG QA 219 21.14 -20.45 -23.36
CA ARG QA 219 19.80 -20.80 -22.89
C ARG QA 219 19.88 -22.16 -22.20
N ASP QA 220 19.66 -22.17 -20.89
CA ASP QA 220 19.68 -23.40 -20.09
C ASP QA 220 21.06 -24.05 -20.03
N GLY QA 221 22.13 -23.29 -20.17
CA GLY QA 221 23.47 -23.88 -20.18
C GLY QA 221 23.95 -24.39 -21.52
N GLU QA 222 23.34 -23.93 -22.62
CA GLU QA 222 23.77 -24.31 -23.96
C GLU QA 222 24.07 -23.08 -24.81
N ASP QA 223 25.20 -23.04 -25.53
CA ASP QA 223 25.56 -21.88 -26.35
C ASP QA 223 24.48 -21.60 -27.40
N GLN QA 224 23.96 -20.37 -27.39
CA GLN QA 224 22.88 -19.93 -28.27
C GLN QA 224 23.43 -18.92 -29.28
N THR QA 225 23.28 -19.22 -30.56
CA THR QA 225 23.80 -18.37 -31.61
C THR QA 225 22.81 -18.34 -32.77
N GLN QA 226 23.11 -17.49 -33.75
CA GLN QA 226 22.38 -17.35 -35.01
C GLN QA 226 21.01 -16.70 -34.84
N ASP QA 227 20.42 -16.83 -33.65
CA ASP QA 227 19.24 -16.06 -33.30
C ASP QA 227 19.61 -14.78 -32.54
N THR QA 228 20.89 -14.45 -32.49
CA THR QA 228 21.39 -13.30 -31.75
C THR QA 228 22.01 -12.28 -32.70
N GLU QA 229 22.05 -11.03 -32.25
CA GLU QA 229 22.69 -9.94 -32.97
C GLU QA 229 23.89 -9.45 -32.17
N LEU QA 230 25.00 -9.24 -32.87
CA LEU QA 230 26.25 -8.81 -32.25
C LEU QA 230 26.87 -7.68 -33.04
N VAL QA 231 27.15 -6.58 -32.36
CA VAL QA 231 27.73 -5.40 -32.97
C VAL QA 231 29.23 -5.41 -32.77
N GLU QA 232 29.94 -4.79 -33.72
CA GLU QA 232 31.38 -4.63 -33.60
C GLU QA 232 31.70 -3.78 -32.38
N THR QA 233 32.81 -4.11 -31.71
CA THR QA 233 33.21 -3.35 -30.54
C THR QA 233 33.46 -1.90 -30.95
N ARG QA 234 32.98 -0.96 -30.13
CA ARG QA 234 33.03 0.43 -30.55
C ARG QA 234 33.89 1.24 -29.58
N PRO QA 235 34.60 2.25 -30.09
CA PRO QA 235 35.34 3.13 -29.20
C PRO QA 235 34.46 4.24 -28.65
N ALA QA 236 34.53 4.48 -27.34
CA ALA QA 236 33.72 5.54 -26.75
C ALA QA 236 34.28 6.92 -27.09
N GLY QA 237 35.57 7.02 -27.40
CA GLY QA 237 36.20 8.28 -27.68
C GLY QA 237 37.05 8.82 -26.55
N ASP QA 238 37.07 8.15 -25.40
CA ASP QA 238 37.89 8.54 -24.26
C ASP QA 238 38.91 7.46 -23.92
N GLY QA 239 39.20 6.56 -24.85
CA GLY QA 239 40.08 5.44 -24.59
C GLY QA 239 39.42 4.19 -24.08
N THR QA 240 38.09 4.17 -23.99
CA THR QA 240 37.33 3.01 -23.56
C THR QA 240 36.45 2.52 -24.72
N PHE QA 241 36.00 1.28 -24.63
CA PHE QA 241 35.23 0.66 -25.68
C PHE QA 241 33.86 0.21 -25.17
N GLN QA 242 32.99 -0.11 -26.11
CA GLN QA 242 31.63 -0.57 -25.84
C GLN QA 242 31.30 -1.74 -26.76
N LYS QA 243 30.45 -2.63 -26.28
CA LYS QA 243 29.94 -3.74 -27.08
C LYS QA 243 28.63 -4.19 -26.47
N TRP QA 244 27.73 -4.71 -27.32
CA TRP QA 244 26.49 -5.23 -26.80
C TRP QA 244 26.03 -6.40 -27.65
N ALA QA 245 25.25 -7.29 -27.04
CA ALA QA 245 24.70 -8.47 -27.70
C ALA QA 245 23.21 -8.55 -27.42
N ALA QA 246 22.45 -9.00 -28.42
CA ALA QA 246 21.00 -9.08 -28.32
C ALA QA 246 20.53 -10.44 -28.83
N VAL QA 247 19.43 -10.93 -28.27
CA VAL QA 247 18.83 -12.20 -28.66
C VAL QA 247 17.31 -12.03 -28.66
N VAL QA 248 16.65 -12.69 -29.60
CA VAL QA 248 15.19 -12.67 -29.68
C VAL QA 248 14.66 -13.86 -28.89
N VAL QA 249 13.78 -13.58 -27.93
CA VAL QA 249 13.26 -14.61 -27.04
C VAL QA 249 11.74 -14.56 -27.02
N PRO QA 250 11.06 -15.70 -27.03
CA PRO QA 250 9.60 -15.69 -26.86
C PRO QA 250 9.22 -15.32 -25.44
N SER QA 251 8.07 -14.65 -25.32
CA SER QA 251 7.64 -14.15 -24.02
C SER QA 251 7.48 -15.29 -23.02
N GLY QA 252 7.84 -15.02 -21.77
CA GLY QA 252 7.75 -15.99 -20.70
C GLY QA 252 8.95 -16.91 -20.57
N GLN QA 253 9.89 -16.88 -21.52
CA GLN QA 253 11.09 -17.70 -21.46
C GLN QA 253 12.34 -16.87 -21.17
N GLU QA 254 12.15 -15.61 -20.74
CA GLU QA 254 13.27 -14.73 -20.47
C GLU QA 254 14.20 -15.27 -19.39
N GLN QA 255 13.67 -16.07 -18.46
CA GLN QA 255 14.45 -16.56 -17.34
C GLN QA 255 15.43 -17.67 -17.74
N ARG QA 256 15.37 -18.16 -18.97
CA ARG QA 256 16.27 -19.23 -19.39
C ARG QA 256 17.62 -18.71 -19.87
N TYR QA 257 17.65 -17.50 -20.40
CA TYR QA 257 18.83 -16.98 -21.10
C TYR QA 257 19.81 -16.35 -20.13
N THR QA 258 21.10 -16.44 -20.49
CA THR QA 258 22.19 -15.92 -19.68
C THR QA 258 23.21 -15.24 -20.57
N CYS QA 259 23.76 -14.14 -20.07
CA CYS QA 259 24.79 -13.39 -20.77
C CYS QA 259 26.14 -13.60 -20.09
N HIS QA 260 27.16 -13.92 -20.87
CA HIS QA 260 28.49 -14.20 -20.34
C HIS QA 260 29.49 -13.19 -20.88
N VAL QA 261 30.21 -12.55 -19.96
CA VAL QA 261 31.18 -11.51 -20.29
C VAL QA 261 32.55 -12.04 -19.89
N GLN QA 262 33.42 -12.26 -20.87
CA GLN QA 262 34.78 -12.72 -20.63
C GLN QA 262 35.74 -11.58 -20.94
N HIS QA 263 36.50 -11.16 -19.93
CA HIS QA 263 37.44 -10.07 -20.11
C HIS QA 263 38.56 -10.21 -19.09
N GLU QA 264 39.72 -9.64 -19.42
CA GLU QA 264 40.86 -9.69 -18.51
C GLU QA 264 40.59 -8.96 -17.21
N GLY QA 265 39.76 -7.92 -17.24
CA GLY QA 265 39.43 -7.17 -16.04
C GLY QA 265 38.63 -7.94 -15.03
N LEU QA 266 37.97 -9.01 -15.45
CA LEU QA 266 37.14 -9.80 -14.56
C LEU QA 266 37.94 -10.99 -14.05
N PRO QA 267 38.15 -11.13 -12.74
CA PRO QA 267 38.83 -12.34 -12.23
C PRO QA 267 37.98 -13.57 -12.46
N LYS QA 268 36.73 -13.50 -12.06
CA LYS QA 268 35.74 -14.51 -12.40
C LYS QA 268 34.94 -14.08 -13.62
N PRO QA 269 34.58 -14.99 -14.51
CA PRO QA 269 33.72 -14.62 -15.65
C PRO QA 269 32.34 -14.20 -15.15
N LEU QA 270 31.92 -13.00 -15.54
CA LEU QA 270 30.65 -12.49 -15.04
C LEU QA 270 29.48 -13.09 -15.80
N THR QA 271 28.38 -13.29 -15.09
CA THR QA 271 27.12 -13.77 -15.66
C THR QA 271 26.02 -12.78 -15.35
N LEU QA 272 25.22 -12.44 -16.36
CA LEU QA 272 24.13 -11.48 -16.22
C LEU QA 272 22.83 -12.14 -16.64
N ARG QA 273 21.84 -12.10 -15.76
CA ARG QA 273 20.54 -12.71 -15.99
C ARG QA 273 19.44 -11.68 -15.81
N TRP QA 274 18.40 -11.78 -16.64
CA TRP QA 274 17.28 -10.85 -16.57
C TRP QA 274 16.35 -11.20 -15.43
N GLU QA 275 16.17 -10.25 -14.51
CA GLU QA 275 15.15 -10.32 -13.46
C GLU QA 275 15.14 -9.02 -12.67
N MET RA 1 40.07 -3.46 -58.42
CA MET RA 1 39.85 -2.78 -57.16
C MET RA 1 38.72 -3.44 -56.38
N ILE RA 2 38.95 -3.67 -55.08
CA ILE RA 2 37.93 -4.21 -54.19
C ILE RA 2 37.31 -3.05 -53.41
N GLN RA 3 35.99 -3.11 -53.25
CA GLN RA 3 35.23 -2.09 -52.53
C GLN RA 3 34.36 -2.76 -51.48
N ARG RA 4 34.38 -2.21 -50.28
CA ARG RA 4 33.59 -2.71 -49.15
C ARG RA 4 32.69 -1.60 -48.66
N THR RA 5 31.42 -1.91 -48.45
CA THR RA 5 30.47 -0.91 -47.99
C THR RA 5 30.60 -0.72 -46.49
N PRO RA 6 30.47 0.51 -46.01
CA PRO RA 6 30.75 0.78 -44.60
C PRO RA 6 29.65 0.29 -43.67
N LYS RA 7 30.07 -0.06 -42.46
CA LYS RA 7 29.14 -0.39 -41.38
C LYS RA 7 29.05 0.83 -40.47
N ILE RA 8 27.83 1.20 -40.10
CA ILE RA 8 27.56 2.43 -39.36
C ILE RA 8 26.98 2.06 -38.01
N GLN RA 9 27.55 2.65 -36.96
CA GLN RA 9 27.05 2.50 -35.59
C GLN RA 9 26.96 3.88 -34.98
N VAL RA 10 25.74 4.33 -34.72
CA VAL RA 10 25.49 5.62 -34.08
C VAL RA 10 25.07 5.34 -32.64
N TYR RA 11 25.74 6.01 -31.71
CA TYR RA 11 25.55 5.76 -30.28
C TYR RA 11 26.02 7.00 -29.52
N SER RA 12 26.17 6.87 -28.22
CA SER RA 12 26.62 7.94 -27.35
C SER RA 12 27.81 7.45 -26.55
N ARG RA 13 28.68 8.39 -26.16
CA ARG RA 13 29.85 8.03 -25.37
C ARG RA 13 29.44 7.49 -24.01
N HIS RA 14 28.41 8.05 -23.41
CA HIS RA 14 27.91 7.68 -22.10
C HIS RA 14 26.43 7.36 -22.21
N PRO RA 15 25.87 6.69 -21.21
CA PRO RA 15 24.41 6.47 -21.20
C PRO RA 15 23.66 7.79 -21.26
N ALA RA 16 22.67 7.85 -22.14
CA ALA RA 16 21.98 9.09 -22.48
C ALA RA 16 21.16 9.57 -21.30
N GLU RA 17 21.72 10.50 -20.53
CA GLU RA 17 21.01 11.19 -19.46
C GLU RA 17 20.49 12.52 -19.99
N ASN RA 18 19.20 12.79 -19.77
CA ASN RA 18 18.57 13.98 -20.31
C ASN RA 18 19.00 15.26 -19.58
N GLY RA 19 19.28 16.30 -20.36
CA GLY RA 19 19.66 17.59 -19.82
C GLY RA 19 21.08 17.68 -19.30
N LYS RA 20 21.95 16.77 -19.69
CA LYS RA 20 23.33 16.78 -19.25
C LYS RA 20 24.25 16.61 -20.45
N SER RA 21 25.50 17.04 -20.28
CA SER RA 21 26.45 17.00 -21.38
C SER RA 21 26.89 15.57 -21.68
N ASN RA 22 26.90 15.23 -22.96
CA ASN RA 22 27.30 13.91 -23.42
C ASN RA 22 27.89 14.08 -24.81
N PHE RA 23 28.41 13.00 -25.37
CA PHE RA 23 28.99 13.03 -26.70
C PHE RA 23 28.24 12.08 -27.64
N LEU RA 24 27.94 12.57 -28.84
CA LEU RA 24 27.31 11.76 -29.88
C LEU RA 24 28.39 11.23 -30.80
N ASN RA 25 28.35 9.93 -31.06
CA ASN RA 25 29.39 9.24 -31.82
C ASN RA 25 28.81 8.57 -33.07
N CYS RA 26 29.57 8.63 -34.15
CA CYS RA 26 29.31 7.85 -35.36
C CYS RA 26 30.56 7.04 -35.64
N TYR RA 27 30.42 5.72 -35.68
CA TYR RA 27 31.56 4.83 -35.92
C TYR RA 27 31.33 4.09 -37.22
N VAL RA 28 32.07 4.48 -38.26
CA VAL RA 28 32.03 3.83 -39.56
C VAL RA 28 33.27 2.95 -39.69
N SER RA 29 33.07 1.72 -40.16
CA SER RA 29 34.17 0.77 -40.26
C SER RA 29 33.89 -0.20 -41.39
N GLY RA 30 34.90 -1.02 -41.70
CA GLY RA 30 34.75 -2.03 -42.74
C GLY RA 30 34.44 -1.49 -44.12
N PHE RA 31 35.09 -0.40 -44.53
CA PHE RA 31 34.84 0.17 -45.85
C PHE RA 31 36.14 0.42 -46.60
N HIS RA 32 36.03 0.36 -47.92
CA HIS RA 32 37.11 0.64 -48.86
C HIS RA 32 36.45 1.15 -50.15
N PRO RA 33 37.02 2.17 -50.80
CA PRO RA 33 38.26 2.88 -50.47
C PRO RA 33 38.16 3.93 -49.36
N SER RA 34 39.23 4.73 -49.23
CA SER RA 34 39.37 5.64 -48.10
C SER RA 34 38.44 6.84 -48.19
N ASP RA 35 38.06 7.25 -49.40
CA ASP RA 35 37.26 8.45 -49.59
C ASP RA 35 35.87 8.24 -49.01
N ILE RA 36 35.50 9.06 -48.01
CA ILE RA 36 34.20 8.91 -47.36
C ILE RA 36 33.71 10.27 -46.87
N GLU RA 37 32.39 10.44 -46.89
CA GLU RA 37 31.72 11.65 -46.44
C GLU RA 37 30.78 11.29 -45.29
N VAL RA 38 31.01 11.89 -44.12
CA VAL RA 38 30.23 11.59 -42.92
C VAL RA 38 29.77 12.89 -42.28
N ASP RA 39 28.47 13.02 -42.04
CA ASP RA 39 27.90 14.19 -41.39
C ASP RA 39 27.02 13.80 -40.20
N LEU RA 40 27.03 14.66 -39.17
CA LEU RA 40 26.16 14.50 -38.02
C LEU RA 40 25.02 15.53 -38.09
N LEU RA 41 23.79 15.05 -37.93
CA LEU RA 41 22.61 15.89 -38.12
C LEU RA 41 21.80 16.01 -36.83
N LYS RA 42 21.24 17.20 -36.62
CA LYS RA 42 20.31 17.49 -35.52
C LYS RA 42 19.00 17.98 -36.11
N ASN RA 43 17.97 17.13 -36.09
CA ASN RA 43 16.66 17.45 -36.66
C ASN RA 43 16.75 17.73 -38.15
N GLY RA 44 17.68 17.07 -38.84
CA GLY RA 44 17.88 17.30 -40.25
C GLY RA 44 18.83 18.43 -40.57
N GLU RA 45 19.43 19.05 -39.56
CA GLU RA 45 20.34 20.17 -39.75
C GLU RA 45 21.77 19.68 -39.49
N ARG RA 46 22.69 20.06 -40.38
CA ARG RA 46 24.07 19.62 -40.23
C ARG RA 46 24.73 20.38 -39.08
N ILE RA 47 25.49 19.67 -38.26
CA ILE RA 47 26.20 20.30 -37.15
C ILE RA 47 27.56 20.78 -37.65
N GLU RA 48 27.92 22.01 -37.30
CA GLU RA 48 29.10 22.63 -37.89
C GLU RA 48 30.40 22.04 -37.33
N LYS RA 49 30.50 21.92 -36.01
CA LYS RA 49 31.74 21.47 -35.39
C LYS RA 49 31.64 19.98 -35.09
N VAL RA 50 32.27 19.18 -35.94
CA VAL RA 50 32.37 17.74 -35.78
C VAL RA 50 33.82 17.35 -36.01
N GLU RA 51 34.46 16.80 -34.98
CA GLU RA 51 35.83 16.32 -35.15
C GLU RA 51 35.82 14.83 -35.47
N HIS RA 52 36.97 14.35 -35.93
CA HIS RA 52 37.12 12.95 -36.29
C HIS RA 52 38.55 12.51 -36.04
N SER RA 53 38.75 11.19 -36.02
CA SER RA 53 40.04 10.60 -35.75
C SER RA 53 40.89 10.50 -37.02
N ASP RA 54 42.13 10.09 -36.82
CA ASP RA 54 43.09 9.91 -37.91
C ASP RA 54 42.87 8.56 -38.59
N LEU RA 55 42.96 8.57 -39.92
CA LEU RA 55 42.67 7.38 -40.72
C LEU RA 55 43.56 6.20 -40.33
N SER RA 56 42.91 5.07 -40.02
CA SER RA 56 43.58 3.82 -39.70
C SER RA 56 42.80 2.70 -40.37
N PHE RA 57 43.31 1.47 -40.24
CA PHE RA 57 42.63 0.35 -40.89
C PHE RA 57 42.79 -0.92 -40.05
N SER RA 58 41.91 -1.89 -40.32
CA SER RA 58 41.85 -3.13 -39.57
C SER RA 58 42.69 -4.21 -40.25
N LYS RA 59 42.53 -5.46 -39.79
CA LYS RA 59 43.35 -6.56 -40.29
C LYS RA 59 43.04 -6.89 -41.75
N ASP RA 60 41.77 -6.77 -42.13
CA ASP RA 60 41.35 -7.05 -43.50
C ASP RA 60 41.54 -5.85 -44.43
N TRP RA 61 42.31 -4.85 -44.01
CA TRP RA 61 42.66 -3.64 -44.76
C TRP RA 61 41.51 -2.63 -44.85
N SER RA 62 40.40 -2.88 -44.15
CA SER RA 62 39.26 -1.97 -44.20
C SER RA 62 39.46 -0.78 -43.26
N PHE RA 63 38.93 0.36 -43.67
CA PHE RA 63 39.13 1.62 -42.98
C PHE RA 63 38.04 1.84 -41.93
N TYR RA 64 38.40 2.55 -40.85
CA TYR RA 64 37.44 2.88 -39.81
C TYR RA 64 37.68 4.30 -39.29
N LEU RA 65 36.58 5.02 -39.02
CA LEU RA 65 36.63 6.40 -38.56
C LEU RA 65 35.58 6.62 -37.48
N LEU RA 66 35.86 7.55 -36.57
CA LEU RA 66 34.95 7.92 -35.49
C LEU RA 66 34.70 9.42 -35.52
N TYR RA 67 33.45 9.81 -35.78
CA TYR RA 67 33.06 11.22 -35.79
C TYR RA 67 32.33 11.54 -34.49
N TYR RA 68 32.67 12.65 -33.86
CA TYR RA 68 32.10 12.98 -32.56
C TYR RA 68 31.96 14.49 -32.38
N THR RA 69 30.99 14.87 -31.55
CA THR RA 69 30.78 16.26 -31.14
C THR RA 69 30.09 16.27 -29.78
N GLU RA 70 30.21 17.38 -29.07
CA GLU RA 70 29.52 17.55 -27.80
C GLU RA 70 28.08 18.00 -28.03
N PHE RA 71 27.17 17.49 -27.21
CA PHE RA 71 25.76 17.85 -27.34
C PHE RA 71 25.03 17.58 -26.04
N THR RA 72 23.83 18.16 -25.93
CA THR RA 72 22.95 17.93 -24.79
C THR RA 72 21.70 17.21 -25.27
N PRO RA 73 21.47 15.97 -24.82
CA PRO RA 73 20.32 15.19 -25.30
C PRO RA 73 19.00 15.68 -24.74
N THR RA 74 17.97 15.63 -25.60
CA THR RA 74 16.63 16.04 -25.23
C THR RA 74 15.68 14.95 -25.71
N GLU RA 75 14.62 14.69 -24.93
CA GLU RA 75 13.66 13.65 -25.28
C GLU RA 75 13.03 13.92 -26.65
N LYS RA 76 12.69 15.18 -26.94
CA LYS RA 76 12.06 15.49 -28.21
C LYS RA 76 13.08 15.44 -29.36
N ASP RA 77 14.31 15.89 -29.11
CA ASP RA 77 15.25 16.08 -30.20
C ASP RA 77 15.64 14.75 -30.84
N GLU RA 78 15.97 14.82 -32.12
CA GLU RA 78 16.44 13.68 -32.89
C GLU RA 78 17.86 13.94 -33.39
N TYR RA 79 18.67 12.89 -33.41
CA TYR RA 79 20.03 12.95 -33.87
C TYR RA 79 20.25 11.79 -34.83
N ALA RA 80 21.19 11.96 -35.75
CA ALA RA 80 21.42 10.93 -36.76
C ALA RA 80 22.80 11.14 -37.36
N CYS RA 81 23.21 10.16 -38.17
CA CYS RA 81 24.46 10.21 -38.92
C CYS RA 81 24.17 10.03 -40.40
N ARG RA 82 24.72 10.91 -41.23
CA ARG RA 82 24.58 10.78 -42.67
C ARG RA 82 25.96 10.45 -43.23
N VAL RA 83 26.06 9.28 -43.85
CA VAL RA 83 27.31 8.75 -44.39
C VAL RA 83 27.10 8.49 -45.87
N ASN RA 84 27.96 9.06 -46.70
CA ASN RA 84 27.90 8.83 -48.13
C ASN RA 84 29.19 8.16 -48.59
N HIS RA 85 29.05 7.16 -49.47
CA HIS RA 85 30.17 6.38 -49.94
C HIS RA 85 29.88 5.94 -51.37
N VAL RA 86 30.95 5.56 -52.08
CA VAL RA 86 30.80 5.13 -53.47
C VAL RA 86 29.98 3.85 -53.57
N THR RA 87 30.11 2.97 -52.58
CA THR RA 87 29.35 1.72 -52.56
C THR RA 87 27.86 1.95 -52.30
N LEU RA 88 27.50 3.12 -51.78
CA LEU RA 88 26.12 3.42 -51.42
C LEU RA 88 25.43 4.10 -52.60
N SER RA 89 24.29 3.54 -53.03
CA SER RA 89 23.53 4.15 -54.12
C SER RA 89 23.05 5.54 -53.75
N GLN RA 90 22.66 5.74 -52.50
CA GLN RA 90 22.20 7.02 -52.00
C GLN RA 90 22.86 7.28 -50.65
N PRO RA 91 23.03 8.54 -50.24
CA PRO RA 91 23.60 8.80 -48.92
C PRO RA 91 22.72 8.17 -47.85
N LYS RA 92 23.34 7.36 -46.99
CA LYS RA 92 22.64 6.62 -45.95
C LYS RA 92 22.55 7.39 -44.64
N ILE RA 93 21.34 7.47 -44.08
CA ILE RA 93 21.08 8.14 -42.81
C ILE RA 93 20.68 7.08 -41.80
N VAL RA 94 21.29 7.13 -40.62
CA VAL RA 94 20.99 6.21 -39.52
C VAL RA 94 20.60 7.02 -38.28
N LYS RA 95 19.41 6.78 -37.75
CA LYS RA 95 18.95 7.54 -36.60
C LYS RA 95 19.55 6.98 -35.31
N TRP RA 96 19.67 7.85 -34.31
CA TRP RA 96 20.27 7.50 -33.02
C TRP RA 96 19.24 6.92 -32.08
N ASP RA 97 19.51 5.72 -31.57
CA ASP RA 97 18.69 5.10 -30.53
C ASP RA 97 19.53 5.01 -29.26
N ARG RA 98 19.08 5.68 -28.20
CA ARG RA 98 19.83 5.69 -26.95
C ARG RA 98 19.84 4.32 -26.27
N ASP RA 99 18.92 3.45 -26.67
CA ASP RA 99 18.83 2.07 -26.18
C ASP RA 99 19.65 1.11 -27.04
N MET RA 100 20.35 1.62 -28.04
CA MET RA 100 21.17 0.80 -28.92
C MET RA 100 22.54 1.43 -29.12
N GLY SA 1 95.22 19.82 -6.33
CA GLY SA 1 95.22 20.81 -5.27
C GLY SA 1 93.97 20.79 -4.42
N SER SA 2 93.46 21.98 -4.10
CA SER SA 2 92.26 22.11 -3.28
C SER SA 2 91.01 22.10 -4.16
N HIS SA 3 89.99 21.37 -3.71
CA HIS SA 3 88.74 21.25 -4.43
C HIS SA 3 87.59 21.79 -3.60
N SER SA 4 86.51 22.15 -4.27
CA SER SA 4 85.35 22.71 -3.59
C SER SA 4 84.07 22.32 -4.32
N MET SA 5 82.98 22.26 -3.58
CA MET SA 5 81.64 22.14 -4.14
C MET SA 5 80.81 23.28 -3.59
N ARG SA 6 80.16 24.03 -4.48
CA ARG SA 6 79.41 25.22 -4.08
C ARG SA 6 78.07 25.27 -4.80
N TYR SA 7 77.05 25.74 -4.09
CA TYR SA 7 75.72 25.96 -4.63
C TYR SA 7 75.38 27.44 -4.52
N PHE SA 8 74.87 28.00 -5.60
CA PHE SA 8 74.51 29.42 -5.67
C PHE SA 8 73.02 29.53 -5.95
N PHE SA 9 72.31 30.26 -5.08
CA PHE SA 9 70.87 30.45 -5.20
C PHE SA 9 70.57 31.92 -5.41
N THR SA 10 69.70 32.21 -6.37
CA THR SA 10 69.23 33.56 -6.62
C THR SA 10 67.71 33.53 -6.74
N SER SA 11 67.05 34.37 -5.95
CA SER SA 11 65.59 34.50 -5.99
C SER SA 11 65.25 35.98 -6.14
N VAL SA 12 64.52 36.31 -7.19
CA VAL SA 12 64.14 37.68 -7.49
C VAL SA 12 62.62 37.76 -7.52
N SER SA 13 62.06 38.74 -6.83
CA SER SA 13 60.61 38.86 -6.72
C SER SA 13 60.08 39.79 -7.81
N ARG SA 14 59.07 39.34 -8.52
CA ARG SA 14 58.40 40.16 -9.52
C ARG SA 14 57.03 40.57 -9.01
N PRO SA 15 56.84 41.82 -8.58
CA PRO SA 15 55.59 42.22 -7.93
C PRO SA 15 54.45 42.35 -8.93
N GLY SA 16 53.42 41.55 -8.73
CA GLY SA 16 52.23 41.61 -9.56
C GLY SA 16 52.18 40.53 -10.61
N ARG SA 17 53.26 40.39 -11.38
CA ARG SA 17 53.32 39.41 -12.45
C ARG SA 17 53.84 38.07 -11.94
N GLY SA 18 53.04 37.48 -11.06
CA GLY SA 18 53.26 36.11 -10.63
C GLY SA 18 54.11 35.97 -9.39
N GLU SA 19 54.75 34.81 -9.30
CA GLU SA 19 55.59 34.44 -8.17
C GLU SA 19 57.03 34.86 -8.43
N PRO SA 20 57.92 34.74 -7.45
CA PRO SA 20 59.32 35.12 -7.70
C PRO SA 20 60.09 34.05 -8.45
N ARG SA 21 60.99 34.52 -9.32
CA ARG SA 21 61.86 33.64 -10.09
C ARG SA 21 63.02 33.17 -9.22
N PHE SA 22 63.30 31.86 -9.25
CA PHE SA 22 64.34 31.27 -8.42
C PHE SA 22 65.29 30.49 -9.33
N ILE SA 23 66.58 30.80 -9.24
CA ILE SA 23 67.62 30.13 -10.02
C ILE SA 23 68.62 29.51 -9.05
N ALA SA 24 68.95 28.24 -9.29
CA ALA SA 24 69.91 27.49 -8.49
C ALA SA 24 70.94 26.84 -9.40
N VAL SA 25 72.22 26.98 -9.05
CA VAL SA 25 73.31 26.39 -9.82
C VAL SA 25 74.30 25.74 -8.86
N GLY SA 26 74.88 24.63 -9.29
CA GLY SA 26 75.85 23.92 -8.49
C GLY SA 26 77.18 23.77 -9.20
N TYR SA 27 78.27 24.04 -8.50
CA TYR SA 27 79.61 23.98 -9.06
C TYR SA 27 80.49 23.03 -8.26
N VAL SA 28 81.32 22.26 -8.98
CA VAL SA 28 82.45 21.55 -8.40
C VAL SA 28 83.70 22.12 -9.06
N ASP SA 29 84.55 22.77 -8.26
CA ASP SA 29 85.71 23.52 -8.76
C ASP SA 29 85.15 24.63 -9.65
N ASP SA 30 85.50 24.69 -10.93
CA ASP SA 30 84.97 25.69 -11.84
C ASP SA 30 84.03 25.08 -12.88
N THR SA 31 83.53 23.88 -12.64
CA THR SA 31 82.65 23.18 -13.56
C THR SA 31 81.23 23.16 -13.00
N GLN SA 32 80.26 23.57 -13.81
CA GLN SA 32 78.85 23.55 -13.42
C GLN SA 32 78.23 22.22 -13.82
N PHE SA 33 77.58 21.56 -12.87
CA PHE SA 33 77.01 20.24 -13.11
C PHE SA 33 75.51 20.14 -12.87
N VAL SA 34 74.88 21.09 -12.20
CA VAL SA 34 73.45 21.06 -11.94
C VAL SA 34 72.88 22.47 -12.01
N ARG SA 35 71.59 22.55 -12.37
CA ARG SA 35 70.88 23.82 -12.45
C ARG SA 35 69.41 23.59 -12.19
N PHE SA 36 68.73 24.63 -11.74
CA PHE SA 36 67.29 24.62 -11.57
C PHE SA 36 66.72 25.98 -11.93
N ASP SA 37 65.65 25.98 -12.73
CA ASP SA 37 64.98 27.22 -13.13
C ASP SA 37 63.51 27.12 -12.76
N SER SA 38 63.00 28.17 -12.11
CA SER SA 38 61.60 28.20 -11.74
C SER SA 38 60.69 28.34 -12.95
N ASP SA 39 61.20 28.91 -14.04
CA ASP SA 39 60.42 29.07 -15.27
C ASP SA 39 60.69 27.96 -16.28
N ALA SA 40 61.40 26.91 -15.88
CA ALA SA 40 61.64 25.79 -16.77
C ALA SA 40 60.42 24.88 -16.82
N ALA SA 41 60.14 24.34 -18.02
CA ALA SA 41 59.00 23.45 -18.18
C ALA SA 41 59.18 22.16 -17.38
N SER SA 42 60.42 21.68 -17.28
CA SER SA 42 60.69 20.44 -16.57
C SER SA 42 60.34 20.57 -15.09
N GLN SA 43 60.64 21.72 -14.49
CA GLN SA 43 60.46 21.94 -13.06
C GLN SA 43 61.25 20.94 -12.24
N ARG SA 44 62.40 20.53 -12.76
CA ARG SA 44 63.22 19.52 -12.10
C ARG SA 44 64.67 19.96 -12.11
N MET SA 45 65.46 19.33 -11.25
CA MET SA 45 66.91 19.54 -11.23
C MET SA 45 67.55 18.86 -12.43
N GLU SA 46 68.18 19.68 -13.29
CA GLU SA 46 68.73 19.18 -14.54
C GLU SA 46 70.24 19.03 -14.45
N PRO SA 47 70.82 18.08 -15.18
CA PRO SA 47 72.27 17.92 -15.20
C PRO SA 47 72.91 18.77 -16.29
N ARG SA 48 74.06 19.37 -15.95
CA ARG SA 48 74.79 20.18 -16.92
C ARG SA 48 76.15 19.63 -17.29
N ALA SA 49 76.61 18.56 -16.64
CA ALA SA 49 77.87 17.92 -16.95
C ALA SA 49 77.63 16.45 -17.20
N PRO SA 50 78.38 15.85 -18.12
CA PRO SA 50 78.11 14.44 -18.46
C PRO SA 50 78.34 13.47 -17.33
N TRP SA 51 79.34 13.71 -16.48
CA TRP SA 51 79.69 12.73 -15.46
C TRP SA 51 78.61 12.60 -14.39
N ILE SA 52 77.81 13.66 -14.17
CA ILE SA 52 76.74 13.58 -13.19
C ILE SA 52 75.51 12.90 -13.77
N GLU SA 53 75.39 12.85 -15.10
CA GLU SA 53 74.21 12.28 -15.75
C GLU SA 53 74.03 10.81 -15.40
N GLN SA 54 75.10 10.12 -15.00
CA GLN SA 54 75.08 8.70 -14.67
C GLN SA 54 74.44 8.42 -13.31
N GLU SA 55 73.67 9.38 -12.77
CA GLU SA 55 72.99 9.16 -11.50
C GLU SA 55 71.65 8.47 -11.70
N GLY SA 56 71.25 7.70 -10.69
CA GLY SA 56 70.02 6.95 -10.71
C GLY SA 56 68.83 7.88 -10.58
N PRO SA 57 67.64 7.40 -10.94
CA PRO SA 57 66.44 8.23 -10.81
C PRO SA 57 66.13 8.57 -9.36
N GLU SA 58 66.67 7.82 -8.40
CA GLU SA 58 66.50 8.16 -7.00
C GLU SA 58 67.20 9.46 -6.65
N TYR SA 59 68.39 9.68 -7.22
CA TYR SA 59 69.18 10.87 -6.90
C TYR SA 59 68.47 12.15 -7.35
N TRP SA 60 68.01 12.16 -8.60
CA TRP SA 60 67.39 13.37 -9.15
C TRP SA 60 66.11 13.73 -8.41
N ASP SA 61 65.32 12.73 -8.01
CA ASP SA 61 64.10 13.02 -7.25
C ASP SA 61 64.41 13.67 -5.93
N GLY SA 62 65.46 13.21 -5.24
CA GLY SA 62 65.83 13.83 -3.98
C GLY SA 62 66.35 15.25 -4.17
N GLU SA 63 67.23 15.45 -5.16
CA GLU SA 63 67.77 16.77 -5.42
C GLU SA 63 66.67 17.74 -5.86
N THR SA 64 65.75 17.26 -6.70
CA THR SA 64 64.61 18.09 -7.11
C THR SA 64 63.73 18.46 -5.93
N ARG SA 65 63.58 17.54 -4.97
CA ARG SA 65 62.73 17.81 -3.82
C ARG SA 65 63.29 18.94 -2.97
N LYS SA 66 64.60 18.92 -2.71
CA LYS SA 66 65.17 19.92 -1.81
C LYS SA 66 65.23 21.29 -2.45
N VAL SA 67 65.58 21.37 -3.74
CA VAL SA 67 65.71 22.67 -4.38
C VAL SA 67 64.34 23.37 -4.45
N LYS SA 68 63.29 22.60 -4.73
CA LYS SA 68 61.94 23.15 -4.73
C LYS SA 68 61.55 23.63 -3.34
N ALA SA 69 61.92 22.86 -2.31
CA ALA SA 69 61.68 23.29 -0.93
C ALA SA 69 62.47 24.54 -0.62
N HIS SA 70 63.72 24.61 -1.09
CA HIS SA 70 64.53 25.82 -0.93
C HIS SA 70 63.91 26.99 -1.67
N SER SA 71 63.30 26.74 -2.83
CA SER SA 71 62.62 27.80 -3.56
C SER SA 71 61.48 28.38 -2.75
N GLN SA 72 60.70 27.51 -2.10
CA GLN SA 72 59.64 27.98 -1.21
C GLN SA 72 60.22 28.71 -0.01
N THR SA 73 61.40 28.28 0.46
CA THR SA 73 62.05 28.98 1.56
C THR SA 73 62.36 30.42 1.20
N HIS SA 74 62.99 30.63 0.04
CA HIS SA 74 63.42 31.98 -0.32
C HIS SA 74 62.26 32.89 -0.67
N ARG SA 75 61.14 32.34 -1.16
CA ARG SA 75 59.96 33.19 -1.36
C ARG SA 75 59.41 33.68 -0.02
N VAL SA 76 59.45 32.83 1.00
CA VAL SA 76 59.08 33.28 2.35
C VAL SA 76 60.10 34.28 2.86
N ASP SA 77 61.38 34.04 2.54
CA ASP SA 77 62.42 34.96 2.97
C ASP SA 77 62.21 36.34 2.37
N LEU SA 78 61.77 36.38 1.11
CA LEU SA 78 61.49 37.65 0.46
C LEU SA 78 60.37 38.40 1.17
N GLY SA 79 59.31 37.69 1.56
CA GLY SA 79 58.24 38.34 2.31
C GLY SA 79 58.68 38.78 3.69
N THR SA 80 59.44 37.95 4.39
CA THR SA 80 59.92 38.32 5.72
C THR SA 80 60.84 39.53 5.64
N LEU SA 81 61.77 39.52 4.68
CA LEU SA 81 62.70 40.63 4.53
C LEU SA 81 61.98 41.90 4.07
N ARG SA 82 60.91 41.74 3.28
CA ARG SA 82 60.10 42.90 2.89
C ARG SA 82 59.45 43.55 4.11
N GLY SA 83 59.06 42.75 5.09
CA GLY SA 83 58.49 43.30 6.31
C GLY SA 83 59.53 43.95 7.21
N TYR SA 84 60.74 43.39 7.23
CA TYR SA 84 61.79 43.89 8.12
C TYR SA 84 62.14 45.34 7.83
N TYR SA 85 62.29 45.69 6.55
CA TYR SA 85 62.72 47.02 6.15
C TYR SA 85 61.56 47.97 5.85
N ASN SA 86 60.31 47.54 6.10
CA ASN SA 86 59.13 48.38 5.86
C ASN SA 86 59.05 48.75 4.38
N GLN SA 87 59.46 47.84 3.51
CA GLN SA 87 59.56 48.10 2.09
C GLN SA 87 58.19 48.01 1.42
N SER SA 88 58.00 48.84 0.40
CA SER SA 88 56.76 48.80 -0.36
C SER SA 88 56.67 47.50 -1.15
N GLU SA 89 55.45 46.96 -1.24
CA GLU SA 89 55.22 45.73 -1.98
C GLU SA 89 55.43 45.89 -3.49
N ALA SA 90 55.68 47.12 -3.96
CA ALA SA 90 55.85 47.38 -5.38
C ALA SA 90 57.27 47.16 -5.87
N GLY SA 91 58.25 47.12 -4.97
CA GLY SA 91 59.64 46.99 -5.38
C GLY SA 91 60.06 45.54 -5.58
N SER SA 92 60.96 45.35 -6.55
CA SER SA 92 61.56 44.05 -6.81
C SER SA 92 62.89 43.93 -6.07
N HIS SA 93 63.03 42.86 -5.30
CA HIS SA 93 64.21 42.66 -4.46
C HIS SA 93 64.77 41.26 -4.69
N THR SA 94 66.07 41.14 -4.44
CA THR SA 94 66.81 39.91 -4.70
C THR SA 94 67.37 39.37 -3.39
N VAL SA 95 67.28 38.05 -3.22
CA VAL SA 95 67.93 37.36 -2.12
C VAL SA 95 68.87 36.31 -2.70
N GLN SA 96 70.05 36.20 -2.12
CA GLN SA 96 71.06 35.28 -2.63
C GLN SA 96 71.67 34.51 -1.47
N ARG SA 97 71.99 33.25 -1.72
CA ARG SA 97 72.62 32.40 -0.75
C ARG SA 97 73.77 31.67 -1.41
N MET SA 98 74.85 31.49 -0.66
CA MET SA 98 75.99 30.72 -1.13
C MET SA 98 76.53 29.94 0.04
N TYR SA 99 76.65 28.63 -0.13
CA TYR SA 99 77.31 27.80 0.86
C TYR SA 99 78.21 26.81 0.13
N GLY SA 100 79.34 26.50 0.75
CA GLY SA 100 80.30 25.64 0.09
C GLY SA 100 81.25 25.05 1.09
N CYS SA 101 82.07 24.14 0.58
CA CYS SA 101 83.03 23.38 1.36
C CYS SA 101 84.33 23.36 0.58
N ASP SA 102 85.44 23.43 1.30
CA ASP SA 102 86.77 23.36 0.70
C ASP SA 102 87.52 22.17 1.27
N VAL SA 103 88.22 21.45 0.42
CA VAL SA 103 89.05 20.33 0.87
C VAL SA 103 90.47 20.52 0.38
N GLY SA 104 91.43 20.01 1.15
CA GLY SA 104 92.82 20.09 0.82
C GLY SA 104 93.25 18.97 -0.11
N SER SA 105 94.57 18.88 -0.31
CA SER SA 105 95.10 17.80 -1.14
C SER SA 105 94.82 16.43 -0.54
N ASP SA 106 94.73 16.34 0.78
CA ASP SA 106 94.41 15.08 1.44
C ASP SA 106 92.96 14.66 1.20
N TRP SA 107 92.13 15.54 0.66
CA TRP SA 107 90.71 15.35 0.35
C TRP SA 107 89.87 15.39 1.62
N ARG SA 108 90.39 15.96 2.69
CA ARG SA 108 89.65 16.11 3.94
C ARG SA 108 89.21 17.56 4.12
N PHE SA 109 88.29 17.76 5.07
CA PHE SA 109 87.65 19.05 5.23
C PHE SA 109 88.69 20.12 5.54
N LEU SA 110 88.53 21.29 4.93
CA LEU SA 110 89.43 22.41 5.15
C LEU SA 110 88.72 23.68 5.58
N ARG SA 111 87.56 23.98 4.98
CA ARG SA 111 86.93 25.28 5.14
C ARG SA 111 85.47 25.18 4.73
N GLY SA 112 84.65 26.06 5.27
CA GLY SA 112 83.23 26.08 4.96
C GLY SA 112 82.68 27.48 4.89
N TYR SA 113 81.62 27.64 4.09
CA TYR SA 113 80.95 28.91 3.86
C TYR SA 113 79.44 28.77 3.90
N HIS SA 114 78.81 29.74 4.55
CA HIS SA 114 77.36 29.97 4.45
C HIS SA 114 77.15 31.47 4.52
N GLN SA 115 76.61 32.06 3.45
CA GLN SA 115 76.42 33.49 3.39
C GLN SA 115 75.09 33.81 2.73
N TYR SA 116 74.51 34.94 3.14
CA TYR SA 116 73.21 35.40 2.67
C TYR SA 116 73.31 36.86 2.24
N ALA SA 117 72.57 37.22 1.19
CA ALA SA 117 72.65 38.56 0.62
C ALA SA 117 71.26 39.04 0.25
N TYR SA 118 70.98 40.31 0.51
CA TYR SA 118 69.72 40.95 0.15
C TYR SA 118 70.01 42.22 -0.64
N ASP SA 119 69.50 42.28 -1.88
CA ASP SA 119 69.65 43.45 -2.74
C ASP SA 119 71.11 43.79 -3.01
N GLY SA 120 71.94 42.76 -3.14
CA GLY SA 120 73.33 42.96 -3.50
C GLY SA 120 74.23 43.37 -2.37
N LYS SA 121 73.76 43.29 -1.13
CA LYS SA 121 74.55 43.63 0.05
C LYS SA 121 74.58 42.43 1.00
N ASP SA 122 75.65 42.34 1.78
CA ASP SA 122 75.74 41.30 2.79
C ASP SA 122 74.63 41.47 3.82
N TYR SA 123 74.00 40.35 4.18
CA TYR SA 123 72.92 40.35 5.17
C TYR SA 123 73.37 39.63 6.43
N ILE SA 124 73.49 38.30 6.38
CA ILE SA 124 73.99 37.52 7.50
C ILE SA 124 74.98 36.49 6.96
N ALA SA 125 76.09 36.30 7.66
CA ALA SA 125 77.11 35.38 7.22
C ALA SA 125 77.61 34.57 8.41
N LEU SA 126 78.05 33.34 8.12
CA LEU SA 126 78.57 32.43 9.12
C LEU SA 126 80.07 32.61 9.27
N LYS SA 127 80.54 32.72 10.50
CA LYS SA 127 81.97 32.89 10.72
C LYS SA 127 82.69 31.59 10.39
N GLU SA 128 84.00 31.69 10.19
CA GLU SA 128 84.75 30.56 9.63
C GLU SA 128 84.79 29.38 10.59
N ASP SA 129 84.66 29.62 11.90
CA ASP SA 129 84.58 28.53 12.87
C ASP SA 129 83.31 27.70 12.69
N LEU SA 130 82.31 28.23 11.98
CA LEU SA 130 81.03 27.56 11.72
C LEU SA 130 80.15 27.51 12.97
N ARG SA 131 80.42 28.38 13.94
CA ARG SA 131 79.68 28.39 15.18
C ARG SA 131 79.14 29.77 15.57
N SER SA 132 79.43 30.81 14.79
CA SER SA 132 79.01 32.16 15.11
C SER SA 132 78.44 32.83 13.85
N TRP SA 133 77.66 33.88 14.05
CA TRP SA 133 77.02 34.59 12.95
C TRP SA 133 77.42 36.05 12.98
N THR SA 134 77.52 36.64 11.78
CA THR SA 134 77.81 38.06 11.60
C THR SA 134 76.60 38.74 10.98
N ALA SA 135 76.10 39.77 11.64
CA ALA SA 135 74.90 40.48 11.20
C ALA SA 135 75.30 41.85 10.67
N ALA SA 136 74.85 42.16 9.44
CA ALA SA 136 75.24 43.39 8.77
C ALA SA 136 74.65 44.62 9.46
N ASP SA 137 73.35 44.60 9.75
CA ASP SA 137 72.65 45.76 10.27
C ASP SA 137 71.62 45.31 11.29
N MET SA 138 70.75 46.24 11.69
CA MET SA 138 69.74 45.94 12.70
C MET SA 138 68.80 44.84 12.25
N ALA SA 139 68.35 44.91 10.99
CA ALA SA 139 67.45 43.89 10.46
C ALA SA 139 68.10 42.51 10.47
N ALA SA 140 69.41 42.44 10.21
CA ALA SA 140 70.09 41.16 10.24
C ALA SA 140 70.17 40.57 11.64
N GLN SA 141 70.24 41.40 12.68
CA GLN SA 141 70.31 40.86 14.04
C GLN SA 141 69.03 40.14 14.41
N THR SA 142 67.88 40.59 13.90
CA THR SA 142 66.62 39.89 14.19
C THR SA 142 66.68 38.46 13.69
N THR SA 143 67.20 38.26 12.47
CA THR SA 143 67.39 36.91 11.95
C THR SA 143 68.47 36.16 12.71
N LYS SA 144 69.50 36.87 13.17
CA LYS SA 144 70.60 36.24 13.88
C LYS SA 144 70.14 35.58 15.18
N HIS SA 145 69.31 36.28 15.96
CA HIS SA 145 68.85 35.73 17.24
C HIS SA 145 68.01 34.47 17.04
N LYS SA 146 67.11 34.46 16.05
CA LYS SA 146 66.32 33.26 15.80
C LYS SA 146 67.21 32.09 15.41
N TRP SA 147 68.20 32.34 14.54
CA TRP SA 147 69.08 31.27 14.11
C TRP SA 147 69.96 30.77 15.26
N GLU SA 148 70.36 31.67 16.16
CA GLU SA 148 71.12 31.24 17.33
C GLU SA 148 70.29 30.35 18.24
N ALA SA 149 69.03 30.74 18.48
CA ALA SA 149 68.17 29.96 19.37
C ALA SA 149 67.81 28.60 18.75
N ALA SA 150 67.62 28.56 17.43
CA ALA SA 150 67.21 27.36 16.73
C ALA SA 150 68.35 26.39 16.45
N HIS SA 151 69.57 26.70 16.92
CA HIS SA 151 70.74 25.86 16.72
C HIS SA 151 71.02 25.59 15.24
N VAL SA 152 70.87 26.64 14.42
CA VAL SA 152 71.13 26.51 12.99
C VAL SA 152 72.62 26.29 12.72
N ALA SA 153 73.49 26.95 13.50
CA ALA SA 153 74.93 26.85 13.26
C ALA SA 153 75.43 25.42 13.36
N GLU SA 154 74.91 24.64 14.33
CA GLU SA 154 75.38 23.27 14.48
C GLU SA 154 74.94 22.37 13.32
N GLN SA 155 73.72 22.59 12.81
CA GLN SA 155 73.24 21.78 11.68
C GLN SA 155 74.01 22.07 10.40
N LEU SA 156 74.32 23.33 10.12
CA LEU SA 156 75.09 23.63 8.92
C LEU SA 156 76.50 23.08 9.01
N ARG SA 157 77.11 23.17 10.20
CA ARG SA 157 78.46 22.64 10.39
C ARG SA 157 78.51 21.14 10.09
N ALA SA 158 77.44 20.42 10.43
CA ALA SA 158 77.39 18.99 10.13
C ALA SA 158 77.36 18.73 8.62
N TYR SA 159 76.63 19.57 7.88
CA TYR SA 159 76.54 19.39 6.43
C TYR SA 159 77.87 19.66 5.74
N LEU SA 160 78.50 20.80 6.05
CA LEU SA 160 79.72 21.19 5.38
C LEU SA 160 80.89 20.25 5.71
N GLU SA 161 81.06 19.94 7.00
CA GLU SA 161 82.19 19.12 7.42
C GLU SA 161 82.02 17.66 7.02
N GLY SA 162 80.80 17.18 6.86
CA GLY SA 162 80.59 15.78 6.55
C GLY SA 162 79.82 15.49 5.27
N THR SA 163 78.61 16.02 5.16
CA THR SA 163 77.76 15.64 4.03
C THR SA 163 78.35 16.14 2.72
N CYS SA 164 78.82 17.38 2.65
CA CYS SA 164 79.44 17.86 1.42
C CYS SA 164 80.71 17.07 1.11
N VAL SA 165 81.59 16.93 2.10
CA VAL SA 165 82.89 16.31 1.87
C VAL SA 165 82.70 14.89 1.32
N GLU SA 166 81.73 14.15 1.86
CA GLU SA 166 81.47 12.80 1.37
C GLU SA 166 80.98 12.84 -0.07
N TRP SA 167 80.03 13.73 -0.36
CA TRP SA 167 79.50 13.82 -1.72
C TRP SA 167 80.47 14.50 -2.67
N LEU SA 168 81.26 15.45 -2.16
CA LEU SA 168 82.29 16.06 -3.01
C LEU SA 168 83.29 15.01 -3.47
N ARG SA 169 83.71 14.13 -2.55
CA ARG SA 169 84.60 13.04 -2.93
C ARG SA 169 83.95 12.14 -3.97
N ARG SA 170 82.66 11.81 -3.78
CA ARG SA 170 81.96 10.98 -4.76
C ARG SA 170 81.90 11.65 -6.12
N TYR SA 171 81.66 12.97 -6.15
CA TYR SA 171 81.63 13.68 -7.42
C TYR SA 171 82.99 13.63 -8.10
N LEU SA 172 84.06 13.78 -7.32
CA LEU SA 172 85.40 13.73 -7.89
C LEU SA 172 85.67 12.37 -8.52
N GLU SA 173 85.27 11.30 -7.84
CA GLU SA 173 85.47 9.95 -8.35
C GLU SA 173 84.60 9.69 -9.58
N ASN SA 174 83.35 10.16 -9.56
CA ASN SA 174 82.46 9.93 -10.70
C ASN SA 174 82.89 10.71 -11.93
N GLY SA 175 83.47 11.88 -11.76
CA GLY SA 175 83.95 12.67 -12.87
C GLY SA 175 85.45 12.91 -12.84
N LYS SA 176 86.21 11.86 -12.56
CA LYS SA 176 87.67 12.00 -12.50
C LYS SA 176 88.24 12.50 -13.81
N GLU SA 177 87.69 12.02 -14.94
CA GLU SA 177 88.16 12.48 -16.25
C GLU SA 177 87.84 13.96 -16.50
N THR SA 178 86.75 14.47 -15.93
CA THR SA 178 86.27 15.81 -16.27
C THR SA 178 86.85 16.89 -15.37
N LEU SA 179 86.97 16.63 -14.06
CA LEU SA 179 87.38 17.67 -13.12
C LEU SA 179 88.72 17.40 -12.43
N GLN SA 180 89.26 16.18 -12.54
CA GLN SA 180 90.61 15.91 -12.05
C GLN SA 180 91.63 16.03 -13.17
N ARG SA 181 91.17 16.39 -14.36
CA ARG SA 181 92.06 16.67 -15.46
C ARG SA 181 92.66 18.06 -15.27
N THR SA 182 93.82 18.27 -15.86
CA THR SA 182 94.40 19.61 -15.88
C THR SA 182 94.81 19.92 -17.30
N ASP SA 183 94.41 21.09 -17.80
CA ASP SA 183 94.64 21.48 -19.18
C ASP SA 183 95.66 22.61 -19.20
N ALA SA 184 96.81 22.37 -19.84
CA ALA SA 184 97.84 23.37 -19.93
C ALA SA 184 97.44 24.46 -20.92
N PRO SA 185 97.81 25.71 -20.65
CA PRO SA 185 97.41 26.80 -21.54
C PRO SA 185 98.06 26.69 -22.91
N LYS SA 186 97.38 27.25 -23.90
CA LYS SA 186 97.90 27.37 -25.26
C LYS SA 186 98.36 28.80 -25.46
N THR SA 187 99.67 29.01 -25.47
CA THR SA 187 100.23 30.34 -25.39
C THR SA 187 100.67 30.80 -26.78
N HIS SA 188 100.46 32.08 -27.06
CA HIS SA 188 100.95 32.71 -28.27
C HIS SA 188 100.99 34.21 -28.02
N MET SA 189 101.66 34.92 -28.93
CA MET SA 189 101.92 36.35 -28.76
C MET SA 189 101.48 37.09 -30.01
N THR SA 190 100.92 38.29 -29.81
CA THR SA 190 100.44 39.12 -30.90
C THR SA 190 101.05 40.52 -30.75
N HIS SA 191 101.15 41.23 -31.87
CA HIS SA 191 101.77 42.55 -31.90
C HIS SA 191 100.81 43.61 -32.42
N HIS SA 192 100.67 44.70 -31.67
CA HIS SA 192 99.86 45.84 -32.06
C HIS SA 192 100.71 47.09 -31.88
N ALA SA 193 100.71 47.94 -32.89
CA ALA SA 193 101.53 49.16 -32.89
C ALA SA 193 100.61 50.35 -32.64
N VAL SA 194 100.75 50.96 -31.47
CA VAL SA 194 99.97 52.16 -31.15
C VAL SA 194 100.42 53.33 -32.00
N SER SA 195 101.73 53.52 -32.15
CA SER SA 195 102.26 54.67 -32.86
C SER SA 195 103.61 54.31 -33.47
N ASP SA 196 104.24 55.32 -34.11
CA ASP SA 196 105.53 55.11 -34.76
C ASP SA 196 106.64 54.75 -33.78
N HIS SA 197 106.51 55.11 -32.50
CA HIS SA 197 107.61 54.96 -31.56
C HIS SA 197 107.43 53.87 -30.51
N GLU SA 198 106.19 53.45 -30.24
CA GLU SA 198 105.96 52.40 -29.25
C GLU SA 198 104.81 51.50 -29.70
N ALA SA 199 104.92 50.22 -29.37
CA ALA SA 199 103.96 49.19 -29.75
C ALA SA 199 103.50 48.42 -28.51
N THR SA 200 102.36 47.74 -28.66
CA THR SA 200 101.79 46.95 -27.58
C THR SA 200 101.97 45.46 -27.86
N LEU SA 201 102.36 44.72 -26.83
CA LEU SA 201 102.57 43.28 -26.89
C LEU SA 201 101.48 42.58 -26.09
N ARG SA 202 100.90 41.52 -26.64
CA ARG SA 202 99.81 40.79 -26.02
C ARG SA 202 100.22 39.35 -25.75
N CYS SA 203 100.00 38.90 -24.53
CA CYS SA 203 100.26 37.54 -24.10
C CYS SA 203 98.93 36.81 -23.95
N TRP SA 204 98.78 35.67 -24.63
CA TRP SA 204 97.52 34.95 -24.67
C TRP SA 204 97.64 33.59 -24.00
N ALA SA 205 96.65 33.25 -23.19
CA ALA SA 205 96.49 31.91 -22.63
C ALA SA 205 95.08 31.45 -22.93
N LEU SA 206 94.96 30.26 -23.52
CA LEU SA 206 93.68 29.74 -23.98
C LEU SA 206 93.60 28.25 -23.69
N SER SA 207 92.36 27.76 -23.61
CA SER SA 207 92.08 26.33 -23.49
C SER SA 207 92.80 25.70 -22.29
N PHE SA 208 92.62 26.29 -21.12
CA PHE SA 208 93.23 25.78 -19.90
C PHE SA 208 92.17 25.61 -18.82
N TYR SA 209 92.37 24.59 -17.99
CA TYR SA 209 91.51 24.31 -16.84
C TYR SA 209 92.42 23.79 -15.71
N PRO SA 210 92.22 24.25 -14.47
CA PRO SA 210 91.20 25.14 -13.88
C PRO SA 210 91.33 26.60 -14.27
N ALA SA 211 90.39 27.42 -13.79
CA ALA SA 211 90.34 28.82 -14.19
C ALA SA 211 91.52 29.61 -13.67
N GLU SA 212 92.03 29.28 -12.48
CA GLU SA 212 93.07 30.09 -11.86
C GLU SA 212 94.34 30.02 -12.69
N ILE SA 213 94.91 31.19 -13.01
CA ILE SA 213 96.14 31.27 -13.78
C ILE SA 213 96.82 32.58 -13.43
N THR SA 214 98.14 32.64 -13.63
CA THR SA 214 98.90 33.86 -13.39
C THR SA 214 99.67 34.22 -14.65
N LEU SA 215 99.52 35.47 -15.09
CA LEU SA 215 100.22 36.00 -16.25
C LEU SA 215 101.00 37.23 -15.82
N THR SA 216 102.30 37.23 -16.10
CA THR SA 216 103.18 38.30 -15.67
C THR SA 216 104.06 38.77 -16.83
N TRP SA 217 104.33 40.07 -16.84
CA TRP SA 217 105.15 40.71 -17.85
C TRP SA 217 106.46 41.13 -17.22
N GLN SA 218 107.58 40.77 -17.85
CA GLN SA 218 108.90 41.14 -17.33
C GLN SA 218 109.72 41.82 -18.40
N ARG SA 219 110.34 42.95 -18.04
CA ARG SA 219 111.29 43.64 -18.90
C ARG SA 219 112.67 43.48 -18.27
N ASP SA 220 113.55 42.74 -18.95
CA ASP SA 220 114.91 42.49 -18.50
C ASP SA 220 114.95 41.67 -17.22
N GLY SA 221 113.92 40.88 -16.96
CA GLY SA 221 113.85 40.11 -15.74
C GLY SA 221 113.31 40.87 -14.54
N GLU SA 222 112.59 41.96 -14.77
CA GLU SA 222 112.00 42.76 -13.70
C GLU SA 222 110.49 42.83 -13.88
N ASP SA 223 109.76 42.57 -12.80
CA ASP SA 223 108.31 42.59 -12.86
C ASP SA 223 107.79 43.95 -13.29
N GLN SA 224 106.98 43.96 -14.34
CA GLN SA 224 106.44 45.18 -14.91
C GLN SA 224 104.97 45.22 -14.54
N THR SA 225 104.56 46.27 -13.84
CA THR SA 225 103.19 46.39 -13.37
C THR SA 225 102.75 47.84 -13.47
N GLN SA 226 101.45 48.06 -13.21
CA GLN SA 226 100.82 49.38 -13.26
C GLN SA 226 100.81 49.93 -14.68
N ASP SA 227 101.80 49.55 -15.49
CA ASP SA 227 101.84 49.88 -16.90
C ASP SA 227 101.31 48.76 -17.78
N THR SA 228 100.71 47.74 -17.17
CA THR SA 228 100.20 46.57 -17.88
C THR SA 228 98.68 46.51 -17.74
N GLU SA 229 98.05 45.82 -18.69
CA GLU SA 229 96.61 45.60 -18.65
C GLU SA 229 96.34 44.11 -18.48
N LEU SA 230 95.42 43.78 -17.58
CA LEU SA 230 95.07 42.40 -17.27
C LEU SA 230 93.56 42.31 -17.21
N VAL SA 231 93.00 41.38 -17.99
CA VAL SA 231 91.55 41.18 -18.08
C VAL SA 231 91.12 40.06 -17.16
N GLU SA 232 89.87 40.15 -16.71
CA GLU SA 232 89.24 39.10 -15.91
C GLU SA 232 89.15 37.82 -16.73
N THR SA 233 89.34 36.68 -16.06
CA THR SA 233 89.28 35.40 -16.73
C THR SA 233 87.91 35.16 -17.35
N ARG SA 234 87.91 34.65 -18.58
CA ARG SA 234 86.68 34.50 -19.34
C ARG SA 234 86.46 33.02 -19.66
N PRO SA 235 85.20 32.57 -19.71
CA PRO SA 235 84.93 31.18 -20.12
C PRO SA 235 84.85 31.08 -21.63
N ALA SA 236 85.54 30.08 -22.19
CA ALA SA 236 85.51 29.88 -23.63
C ALA SA 236 84.19 29.30 -24.11
N GLY SA 237 83.46 28.61 -23.24
CA GLY SA 237 82.21 27.97 -23.59
C GLY SA 237 82.29 26.47 -23.81
N ASP SA 238 83.48 25.88 -23.74
CA ASP SA 238 83.66 24.44 -23.87
C ASP SA 238 84.24 23.82 -22.61
N GLY SA 239 84.14 24.52 -21.48
CA GLY SA 239 84.75 24.07 -20.25
C GLY SA 239 86.17 24.55 -20.05
N THR SA 240 86.68 25.39 -20.95
CA THR SA 240 88.01 25.96 -20.85
C THR SA 240 87.89 27.47 -20.68
N PHE SA 241 88.98 28.08 -20.20
CA PHE SA 241 88.99 29.51 -19.91
C PHE SA 241 90.08 30.20 -20.72
N GLN SA 242 90.02 31.53 -20.71
CA GLN SA 242 90.94 32.37 -21.48
C GLN SA 242 91.32 33.60 -20.67
N LYS SA 243 92.54 34.08 -20.90
CA LYS SA 243 93.03 35.29 -20.24
C LYS SA 243 94.19 35.84 -21.06
N TRP SA 244 94.36 37.17 -21.01
CA TRP SA 244 95.46 37.79 -21.72
C TRP SA 244 95.98 39.01 -20.97
N ALA SA 245 97.25 39.32 -21.19
CA ALA SA 245 97.94 40.46 -20.59
C ALA SA 245 98.67 41.25 -21.66
N ALA SA 246 98.70 42.58 -21.51
CA ALA SA 246 99.32 43.46 -22.49
C ALA SA 246 100.21 44.48 -21.80
N VAL SA 247 101.27 44.88 -22.49
CA VAL SA 247 102.23 45.88 -22.00
C VAL SA 247 102.63 46.78 -23.17
N VAL SA 248 102.83 48.06 -22.90
CA VAL SA 248 103.27 49.01 -23.91
C VAL SA 248 104.80 49.09 -23.92
N VAL SA 249 105.39 48.87 -25.09
CA VAL SA 249 106.85 48.81 -25.25
C VAL SA 249 107.29 49.75 -26.36
N PRO SA 250 108.40 50.48 -26.20
CA PRO SA 250 108.93 51.27 -27.31
C PRO SA 250 109.50 50.38 -28.41
N SER SA 251 109.40 50.86 -29.64
CA SER SA 251 109.80 50.08 -30.80
C SER SA 251 111.27 49.68 -30.74
N GLY SA 252 111.57 48.47 -31.21
CA GLY SA 252 112.92 47.95 -31.21
C GLY SA 252 113.36 47.28 -29.93
N GLN SA 253 112.55 47.33 -28.88
CA GLN SA 253 112.87 46.69 -27.61
C GLN SA 253 112.01 45.46 -27.33
N GLU SA 254 111.31 44.95 -28.34
CA GLU SA 254 110.44 43.78 -28.14
C GLU SA 254 111.24 42.57 -27.66
N GLN SA 255 112.51 42.49 -28.02
CA GLN SA 255 113.35 41.36 -27.65
C GLN SA 255 113.77 41.38 -26.18
N ARG SA 256 113.39 42.41 -25.43
CA ARG SA 256 113.79 42.53 -24.03
C ARG SA 256 112.65 42.27 -23.05
N TYR SA 257 111.48 41.87 -23.54
CA TYR SA 257 110.35 41.55 -22.69
C TYR SA 257 110.03 40.06 -22.75
N THR SA 258 109.52 39.55 -21.64
CA THR SA 258 109.20 38.13 -21.52
C THR SA 258 107.88 37.96 -20.79
N CYS SA 259 107.09 36.99 -21.23
CA CYS SA 259 105.83 36.63 -20.60
C CYS SA 259 105.98 35.33 -19.85
N HIS SA 260 105.51 35.31 -18.61
CA HIS SA 260 105.62 34.14 -17.75
C HIS SA 260 104.23 33.64 -17.41
N VAL SA 261 103.99 32.36 -17.66
CA VAL SA 261 102.69 31.73 -17.45
C VAL SA 261 102.85 30.69 -16.35
N GLN SA 262 102.07 30.85 -15.28
CA GLN SA 262 102.05 29.91 -14.17
C GLN SA 262 100.66 29.28 -14.10
N HIS SA 263 100.62 27.95 -14.11
CA HIS SA 263 99.36 27.22 -14.08
C HIS SA 263 99.65 25.80 -13.65
N GLU SA 264 98.62 25.14 -13.10
CA GLU SA 264 98.78 23.76 -12.67
C GLU SA 264 99.08 22.85 -13.84
N GLY SA 265 98.57 23.19 -15.03
CA GLY SA 265 98.83 22.38 -16.22
C GLY SA 265 100.26 22.42 -16.69
N LEU SA 266 101.01 23.44 -16.29
CA LEU SA 266 102.38 23.55 -16.73
C LEU SA 266 103.29 23.01 -15.64
N PRO SA 267 104.08 21.98 -15.91
CA PRO SA 267 105.05 21.55 -14.89
C PRO SA 267 106.12 22.58 -14.66
N LYS SA 268 106.37 23.42 -15.65
CA LYS SA 268 107.37 24.46 -15.77
C LYS SA 268 106.69 25.81 -15.98
N PRO SA 269 107.14 26.87 -15.31
CA PRO SA 269 106.67 28.21 -15.69
C PRO SA 269 107.08 28.51 -17.12
N LEU SA 270 106.10 28.88 -17.94
CA LEU SA 270 106.36 29.11 -19.36
C LEU SA 270 106.96 30.49 -19.59
N THR SA 271 107.82 30.57 -20.61
CA THR SA 271 108.44 31.81 -21.04
C THR SA 271 108.10 32.05 -22.51
N LEU SA 272 107.67 33.27 -22.82
CA LEU SA 272 107.28 33.65 -24.17
C LEU SA 272 108.12 34.83 -24.61
N ARG SA 273 108.97 34.61 -25.62
CA ARG SA 273 109.78 35.66 -26.23
C ARG SA 273 109.16 36.07 -27.57
N TRP SA 274 109.52 37.27 -28.01
CA TRP SA 274 109.03 37.81 -29.27
C TRP SA 274 110.17 37.76 -30.28
N GLU SA 275 110.01 36.93 -31.31
CA GLU SA 275 111.02 36.80 -32.36
C GLU SA 275 110.39 36.26 -33.64
N MET TA 1 69.00 49.80 -2.23
CA MET TA 1 69.48 48.90 -3.27
C MET TA 1 70.83 49.38 -3.83
N ILE TA 2 71.76 48.44 -3.99
CA ILE TA 2 73.07 48.71 -4.57
C ILE TA 2 73.01 48.32 -6.05
N GLN TA 3 73.62 49.14 -6.91
CA GLN TA 3 73.63 48.91 -8.34
C GLN TA 3 75.05 48.97 -8.89
N ARG TA 4 75.42 47.99 -9.68
CA ARG TA 4 76.74 47.90 -10.31
C ARG TA 4 76.54 47.80 -11.82
N THR TA 5 77.30 48.60 -12.57
CA THR TA 5 77.16 48.58 -14.03
C THR TA 5 77.94 47.41 -14.62
N PRO TA 6 77.40 46.75 -15.64
CA PRO TA 6 78.01 45.51 -16.13
C PRO TA 6 79.28 45.73 -16.94
N LYS TA 7 80.16 44.74 -16.89
CA LYS TA 7 81.36 44.70 -17.72
C LYS TA 7 81.11 43.73 -18.88
N ILE TA 8 81.48 44.15 -20.08
CA ILE TA 8 81.17 43.39 -21.29
C ILE TA 8 82.47 42.99 -21.96
N GLN TA 9 82.59 41.71 -22.31
CA GLN TA 9 83.74 41.19 -23.06
C GLN TA 9 83.19 40.32 -24.19
N VAL TA 10 83.38 40.78 -25.42
CA VAL TA 10 82.99 40.04 -26.62
C VAL TA 10 84.26 39.48 -27.25
N TYR TA 11 84.24 38.18 -27.53
CA TYR TA 11 85.43 37.48 -28.01
C TYR TA 11 84.98 36.22 -28.74
N SER TA 12 85.94 35.33 -29.02
CA SER TA 12 85.67 34.08 -29.70
C SER TA 12 86.22 32.92 -28.87
N ARG TA 13 85.58 31.76 -29.04
CA ARG TA 13 86.01 30.57 -28.31
C ARG TA 13 87.41 30.14 -28.73
N HIS TA 14 87.73 30.28 -30.01
CA HIS TA 14 89.00 29.91 -30.59
C HIS TA 14 89.60 31.12 -31.30
N PRO TA 15 90.90 31.08 -31.61
CA PRO TA 15 91.49 32.18 -32.40
C PRO TA 15 90.77 32.34 -33.73
N ALA TA 16 90.43 33.59 -34.04
CA ALA TA 16 89.55 33.92 -35.17
C ALA TA 16 90.26 33.66 -36.49
N GLU TA 17 90.00 32.48 -37.08
CA GLU TA 17 90.44 32.17 -38.43
C GLU TA 17 89.30 32.44 -39.40
N ASN TA 18 89.60 33.17 -40.47
CA ASN TA 18 88.56 33.58 -41.41
C ASN TA 18 88.08 32.40 -42.25
N GLY TA 19 86.76 32.35 -42.45
CA GLY TA 19 86.13 31.30 -43.24
C GLY TA 19 85.96 29.96 -42.57
N LYS TA 20 86.00 29.90 -41.24
CA LYS TA 20 85.81 28.65 -40.53
C LYS TA 20 84.81 28.84 -39.41
N SER TA 21 84.21 27.73 -38.98
CA SER TA 21 83.17 27.77 -37.95
C SER TA 21 83.77 28.08 -36.58
N ASN TA 22 83.13 29.00 -35.86
CA ASN TA 22 83.58 29.42 -34.55
C ASN TA 22 82.37 29.84 -33.73
N PHE TA 23 82.61 30.20 -32.47
CA PHE TA 23 81.58 30.66 -31.56
C PHE TA 23 81.88 32.09 -31.14
N LEU TA 24 80.84 32.92 -31.18
CA LEU TA 24 80.92 34.31 -30.74
C LEU TA 24 80.42 34.36 -29.31
N ASN TA 25 81.19 34.99 -28.42
CA ASN TA 25 80.86 34.99 -27.01
C ASN TA 25 80.67 36.42 -26.52
N CYS TA 26 79.68 36.59 -25.66
CA CYS TA 26 79.49 37.83 -24.91
C CYS TA 26 79.49 37.48 -23.43
N TYR TA 27 80.41 38.07 -22.68
CA TYR TA 27 80.53 37.80 -21.26
C TYR TA 27 80.21 39.08 -20.50
N VAL TA 28 79.03 39.09 -19.87
CA VAL TA 28 78.60 40.22 -19.05
C VAL TA 28 78.78 39.81 -17.60
N SER TA 29 79.38 40.69 -16.81
CA SER TA 29 79.69 40.38 -15.42
C SER TA 29 79.69 41.67 -14.62
N GLY TA 30 79.80 41.53 -13.30
CA GLY TA 30 79.85 42.68 -12.43
C GLY TA 30 78.64 43.59 -12.48
N PHE TA 31 77.44 43.02 -12.54
CA PHE TA 31 76.23 43.83 -12.58
C PHE TA 31 75.22 43.35 -11.53
N HIS TA 32 74.42 44.30 -11.07
CA HIS TA 32 73.32 44.07 -10.14
C HIS TA 32 72.28 45.16 -10.42
N PRO TA 33 70.99 44.80 -10.42
CA PRO TA 33 70.36 43.50 -10.17
C PRO TA 33 70.44 42.54 -11.36
N SER TA 34 69.69 41.44 -11.27
CA SER TA 34 69.83 40.35 -12.23
C SER TA 34 69.27 40.70 -13.60
N ASP TA 35 68.29 41.61 -13.67
CA ASP TA 35 67.63 41.93 -14.92
C ASP TA 35 68.62 42.58 -15.89
N ILE TA 36 68.85 41.94 -17.03
CA ILE TA 36 69.80 42.41 -18.04
C ILE TA 36 69.32 41.97 -19.41
N GLU TA 37 69.61 42.80 -20.42
CA GLU TA 37 69.24 42.53 -21.81
C GLU TA 37 70.51 42.44 -22.65
N VAL TA 38 70.74 41.29 -23.28
CA VAL TA 38 71.94 41.04 -24.06
C VAL TA 38 71.53 40.48 -25.42
N ASP TA 39 71.99 41.13 -26.49
CA ASP TA 39 71.74 40.68 -27.86
C ASP TA 39 73.05 40.59 -28.62
N LEU TA 40 73.12 39.61 -29.53
CA LEU TA 40 74.26 39.45 -30.42
C LEU TA 40 73.89 39.91 -31.82
N LEU TA 41 74.74 40.76 -32.40
CA LEU TA 41 74.45 41.42 -33.67
C LEU TA 41 75.48 41.03 -34.74
N LYS TA 42 74.99 40.87 -35.97
CA LYS TA 42 75.82 40.66 -37.16
C LYS TA 42 75.51 41.79 -38.13
N ASN TA 43 76.46 42.71 -38.28
CA ASN TA 43 76.30 43.88 -39.14
C ASN TA 43 75.13 44.76 -38.68
N GLY TA 44 74.88 44.79 -37.37
CA GLY TA 44 73.80 45.55 -36.80
C GLY TA 44 72.46 44.83 -36.74
N GLU TA 45 72.39 43.57 -37.14
CA GLU TA 45 71.16 42.80 -37.14
C GLU TA 45 71.17 41.78 -36.00
N ARG TA 46 70.04 41.66 -35.32
CA ARG TA 46 69.95 40.74 -34.20
C ARG TA 46 69.97 39.30 -34.67
N ILE TA 47 70.71 38.46 -33.95
CA ILE TA 47 70.81 37.04 -34.28
C ILE TA 47 69.68 36.32 -33.54
N GLU TA 48 69.01 35.42 -34.25
CA GLU TA 48 67.80 34.82 -33.69
C GLU TA 48 68.14 33.82 -32.59
N LYS TA 49 69.13 32.96 -32.84
CA LYS TA 49 69.47 31.89 -31.91
C LYS TA 49 70.64 32.38 -31.07
N VAL TA 50 70.34 32.78 -29.84
CA VAL TA 50 71.34 33.20 -28.87
C VAL TA 50 71.04 32.47 -27.57
N GLU TA 51 71.97 31.64 -27.13
CA GLU TA 51 71.86 30.93 -25.87
C GLU TA 51 72.62 31.70 -24.79
N HIS TA 52 72.38 31.32 -23.54
CA HIS TA 52 73.05 31.97 -22.43
C HIS TA 52 73.23 30.96 -21.31
N SER TA 53 74.12 31.30 -20.37
CA SER TA 53 74.41 30.43 -19.25
C SER TA 53 73.40 30.65 -18.14
N ASP TA 54 73.49 29.81 -17.11
CA ASP TA 54 72.60 29.93 -15.97
C ASP TA 54 73.09 31.01 -15.02
N LEU TA 55 72.14 31.79 -14.50
CA LEU TA 55 72.42 32.95 -13.66
C LEU TA 55 73.22 32.60 -12.41
N SER TA 56 74.51 32.89 -12.42
CA SER TA 56 75.37 32.67 -11.26
C SER TA 56 75.94 34.01 -10.83
N PHE TA 57 76.68 34.01 -9.73
CA PHE TA 57 77.24 35.25 -9.22
C PHE TA 57 78.58 34.99 -8.55
N SER TA 58 79.36 36.06 -8.40
CA SER TA 58 80.71 35.99 -7.86
C SER TA 58 80.70 36.27 -6.35
N LYS TA 59 81.88 36.53 -5.78
CA LYS TA 59 82.01 36.69 -4.34
C LYS TA 59 81.38 37.99 -3.85
N ASP TA 60 81.40 39.04 -4.67
CA ASP TA 60 80.80 40.31 -4.28
C ASP TA 60 79.31 40.38 -4.55
N TRP TA 61 78.68 39.23 -4.80
CA TRP TA 61 77.24 39.07 -5.04
C TRP TA 61 76.83 39.57 -6.41
N SER TA 62 77.79 39.97 -7.25
CA SER TA 62 77.50 40.48 -8.58
C SER TA 62 77.27 39.34 -9.56
N PHE TA 63 76.38 39.57 -10.52
CA PHE TA 63 75.95 38.54 -11.46
C PHE TA 63 76.82 38.52 -12.71
N TYR TA 64 76.96 37.34 -13.30
CA TYR TA 64 77.69 37.18 -14.55
C TYR TA 64 76.99 36.19 -15.47
N LEU TA 65 76.97 36.49 -16.77
CA LEU TA 65 76.32 35.65 -17.77
C LEU TA 65 77.16 35.60 -19.03
N LEU TA 66 77.04 34.49 -19.76
CA LEU TA 66 77.75 34.29 -21.02
C LEU TA 66 76.76 33.96 -22.13
N TYR TA 67 76.66 34.84 -23.12
CA TYR TA 67 75.80 34.65 -24.28
C TYR TA 67 76.66 34.24 -25.47
N TYR TA 68 76.22 33.21 -26.20
CA TYR TA 68 77.04 32.69 -27.30
C TYR TA 68 76.18 32.18 -28.44
N THR TA 69 76.76 32.19 -29.63
CA THR TA 69 76.14 31.61 -30.82
C THR TA 69 77.25 31.21 -31.79
N GLU TA 70 76.92 30.30 -32.70
CA GLU TA 70 77.87 29.88 -33.73
C GLU TA 70 77.89 30.89 -34.87
N PHE TA 71 79.08 31.14 -35.41
CA PHE TA 71 79.22 32.07 -36.52
C PHE TA 71 80.50 31.76 -37.28
N THR TA 72 80.60 32.31 -38.48
CA THR TA 72 81.80 32.19 -39.30
C THR TA 72 82.41 33.57 -39.48
N PRO TA 73 83.62 33.83 -38.97
CA PRO TA 73 84.19 35.17 -39.07
C PRO TA 73 84.63 35.47 -40.49
N THR TA 74 84.41 36.72 -40.91
CA THR TA 74 84.73 37.18 -42.25
C THR TA 74 85.44 38.52 -42.19
N GLU TA 75 86.38 38.71 -43.13
CA GLU TA 75 87.16 39.95 -43.20
C GLU TA 75 86.24 41.15 -43.39
N LYS TA 76 85.09 40.95 -44.02
CA LYS TA 76 84.12 42.00 -44.32
C LYS TA 76 83.26 42.35 -43.12
N ASP TA 77 82.83 41.32 -42.37
CA ASP TA 77 81.68 41.43 -41.48
C ASP TA 77 82.05 42.01 -40.12
N GLU TA 78 81.09 42.66 -39.50
CA GLU TA 78 81.24 43.20 -38.15
C GLU TA 78 80.25 42.52 -37.21
N TYR TA 79 80.70 42.29 -35.98
CA TYR TA 79 79.90 41.66 -34.93
C TYR TA 79 80.05 42.49 -33.67
N ALA TA 80 79.03 42.43 -32.82
CA ALA TA 80 79.03 43.23 -31.61
C ALA TA 80 78.05 42.63 -30.62
N CYS TA 81 78.10 43.16 -29.40
CA CYS TA 81 77.19 42.81 -28.33
C CYS TA 81 76.51 44.09 -27.86
N ARG TA 82 75.19 44.05 -27.74
CA ARG TA 82 74.40 45.16 -27.24
C ARG TA 82 73.80 44.73 -25.92
N VAL TA 83 74.18 45.45 -24.85
CA VAL TA 83 73.76 45.14 -23.49
C VAL TA 83 73.04 46.36 -22.93
N ASN TA 84 71.83 46.14 -22.45
CA ASN TA 84 71.03 47.18 -21.82
C ASN TA 84 70.77 46.81 -20.36
N HIS TA 85 70.90 47.81 -19.48
CA HIS TA 85 70.76 47.60 -18.06
C HIS TA 85 70.17 48.87 -17.44
N VAL TA 86 69.63 48.73 -16.23
CA VAL TA 86 69.03 49.87 -15.55
C VAL TA 86 70.09 50.93 -15.24
N THR TA 87 71.32 50.50 -14.94
CA THR TA 87 72.39 51.44 -14.63
C THR TA 87 72.85 52.19 -15.88
N LEU TA 88 72.54 51.70 -17.07
CA LEU TA 88 73.00 52.30 -18.31
C LEU TA 88 71.96 53.29 -18.82
N SER TA 89 72.38 54.54 -19.04
CA SER TA 89 71.48 55.56 -19.58
C SER TA 89 70.98 55.21 -20.97
N GLN TA 90 71.83 54.62 -21.80
CA GLN TA 90 71.46 54.22 -23.15
C GLN TA 90 72.00 52.82 -23.40
N PRO TA 91 71.38 52.06 -24.31
CA PRO TA 91 71.89 50.71 -24.58
C PRO TA 91 73.33 50.76 -25.08
N LYS TA 92 74.19 50.00 -24.41
CA LYS TA 92 75.62 49.96 -24.71
C LYS TA 92 75.95 48.87 -25.72
N ILE TA 93 76.67 49.25 -26.79
CA ILE TA 93 77.09 48.31 -27.83
C ILE TA 93 78.61 48.21 -27.79
N VAL TA 94 79.13 46.98 -27.81
CA VAL TA 94 80.57 46.73 -27.85
C VAL TA 94 80.87 45.86 -29.06
N LYS TA 95 81.72 46.36 -29.96
CA LYS TA 95 82.05 45.64 -31.17
C LYS TA 95 83.13 44.57 -30.91
N TRP TA 96 83.14 43.56 -31.77
CA TRP TA 96 84.06 42.43 -31.61
C TRP TA 96 85.41 42.74 -32.23
N ASP TA 97 86.47 42.62 -31.42
CA ASP TA 97 87.84 42.73 -31.88
C ASP TA 97 88.49 41.37 -31.72
N ARG TA 98 88.94 40.78 -32.84
CA ARG TA 98 89.54 39.46 -32.79
C ARG TA 98 90.89 39.43 -32.09
N ASP TA 99 91.52 40.59 -31.93
CA ASP TA 99 92.79 40.74 -31.21
C ASP TA 99 92.61 41.01 -29.73
N MET TA 100 91.38 41.04 -29.22
CA MET TA 100 91.13 41.27 -27.81
C MET TA 100 90.14 40.26 -27.26
N GLY UA 1 -36.30 -73.28 7.19
CA GLY UA 1 -36.55 -72.73 8.51
C GLY UA 1 -38.00 -72.85 8.94
N SER UA 2 -38.89 -72.24 8.17
CA SER UA 2 -40.32 -72.28 8.44
C SER UA 2 -40.95 -73.50 7.79
N HIS UA 3 -41.83 -74.18 8.53
CA HIS UA 3 -42.51 -75.37 8.06
C HIS UA 3 -44.02 -75.12 8.05
N SER UA 4 -44.73 -75.91 7.25
CA SER UA 4 -46.18 -75.74 7.17
C SER UA 4 -46.85 -77.06 6.90
N MET UA 5 -48.11 -77.16 7.36
CA MET UA 5 -48.97 -78.28 6.99
C MET UA 5 -50.25 -77.70 6.42
N ARG UA 6 -50.63 -78.16 5.23
CA ARG UA 6 -51.78 -77.62 4.53
C ARG UA 6 -52.61 -78.76 3.96
N TYR UA 7 -53.92 -78.58 3.97
CA TYR UA 7 -54.86 -79.52 3.39
C TYR UA 7 -55.61 -78.79 2.28
N PHE UA 8 -55.70 -79.43 1.12
CA PHE UA 8 -56.36 -78.84 -0.05
C PHE UA 8 -57.54 -79.71 -0.42
N PHE UA 9 -58.72 -79.10 -0.48
CA PHE UA 9 -59.95 -79.81 -0.79
C PHE UA 9 -60.56 -79.26 -2.07
N THR UA 10 -60.96 -80.17 -2.96
CA THR UA 10 -61.65 -79.83 -4.20
C THR UA 10 -62.86 -80.73 -4.34
N SER UA 11 -64.02 -80.12 -4.57
CA SER UA 11 -65.27 -80.86 -4.79
C SER UA 11 -65.91 -80.34 -6.07
N VAL UA 12 -66.14 -81.24 -7.02
CA VAL UA 12 -66.70 -80.90 -8.32
C VAL UA 12 -68.01 -81.66 -8.49
N SER UA 13 -69.04 -80.95 -8.92
CA SER UA 13 -70.39 -81.50 -9.06
C SER UA 13 -70.60 -82.02 -10.47
N ARG UA 14 -71.13 -83.23 -10.58
CA ARG UA 14 -71.46 -83.80 -11.89
C ARG UA 14 -72.98 -83.79 -12.07
N PRO UA 15 -73.50 -82.87 -12.89
CA PRO UA 15 -74.94 -82.64 -13.02
C PRO UA 15 -75.67 -83.70 -13.84
N GLY UA 16 -76.60 -84.40 -13.21
CA GLY UA 16 -77.14 -85.62 -13.78
C GLY UA 16 -76.56 -86.89 -13.20
N ARG UA 17 -75.29 -87.12 -13.51
CA ARG UA 17 -74.67 -88.43 -13.31
C ARG UA 17 -74.06 -88.57 -11.92
N GLY UA 18 -74.90 -88.62 -10.90
CA GLY UA 18 -74.33 -89.07 -9.64
C GLY UA 18 -73.96 -88.03 -8.61
N GLU UA 19 -72.98 -88.40 -7.78
CA GLU UA 19 -72.50 -87.59 -6.68
C GLU UA 19 -71.36 -86.71 -7.14
N PRO UA 20 -70.94 -85.77 -6.32
CA PRO UA 20 -69.80 -84.93 -6.66
C PRO UA 20 -68.47 -85.62 -6.39
N ARG UA 21 -67.49 -85.35 -7.24
CA ARG UA 21 -66.16 -85.89 -7.03
C ARG UA 21 -65.46 -85.06 -5.96
N PHE UA 22 -64.86 -85.72 -4.98
CA PHE UA 22 -64.20 -85.05 -3.87
C PHE UA 22 -62.77 -85.56 -3.77
N ILE UA 23 -61.82 -84.63 -3.83
CA ILE UA 23 -60.40 -84.96 -3.71
C ILE UA 23 -59.83 -84.20 -2.54
N ALA UA 24 -59.08 -84.91 -1.70
CA ALA UA 24 -58.42 -84.32 -0.55
C ALA UA 24 -56.96 -84.76 -0.58
N VAL UA 25 -56.05 -83.80 -0.39
CA VAL UA 25 -54.62 -84.08 -0.36
C VAL UA 25 -54.01 -83.31 0.79
N GLY UA 26 -53.02 -83.91 1.44
CA GLY UA 26 -52.36 -83.24 2.53
C GLY UA 26 -50.88 -83.10 2.28
N TYR UA 27 -50.34 -81.91 2.54
CA TYR UA 27 -48.94 -81.62 2.32
C TYR UA 27 -48.31 -81.12 3.60
N VAL UA 28 -47.09 -81.58 3.85
CA VAL UA 28 -46.20 -80.99 4.83
C VAL UA 28 -45.00 -80.49 4.06
N ASP UA 29 -44.78 -79.18 4.07
CA ASP UA 29 -43.79 -78.52 3.23
C ASP UA 29 -44.20 -78.81 1.78
N ASP UA 30 -43.37 -79.47 0.98
CA ASP UA 30 -43.72 -79.82 -0.39
C ASP UA 30 -43.93 -81.32 -0.58
N THR UA 31 -44.13 -82.06 0.51
CA THR UA 31 -44.31 -83.51 0.45
C THR UA 31 -45.76 -83.88 0.74
N GLN UA 32 -46.34 -84.71 -0.14
CA GLN UA 32 -47.71 -85.20 0.03
C GLN UA 32 -47.71 -86.51 0.80
N PHE UA 33 -48.52 -86.57 1.86
CA PHE UA 33 -48.56 -87.75 2.72
C PHE UA 33 -49.91 -88.43 2.83
N VAL UA 34 -51.01 -87.79 2.44
CA VAL UA 34 -52.34 -88.37 2.53
C VAL UA 34 -53.18 -87.94 1.32
N ARG UA 35 -54.15 -88.77 0.96
CA ARG UA 35 -55.05 -88.46 -0.14
C ARG UA 35 -56.39 -89.14 0.08
N PHE UA 36 -57.43 -88.58 -0.54
CA PHE UA 36 -58.75 -89.18 -0.57
C PHE UA 36 -59.41 -88.92 -1.92
N ASP UA 37 -59.96 -89.96 -2.52
CA ASP UA 37 -60.67 -89.86 -3.79
C ASP UA 37 -62.07 -90.43 -3.63
N SER UA 38 -63.07 -89.69 -4.10
CA SER UA 38 -64.44 -90.18 -4.01
C SER UA 38 -64.67 -91.37 -4.92
N ASP UA 39 -63.88 -91.48 -5.99
CA ASP UA 39 -63.98 -92.60 -6.93
C ASP UA 39 -62.97 -93.70 -6.64
N ALA UA 40 -62.26 -93.63 -5.51
CA ALA UA 40 -61.32 -94.67 -5.16
C ALA UA 40 -62.05 -95.87 -4.55
N ALA UA 41 -61.58 -97.08 -4.89
CA ALA UA 41 -62.21 -98.28 -4.36
C ALA UA 41 -62.04 -98.39 -2.85
N SER UA 42 -60.90 -97.94 -2.34
CA SER UA 42 -60.64 -98.03 -0.91
C SER UA 42 -61.64 -97.21 -0.11
N GLN UA 43 -61.99 -96.02 -0.60
CA GLN UA 43 -62.87 -95.09 0.10
C GLN UA 43 -62.30 -94.70 1.46
N ARG UA 44 -60.97 -94.64 1.55
CA ARG UA 44 -60.29 -94.34 2.80
C ARG UA 44 -59.18 -93.33 2.53
N MET UA 45 -58.71 -92.69 3.59
CA MET UA 45 -57.56 -91.82 3.50
C MET UA 45 -56.31 -92.66 3.35
N GLU UA 46 -55.63 -92.51 2.24
CA GLU UA 46 -54.50 -93.36 1.94
C GLU UA 46 -53.19 -92.62 2.16
N PRO UA 47 -52.12 -93.34 2.52
CA PRO UA 47 -50.82 -92.69 2.70
C PRO UA 47 -50.04 -92.61 1.40
N ARG UA 48 -49.37 -91.48 1.20
CA ARG UA 48 -48.56 -91.27 0.01
C ARG UA 48 -47.07 -91.13 0.30
N ALA UA 49 -46.69 -91.07 1.57
CA ALA UA 49 -45.30 -90.98 1.98
C ALA UA 49 -44.98 -92.09 2.96
N PRO UA 50 -43.76 -92.63 2.92
CA PRO UA 50 -43.45 -93.76 3.81
C PRO UA 50 -43.51 -93.41 5.28
N TRP UA 51 -43.11 -92.19 5.67
CA TRP UA 51 -43.00 -91.86 7.09
C TRP UA 51 -44.37 -91.81 7.78
N ILE UA 52 -45.44 -91.51 7.03
CA ILE UA 52 -46.77 -91.48 7.63
C ILE UA 52 -47.37 -92.87 7.76
N GLU UA 53 -46.88 -93.84 6.98
CA GLU UA 53 -47.48 -95.18 6.99
C GLU UA 53 -47.37 -95.84 8.36
N GLN UA 54 -46.40 -95.47 9.19
CA GLN UA 54 -46.26 -96.10 10.51
C GLN UA 54 -47.30 -95.61 11.52
N GLU UA 55 -48.37 -94.97 11.09
CA GLU UA 55 -49.41 -94.55 12.03
C GLU UA 55 -50.38 -95.70 12.24
N GLY UA 56 -50.98 -95.76 13.43
CA GLY UA 56 -51.88 -96.83 13.76
C GLY UA 56 -53.20 -96.76 12.99
N PRO UA 57 -53.91 -97.89 12.95
CA PRO UA 57 -55.20 -97.91 12.26
C PRO UA 57 -56.24 -97.02 12.92
N GLU UA 58 -56.10 -96.73 14.22
CA GLU UA 58 -56.98 -95.79 14.87
C GLU UA 58 -56.86 -94.40 14.25
N TYR UA 59 -55.62 -93.98 13.95
CA TYR UA 59 -55.41 -92.71 13.26
C TYR UA 59 -56.11 -92.71 11.91
N TRP UA 60 -55.89 -93.76 11.11
CA TRP UA 60 -56.48 -93.79 9.77
C TRP UA 60 -58.00 -93.84 9.83
N ASP UA 61 -58.55 -94.57 10.79
CA ASP UA 61 -60.00 -94.62 10.93
C ASP UA 61 -60.56 -93.24 11.24
N GLY UA 62 -59.88 -92.50 12.11
CA GLY UA 62 -60.31 -91.15 12.43
C GLY UA 62 -60.17 -90.22 11.24
N GLU UA 63 -59.02 -90.29 10.55
CA GLU UA 63 -58.80 -89.43 9.40
C GLU UA 63 -59.78 -89.76 8.28
N THR UA 64 -60.04 -91.06 8.06
CA THR UA 64 -61.03 -91.47 7.07
C THR UA 64 -62.43 -90.99 7.46
N ARG UA 65 -62.73 -90.99 8.76
CA ARG UA 65 -64.05 -90.57 9.23
C ARG UA 65 -64.33 -89.11 8.93
N LYS UA 66 -63.37 -88.22 9.22
CA LYS UA 66 -63.63 -86.80 9.04
C LYS UA 66 -63.67 -86.38 7.57
N VAL UA 67 -62.79 -86.96 6.74
CA VAL UA 67 -62.75 -86.53 5.33
C VAL UA 67 -64.08 -86.85 4.66
N LYS UA 68 -64.67 -88.00 4.99
CA LYS UA 68 -65.99 -88.32 4.46
C LYS UA 68 -67.02 -87.32 4.98
N ALA UA 69 -66.90 -86.92 6.24
CA ALA UA 69 -67.78 -85.90 6.80
C ALA UA 69 -67.59 -84.58 6.07
N HIS UA 70 -66.34 -84.24 5.76
CA HIS UA 70 -66.07 -83.05 4.95
C HIS UA 70 -66.66 -83.18 3.55
N SER UA 71 -66.69 -84.40 3.00
CA SER UA 71 -67.30 -84.59 1.69
C SER UA 71 -68.77 -84.21 1.72
N GLN UA 72 -69.49 -84.60 2.77
CA GLN UA 72 -70.88 -84.16 2.90
C GLN UA 72 -70.96 -82.66 3.08
N THR UA 73 -69.97 -82.06 3.76
CA THR UA 73 -69.94 -80.62 3.93
C THR UA 73 -69.88 -79.89 2.59
N HIS UA 74 -68.92 -80.26 1.75
CA HIS UA 74 -68.73 -79.52 0.50
C HIS UA 74 -69.82 -79.82 -0.52
N ARG UA 75 -70.40 -81.02 -0.48
CA ARG UA 75 -71.54 -81.32 -1.35
C ARG UA 75 -72.78 -80.49 -1.00
N VAL UA 76 -73.02 -80.26 0.29
CA VAL UA 76 -74.12 -79.36 0.69
C VAL UA 76 -73.80 -77.93 0.28
N ASP UA 77 -72.53 -77.53 0.37
CA ASP UA 77 -72.15 -76.18 -0.02
C ASP UA 77 -72.46 -75.93 -1.49
N LEU UA 78 -72.26 -76.94 -2.34
CA LEU UA 78 -72.59 -76.80 -3.75
C LEU UA 78 -74.08 -76.54 -3.94
N GLY UA 79 -74.92 -77.25 -3.21
CA GLY UA 79 -76.35 -77.00 -3.29
C GLY UA 79 -76.72 -75.64 -2.73
N THR UA 80 -76.13 -75.27 -1.60
CA THR UA 80 -76.42 -73.96 -1.01
C THR UA 80 -75.98 -72.83 -1.93
N LEU UA 81 -74.78 -72.94 -2.50
CA LEU UA 81 -74.28 -71.90 -3.40
C LEU UA 81 -75.09 -71.82 -4.69
N ARG UA 82 -75.73 -72.92 -5.11
CA ARG UA 82 -76.55 -72.88 -6.31
C ARG UA 82 -77.73 -71.92 -6.13
N GLY UA 83 -78.38 -71.97 -4.98
CA GLY UA 83 -79.47 -71.03 -4.70
C GLY UA 83 -79.00 -69.60 -4.59
N TYR UA 84 -77.81 -69.39 -4.04
CA TYR UA 84 -77.31 -68.04 -3.81
C TYR UA 84 -77.17 -67.26 -5.11
N TYR UA 85 -76.61 -67.89 -6.14
CA TYR UA 85 -76.32 -67.27 -7.42
C TYR UA 85 -77.42 -67.44 -8.47
N ASN UA 86 -78.57 -68.01 -8.10
CA ASN UA 86 -79.68 -68.24 -9.04
C ASN UA 86 -79.24 -69.15 -10.19
N GLN UA 87 -78.37 -70.10 -9.90
CA GLN UA 87 -77.78 -70.95 -10.91
C GLN UA 87 -78.68 -72.15 -11.21
N SER UA 88 -78.68 -72.57 -12.47
CA SER UA 88 -79.44 -73.74 -12.87
C SER UA 88 -78.81 -75.01 -12.31
N GLU UA 89 -79.56 -76.10 -12.38
CA GLU UA 89 -79.04 -77.41 -11.96
C GLU UA 89 -78.21 -78.07 -13.03
N ALA UA 90 -78.19 -77.54 -14.26
CA ALA UA 90 -77.53 -78.22 -15.36
C ALA UA 90 -76.02 -77.97 -15.39
N GLY UA 91 -75.53 -76.93 -14.71
CA GLY UA 91 -74.12 -76.61 -14.77
C GLY UA 91 -73.32 -77.38 -13.74
N SER UA 92 -72.08 -77.71 -14.10
CA SER UA 92 -71.14 -78.34 -13.19
C SER UA 92 -70.27 -77.27 -12.56
N HIS UA 93 -70.21 -77.25 -11.23
CA HIS UA 93 -69.51 -76.21 -10.50
C HIS UA 93 -68.57 -76.84 -9.48
N THR UA 94 -67.52 -76.09 -9.14
CA THR UA 94 -66.47 -76.56 -8.27
C THR UA 94 -66.41 -75.68 -7.02
N VAL UA 95 -66.20 -76.33 -5.87
CA VAL UA 95 -65.95 -75.64 -4.61
C VAL UA 95 -64.60 -76.13 -4.08
N GLN UA 96 -63.81 -75.20 -3.57
CA GLN UA 96 -62.48 -75.54 -3.07
C GLN UA 96 -62.24 -74.86 -1.73
N ARG UA 97 -61.52 -75.56 -0.87
CA ARG UA 97 -61.16 -75.06 0.45
C ARG UA 97 -59.68 -75.31 0.66
N MET UA 98 -59.01 -74.37 1.33
CA MET UA 98 -57.62 -74.54 1.70
C MET UA 98 -57.41 -73.91 3.07
N TYR UA 99 -56.85 -74.70 3.98
CA TYR UA 99 -56.47 -74.17 5.28
C TYR UA 99 -55.10 -74.73 5.65
N GLY UA 100 -54.31 -73.90 6.33
CA GLY UA 100 -52.96 -74.31 6.66
C GLY UA 100 -52.42 -73.50 7.82
N CYS UA 101 -51.25 -73.92 8.27
CA CYS UA 101 -50.57 -73.35 9.41
C CYS UA 101 -49.10 -73.16 9.08
N ASP UA 102 -48.50 -72.10 9.61
CA ASP UA 102 -47.08 -71.83 9.42
C ASP UA 102 -46.40 -71.78 10.79
N VAL UA 103 -45.21 -72.38 10.88
CA VAL UA 103 -44.43 -72.36 12.11
C VAL UA 103 -43.05 -71.80 11.79
N GLY UA 104 -42.45 -71.18 12.80
CA GLY UA 104 -41.13 -70.60 12.66
C GLY UA 104 -40.03 -71.62 12.88
N SER UA 105 -38.80 -71.10 12.95
CA SER UA 105 -37.65 -71.96 13.21
C SER UA 105 -37.73 -72.63 14.58
N ASP UA 106 -38.36 -71.96 15.54
CA ASP UA 106 -38.57 -72.51 16.88
C ASP UA 106 -39.57 -73.66 16.90
N TRP UA 107 -40.29 -73.87 15.79
CA TRP UA 107 -41.31 -74.89 15.60
C TRP UA 107 -42.62 -74.49 16.27
N ARG UA 108 -42.78 -73.22 16.59
CA ARG UA 108 -44.01 -72.72 17.18
C ARG UA 108 -44.82 -71.93 16.14
N PHE UA 109 -46.08 -71.68 16.48
CA PHE UA 109 -47.03 -71.12 15.53
C PHE UA 109 -46.57 -69.75 15.02
N LEU UA 110 -46.78 -69.52 13.72
CA LEU UA 110 -46.43 -68.26 13.07
C LEU UA 110 -47.62 -67.65 12.34
N ARG UA 111 -48.33 -68.46 11.56
CA ARG UA 111 -49.32 -67.93 10.63
C ARG UA 111 -50.35 -69.02 10.31
N GLY UA 112 -51.47 -68.59 9.75
CA GLY UA 112 -52.57 -69.50 9.45
C GLY UA 112 -53.36 -69.03 8.25
N TYR UA 113 -53.97 -69.99 7.55
CA TYR UA 113 -54.76 -69.72 6.35
C TYR UA 113 -56.05 -70.51 6.40
N HIS UA 114 -57.15 -69.86 6.03
CA HIS UA 114 -58.41 -70.55 5.74
C HIS UA 114 -59.12 -69.80 4.63
N GLN UA 115 -59.31 -70.43 3.47
CA GLN UA 115 -59.95 -69.76 2.34
C GLN UA 115 -60.89 -70.71 1.61
N TYR UA 116 -61.86 -70.11 0.93
CA TYR UA 116 -62.85 -70.82 0.13
C TYR UA 116 -62.87 -70.26 -1.29
N ALA UA 117 -63.23 -71.11 -2.24
CA ALA UA 117 -63.33 -70.70 -3.64
C ALA UA 117 -64.49 -71.42 -4.30
N TYR UA 118 -65.24 -70.70 -5.13
CA TYR UA 118 -66.34 -71.26 -5.90
C TYR UA 118 -66.15 -70.88 -7.36
N ASP UA 119 -66.03 -71.90 -8.21
CA ASP UA 119 -65.90 -71.71 -9.66
C ASP UA 119 -64.67 -70.88 -10.02
N GLY UA 120 -63.58 -71.09 -9.28
CA GLY UA 120 -62.30 -70.46 -9.57
C GLY UA 120 -62.11 -69.04 -9.11
N LYS UA 121 -63.01 -68.50 -8.28
CA LYS UA 121 -62.88 -67.16 -7.74
C LYS UA 121 -62.94 -67.23 -6.22
N ASP UA 122 -62.31 -66.25 -5.58
CA ASP UA 122 -62.37 -66.17 -4.13
C ASP UA 122 -63.82 -66.00 -3.69
N TYR UA 123 -64.21 -66.73 -2.65
CA TYR UA 123 -65.56 -66.67 -2.11
C TYR UA 123 -65.52 -66.06 -0.71
N ILE UA 124 -65.03 -66.80 0.28
CA ILE UA 124 -64.87 -66.28 1.63
C ILE UA 124 -63.50 -66.71 2.14
N ALA UA 125 -62.81 -65.79 2.80
CA ALA UA 125 -61.47 -66.05 3.30
C ALA UA 125 -61.34 -65.49 4.70
N LEU UA 126 -60.48 -66.13 5.48
CA LEU UA 126 -60.22 -65.69 6.85
C LEU UA 126 -59.08 -64.69 6.84
N LYS UA 127 -59.27 -63.57 7.53
CA LYS UA 127 -58.24 -62.53 7.58
C LYS UA 127 -57.04 -63.02 8.39
N GLU UA 128 -55.98 -62.20 8.37
CA GLU UA 128 -54.74 -62.58 9.01
C GLU UA 128 -54.90 -62.73 10.53
N ASP UA 129 -55.75 -61.90 11.13
CA ASP UA 129 -55.93 -61.91 12.57
C ASP UA 129 -56.63 -63.15 13.08
N LEU UA 130 -57.32 -63.89 12.19
CA LEU UA 130 -58.07 -65.11 12.50
C LEU UA 130 -59.36 -64.81 13.25
N ARG UA 131 -59.82 -63.56 13.19
CA ARG UA 131 -61.02 -63.14 13.88
C ARG UA 131 -61.98 -62.38 12.98
N SER UA 132 -61.61 -62.16 11.71
CA SER UA 132 -62.43 -61.42 10.76
C SER UA 132 -62.47 -62.18 9.44
N TRP UA 133 -63.47 -61.87 8.64
CA TRP UA 133 -63.70 -62.54 7.37
C TRP UA 133 -63.70 -61.54 6.21
N THR UA 134 -63.25 -62.00 5.05
CA THR UA 134 -63.27 -61.20 3.83
C THR UA 134 -64.25 -61.86 2.87
N ALA UA 135 -65.26 -61.10 2.45
CA ALA UA 135 -66.33 -61.58 1.58
C ALA UA 135 -66.18 -60.99 0.19
N ALA UA 136 -66.18 -61.85 -0.82
CA ALA UA 136 -65.97 -61.38 -2.19
C ALA UA 136 -67.13 -60.53 -2.68
N ASP UA 137 -68.36 -61.02 -2.51
CA ASP UA 137 -69.53 -60.34 -3.06
C ASP UA 137 -70.68 -60.47 -2.07
N MET UA 138 -71.88 -60.09 -2.51
CA MET UA 138 -73.05 -60.13 -1.64
C MET UA 138 -73.36 -61.55 -1.17
N ALA UA 139 -73.29 -62.53 -2.08
CA ALA UA 139 -73.56 -63.90 -1.71
C ALA UA 139 -72.60 -64.36 -0.62
N ALA UA 140 -71.35 -63.91 -0.69
CA ALA UA 140 -70.37 -64.26 0.33
C ALA UA 140 -70.70 -63.62 1.66
N GLN UA 141 -71.35 -62.44 1.66
CA GLN UA 141 -71.68 -61.78 2.91
C GLN UA 141 -72.70 -62.58 3.71
N THR UA 142 -73.61 -63.27 3.03
CA THR UA 142 -74.59 -64.11 3.73
C THR UA 142 -73.89 -65.20 4.53
N THR UA 143 -72.89 -65.85 3.95
CA THR UA 143 -72.12 -66.86 4.67
C THR UA 143 -71.31 -66.22 5.79
N LYS UA 144 -70.83 -64.99 5.58
CA LYS UA 144 -70.03 -64.33 6.60
C LYS UA 144 -70.84 -64.11 7.87
N HIS UA 145 -72.08 -63.65 7.74
CA HIS UA 145 -72.91 -63.36 8.91
C HIS UA 145 -73.18 -64.62 9.71
N LYS UA 146 -73.50 -65.72 9.04
CA LYS UA 146 -73.71 -66.97 9.77
C LYS UA 146 -72.44 -67.41 10.46
N TRP UA 147 -71.30 -67.31 9.77
CA TRP UA 147 -70.04 -67.71 10.35
C TRP UA 147 -69.63 -66.78 11.49
N GLU UA 148 -69.96 -65.49 11.38
CA GLU UA 148 -69.69 -64.58 12.48
C GLU UA 148 -70.54 -64.92 13.70
N ALA UA 149 -71.83 -65.19 13.47
CA ALA UA 149 -72.74 -65.51 14.57
C ALA UA 149 -72.40 -66.84 15.21
N ALA UA 150 -71.98 -67.82 14.42
CA ALA UA 150 -71.70 -69.17 14.93
C ALA UA 150 -70.32 -69.28 15.57
N HIS UA 151 -69.56 -68.18 15.66
CA HIS UA 151 -68.23 -68.16 16.26
C HIS UA 151 -67.30 -69.16 15.57
N VAL UA 152 -67.39 -69.22 14.24
CA VAL UA 152 -66.54 -70.13 13.46
C VAL UA 152 -65.08 -69.71 13.52
N ALA UA 153 -64.82 -68.40 13.54
CA ALA UA 153 -63.43 -67.93 13.53
C ALA UA 153 -62.67 -68.47 14.73
N GLU UA 154 -63.34 -68.54 15.89
CA GLU UA 154 -62.70 -69.03 17.09
C GLU UA 154 -62.40 -70.53 16.97
N GLN UA 155 -63.28 -71.28 16.31
CA GLN UA 155 -63.04 -72.71 16.14
C GLN UA 155 -61.84 -72.96 15.22
N LEU UA 156 -61.73 -72.20 14.13
CA LEU UA 156 -60.58 -72.36 13.25
C LEU UA 156 -59.30 -71.89 13.92
N ARG UA 157 -59.36 -70.75 14.63
CA ARG UA 157 -58.18 -70.23 15.31
C ARG UA 157 -57.64 -71.22 16.34
N ALA UA 158 -58.52 -71.94 17.03
CA ALA UA 158 -58.06 -72.95 17.98
C ALA UA 158 -57.33 -74.08 17.26
N TYR UA 159 -57.84 -74.49 16.10
CA TYR UA 159 -57.24 -75.57 15.34
C TYR UA 159 -55.88 -75.17 14.78
N LEU UA 160 -55.80 -74.01 14.12
CA LEU UA 160 -54.56 -73.59 13.47
C LEU UA 160 -53.48 -73.29 14.48
N GLU UA 161 -53.81 -72.53 15.53
CA GLU UA 161 -52.81 -72.12 16.51
C GLU UA 161 -52.37 -73.28 17.38
N GLY UA 162 -53.22 -74.30 17.55
CA GLY UA 162 -52.85 -75.39 18.43
C GLY UA 162 -52.83 -76.78 17.83
N THR UA 163 -53.94 -77.22 17.24
CA THR UA 163 -54.03 -78.61 16.79
C THR UA 163 -53.06 -78.88 15.64
N CYS UA 164 -52.97 -77.98 14.66
CA CYS UA 164 -52.02 -78.21 13.59
C CYS UA 164 -50.59 -78.18 14.11
N VAL UA 165 -50.25 -77.15 14.89
CA VAL UA 165 -48.87 -76.98 15.36
C VAL UA 165 -48.42 -78.20 16.15
N GLU UA 166 -49.30 -78.75 16.99
CA GLU UA 166 -48.93 -79.92 17.77
C GLU UA 166 -48.69 -81.13 16.86
N TRP UA 167 -49.58 -81.37 15.90
CA TRP UA 167 -49.43 -82.50 15.00
C TRP UA 167 -48.37 -82.27 13.94
N LEU UA 168 -48.17 -81.03 13.51
CA LEU UA 168 -47.10 -80.75 12.55
C LEU UA 168 -45.74 -81.07 13.16
N ARG UA 169 -45.53 -80.69 14.42
CA ARG UA 169 -44.28 -81.04 15.09
C ARG UA 169 -44.11 -82.55 15.19
N ARG UA 170 -45.19 -83.27 15.51
CA ARG UA 170 -45.09 -84.73 15.57
C ARG UA 170 -44.75 -85.31 14.21
N TYR UA 171 -45.31 -84.75 13.14
CA TYR UA 171 -45.00 -85.23 11.79
C TYR UA 171 -43.53 -85.01 11.45
N LEU UA 172 -42.97 -83.89 11.87
CA LEU UA 172 -41.57 -83.60 11.58
C LEU UA 172 -40.67 -84.66 12.22
N GLU UA 173 -40.95 -85.03 13.47
CA GLU UA 173 -40.16 -86.05 14.15
C GLU UA 173 -40.35 -87.41 13.51
N ASN UA 174 -41.58 -87.74 13.10
CA ASN UA 174 -41.86 -89.04 12.50
C ASN UA 174 -41.19 -89.19 11.13
N GLY UA 175 -41.07 -88.09 10.39
CA GLY UA 175 -40.41 -88.14 9.09
C GLY UA 175 -39.18 -87.27 9.04
N LYS UA 176 -38.29 -87.43 10.03
CA LYS UA 176 -37.11 -86.58 10.14
C LYS UA 176 -36.21 -86.72 8.92
N GLU UA 177 -36.03 -87.95 8.43
CA GLU UA 177 -35.14 -88.18 7.29
C GLU UA 177 -35.69 -87.57 6.00
N THR UA 178 -37.03 -87.51 5.86
CA THR UA 178 -37.64 -87.14 4.59
C THR UA 178 -37.88 -85.64 4.45
N LEU UA 179 -38.31 -84.96 5.52
CA LEU UA 179 -38.67 -83.55 5.43
C LEU UA 179 -37.77 -82.61 6.22
N GLN UA 180 -36.89 -83.12 7.09
CA GLN UA 180 -35.89 -82.29 7.74
C GLN UA 180 -34.57 -82.32 6.98
N ARG UA 181 -34.52 -83.06 5.89
CA ARG UA 181 -33.38 -83.11 5.00
C ARG UA 181 -33.40 -81.88 4.10
N THR UA 182 -32.23 -81.51 3.60
CA THR UA 182 -32.15 -80.47 2.59
C THR UA 182 -31.29 -81.02 1.45
N ASP UA 183 -31.80 -80.92 0.23
CA ASP UA 183 -31.12 -81.48 -0.93
C ASP UA 183 -30.61 -80.35 -1.82
N ALA UA 184 -29.30 -80.28 -1.98
CA ALA UA 184 -28.69 -79.25 -2.81
C ALA UA 184 -28.89 -79.60 -4.29
N PRO UA 185 -29.07 -78.59 -5.13
CA PRO UA 185 -29.30 -78.86 -6.55
C PRO UA 185 -28.06 -79.46 -7.19
N LYS UA 186 -28.27 -80.22 -8.25
CA LYS UA 186 -27.18 -80.76 -9.05
C LYS UA 186 -27.08 -79.87 -10.28
N THR UA 187 -26.06 -79.03 -10.32
CA THR UA 187 -26.01 -77.93 -11.27
C THR UA 187 -25.09 -78.24 -12.44
N HIS UA 188 -25.52 -77.77 -13.61
CA HIS UA 188 -24.74 -77.82 -14.83
C HIS UA 188 -25.33 -76.78 -15.77
N MET UA 189 -24.58 -76.48 -16.84
CA MET UA 189 -24.92 -75.41 -17.76
C MET UA 189 -24.88 -75.95 -19.18
N THR UA 190 -25.78 -75.45 -20.02
CA THR UA 190 -25.88 -75.89 -21.39
C THR UA 190 -25.81 -74.67 -22.30
N HIS UA 191 -25.36 -74.90 -23.54
CA HIS UA 191 -25.14 -73.86 -24.52
C HIS UA 191 -25.99 -74.17 -25.75
N HIS UA 192 -26.75 -73.18 -26.20
CA HIS UA 192 -27.59 -73.31 -27.39
C HIS UA 192 -27.34 -72.15 -28.34
N ALA UA 193 -27.16 -72.47 -29.61
CA ALA UA 193 -26.84 -71.48 -30.64
C ALA UA 193 -28.08 -71.22 -31.47
N VAL UA 194 -28.65 -70.02 -31.33
CA VAL UA 194 -29.81 -69.66 -32.16
C VAL UA 194 -29.35 -69.47 -33.60
N SER UA 195 -28.24 -68.76 -33.78
CA SER UA 195 -27.70 -68.43 -35.09
C SER UA 195 -26.20 -68.26 -34.93
N ASP UA 196 -25.53 -67.93 -36.04
CA ASP UA 196 -24.08 -67.72 -35.98
C ASP UA 196 -23.71 -66.53 -35.10
N HIS UA 197 -24.64 -65.60 -34.90
CA HIS UA 197 -24.37 -64.32 -34.27
C HIS UA 197 -24.56 -64.32 -32.76
N GLU UA 198 -25.56 -65.05 -32.27
CA GLU UA 198 -25.88 -65.10 -30.86
C GLU UA 198 -26.31 -66.50 -30.43
N ALA UA 199 -25.96 -66.85 -29.19
CA ALA UA 199 -26.26 -68.16 -28.64
C ALA UA 199 -26.99 -68.00 -27.31
N THR UA 200 -27.67 -69.08 -26.91
CA THR UA 200 -28.43 -69.15 -25.67
C THR UA 200 -27.74 -70.03 -24.64
N LEU UA 201 -27.69 -69.56 -23.40
CA LEU UA 201 -27.10 -70.28 -22.28
C LEU UA 201 -28.20 -70.74 -21.33
N ARG UA 202 -28.12 -71.99 -20.89
CA ARG UA 202 -29.13 -72.58 -20.02
C ARG UA 202 -28.49 -72.98 -18.71
N CYS UA 203 -29.08 -72.54 -17.60
CA CYS UA 203 -28.62 -72.89 -16.26
C CYS UA 203 -29.59 -73.90 -15.66
N TRP UA 204 -29.07 -75.05 -15.22
CA TRP UA 204 -29.91 -76.13 -14.74
C TRP UA 204 -29.68 -76.40 -13.26
N ALA UA 205 -30.78 -76.57 -12.54
CA ALA UA 205 -30.79 -77.04 -11.16
C ALA UA 205 -31.74 -78.22 -11.07
N LEU UA 206 -31.26 -79.33 -10.52
CA LEU UA 206 -32.03 -80.57 -10.51
C LEU UA 206 -31.87 -81.27 -9.17
N SER UA 207 -32.83 -82.13 -8.86
CA SER UA 207 -32.78 -82.99 -7.67
C SER UA 207 -32.56 -82.18 -6.39
N PHE UA 208 -33.42 -81.18 -6.19
CA PHE UA 208 -33.34 -80.36 -4.99
C PHE UA 208 -34.69 -80.28 -4.28
N TYR UA 209 -34.60 -80.19 -2.96
CA TYR UA 209 -35.74 -80.02 -2.07
C TYR UA 209 -35.35 -79.11 -0.91
N PRO UA 210 -36.21 -78.14 -0.55
CA PRO UA 210 -37.57 -77.80 -1.01
C PRO UA 210 -37.61 -77.19 -2.41
N ALA UA 211 -38.83 -76.95 -2.90
CA ALA UA 211 -39.02 -76.46 -4.26
C ALA UA 211 -38.49 -75.04 -4.46
N GLU UA 212 -38.58 -74.19 -3.44
CA GLU UA 212 -38.25 -72.79 -3.63
C GLU UA 212 -36.76 -72.62 -3.95
N ILE UA 213 -36.49 -71.87 -5.01
CA ILE UA 213 -35.12 -71.61 -5.45
C ILE UA 213 -35.13 -70.30 -6.23
N THR UA 214 -33.98 -69.65 -6.29
CA THR UA 214 -33.82 -68.42 -7.06
C THR UA 214 -32.68 -68.59 -8.05
N LEU UA 215 -32.96 -68.28 -9.31
CA LEU UA 215 -31.99 -68.35 -10.40
C LEU UA 215 -31.89 -66.98 -11.04
N THR UA 216 -30.66 -66.46 -11.12
CA THR UA 216 -30.44 -65.11 -11.64
C THR UA 216 -29.31 -65.11 -12.66
N TRP UA 217 -29.48 -64.26 -13.67
CA TRP UA 217 -28.50 -64.08 -14.74
C TRP UA 217 -27.85 -62.72 -14.57
N GLN UA 218 -26.52 -62.69 -14.60
CA GLN UA 218 -25.79 -61.44 -14.46
C GLN UA 218 -24.79 -61.28 -15.60
N ARG UA 219 -24.78 -60.10 -16.21
CA ARG UA 219 -23.80 -59.72 -17.23
C ARG UA 219 -22.92 -58.64 -16.61
N ASP UA 220 -21.64 -58.98 -16.41
CA ASP UA 220 -20.65 -58.07 -15.83
C ASP UA 220 -20.96 -57.74 -14.37
N GLY UA 221 -21.68 -58.63 -13.69
CA GLY UA 221 -22.06 -58.35 -12.31
C GLY UA 221 -23.31 -57.51 -12.18
N GLU UA 222 -24.15 -57.47 -13.21
CA GLU UA 222 -25.39 -56.70 -13.21
C GLU UA 222 -26.56 -57.63 -13.50
N ASP UA 223 -27.61 -57.51 -12.68
CA ASP UA 223 -28.78 -58.36 -12.84
C ASP UA 223 -29.39 -58.17 -14.22
N GLN UA 224 -29.55 -59.27 -14.94
CA GLN UA 224 -30.04 -59.27 -16.31
C GLN UA 224 -31.45 -59.85 -16.32
N THR UA 225 -32.41 -59.06 -16.81
CA THR UA 225 -33.81 -59.43 -16.85
C THR UA 225 -34.41 -58.93 -18.16
N GLN UA 226 -35.67 -59.32 -18.40
CA GLN UA 226 -36.43 -58.92 -19.58
C GLN UA 226 -35.85 -59.51 -20.86
N ASP UA 227 -34.56 -59.82 -20.87
CA ASP UA 227 -33.93 -60.56 -21.96
C ASP UA 227 -33.73 -62.03 -21.62
N THR UA 228 -34.29 -62.48 -20.51
CA THR UA 228 -34.13 -63.85 -20.01
C THR UA 228 -35.46 -64.57 -20.05
N GLU UA 229 -35.39 -65.90 -20.08
CA GLU UA 229 -36.55 -66.77 -20.03
C GLU UA 229 -36.53 -67.59 -18.75
N LEU UA 230 -37.67 -67.66 -18.07
CA LEU UA 230 -37.79 -68.37 -16.80
C LEU UA 230 -39.02 -69.24 -16.79
N VAL UA 231 -38.84 -70.53 -16.52
CA VAL UA 231 -39.93 -71.51 -16.48
C VAL UA 231 -40.39 -71.72 -15.04
N GLU UA 232 -41.66 -72.09 -14.89
CA GLU UA 232 -42.19 -72.44 -13.58
C GLU UA 232 -41.49 -73.67 -13.02
N THR UA 233 -41.29 -73.68 -11.71
CA THR UA 233 -40.63 -74.80 -11.05
C THR UA 233 -41.42 -76.08 -11.27
N ARG UA 234 -40.70 -77.17 -11.58
CA ARG UA 234 -41.32 -78.42 -11.96
C ARG UA 234 -40.94 -79.54 -10.99
N PRO UA 235 -41.85 -80.49 -10.75
CA PRO UA 235 -41.51 -81.66 -9.93
C PRO UA 235 -40.87 -82.77 -10.74
N ALA UA 236 -39.77 -83.34 -10.24
CA ALA UA 236 -39.13 -84.43 -10.96
C ALA UA 236 -39.91 -85.73 -10.88
N GLY UA 237 -40.73 -85.92 -9.83
CA GLY UA 237 -41.47 -87.13 -9.63
C GLY UA 237 -40.91 -88.09 -8.59
N ASP UA 238 -39.76 -87.77 -8.00
CA ASP UA 238 -39.16 -88.58 -6.95
C ASP UA 238 -39.04 -87.82 -5.64
N GLY UA 239 -39.81 -86.74 -5.49
CA GLY UA 239 -39.72 -85.86 -4.35
C GLY UA 239 -38.73 -84.73 -4.53
N THR UA 240 -38.14 -84.61 -5.71
CA THR UA 240 -37.21 -83.55 -6.06
C THR UA 240 -37.82 -82.70 -7.17
N PHE UA 241 -37.30 -81.50 -7.34
CA PHE UA 241 -37.82 -80.56 -8.30
C PHE UA 241 -36.74 -80.17 -9.30
N GLN UA 242 -37.15 -79.40 -10.32
CA GLN UA 242 -36.24 -78.94 -11.35
C GLN UA 242 -36.65 -77.55 -11.79
N LYS UA 243 -35.66 -76.76 -12.21
CA LYS UA 243 -35.90 -75.41 -12.71
C LYS UA 243 -34.70 -74.97 -13.53
N TRP UA 244 -34.96 -74.14 -14.54
CA TRP UA 244 -33.86 -73.60 -15.35
C TRP UA 244 -34.19 -72.20 -15.83
N ALA UA 245 -33.13 -71.42 -16.09
CA ALA UA 245 -33.21 -70.06 -16.60
C ALA UA 245 -32.29 -69.95 -17.81
N ALA UA 246 -32.72 -69.20 -18.81
CA ALA UA 246 -31.95 -69.05 -20.04
C ALA UA 246 -31.85 -67.60 -20.46
N VAL UA 247 -30.73 -67.25 -21.10
CA VAL UA 247 -30.49 -65.90 -21.60
C VAL UA 247 -29.83 -66.00 -22.97
N VAL UA 248 -30.18 -65.07 -23.86
CA VAL UA 248 -29.60 -65.00 -25.19
C VAL UA 248 -28.41 -64.04 -25.17
N VAL UA 249 -27.26 -64.52 -25.63
CA VAL UA 249 -26.01 -63.76 -25.58
C VAL UA 249 -25.38 -63.72 -26.96
N PRO UA 250 -24.83 -62.60 -27.39
CA PRO UA 250 -24.10 -62.58 -28.66
C PRO UA 250 -22.79 -63.35 -28.56
N SER UA 251 -22.39 -63.94 -29.68
CA SER UA 251 -21.22 -64.82 -29.70
C SER UA 251 -19.97 -64.08 -29.25
N GLY UA 252 -19.10 -64.79 -28.53
CA GLY UA 252 -17.87 -64.24 -28.02
C GLY UA 252 -17.99 -63.52 -26.69
N GLN UA 253 -19.22 -63.31 -26.20
CA GLN UA 253 -19.45 -62.66 -24.92
C GLN UA 253 -19.94 -63.65 -23.85
N GLU UA 254 -19.84 -64.95 -24.13
CA GLU UA 254 -20.33 -65.96 -23.20
C GLU UA 254 -19.59 -65.91 -21.87
N GLN UA 255 -18.30 -65.56 -21.87
CA GLN UA 255 -17.51 -65.57 -20.65
C GLN UA 255 -17.89 -64.46 -19.68
N ARG UA 256 -18.69 -63.49 -20.11
CA ARG UA 256 -19.07 -62.39 -19.21
C ARG UA 256 -20.22 -62.78 -18.29
N TYR UA 257 -21.17 -63.57 -18.79
CA TYR UA 257 -22.37 -63.92 -18.04
C TYR UA 257 -22.07 -64.93 -16.93
N THR UA 258 -22.86 -64.82 -15.86
CA THR UA 258 -22.71 -65.68 -14.68
C THR UA 258 -24.09 -66.09 -14.19
N CYS UA 259 -24.20 -67.34 -13.73
CA CYS UA 259 -25.42 -67.87 -13.15
C CYS UA 259 -25.27 -68.00 -11.65
N HIS UA 260 -26.26 -67.50 -10.90
CA HIS UA 260 -26.25 -67.50 -9.45
C HIS UA 260 -27.43 -68.32 -8.92
N VAL UA 261 -27.12 -69.29 -8.06
CA VAL UA 261 -28.12 -70.20 -7.51
C VAL UA 261 -28.24 -69.95 -6.02
N GLN UA 262 -29.47 -69.77 -5.54
CA GLN UA 262 -29.75 -69.55 -4.13
C GLN UA 262 -30.68 -70.65 -3.65
N HIS UA 263 -30.27 -71.37 -2.61
CA HIS UA 263 -31.06 -72.49 -2.12
C HIS UA 263 -30.60 -72.85 -0.72
N GLU UA 264 -31.50 -73.47 0.05
CA GLU UA 264 -31.18 -73.88 1.41
C GLU UA 264 -30.06 -74.91 1.44
N GLY UA 265 -29.95 -75.74 0.41
CA GLY UA 265 -28.90 -76.74 0.34
C GLY UA 265 -27.52 -76.16 0.16
N LEU UA 266 -27.42 -74.93 -0.33
CA LEU UA 266 -26.15 -74.29 -0.58
C LEU UA 266 -25.79 -73.39 0.59
N PRO UA 267 -24.68 -73.62 1.28
CA PRO UA 267 -24.27 -72.69 2.34
C PRO UA 267 -23.89 -71.33 1.80
N LYS UA 268 -23.52 -71.24 0.52
CA LYS UA 268 -23.12 -70.03 -0.16
C LYS UA 268 -23.74 -70.05 -1.56
N PRO UA 269 -24.15 -68.90 -2.07
CA PRO UA 269 -24.73 -68.87 -3.43
C PRO UA 269 -23.73 -69.28 -4.48
N LEU UA 270 -24.10 -70.27 -5.28
CA LEU UA 270 -23.21 -70.83 -6.29
C LEU UA 270 -23.16 -69.94 -7.53
N THR UA 271 -22.00 -69.92 -8.19
CA THR UA 271 -21.81 -69.19 -9.43
C THR UA 271 -21.37 -70.15 -10.53
N LEU UA 272 -22.00 -70.02 -11.69
CA LEU UA 272 -21.73 -70.87 -12.85
C LEU UA 272 -21.34 -70.00 -14.04
N ARG UA 273 -20.22 -70.36 -14.68
CA ARG UA 273 -19.70 -69.62 -15.83
C ARG UA 273 -19.37 -70.59 -16.95
N TRP UA 274 -19.69 -70.20 -18.18
CA TRP UA 274 -19.41 -71.04 -19.34
C TRP UA 274 -17.93 -70.88 -19.70
N GLU UA 275 -17.17 -71.96 -19.55
CA GLU UA 275 -15.74 -71.91 -19.87
C GLU UA 275 -15.25 -73.27 -20.35
N MET VA 1 -68.17 -67.25 -15.00
CA MET VA 1 -67.25 -68.38 -14.90
C MET VA 1 -65.86 -67.96 -15.34
N ILE VA 2 -64.84 -68.26 -14.53
CA ILE VA 2 -63.45 -68.04 -14.95
C ILE VA 2 -62.87 -69.37 -15.40
N GLN VA 3 -62.16 -69.34 -16.53
CA GLN VA 3 -61.51 -70.49 -17.12
C GLN VA 3 -60.08 -70.10 -17.46
N ARG VA 4 -59.13 -70.97 -17.10
CA ARG VA 4 -57.72 -70.71 -17.35
C ARG VA 4 -57.13 -71.84 -18.19
N THR VA 5 -56.39 -71.47 -19.22
CA THR VA 5 -55.82 -72.47 -20.10
C THR VA 5 -54.54 -73.04 -19.47
N PRO VA 6 -54.31 -74.33 -19.61
CA PRO VA 6 -53.22 -74.97 -18.88
C PRO VA 6 -51.86 -74.65 -19.47
N LYS VA 7 -50.85 -74.65 -18.59
CA LYS VA 7 -49.46 -74.51 -19.01
C LYS VA 7 -48.85 -75.90 -19.01
N ILE VA 8 -48.14 -76.24 -20.07
CA ILE VA 8 -47.62 -77.59 -20.28
C ILE VA 8 -46.10 -77.55 -20.34
N GLN VA 9 -45.47 -78.43 -19.55
CA GLN VA 9 -44.02 -78.62 -19.58
C GLN VA 9 -43.76 -80.12 -19.63
N VAL VA 10 -43.22 -80.59 -20.75
CA VAL VA 10 -42.84 -81.98 -20.94
C VAL VA 10 -41.34 -82.09 -20.82
N TYR VA 11 -40.88 -83.02 -19.99
CA TYR VA 11 -39.45 -83.13 -19.67
C TYR VA 11 -39.19 -84.55 -19.18
N SER VA 12 -38.00 -84.75 -18.60
CA SER VA 12 -37.60 -86.05 -18.07
C SER VA 12 -37.18 -85.87 -16.62
N ARG VA 13 -37.34 -86.94 -15.84
CA ARG VA 13 -36.97 -86.90 -14.43
C ARG VA 13 -35.46 -86.71 -14.25
N HIS VA 14 -34.67 -87.34 -15.11
CA HIS VA 14 -33.22 -87.30 -15.07
C HIS VA 14 -32.68 -86.83 -16.43
N PRO VA 15 -31.42 -86.41 -16.49
CA PRO VA 15 -30.83 -86.07 -17.79
C PRO VA 15 -30.92 -87.23 -18.77
N ALA VA 16 -31.39 -86.93 -19.98
CA ALA VA 16 -31.74 -87.94 -20.97
C ALA VA 16 -30.51 -88.63 -21.52
N GLU VA 17 -30.18 -89.79 -20.96
CA GLU VA 17 -29.15 -90.67 -21.50
C GLU VA 17 -29.81 -91.73 -22.37
N ASN VA 18 -29.31 -91.91 -23.59
CA ASN VA 18 -29.91 -92.83 -24.53
C ASN VA 18 -29.65 -94.28 -24.12
N GLY VA 19 -30.68 -95.11 -24.23
CA GLY VA 19 -30.56 -96.51 -23.89
C GLY VA 19 -30.57 -96.83 -22.41
N LYS VA 20 -31.09 -95.94 -21.58
CA LYS VA 20 -31.15 -96.15 -20.14
C LYS VA 20 -32.56 -95.85 -19.64
N SER VA 21 -32.90 -96.41 -18.50
CA SER VA 21 -34.25 -96.25 -17.96
C SER VA 21 -34.44 -94.83 -17.44
N ASN VA 22 -35.57 -94.21 -17.80
CA ASN VA 22 -35.88 -92.86 -17.36
C ASN VA 22 -37.38 -92.71 -17.28
N PHE VA 23 -37.81 -91.55 -16.78
CA PHE VA 23 -39.23 -91.23 -16.65
C PHE VA 23 -39.57 -90.00 -17.49
N LEU VA 24 -40.68 -90.08 -18.23
CA LEU VA 24 -41.18 -88.95 -19.00
C LEU VA 24 -42.26 -88.25 -18.18
N ASN VA 25 -42.16 -86.94 -18.06
CA ASN VA 25 -43.07 -86.18 -17.19
C ASN VA 25 -43.83 -85.14 -17.99
N CYS VA 26 -45.11 -84.98 -17.67
CA CYS VA 26 -45.95 -83.88 -18.14
C CYS VA 26 -46.50 -83.15 -16.94
N TYR VA 27 -46.21 -81.85 -16.83
CA TYR VA 27 -46.67 -81.04 -15.71
C TYR VA 27 -47.63 -79.98 -16.24
N VAL VA 28 -48.91 -80.17 -15.97
CA VAL VA 28 -49.95 -79.21 -16.35
C VAL VA 28 -50.34 -78.41 -15.11
N SER VA 29 -50.43 -77.10 -15.26
CA SER VA 29 -50.72 -76.22 -14.13
C SER VA 29 -51.43 -74.98 -14.64
N GLY VA 30 -51.92 -74.18 -13.70
CA GLY VA 30 -52.57 -72.93 -14.05
C GLY VA 30 -53.80 -73.09 -14.92
N PHE VA 31 -54.64 -74.09 -14.64
CA PHE VA 31 -55.84 -74.31 -15.41
C PHE VA 31 -57.05 -74.46 -14.48
N HIS VA 32 -58.20 -74.06 -14.99
CA HIS VA 32 -59.47 -74.22 -14.29
C HIS VA 32 -60.55 -74.30 -15.37
N PRO VA 33 -61.54 -75.19 -15.21
CA PRO VA 33 -61.82 -76.13 -14.12
C PRO VA 33 -60.99 -77.42 -14.13
N SER VA 34 -61.41 -78.37 -13.29
CA SER VA 34 -60.61 -79.56 -13.04
C SER VA 34 -60.63 -80.53 -14.22
N ASP VA 35 -61.67 -80.50 -15.04
CA ASP VA 35 -61.82 -81.46 -16.12
C ASP VA 35 -60.72 -81.25 -17.15
N ILE VA 36 -59.88 -82.28 -17.36
CA ILE VA 36 -58.75 -82.19 -18.27
C ILE VA 36 -58.50 -83.57 -18.85
N GLU VA 37 -58.03 -83.59 -20.10
CA GLU VA 37 -57.70 -84.80 -20.82
C GLU VA 37 -56.21 -84.74 -21.18
N VAL VA 38 -55.44 -85.70 -20.69
CA VAL VA 38 -53.99 -85.72 -20.90
C VAL VA 38 -53.57 -87.10 -21.40
N ASP VA 39 -52.88 -87.12 -22.53
CA ASP VA 39 -52.36 -88.35 -23.11
C ASP VA 39 -50.88 -88.16 -23.42
N LEU VA 40 -50.12 -89.23 -23.29
CA LEU VA 40 -48.72 -89.23 -23.67
C LEU VA 40 -48.57 -90.00 -24.98
N LEU VA 41 -47.89 -89.39 -25.94
CA LEU VA 41 -47.78 -89.94 -27.29
C LEU VA 41 -46.32 -90.22 -27.61
N LYS VA 42 -46.08 -91.33 -28.32
CA LYS VA 42 -44.77 -91.70 -28.84
C LYS VA 42 -44.91 -91.81 -30.35
N ASN VA 43 -44.33 -90.84 -31.08
CA ASN VA 43 -44.42 -90.76 -32.53
C ASN VA 43 -45.87 -90.61 -33.00
N GLY VA 44 -46.67 -89.94 -32.18
CA GLY VA 44 -48.07 -89.72 -32.47
C GLY VA 44 -48.98 -90.82 -31.99
N GLU VA 45 -48.45 -91.86 -31.35
CA GLU VA 45 -49.22 -92.98 -30.86
C GLU VA 45 -49.34 -92.89 -29.34
N ARG VA 46 -50.53 -93.10 -28.82
CA ARG VA 46 -50.74 -92.99 -27.38
C ARG VA 46 -50.11 -94.15 -26.62
N ILE VA 47 -49.48 -93.85 -25.50
CA ILE VA 47 -48.88 -94.85 -24.64
C ILE VA 47 -49.98 -95.31 -23.68
N GLU VA 48 -50.08 -96.62 -23.49
CA GLU VA 48 -51.23 -97.18 -22.77
C GLU VA 48 -51.16 -96.89 -21.28
N LYS VA 49 -50.00 -97.10 -20.66
CA LYS VA 49 -49.88 -96.95 -19.21
C LYS VA 49 -49.32 -95.57 -18.91
N VAL VA 50 -50.21 -94.67 -18.48
CA VAL VA 50 -49.85 -93.32 -18.06
C VAL VA 50 -50.48 -93.06 -16.71
N GLU VA 51 -49.65 -92.82 -15.70
CA GLU VA 51 -50.09 -92.48 -14.36
C GLU VA 51 -50.08 -90.96 -14.15
N HIS VA 52 -50.72 -90.54 -13.07
CA HIS VA 52 -50.78 -89.12 -12.74
C HIS VA 52 -50.85 -88.95 -11.23
N SER VA 53 -50.57 -87.73 -10.78
CA SER VA 53 -50.57 -87.40 -9.37
C SER VA 53 -51.98 -87.05 -8.91
N ASP VA 54 -52.13 -86.85 -7.61
CA ASP VA 54 -53.41 -86.49 -7.03
C ASP VA 54 -53.69 -85.00 -7.19
N LEU VA 55 -54.93 -84.67 -7.54
CA LEU VA 55 -55.32 -83.31 -7.85
C LEU VA 55 -55.09 -82.37 -6.67
N SER VA 56 -54.35 -81.28 -6.92
CA SER VA 56 -54.09 -80.25 -5.94
C SER VA 56 -54.18 -78.90 -6.65
N PHE VA 57 -54.04 -77.82 -5.89
CA PHE VA 57 -54.16 -76.49 -6.50
C PHE VA 57 -53.23 -75.50 -5.80
N SER VA 58 -52.96 -74.40 -6.49
CA SER VA 58 -52.04 -73.37 -6.02
C SER VA 58 -52.82 -72.29 -5.26
N LYS VA 59 -52.14 -71.18 -4.97
CA LYS VA 59 -52.79 -70.09 -4.23
C LYS VA 59 -53.89 -69.43 -5.05
N ASP VA 60 -53.73 -69.35 -6.36
CA ASP VA 60 -54.72 -68.72 -7.22
C ASP VA 60 -55.87 -69.65 -7.57
N TRP VA 61 -56.00 -70.78 -6.87
CA TRP VA 61 -57.06 -71.77 -7.03
C TRP VA 61 -56.89 -72.60 -8.29
N SER VA 62 -55.78 -72.42 -9.01
CA SER VA 62 -55.54 -73.16 -10.24
C SER VA 62 -55.02 -74.56 -9.95
N PHE VA 63 -55.41 -75.51 -10.79
CA PHE VA 63 -55.12 -76.92 -10.57
C PHE VA 63 -53.80 -77.30 -11.25
N TYR VA 64 -53.11 -78.27 -10.66
CA TYR VA 64 -51.87 -78.77 -11.25
C TYR VA 64 -51.79 -80.28 -11.12
N LEU VA 65 -51.29 -80.92 -12.19
CA LEU VA 65 -51.16 -82.37 -12.27
C LEU VA 65 -49.85 -82.75 -12.93
N LEU VA 66 -49.33 -83.91 -12.57
CA LEU VA 66 -48.09 -84.45 -13.14
C LEU VA 66 -48.38 -85.83 -13.70
N TYR VA 67 -48.24 -85.99 -15.02
CA TYR VA 67 -48.45 -87.27 -15.69
C TYR VA 67 -47.08 -87.85 -16.02
N TYR VA 68 -46.89 -89.14 -15.71
CA TYR VA 68 -45.58 -89.74 -15.90
C TYR VA 68 -45.67 -91.22 -16.25
N THR VA 69 -44.63 -91.70 -16.96
CA THR VA 69 -44.46 -93.11 -17.26
C THR VA 69 -42.97 -93.39 -17.46
N GLU VA 70 -42.60 -94.66 -17.30
CA GLU VA 70 -41.22 -95.08 -17.54
C GLU VA 70 -40.98 -95.33 -19.03
N PHE VA 71 -39.78 -94.98 -19.50
CA PHE VA 71 -39.44 -95.18 -20.90
C PHE VA 71 -37.92 -95.23 -21.04
N THR VA 72 -37.47 -95.72 -22.19
CA THR VA 72 -36.06 -95.74 -22.54
C THR VA 72 -35.83 -94.84 -23.75
N PRO VA 73 -35.09 -93.75 -23.60
CA PRO VA 73 -34.90 -92.82 -24.73
C PRO VA 73 -33.98 -93.35 -25.81
N THR VA 74 -34.33 -93.04 -27.05
CA THR VA 74 -33.61 -93.43 -28.24
C THR VA 74 -33.47 -92.18 -29.10
N GLU VA 75 -32.35 -92.07 -29.82
CA GLU VA 75 -32.10 -90.88 -30.63
C GLU VA 75 -33.21 -90.62 -31.66
N LYS VA 76 -33.82 -91.67 -32.20
CA LYS VA 76 -34.80 -91.45 -33.26
C LYS VA 76 -36.19 -91.14 -32.69
N ASP VA 77 -36.58 -91.80 -31.60
CA ASP VA 77 -37.96 -91.75 -31.16
C ASP VA 77 -38.36 -90.35 -30.74
N GLU VA 78 -39.65 -90.04 -30.90
CA GLU VA 78 -40.23 -88.77 -30.49
C GLU VA 78 -41.30 -88.99 -29.44
N TYR VA 79 -41.37 -88.07 -28.47
CA TYR VA 79 -42.34 -88.11 -27.40
C TYR VA 79 -42.99 -86.75 -27.25
N ALA VA 80 -44.21 -86.74 -26.73
CA ALA VA 80 -44.97 -85.50 -26.60
C ALA VA 80 -46.09 -85.71 -25.58
N CYS VA 81 -46.75 -84.61 -25.24
CA CYS VA 81 -47.92 -84.61 -24.36
C CYS VA 81 -49.08 -83.98 -25.09
N ARG VA 82 -50.24 -84.64 -25.08
CA ARG VA 82 -51.45 -84.12 -25.70
C ARG VA 82 -52.48 -83.82 -24.62
N VAL VA 83 -52.85 -82.55 -24.49
CA VAL VA 83 -53.78 -82.06 -23.47
C VAL VA 83 -54.94 -81.36 -24.16
N ASN VA 84 -56.16 -81.79 -23.85
CA ASN VA 84 -57.37 -81.15 -24.35
C ASN VA 84 -58.14 -80.59 -23.17
N HIS VA 85 -58.66 -79.38 -23.32
CA HIS VA 85 -59.36 -78.69 -22.24
C HIS VA 85 -60.44 -77.82 -22.86
N VAL VA 86 -61.40 -77.42 -22.03
CA VAL VA 86 -62.52 -76.61 -22.52
C VAL VA 86 -62.03 -75.27 -23.06
N THR VA 87 -60.99 -74.70 -22.45
CA THR VA 87 -60.46 -73.43 -22.94
C THR VA 87 -59.75 -73.57 -24.28
N LEU VA 88 -59.37 -74.78 -24.65
CA LEU VA 88 -58.59 -75.00 -25.87
C LEU VA 88 -59.52 -75.33 -27.04
N SER VA 89 -59.41 -74.56 -28.12
CA SER VA 89 -60.20 -74.86 -29.31
C SER VA 89 -59.79 -76.21 -29.90
N GLN VA 90 -58.50 -76.52 -29.84
CA GLN VA 90 -57.95 -77.78 -30.32
C GLN VA 90 -56.97 -78.32 -29.29
N PRO VA 91 -56.80 -79.64 -29.21
CA PRO VA 91 -55.79 -80.17 -28.29
C PRO VA 91 -54.40 -79.71 -28.68
N LYS VA 92 -53.69 -79.10 -27.74
CA LYS VA 92 -52.35 -78.62 -28.03
C LYS VA 92 -51.35 -79.71 -27.65
N ILE VA 93 -50.44 -80.02 -28.57
CA ILE VA 93 -49.41 -81.04 -28.36
C ILE VA 93 -48.06 -80.35 -28.27
N VAL VA 94 -47.27 -80.75 -27.28
CA VAL VA 94 -45.93 -80.22 -27.07
C VAL VA 94 -44.95 -81.39 -27.14
N LYS VA 95 -44.00 -81.29 -28.07
CA LYS VA 95 -43.03 -82.34 -28.29
C LYS VA 95 -41.90 -82.24 -27.26
N TRP VA 96 -41.25 -83.37 -27.01
CA TRP VA 96 -40.20 -83.44 -26.01
C TRP VA 96 -38.86 -83.02 -26.58
N ASP VA 97 -38.26 -82.02 -25.95
CA ASP VA 97 -36.90 -81.58 -26.24
C ASP VA 97 -36.08 -81.91 -25.00
N ARG VA 98 -35.05 -82.76 -25.16
CA ARG VA 98 -34.26 -83.16 -24.01
C ARG VA 98 -33.45 -82.01 -23.45
N ASP VA 99 -33.27 -80.94 -24.22
CA ASP VA 99 -32.56 -79.74 -23.78
C ASP VA 99 -33.47 -78.71 -23.13
N MET VA 100 -34.76 -78.99 -22.98
CA MET VA 100 -35.69 -78.07 -22.33
C MET VA 100 -36.58 -78.80 -21.33
N GLY WA 1 -19.67 -67.35 -0.35
CA GLY WA 1 -20.35 -66.16 -0.81
C GLY WA 1 -19.46 -65.26 -1.63
N SER WA 2 -19.92 -64.03 -1.89
CA SER WA 2 -19.14 -63.07 -2.65
C SER WA 2 -18.24 -62.27 -1.73
N HIS WA 3 -17.00 -62.07 -2.16
CA HIS WA 3 -16.00 -61.34 -1.39
C HIS WA 3 -15.54 -60.12 -2.18
N SER WA 4 -15.01 -59.14 -1.47
CA SER WA 4 -14.55 -57.93 -2.11
C SER WA 4 -13.36 -57.36 -1.36
N MET WA 5 -12.51 -56.64 -2.09
CA MET WA 5 -11.44 -55.84 -1.51
C MET WA 5 -11.62 -54.44 -2.05
N ARG WA 6 -11.62 -53.46 -1.14
CA ARG WA 6 -11.88 -52.08 -1.53
C ARG WA 6 -10.89 -51.16 -0.86
N TYR WA 7 -10.48 -50.13 -1.59
CA TYR WA 7 -9.61 -49.08 -1.09
C TYR WA 7 -10.35 -47.76 -1.18
N PHE WA 8 -10.31 -46.99 -0.09
CA PHE WA 8 -11.00 -45.70 -0.03
C PHE WA 8 -9.94 -44.63 0.19
N PHE WA 9 -9.91 -43.65 -0.71
CA PHE WA 9 -8.96 -42.55 -0.64
C PHE WA 9 -9.70 -41.24 -0.50
N THR WA 10 -9.24 -40.41 0.44
CA THR WA 10 -9.79 -39.08 0.65
C THR WA 10 -8.65 -38.08 0.75
N SER WA 11 -8.72 -37.02 -0.05
CA SER WA 11 -7.73 -35.96 -0.02
C SER WA 11 -8.44 -34.63 0.12
N VAL WA 12 -8.11 -33.89 1.18
CA VAL WA 12 -8.73 -32.60 1.48
C VAL WA 12 -7.65 -31.52 1.50
N SER WA 13 -7.93 -30.41 0.82
CA SER WA 13 -6.96 -29.33 0.67
C SER WA 13 -7.13 -28.30 1.77
N ARG WA 14 -6.01 -27.92 2.40
CA ARG WA 14 -5.99 -26.86 3.41
C ARG WA 14 -5.33 -25.64 2.77
N PRO WA 15 -6.09 -24.61 2.41
CA PRO WA 15 -5.52 -23.49 1.65
C PRO WA 15 -4.65 -22.59 2.52
N GLY WA 16 -3.37 -22.51 2.17
CA GLY WA 16 -2.37 -21.96 3.06
C GLY WA 16 -1.50 -22.96 3.79
N ARG WA 17 -2.11 -23.70 4.72
CA ARG WA 17 -1.38 -24.44 5.74
C ARG WA 17 -1.00 -25.84 5.25
N GLY WA 18 0.11 -25.90 4.52
CA GLY WA 18 0.72 -27.18 4.23
C GLY WA 18 0.18 -27.93 3.04
N GLU WA 19 0.31 -29.24 3.08
CA GLU WA 19 -0.11 -30.13 2.01
C GLU WA 19 -1.55 -30.56 2.24
N PRO WA 20 -2.16 -31.25 1.28
CA PRO WA 20 -3.53 -31.72 1.49
C PRO WA 20 -3.51 -32.98 2.35
N ARG WA 21 -4.56 -33.11 3.17
CA ARG WA 21 -4.65 -34.29 4.01
C ARG WA 21 -5.12 -35.47 3.17
N PHE WA 22 -4.42 -36.58 3.31
CA PHE WA 22 -4.68 -37.79 2.53
C PHE WA 22 -4.88 -38.96 3.48
N ILE WA 23 -6.01 -39.63 3.34
CA ILE WA 23 -6.34 -40.81 4.14
C ILE WA 23 -6.55 -41.96 3.17
N ALA WA 24 -5.95 -43.10 3.48
CA ALA WA 24 -6.09 -44.31 2.68
C ALA WA 24 -6.47 -45.43 3.62
N VAL WA 25 -7.50 -46.19 3.25
CA VAL WA 25 -7.97 -47.31 4.04
C VAL WA 25 -8.25 -48.48 3.11
N GLY WA 26 -7.97 -49.69 3.58
CA GLY WA 26 -8.23 -50.88 2.81
C GLY WA 26 -9.15 -51.85 3.53
N TYR WA 27 -10.14 -52.38 2.81
CA TYR WA 27 -11.11 -53.29 3.39
C TYR WA 27 -11.11 -54.60 2.61
N VAL WA 28 -11.21 -55.71 3.33
CA VAL WA 28 -11.56 -57.01 2.77
C VAL WA 28 -12.86 -57.43 3.41
N ASP WA 29 -13.90 -57.58 2.59
CA ASP WA 29 -15.27 -57.81 3.07
C ASP WA 29 -15.62 -56.61 3.93
N ASP WA 30 -15.93 -56.79 5.21
CA ASP WA 30 -16.22 -55.68 6.11
C ASP WA 30 -15.11 -55.47 7.13
N THR WA 31 -13.92 -56.03 6.87
CA THR WA 31 -12.77 -55.95 7.76
C THR WA 31 -11.71 -55.02 7.16
N GLN WA 32 -11.23 -54.09 7.97
CA GLN WA 32 -10.17 -53.16 7.58
C GLN WA 32 -8.81 -53.74 7.94
N PHE WA 33 -7.90 -53.79 6.96
CA PHE WA 33 -6.60 -54.40 7.17
C PHE WA 33 -5.39 -53.49 6.95
N VAL WA 34 -5.55 -52.35 6.25
CA VAL WA 34 -4.43 -51.44 6.00
C VAL WA 34 -4.94 -50.00 6.03
N ARG WA 35 -4.05 -49.08 6.41
CA ARG WA 35 -4.38 -47.67 6.44
C ARG WA 35 -3.12 -46.83 6.24
N PHE WA 36 -3.32 -45.60 5.77
CA PHE WA 36 -2.25 -44.61 5.63
C PHE WA 36 -2.80 -43.23 5.95
N ASP WA 37 -2.08 -42.49 6.79
CA ASP WA 37 -2.44 -41.13 7.19
C ASP WA 37 -1.29 -40.18 6.91
N SER WA 38 -1.59 -39.06 6.26
CA SER WA 38 -0.56 -38.06 5.98
C SER WA 38 -0.05 -37.38 7.24
N ASP WA 39 -0.86 -37.33 8.29
CA ASP WA 39 -0.45 -36.73 9.55
C ASP WA 39 0.05 -37.77 10.54
N ALA WA 40 0.20 -39.01 10.11
CA ALA WA 40 0.74 -40.06 10.96
C ALA WA 40 2.26 -39.94 11.03
N ALA WA 41 2.81 -40.20 12.21
CA ALA WA 41 4.26 -40.10 12.38
C ALA WA 41 4.98 -41.15 11.53
N SER WA 42 4.39 -42.33 11.38
CA SER WA 42 5.03 -43.41 10.62
C SER WA 42 5.23 -43.02 9.16
N GLN WA 43 4.24 -42.34 8.57
CA GLN WA 43 4.25 -41.98 7.15
C GLN WA 43 4.34 -43.23 6.26
N ARG WA 44 3.76 -44.33 6.73
CA ARG WA 44 3.80 -45.61 6.02
C ARG WA 44 2.41 -46.23 6.05
N MET WA 45 2.20 -47.20 5.17
CA MET WA 45 0.98 -47.98 5.19
C MET WA 45 1.03 -48.94 6.37
N GLU WA 46 0.12 -48.79 7.32
CA GLU WA 46 0.15 -49.55 8.55
C GLU WA 46 -0.88 -50.68 8.53
N PRO WA 47 -0.60 -51.76 9.24
CA PRO WA 47 -1.55 -52.89 9.32
C PRO WA 47 -2.57 -52.75 10.43
N ARG WA 48 -3.80 -53.15 10.13
CA ARG WA 48 -4.90 -53.11 11.07
C ARG WA 48 -5.44 -54.49 11.44
N ALA WA 49 -5.00 -55.55 10.77
CA ALA WA 49 -5.43 -56.91 11.07
C ALA WA 49 -4.24 -57.80 11.31
N PRO WA 50 -4.37 -58.78 12.22
CA PRO WA 50 -3.20 -59.62 12.54
C PRO WA 50 -2.72 -60.44 11.37
N TRP WA 51 -3.63 -60.93 10.52
CA TRP WA 51 -3.23 -61.84 9.45
C TRP WA 51 -2.39 -61.13 8.39
N ILE WA 52 -2.56 -59.81 8.23
CA ILE WA 52 -1.73 -59.11 7.26
C ILE WA 52 -0.35 -58.80 7.82
N GLU WA 53 -0.19 -58.79 9.14
CA GLU WA 53 1.10 -58.43 9.74
C GLU WA 53 2.19 -59.42 9.34
N GLN WA 54 1.82 -60.65 9.01
CA GLN WA 54 2.79 -61.68 8.62
C GLN WA 54 3.30 -61.50 7.19
N GLU WA 55 3.12 -60.32 6.61
CA GLU WA 55 3.62 -60.03 5.29
C GLU WA 55 5.07 -59.57 5.41
N GLY WA 56 5.86 -59.84 4.37
CA GLY WA 56 7.26 -59.48 4.41
C GLY WA 56 7.49 -57.99 4.34
N PRO WA 57 8.68 -57.56 4.75
CA PRO WA 57 9.00 -56.13 4.69
C PRO WA 57 9.04 -55.58 3.27
N GLU WA 58 9.21 -56.45 2.28
CA GLU WA 58 9.12 -56.02 0.89
C GLU WA 58 7.72 -55.53 0.56
N TYR WA 59 6.70 -56.17 1.12
CA TYR WA 59 5.32 -55.79 0.83
C TYR WA 59 5.01 -54.40 1.36
N TRP WA 60 5.34 -54.15 2.64
CA TRP WA 60 5.02 -52.87 3.26
C TRP WA 60 5.76 -51.73 2.57
N ASP WA 61 7.02 -51.95 2.20
CA ASP WA 61 7.79 -50.93 1.51
C ASP WA 61 7.17 -50.58 0.17
N GLY WA 62 6.70 -51.60 -0.56
CA GLY WA 62 6.03 -51.35 -1.83
C GLY WA 62 4.72 -50.63 -1.68
N GLU WA 63 3.90 -51.04 -0.71
CA GLU WA 63 2.59 -50.42 -0.50
C GLU WA 63 2.73 -48.96 -0.11
N THR WA 64 3.73 -48.65 0.73
CA THR WA 64 4.00 -47.25 1.09
C THR WA 64 4.39 -46.43 -0.13
N ARG WA 65 5.13 -47.03 -1.06
CA ARG WA 65 5.57 -46.28 -2.24
C ARG WA 65 4.40 -45.85 -3.11
N LYS WA 66 3.45 -46.75 -3.36
CA LYS WA 66 2.34 -46.42 -4.26
C LYS WA 66 1.34 -45.47 -3.63
N VAL WA 67 1.04 -45.65 -2.34
CA VAL WA 67 0.03 -44.80 -1.70
C VAL WA 67 0.49 -43.35 -1.63
N LYS WA 68 1.77 -43.12 -1.33
CA LYS WA 68 2.28 -41.75 -1.35
C LYS WA 68 2.26 -41.17 -2.76
N ALA WA 69 2.60 -41.99 -3.75
CA ALA WA 69 2.51 -41.54 -5.15
C ALA WA 69 1.09 -41.19 -5.52
N HIS WA 70 0.12 -42.01 -5.08
CA HIS WA 70 -1.28 -41.67 -5.30
C HIS WA 70 -1.64 -40.41 -4.54
N SER WA 71 -1.05 -40.22 -3.35
CA SER WA 71 -1.28 -38.99 -2.60
C SER WA 71 -0.80 -37.78 -3.38
N GLN WA 72 0.36 -37.89 -4.03
CA GLN WA 72 0.83 -36.81 -4.88
C GLN WA 72 -0.11 -36.60 -6.05
N THR WA 73 -0.71 -37.67 -6.55
CA THR WA 73 -1.71 -37.53 -7.61
C THR WA 73 -2.88 -36.69 -7.17
N HIS WA 74 -3.47 -37.03 -6.02
CA HIS WA 74 -4.69 -36.36 -5.60
C HIS WA 74 -4.43 -34.93 -5.16
N ARG WA 75 -3.21 -34.64 -4.70
CA ARG WA 75 -2.88 -33.25 -4.42
C ARG WA 75 -2.85 -32.43 -5.70
N VAL WA 76 -2.37 -33.02 -6.79
CA VAL WA 76 -2.46 -32.34 -8.09
C VAL WA 76 -3.92 -32.29 -8.53
N ASP WA 77 -4.69 -33.34 -8.23
CA ASP WA 77 -6.10 -33.37 -8.60
C ASP WA 77 -6.87 -32.24 -7.92
N LEU WA 78 -6.54 -31.96 -6.66
CA LEU WA 78 -7.21 -30.86 -5.97
C LEU WA 78 -6.91 -29.53 -6.66
N GLY WA 79 -5.66 -29.31 -7.05
CA GLY WA 79 -5.32 -28.11 -7.79
C GLY WA 79 -5.93 -28.10 -9.18
N THR WA 80 -5.89 -29.24 -9.86
CA THR WA 80 -6.43 -29.32 -11.22
C THR WA 80 -7.94 -29.08 -11.22
N LEU WA 81 -8.66 -29.70 -10.29
CA LEU WA 81 -10.12 -29.50 -10.23
C LEU WA 81 -10.47 -28.08 -9.82
N ARG WA 82 -9.70 -27.49 -8.90
CA ARG WA 82 -9.89 -26.10 -8.54
C ARG WA 82 -9.76 -25.17 -9.74
N GLY WA 83 -8.89 -25.54 -10.69
CA GLY WA 83 -8.79 -24.77 -11.92
C GLY WA 83 -9.95 -24.99 -12.86
N TYR WA 84 -10.47 -26.21 -12.91
CA TYR WA 84 -11.55 -26.55 -13.84
C TYR WA 84 -12.80 -25.70 -13.61
N TYR WA 85 -13.18 -25.53 -12.35
CA TYR WA 85 -14.41 -24.83 -11.98
C TYR WA 85 -14.21 -23.35 -11.74
N ASN WA 86 -13.01 -22.82 -11.97
CA ASN WA 86 -12.70 -21.41 -11.74
C ASN WA 86 -12.93 -21.04 -10.27
N GLN WA 87 -12.69 -22.00 -9.38
CA GLN WA 87 -12.89 -21.82 -7.96
C GLN WA 87 -11.77 -20.98 -7.35
N SER WA 88 -12.13 -20.20 -6.34
CA SER WA 88 -11.16 -19.37 -5.66
C SER WA 88 -10.17 -20.23 -4.88
N GLU WA 89 -8.92 -19.75 -4.82
CA GLU WA 89 -7.87 -20.46 -4.11
C GLU WA 89 -8.13 -20.52 -2.60
N ALA WA 90 -9.05 -19.71 -2.09
CA ALA WA 90 -9.28 -19.63 -0.65
C ALA WA 90 -10.12 -20.77 -0.11
N GLY WA 91 -10.83 -21.50 -0.98
CA GLY WA 91 -11.72 -22.56 -0.51
C GLY WA 91 -11.02 -23.89 -0.31
N SER WA 92 -11.51 -24.63 0.69
CA SER WA 92 -11.07 -25.99 0.97
C SER WA 92 -11.99 -26.97 0.26
N HIS WA 93 -11.41 -27.88 -0.52
CA HIS WA 93 -12.17 -28.80 -1.35
C HIS WA 93 -11.69 -30.22 -1.11
N THR WA 94 -12.59 -31.18 -1.37
CA THR WA 94 -12.34 -32.59 -1.11
C THR WA 94 -12.39 -33.38 -2.40
N VAL WA 95 -11.46 -34.33 -2.55
CA VAL WA 95 -11.47 -35.30 -3.65
C VAL WA 95 -11.48 -36.69 -3.05
N GLN WA 96 -12.28 -37.59 -3.63
CA GLN WA 96 -12.41 -38.93 -3.09
C GLN WA 96 -12.33 -39.94 -4.23
N ARG WA 97 -11.72 -41.10 -3.94
CA ARG WA 97 -11.60 -42.20 -4.89
C ARG WA 97 -11.94 -43.51 -4.21
N MET WA 98 -12.59 -44.40 -4.96
CA MET WA 98 -12.88 -45.74 -4.49
C MET WA 98 -12.76 -46.70 -5.65
N TYR WA 99 -11.94 -47.74 -5.48
CA TYR WA 99 -11.87 -48.81 -6.47
C TYR WA 99 -11.83 -50.15 -5.75
N GLY WA 100 -12.47 -51.14 -6.35
CA GLY WA 100 -12.59 -52.44 -5.72
C GLY WA 100 -12.93 -53.52 -6.73
N CYS WA 101 -12.92 -54.75 -6.23
CA CYS WA 101 -13.16 -55.95 -7.01
C CYS WA 101 -14.10 -56.87 -6.24
N ASP WA 102 -14.97 -57.57 -6.96
CA ASP WA 102 -15.89 -58.54 -6.39
C ASP WA 102 -15.63 -59.91 -7.01
N VAL WA 103 -15.66 -60.95 -6.17
CA VAL WA 103 -15.48 -62.32 -6.64
C VAL WA 103 -16.67 -63.17 -6.21
N GLY WA 104 -16.96 -64.19 -7.00
CA GLY WA 104 -18.05 -65.10 -6.73
C GLY WA 104 -17.65 -66.22 -5.77
N SER WA 105 -18.56 -67.18 -5.64
CA SER WA 105 -18.30 -68.34 -4.80
C SER WA 105 -17.13 -69.17 -5.32
N ASP WA 106 -16.91 -69.16 -6.63
CA ASP WA 106 -15.77 -69.87 -7.22
C ASP WA 106 -14.43 -69.20 -6.91
N TRP WA 107 -14.44 -68.00 -6.35
CA TRP WA 107 -13.26 -67.21 -5.98
C TRP WA 107 -12.64 -66.59 -7.23
N ARG WA 108 -13.42 -66.53 -8.30
CA ARG WA 108 -13.06 -65.95 -9.59
C ARG WA 108 -13.75 -64.59 -9.76
N PHE WA 109 -13.28 -63.85 -10.75
CA PHE WA 109 -13.72 -62.47 -10.93
C PHE WA 109 -15.23 -62.40 -11.18
N LEU WA 110 -15.87 -61.42 -10.58
CA LEU WA 110 -17.30 -61.18 -10.72
C LEU WA 110 -17.63 -59.76 -11.16
N ARG WA 111 -16.93 -58.76 -10.63
CA ARG WA 111 -17.25 -57.36 -10.86
C ARG WA 111 -16.09 -56.50 -10.37
N GLY WA 112 -15.99 -55.31 -10.94
CA GLY WA 112 -15.04 -54.33 -10.47
C GLY WA 112 -15.60 -52.93 -10.63
N TYR WA 113 -15.13 -52.03 -9.75
CA TYR WA 113 -15.59 -50.65 -9.73
C TYR WA 113 -14.40 -49.71 -9.55
N HIS WA 114 -14.44 -48.59 -10.28
CA HIS WA 114 -13.53 -47.46 -10.11
C HIS WA 114 -14.35 -46.17 -10.22
N GLN WA 115 -14.36 -45.40 -9.13
CA GLN WA 115 -15.16 -44.19 -9.07
C GLN WA 115 -14.38 -43.08 -8.37
N TYR WA 116 -14.63 -41.85 -8.83
CA TYR WA 116 -14.04 -40.64 -8.29
C TYR WA 116 -15.13 -39.73 -7.76
N ALA WA 117 -14.78 -38.87 -6.81
CA ALA WA 117 -15.73 -37.92 -6.24
C ALA WA 117 -15.03 -36.61 -5.91
N TYR WA 118 -15.71 -35.50 -6.20
CA TYR WA 118 -15.22 -34.17 -5.88
C TYR WA 118 -16.28 -33.41 -5.11
N ASP WA 119 -15.94 -32.98 -3.89
CA ASP WA 119 -16.84 -32.20 -3.03
C ASP WA 119 -18.13 -32.95 -2.74
N GLY WA 120 -18.01 -34.27 -2.59
CA GLY WA 120 -19.13 -35.11 -2.19
C GLY WA 120 -20.07 -35.49 -3.30
N LYS WA 121 -19.72 -35.23 -4.55
CA LYS WA 121 -20.54 -35.60 -5.70
C LYS WA 121 -19.72 -36.45 -6.66
N ASP WA 122 -20.43 -37.31 -7.40
CA ASP WA 122 -19.77 -38.11 -8.43
C ASP WA 122 -19.16 -37.19 -9.48
N TYR WA 123 -17.94 -37.49 -9.89
CA TYR WA 123 -17.25 -36.70 -10.92
C TYR WA 123 -17.10 -37.56 -12.16
N ILE WA 124 -16.23 -38.57 -12.13
CA ILE WA 124 -16.08 -39.50 -13.24
C ILE WA 124 -15.98 -40.91 -12.65
N ALA WA 125 -16.68 -41.86 -13.28
CA ALA WA 125 -16.72 -43.23 -12.81
C ALA WA 125 -16.60 -44.18 -13.98
N LEU WA 126 -16.06 -45.37 -13.72
CA LEU WA 126 -15.90 -46.39 -14.74
C LEU WA 126 -17.15 -47.26 -14.78
N LYS WA 127 -17.67 -47.48 -15.99
CA LYS WA 127 -18.87 -48.29 -16.15
C LYS WA 127 -18.57 -49.75 -15.86
N GLU WA 128 -19.62 -50.57 -15.89
CA GLU WA 128 -19.49 -51.97 -15.52
C GLU WA 128 -18.79 -52.79 -16.60
N ASP WA 129 -18.89 -52.37 -17.85
CA ASP WA 129 -18.18 -53.05 -18.93
C ASP WA 129 -16.67 -52.92 -18.79
N LEU WA 130 -16.20 -51.95 -18.00
CA LEU WA 130 -14.79 -51.67 -17.74
C LEU WA 130 -14.11 -51.04 -18.95
N ARG WA 131 -14.91 -50.50 -19.87
CA ARG WA 131 -14.42 -49.88 -21.09
C ARG WA 131 -14.99 -48.50 -21.34
N SER WA 132 -15.89 -48.02 -20.48
CA SER WA 132 -16.54 -46.74 -20.68
C SER WA 132 -16.54 -45.95 -19.39
N TRP WA 133 -16.71 -44.64 -19.51
CA TRP WA 133 -16.71 -43.70 -18.40
C TRP WA 133 -18.00 -42.91 -18.36
N THR WA 134 -18.43 -42.56 -17.16
CA THR WA 134 -19.61 -41.73 -16.96
C THR WA 134 -19.16 -40.40 -16.37
N ALA WA 135 -19.50 -39.30 -17.05
CA ALA WA 135 -19.08 -37.97 -16.66
C ALA WA 135 -20.27 -37.19 -16.11
N ALA WA 136 -20.11 -36.63 -14.91
CA ALA WA 136 -21.21 -35.94 -14.26
C ALA WA 136 -21.60 -34.65 -15.00
N ASP WA 137 -20.62 -33.82 -15.32
CA ASP WA 137 -20.89 -32.50 -15.90
C ASP WA 137 -19.82 -32.19 -16.95
N MET WA 138 -19.82 -30.94 -17.41
CA MET WA 138 -18.88 -30.51 -18.44
C MET WA 138 -17.44 -30.65 -17.96
N ALA WA 139 -17.16 -30.24 -16.72
CA ALA WA 139 -15.81 -30.36 -16.19
C ALA WA 139 -15.37 -31.81 -16.17
N ALA WA 140 -16.30 -32.73 -15.88
CA ALA WA 140 -15.96 -34.15 -15.89
C ALA WA 140 -15.67 -34.63 -17.30
N GLN WA 141 -16.30 -34.02 -18.31
CA GLN WA 141 -16.07 -34.43 -19.69
C GLN WA 141 -14.64 -34.13 -20.12
N THR WA 142 -14.06 -33.04 -19.62
CA THR WA 142 -12.67 -32.73 -19.93
C THR WA 142 -11.74 -33.83 -19.45
N THR WA 143 -11.96 -34.33 -18.24
CA THR WA 143 -11.16 -35.45 -17.73
C THR WA 143 -11.45 -36.74 -18.49
N LYS WA 144 -12.70 -36.94 -18.94
CA LYS WA 144 -13.04 -38.17 -19.65
C LYS WA 144 -12.23 -38.29 -20.95
N HIS WA 145 -12.11 -37.19 -21.69
CA HIS WA 145 -11.40 -37.24 -22.97
C HIS WA 145 -9.94 -37.60 -22.78
N LYS WA 146 -9.30 -37.03 -21.76
CA LYS WA 146 -7.90 -37.38 -21.49
C LYS WA 146 -7.78 -38.85 -21.10
N TRP WA 147 -8.69 -39.33 -20.25
CA TRP WA 147 -8.64 -40.72 -19.82
C TRP WA 147 -8.95 -41.69 -20.96
N GLU WA 148 -9.84 -41.30 -21.88
CA GLU WA 148 -10.12 -42.15 -23.03
C GLU WA 148 -8.91 -42.26 -23.96
N ALA WA 149 -8.24 -41.14 -24.23
CA ALA WA 149 -7.09 -41.17 -25.14
C ALA WA 149 -5.93 -41.96 -24.56
N ALA WA 150 -5.70 -41.87 -23.25
CA ALA WA 150 -4.55 -42.53 -22.62
C ALA WA 150 -4.77 -44.01 -22.35
N HIS WA 151 -5.92 -44.57 -22.75
CA HIS WA 151 -6.23 -45.99 -22.54
C HIS WA 151 -6.15 -46.34 -21.06
N VAL WA 152 -6.67 -45.45 -20.21
CA VAL WA 152 -6.65 -45.71 -18.77
C VAL WA 152 -7.58 -46.86 -18.43
N ALA WA 153 -8.72 -46.95 -19.11
CA ALA WA 153 -9.70 -47.99 -18.79
C ALA WA 153 -9.11 -49.38 -18.99
N GLU WA 154 -8.29 -49.56 -20.03
CA GLU WA 154 -7.70 -50.88 -20.29
C GLU WA 154 -6.69 -51.25 -19.21
N GLN WA 155 -5.91 -50.29 -18.73
CA GLN WA 155 -4.94 -50.56 -17.68
C GLN WA 155 -5.64 -50.90 -16.36
N LEU WA 156 -6.71 -50.18 -16.03
CA LEU WA 156 -7.47 -50.46 -14.82
C LEU WA 156 -8.17 -51.81 -14.92
N ARG WA 157 -8.73 -52.12 -16.08
CA ARG WA 157 -9.42 -53.39 -16.29
C ARG WA 157 -8.50 -54.58 -16.02
N ALA WA 158 -7.21 -54.43 -16.37
CA ALA WA 158 -6.24 -55.48 -16.07
C ALA WA 158 -6.05 -55.67 -14.58
N TYR WA 159 -6.05 -54.57 -13.82
CA TYR WA 159 -5.83 -54.65 -12.38
C TYR WA 159 -6.99 -55.35 -11.67
N LEU WA 160 -8.22 -54.94 -11.97
CA LEU WA 160 -9.38 -55.50 -11.28
C LEU WA 160 -9.60 -56.96 -11.62
N GLU WA 161 -9.52 -57.30 -12.92
CA GLU WA 161 -9.78 -58.67 -13.34
C GLU WA 161 -8.65 -59.62 -12.92
N GLY WA 162 -7.45 -59.12 -12.74
CA GLY WA 162 -6.33 -59.99 -12.42
C GLY WA 162 -5.60 -59.71 -11.13
N THR WA 163 -5.10 -58.49 -10.96
CA THR WA 163 -4.24 -58.21 -9.81
C THR WA 163 -4.99 -58.31 -8.49
N CYS WA 164 -6.19 -57.73 -8.41
CA CYS WA 164 -6.95 -57.83 -7.17
C CYS WA 164 -7.35 -59.27 -6.84
N VAL WA 165 -7.91 -59.98 -7.83
CA VAL WA 165 -8.45 -61.31 -7.58
C VAL WA 165 -7.37 -62.24 -7.03
N GLU WA 166 -6.15 -62.13 -7.56
CA GLU WA 166 -5.06 -62.95 -7.07
C GLU WA 166 -4.72 -62.63 -5.62
N TRP WA 167 -4.65 -61.34 -5.29
CA TRP WA 167 -4.30 -60.94 -3.93
C TRP WA 167 -5.44 -61.14 -2.94
N LEU WA 168 -6.69 -60.98 -3.38
CA LEU WA 168 -7.80 -61.24 -2.48
C LEU WA 168 -7.85 -62.71 -2.05
N ARG WA 169 -7.64 -63.63 -3.00
CA ARG WA 169 -7.58 -65.05 -2.64
C ARG WA 169 -6.44 -65.33 -1.68
N ARG WA 170 -5.28 -64.71 -1.93
CA ARG WA 170 -4.14 -64.87 -1.04
C ARG WA 170 -4.48 -64.36 0.36
N TYR WA 171 -5.20 -63.24 0.42
CA TYR WA 171 -5.64 -62.70 1.70
C TYR WA 171 -6.61 -63.63 2.40
N LEU WA 172 -7.53 -64.24 1.64
CA LEU WA 172 -8.52 -65.14 2.24
C LEU WA 172 -7.84 -66.34 2.90
N GLU WA 173 -6.85 -66.92 2.22
CA GLU WA 173 -6.12 -68.04 2.79
C GLU WA 173 -5.30 -67.62 3.99
N ASN WA 174 -4.71 -66.41 3.92
CA ASN WA 174 -3.88 -65.92 5.01
C ASN WA 174 -4.72 -65.61 6.24
N GLY WA 175 -5.96 -65.19 6.05
CA GLY WA 175 -6.86 -64.92 7.16
C GLY WA 175 -8.09 -65.81 7.14
N LYS WA 176 -7.87 -67.12 7.00
CA LYS WA 176 -8.98 -68.07 7.00
C LYS WA 176 -9.80 -67.95 8.28
N GLU WA 177 -9.13 -67.76 9.42
CA GLU WA 177 -9.81 -67.67 10.70
C GLU WA 177 -10.53 -66.34 10.89
N THR WA 178 -10.01 -65.26 10.30
CA THR WA 178 -10.52 -63.92 10.59
C THR WA 178 -11.64 -63.47 9.64
N LEU WA 179 -11.54 -63.78 8.35
CA LEU WA 179 -12.50 -63.27 7.38
C LEU WA 179 -13.34 -64.35 6.72
N GLN WA 180 -12.98 -65.62 6.87
CA GLN WA 180 -13.82 -66.72 6.42
C GLN WA 180 -14.70 -67.24 7.53
N ARG WA 181 -14.62 -66.64 8.71
CA ARG WA 181 -15.51 -66.99 9.81
C ARG WA 181 -16.87 -66.35 9.59
N THR WA 182 -17.88 -66.94 10.18
CA THR WA 182 -19.20 -66.32 10.22
C THR WA 182 -19.69 -66.36 11.65
N ASP WA 183 -20.16 -65.22 12.15
CA ASP WA 183 -20.59 -65.09 13.54
C ASP WA 183 -22.11 -64.90 13.57
N ALA WA 184 -22.80 -65.83 14.21
CA ALA WA 184 -24.25 -65.74 14.30
C ALA WA 184 -24.62 -64.63 15.29
N PRO WA 185 -25.72 -63.92 15.03
CA PRO WA 185 -26.09 -62.81 15.91
C PRO WA 185 -26.47 -63.29 17.30
N LYS WA 186 -26.29 -62.41 18.28
CA LYS WA 186 -26.69 -62.66 19.65
C LYS WA 186 -27.99 -61.89 19.91
N THR WA 187 -29.10 -62.62 19.97
CA THR WA 187 -30.42 -62.02 19.97
C THR WA 187 -31.01 -62.00 21.37
N HIS WA 188 -31.73 -60.93 21.66
CA HIS WA 188 -32.51 -60.79 22.89
C HIS WA 188 -33.56 -59.73 22.61
N MET WA 189 -34.53 -59.63 23.51
CA MET WA 189 -35.67 -58.76 23.27
C MET WA 189 -35.87 -57.85 24.46
N THR WA 190 -36.29 -56.61 24.18
CA THR WA 190 -36.50 -55.61 25.21
C THR WA 190 -37.89 -55.01 25.07
N HIS WA 191 -38.40 -54.50 26.18
CA HIS WA 191 -39.75 -53.94 26.26
C HIS WA 191 -39.65 -52.49 26.73
N HIS WA 192 -40.29 -51.58 25.99
CA HIS WA 192 -40.33 -50.18 26.34
C HIS WA 192 -41.77 -49.71 26.28
N ALA WA 193 -42.22 -49.01 27.31
CA ALA WA 193 -43.61 -48.56 27.42
C ALA WA 193 -43.71 -47.07 27.14
N VAL WA 194 -44.30 -46.72 25.99
CA VAL WA 194 -44.51 -45.31 25.67
C VAL WA 194 -45.60 -44.72 26.57
N SER WA 195 -46.70 -45.44 26.74
CA SER WA 195 -47.85 -44.96 27.49
C SER WA 195 -48.57 -46.15 28.11
N ASP WA 196 -49.69 -45.87 28.80
CA ASP WA 196 -50.47 -46.91 29.46
C ASP WA 196 -51.07 -47.93 28.49
N HIS WA 197 -51.28 -47.56 27.22
CA HIS WA 197 -52.04 -48.41 26.30
C HIS WA 197 -51.19 -49.04 25.21
N GLU WA 198 -50.01 -48.52 24.92
CA GLU WA 198 -49.17 -49.10 23.88
C GLU WA 198 -47.71 -49.06 24.31
N ALA WA 199 -46.97 -50.10 23.93
CA ALA WA 199 -45.57 -50.26 24.29
C ALA WA 199 -44.72 -50.53 23.06
N THR WA 200 -43.42 -50.32 23.21
CA THR WA 200 -42.46 -50.53 22.14
C THR WA 200 -41.64 -51.79 22.41
N LEU WA 201 -41.47 -52.61 21.39
CA LEU WA 201 -40.70 -53.84 21.45
C LEU WA 201 -39.41 -53.66 20.65
N ARG WA 202 -38.29 -54.10 21.21
CA ARG WA 202 -37.00 -53.93 20.58
C ARG WA 202 -36.37 -55.29 20.30
N CYS WA 203 -35.96 -55.49 19.06
CA CYS WA 203 -35.29 -56.70 18.60
C CYS WA 203 -33.81 -56.39 18.40
N TRP WA 204 -32.94 -57.13 19.06
CA TRP WA 204 -31.51 -56.86 19.04
C TRP WA 204 -30.73 -57.97 18.36
N ALA WA 205 -29.78 -57.58 17.52
CA ALA WA 205 -28.80 -58.50 16.96
C ALA WA 205 -27.42 -57.90 17.24
N LEU WA 206 -26.54 -58.68 17.85
CA LEU WA 206 -25.24 -58.17 18.29
C LEU WA 206 -24.16 -59.20 18.03
N SER WA 207 -22.93 -58.71 17.95
CA SER WA 207 -21.73 -59.53 17.85
C SER WA 207 -21.82 -60.52 16.68
N PHE WA 208 -22.11 -59.99 15.50
CA PHE WA 208 -22.20 -60.80 14.30
C PHE WA 208 -21.34 -60.22 13.19
N TYR WA 209 -20.79 -61.11 12.37
CA TYR WA 209 -20.01 -60.76 11.19
C TYR WA 209 -20.34 -61.82 10.14
N PRO WA 210 -20.56 -61.41 8.88
CA PRO WA 210 -20.44 -60.07 8.29
C PRO WA 210 -21.50 -59.07 8.71
N ALA WA 211 -21.35 -57.84 8.22
CA ALA WA 211 -22.22 -56.75 8.63
C ALA WA 211 -23.65 -56.93 8.12
N GLU WA 212 -23.82 -57.54 6.94
CA GLU WA 212 -25.14 -57.61 6.33
C GLU WA 212 -26.07 -58.48 7.17
N ILE WA 213 -27.25 -57.94 7.46
CA ILE WA 213 -28.27 -58.65 8.22
C ILE WA 213 -29.61 -58.06 7.83
N THR WA 214 -30.68 -58.84 8.02
CA THR WA 214 -32.02 -58.39 7.75
C THR WA 214 -32.85 -58.58 9.01
N LEU WA 215 -33.53 -57.52 9.44
CA LEU WA 215 -34.40 -57.56 10.59
C LEU WA 215 -35.79 -57.16 10.15
N THR WA 216 -36.77 -58.02 10.42
CA THR WA 216 -38.14 -57.80 9.99
C THR WA 216 -39.10 -58.04 11.14
N TRP WA 217 -40.17 -57.26 11.16
CA TRP WA 217 -41.22 -57.37 12.16
C TRP WA 217 -42.44 -57.93 11.47
N GLN WA 218 -43.03 -58.98 12.03
CA GLN WA 218 -44.24 -59.56 11.46
C GLN WA 218 -45.30 -59.70 12.54
N ARG WA 219 -46.51 -59.26 12.22
CA ARG WA 219 -47.68 -59.43 13.06
C ARG WA 219 -48.60 -60.43 12.35
N ASP WA 220 -48.78 -61.61 12.94
CA ASP WA 220 -49.61 -62.68 12.42
C ASP WA 220 -49.04 -63.30 11.14
N GLY WA 221 -47.73 -63.20 10.95
CA GLY WA 221 -47.14 -63.72 9.73
C GLY WA 221 -47.20 -62.79 8.55
N GLU WA 222 -47.36 -61.49 8.79
CA GLU WA 222 -47.42 -60.50 7.73
C GLU WA 222 -46.33 -59.47 7.96
N ASP WA 223 -45.57 -59.18 6.91
CA ASP WA 223 -44.47 -58.22 7.03
C ASP WA 223 -45.03 -56.88 7.46
N GLN WA 224 -44.48 -56.35 8.56
CA GLN WA 224 -44.94 -55.09 9.13
C GLN WA 224 -43.83 -54.07 8.86
N THR WA 225 -44.17 -53.00 8.14
CA THR WA 225 -43.20 -52.00 7.75
C THR WA 225 -43.84 -50.62 7.84
N GLN WA 226 -43.01 -49.59 7.67
CA GLN WA 226 -43.41 -48.19 7.74
C GLN WA 226 -43.89 -47.79 9.13
N ASP WA 227 -44.32 -48.78 9.92
CA ASP WA 227 -44.70 -48.59 11.31
C ASP WA 227 -43.61 -49.07 12.27
N THR WA 228 -42.44 -49.42 11.74
CA THR WA 228 -41.32 -49.96 12.48
C THR WA 228 -40.15 -48.98 12.44
N GLU WA 229 -39.24 -49.11 13.40
CA GLU WA 229 -38.04 -48.29 13.45
C GLU WA 229 -36.82 -49.17 13.23
N LEU WA 230 -35.91 -48.72 12.35
CA LEU WA 230 -34.71 -49.44 12.01
C LEU WA 230 -33.53 -48.48 12.01
N VAL WA 231 -32.49 -48.81 12.78
CA VAL WA 231 -31.30 -47.98 12.87
C VAL WA 231 -30.25 -48.52 11.92
N GLU WA 232 -29.38 -47.63 11.45
CA GLU WA 232 -28.26 -48.04 10.61
C GLU WA 232 -27.33 -48.96 11.38
N THR WA 233 -26.77 -49.95 10.68
CA THR WA 233 -25.87 -50.90 11.31
C THR WA 233 -24.63 -50.19 11.85
N ARG WA 234 -24.22 -50.56 13.06
CA ARG WA 234 -23.15 -49.89 13.79
C ARG WA 234 -22.01 -50.87 14.07
N PRO WA 235 -20.77 -50.39 14.08
CA PRO WA 235 -19.64 -51.26 14.45
C PRO WA 235 -19.47 -51.30 15.97
N ALA WA 236 -19.31 -52.51 16.50
CA ALA WA 236 -19.11 -52.66 17.94
C ALA WA 236 -17.72 -52.22 18.38
N GLY WA 237 -16.74 -52.25 17.47
CA GLY WA 237 -15.37 -51.90 17.78
C GLY WA 237 -14.43 -53.08 17.95
N ASP WA 238 -14.95 -54.31 17.90
CA ASP WA 238 -14.13 -55.51 17.99
C ASP WA 238 -14.20 -56.35 16.72
N GLY WA 239 -14.64 -55.77 15.61
CA GLY WA 239 -14.84 -56.51 14.39
C GLY WA 239 -16.22 -57.10 14.21
N THR WA 240 -17.14 -56.81 15.12
CA THR WA 240 -18.51 -57.26 15.04
C THR WA 240 -19.43 -56.05 14.90
N PHE WA 241 -20.65 -56.31 14.43
CA PHE WA 241 -21.62 -55.26 14.14
C PHE WA 241 -22.88 -55.45 14.97
N GLN WA 242 -23.71 -54.42 14.97
CA GLN WA 242 -24.96 -54.41 15.72
C GLN WA 242 -26.05 -53.72 14.92
N LYS WA 243 -27.29 -54.18 15.12
CA LYS WA 243 -28.46 -53.55 14.52
C LYS WA 243 -29.67 -53.95 15.34
N TRP WA 244 -30.67 -53.07 15.37
CA TRP WA 244 -31.90 -53.38 16.08
C TRP WA 244 -33.10 -52.75 15.38
N ALA WA 245 -34.26 -53.38 15.58
CA ALA WA 245 -35.53 -52.96 15.01
C ALA WA 245 -36.59 -52.89 16.11
N ALA WA 246 -37.47 -51.90 16.02
CA ALA WA 246 -38.51 -51.68 17.02
C ALA WA 246 -39.86 -51.48 16.36
N VAL WA 247 -40.92 -51.89 17.06
CA VAL WA 247 -42.28 -51.75 16.58
C VAL WA 247 -43.18 -51.32 17.74
N VAL WA 248 -44.16 -50.48 17.44
CA VAL WA 248 -45.13 -50.02 18.44
C VAL WA 248 -46.34 -50.93 18.43
N VAL WA 249 -46.69 -51.46 19.59
CA VAL WA 249 -47.79 -52.43 19.71
C VAL WA 249 -48.76 -51.97 20.79
N PRO WA 250 -50.07 -52.09 20.56
CA PRO WA 250 -51.04 -51.80 21.62
C PRO WA 250 -51.00 -52.86 22.70
N SER WA 251 -51.29 -52.44 23.94
CA SER WA 251 -51.17 -53.34 25.07
C SER WA 251 -52.10 -54.54 24.89
N GLY WA 252 -51.65 -55.70 25.33
CA GLY WA 252 -52.40 -56.92 25.20
C GLY WA 252 -52.23 -57.63 23.88
N GLN WA 253 -51.52 -57.02 22.93
CA GLN WA 253 -51.28 -57.62 21.63
C GLN WA 253 -49.82 -58.05 21.46
N GLU WA 254 -49.05 -58.10 22.55
CA GLU WA 254 -47.65 -58.49 22.45
C GLU WA 254 -47.51 -59.90 21.90
N GLN WA 255 -48.52 -60.75 22.15
CA GLN WA 255 -48.57 -62.11 21.61
C GLN WA 255 -49.07 -62.15 20.16
N ARG WA 256 -48.92 -61.05 19.42
CA ARG WA 256 -49.27 -61.02 18.00
C ARG WA 256 -48.08 -60.71 17.09
N TYR WA 257 -46.96 -60.25 17.64
CA TYR WA 257 -45.82 -59.81 16.86
C TYR WA 257 -44.67 -60.79 17.00
N THR WA 258 -43.87 -60.89 15.93
CA THR WA 258 -42.75 -61.80 15.85
C THR WA 258 -41.58 -61.09 15.18
N CYS WA 259 -40.37 -61.36 15.65
CA CYS WA 259 -39.14 -60.81 15.08
C CYS WA 259 -38.40 -61.87 14.29
N HIS WA 260 -38.00 -61.53 13.07
CA HIS WA 260 -37.32 -62.44 12.17
C HIS WA 260 -35.94 -61.90 11.83
N VAL WA 261 -34.91 -62.73 12.04
CA VAL WA 261 -33.52 -62.35 11.83
C VAL WA 261 -32.97 -63.19 10.68
N GLN WA 262 -32.32 -62.53 9.73
CA GLN WA 262 -31.70 -63.18 8.58
C GLN WA 262 -30.22 -62.85 8.55
N HIS WA 263 -29.38 -63.83 8.86
CA HIS WA 263 -27.94 -63.65 8.78
C HIS WA 263 -27.31 -64.92 8.22
N GLU WA 264 -26.13 -64.77 7.63
CA GLU WA 264 -25.42 -65.91 7.06
C GLU WA 264 -25.02 -66.92 8.12
N GLY WA 265 -24.79 -66.47 9.35
CA GLY WA 265 -24.41 -67.36 10.44
C GLY WA 265 -25.50 -68.30 10.90
N LEU WA 266 -26.75 -67.99 10.60
CA LEU WA 266 -27.85 -68.82 11.03
C LEU WA 266 -28.25 -69.76 9.91
N PRO WA 267 -28.19 -71.09 10.10
CA PRO WA 267 -28.68 -72.00 9.05
C PRO WA 267 -30.17 -71.88 8.84
N LYS WA 268 -30.92 -71.43 9.86
CA LYS WA 268 -32.34 -71.22 9.83
C LYS WA 268 -32.66 -69.77 10.19
N PRO WA 269 -33.55 -69.12 9.45
CA PRO WA 269 -33.99 -67.78 9.85
C PRO WA 269 -34.63 -67.81 11.23
N LEU WA 270 -34.12 -66.98 12.12
CA LEU WA 270 -34.59 -66.99 13.50
C LEU WA 270 -35.91 -66.26 13.66
N THR WA 271 -36.72 -66.74 14.59
CA THR WA 271 -37.98 -66.13 14.97
C THR WA 271 -37.92 -65.83 16.46
N LEU WA 272 -38.30 -64.61 16.84
CA LEU WA 272 -38.25 -64.17 18.24
C LEU WA 272 -39.63 -63.73 18.67
N ARG WA 273 -40.13 -64.36 19.74
CA ARG WA 273 -41.43 -64.04 20.32
C ARG WA 273 -41.25 -63.42 21.70
N TRP WA 274 -42.16 -62.52 22.05
CA TRP WA 274 -42.18 -61.89 23.36
C TRP WA 274 -43.23 -62.61 24.20
N GLU WA 275 -42.82 -63.13 25.34
CA GLU WA 275 -43.72 -63.94 26.15
C GLU WA 275 -43.35 -63.94 27.63
N MET XA 1 -21.12 -27.13 -3.78
CA MET XA 1 -20.84 -28.15 -2.78
C MET XA 1 -22.12 -28.69 -2.17
N ILE XA 2 -22.18 -30.01 -1.99
CA ILE XA 2 -23.25 -30.66 -1.23
C ILE XA 2 -22.74 -30.91 0.18
N GLN XA 3 -23.60 -30.66 1.16
CA GLN XA 3 -23.26 -30.86 2.57
C GLN XA 3 -24.36 -31.69 3.23
N ARG XA 4 -23.96 -32.71 3.99
CA ARG XA 4 -24.88 -33.58 4.69
C ARG XA 4 -24.57 -33.53 6.18
N THR XA 5 -25.58 -33.35 7.00
CA THR XA 5 -25.36 -33.27 8.43
C THR XA 5 -25.25 -34.69 9.02
N PRO XA 6 -24.37 -34.92 9.98
CA PRO XA 6 -24.11 -36.28 10.43
C PRO XA 6 -25.22 -36.84 11.31
N LYS XA 7 -25.34 -38.16 11.24
CA LYS XA 7 -26.23 -38.92 12.12
C LYS XA 7 -25.38 -39.53 13.22
N ILE XA 8 -25.84 -39.43 14.46
CA ILE XA 8 -25.05 -39.82 15.62
C ILE XA 8 -25.74 -40.97 16.34
N GLN XA 9 -24.98 -42.02 16.63
CA GLN XA 9 -25.45 -43.16 17.41
C GLN XA 9 -24.43 -43.46 18.50
N VAL XA 10 -24.83 -43.25 19.75
CA VAL XA 10 -24.00 -43.53 20.91
C VAL XA 10 -24.50 -44.81 21.58
N TYR XA 11 -23.58 -45.74 21.84
CA TYR XA 11 -23.96 -47.05 22.35
C TYR XA 11 -22.74 -47.67 23.06
N SER XA 12 -22.83 -48.97 23.36
CA SER XA 12 -21.77 -49.70 24.04
C SER XA 12 -21.39 -50.94 23.24
N ARG XA 13 -20.14 -51.37 23.41
CA ARG XA 13 -19.66 -52.56 22.71
C ARG XA 13 -20.38 -53.83 23.19
N HIS XA 14 -20.65 -53.92 24.48
CA HIS XA 14 -21.31 -55.05 25.09
C HIS XA 14 -22.54 -54.59 25.85
N PRO XA 15 -23.46 -55.50 26.19
CA PRO XA 15 -24.59 -55.11 27.04
C PRO XA 15 -24.15 -54.50 28.36
N ALA XA 16 -24.74 -53.35 28.68
CA ALA XA 16 -24.31 -52.50 29.79
C ALA XA 16 -24.64 -53.14 31.14
N GLU XA 17 -23.66 -53.81 31.74
CA GLU XA 17 -23.77 -54.29 33.11
C GLU XA 17 -23.08 -53.29 34.02
N ASN XA 18 -23.76 -52.89 35.09
CA ASN XA 18 -23.20 -51.86 35.97
C ASN XA 18 -22.05 -52.42 36.77
N GLY XA 19 -20.99 -51.62 36.87
CA GLY XA 19 -19.80 -51.98 37.62
C GLY XA 19 -18.89 -52.96 36.92
N LYS XA 20 -18.99 -53.09 35.61
CA LYS XA 20 -18.15 -54.00 34.85
C LYS XA 20 -17.59 -53.26 33.63
N SER XA 21 -16.47 -53.77 33.11
CA SER XA 21 -15.78 -53.09 32.02
C SER XA 21 -16.52 -53.20 30.69
N ASN XA 22 -16.63 -52.07 30.00
CA ASN XA 22 -17.30 -51.96 28.71
C ASN XA 22 -16.64 -50.83 27.92
N PHE XA 23 -17.07 -50.67 26.67
CA PHE XA 23 -16.59 -49.62 25.79
C PHE XA 23 -17.75 -48.71 25.38
N LEU XA 24 -17.53 -47.41 25.44
CA LEU XA 24 -18.52 -46.43 24.99
C LEU XA 24 -18.20 -46.01 23.57
N ASN XA 25 -19.20 -46.04 22.70
CA ASN XA 25 -19.00 -45.80 21.28
C ASN XA 25 -19.86 -44.62 20.81
N CYS XA 26 -19.29 -43.82 19.92
CA CYS XA 26 -20.01 -42.79 19.17
C CYS XA 26 -19.80 -43.06 17.69
N TYR XA 27 -20.88 -43.25 16.96
CA TYR XA 27 -20.81 -43.55 15.53
C TYR XA 27 -21.47 -42.41 14.76
N VAL XA 28 -20.64 -41.59 14.11
CA VAL XA 28 -21.10 -40.49 13.27
C VAL XA 28 -20.95 -40.91 11.82
N SER XA 29 -21.99 -40.67 11.03
CA SER XA 29 -21.99 -41.11 9.63
C SER XA 29 -22.86 -40.17 8.81
N GLY XA 30 -22.81 -40.36 7.50
CA GLY XA 30 -23.62 -39.54 6.59
C GLY XA 30 -23.34 -38.05 6.64
N PHE XA 31 -22.06 -37.67 6.71
CA PHE XA 31 -21.70 -36.26 6.77
C PHE XA 31 -20.63 -35.90 5.74
N HIS XA 32 -20.67 -34.64 5.32
CA HIS XA 32 -19.70 -34.03 4.42
C HIS XA 32 -19.61 -32.52 4.67
N PRO XA 33 -18.38 -31.96 4.68
CA PRO XA 33 -17.07 -32.57 4.46
C PRO XA 33 -16.51 -33.29 5.69
N SER XA 34 -15.22 -33.65 5.62
CA SER XA 34 -14.61 -34.52 6.63
C SER XA 34 -14.37 -33.82 7.96
N ASP XA 35 -14.20 -32.50 7.97
CA ASP XA 35 -13.85 -31.82 9.22
C ASP XA 35 -15.00 -31.92 10.22
N ILE XA 36 -14.74 -32.58 11.34
CA ILE XA 36 -15.73 -32.79 12.38
C ILE XA 36 -15.04 -32.89 13.73
N GLU XA 37 -15.73 -32.44 14.78
CA GLU XA 37 -15.23 -32.50 16.14
C GLU XA 37 -16.20 -33.37 16.93
N VAL XA 38 -15.69 -34.46 17.50
CA VAL XA 38 -16.50 -35.43 18.21
C VAL XA 38 -15.86 -35.66 19.57
N ASP XA 39 -16.55 -35.23 20.62
CA ASP XA 39 -16.12 -35.39 22.00
C ASP XA 39 -17.05 -36.35 22.73
N LEU XA 40 -16.47 -37.10 23.66
CA LEU XA 40 -17.23 -37.99 24.53
C LEU XA 40 -17.29 -37.34 25.90
N LEU XA 41 -18.48 -37.25 26.48
CA LEU XA 41 -18.69 -36.53 27.72
C LEU XA 41 -19.15 -37.48 28.81
N LYS XA 42 -18.65 -37.24 30.02
CA LYS XA 42 -19.07 -37.94 31.22
C LYS XA 42 -19.58 -36.90 32.20
N ASN XA 43 -20.90 -36.87 32.39
CA ASN XA 43 -21.56 -35.88 33.26
C ASN XA 43 -21.32 -34.46 32.77
N GLY XA 44 -21.20 -34.28 31.46
CA GLY XA 44 -20.94 -32.98 30.88
C GLY XA 44 -19.48 -32.62 30.77
N GLU XA 45 -18.57 -33.50 31.18
CA GLU XA 45 -17.14 -33.26 31.14
C GLU XA 45 -16.51 -34.06 30.01
N ARG XA 46 -15.60 -33.41 29.28
CA ARG XA 46 -14.96 -34.06 28.14
C ARG XA 46 -13.99 -35.12 28.64
N ILE XA 47 -13.98 -36.27 27.98
CA ILE XA 47 -13.08 -37.36 28.33
C ILE XA 47 -11.77 -37.17 27.58
N GLU XA 48 -10.66 -37.32 28.29
CA GLU XA 48 -9.37 -36.97 27.73
C GLU XA 48 -8.88 -37.98 26.70
N LYS XA 49 -8.94 -39.27 27.02
CA LYS XA 49 -8.38 -40.30 26.14
C LYS XA 49 -9.54 -40.87 25.34
N VAL XA 50 -9.64 -40.45 24.08
CA VAL XA 50 -10.64 -40.92 23.14
C VAL XA 50 -9.96 -41.29 21.83
N GLU XA 51 -10.07 -42.55 21.44
CA GLU XA 51 -9.53 -43.02 20.17
C GLU XA 51 -10.61 -42.99 19.10
N HIS XA 52 -10.20 -43.12 17.84
CA HIS XA 52 -11.15 -43.11 16.74
C HIS XA 52 -10.61 -43.97 15.60
N SER XA 53 -11.51 -44.31 14.68
CA SER XA 53 -11.16 -45.15 13.54
C SER XA 53 -10.61 -44.30 12.40
N ASP XA 54 -10.14 -44.99 11.36
CA ASP XA 54 -9.59 -44.33 10.18
C ASP XA 54 -10.70 -43.85 9.25
N LEU XA 55 -10.53 -42.66 8.70
CA LEU XA 55 -11.56 -42.03 7.87
C LEU XA 55 -11.91 -42.89 6.67
N SER XA 56 -13.19 -43.20 6.52
CA SER XA 56 -13.70 -43.96 5.38
C SER XA 56 -15.02 -43.36 4.95
N PHE XA 57 -15.59 -43.88 3.87
CA PHE XA 57 -16.84 -43.35 3.36
C PHE XA 57 -17.67 -44.47 2.72
N SER XA 58 -18.97 -44.20 2.58
CA SER XA 58 -19.92 -45.18 2.06
C SER XA 58 -20.09 -44.98 0.55
N LYS XA 59 -21.10 -45.64 -0.02
CA LYS XA 59 -21.33 -45.55 -1.47
C LYS XA 59 -21.71 -44.14 -1.89
N ASP XA 60 -22.56 -43.47 -1.11
CA ASP XA 60 -23.01 -42.13 -1.45
C ASP XA 60 -21.97 -41.06 -1.14
N TRP XA 61 -20.72 -41.47 -0.88
CA TRP XA 61 -19.58 -40.59 -0.60
C TRP XA 61 -19.63 -39.96 0.78
N SER XA 62 -20.59 -40.36 1.61
CA SER XA 62 -20.71 -39.78 2.95
C SER XA 62 -19.70 -40.43 3.88
N PHE XA 63 -19.18 -39.63 4.81
CA PHE XA 63 -18.11 -40.08 5.69
C PHE XA 63 -18.70 -40.69 6.96
N TYR XA 64 -17.98 -41.66 7.52
CA TYR XA 64 -18.38 -42.27 8.78
C TYR XA 64 -17.17 -42.53 9.65
N LEU XA 65 -17.33 -42.29 10.95
CA LEU XA 65 -16.27 -42.45 11.94
C LEU XA 65 -16.84 -43.06 13.21
N LEU XA 66 -15.99 -43.79 13.94
CA LEU XA 66 -16.37 -44.42 15.19
C LEU XA 66 -15.41 -43.97 16.28
N TYR XA 67 -15.91 -43.25 17.27
CA TYR XA 67 -15.12 -42.80 18.41
C TYR XA 67 -15.44 -43.69 19.60
N TYR XA 68 -14.41 -44.14 20.31
CA TYR XA 68 -14.62 -45.08 21.40
C TYR XA 68 -13.62 -44.85 22.52
N THR XA 69 -14.01 -45.26 23.72
CA THR XA 69 -13.14 -45.25 24.89
C THR XA 69 -13.62 -46.32 25.85
N GLU XA 70 -12.72 -46.73 26.74
CA GLU XA 70 -13.07 -47.70 27.76
C GLU XA 70 -13.73 -46.99 28.94
N PHE XA 71 -14.74 -47.62 29.53
CA PHE XA 71 -15.42 -47.03 30.66
C PHE XA 71 -16.13 -48.12 31.46
N THR XA 72 -16.49 -47.76 32.68
CA THR XA 72 -17.29 -48.65 33.54
C THR XA 72 -18.62 -47.98 33.81
N PRO XA 73 -19.74 -48.54 33.35
CA PRO XA 73 -21.03 -47.86 33.54
C PRO XA 73 -21.50 -47.95 34.99
N THR XA 74 -22.10 -46.86 35.45
CA THR XA 74 -22.59 -46.73 36.81
C THR XA 74 -23.99 -46.13 36.77
N GLU XA 75 -24.82 -46.56 37.72
CA GLU XA 75 -26.20 -46.10 37.82
C GLU XA 75 -26.31 -44.59 37.94
N LYS XA 76 -25.27 -43.91 38.43
CA LYS XA 76 -25.32 -42.48 38.68
C LYS XA 76 -24.88 -41.65 37.48
N ASP XA 77 -23.88 -42.11 36.74
CA ASP XA 77 -23.20 -41.30 35.74
C ASP XA 77 -24.02 -41.15 34.47
N GLU XA 78 -23.77 -40.04 33.78
CA GLU XA 78 -24.38 -39.72 32.49
C GLU XA 78 -23.28 -39.65 31.44
N TYR XA 79 -23.58 -40.12 30.23
CA TYR XA 79 -22.63 -40.10 29.14
C TYR XA 79 -23.33 -39.55 27.91
N ALA XA 80 -22.54 -38.96 27.02
CA ALA XA 80 -23.11 -38.33 25.84
C ALA XA 80 -22.02 -38.15 24.81
N CYS XA 81 -22.45 -37.77 23.61
CA CYS XA 81 -21.55 -37.43 22.52
C CYS XA 81 -21.87 -36.02 22.06
N ARG XA 82 -20.83 -35.19 21.94
CA ARG XA 82 -20.97 -33.82 21.45
C ARG XA 82 -20.28 -33.73 20.10
N VAL XA 83 -21.06 -33.41 19.07
CA VAL XA 83 -20.58 -33.36 17.70
C VAL XA 83 -20.83 -31.96 17.15
N ASN XA 84 -19.77 -31.32 16.66
CA ASN XA 84 -19.87 -30.01 16.04
C ASN XA 84 -19.47 -30.12 14.57
N HIS XA 85 -20.23 -29.45 13.71
CA HIS XA 85 -20.03 -29.51 12.28
C HIS XA 85 -20.43 -28.17 11.68
N VAL XA 86 -19.96 -27.92 10.45
CA VAL XA 86 -20.28 -26.67 9.77
C VAL XA 86 -21.77 -26.56 9.51
N THR XA 87 -22.43 -27.69 9.22
CA THR XA 87 -23.87 -27.67 8.96
C THR XA 87 -24.67 -27.37 10.22
N LEU XA 88 -24.09 -27.55 11.40
CA LEU XA 88 -24.82 -27.35 12.65
C LEU XA 88 -24.61 -25.93 13.15
N SER XA 89 -25.71 -25.22 13.39
CA SER XA 89 -25.61 -23.88 13.96
C SER XA 89 -25.00 -23.94 15.36
N GLN XA 90 -25.35 -24.98 16.11
CA GLN XA 90 -24.84 -25.22 17.45
C GLN XA 90 -24.47 -26.69 17.60
N PRO XA 91 -23.53 -26.99 18.50
CA PRO XA 91 -23.13 -28.39 18.74
C PRO XA 91 -24.28 -29.28 19.20
N LYS XA 92 -24.45 -30.40 18.52
CA LYS XA 92 -25.52 -31.36 18.81
C LYS XA 92 -25.04 -32.38 19.83
N ILE XA 93 -25.84 -32.56 20.88
CA ILE XA 93 -25.55 -33.51 21.96
C ILE XA 93 -26.56 -34.64 21.93
N VAL XA 94 -26.08 -35.88 22.05
CA VAL XA 94 -26.92 -37.07 22.09
C VAL XA 94 -26.60 -37.83 23.37
N LYS XA 95 -27.60 -38.06 24.21
CA LYS XA 95 -27.35 -38.76 25.47
C LYS XA 95 -27.32 -40.26 25.23
N TRP XA 96 -26.62 -40.96 26.10
CA TRP XA 96 -26.46 -42.41 25.95
C TRP XA 96 -27.65 -43.11 26.58
N ASP XA 97 -28.33 -43.94 25.79
CA ASP XA 97 -29.39 -44.80 26.28
C ASP XA 97 -28.93 -46.24 26.14
N ARG XA 98 -28.83 -46.94 27.26
CA ARG XA 98 -28.36 -48.32 27.24
C ARG XA 98 -29.36 -49.26 26.57
N ASP XA 99 -30.60 -48.81 26.41
CA ASP XA 99 -31.65 -49.55 25.73
C ASP XA 99 -31.69 -49.27 24.23
N MET XA 100 -30.77 -48.46 23.72
CA MET XA 100 -30.71 -48.16 22.30
C MET XA 100 -29.28 -48.26 21.77
N GLY YA 1 27.46 -4.67 36.46
CA GLY YA 1 26.63 -3.49 36.38
C GLY YA 1 25.19 -3.74 36.81
N SER YA 2 24.26 -3.17 36.04
CA SER YA 2 22.83 -3.31 36.29
C SER YA 2 22.28 -4.55 35.60
N HIS YA 3 21.42 -5.28 36.30
CA HIS YA 3 20.81 -6.49 35.78
C HIS YA 3 19.30 -6.30 35.75
N SER YA 4 18.62 -7.08 34.93
CA SER YA 4 17.18 -6.92 34.81
C SER YA 4 16.47 -8.24 34.53
N MET YA 5 15.21 -8.30 34.94
CA MET YA 5 14.30 -9.37 34.59
C MET YA 5 13.08 -8.72 33.94
N ARG YA 6 12.70 -9.21 32.77
CA ARG YA 6 11.63 -8.61 31.97
C ARG YA 6 10.69 -9.68 31.44
N TYR YA 7 9.40 -9.35 31.39
CA TYR YA 7 8.39 -10.22 30.82
C TYR YA 7 7.72 -9.50 29.65
N PHE YA 8 7.60 -10.19 28.52
CA PHE YA 8 7.01 -9.63 27.31
C PHE YA 8 5.77 -10.44 26.93
N PHE YA 9 4.64 -9.76 26.79
CA PHE YA 9 3.37 -10.40 26.44
C PHE YA 9 2.88 -9.82 25.12
N THR YA 10 2.47 -10.71 24.22
CA THR YA 10 1.87 -10.32 22.95
C THR YA 10 0.60 -11.13 22.73
N SER YA 11 -0.51 -10.43 22.47
CA SER YA 11 -1.78 -11.08 22.19
C SER YA 11 -2.37 -10.51 20.91
N VAL YA 12 -2.62 -11.39 19.94
CA VAL YA 12 -3.16 -10.99 18.64
C VAL YA 12 -4.49 -11.72 18.45
N SER YA 13 -5.50 -10.96 18.03
CA SER YA 13 -6.86 -11.49 17.89
C SER YA 13 -7.10 -11.99 16.48
N ARG YA 14 -7.66 -13.19 16.37
CA ARG YA 14 -8.04 -13.77 15.08
C ARG YA 14 -9.56 -13.73 14.95
N PRO YA 15 -10.10 -12.82 14.14
CA PRO YA 15 -11.55 -12.60 14.07
C PRO YA 15 -12.31 -13.69 13.33
N GLY YA 16 -13.21 -14.36 14.03
CA GLY YA 16 -13.81 -15.61 13.59
C GLY YA 16 -13.05 -16.91 13.73
N ARG YA 17 -11.83 -16.97 13.20
CA ARG YA 17 -11.12 -18.24 13.13
C ARG YA 17 -10.45 -18.59 14.46
N GLY YA 18 -11.20 -18.54 15.56
CA GLY YA 18 -10.72 -19.05 16.83
C GLY YA 18 -10.43 -18.02 17.91
N GLU YA 19 -9.53 -18.38 18.82
CA GLU YA 19 -9.16 -17.52 19.94
C GLU YA 19 -7.99 -16.62 19.57
N PRO YA 20 -7.64 -15.67 20.42
CA PRO YA 20 -6.49 -14.83 20.11
C PRO YA 20 -5.18 -15.54 20.42
N ARG YA 21 -4.17 -15.29 19.60
CA ARG YA 21 -2.87 -15.89 19.80
C ARG YA 21 -2.14 -15.12 20.90
N PHE YA 22 -1.59 -15.86 21.87
CA PHE YA 22 -0.92 -15.26 23.02
C PHE YA 22 0.48 -15.86 23.13
N ILE YA 23 1.49 -15.00 23.12
CA ILE YA 23 2.88 -15.40 23.28
C ILE YA 23 3.45 -14.69 24.51
N ALA YA 24 4.13 -15.45 25.36
CA ALA YA 24 4.76 -14.90 26.55
C ALA YA 24 6.19 -15.38 26.60
N VAL YA 25 7.12 -14.46 26.84
CA VAL YA 25 8.54 -14.77 26.93
C VAL YA 25 9.13 -14.04 28.12
N GLY YA 26 10.09 -14.68 28.79
CA GLY YA 26 10.73 -14.07 29.93
C GLY YA 26 12.23 -13.97 29.72
N TYR YA 27 12.80 -12.81 30.03
CA TYR YA 27 14.21 -12.56 29.86
C TYR YA 27 14.83 -12.12 31.18
N VAL YA 28 16.02 -12.63 31.45
CA VAL YA 28 16.90 -12.10 32.49
C VAL YA 28 18.15 -11.61 31.79
N ASP YA 29 18.39 -10.29 31.88
CA ASP YA 29 19.45 -9.63 31.12
C ASP YA 29 19.12 -9.85 29.64
N ASP YA 30 19.98 -10.49 28.86
CA ASP YA 30 19.70 -10.78 27.46
C ASP YA 30 19.48 -12.27 27.21
N THR YA 31 19.21 -13.04 28.27
CA THR YA 31 19.01 -14.47 28.17
C THR YA 31 17.54 -14.81 28.41
N GLN YA 32 16.96 -15.60 27.50
CA GLN YA 32 15.59 -16.06 27.60
C GLN YA 32 15.53 -17.39 28.34
N PHE YA 33 14.69 -17.47 29.37
CA PHE YA 33 14.62 -18.66 30.20
C PHE YA 33 13.26 -19.33 30.26
N VAL YA 34 12.18 -18.66 29.87
CA VAL YA 34 10.84 -19.24 29.91
C VAL YA 34 10.02 -18.76 28.72
N ARG YA 35 9.04 -19.58 28.31
CA ARG YA 35 8.15 -19.24 27.22
C ARG YA 35 6.79 -19.89 27.40
N PHE YA 36 5.78 -19.29 26.78
CA PHE YA 36 4.43 -19.84 26.71
C PHE YA 36 3.81 -19.49 25.37
N ASP YA 37 3.19 -20.48 24.72
CA ASP YA 37 2.52 -20.29 23.44
C ASP YA 37 1.07 -20.74 23.58
N SER YA 38 0.13 -19.89 23.13
CA SER YA 38 -1.28 -20.25 23.22
C SER YA 38 -1.65 -21.38 22.27
N ASP YA 39 -0.93 -21.54 21.16
CA ASP YA 39 -1.18 -22.63 20.22
C ASP YA 39 -0.25 -23.81 20.43
N ALA YA 40 0.53 -23.82 21.51
CA ALA YA 40 1.40 -24.94 21.79
C ALA YA 40 0.59 -26.09 22.42
N ALA YA 41 0.95 -27.32 22.05
CA ALA YA 41 0.24 -28.48 22.58
C ALA YA 41 0.45 -28.63 24.08
N SER YA 42 1.64 -28.28 24.58
CA SER YA 42 1.91 -28.44 26.00
C SER YA 42 1.01 -27.55 26.84
N GLN YA 43 0.78 -26.31 26.38
CA GLN YA 43 0.00 -25.31 27.10
C GLN YA 43 0.56 -25.03 28.50
N ARG YA 44 1.88 -25.11 28.65
CA ARG YA 44 2.52 -24.93 29.94
C ARG YA 44 3.75 -24.02 29.75
N MET YA 45 4.22 -23.47 30.86
CA MET YA 45 5.46 -22.71 30.84
C MET YA 45 6.65 -23.65 30.70
N GLU YA 46 7.37 -23.53 29.61
CA GLU YA 46 8.47 -24.44 29.31
C GLU YA 46 9.80 -23.75 29.57
N PRO YA 47 10.84 -24.50 29.93
CA PRO YA 47 12.15 -23.88 30.14
C PRO YA 47 12.94 -23.81 28.85
N ARG YA 48 13.63 -22.68 28.66
CA ARG YA 48 14.47 -22.47 27.49
C ARG YA 48 15.93 -22.32 27.84
N ALA YA 49 16.28 -22.25 29.13
CA ALA YA 49 17.64 -22.15 29.62
C ALA YA 49 17.89 -23.26 30.62
N PRO YA 50 19.11 -23.81 30.66
CA PRO YA 50 19.36 -24.94 31.56
C PRO YA 50 19.22 -24.60 33.04
N TRP YA 51 19.62 -23.40 33.45
CA TRP YA 51 19.64 -23.05 34.87
C TRP YA 51 18.25 -22.97 35.48
N ILE YA 52 17.21 -22.70 34.69
CA ILE YA 52 15.86 -22.65 35.24
C ILE YA 52 15.25 -24.04 35.37
N GLU YA 53 15.77 -25.03 34.64
CA GLU YA 53 15.16 -26.36 34.66
C GLU YA 53 15.20 -27.02 36.04
N GLN YA 54 16.16 -26.64 36.91
CA GLN YA 54 16.24 -27.24 38.23
C GLN YA 54 15.22 -26.69 39.23
N GLU YA 55 14.16 -26.02 38.79
CA GLU YA 55 13.14 -25.55 39.71
C GLU YA 55 12.12 -26.65 39.96
N GLY YA 56 11.50 -26.62 41.14
CA GLY YA 56 10.56 -27.65 41.51
C GLY YA 56 9.27 -27.57 40.72
N PRO YA 57 8.51 -28.68 40.72
CA PRO YA 57 7.24 -28.69 40.00
C PRO YA 57 6.21 -27.71 40.55
N GLU YA 58 6.33 -27.29 41.81
CA GLU YA 58 5.44 -26.27 42.33
C GLU YA 58 5.66 -24.94 41.62
N TYR YA 59 6.92 -24.65 41.26
CA TYR YA 59 7.21 -23.40 40.54
C TYR YA 59 6.54 -23.39 39.17
N TRP YA 60 6.72 -24.46 38.40
CA TRP YA 60 6.17 -24.51 37.05
C TRP YA 60 4.65 -24.50 37.08
N ASP YA 61 4.05 -25.21 38.06
CA ASP YA 61 2.60 -25.20 38.18
C ASP YA 61 2.10 -23.80 38.48
N GLY YA 62 2.80 -23.08 39.35
CA GLY YA 62 2.42 -21.71 39.65
C GLY YA 62 2.62 -20.79 38.45
N GLU YA 63 3.77 -20.93 37.77
CA GLU YA 63 4.05 -20.08 36.61
C GLU YA 63 3.04 -20.34 35.49
N THR YA 64 2.69 -21.61 35.27
CA THR YA 64 1.66 -21.95 34.28
C THR YA 64 0.32 -21.36 34.65
N ARG YA 65 0.01 -21.32 35.95
CA ARG YA 65 -1.28 -20.80 36.41
C ARG YA 65 -1.43 -19.32 36.07
N LYS YA 66 -0.40 -18.52 36.33
CA LYS YA 66 -0.52 -17.09 36.14
C LYS YA 66 -0.52 -16.70 34.67
N VAL YA 67 0.30 -17.35 33.85
CA VAL YA 67 0.38 -16.98 32.44
C VAL YA 67 -0.95 -17.25 31.75
N LYS YA 68 -1.60 -18.37 32.09
CA LYS YA 68 -2.92 -18.66 31.53
C LYS YA 68 -3.94 -17.64 31.98
N ALA YA 69 -3.86 -17.21 33.25
CA ALA YA 69 -4.73 -16.16 33.74
C ALA YA 69 -4.46 -14.84 33.01
N HIS YA 70 -3.19 -14.53 32.78
CA HIS YA 70 -2.84 -13.35 31.99
C HIS YA 70 -3.33 -13.46 30.56
N SER YA 71 -3.27 -14.67 29.98
CA SER YA 71 -3.77 -14.86 28.62
C SER YA 71 -5.26 -14.56 28.53
N GLN YA 72 -6.04 -15.05 29.50
CA GLN YA 72 -7.47 -14.73 29.53
C GLN YA 72 -7.69 -13.25 29.79
N THR YA 73 -6.80 -12.63 30.57
CA THR YA 73 -6.87 -11.20 30.82
C THR YA 73 -6.77 -10.40 29.53
N HIS YA 74 -5.75 -10.69 28.72
CA HIS YA 74 -5.51 -9.88 27.53
C HIS YA 74 -6.56 -10.11 26.45
N ARG YA 75 -7.17 -11.30 26.42
CA ARG YA 75 -8.28 -11.51 25.49
C ARG YA 75 -9.47 -10.63 25.85
N VAL YA 76 -9.72 -10.44 27.15
CA VAL YA 76 -10.75 -9.51 27.57
C VAL YA 76 -10.33 -8.08 27.23
N ASP YA 77 -9.04 -7.78 27.37
CA ASP YA 77 -8.56 -6.44 27.04
C ASP YA 77 -8.79 -6.12 25.57
N LEU YA 78 -8.60 -7.12 24.69
CA LEU YA 78 -8.86 -6.91 23.27
C LEU YA 78 -10.31 -6.57 23.01
N GLY YA 79 -11.24 -7.29 23.66
CA GLY YA 79 -12.65 -6.96 23.51
C GLY YA 79 -13.01 -5.63 24.12
N THR YA 80 -12.47 -5.34 25.31
CA THR YA 80 -12.75 -4.07 25.97
C THR YA 80 -12.21 -2.90 25.15
N LEU YA 81 -10.99 -3.01 24.65
CA LEU YA 81 -10.40 -1.95 23.85
C LEU YA 81 -11.13 -1.76 22.53
N ARG YA 82 -11.66 -2.84 21.96
CA ARG YA 82 -12.40 -2.74 20.70
C ARG YA 82 -13.64 -1.87 20.87
N GLY YA 83 -14.30 -1.96 22.03
CA GLY YA 83 -15.44 -1.10 22.29
C GLY YA 83 -15.06 0.35 22.45
N TYR YA 84 -13.89 0.61 23.06
CA TYR YA 84 -13.46 1.97 23.33
C TYR YA 84 -13.30 2.78 22.05
N TYR YA 85 -12.71 2.19 21.01
CA TYR YA 85 -12.40 2.87 19.76
C TYR YA 85 -13.50 2.73 18.72
N ASN YA 86 -14.64 2.12 19.05
CA ASN YA 86 -15.75 1.93 18.12
C ASN YA 86 -15.33 1.11 16.90
N GLN YA 87 -14.39 0.20 17.10
CA GLN YA 87 -13.86 -0.60 16.00
C GLN YA 87 -14.78 -1.79 15.71
N SER YA 88 -14.86 -2.15 14.43
CA SER YA 88 -15.65 -3.30 14.02
C SER YA 88 -15.05 -4.58 14.56
N GLU YA 89 -15.88 -5.63 14.61
CA GLU YA 89 -15.44 -6.93 15.11
C GLU YA 89 -14.71 -7.75 14.06
N ALA YA 90 -14.49 -7.19 12.86
CA ALA YA 90 -13.85 -7.94 11.79
C ALA YA 90 -12.34 -7.74 11.73
N GLY YA 91 -11.81 -6.70 12.38
CA GLY YA 91 -10.38 -6.42 12.30
C GLY YA 91 -9.59 -7.18 13.34
N SER YA 92 -8.37 -7.55 12.97
CA SER YA 92 -7.43 -8.18 13.88
C SER YA 92 -6.53 -7.12 14.52
N HIS YA 93 -6.47 -7.12 15.85
CA HIS YA 93 -5.74 -6.11 16.59
C HIS YA 93 -4.84 -6.79 17.61
N THR YA 94 -3.77 -6.11 17.98
CA THR YA 94 -2.74 -6.65 18.86
C THR YA 94 -2.65 -5.82 20.14
N VAL YA 95 -2.49 -6.50 21.27
CA VAL YA 95 -2.21 -5.86 22.55
C VAL YA 95 -0.91 -6.45 23.08
N GLN YA 96 -0.06 -5.58 23.63
CA GLN YA 96 1.24 -6.00 24.12
C GLN YA 96 1.48 -5.37 25.49
N ARG YA 97 2.16 -6.13 26.35
CA ARG YA 97 2.50 -5.66 27.69
C ARG YA 97 3.95 -6.00 27.98
N MET YA 98 4.63 -5.09 28.69
CA MET YA 98 6.00 -5.31 29.12
C MET YA 98 6.18 -4.72 30.52
N TYR YA 99 6.67 -5.53 31.44
CA TYR YA 99 7.03 -5.04 32.77
C TYR YA 99 8.36 -5.65 33.17
N GLY YA 100 9.16 -4.87 33.90
CA GLY YA 100 10.48 -5.32 34.27
C GLY YA 100 11.02 -4.53 35.44
N CYS YA 101 12.17 -4.98 35.93
CA CYS YA 101 12.82 -4.43 37.10
C CYS YA 101 14.32 -4.29 36.82
N ASP YA 102 14.90 -3.24 37.36
CA ASP YA 102 16.33 -3.00 37.25
C ASP YA 102 16.94 -2.98 38.65
N VAL YA 103 18.12 -3.59 38.77
CA VAL YA 103 18.86 -3.61 40.02
C VAL YA 103 20.25 -3.06 39.76
N GLY YA 104 20.83 -2.45 40.80
CA GLY YA 104 22.16 -1.89 40.68
C GLY YA 104 23.23 -2.93 40.93
N SER YA 105 24.47 -2.43 41.01
CA SER YA 105 25.60 -3.31 41.29
C SER YA 105 25.49 -3.96 42.66
N ASP YA 106 24.85 -3.28 43.62
CA ASP YA 106 24.62 -3.84 44.94
C ASP YA 106 23.60 -4.96 44.95
N TRP YA 107 22.90 -5.18 43.83
CA TRP YA 107 21.87 -6.19 43.64
C TRP YA 107 20.56 -5.78 44.31
N ARG YA 108 20.42 -4.49 44.59
CA ARG YA 108 19.23 -3.90 45.17
C ARG YA 108 18.45 -3.14 44.11
N PHE YA 109 17.21 -2.81 44.44
CA PHE YA 109 16.28 -2.23 43.48
C PHE YA 109 16.81 -0.92 42.90
N LEU YA 110 16.57 -0.74 41.59
CA LEU YA 110 17.00 0.47 40.89
C LEU YA 110 15.84 1.18 40.19
N ARG YA 111 15.13 0.51 39.27
CA ARG YA 111 13.98 1.11 38.60
C ARG YA 111 13.02 0.01 38.16
N GLY YA 112 11.94 0.43 37.51
CA GLY YA 112 10.84 -0.47 37.21
C GLY YA 112 10.10 -0.01 35.96
N TYR YA 113 9.48 -0.97 35.27
CA TYR YA 113 8.76 -0.69 34.04
C TYR YA 113 7.42 -1.40 34.05
N HIS YA 114 6.38 -0.68 33.62
CA HIS YA 114 5.09 -1.29 33.27
C HIS YA 114 4.53 -0.48 32.11
N GLN YA 115 4.36 -1.12 30.95
CA GLN YA 115 3.88 -0.40 29.78
C GLN YA 115 2.90 -1.25 29.00
N TYR YA 116 1.95 -0.58 28.36
CA TYR YA 116 0.88 -1.23 27.62
C TYR YA 116 0.81 -0.64 26.21
N ALA YA 117 0.40 -1.48 25.25
CA ALA YA 117 0.34 -1.07 23.86
C ALA YA 117 -0.83 -1.75 23.16
N TYR YA 118 -1.51 -0.97 22.31
CA TYR YA 118 -2.60 -1.47 21.50
C TYR YA 118 -2.30 -1.08 20.06
N ASP YA 119 -2.20 -2.08 19.18
CA ASP YA 119 -1.95 -1.87 17.75
C ASP YA 119 -0.63 -1.15 17.51
N GLY YA 120 0.37 -1.45 18.34
CA GLY YA 120 1.71 -0.93 18.14
C GLY YA 120 1.95 0.48 18.63
N LYS YA 121 1.03 1.06 19.39
CA LYS YA 121 1.17 2.39 19.94
C LYS YA 121 1.03 2.34 21.45
N ASP YA 122 1.65 3.30 22.13
CA ASP YA 122 1.50 3.40 23.57
C ASP YA 122 0.03 3.63 23.92
N TYR YA 123 -0.44 2.90 24.93
CA TYR YA 123 -1.82 3.01 25.40
C TYR YA 123 -1.82 3.62 26.80
N ILE YA 124 -1.38 2.88 27.80
CA ILE YA 124 -1.27 3.41 29.15
C ILE YA 124 0.06 2.93 29.68
N ALA YA 125 0.80 3.81 30.32
CA ALA YA 125 2.13 3.48 30.80
C ALA YA 125 2.26 4.03 32.19
N LEU YA 126 3.07 3.35 32.99
CA LEU YA 126 3.28 3.75 34.35
C LEU YA 126 4.46 4.71 34.44
N LYS YA 127 4.24 5.81 35.15
CA LYS YA 127 5.32 6.78 35.31
C LYS YA 127 6.38 6.17 36.24
N GLU YA 128 7.60 6.70 36.15
CA GLU YA 128 8.70 6.08 36.85
C GLU YA 128 8.58 6.21 38.37
N ASP YA 129 7.84 7.21 38.86
CA ASP YA 129 7.59 7.29 40.29
C ASP YA 129 6.79 6.10 40.80
N LEU YA 130 6.11 5.38 39.89
CA LEU YA 130 5.30 4.21 40.19
C LEU YA 130 4.00 4.58 40.89
N ARG YA 131 3.61 5.86 40.79
CA ARG YA 131 2.41 6.35 41.45
C ARG YA 131 1.50 7.13 40.50
N SER YA 132 1.91 7.32 39.25
CA SER YA 132 1.15 8.09 38.28
C SER YA 132 1.10 7.35 36.96
N TRP YA 133 0.11 7.72 36.14
CA TRP YA 133 -0.14 7.09 34.84
C TRP YA 133 -0.09 8.12 33.72
N THR YA 134 0.33 7.68 32.54
CA THR YA 134 0.34 8.53 31.36
C THR YA 134 -0.66 7.97 30.35
N ALA YA 135 -1.64 8.79 29.97
CA ALA YA 135 -2.71 8.40 29.06
C ALA YA 135 -2.55 9.08 27.71
N ALA YA 136 -2.55 8.29 26.63
CA ALA YA 136 -2.31 8.86 25.31
C ALA YA 136 -3.46 9.75 24.85
N ASP YA 137 -4.70 9.25 24.91
CA ASP YA 137 -5.85 9.97 24.36
C ASP YA 137 -7.06 9.75 25.26
N MET YA 138 -8.24 10.16 24.75
CA MET YA 138 -9.48 10.05 25.52
C MET YA 138 -9.80 8.60 25.88
N ALA YA 139 -9.67 7.69 24.92
CA ALA YA 139 -9.96 6.29 25.22
C ALA YA 139 -9.03 5.76 26.30
N ALA YA 140 -7.77 6.21 26.27
CA ALA YA 140 -6.81 5.80 27.30
C ALA YA 140 -7.15 6.41 28.66
N GLN YA 141 -7.78 7.57 28.66
CA GLN YA 141 -8.13 8.25 29.92
C GLN YA 141 -9.16 7.47 30.72
N THR YA 142 -10.07 6.77 30.05
CA THR YA 142 -11.06 5.94 30.75
C THR YA 142 -10.41 4.85 31.58
N THR YA 143 -9.39 4.18 31.03
CA THR YA 143 -8.66 3.15 31.76
C THR YA 143 -7.89 3.74 32.93
N LYS YA 144 -7.41 4.97 32.81
CA LYS YA 144 -6.64 5.58 33.89
C LYS YA 144 -7.46 5.70 35.17
N HIS YA 145 -8.72 6.14 35.05
CA HIS YA 145 -9.54 6.34 36.24
C HIS YA 145 -9.79 5.05 37.01
N LYS YA 146 -10.08 3.94 36.30
CA LYS YA 146 -10.28 2.67 36.98
C LYS YA 146 -9.01 2.23 37.69
N TRP YA 147 -7.86 2.35 37.01
CA TRP YA 147 -6.60 1.93 37.61
C TRP YA 147 -6.20 2.81 38.78
N GLU YA 148 -6.51 4.12 38.70
CA GLU YA 148 -6.23 5.01 39.83
C GLU YA 148 -7.11 4.66 41.03
N ALA YA 149 -8.39 4.41 40.80
CA ALA YA 149 -9.31 4.10 41.90
C ALA YA 149 -8.98 2.76 42.54
N ALA YA 150 -8.58 1.77 41.75
CA ALA YA 150 -8.32 0.42 42.23
C ALA YA 150 -6.97 0.25 42.89
N HIS YA 151 -6.18 1.33 43.01
CA HIS YA 151 -4.85 1.27 43.64
C HIS YA 151 -3.95 0.27 42.93
N VAL YA 152 -4.02 0.25 41.60
CA VAL YA 152 -3.19 -0.66 40.81
C VAL YA 152 -1.72 -0.30 40.91
N ALA YA 153 -1.40 1.01 40.94
CA ALA YA 153 -0.01 1.42 40.97
C ALA YA 153 0.71 0.85 42.19
N GLU YA 154 0.01 0.82 43.33
CA GLU YA 154 0.60 0.29 44.56
C GLU YA 154 0.82 -1.20 44.47
N GLN YA 155 -0.09 -1.91 43.81
CA GLN YA 155 0.06 -3.35 43.65
C GLN YA 155 1.23 -3.70 42.75
N LEU YA 156 1.41 -2.96 41.66
CA LEU YA 156 2.55 -3.20 40.78
C LEU YA 156 3.86 -2.83 41.48
N ARG YA 157 3.86 -1.71 42.21
CA ARG YA 157 5.05 -1.25 42.92
C ARG YA 157 5.52 -2.29 43.93
N ALA YA 158 4.60 -3.01 44.57
CA ALA YA 158 5.01 -4.05 45.52
C ALA YA 158 5.74 -5.19 44.80
N TYR YA 159 5.26 -5.56 43.61
CA TYR YA 159 5.90 -6.65 42.88
C TYR YA 159 7.29 -6.22 42.38
N LEU YA 160 7.37 -5.05 41.74
CA LEU YA 160 8.63 -4.60 41.16
C LEU YA 160 9.66 -4.28 42.24
N GLU YA 161 9.25 -3.53 43.27
CA GLU YA 161 10.21 -3.13 44.29
C GLU YA 161 10.62 -4.29 45.20
N GLY YA 162 9.76 -5.30 45.36
CA GLY YA 162 10.12 -6.37 46.27
C GLY YA 162 10.13 -7.77 45.70
N THR YA 163 8.99 -8.23 45.16
CA THR YA 163 8.87 -9.62 44.73
C THR YA 163 9.78 -9.92 43.55
N CYS YA 164 9.79 -9.03 42.54
CA CYS YA 164 10.64 -9.24 41.38
C CYS YA 164 12.12 -9.22 41.73
N VAL YA 165 12.55 -8.21 42.49
CA VAL YA 165 13.98 -8.05 42.81
C VAL YA 165 14.51 -9.28 43.54
N GLU YA 166 13.72 -9.83 44.45
CA GLU YA 166 14.11 -11.02 45.19
C GLU YA 166 14.28 -12.24 44.29
N TRP YA 167 13.35 -12.45 43.37
CA TRP YA 167 13.45 -13.60 42.48
C TRP YA 167 14.54 -13.41 41.44
N LEU YA 168 14.79 -12.17 41.02
CA LEU YA 168 15.89 -11.92 40.11
C LEU YA 168 17.22 -12.31 40.74
N ARG YA 169 17.41 -11.97 42.02
CA ARG YA 169 18.62 -12.37 42.73
C ARG YA 169 18.72 -13.90 42.81
N ARG YA 170 17.60 -14.57 43.10
CA ARG YA 170 17.59 -16.02 43.16
C ARG YA 170 17.95 -16.62 41.80
N TYR YA 171 17.43 -16.02 40.72
CA TYR YA 171 17.73 -16.48 39.37
C TYR YA 171 19.20 -16.32 39.04
N LEU YA 172 19.81 -15.19 39.44
CA LEU YA 172 21.21 -14.95 39.13
C LEU YA 172 22.12 -16.00 39.75
N GLU YA 173 21.87 -16.35 41.02
CA GLU YA 173 22.68 -17.36 41.70
C GLU YA 173 22.47 -18.74 41.12
N ASN YA 174 21.23 -19.07 40.75
CA ASN YA 174 20.95 -20.39 40.20
C ASN YA 174 21.63 -20.59 38.85
N GLY YA 175 21.76 -19.52 38.08
CA GLY YA 175 22.44 -19.59 36.79
C GLY YA 175 23.66 -18.71 36.76
N LYS YA 176 24.49 -18.80 37.80
CA LYS YA 176 25.65 -17.92 37.92
C LYS YA 176 26.64 -18.14 36.78
N GLU YA 177 26.85 -19.39 36.37
CA GLU YA 177 27.81 -19.67 35.31
C GLU YA 177 27.37 -19.09 33.98
N THR YA 178 26.07 -19.00 33.73
CA THR YA 178 25.54 -18.63 32.43
C THR YA 178 25.32 -17.13 32.27
N LEU YA 179 24.83 -16.45 33.31
CA LEU YA 179 24.49 -15.03 33.18
C LEU YA 179 25.33 -14.10 34.04
N GLN YA 180 26.13 -14.61 34.99
CA GLN YA 180 27.07 -13.78 35.71
C GLN YA 180 28.46 -13.83 35.07
N ARG YA 181 28.59 -14.58 33.98
CA ARG YA 181 29.78 -14.66 33.16
C ARG YA 181 29.84 -13.44 32.26
N THR YA 182 31.04 -13.10 31.80
CA THR YA 182 31.19 -12.07 30.80
C THR YA 182 32.06 -12.63 29.69
N ASP YA 183 31.59 -12.49 28.45
CA ASP YA 183 32.27 -13.06 27.29
C ASP YA 183 32.83 -11.93 26.45
N ALA YA 184 34.15 -11.90 26.31
CA ALA YA 184 34.79 -10.88 25.49
C ALA YA 184 34.56 -11.19 24.02
N PRO YA 185 34.41 -10.16 23.19
CA PRO YA 185 34.16 -10.41 21.77
C PRO YA 185 35.37 -11.07 21.12
N LYS YA 186 35.11 -11.82 20.06
CA LYS YA 186 36.17 -12.43 19.27
C LYS YA 186 36.32 -11.60 18.00
N THR YA 187 37.40 -10.82 17.95
CA THR YA 187 37.57 -9.76 16.97
C THR YA 187 38.51 -10.18 15.84
N HIS YA 188 38.19 -9.70 14.64
CA HIS YA 188 39.04 -9.85 13.47
C HIS YA 188 38.65 -8.77 12.47
N MET YA 189 39.50 -8.58 11.47
CA MET YA 189 39.32 -7.49 10.51
C MET YA 189 39.41 -8.02 9.09
N THR YA 190 38.60 -7.46 8.20
CA THR YA 190 38.56 -7.86 6.80
C THR YA 190 38.69 -6.62 5.92
N HIS YA 191 39.18 -6.84 4.70
CA HIS YA 191 39.41 -5.77 3.74
C HIS YA 191 38.60 -6.05 2.49
N HIS YA 192 37.82 -5.07 2.06
CA HIS YA 192 37.01 -5.16 0.84
C HIS YA 192 37.22 -3.91 0.00
N ALA YA 193 37.44 -4.12 -1.30
CA ALA YA 193 37.74 -3.05 -2.24
C ALA YA 193 36.50 -2.72 -3.08
N VAL YA 194 35.93 -1.54 -2.86
CA VAL YA 194 34.79 -1.08 -3.65
C VAL YA 194 35.24 -0.75 -5.07
N SER YA 195 36.36 -0.06 -5.21
CA SER YA 195 36.83 0.37 -6.52
C SER YA 195 38.35 0.44 -6.50
N ASP YA 196 38.93 0.88 -7.62
CA ASP YA 196 40.38 0.96 -7.73
C ASP YA 196 41.00 1.95 -6.75
N HIS YA 197 40.25 2.94 -6.29
CA HIS YA 197 40.79 4.05 -5.51
C HIS YA 197 40.35 4.06 -4.05
N GLU YA 198 39.29 3.34 -3.69
CA GLU YA 198 38.80 3.33 -2.31
C GLU YA 198 38.36 1.92 -1.91
N ALA YA 199 38.59 1.58 -0.65
CA ALA YA 199 38.28 0.27 -0.10
C ALA YA 199 37.47 0.40 1.18
N THR YA 200 36.80 -0.69 1.55
CA THR YA 200 35.98 -0.75 2.76
C THR YA 200 36.66 -1.62 3.81
N LEU YA 201 36.66 -1.14 5.06
CA LEU YA 201 37.22 -1.86 6.19
C LEU YA 201 36.09 -2.31 7.11
N ARG YA 202 36.16 -3.56 7.56
CA ARG YA 202 35.11 -4.15 8.40
C ARG YA 202 35.71 -4.55 9.74
N CYS YA 203 35.06 -4.12 10.83
CA CYS YA 203 35.44 -4.45 12.19
C CYS YA 203 34.44 -5.46 12.74
N TRP YA 204 34.93 -6.61 13.22
CA TRP YA 204 34.05 -7.69 13.64
C TRP YA 204 34.16 -7.96 15.13
N ALA YA 205 33.02 -8.14 15.78
CA ALA YA 205 32.92 -8.62 17.15
C ALA YA 205 31.97 -9.81 17.20
N LEU YA 206 32.43 -10.92 17.78
CA LEU YA 206 31.67 -12.16 17.76
C LEU YA 206 31.78 -12.86 19.11
N SER YA 207 30.80 -13.72 19.38
CA SER YA 207 30.79 -14.60 20.55
C SER YA 207 30.98 -13.83 21.85
N PHE YA 208 30.15 -12.81 22.06
CA PHE YA 208 30.20 -12.01 23.26
C PHE YA 208 28.83 -11.90 23.92
N TYR YA 209 28.86 -11.83 25.25
CA TYR YA 209 27.69 -11.64 26.10
C TYR YA 209 28.06 -10.75 27.28
N PRO YA 210 27.23 -9.75 27.62
CA PRO YA 210 25.92 -9.35 27.10
C PRO YA 210 25.96 -8.72 25.71
N ALA YA 211 24.77 -8.41 25.18
CA ALA YA 211 24.65 -7.89 23.82
C ALA YA 211 25.25 -6.50 23.67
N GLU YA 212 25.18 -5.66 24.70
CA GLU YA 212 25.59 -4.27 24.55
C GLU YA 212 27.07 -4.15 24.29
N ILE YA 213 27.41 -3.36 23.27
CA ILE YA 213 28.80 -3.12 22.87
C ILE YA 213 28.83 -1.78 22.15
N THR YA 214 30.00 -1.14 22.15
CA THR YA 214 30.19 0.11 21.45
C THR YA 214 31.35 -0.06 20.47
N LEU YA 215 31.10 0.29 19.22
CA LEU YA 215 32.10 0.22 18.16
C LEU YA 215 32.25 1.59 17.53
N THR YA 216 33.48 2.09 17.47
CA THR YA 216 33.75 3.42 16.96
C THR YA 216 34.91 3.34 15.99
N TRP YA 217 34.85 4.15 14.94
CA TRP YA 217 35.88 4.21 13.91
C TRP YA 217 36.60 5.55 14.06
N GLN YA 218 37.92 5.50 14.11
CA GLN YA 218 38.71 6.72 14.24
C GLN YA 218 39.76 6.81 13.16
N ARG YA 219 39.86 7.98 12.53
CA ARG YA 219 40.90 8.30 11.57
C ARG YA 219 41.81 9.32 12.23
N ASP YA 220 43.04 8.93 12.52
CA ASP YA 220 44.03 9.80 13.15
C ASP YA 220 43.62 10.20 14.56
N GLY YA 221 42.81 9.35 15.22
CA GLY YA 221 42.31 9.65 16.55
C GLY YA 221 41.06 10.47 16.66
N GLU YA 222 40.23 10.55 15.62
CA GLU YA 222 38.98 11.30 15.66
C GLU YA 222 37.80 10.39 15.34
N ASP YA 223 36.76 10.48 16.18
CA ASP YA 223 35.59 9.64 16.01
C ASP YA 223 34.96 9.92 14.66
N GLN YA 224 34.78 8.87 13.86
CA GLN YA 224 34.26 8.97 12.50
C GLN YA 224 32.85 8.40 12.43
N THR YA 225 31.91 9.23 11.99
CA THR YA 225 30.50 8.88 11.89
C THR YA 225 29.96 9.49 10.60
N GLN YA 226 28.72 9.12 10.27
CA GLN YA 226 28.05 9.53 9.04
C GLN YA 226 28.68 8.91 7.80
N ASP YA 227 29.97 8.58 7.87
CA ASP YA 227 30.66 7.89 6.79
C ASP YA 227 30.89 6.42 7.11
N THR YA 228 30.30 5.92 8.19
CA THR YA 228 30.48 4.55 8.66
C THR YA 228 29.15 3.81 8.58
N GLU YA 229 29.23 2.49 8.50
CA GLU YA 229 28.06 1.63 8.52
C GLU YA 229 28.04 0.78 9.77
N LEU YA 230 26.87 0.71 10.42
CA LEU YA 230 26.69 -0.04 11.66
C LEU YA 230 25.41 -0.85 11.57
N VAL YA 231 25.53 -2.15 11.81
CA VAL YA 231 24.39 -3.05 11.74
C VAL YA 231 23.84 -3.26 13.15
N GLU YA 232 22.54 -3.53 13.21
CA GLU YA 232 21.89 -3.85 14.48
C GLU YA 232 22.47 -5.13 15.05
N THR YA 233 22.60 -5.18 16.38
CA THR YA 233 23.14 -6.36 17.04
C THR YA 233 22.27 -7.57 16.77
N ARG YA 234 22.90 -8.70 16.48
CA ARG YA 234 22.23 -9.91 16.07
C ARG YA 234 22.50 -11.05 17.05
N PRO YA 235 21.54 -11.95 17.27
CA PRO YA 235 21.82 -13.12 18.11
C PRO YA 235 22.45 -14.22 17.26
N ALA YA 236 23.54 -14.81 17.74
CA ALA YA 236 24.17 -15.90 16.99
C ALA YA 236 23.38 -17.19 17.07
N GLY YA 237 22.59 -17.38 18.12
CA GLY YA 237 21.83 -18.60 18.31
C GLY YA 237 22.42 -19.55 19.34
N ASP YA 238 23.59 -19.23 19.90
CA ASP YA 238 24.22 -20.04 20.94
C ASP YA 238 24.34 -19.29 22.25
N GLY YA 239 23.58 -18.21 22.42
CA GLY YA 239 23.65 -17.35 23.58
C GLY YA 239 24.63 -16.21 23.45
N THR YA 240 25.26 -16.06 22.29
CA THR YA 240 26.19 -14.98 22.01
C THR YA 240 25.63 -14.12 20.88
N PHE YA 241 26.18 -12.91 20.76
CA PHE YA 241 25.72 -11.94 19.79
C PHE YA 241 26.87 -11.56 18.86
N GLN YA 242 26.52 -10.91 17.76
CA GLN YA 242 27.50 -10.51 16.75
C GLN YA 242 27.16 -9.11 16.27
N LYS YA 243 28.21 -8.36 15.91
CA LYS YA 243 28.03 -7.00 15.42
C LYS YA 243 29.27 -6.62 14.62
N TRP YA 244 29.07 -5.75 13.62
CA TRP YA 244 30.20 -5.28 12.85
C TRP YA 244 29.96 -3.85 12.39
N ALA YA 245 31.05 -3.13 12.16
CA ALA YA 245 31.05 -1.75 11.71
C ALA YA 245 31.98 -1.63 10.52
N ALA YA 246 31.61 -0.81 9.54
CA ALA YA 246 32.41 -0.67 8.33
C ALA YA 246 32.61 0.80 7.97
N VAL YA 247 33.77 1.08 7.37
CA VAL YA 247 34.14 2.41 6.91
C VAL YA 247 34.84 2.28 5.57
N VAL YA 248 34.62 3.25 4.69
CA VAL YA 248 35.26 3.28 3.38
C VAL YA 248 36.54 4.10 3.47
N VAL YA 249 37.65 3.50 3.05
CA VAL YA 249 38.96 4.15 3.17
C VAL YA 249 39.68 4.16 1.83
N PRO YA 250 40.34 5.26 1.47
CA PRO YA 250 41.16 5.28 0.26
C PRO YA 250 42.43 4.45 0.43
N SER YA 251 42.88 3.87 -0.67
CA SER YA 251 44.03 2.96 -0.64
C SER YA 251 45.25 3.70 -0.10
N GLY YA 252 46.07 2.99 0.68
CA GLY YA 252 47.24 3.57 1.27
C GLY YA 252 47.00 4.28 2.58
N GLN YA 253 45.75 4.43 3.00
CA GLN YA 253 45.40 5.07 4.26
C GLN YA 253 44.89 4.05 5.28
N GLU YA 254 45.09 2.76 5.02
CA GLU YA 254 44.60 1.72 5.93
C GLU YA 254 45.24 1.85 7.30
N GLN YA 255 46.44 2.45 7.38
CA GLN YA 255 47.10 2.63 8.66
C GLN YA 255 46.43 3.70 9.51
N ARG YA 256 45.78 4.68 8.86
CA ARG YA 256 45.28 5.83 9.59
C ARG YA 256 44.04 5.52 10.43
N TYR YA 257 43.26 4.53 10.03
CA TYR YA 257 41.99 4.26 10.70
C TYR YA 257 42.18 3.25 11.83
N THR YA 258 41.37 3.40 12.87
CA THR YA 258 41.44 2.52 14.04
C THR YA 258 40.04 2.16 14.52
N CYS YA 259 39.89 0.91 14.95
CA CYS YA 259 38.64 0.41 15.50
C CYS YA 259 38.75 0.24 17.01
N HIS YA 260 37.76 0.74 17.74
CA HIS YA 260 37.75 0.68 19.21
C HIS YA 260 36.56 -0.15 19.64
N VAL YA 261 36.82 -1.17 20.46
CA VAL YA 261 35.81 -2.10 20.93
C VAL YA 261 35.66 -1.93 22.43
N GLN YA 262 34.50 -1.43 22.86
CA GLN YA 262 34.20 -1.22 24.27
C GLN YA 262 33.16 -2.26 24.69
N HIS YA 263 33.55 -3.16 25.59
CA HIS YA 263 32.65 -4.21 26.04
C HIS YA 263 33.00 -4.57 27.49
N GLU YA 264 32.01 -5.12 28.19
CA GLU YA 264 32.20 -5.52 29.59
C GLU YA 264 33.24 -6.64 29.73
N GLY YA 265 33.36 -7.53 28.75
CA GLY YA 265 34.33 -8.60 28.87
C GLY YA 265 35.77 -8.14 28.80
N LEU YA 266 36.01 -6.97 28.22
CA LEU YA 266 37.37 -6.45 28.10
C LEU YA 266 37.65 -5.45 29.20
N PRO YA 267 38.64 -5.67 30.07
CA PRO YA 267 38.99 -4.64 31.05
C PRO YA 267 39.56 -3.41 30.40
N LYS YA 268 40.06 -3.54 29.18
CA LYS YA 268 40.66 -2.45 28.45
C LYS YA 268 39.92 -2.29 27.13
N PRO YA 269 39.57 -1.08 26.70
CA PRO YA 269 38.98 -0.92 25.36
C PRO YA 269 39.97 -1.34 24.29
N LEU YA 270 39.55 -2.26 23.43
CA LEU YA 270 40.44 -2.82 22.43
C LEU YA 270 40.57 -1.87 21.23
N THR YA 271 41.77 -1.89 20.63
CA THR YA 271 42.07 -1.13 19.42
C THR YA 271 42.50 -2.11 18.35
N LEU YA 272 41.94 -1.97 17.16
CA LEU YA 272 42.24 -2.86 16.04
C LEU YA 272 42.76 -2.03 14.87
N ARG YA 273 43.91 -2.43 14.34
CA ARG YA 273 44.60 -1.71 13.29
C ARG YA 273 44.78 -2.63 12.10
N TRP YA 274 44.30 -2.22 10.93
CA TRP YA 274 44.54 -2.97 9.71
C TRP YA 274 45.98 -2.78 9.27
N GLU YA 275 46.75 -3.86 9.27
CA GLU YA 275 48.15 -3.81 8.86
C GLU YA 275 48.65 -5.19 8.47
N MET ZA 1 -3.72 2.37 12.14
CA MET ZA 1 -2.91 1.36 12.80
C MET ZA 1 -1.43 1.57 12.50
N ILE ZA 2 -0.58 0.71 13.06
CA ILE ZA 2 0.86 0.84 12.90
C ILE ZA 2 1.39 -0.25 11.99
N GLN ZA 3 2.29 0.12 11.09
CA GLN ZA 3 2.92 -0.83 10.19
C GLN ZA 3 4.36 -0.41 10.03
N ARG ZA 4 5.28 -1.36 10.25
CA ARG ZA 4 6.71 -1.14 10.11
C ARG ZA 4 7.29 -2.18 9.17
N THR ZA 5 8.11 -1.74 8.22
CA THR ZA 5 8.65 -2.75 7.33
C THR ZA 5 9.83 -3.46 8.00
N PRO ZA 6 9.96 -4.77 7.81
CA PRO ZA 6 10.96 -5.53 8.56
C PRO ZA 6 12.39 -5.29 8.09
N LYS ZA 7 13.32 -5.44 9.03
CA LYS ZA 7 14.75 -5.40 8.75
C LYS ZA 7 15.28 -6.83 8.71
N ILE ZA 8 16.08 -7.14 7.69
CA ILE ZA 8 16.54 -8.51 7.45
C ILE ZA 8 18.06 -8.54 7.56
N GLN ZA 9 18.58 -9.48 8.34
CA GLN ZA 9 20.02 -9.71 8.47
C GLN ZA 9 20.29 -11.20 8.32
N VAL ZA 10 20.98 -11.57 7.25
CA VAL ZA 10 21.39 -12.95 7.01
C VAL ZA 10 22.89 -13.08 7.30
N TYR ZA 11 23.24 -14.07 8.11
CA TYR ZA 11 24.61 -14.24 8.59
C TYR ZA 11 24.80 -15.68 9.03
N SER ZA 12 25.91 -15.95 9.73
CA SER ZA 12 26.24 -17.28 10.21
C SER ZA 12 26.52 -17.27 11.71
N ARG ZA 13 26.25 -18.41 12.34
CA ARG ZA 13 26.49 -18.55 13.78
C ARG ZA 13 27.98 -18.46 14.11
N HIS ZA 14 28.82 -19.03 13.28
CA HIS ZA 14 30.27 -19.07 13.40
C HIS ZA 14 30.86 -18.51 12.12
N PRO ZA 15 32.15 -18.15 12.12
CA PRO ZA 15 32.77 -17.70 10.86
C PRO ZA 15 32.64 -18.78 9.80
N ALA ZA 16 32.19 -18.40 8.60
CA ALA ZA 16 31.83 -19.41 7.61
C ALA ZA 16 33.13 -20.06 7.13
N GLU ZA 17 33.42 -21.23 7.71
CA GLU ZA 17 34.51 -22.06 7.23
C GLU ZA 17 33.90 -23.15 6.35
N ASN ZA 18 34.46 -23.31 5.15
CA ASN ZA 18 33.89 -24.24 4.19
C ASN ZA 18 34.16 -25.69 4.57
N GLY ZA 19 33.14 -26.52 4.38
CA GLY ZA 19 33.24 -27.93 4.68
C GLY ZA 19 33.13 -28.29 6.14
N LYS ZA 20 32.56 -27.42 6.97
CA LYS ZA 20 32.39 -27.68 8.38
C LYS ZA 20 30.96 -27.34 8.76
N SER ZA 21 30.48 -27.92 9.85
CA SER ZA 21 29.09 -27.73 10.25
C SER ZA 21 28.89 -26.31 10.80
N ASN ZA 22 27.82 -25.66 10.36
CA ASN ZA 22 27.53 -24.30 10.80
C ASN ZA 22 26.02 -24.07 10.78
N PHE ZA 23 25.62 -22.89 11.27
CA PHE ZA 23 24.23 -22.48 11.31
C PHE ZA 23 23.99 -21.22 10.49
N LEU ZA 24 22.92 -21.22 9.71
CA LEU ZA 24 22.48 -20.07 8.93
C LEU ZA 24 21.42 -19.32 9.71
N ASN ZA 25 21.57 -18.00 9.82
CA ASN ZA 25 20.70 -17.19 10.64
C ASN ZA 25 19.99 -16.12 9.81
N CYS ZA 26 18.71 -15.91 10.12
CA CYS ZA 26 17.93 -14.79 9.61
C CYS ZA 26 17.37 -14.00 10.80
N TYR ZA 27 17.69 -12.72 10.88
CA TYR ZA 27 17.23 -11.88 11.97
C TYR ZA 27 16.31 -10.81 11.40
N VAL ZA 28 15.01 -10.97 11.64
CA VAL ZA 28 14.00 -10.01 11.22
C VAL ZA 28 13.58 -9.18 12.43
N SER ZA 29 13.52 -7.86 12.24
CA SER ZA 29 13.18 -6.96 13.34
C SER ZA 29 12.52 -5.72 12.77
N GLY ZA 30 12.01 -4.89 13.68
CA GLY ZA 30 11.39 -3.64 13.29
C GLY ZA 30 10.17 -3.78 12.39
N PHE ZA 31 9.31 -4.76 12.65
CA PHE ZA 31 8.11 -4.97 11.85
C PHE ZA 31 6.89 -5.10 12.75
N HIS ZA 32 5.75 -4.67 12.21
CA HIS ZA 32 4.46 -4.80 12.88
C HIS ZA 32 3.38 -4.88 11.79
N PRO ZA 33 2.36 -5.74 11.96
CA PRO ZA 33 2.03 -6.67 13.05
C PRO ZA 33 2.84 -7.97 13.07
N SER ZA 34 2.38 -8.92 13.91
CA SER ZA 34 3.14 -10.12 14.18
C SER ZA 34 3.16 -11.10 13.02
N ASP ZA 35 2.14 -11.09 12.17
CA ASP ZA 35 2.05 -12.08 11.10
C ASP ZA 35 3.18 -11.85 10.10
N ILE ZA 36 4.04 -12.85 9.93
CA ILE ZA 36 5.20 -12.74 9.06
C ILE ZA 36 5.52 -14.11 8.47
N GLU ZA 37 6.05 -14.08 7.24
CA GLU ZA 37 6.44 -15.27 6.50
C GLU ZA 37 7.94 -15.20 6.23
N VAL ZA 38 8.68 -16.19 6.74
CA VAL ZA 38 10.13 -16.24 6.63
C VAL ZA 38 10.54 -17.60 6.11
N ASP ZA 39 11.32 -17.63 5.02
CA ASP ZA 39 11.80 -18.88 4.46
C ASP ZA 39 13.31 -18.82 4.28
N LEU ZA 40 13.96 -19.97 4.47
CA LEU ZA 40 15.37 -20.13 4.21
C LEU ZA 40 15.53 -20.93 2.92
N LEU ZA 41 16.34 -20.43 2.00
CA LEU ZA 41 16.45 -21.00 0.67
C LEU ZA 41 17.86 -21.51 0.38
N LYS ZA 42 17.93 -22.64 -0.32
CA LYS ZA 42 19.16 -23.21 -0.83
C LYS ZA 42 18.99 -23.30 -2.34
N ASN ZA 43 19.68 -22.42 -3.07
CA ASN ZA 43 19.57 -22.33 -4.52
C ASN ZA 43 18.14 -21.97 -4.95
N GLY ZA 44 17.45 -21.19 -4.11
CA GLY ZA 44 16.07 -20.80 -4.39
C GLY ZA 44 15.02 -21.77 -3.91
N GLU ZA 45 15.41 -22.87 -3.27
CA GLU ZA 45 14.48 -23.89 -2.80
C GLU ZA 45 14.33 -23.81 -1.27
N ARG ZA 46 13.09 -23.92 -0.80
CA ARG ZA 46 12.82 -23.82 0.63
C ARG ZA 46 13.34 -25.05 1.37
N ILE ZA 47 13.92 -24.80 2.53
CA ILE ZA 47 14.47 -25.83 3.41
C ILE ZA 47 13.35 -26.32 4.32
N GLU ZA 48 13.26 -27.64 4.50
CA GLU ZA 48 12.10 -28.22 5.18
C GLU ZA 48 12.13 -27.92 6.67
N LYS ZA 49 13.27 -28.15 7.32
CA LYS ZA 49 13.36 -27.99 8.77
C LYS ZA 49 13.99 -26.63 9.04
N VAL ZA 50 13.15 -25.67 9.43
CA VAL ZA 50 13.60 -24.33 9.80
C VAL ZA 50 12.94 -23.99 11.13
N GLU ZA 51 13.77 -23.79 12.15
CA GLU ZA 51 13.30 -23.40 13.47
C GLU ZA 51 13.41 -21.90 13.64
N HIS ZA 52 12.75 -21.41 14.69
CA HIS ZA 52 12.75 -19.98 15.01
C HIS ZA 52 12.63 -19.81 16.51
N SER ZA 53 12.94 -18.60 16.97
CA SER ZA 53 12.89 -18.29 18.39
C SER ZA 53 11.46 -17.90 18.78
N ASP ZA 54 11.26 -17.71 20.08
CA ASP ZA 54 9.95 -17.34 20.59
C ASP ZA 54 9.72 -15.85 20.41
N LEU ZA 55 8.49 -15.51 20.00
CA LEU ZA 55 8.14 -14.13 19.67
C LEU ZA 55 8.34 -13.18 20.84
N SER ZA 56 9.11 -12.12 20.59
CA SER ZA 56 9.38 -11.06 21.56
C SER ZA 56 9.34 -9.74 20.81
N PHE ZA 57 9.50 -8.63 21.54
CA PHE ZA 57 9.43 -7.33 20.91
C PHE ZA 57 10.39 -6.38 21.60
N SER ZA 58 10.71 -5.29 20.89
CA SER ZA 58 11.67 -4.30 21.36
C SER ZA 58 10.94 -3.18 22.10
N LYS ZA 59 11.67 -2.11 22.43
CA LYS ZA 59 11.08 -1.02 23.20
C LYS ZA 59 10.03 -0.26 22.39
N ASP ZA 60 10.21 -0.16 21.07
CA ASP ZA 60 9.26 0.53 20.20
C ASP ZA 60 8.09 -0.34 19.80
N TRP ZA 61 7.89 -1.48 20.48
CA TRP ZA 61 6.81 -2.43 20.27
C TRP ZA 61 7.02 -3.25 18.99
N SER ZA 62 8.18 -3.11 18.35
CA SER ZA 62 8.46 -3.85 17.13
C SER ZA 62 8.90 -5.27 17.44
N PHE ZA 63 8.52 -6.19 16.56
CA PHE ZA 63 8.74 -7.61 16.75
C PHE ZA 63 10.08 -8.04 16.16
N TYR ZA 64 10.67 -9.06 16.76
CA TYR ZA 64 11.93 -9.61 16.25
C TYR ZA 64 11.89 -11.14 16.35
N LEU ZA 65 12.43 -11.79 15.32
CA LEU ZA 65 12.46 -13.24 15.22
C LEU ZA 65 13.80 -13.67 14.65
N LEU ZA 66 14.23 -14.86 15.03
CA LEU ZA 66 15.48 -15.43 14.52
C LEU ZA 66 15.17 -16.79 13.91
N TYR ZA 67 15.33 -16.91 12.60
CA TYR ZA 67 15.12 -18.18 11.90
C TYR ZA 67 16.47 -18.81 11.60
N TYR ZA 68 16.61 -20.10 11.88
CA TYR ZA 68 17.90 -20.74 11.73
C TYR ZA 68 17.76 -22.20 11.34
N THR ZA 69 18.81 -22.71 10.68
CA THR ZA 69 18.91 -24.12 10.33
C THR ZA 69 20.40 -24.47 10.24
N GLU ZA 70 20.69 -25.76 10.38
CA GLU ZA 70 22.06 -26.24 10.24
C GLU ZA 70 22.43 -26.45 8.78
N PHE ZA 71 23.68 -26.13 8.44
CA PHE ZA 71 24.15 -26.28 7.07
C PHE ZA 71 25.66 -26.37 7.06
N THR ZA 72 26.20 -26.85 5.94
CA THR ZA 72 27.64 -26.90 5.69
C THR ZA 72 27.93 -25.97 4.52
N PRO ZA 73 28.69 -24.90 4.72
CA PRO ZA 73 28.91 -23.93 3.65
C PRO ZA 73 29.81 -24.45 2.54
N THR ZA 74 29.45 -24.11 1.31
CA THR ZA 74 30.17 -24.49 0.10
C THR ZA 74 30.28 -23.24 -0.76
N GLU ZA 75 31.41 -23.10 -1.47
CA GLU ZA 75 31.62 -21.92 -2.32
C GLU ZA 75 30.53 -21.76 -3.38
N LYS ZA 76 29.96 -22.86 -3.86
CA LYS ZA 76 29.05 -22.81 -5.01
C LYS ZA 76 27.62 -22.49 -4.62
N ASP ZA 77 27.11 -23.11 -3.56
CA ASP ZA 77 25.71 -22.96 -3.19
C ASP ZA 77 25.38 -21.51 -2.85
N GLU ZA 78 24.11 -21.15 -3.05
CA GLU ZA 78 23.61 -19.83 -2.70
C GLU ZA 78 22.53 -20.00 -1.64
N TYR ZA 79 22.49 -19.06 -0.70
CA TYR ZA 79 21.52 -19.06 0.38
C TYR ZA 79 20.91 -17.68 0.51
N ALA ZA 80 19.69 -17.64 1.03
CA ALA ZA 80 18.96 -16.38 1.14
C ALA ZA 80 17.84 -16.56 2.16
N CYS ZA 81 17.21 -15.44 2.49
CA CYS ZA 81 16.03 -15.41 3.35
C CYS ZA 81 14.94 -14.72 2.55
N ARG ZA 82 13.76 -15.35 2.49
CA ARG ZA 82 12.62 -14.79 1.79
C ARG ZA 82 11.55 -14.41 2.81
N VAL ZA 83 11.23 -13.12 2.87
CA VAL ZA 83 10.27 -12.58 3.84
C VAL ZA 83 9.15 -11.89 3.10
N ASN ZA 84 7.92 -12.30 3.39
CA ASN ZA 84 6.72 -11.67 2.84
C ASN ZA 84 5.94 -11.06 4.00
N HIS ZA 85 5.43 -9.84 3.78
CA HIS ZA 85 4.73 -9.13 4.84
C HIS ZA 85 3.68 -8.24 4.20
N VAL ZA 86 2.71 -7.81 5.01
CA VAL ZA 86 1.64 -6.97 4.48
C VAL ZA 86 2.19 -5.64 3.97
N THR ZA 87 3.20 -5.10 4.64
CA THR ZA 87 3.79 -3.84 4.21
C THR ZA 87 4.58 -3.97 2.92
N LEU ZA 88 4.97 -5.19 2.54
CA LEU ZA 88 5.80 -5.41 1.37
C LEU ZA 88 4.95 -5.72 0.15
N SER ZA 89 5.16 -4.95 -0.93
CA SER ZA 89 4.42 -5.20 -2.17
C SER ZA 89 4.77 -6.57 -2.73
N GLN ZA 90 6.03 -6.97 -2.60
CA GLN ZA 90 6.50 -8.28 -3.04
C GLN ZA 90 7.39 -8.87 -1.97
N PRO ZA 91 7.47 -10.19 -1.88
CA PRO ZA 91 8.38 -10.80 -0.90
C PRO ZA 91 9.82 -10.42 -1.17
N LYS ZA 92 10.49 -9.89 -0.16
CA LYS ZA 92 11.86 -9.44 -0.30
C LYS ZA 92 12.81 -10.59 0.04
N ILE ZA 93 13.75 -10.84 -0.85
CA ILE ZA 93 14.75 -11.89 -0.67
C ILE ZA 93 16.10 -11.22 -0.47
N VAL ZA 94 16.83 -11.68 0.53
CA VAL ZA 94 18.17 -11.17 0.82
C VAL ZA 94 19.12 -12.36 0.81
N LYS ZA 95 20.11 -12.31 -0.08
CA LYS ZA 95 21.06 -13.40 -0.23
C LYS ZA 95 22.15 -13.32 0.83
N TRP ZA 96 22.76 -14.47 1.10
CA TRP ZA 96 23.77 -14.60 2.14
C TRP ZA 96 25.13 -14.20 1.60
N ASP ZA 97 25.76 -13.23 2.26
CA ASP ZA 97 27.12 -12.82 1.99
C ASP ZA 97 27.96 -13.19 3.20
N ARG ZA 98 28.96 -14.04 2.98
CA ARG ZA 98 29.80 -14.51 4.08
C ARG ZA 98 30.66 -13.39 4.65
N ASP ZA 99 30.81 -12.28 3.93
CA ASP ZA 99 31.54 -11.12 4.40
C ASP ZA 99 30.66 -10.13 5.16
N MET ZA 100 29.38 -10.44 5.33
CA MET ZA 100 28.46 -9.58 6.07
C MET ZA 100 27.61 -10.39 7.05
N GLY AB 1 43.86 0.92 29.16
CA GLY AB 1 43.28 1.72 28.11
C GLY AB 1 44.30 2.56 27.37
N SER AB 2 43.93 3.82 27.09
CA SER AB 2 44.80 4.75 26.41
C SER AB 2 45.68 5.50 27.39
N HIS AB 3 46.96 5.64 27.04
CA HIS AB 3 47.94 6.33 27.86
C HIS AB 3 48.47 7.52 27.09
N SER AB 4 49.03 8.48 27.82
CA SER AB 4 49.53 9.68 27.17
C SER AB 4 50.74 10.23 27.90
N MET AB 5 51.59 10.93 27.15
CA MET AB 5 52.69 11.71 27.68
C MET AB 5 52.53 13.14 27.19
N ARG AB 6 52.61 14.09 28.10
CA ARG AB 6 52.39 15.50 27.77
C ARG AB 6 53.45 16.37 28.41
N TYR AB 7 53.84 17.40 27.67
CA TYR AB 7 54.76 18.41 28.16
C TYR AB 7 54.02 19.73 28.08
N PHE AB 8 54.05 20.50 29.16
CA PHE AB 8 53.38 21.79 29.22
C PHE AB 8 54.44 22.84 29.46
N PHE AB 9 54.49 23.82 28.57
CA PHE AB 9 55.47 24.89 28.65
C PHE AB 9 54.76 26.21 28.83
N THR AB 10 55.25 27.02 29.77
CA THR AB 10 54.74 28.35 30.01
C THR AB 10 55.93 29.29 30.10
N SER AB 11 55.89 30.37 29.31
CA SER AB 11 56.93 31.37 29.33
C SER AB 11 56.25 32.73 29.50
N VAL AB 12 56.62 33.45 30.55
CA VAL AB 12 56.03 34.74 30.88
C VAL AB 12 57.14 35.78 30.87
N SER AB 13 56.86 36.91 30.22
CA SER AB 13 57.83 37.98 30.03
C SER AB 13 57.72 38.99 31.16
N ARG AB 14 58.87 39.36 31.74
CA ARG AB 14 58.93 40.39 32.77
C ARG AB 14 59.52 41.63 32.12
N PRO AB 15 58.71 42.65 31.81
CA PRO AB 15 59.22 43.79 31.04
C PRO AB 15 60.08 44.72 31.89
N GLY AB 16 61.35 44.84 31.53
CA GLY AB 16 62.30 45.46 32.43
C GLY AB 16 63.16 44.51 33.22
N ARG AB 17 62.50 43.83 34.16
CA ARG AB 17 63.15 43.16 35.29
C ARG AB 17 63.59 41.75 34.91
N GLY AB 18 64.67 41.69 34.13
CA GLY AB 18 65.30 40.41 33.89
C GLY AB 18 64.82 39.65 32.67
N GLU AB 19 64.97 38.33 32.72
CA GLU AB 19 64.61 37.44 31.63
C GLU AB 19 63.17 36.98 31.78
N PRO AB 20 62.61 36.29 30.79
CA PRO AB 20 61.23 35.81 30.93
C PRO AB 20 61.16 34.56 31.79
N ARG AB 21 60.08 34.46 32.56
CA ARG AB 21 59.87 33.29 33.40
C ARG AB 21 59.41 32.12 32.55
N PHE AB 22 60.05 30.98 32.72
CA PHE AB 22 59.77 29.78 31.93
C PHE AB 22 59.51 28.62 32.88
N ILE AB 23 58.36 27.97 32.72
CA ILE AB 23 57.99 26.80 33.50
C ILE AB 23 57.76 25.65 32.54
N ALA AB 24 58.33 24.49 32.86
CA ALA AB 24 58.16 23.28 32.06
C ALA AB 24 57.77 22.13 32.98
N VAL AB 25 56.73 21.39 32.59
CA VAL AB 25 56.25 20.25 33.34
C VAL AB 25 55.94 19.10 32.40
N GLY AB 26 56.20 17.87 32.87
CA GLY AB 26 55.94 16.69 32.07
C GLY AB 26 54.98 15.75 32.77
N TYR AB 27 54.00 15.23 32.03
CA TYR AB 27 52.97 14.35 32.57
C TYR AB 27 52.93 13.04 31.79
N VAL AB 28 52.76 11.94 32.54
CA VAL AB 28 52.36 10.65 31.97
C VAL AB 28 51.02 10.32 32.61
N ASP AB 29 49.97 10.23 31.79
CA ASP AB 29 48.60 10.09 32.26
C ASP AB 29 48.30 11.30 33.14
N ASP AB 30 47.97 11.13 34.42
CA ASP AB 30 47.72 12.25 35.32
C ASP AB 30 48.82 12.40 36.37
N THR AB 31 49.99 11.81 36.13
CA THR AB 31 51.11 11.87 37.06
C THR AB 31 52.21 12.76 36.50
N GLN AB 32 52.68 13.70 37.31
CA GLN AB 32 53.77 14.58 36.92
C GLN AB 32 55.09 13.96 37.36
N PHE AB 33 56.03 13.82 36.44
CA PHE AB 33 57.29 13.15 36.72
C PHE AB 33 58.54 14.00 36.51
N VAL AB 34 58.44 15.11 35.77
CA VAL AB 34 59.58 15.99 35.53
C VAL AB 34 59.09 17.44 35.53
N ARG AB 35 59.99 18.34 35.90
CA ARG AB 35 59.69 19.76 35.92
C ARG AB 35 60.96 20.57 35.71
N PHE AB 36 60.79 21.79 35.22
CA PHE AB 36 61.88 22.75 35.07
C PHE AB 36 61.34 24.14 35.35
N ASP AB 37 62.07 24.91 36.18
CA ASP AB 37 61.70 26.27 36.52
C ASP AB 37 62.86 27.20 36.18
N SER AB 38 62.55 28.30 35.50
CA SER AB 38 63.59 29.27 35.13
C SER AB 38 64.15 30.00 36.35
N ASP AB 39 63.36 30.13 37.41
CA ASP AB 39 63.82 30.77 38.64
C ASP AB 39 64.30 29.77 39.67
N ALA AB 40 64.43 28.50 39.31
CA ALA AB 40 64.94 27.50 40.23
C ALA AB 40 66.47 27.60 40.30
N ALA AB 41 67.01 27.41 41.51
CA ALA AB 41 68.45 27.49 41.68
C ALA AB 41 69.17 26.38 40.93
N SER AB 42 68.58 25.19 40.86
CA SER AB 42 69.22 24.07 40.18
C SER AB 42 69.43 24.36 38.70
N GLN AB 43 68.45 24.99 38.06
CA GLN AB 43 68.47 25.26 36.62
C GLN AB 43 68.60 23.98 35.80
N ARG AB 44 68.04 22.88 36.31
CA ARG AB 44 68.12 21.58 35.67
C ARG AB 44 66.75 20.94 35.68
N MET AB 45 66.58 19.92 34.83
CA MET AB 45 65.35 19.13 34.84
C MET AB 45 65.32 18.23 36.06
N GLU AB 46 64.34 18.45 36.94
CA GLU AB 46 64.26 17.74 38.20
C GLU AB 46 63.16 16.67 38.15
N PRO AB 47 63.33 15.59 38.91
CA PRO AB 47 62.30 14.55 38.96
C PRO AB 47 61.24 14.80 40.01
N ARG AB 48 59.99 14.50 39.65
CA ARG AB 48 58.87 14.66 40.55
C ARG AB 48 58.22 13.35 40.93
N ALA AB 49 58.60 12.24 40.30
CA ALA AB 49 58.08 10.91 40.58
C ALA AB 49 59.24 9.96 40.86
N PRO AB 50 59.04 8.99 41.76
CA PRO AB 50 60.16 8.10 42.12
C PRO AB 50 60.66 7.24 40.97
N TRP AB 51 59.76 6.78 40.09
CA TRP AB 51 60.14 5.85 39.04
C TRP AB 51 61.06 6.49 38.01
N ILE AB 52 61.00 7.81 37.83
CA ILE AB 52 61.90 8.44 36.88
C ILE AB 52 63.28 8.69 37.48
N GLU AB 53 63.40 8.71 38.82
CA GLU AB 53 64.68 8.99 39.45
C GLU AB 53 65.76 7.96 39.12
N GLN AB 54 65.37 6.73 38.78
CA GLN AB 54 66.31 5.66 38.48
C GLN AB 54 66.97 5.77 37.10
N GLU AB 55 66.93 6.94 36.46
CA GLU AB 55 67.57 7.11 35.17
C GLU AB 55 69.05 7.46 35.35
N GLY AB 56 69.86 7.08 34.37
CA GLY AB 56 71.27 7.33 34.41
C GLY AB 56 71.57 8.80 34.24
N PRO AB 57 72.78 9.22 34.61
CA PRO AB 57 73.13 10.64 34.46
C PRO AB 57 73.14 11.12 33.02
N GLU AB 58 73.18 10.21 32.05
CA GLU AB 58 73.04 10.61 30.65
C GLU AB 58 71.65 11.19 30.39
N TYR AB 59 70.62 10.55 30.93
CA TYR AB 59 69.25 11.00 30.68
C TYR AB 59 69.03 12.40 31.24
N TRP AB 60 69.40 12.62 32.51
CA TRP AB 60 69.16 13.91 33.13
C TRP AB 60 69.96 15.00 32.44
N ASP AB 61 71.20 14.71 32.05
CA ASP AB 61 72.02 15.68 31.34
C ASP AB 61 71.39 16.03 29.99
N GLY AB 62 70.87 15.03 29.29
CA GLY AB 62 70.21 15.29 28.02
C GLY AB 62 68.92 16.06 28.15
N GLU AB 63 68.08 15.70 29.13
CA GLU AB 63 66.81 16.40 29.30
C GLU AB 63 67.01 17.85 29.69
N THR AB 64 68.00 18.13 30.55
CA THR AB 64 68.30 19.51 30.90
C THR AB 64 68.77 20.32 29.70
N ARG AB 65 69.54 19.69 28.81
CA ARG AB 65 70.06 20.41 27.64
C ARG AB 65 68.93 20.87 26.73
N LYS AB 66 67.98 19.99 26.43
CA LYS AB 66 66.94 20.34 25.47
C LYS AB 66 65.94 21.33 26.05
N VAL AB 67 65.56 21.17 27.33
CA VAL AB 67 64.56 22.08 27.88
C VAL AB 67 65.13 23.49 27.96
N LYS AB 68 66.41 23.62 28.32
CA LYS AB 68 67.05 24.93 28.33
C LYS AB 68 67.13 25.48 26.91
N ALA AB 69 67.43 24.62 25.94
CA ALA AB 69 67.42 25.05 24.55
C ALA AB 69 66.02 25.48 24.13
N HIS AB 70 65.01 24.71 24.56
CA HIS AB 70 63.63 25.10 24.32
C HIS AB 70 63.29 26.39 25.06
N SER AB 71 63.87 26.57 26.25
CA SER AB 71 63.67 27.81 27.01
C SER AB 71 64.17 29.01 26.23
N GLN AB 72 65.34 28.88 25.60
CA GLN AB 72 65.85 29.95 24.75
C GLN AB 72 64.95 30.18 23.54
N THR AB 73 64.34 29.12 23.04
CA THR AB 73 63.40 29.26 21.92
C THR AB 73 62.22 30.15 22.28
N HIS AB 74 61.57 29.85 23.41
CA HIS AB 74 60.35 30.56 23.77
C HIS AB 74 60.59 31.99 24.21
N ARG AB 75 61.78 32.31 24.74
CA ARG AB 75 62.09 33.70 25.04
C ARG AB 75 62.16 34.54 23.77
N VAL AB 76 62.69 33.98 22.68
CA VAL AB 76 62.68 34.66 21.38
C VAL AB 76 61.26 34.80 20.85
N ASP AB 77 60.41 33.80 21.09
CA ASP AB 77 59.04 33.84 20.59
C ASP AB 77 58.26 35.03 21.16
N LEU AB 78 58.46 35.36 22.44
CA LEU AB 78 57.79 36.52 23.02
C LEU AB 78 58.19 37.81 22.31
N GLY AB 79 59.48 37.97 22.02
CA GLY AB 79 59.92 39.14 21.29
C GLY AB 79 59.39 39.15 19.87
N THR AB 80 59.42 38.00 19.21
CA THR AB 80 58.92 37.91 17.84
C THR AB 80 57.43 38.21 17.80
N LEU AB 81 56.66 37.62 18.72
CA LEU AB 81 55.22 37.85 18.77
C LEU AB 81 54.89 39.29 19.14
N ARG AB 82 55.71 39.91 19.99
CA ARG AB 82 55.51 41.31 20.34
C ARG AB 82 55.58 42.19 19.09
N GLY AB 83 56.48 41.86 18.17
CA GLY AB 83 56.55 42.58 16.90
C GLY AB 83 55.33 42.36 16.03
N TYR AB 84 54.77 41.15 16.05
CA TYR AB 84 53.66 40.83 15.16
C TYR AB 84 52.45 41.72 15.41
N TYR AB 85 52.10 41.95 16.67
CA TYR AB 85 50.91 42.72 17.01
C TYR AB 85 51.19 44.21 17.24
N ASN AB 86 52.42 44.66 17.03
CA ASN AB 86 52.81 46.06 17.22
C ASN AB 86 52.56 46.51 18.66
N GLN AB 87 52.69 45.59 19.61
CA GLN AB 87 52.42 45.90 21.01
C GLN AB 87 53.59 46.63 21.65
N SER AB 88 53.27 47.54 22.57
CA SER AB 88 54.30 48.30 23.25
C SER AB 88 55.12 47.40 24.16
N GLU AB 89 56.37 47.80 24.40
CA GLU AB 89 57.32 46.98 25.13
C GLU AB 89 57.02 46.93 26.63
N ALA AB 90 56.06 47.70 27.11
CA ALA AB 90 55.81 47.78 28.55
C ALA AB 90 54.94 46.65 29.08
N GLY AB 91 54.23 45.94 28.20
CA GLY AB 91 53.31 44.90 28.65
C GLY AB 91 53.97 43.55 28.85
N SER AB 92 53.45 42.82 29.84
CA SER AB 92 53.85 41.44 30.12
C SER AB 92 52.90 40.49 29.41
N HIS AB 93 53.46 39.56 28.64
CA HIS AB 93 52.66 38.67 27.81
C HIS AB 93 53.09 37.23 28.07
N THR AB 94 52.17 36.30 27.83
CA THR AB 94 52.38 34.89 28.13
C THR AB 94 52.32 34.07 26.84
N VAL AB 95 53.23 33.11 26.71
CA VAL AB 95 53.21 32.12 25.64
C VAL AB 95 53.19 30.73 26.25
N GLN AB 96 52.39 29.84 25.67
CA GLN AB 96 52.24 28.49 26.17
C GLN AB 96 52.30 27.51 25.01
N ARG AB 97 52.90 26.35 25.25
CA ARG AB 97 53.01 25.29 24.28
C ARG AB 97 52.64 23.97 24.92
N MET AB 98 51.96 23.11 24.15
CA MET AB 98 51.63 21.77 24.61
C MET AB 98 51.73 20.82 23.42
N TYR AB 99 52.51 19.75 23.59
CA TYR AB 99 52.57 18.69 22.60
C TYR AB 99 52.54 17.35 23.30
N GLY AB 100 51.91 16.38 22.65
CA GLY AB 100 51.73 15.09 23.28
C GLY AB 100 51.43 14.00 22.26
N CYS AB 101 51.38 12.78 22.79
CA CYS AB 101 51.18 11.55 22.05
C CYS AB 101 50.18 10.68 22.79
N ASP AB 102 49.36 9.97 22.02
CA ASP AB 102 48.38 9.04 22.56
C ASP AB 102 48.64 7.63 22.03
N VAL AB 103 48.50 6.65 22.91
CA VAL AB 103 48.68 5.25 22.53
C VAL AB 103 47.42 4.47 22.90
N GLY AB 104 47.14 3.43 22.12
CA GLY AB 104 46.00 2.57 22.34
C GLY AB 104 46.29 1.47 23.35
N SER AB 105 45.33 0.55 23.46
CA SER AB 105 45.51 -0.60 24.34
C SER AB 105 46.68 -1.48 23.90
N ASP AB 106 46.95 -1.52 22.60
CA ASP AB 106 48.08 -2.26 22.05
C ASP AB 106 49.42 -1.61 22.39
N TRP AB 107 49.39 -0.39 22.91
CA TRP AB 107 50.55 0.41 23.30
C TRP AB 107 51.25 1.02 22.08
N ARG AB 108 50.57 1.08 20.95
CA ARG AB 108 51.09 1.71 19.74
C ARG AB 108 50.42 3.06 19.52
N PHE AB 109 51.00 3.83 18.61
CA PHE AB 109 50.57 5.21 18.41
C PHE AB 109 49.09 5.26 18.01
N LEU AB 110 48.39 6.23 18.55
CA LEU AB 110 46.98 6.44 18.30
C LEU AB 110 46.67 7.85 17.81
N ARG AB 111 47.34 8.86 18.35
CA ARG AB 111 46.96 10.25 18.14
C ARG AB 111 48.04 11.14 18.74
N GLY AB 112 48.22 12.31 18.16
CA GLY AB 112 49.11 13.31 18.74
C GLY AB 112 48.72 14.71 18.35
N TYR AB 113 49.03 15.66 19.22
CA TYR AB 113 48.72 17.07 19.03
C TYR AB 113 49.91 17.95 19.43
N HIS AB 114 50.17 18.96 18.61
CA HIS AB 114 51.07 20.07 18.89
C HIS AB 114 50.33 21.39 18.75
N GLN AB 115 50.24 22.16 19.83
CA GLN AB 115 49.48 23.40 19.80
C GLN AB 115 50.23 24.48 20.57
N TYR AB 116 50.02 25.73 20.11
CA TYR AB 116 50.72 26.90 20.60
C TYR AB 116 49.70 27.94 21.05
N ALA AB 117 50.10 28.79 22.00
CA ALA AB 117 49.18 29.75 22.60
C ALA AB 117 49.91 31.02 22.96
N TYR AB 118 49.26 32.16 22.71
CA TYR AB 118 49.79 33.47 23.07
C TYR AB 118 48.75 34.22 23.88
N ASP AB 119 49.10 34.58 25.12
CA ASP AB 119 48.24 35.36 26.01
C ASP AB 119 46.91 34.67 26.30
N GLY AB 120 46.94 33.34 26.42
CA GLY AB 120 45.75 32.60 26.81
C GLY AB 120 44.76 32.32 25.71
N LYS AB 121 45.13 32.54 24.45
CA LYS AB 121 44.26 32.27 23.32
C LYS AB 121 44.96 31.31 22.37
N ASP AB 122 44.17 30.53 21.63
CA ASP AB 122 44.78 29.68 20.62
C ASP AB 122 45.49 30.57 19.60
N TYR AB 123 46.71 30.19 19.25
CA TYR AB 123 47.50 30.94 18.27
C TYR AB 123 47.67 30.10 17.01
N ILE AB 124 48.47 29.03 17.07
CA ILE AB 124 48.64 28.11 15.97
C ILE AB 124 48.58 26.70 16.55
N ALA AB 125 47.88 25.81 15.85
CA ALA AB 125 47.69 24.45 16.31
C ALA AB 125 47.87 23.49 15.15
N LEU AB 126 48.32 22.29 15.47
CA LEU AB 126 48.53 21.24 14.48
C LEU AB 126 47.28 20.40 14.31
N LYS AB 127 46.88 20.18 13.07
CA LYS AB 127 45.69 19.38 12.80
C LYS AB 127 45.99 17.92 13.15
N GLU AB 128 44.94 17.10 13.18
CA GLU AB 128 45.13 15.73 13.63
C GLU AB 128 45.85 14.87 12.61
N ASP AB 129 45.75 15.23 11.32
CA ASP AB 129 46.50 14.50 10.30
C ASP AB 129 48.00 14.63 10.49
N LEU AB 130 48.44 15.64 11.25
CA LEU AB 130 49.85 15.92 11.54
C LEU AB 130 50.57 16.49 10.32
N ARG AB 131 49.80 17.00 9.37
CA ARG AB 131 50.34 17.54 8.13
C ARG AB 131 49.81 18.94 7.81
N SER AB 132 48.91 19.48 8.62
CA SER AB 132 48.32 20.79 8.35
C SER AB 132 48.32 21.63 9.62
N TRP AB 133 48.22 22.93 9.43
CA TRP AB 133 48.24 23.90 10.52
C TRP AB 133 46.98 24.74 10.50
N THR AB 134 46.52 25.15 11.68
CA THR AB 134 45.37 26.04 11.80
C THR AB 134 45.84 27.38 12.39
N ALA AB 135 45.60 28.46 11.65
CA ALA AB 135 46.04 29.79 12.07
C ALA AB 135 44.82 30.62 12.48
N ALA AB 136 44.88 31.19 13.68
CA ALA AB 136 43.74 31.93 14.22
C ALA AB 136 43.47 33.23 13.48
N ASP AB 137 44.51 34.06 13.28
CA ASP AB 137 44.33 35.40 12.74
C ASP AB 137 45.48 35.74 11.81
N MET AB 138 45.58 37.03 11.46
CA MET AB 138 46.60 37.49 10.53
C MET AB 138 48.00 37.19 11.04
N ALA AB 139 48.25 37.48 12.32
CA ALA AB 139 49.58 37.21 12.89
C ALA AB 139 49.91 35.72 12.88
N ALA AB 140 48.91 34.87 13.14
CA ALA AB 140 49.16 33.42 13.14
C ALA AB 140 49.45 32.87 11.75
N GLN AB 141 48.86 33.44 10.70
CA GLN AB 141 49.12 32.94 9.35
C GLN AB 141 50.55 33.15 8.92
N THR AB 142 51.19 34.24 9.37
CA THR AB 142 52.58 34.49 9.05
C THR AB 142 53.50 33.39 9.58
N THR AB 143 53.26 32.94 10.80
CA THR AB 143 54.05 31.83 11.35
C THR AB 143 53.76 30.52 10.62
N LYS AB 144 52.52 30.33 10.16
CA LYS AB 144 52.16 29.11 9.45
C LYS AB 144 52.98 28.94 8.18
N HIS AB 145 53.18 30.03 7.43
CA HIS AB 145 53.90 29.94 6.16
C HIS AB 145 55.34 29.49 6.37
N LYS AB 146 56.00 30.03 7.40
CA LYS AB 146 57.37 29.61 7.70
C LYS AB 146 57.42 28.14 8.09
N TRP AB 147 56.47 27.71 8.93
CA TRP AB 147 56.45 26.32 9.37
C TRP AB 147 56.11 25.37 8.21
N GLU AB 148 55.26 25.83 7.29
CA GLU AB 148 54.97 25.04 6.09
C GLU AB 148 56.22 24.90 5.23
N ALA AB 149 56.93 26.01 5.02
CA ALA AB 149 58.13 25.96 4.19
C ALA AB 149 59.26 25.17 4.85
N ALA AB 150 59.40 25.29 6.16
CA ALA AB 150 60.48 24.62 6.87
C ALA AB 150 60.21 23.15 7.17
N HIS AB 151 59.06 22.63 6.73
CA HIS AB 151 58.70 21.23 6.95
C HIS AB 151 58.70 20.88 8.43
N VAL AB 152 58.16 21.80 9.24
CA VAL AB 152 58.12 21.58 10.69
C VAL AB 152 57.16 20.45 11.03
N ALA AB 153 56.06 20.34 10.29
CA ALA AB 153 55.06 19.31 10.59
C ALA AB 153 55.66 17.92 10.47
N GLU AB 154 56.54 17.71 9.49
CA GLU AB 154 57.14 16.40 9.30
C GLU AB 154 58.08 16.04 10.45
N GLN AB 155 58.82 17.03 10.96
CA GLN AB 155 59.72 16.79 12.08
C GLN AB 155 58.95 16.48 13.35
N LEU AB 156 57.85 17.22 13.59
CA LEU AB 156 57.03 16.96 14.77
C LEU AB 156 56.32 15.62 14.65
N ARG AB 157 55.83 15.29 13.46
CA ARG AB 157 55.13 14.03 13.22
C ARG AB 157 56.02 12.84 13.54
N ALA AB 158 57.32 12.95 13.27
CA ALA AB 158 58.25 11.87 13.60
C ALA AB 158 58.35 11.67 15.11
N TYR AB 159 58.35 12.76 15.87
CA TYR AB 159 58.46 12.63 17.32
C TYR AB 159 57.21 11.99 17.92
N LEU AB 160 56.03 12.48 17.55
CA LEU AB 160 54.80 11.98 18.15
C LEU AB 160 54.52 10.54 17.75
N GLU AB 161 54.64 10.22 16.46
CA GLU AB 161 54.31 8.86 16.01
C GLU AB 161 55.35 7.83 16.43
N GLY AB 162 56.60 8.24 16.62
CA GLY AB 162 57.63 7.28 16.93
C GLY AB 162 58.41 7.50 18.21
N THR AB 163 59.02 8.68 18.33
CA THR AB 163 59.93 8.95 19.43
C THR AB 163 59.21 8.95 20.79
N CYS AB 164 58.06 9.59 20.88
CA CYS AB 164 57.31 9.59 22.14
C CYS AB 164 56.85 8.19 22.51
N VAL AB 165 56.25 7.48 21.55
CA VAL AB 165 55.66 6.17 21.84
C VAL AB 165 56.70 5.23 22.43
N GLU AB 166 57.93 5.29 21.91
CA GLU AB 166 58.99 4.44 22.43
C GLU AB 166 59.32 4.78 23.87
N TRP AB 167 59.44 6.09 24.17
CA TRP AB 167 59.78 6.51 25.53
C TRP AB 167 58.59 6.42 26.49
N LEU AB 168 57.37 6.63 26.00
CA LEU AB 168 56.21 6.48 26.87
C LEU AB 168 56.09 5.04 27.37
N ARG AB 169 56.31 4.07 26.49
CA ARG AB 169 56.29 2.67 26.90
C ARG AB 169 57.39 2.40 27.94
N ARG AB 170 58.58 2.97 27.74
CA ARG AB 170 59.64 2.79 28.71
C ARG AB 170 59.23 3.35 30.06
N TYR AB 171 58.55 4.50 30.06
CA TYR AB 171 58.08 5.08 31.31
C TYR AB 171 57.04 4.19 31.96
N LEU AB 172 56.14 3.61 31.16
CA LEU AB 172 55.11 2.73 31.72
C LEU AB 172 55.72 1.51 32.40
N GLU AB 173 56.71 0.89 31.75
CA GLU AB 173 57.36 -0.28 32.34
C GLU AB 173 58.17 0.08 33.58
N ASN AB 174 58.86 1.22 33.56
CA ASN AB 174 59.67 1.60 34.71
C ASN AB 174 58.81 1.96 35.91
N GLY AB 175 57.63 2.54 35.69
CA GLY AB 175 56.74 2.87 36.78
C GLY AB 175 55.40 2.18 36.72
N LYS AB 176 55.40 0.88 36.42
CA LYS AB 176 54.15 0.15 36.32
C LYS AB 176 53.41 0.12 37.66
N GLU AB 177 54.15 0.03 38.77
CA GLU AB 177 53.49 0.08 40.07
C GLU AB 177 52.86 1.45 40.32
N THR AB 178 53.43 2.52 39.78
CA THR AB 178 52.99 3.86 40.12
C THR AB 178 51.91 4.39 39.17
N LEU AB 179 52.04 4.15 37.87
CA LEU AB 179 51.12 4.71 36.89
C LEU AB 179 50.29 3.67 36.13
N GLN AB 180 50.62 2.39 36.24
CA GLN AB 180 49.81 1.31 35.69
C GLN AB 180 48.85 0.74 36.73
N ARG AB 181 48.86 1.30 37.93
CA ARG AB 181 47.94 0.96 39.00
C ARG AB 181 46.59 1.59 38.76
N THR AB 182 45.56 1.00 39.37
CA THR AB 182 44.23 1.59 39.37
C THR AB 182 43.72 1.61 40.79
N ASP AB 183 43.24 2.77 41.24
CA ASP AB 183 42.78 2.97 42.60
C ASP AB 183 41.27 3.19 42.61
N ALA AB 184 40.55 2.30 43.27
CA ALA AB 184 39.11 2.45 43.34
C ALA AB 184 38.76 3.59 44.29
N PRO AB 185 37.70 4.36 44.01
CA PRO AB 185 37.36 5.48 44.88
C PRO AB 185 36.88 5.00 46.25
N LYS AB 186 37.06 5.88 47.24
CA LYS AB 186 36.57 5.65 48.59
C LYS AB 186 35.30 6.48 48.76
N THR AB 187 34.15 5.82 48.75
CA THR AB 187 32.88 6.48 48.64
C THR AB 187 32.21 6.54 50.01
N HIS AB 188 31.53 7.65 50.28
CA HIS AB 188 30.71 7.81 51.47
C HIS AB 188 29.70 8.92 51.18
N MET AB 189 28.71 9.01 52.07
CA MET AB 189 27.59 9.91 51.85
C MET AB 189 27.37 10.78 53.07
N THR AB 190 27.00 12.04 52.83
CA THR AB 190 26.76 13.00 53.90
C THR AB 190 25.39 13.62 53.67
N HIS AB 191 24.81 14.12 54.76
CA HIS AB 191 23.47 14.69 54.75
C HIS AB 191 23.55 16.13 55.24
N HIS AB 192 22.97 17.05 54.47
CA HIS AB 192 22.93 18.45 54.84
C HIS AB 192 21.51 18.96 54.72
N ALA AB 193 21.02 19.64 55.74
CA ALA AB 193 19.65 20.13 55.80
C ALA AB 193 19.61 21.64 55.58
N VAL AB 194 19.08 22.07 54.43
CA VAL AB 194 18.92 23.50 54.19
C VAL AB 194 17.83 24.06 55.08
N SER AB 195 16.69 23.36 55.18
CA SER AB 195 15.55 23.83 55.93
C SER AB 195 14.76 22.61 56.43
N ASP AB 196 13.63 22.89 57.10
CA ASP AB 196 12.79 21.84 57.66
C ASP AB 196 12.18 20.92 56.62
N HIS AB 197 12.03 21.37 55.37
CA HIS AB 197 11.25 20.63 54.38
C HIS AB 197 12.10 20.01 53.28
N GLU AB 198 13.34 20.43 53.11
CA GLU AB 198 14.20 19.83 52.10
C GLU AB 198 15.66 19.76 52.59
N ALA AB 199 16.36 18.69 52.20
CA ALA AB 199 17.74 18.46 52.62
C ALA AB 199 18.60 18.19 51.39
N THR AB 200 19.92 18.38 51.54
CA THR AB 200 20.88 18.17 50.47
C THR AB 200 21.68 16.90 50.75
N LEU AB 201 21.84 16.08 49.72
CA LEU AB 201 22.62 14.85 49.80
C LEU AB 201 23.91 15.01 49.01
N ARG AB 202 25.02 14.58 49.59
CA ARG AB 202 26.33 14.74 48.99
C ARG AB 202 26.94 13.36 48.75
N CYS AB 203 27.39 13.13 47.53
CA CYS AB 203 28.07 11.89 47.14
C CYS AB 203 29.56 12.16 47.00
N TRP AB 204 30.37 11.40 47.71
CA TRP AB 204 31.81 11.63 47.78
C TRP AB 204 32.59 10.48 47.15
N ALA AB 205 33.59 10.83 46.36
CA ALA AB 205 34.58 9.90 45.85
C ALA AB 205 35.95 10.46 46.19
N LEU AB 206 36.79 9.65 46.83
CA LEU AB 206 38.08 10.11 47.32
C LEU AB 206 39.15 9.06 47.09
N SER AB 207 40.39 9.54 47.06
CA SER AB 207 41.58 8.68 46.99
C SER AB 207 41.51 7.70 45.82
N PHE AB 208 41.28 8.24 44.62
CA PHE AB 208 41.22 7.42 43.42
C PHE AB 208 42.14 7.99 42.35
N TYR AB 209 42.70 7.09 41.55
CA TYR AB 209 43.54 7.42 40.40
C TYR AB 209 43.22 6.38 39.33
N PRO AB 210 43.06 6.80 38.07
CA PRO AB 210 43.22 8.12 37.45
C PRO AB 210 42.16 9.16 37.82
N ALA AB 211 42.36 10.37 37.31
CA ALA AB 211 41.49 11.49 37.67
C ALA AB 211 40.08 11.31 37.13
N GLU AB 212 39.93 10.69 35.96
CA GLU AB 212 38.62 10.62 35.32
C GLU AB 212 37.66 9.79 36.15
N ILE AB 213 36.48 10.35 36.40
CA ILE AB 213 35.43 9.67 37.17
C ILE AB 213 34.11 10.26 36.73
N THR AB 214 33.03 9.51 36.92
CA THR AB 214 31.68 9.97 36.61
C THR AB 214 30.82 9.85 37.85
N LEU AB 215 30.15 10.95 38.20
CA LEU AB 215 29.24 10.97 39.34
C LEU AB 215 27.87 11.39 38.83
N THR AB 216 26.87 10.56 39.10
CA THR AB 216 25.53 10.79 38.60
C THR AB 216 24.51 10.61 39.72
N TRP AB 217 23.46 11.43 39.68
CA TRP AB 217 22.37 11.37 40.64
C TRP AB 217 21.15 10.85 39.91
N GLN AB 218 20.51 9.82 40.46
CA GLN AB 218 19.31 9.28 39.83
C GLN AB 218 18.19 9.20 40.84
N ARG AB 219 17.01 9.69 40.44
CA ARG AB 219 15.78 9.56 41.21
C ARG AB 219 14.88 8.59 40.45
N ASP AB 220 14.62 7.43 41.07
CA ASP AB 220 13.78 6.38 40.50
C ASP AB 220 14.40 5.71 39.27
N GLY AB 221 15.72 5.75 39.14
CA GLY AB 221 16.34 5.19 37.96
C GLY AB 221 16.39 6.11 36.77
N GLU AB 222 16.27 7.41 37.00
CA GLU AB 222 16.32 8.41 35.94
C GLU AB 222 17.45 9.39 36.24
N ASP AB 223 18.28 9.66 35.24
CA ASP AB 223 19.41 10.55 35.43
C ASP AB 223 18.88 11.92 35.85
N GLN AB 224 19.37 12.41 36.98
CA GLN AB 224 18.90 13.68 37.53
C GLN AB 224 20.02 14.69 37.36
N THR AB 225 19.72 15.77 36.63
CA THR AB 225 20.68 16.80 36.32
C THR AB 225 20.00 18.17 36.39
N GLN AB 226 20.81 19.21 36.25
CA GLN AB 226 20.36 20.60 36.27
C GLN AB 226 19.78 21.00 37.62
N ASP AB 227 19.31 20.02 38.39
CA ASP AB 227 18.91 20.22 39.78
C ASP AB 227 19.98 19.74 40.76
N THR AB 228 21.16 19.41 40.24
CA THR AB 228 22.27 18.85 41.00
C THR AB 228 23.46 19.81 40.99
N GLU AB 229 24.34 19.65 41.98
CA GLU AB 229 25.56 20.43 42.06
C GLU AB 229 26.76 19.52 41.87
N LEU AB 230 27.70 19.95 41.02
CA LEU AB 230 28.89 19.17 40.70
C LEU AB 230 30.12 20.07 40.74
N VAL AB 231 31.12 19.69 41.52
CA VAL AB 231 32.36 20.47 41.64
C VAL AB 231 33.42 19.89 40.72
N GLU AB 232 34.33 20.76 40.29
CA GLU AB 232 35.47 20.35 39.48
C GLU AB 232 36.37 19.39 40.25
N THR AB 233 36.92 18.41 39.54
CA THR AB 233 37.79 17.42 40.16
C THR AB 233 39.03 18.10 40.74
N ARG AB 234 39.41 17.67 41.95
CA ARG AB 234 40.49 18.30 42.70
C ARG AB 234 41.62 17.31 42.96
N PRO AB 235 42.87 17.77 43.00
CA PRO AB 235 43.96 16.87 43.39
C PRO AB 235 44.11 16.79 44.90
N ALA AB 236 44.23 15.58 45.45
CA ALA AB 236 44.39 15.46 46.90
C ALA AB 236 45.79 15.86 47.35
N GLY AB 237 46.78 15.78 46.47
CA GLY AB 237 48.15 16.09 46.79
C GLY AB 237 49.05 14.89 47.01
N ASP AB 238 48.51 13.68 46.98
CA ASP AB 238 49.31 12.46 47.11
C ASP AB 238 49.22 11.59 45.86
N GLY AB 239 48.81 12.17 44.73
CA GLY AB 239 48.60 11.42 43.51
C GLY AB 239 47.20 10.87 43.35
N THR AB 240 46.30 11.19 44.28
CA THR AB 240 44.90 10.78 44.20
C THR AB 240 44.02 12.01 44.05
N PHE AB 241 42.79 11.79 43.59
CA PHE AB 241 41.87 12.89 43.32
C PHE AB 241 40.59 12.73 44.15
N GLN AB 242 39.78 13.79 44.13
CA GLN AB 242 38.53 13.85 44.88
C GLN AB 242 37.50 14.61 44.06
N LYS AB 243 36.23 14.21 44.23
CA LYS AB 243 35.12 14.87 43.55
C LYS AB 243 33.84 14.53 44.31
N TRP AB 244 32.87 15.45 44.24
CA TRP AB 244 31.59 15.19 44.88
C TRP AB 244 30.45 15.83 44.10
N ALA AB 245 29.26 15.24 44.27
CA ALA AB 245 28.03 15.68 43.63
C ALA AB 245 26.94 15.79 44.68
N ALA AB 246 26.08 16.80 44.52
CA ALA AB 246 25.02 17.08 45.49
C ALA AB 246 23.70 17.29 44.76
N VAL AB 247 22.60 16.93 45.43
CA VAL AB 247 21.26 17.09 44.89
C VAL AB 247 20.33 17.56 46.00
N VAL AB 248 19.39 18.43 45.65
CA VAL AB 248 18.39 18.94 46.58
C VAL AB 248 17.15 18.06 46.51
N VAL AB 249 16.72 17.54 47.66
CA VAL AB 249 15.59 16.62 47.71
C VAL AB 249 14.58 17.11 48.75
N PRO AB 250 13.28 17.04 48.46
CA PRO AB 250 12.29 17.37 49.48
C PRO AB 250 12.29 16.29 50.56
N SER AB 251 11.97 16.72 51.78
CA SER AB 251 12.04 15.83 52.93
C SER AB 251 11.13 14.62 52.76
N GLY AB 252 11.59 13.47 53.25
CA GLY AB 252 10.85 12.24 53.16
C GLY AB 252 11.05 11.45 51.87
N GLN AB 253 11.78 12.00 50.90
CA GLN AB 253 12.02 11.31 49.64
C GLN AB 253 13.47 10.84 49.48
N GLU AB 254 14.25 10.82 50.57
CA GLU AB 254 15.65 10.41 50.47
C GLU AB 254 15.82 8.99 49.95
N GLN AB 255 14.80 8.14 50.10
CA GLN AB 255 14.89 6.77 49.59
C GLN AB 255 14.78 6.68 48.08
N ARG AB 256 14.34 7.75 47.41
CA ARG AB 256 14.15 7.69 45.96
C ARG AB 256 15.45 7.88 45.20
N TYR AB 257 16.41 8.62 45.76
CA TYR AB 257 17.62 8.98 45.05
C TYR AB 257 18.72 7.94 45.24
N THR AB 258 19.56 7.81 44.21
CA THR AB 258 20.66 6.87 44.18
C THR AB 258 21.86 7.55 43.56
N CYS AB 259 23.05 7.25 44.07
CA CYS AB 259 24.29 7.77 43.54
C CYS AB 259 25.04 6.68 42.80
N HIS AB 260 25.49 6.99 41.58
CA HIS AB 260 26.19 6.06 40.73
C HIS AB 260 27.59 6.58 40.45
N VAL AB 261 28.60 5.76 40.72
CA VAL AB 261 30.00 6.12 40.56
C VAL AB 261 30.59 5.24 39.47
N GLN AB 262 31.11 5.87 38.41
CA GLN AB 262 31.78 5.18 37.32
C GLN AB 262 33.25 5.53 37.36
N HIS AB 263 34.11 4.52 37.57
CA HIS AB 263 35.54 4.74 37.56
C HIS AB 263 36.23 3.47 37.06
N GLU AB 264 37.43 3.65 36.51
CA GLU AB 264 38.20 2.53 36.01
C GLU AB 264 38.59 1.57 37.14
N GLY AB 265 38.77 2.10 38.35
CA GLY AB 265 39.13 1.30 39.50
C GLY AB 265 38.02 0.36 39.96
N LEU AB 266 36.78 0.63 39.57
CA LEU AB 266 35.65 -0.17 39.99
C LEU AB 266 35.32 -1.18 38.90
N PRO AB 267 35.35 -2.48 39.17
CA PRO AB 267 34.94 -3.45 38.15
C PRO AB 267 33.47 -3.36 37.80
N LYS AB 268 32.64 -2.82 38.68
CA LYS AB 268 31.24 -2.58 38.45
C LYS AB 268 30.91 -1.13 38.77
N PRO AB 269 29.99 -0.50 38.04
CA PRO AB 269 29.54 0.84 38.42
C PRO AB 269 28.89 0.79 39.79
N LEU AB 270 29.38 1.64 40.70
CA LEU AB 270 28.90 1.61 42.08
C LEU AB 270 27.57 2.34 42.23
N THR AB 271 26.75 1.84 43.15
CA THR AB 271 25.49 2.47 43.49
C THR AB 271 25.49 2.79 44.99
N LEU AB 272 25.11 4.01 45.34
CA LEU AB 272 25.09 4.47 46.72
C LEU AB 272 23.69 4.95 47.08
N ARG AB 273 23.13 4.41 48.14
CA ARG AB 273 21.81 4.80 48.62
C ARG AB 273 21.89 5.20 50.09
N TRP AB 274 21.09 6.20 50.46
CA TRP AB 274 21.10 6.75 51.81
C TRP AB 274 20.15 5.93 52.68
N GLU AB 275 20.72 5.15 53.60
CA GLU AB 275 19.92 4.29 54.46
C GLU AB 275 20.67 3.90 55.72
N MET BB 1 44.37 39.92 24.52
CA MET BB 1 44.45 39.42 25.89
C MET BB 1 43.06 39.18 26.48
N ILE BB 2 42.79 37.93 26.84
CA ILE BB 2 41.52 37.52 27.43
C ILE BB 2 41.73 37.45 28.94
N GLN BB 3 40.63 37.57 29.71
CA GLN BB 3 40.75 37.51 31.16
C GLN BB 3 39.77 36.50 31.74
N ARG BB 4 40.28 35.62 32.62
CA ARG BB 4 39.45 34.63 33.28
C ARG BB 4 39.64 34.75 34.79
N THR BB 5 38.53 34.80 35.53
CA THR BB 5 38.64 34.89 36.98
C THR BB 5 38.80 33.49 37.58
N PRO BB 6 39.62 33.33 38.62
CA PRO BB 6 39.94 31.98 39.11
C PRO BB 6 38.78 31.36 39.89
N LYS BB 7 38.72 30.03 39.84
CA LYS BB 7 37.79 29.25 40.65
C LYS BB 7 38.58 28.67 41.83
N ILE BB 8 38.02 28.78 43.03
CA ILE BB 8 38.73 28.42 44.26
C ILE BB 8 37.99 27.27 44.95
N GLN BB 9 38.75 26.23 45.31
CA GLN BB 9 38.26 25.10 46.09
C GLN BB 9 39.24 24.83 47.22
N VAL BB 10 38.81 25.07 48.45
CA VAL BB 10 39.60 24.81 49.65
C VAL BB 10 39.05 23.56 50.32
N TYR BB 11 39.94 22.62 50.64
CA TYR BB 11 39.51 21.32 51.16
C TYR BB 11 40.67 20.69 51.93
N SER BB 12 40.54 19.41 52.25
CA SER BB 12 41.57 18.67 52.97
C SER BB 12 41.94 17.40 52.21
N ARG BB 13 43.18 16.96 52.40
CA ARG BB 13 43.66 15.75 51.73
C ARG BB 13 42.91 14.50 52.22
N HIS BB 14 42.60 14.45 53.50
CA HIS BB 14 41.93 13.32 54.13
C HIS BB 14 40.67 13.78 54.85
N PRO BB 15 39.77 12.86 55.20
CA PRO BB 15 38.60 13.23 56.00
C PRO BB 15 39.02 13.88 57.32
N ALA BB 16 38.40 15.00 57.62
CA ALA BB 16 38.80 15.88 58.72
C ALA BB 16 38.48 15.26 60.08
N GLU BB 17 39.47 14.63 60.69
CA GLU BB 17 39.37 14.18 62.08
C GLU BB 17 40.03 15.22 62.98
N ASN BB 18 39.32 15.64 64.02
CA ASN BB 18 39.84 16.69 64.88
C ASN BB 18 40.99 16.17 65.73
N GLY BB 19 42.03 16.98 65.84
CA GLY BB 19 43.20 16.62 66.64
C GLY BB 19 44.13 15.64 65.99
N LYS BB 20 44.08 15.48 64.66
CA LYS BB 20 44.95 14.57 63.95
C LYS BB 20 45.58 15.28 62.76
N SER BB 21 46.70 14.76 62.29
CA SER BB 21 47.44 15.40 61.22
C SER BB 21 46.73 15.27 59.88
N ASN BB 22 46.65 16.37 59.14
CA ASN BB 22 46.00 16.44 57.84
C ASN BB 22 46.69 17.52 57.02
N PHE BB 23 46.27 17.65 55.76
CA PHE BB 23 46.79 18.67 54.85
C PHE BB 23 45.65 19.59 54.43
N LEU BB 24 45.91 20.90 54.46
CA LEU BB 24 44.94 21.87 53.99
C LEU BB 24 45.30 22.26 52.56
N ASN BB 25 44.31 22.23 51.66
CA ASN BB 25 44.54 22.44 50.25
C ASN BB 25 43.73 23.62 49.74
N CYS BB 26 44.34 24.42 48.85
CA CYS BB 26 43.66 25.44 48.07
C CYS BB 26 43.90 25.16 46.60
N TYR BB 27 42.83 24.96 45.83
CA TYR BB 27 42.93 24.66 44.42
C TYR BB 27 42.31 25.79 43.61
N VAL BB 28 43.16 26.59 42.97
CA VAL BB 28 42.72 27.68 42.10
C VAL BB 28 42.92 27.24 40.65
N SER BB 29 41.91 27.46 39.82
CA SER BB 29 41.97 26.99 38.44
C SER BB 29 41.14 27.89 37.55
N GLY BB 30 41.27 27.67 36.23
CA GLY BB 30 40.52 28.44 35.25
C GLY BB 30 40.76 29.93 35.25
N PHE BB 31 42.02 30.35 35.40
CA PHE BB 31 42.35 31.76 35.41
C PHE BB 31 43.51 32.08 34.48
N HIS BB 32 43.49 33.32 33.98
CA HIS BB 32 44.55 33.86 33.15
C HIS BB 32 44.55 35.38 33.36
N PRO BB 33 45.74 36.00 33.45
CA PRO BB 33 47.07 35.40 33.32
C PRO BB 33 47.62 34.66 34.54
N SER BB 34 48.91 34.32 34.45
CA SER BB 34 49.55 33.44 35.41
C SER BB 34 49.82 34.10 36.77
N ASP BB 35 49.99 35.41 36.80
CA ASP BB 35 50.35 36.08 38.06
C ASP BB 35 49.22 35.99 39.06
N ILE BB 36 49.49 35.33 40.20
CA ILE BB 36 48.49 35.13 41.23
C ILE BB 36 49.17 35.08 42.59
N GLU BB 37 48.47 35.57 43.61
CA GLU BB 37 48.92 35.57 44.99
C GLU BB 37 47.94 34.74 45.80
N VAL BB 38 48.43 33.70 46.45
CA VAL BB 38 47.59 32.76 47.19
C VAL BB 38 48.17 32.62 48.59
N ASP BB 39 47.33 32.85 49.60
CA ASP BB 39 47.71 32.73 51.00
C ASP BB 39 46.74 31.82 51.72
N LEU BB 40 47.27 31.10 52.70
CA LEU BB 40 46.48 30.24 53.58
C LEU BB 40 46.35 30.94 54.94
N LEU BB 41 45.14 31.04 55.45
CA LEU BB 41 44.87 31.81 56.65
C LEU BB 41 44.35 30.90 57.75
N LYS BB 42 44.80 31.17 58.98
CA LYS BB 42 44.31 30.50 60.19
C LYS BB 42 43.74 31.58 61.10
N ASN BB 43 42.42 31.63 61.22
CA ASN BB 43 41.73 32.65 62.02
C ASN BB 43 42.03 34.05 61.49
N GLY BB 44 42.22 34.17 60.18
CA GLY BB 44 42.56 35.42 59.55
C GLY BB 44 44.03 35.75 59.50
N GLU BB 45 44.90 34.86 59.99
CA GLU BB 45 46.33 35.10 60.01
C GLU BB 45 47.00 34.24 58.96
N ARG BB 46 47.94 34.84 58.22
CA ARG BB 46 48.62 34.15 57.13
C ARG BB 46 49.61 33.11 57.65
N ILE BB 47 49.63 31.95 56.99
CA ILE BB 47 50.53 30.86 57.34
C ILE BB 47 51.85 31.05 56.58
N GLU BB 48 52.97 30.89 57.29
CA GLU BB 48 54.26 31.25 56.72
C GLU BB 48 54.73 30.23 55.68
N LYS BB 49 54.64 28.93 56.00
CA LYS BB 49 55.16 27.88 55.14
C LYS BB 49 54.00 27.33 54.32
N VAL BB 50 53.92 27.74 53.05
CA VAL BB 50 52.93 27.26 52.12
C VAL BB 50 53.64 26.84 50.83
N GLU BB 51 53.54 25.56 50.49
CA GLU BB 51 54.12 25.06 49.25
C GLU BB 51 53.05 25.00 48.17
N HIS BB 52 53.50 24.84 46.93
CA HIS BB 52 52.60 24.75 45.80
C HIS BB 52 53.24 23.88 44.72
N SER BB 53 52.41 23.43 43.79
CA SER BB 53 52.85 22.58 42.70
C SER BB 53 53.41 23.42 41.55
N ASP BB 54 53.94 22.73 40.55
CA ASP BB 54 54.49 23.42 39.39
C ASP BB 54 53.37 23.80 38.43
N LEU BB 55 53.48 25.01 37.89
CA LEU BB 55 52.44 25.59 37.04
C LEU BB 55 52.13 24.74 35.81
N SER BB 56 50.85 24.43 35.63
CA SER BB 56 50.37 23.67 34.48
C SER BB 56 49.06 24.31 34.01
N PHE BB 57 48.51 23.78 32.91
CA PHE BB 57 47.29 24.37 32.36
C PHE BB 57 46.40 23.30 31.74
N SER BB 58 45.13 23.66 31.56
CA SER BB 58 44.11 22.77 31.03
C SER BB 58 43.97 22.93 29.52
N LYS BB 59 42.89 22.40 28.95
CA LYS BB 59 42.70 22.43 27.50
C LYS BB 59 42.47 23.85 26.99
N ASP BB 60 41.77 24.68 27.75
CA ASP BB 60 41.48 26.04 27.35
C ASP BB 60 42.61 27.02 27.69
N TRP BB 61 43.79 26.50 28.00
CA TRP BB 61 45.00 27.27 28.32
C TRP BB 61 44.92 27.91 29.70
N SER BB 62 43.90 27.60 30.49
CA SER BB 62 43.77 28.19 31.81
C SER BB 62 44.67 27.47 32.81
N PHE BB 63 45.21 28.24 33.75
CA PHE BB 63 46.18 27.71 34.70
C PHE BB 63 45.48 27.18 35.95
N TYR BB 64 46.10 26.18 36.56
CA TYR BB 64 45.61 25.62 37.82
C TYR BB 64 46.80 25.33 38.71
N LEU BB 65 46.65 25.60 40.00
CA LEU BB 65 47.72 25.41 40.95
C LEU BB 65 47.13 24.88 42.26
N LEU BB 66 47.93 24.12 43.00
CA LEU BB 66 47.50 23.57 44.29
C LEU BB 66 48.46 23.98 45.39
N TYR BB 67 47.95 24.74 46.36
CA TYR BB 67 48.71 25.19 47.51
C TYR BB 67 48.34 24.33 48.72
N TYR BB 68 49.34 23.88 49.47
CA TYR BB 68 49.06 22.96 50.57
C TYR BB 68 50.03 23.18 51.71
N THR BB 69 49.59 22.81 52.92
CA THR BB 69 50.43 22.80 54.11
C THR BB 69 49.87 21.77 55.07
N GLU BB 70 50.71 21.32 55.99
CA GLU BB 70 50.27 20.40 57.02
C GLU BB 70 49.60 21.17 58.15
N PHE BB 71 48.54 20.59 58.70
CA PHE BB 71 47.81 21.26 59.78
C PHE BB 71 47.05 20.21 60.58
N THR BB 72 46.61 20.64 61.77
CA THR BB 72 45.77 19.83 62.63
C THR BB 72 44.41 20.52 62.75
N PRO BB 73 43.33 19.90 62.28
CA PRO BB 73 42.03 20.57 62.32
C PRO BB 73 41.53 20.65 63.75
N THR BB 74 40.90 21.78 64.06
CA THR BB 74 40.41 22.04 65.40
C THR BB 74 38.99 22.58 65.38
N GLU BB 75 38.21 22.17 66.39
CA GLU BB 75 36.83 22.61 66.53
C GLU BB 75 36.72 24.12 66.62
N LYS BB 76 37.72 24.77 67.20
CA LYS BB 76 37.77 26.20 67.45
C LYS BB 76 38.38 26.98 66.29
N ASP BB 77 39.40 26.41 65.63
CA ASP BB 77 40.16 27.16 64.64
C ASP BB 77 39.38 27.38 63.36
N GLU BB 78 39.71 28.47 62.68
CA GLU BB 78 39.14 28.81 61.38
C GLU BB 78 40.23 28.85 60.34
N TYR BB 79 39.90 28.39 59.12
CA TYR BB 79 40.86 28.37 58.03
C TYR BB 79 40.19 28.94 56.78
N ALA BB 80 41.01 29.50 55.89
CA ALA BB 80 40.49 30.13 54.68
C ALA BB 80 41.63 30.26 53.68
N CYS BB 81 41.26 30.65 52.47
CA CYS BB 81 42.21 30.94 51.39
C CYS BB 81 41.95 32.34 50.90
N ARG BB 82 43.01 33.15 50.79
CA ARG BB 82 42.92 34.50 50.26
C ARG BB 82 43.66 34.55 48.93
N VAL BB 83 42.93 34.84 47.86
CA VAL BB 83 43.47 34.85 46.50
C VAL BB 83 43.24 36.24 45.91
N ASN BB 84 44.32 36.86 45.42
CA ASN BB 84 44.27 38.15 44.75
C ASN BB 84 44.71 37.99 43.30
N HIS BB 85 44.00 38.66 42.40
CA HIS BB 85 44.24 38.55 40.97
C HIS BB 85 43.89 39.90 40.34
N VAL BB 86 44.40 40.11 39.12
CA VAL BB 86 44.15 41.39 38.44
C VAL BB 86 42.66 41.55 38.16
N THR BB 87 41.95 40.45 37.87
CA THR BB 87 40.53 40.55 37.60
C THR BB 87 39.73 40.87 38.86
N LEU BB 88 40.32 40.65 40.04
CA LEU BB 88 39.60 40.85 41.29
C LEU BB 88 39.87 42.26 41.81
N SER BB 89 38.79 43.02 42.02
CA SER BB 89 38.94 44.36 42.59
C SER BB 89 39.50 44.30 44.01
N GLN BB 90 39.07 43.29 44.77
CA GLN BB 90 39.49 43.06 46.14
C GLN BB 90 39.80 41.58 46.34
N PRO BB 91 40.68 41.26 47.29
CA PRO BB 91 41.01 39.85 47.56
C PRO BB 91 39.79 39.03 47.99
N LYS BB 92 39.60 37.90 47.31
CA LYS BB 92 38.48 37.02 47.59
C LYS BB 92 38.89 35.99 48.64
N ILE BB 93 38.09 35.84 49.68
CA ILE BB 93 38.36 34.89 50.75
C ILE BB 93 37.30 33.80 50.72
N VAL BB 94 37.74 32.55 50.80
CA VAL BB 94 36.86 31.39 50.82
C VAL BB 94 37.15 30.60 52.09
N LYS BB 95 36.13 30.41 52.92
CA LYS BB 95 36.30 29.70 54.17
C LYS BB 95 36.28 28.21 53.93
N TRP BB 96 36.92 27.46 54.82
CA TRP BB 96 37.01 26.01 54.67
C TRP BB 96 35.77 25.37 55.26
N ASP BB 97 35.08 24.58 54.44
CA ASP BB 97 33.97 23.77 54.92
C ASP BB 97 34.38 22.32 54.80
N ARG BB 98 34.44 21.63 55.95
CA ARG BB 98 34.86 20.23 55.97
C ARG BB 98 33.85 19.32 55.29
N ASP BB 99 32.63 19.79 55.09
CA ASP BB 99 31.57 19.07 54.40
C ASP BB 99 31.55 19.35 52.91
N MET BB 100 32.49 20.15 52.41
CA MET BB 100 32.57 20.46 50.98
C MET BB 100 33.99 20.33 50.46
N GLY CB 1 -24.90 -19.12 69.51
CA GLY CB 1 -25.61 -19.05 68.25
C GLY CB 1 -24.72 -18.66 67.09
N SER CB 2 -25.32 -18.45 65.92
CA SER CB 2 -24.60 -18.06 64.72
C SER CB 2 -24.48 -16.55 64.66
N HIS CB 3 -23.29 -16.06 64.30
CA HIS CB 3 -23.02 -14.64 64.21
C HIS CB 3 -22.60 -14.27 62.79
N SER CB 4 -22.73 -12.99 62.46
CA SER CB 4 -22.39 -12.51 61.13
C SER CB 4 -21.85 -11.09 61.21
N MET CB 5 -21.00 -10.74 60.24
CA MET CB 5 -20.55 -9.36 60.05
C MET CB 5 -20.84 -8.95 58.63
N ARG CB 6 -21.47 -7.78 58.47
CA ARG CB 6 -21.89 -7.28 57.16
C ARG CB 6 -21.53 -5.81 57.01
N TYR CB 7 -21.13 -5.43 55.80
CA TYR CB 7 -20.84 -4.05 55.45
C TYR CB 7 -21.80 -3.61 54.36
N PHE CB 8 -22.41 -2.45 54.54
CA PHE CB 8 -23.38 -1.90 53.60
C PHE CB 8 -22.85 -0.58 53.05
N PHE CB 9 -22.76 -0.48 51.73
CA PHE CB 9 -22.27 0.72 51.06
C PHE CB 9 -23.38 1.29 50.19
N THR CB 10 -23.60 2.59 50.27
CA THR CB 10 -24.56 3.28 49.42
C THR CB 10 -23.91 4.51 48.83
N SER CB 11 -23.96 4.64 47.51
CA SER CB 11 -23.44 5.81 46.81
C SER CB 11 -24.51 6.33 45.87
N VAL CB 12 -24.88 7.58 46.04
CA VAL CB 12 -25.92 8.22 45.24
C VAL CB 12 -25.31 9.43 44.55
N SER CB 13 -25.55 9.56 43.25
CA SER CB 13 -24.96 10.63 42.45
C SER CB 13 -25.90 11.82 42.42
N ARG CB 14 -25.35 13.01 42.70
CA ARG CB 14 -26.12 14.25 42.61
C ARG CB 14 -25.69 15.04 41.39
N PRO CB 15 -26.46 15.05 40.30
CA PRO CB 15 -26.02 15.69 39.05
C PRO CB 15 -26.10 17.20 39.16
N GLY CB 16 -24.97 17.88 39.05
CA GLY CB 16 -24.91 19.27 39.43
C GLY CB 16 -24.30 19.62 40.77
N ARG CB 17 -25.08 19.41 41.83
CA ARG CB 17 -24.83 20.04 43.12
C ARG CB 17 -23.62 19.48 43.85
N GLY CB 18 -22.73 18.79 43.14
CA GLY CB 18 -21.54 18.27 43.78
C GLY CB 18 -21.15 16.84 43.45
N GLU CB 19 -20.48 16.21 44.38
CA GLU CB 19 -19.98 14.85 44.22
C GLU CB 19 -21.02 13.88 44.71
N PRO CB 20 -20.83 12.58 44.50
CA PRO CB 20 -21.84 11.64 44.99
C PRO CB 20 -21.69 11.39 46.49
N ARG CB 21 -22.84 11.24 47.15
CA ARG CB 21 -22.88 10.95 48.57
C ARG CB 21 -22.58 9.49 48.81
N PHE CB 22 -21.69 9.21 49.75
CA PHE CB 22 -21.28 7.85 50.06
C PHE CB 22 -21.51 7.60 51.54
N ILE CB 23 -22.28 6.56 51.84
CA ILE CB 23 -22.57 6.16 53.21
C ILE CB 23 -22.11 4.73 53.38
N ALA CB 24 -21.39 4.47 54.46
CA ALA CB 24 -20.91 3.14 54.79
C ALA CB 24 -21.28 2.84 56.23
N VAL CB 25 -21.84 1.66 56.46
CA VAL CB 25 -22.22 1.23 57.80
C VAL CB 25 -21.78 -0.22 57.98
N GLY CB 26 -21.35 -0.54 59.19
CA GLY CB 26 -20.91 -1.90 59.49
C GLY CB 26 -21.72 -2.49 60.62
N TYR CB 27 -22.16 -3.74 60.46
CA TYR CB 27 -22.97 -4.41 61.46
C TYR CB 27 -22.29 -5.72 61.85
N VAL CB 28 -22.34 -6.01 63.15
CA VAL CB 28 -22.04 -7.34 63.68
C VAL CB 28 -23.31 -7.82 64.35
N ASP CB 29 -23.89 -8.90 63.83
CA ASP CB 29 -25.20 -9.39 64.24
C ASP CB 29 -26.20 -8.27 63.92
N ASP CB 30 -26.92 -7.72 64.91
CA ASP CB 30 -27.85 -6.63 64.67
C ASP CB 30 -27.36 -5.32 65.28
N THR CB 31 -26.07 -5.22 65.59
CA THR CB 31 -25.48 -4.04 66.20
C THR CB 31 -24.58 -3.33 65.20
N GLN CB 32 -24.77 -2.02 65.03
CA GLN CB 32 -23.95 -1.21 64.16
C GLN CB 32 -22.79 -0.62 64.96
N PHE CB 33 -21.57 -0.80 64.47
CA PHE CB 33 -20.38 -0.37 65.20
C PHE CB 33 -19.50 0.65 64.48
N VAL CB 34 -19.67 0.85 63.16
CA VAL CB 34 -18.86 1.80 62.42
C VAL CB 34 -19.71 2.47 61.34
N ARG CB 35 -19.34 3.70 60.99
CA ARG CB 35 -20.03 4.45 59.94
C ARG CB 35 -19.05 5.42 59.28
N PHE CB 36 -19.36 5.78 58.04
CA PHE CB 36 -18.63 6.80 57.31
C PHE CB 36 -19.58 7.60 56.44
N ASP CB 37 -19.47 8.92 56.49
CA ASP CB 37 -20.29 9.82 55.68
C ASP CB 37 -19.38 10.72 54.86
N SER CB 38 -19.65 10.81 53.57
CA SER CB 38 -18.85 11.68 52.70
C SER CB 38 -19.10 13.15 53.01
N ASP CB 39 -20.27 13.49 53.54
CA ASP CB 39 -20.61 14.86 53.91
C ASP CB 39 -20.37 15.15 55.38
N ALA CB 40 -19.72 14.22 56.10
CA ALA CB 40 -19.41 14.46 57.50
C ALA CB 40 -18.18 15.33 57.64
N ALA CB 41 -18.20 16.22 58.64
CA ALA CB 41 -17.07 17.12 58.85
C ALA CB 41 -15.81 16.35 59.23
N SER CB 42 -15.96 15.25 59.98
CA SER CB 42 -14.80 14.49 60.42
C SER CB 42 -14.06 13.90 59.22
N GLN CB 43 -14.82 13.43 58.23
CA GLN CB 43 -14.28 12.75 57.05
C GLN CB 43 -13.47 11.51 57.42
N ARG CB 44 -13.85 10.85 58.51
CA ARG CB 44 -13.16 9.68 59.01
C ARG CB 44 -14.17 8.60 59.38
N MET CB 45 -13.68 7.38 59.52
CA MET CB 45 -14.50 6.29 60.01
C MET CB 45 -14.71 6.44 61.51
N GLU CB 46 -15.96 6.63 61.92
CA GLU CB 46 -16.33 6.93 63.29
C GLU CB 46 -16.91 5.69 63.97
N PRO CB 47 -16.75 5.58 65.29
CA PRO CB 47 -17.32 4.45 66.02
C PRO CB 47 -18.76 4.70 66.45
N ARG CB 48 -19.59 3.66 66.34
CA ARG CB 48 -20.98 3.76 66.74
C ARG CB 48 -21.33 2.87 67.92
N ALA CB 49 -20.42 2.00 68.35
CA ALA CB 49 -20.60 1.12 69.49
C ALA CB 49 -19.46 1.29 70.47
N PRO CB 50 -19.73 1.16 71.77
CA PRO CB 50 -18.65 1.40 72.76
C PRO CB 50 -17.51 0.41 72.65
N TRP CB 51 -17.80 -0.86 72.34
CA TRP CB 51 -16.77 -1.88 72.37
C TRP CB 51 -15.74 -1.69 71.27
N ILE CB 52 -16.10 -1.05 70.16
CA ILE CB 52 -15.13 -0.81 69.09
C ILE CB 52 -14.24 0.40 69.39
N GLU CB 53 -14.68 1.30 70.26
CA GLU CB 53 -13.92 2.52 70.53
C GLU CB 53 -12.54 2.23 71.12
N GLN CB 54 -12.36 1.08 71.77
CA GLN CB 54 -11.11 0.71 72.39
C GLN CB 54 -10.05 0.25 71.39
N GLU CB 55 -10.21 0.57 70.12
CA GLU CB 55 -9.21 0.22 69.12
C GLU CB 55 -8.14 1.31 69.07
N GLY CB 56 -6.94 0.90 68.71
CA GLY CB 56 -5.82 1.82 68.65
C GLY CB 56 -5.95 2.80 67.50
N PRO CB 57 -5.21 3.90 67.57
CA PRO CB 57 -5.25 4.88 66.47
C PRO CB 57 -4.73 4.32 65.16
N GLU CB 58 -3.96 3.23 65.21
CA GLU CB 58 -3.53 2.58 63.98
C GLU CB 58 -4.70 1.94 63.24
N TYR CB 59 -5.66 1.40 63.99
CA TYR CB 59 -6.81 0.75 63.38
C TYR CB 59 -7.67 1.75 62.61
N TRP CB 60 -8.01 2.87 63.26
CA TRP CB 60 -8.88 3.87 62.64
C TRP CB 60 -8.25 4.47 61.40
N ASP CB 61 -6.93 4.70 61.42
CA ASP CB 61 -6.26 5.24 60.24
C ASP CB 61 -6.36 4.29 59.06
N GLY CB 62 -6.21 2.99 59.31
CA GLY CB 62 -6.35 2.02 58.24
C GLY CB 62 -7.78 1.92 57.72
N GLU CB 63 -8.75 1.87 58.63
CA GLU CB 63 -10.15 1.78 58.22
C GLU CB 63 -10.58 3.03 57.47
N THR CB 64 -10.14 4.21 57.92
CA THR CB 64 -10.46 5.44 57.20
C THR CB 64 -9.85 5.44 55.81
N ARG CB 65 -8.65 4.88 55.66
CA ARG CB 65 -8.01 4.86 54.35
C ARG CB 65 -8.79 4.01 53.36
N LYS CB 66 -9.23 2.82 53.78
CA LYS CB 66 -9.89 1.91 52.85
C LYS CB 66 -11.29 2.38 52.48
N VAL CB 67 -12.04 2.92 53.44
CA VAL CB 67 -13.41 3.32 53.14
C VAL CB 67 -13.41 4.47 52.12
N LYS CB 68 -12.47 5.40 52.27
CA LYS CB 68 -12.34 6.49 51.30
C LYS CB 68 -11.96 5.95 49.93
N ALA CB 69 -11.07 4.96 49.88
CA ALA CB 69 -10.71 4.33 48.61
C ALA CB 69 -11.90 3.63 47.97
N HIS CB 70 -12.71 2.94 48.77
CA HIS CB 70 -13.93 2.33 48.26
C HIS CB 70 -14.93 3.38 47.77
N SER CB 71 -14.99 4.53 48.45
CA SER CB 71 -15.87 5.61 48.01
C SER CB 71 -15.51 6.09 46.61
N GLN CB 72 -14.22 6.23 46.32
CA GLN CB 72 -13.77 6.60 44.98
C GLN CB 72 -14.13 5.53 43.96
N THR CB 73 -14.11 4.26 44.37
CA THR CB 73 -14.49 3.18 43.46
C THR CB 73 -15.92 3.34 42.96
N HIS CB 74 -16.88 3.55 43.89
CA HIS CB 74 -18.27 3.57 43.49
C HIS CB 74 -18.64 4.82 42.70
N ARG CB 75 -17.92 5.93 42.91
CA ARG CB 75 -18.14 7.09 42.06
C ARG CB 75 -17.73 6.81 40.62
N VAL CB 76 -16.64 6.05 40.43
CA VAL CB 76 -16.28 5.60 39.09
C VAL CB 76 -17.30 4.60 38.57
N ASP CB 77 -17.81 3.74 39.46
CA ASP CB 77 -18.81 2.75 39.07
C ASP CB 77 -20.07 3.42 38.54
N LEU CB 78 -20.48 4.53 39.17
CA LEU CB 78 -21.66 5.26 38.71
C LEU CB 78 -21.47 5.78 37.29
N GLY CB 79 -20.30 6.32 36.97
CA GLY CB 79 -20.06 6.76 35.61
C GLY CB 79 -20.00 5.62 34.62
N THR CB 80 -19.35 4.51 35.00
CA THR CB 80 -19.27 3.35 34.11
C THR CB 80 -20.64 2.76 33.84
N LEU CB 81 -21.46 2.62 34.89
CA LEU CB 81 -22.80 2.06 34.72
C LEU CB 81 -23.69 2.97 33.89
N ARG CB 82 -23.54 4.28 34.04
CA ARG CB 82 -24.33 5.21 33.22
C ARG CB 82 -24.02 5.03 31.74
N GLY CB 83 -22.75 4.75 31.41
CA GLY CB 83 -22.41 4.44 30.04
C GLY CB 83 -22.99 3.11 29.58
N TYR CB 84 -23.03 2.13 30.49
CA TYR CB 84 -23.49 0.79 30.12
C TYR CB 84 -24.94 0.82 29.65
N TYR CB 85 -25.80 1.54 30.37
CA TYR CB 85 -27.22 1.59 30.07
C TYR CB 85 -27.60 2.75 29.15
N ASN CB 86 -26.63 3.52 28.66
CA ASN CB 86 -26.87 4.65 27.77
C ASN CB 86 -27.76 5.70 28.45
N GLN CB 87 -27.58 5.87 29.75
CA GLN CB 87 -28.44 6.76 30.52
C GLN CB 87 -27.96 8.20 30.42
N SER CB 88 -28.91 9.13 30.54
CA SER CB 88 -28.58 10.55 30.46
C SER CB 88 -27.82 11.01 31.70
N GLU CB 89 -27.00 12.04 31.51
CA GLU CB 89 -26.22 12.59 32.63
C GLU CB 89 -27.12 13.18 33.70
N ALA CB 90 -28.26 13.74 33.30
CA ALA CB 90 -29.07 14.56 34.20
C ALA CB 90 -29.71 13.75 35.33
N GLY CB 91 -29.79 12.43 35.21
CA GLY CB 91 -30.47 11.63 36.20
C GLY CB 91 -29.60 11.27 37.40
N SER CB 92 -30.26 11.18 38.55
CA SER CB 92 -29.62 10.74 39.79
C SER CB 92 -29.81 9.24 39.97
N HIS CB 93 -28.72 8.52 40.18
CA HIS CB 93 -28.74 7.08 40.25
C HIS CB 93 -28.02 6.62 41.52
N THR CB 94 -28.40 5.44 42.00
CA THR CB 94 -27.89 4.90 43.25
C THR CB 94 -27.15 3.59 42.98
N VAL CB 95 -25.99 3.42 43.63
CA VAL CB 95 -25.27 2.16 43.61
C VAL CB 95 -25.08 1.69 45.03
N GLN CB 96 -25.27 0.40 45.25
CA GLN CB 96 -25.18 -0.19 46.58
C GLN CB 96 -24.38 -1.48 46.51
N ARG CB 97 -23.63 -1.75 47.57
CA ARG CB 97 -22.83 -2.95 47.67
C ARG CB 97 -23.03 -3.57 49.05
N MET CB 98 -23.06 -4.90 49.09
CA MET CB 98 -23.16 -5.62 50.36
C MET CB 98 -22.30 -6.88 50.29
N TYR CB 99 -21.42 -7.03 51.27
CA TYR CB 99 -20.65 -8.24 51.43
C TYR CB 99 -20.62 -8.62 52.91
N GLY CB 100 -20.64 -9.92 53.18
CA GLY CB 100 -20.71 -10.36 54.56
C GLY CB 100 -20.27 -11.80 54.69
N CYS CB 101 -20.15 -12.22 55.94
CA CYS CB 101 -19.66 -13.53 56.31
C CYS CB 101 -20.55 -14.11 57.41
N ASP CB 102 -20.76 -15.41 57.38
CA ASP CB 102 -21.53 -16.10 58.40
C ASP CB 102 -20.69 -17.15 59.09
N VAL CB 103 -20.83 -17.23 60.42
CA VAL CB 103 -20.16 -18.25 61.21
C VAL CB 103 -21.22 -18.96 62.02
N GLY CB 104 -20.97 -20.24 62.32
CA GLY CB 104 -21.90 -21.02 63.10
C GLY CB 104 -21.69 -20.81 64.57
N SER CB 105 -22.38 -21.63 65.36
CA SER CB 105 -22.22 -21.56 66.82
C SER CB 105 -20.79 -21.93 67.22
N ASP CB 106 -20.14 -22.79 66.44
CA ASP CB 106 -18.75 -23.17 66.67
C ASP CB 106 -17.78 -22.04 66.36
N TRP CB 107 -18.26 -20.96 65.73
CA TRP CB 107 -17.52 -19.76 65.34
C TRP CB 107 -16.65 -19.95 64.10
N ARG CB 108 -16.88 -20.97 63.30
CA ARG CB 108 -16.14 -21.17 62.06
C ARG CB 108 -17.02 -20.82 60.85
N PHE CB 109 -16.37 -20.70 59.69
CA PHE CB 109 -17.03 -20.18 58.51
C PHE CB 109 -18.25 -21.00 58.12
N LEU CB 110 -19.30 -20.30 57.70
CA LEU CB 110 -20.56 -20.92 57.28
C LEU CB 110 -20.98 -20.48 55.88
N ARG CB 111 -20.99 -19.17 55.63
CA ARG CB 111 -21.55 -18.64 54.39
C ARG CB 111 -20.91 -17.30 54.07
N GLY CB 112 -21.02 -16.91 52.80
CA GLY CB 112 -20.46 -15.65 52.35
C GLY CB 112 -21.36 -14.97 51.34
N TYR CB 113 -21.27 -13.64 51.28
CA TYR CB 113 -22.09 -12.83 50.39
C TYR CB 113 -21.25 -11.76 49.71
N HIS CB 114 -21.49 -11.58 48.41
CA HIS CB 114 -21.02 -10.41 47.68
C HIS CB 114 -22.07 -10.06 46.64
N GLN CB 115 -22.69 -8.89 46.77
CA GLN CB 115 -23.76 -8.49 45.86
C GLN CB 115 -23.66 -7.01 45.53
N TYR CB 116 -24.13 -6.67 44.33
CA TYR CB 116 -24.06 -5.31 43.80
C TYR CB 116 -25.44 -4.91 43.30
N ALA CB 117 -25.77 -3.62 43.42
CA ALA CB 117 -27.06 -3.14 43.00
C ALA CB 117 -26.96 -1.76 42.35
N TYR CB 118 -27.72 -1.58 41.26
CA TYR CB 118 -27.81 -0.31 40.57
C TYR CB 118 -29.27 0.08 40.40
N ASP CB 119 -29.65 1.23 40.96
CA ASP CB 119 -31.01 1.76 40.82
C ASP CB 119 -32.06 0.80 41.37
N GLY CB 120 -31.72 0.12 42.47
CA GLY CB 120 -32.67 -0.73 43.13
C GLY CB 120 -32.85 -2.12 42.54
N LYS CB 121 -31.99 -2.55 41.63
CA LYS CB 121 -32.06 -3.89 41.06
C LYS CB 121 -30.76 -4.63 41.28
N ASP CB 122 -30.85 -5.96 41.36
CA ASP CB 122 -29.66 -6.79 41.46
C ASP CB 122 -28.82 -6.59 40.19
N TYR CB 123 -27.51 -6.46 40.37
CA TYR CB 123 -26.62 -6.26 39.23
C TYR CB 123 -25.71 -7.49 39.04
N ILE CB 124 -24.73 -7.69 39.91
CA ILE CB 124 -23.89 -8.87 39.86
C ILE CB 124 -23.69 -9.38 41.28
N ALA CB 125 -23.76 -10.71 41.44
CA ALA CB 125 -23.64 -11.30 42.76
C ALA CB 125 -22.75 -12.54 42.70
N LEU CB 126 -22.08 -12.81 43.82
CA LEU CB 126 -21.20 -13.96 43.96
C LEU CB 126 -21.99 -15.14 44.50
N LYS CB 127 -21.84 -16.30 43.88
CA LYS CB 127 -22.57 -17.47 44.32
C LYS CB 127 -22.06 -17.94 45.69
N GLU CB 128 -22.80 -18.88 46.29
CA GLU CB 128 -22.46 -19.31 47.64
C GLU CB 128 -21.17 -20.11 47.69
N ASP CB 129 -20.80 -20.76 46.59
CA ASP CB 129 -19.51 -21.44 46.51
C ASP CB 129 -18.34 -20.47 46.55
N LEU CB 130 -18.58 -19.19 46.27
CA LEU CB 130 -17.59 -18.12 46.27
C LEU CB 130 -16.66 -18.21 45.06
N ARG CB 131 -17.09 -18.92 44.01
CA ARG CB 131 -16.27 -19.12 42.82
C ARG CB 131 -16.98 -18.78 41.51
N SER CB 132 -18.26 -18.41 41.56
CA SER CB 132 -19.02 -18.13 40.34
C SER CB 132 -19.82 -16.85 40.51
N TRP CB 133 -20.21 -16.26 39.39
CA TRP CB 133 -20.94 -15.00 39.36
C TRP CB 133 -22.28 -15.16 38.64
N THR CB 134 -23.27 -14.39 39.10
CA THR CB 134 -24.59 -14.33 38.49
C THR CB 134 -24.81 -12.93 37.95
N ALA CB 135 -25.10 -12.83 36.65
CA ALA CB 135 -25.28 -11.55 35.98
C ALA CB 135 -26.76 -11.36 35.65
N ALA CB 136 -27.31 -10.23 36.07
CA ALA CB 136 -28.74 -9.98 35.90
C ALA CB 136 -29.12 -9.82 34.44
N ASP CB 137 -28.39 -8.98 33.70
CA ASP CB 137 -28.77 -8.65 32.33
C ASP CB 137 -27.50 -8.51 31.48
N MET CB 138 -27.67 -7.99 30.27
CA MET CB 138 -26.55 -7.84 29.35
C MET CB 138 -25.48 -6.91 29.92
N ALA CB 139 -25.88 -5.78 30.49
CA ALA CB 139 -24.91 -4.86 31.06
C ALA CB 139 -24.11 -5.52 32.18
N ALA CB 140 -24.76 -6.37 32.96
CA ALA CB 140 -24.05 -7.09 34.03
C ALA CB 140 -23.07 -8.11 33.46
N GLN CB 141 -23.36 -8.66 32.28
CA GLN CB 141 -22.48 -9.66 31.68
C GLN CB 141 -21.13 -9.06 31.29
N THR CB 142 -21.10 -7.79 30.88
CA THR CB 142 -19.83 -7.16 30.56
C THR CB 142 -18.91 -7.10 31.77
N THR CB 143 -19.45 -6.73 32.94
CA THR CB 143 -18.65 -6.73 34.16
C THR CB 143 -18.28 -8.13 34.61
N LYS CB 144 -19.15 -9.12 34.37
CA LYS CB 144 -18.86 -10.49 34.81
C LYS CB 144 -17.62 -11.04 34.12
N HIS CB 145 -17.51 -10.83 32.80
CA HIS CB 145 -16.38 -11.39 32.06
C HIS CB 145 -15.05 -10.78 32.52
N LYS CB 146 -15.03 -9.47 32.75
CA LYS CB 146 -13.81 -8.84 33.24
C LYS CB 146 -13.42 -9.37 34.60
N TRP CB 147 -14.40 -9.51 35.50
CA TRP CB 147 -14.15 -9.99 36.86
C TRP CB 147 -13.73 -11.46 36.88
N GLU CB 148 -14.26 -12.28 35.96
CA GLU CB 148 -13.85 -13.68 35.88
C GLU CB 148 -12.39 -13.81 35.48
N ALA CB 149 -11.94 -13.04 34.48
CA ALA CB 149 -10.57 -13.14 34.02
C ALA CB 149 -9.59 -12.66 35.08
N ALA CB 150 -9.94 -11.62 35.82
CA ALA CB 150 -9.03 -11.03 36.80
C ALA CB 150 -8.99 -11.79 38.12
N HIS CB 151 -9.73 -12.91 38.22
CA HIS CB 151 -9.77 -13.72 39.44
C HIS CB 151 -10.20 -12.90 40.65
N VAL CB 152 -11.20 -12.03 40.45
CA VAL CB 152 -11.69 -11.21 41.55
C VAL CB 152 -12.35 -12.09 42.59
N ALA CB 153 -13.06 -13.13 42.15
CA ALA CB 153 -13.76 -14.00 43.08
C ALA CB 153 -12.78 -14.67 44.04
N GLU CB 154 -11.61 -15.07 43.54
CA GLU CB 154 -10.63 -15.75 44.39
C GLU CB 154 -10.08 -14.82 45.46
N GLN CB 155 -9.83 -13.54 45.10
CA GLN CB 155 -9.35 -12.60 46.10
C GLN CB 155 -10.44 -12.30 47.12
N LEU CB 156 -11.69 -12.16 46.65
CA LEU CB 156 -12.79 -11.92 47.56
C LEU CB 156 -13.06 -13.15 48.41
N ARG CB 157 -13.00 -14.34 47.82
CA ARG CB 157 -13.23 -15.58 48.54
C ARG CB 157 -12.27 -15.73 49.70
N ALA CB 158 -11.03 -15.26 49.54
CA ALA CB 158 -10.07 -15.29 50.63
C ALA CB 158 -10.50 -14.39 51.78
N TYR CB 159 -11.10 -13.25 51.48
CA TYR CB 159 -11.51 -12.31 52.54
C TYR CB 159 -12.63 -12.90 53.40
N LEU CB 160 -13.69 -13.42 52.76
CA LEU CB 160 -14.82 -13.92 53.53
C LEU CB 160 -14.43 -15.18 54.33
N GLU CB 161 -13.74 -16.11 53.69
CA GLU CB 161 -13.40 -17.36 54.35
C GLU CB 161 -12.35 -17.18 55.43
N GLY CB 162 -11.49 -16.17 55.32
CA GLY CB 162 -10.43 -16.00 56.29
C GLY CB 162 -10.38 -14.69 57.03
N THR CB 163 -10.28 -13.57 56.28
CA THR CB 163 -10.06 -12.28 56.92
C THR CB 163 -11.26 -11.85 57.76
N CYS CB 164 -12.49 -12.02 57.24
CA CYS CB 164 -13.66 -11.64 58.05
C CYS CB 164 -13.77 -12.52 59.29
N VAL CB 165 -13.65 -13.83 59.12
CA VAL CB 165 -13.87 -14.75 60.23
C VAL CB 165 -12.91 -14.42 61.37
N GLU CB 166 -11.66 -14.09 61.04
CA GLU CB 166 -10.71 -13.71 62.07
C GLU CB 166 -11.13 -12.43 62.77
N TRP CB 167 -11.56 -11.42 62.00
CA TRP CB 167 -11.95 -10.16 62.63
C TRP CB 167 -13.33 -10.26 63.28
N LEU CB 168 -14.22 -11.06 62.73
CA LEU CB 168 -15.52 -11.26 63.38
C LEU CB 168 -15.33 -11.91 64.74
N ARG CB 169 -14.47 -12.93 64.84
CA ARG CB 169 -14.17 -13.52 66.13
C ARG CB 169 -13.55 -12.50 67.07
N ARG CB 170 -12.63 -11.67 66.56
CA ARG CB 170 -12.02 -10.63 67.37
C ARG CB 170 -13.05 -9.62 67.88
N TYR CB 171 -13.99 -9.23 67.02
CA TYR CB 171 -15.02 -8.29 67.44
C TYR CB 171 -15.92 -8.88 68.52
N LEU CB 172 -16.28 -10.17 68.38
CA LEU CB 172 -17.16 -10.80 69.36
C LEU CB 172 -16.52 -10.82 70.75
N GLU CB 173 -15.23 -11.16 70.81
CA GLU CB 173 -14.54 -11.22 72.09
C GLU CB 173 -14.37 -9.83 72.71
N ASN CB 174 -14.10 -8.82 71.87
CA ASN CB 174 -13.91 -7.47 72.41
C ASN CB 174 -15.19 -6.91 72.98
N GLY CB 175 -16.34 -7.28 72.41
CA GLY CB 175 -17.63 -6.83 72.92
C GLY CB 175 -18.49 -7.98 73.38
N LYS CB 176 -17.91 -8.87 74.19
CA LYS CB 176 -18.64 -10.04 74.67
C LYS CB 176 -19.87 -9.63 75.47
N GLU CB 177 -19.75 -8.56 76.26
CA GLU CB 177 -20.86 -8.13 77.09
C GLU CB 177 -22.01 -7.55 76.27
N THR CB 178 -21.71 -6.93 75.13
CA THR CB 178 -22.71 -6.19 74.37
C THR CB 178 -23.42 -7.02 73.31
N LEU CB 179 -22.70 -7.90 72.61
CA LEU CB 179 -23.28 -8.64 71.50
C LEU CB 179 -23.34 -10.15 71.67
N GLN CB 180 -22.69 -10.71 72.69
CA GLN CB 180 -22.84 -12.13 73.00
C GLN CB 180 -23.93 -12.37 74.05
N ARG CB 181 -24.58 -11.32 74.50
CA ARG CB 181 -25.71 -11.36 75.41
C ARG CB 181 -26.98 -11.73 74.64
N THR CB 182 -27.94 -12.28 75.36
CA THR CB 182 -29.26 -12.53 74.80
C THR CB 182 -30.31 -11.96 75.75
N ASP CB 183 -31.23 -11.17 75.22
CA ASP CB 183 -32.24 -10.51 76.01
C ASP CB 183 -33.60 -11.12 75.70
N ALA CB 184 -34.23 -11.70 76.72
CA ALA CB 184 -35.53 -12.32 76.52
C ALA CB 184 -36.59 -11.23 76.39
N PRO CB 185 -37.61 -11.46 75.55
CA PRO CB 185 -38.65 -10.44 75.36
C PRO CB 185 -39.46 -10.23 76.62
N LYS CB 186 -40.01 -9.04 76.75
CA LYS CB 186 -40.92 -8.70 77.84
C LYS CB 186 -42.33 -8.72 77.26
N THR CB 187 -43.09 -9.76 77.60
CA THR CB 187 -44.35 -10.06 76.92
C THR CB 187 -45.53 -9.62 77.77
N HIS CB 188 -46.56 -9.12 77.09
CA HIS CB 188 -47.83 -8.78 77.71
C HIS CB 188 -48.89 -8.77 76.62
N MET CB 189 -50.15 -8.74 77.06
CA MET CB 189 -51.28 -8.85 76.14
C MET CB 189 -52.26 -7.72 76.43
N THR CB 190 -52.87 -7.18 75.36
CA THR CB 190 -53.81 -6.09 75.48
C THR CB 190 -55.10 -6.44 74.74
N HIS CB 191 -56.18 -5.78 75.17
CA HIS CB 191 -57.52 -6.02 74.63
C HIS CB 191 -58.09 -4.73 74.06
N HIS CB 192 -58.57 -4.82 72.82
CA HIS CB 192 -59.21 -3.70 72.14
C HIS CB 192 -60.53 -4.18 71.59
N ALA CB 193 -61.59 -3.40 71.81
CA ALA CB 193 -62.94 -3.78 71.39
C ALA CB 193 -63.30 -2.94 70.17
N VAL CB 194 -63.36 -3.58 69.00
CA VAL CB 194 -63.77 -2.87 67.79
C VAL CB 194 -65.25 -2.56 67.85
N SER CB 195 -66.06 -3.55 68.24
CA SER CB 195 -67.50 -3.41 68.26
C SER CB 195 -68.07 -4.36 69.31
N ASP CB 196 -69.40 -4.37 69.41
CA ASP CB 196 -70.08 -5.23 70.36
C ASP CB 196 -69.86 -6.71 70.08
N HIS CB 197 -69.51 -7.09 68.85
CA HIS CB 197 -69.52 -8.50 68.48
C HIS CB 197 -68.14 -9.10 68.28
N GLU CB 198 -67.10 -8.30 68.04
CA GLU CB 198 -65.77 -8.84 67.85
C GLU CB 198 -64.73 -7.90 68.47
N ALA CB 199 -63.68 -8.48 69.02
CA ALA CB 199 -62.63 -7.72 69.69
C ALA CB 199 -61.28 -8.11 69.10
N THR CB 200 -60.30 -7.24 69.31
CA THR CB 200 -58.94 -7.46 68.83
C THR CB 200 -58.01 -7.82 69.99
N LEU CB 201 -57.17 -8.82 69.80
CA LEU CB 201 -56.19 -9.25 70.78
C LEU CB 201 -54.81 -8.89 70.25
N ARG CB 202 -53.96 -8.32 71.12
CA ARG CB 202 -52.64 -7.88 70.74
C ARG CB 202 -51.59 -8.62 71.57
N CYS CB 203 -50.61 -9.20 70.88
CA CYS CB 203 -49.49 -9.89 71.51
C CYS CB 203 -48.25 -9.01 71.37
N TRP CB 204 -47.60 -8.69 72.49
CA TRP CB 204 -46.47 -7.77 72.50
C TRP CB 204 -45.19 -8.49 72.92
N ALA CB 205 -44.11 -8.22 72.18
CA ALA CB 205 -42.77 -8.64 72.55
C ALA CB 205 -41.89 -7.40 72.52
N LEU CB 206 -41.17 -7.15 73.61
CA LEU CB 206 -40.39 -5.91 73.73
C LEU CB 206 -39.06 -6.19 74.39
N SER CB 207 -38.11 -5.28 74.15
CA SER CB 207 -36.80 -5.28 74.81
C SER CB 207 -36.08 -6.62 74.66
N PHE CB 208 -35.94 -7.08 73.41
CA PHE CB 208 -35.24 -8.32 73.15
C PHE CB 208 -34.16 -8.14 72.09
N TYR CB 209 -33.08 -8.90 72.25
CA TYR CB 209 -31.96 -8.95 71.32
C TYR CB 209 -31.46 -10.39 71.29
N PRO CB 210 -31.17 -10.94 70.10
CA PRO CB 210 -31.17 -10.35 68.75
C PRO CB 210 -32.56 -10.05 68.19
N ALA CB 211 -32.59 -9.44 67.00
CA ALA CB 211 -33.86 -9.01 66.41
C ALA CB 211 -34.75 -10.18 65.99
N GLU CB 212 -34.16 -11.29 65.55
CA GLU CB 212 -34.97 -12.37 65.00
C GLU CB 212 -35.84 -13.00 66.10
N ILE CB 213 -37.14 -13.13 65.80
CA ILE CB 213 -38.11 -13.72 66.72
C ILE CB 213 -39.26 -14.27 65.90
N THR CB 214 -39.99 -15.23 66.48
CA THR CB 214 -41.16 -15.83 65.85
C THR CB 214 -42.36 -15.67 66.76
N LEU CB 215 -43.45 -15.14 66.20
CA LEU CB 215 -44.71 -14.93 66.90
C LEU CB 215 -45.81 -15.68 66.15
N THR CB 216 -46.54 -16.53 66.85
CA THR CB 216 -47.57 -17.36 66.24
C THR CB 216 -48.86 -17.27 67.03
N TRP CB 217 -49.98 -17.33 66.31
CA TRP CB 217 -51.31 -17.29 66.90
C TRP CB 217 -51.94 -18.66 66.76
N GLN CB 218 -52.46 -19.20 67.85
CA GLN CB 218 -53.12 -20.50 67.82
C GLN CB 218 -54.49 -20.40 68.48
N ARG CB 219 -55.50 -20.97 67.82
CA ARG CB 219 -56.86 -21.07 68.35
C ARG CB 219 -57.16 -22.52 68.67
N ASP CB 220 -57.30 -22.83 69.97
CA ASP CB 220 -57.62 -24.18 70.43
C ASP CB 220 -56.50 -25.16 70.10
N GLY CB 221 -55.28 -24.66 69.98
CA GLY CB 221 -54.18 -25.51 69.58
C GLY CB 221 -54.06 -25.69 68.08
N GLU CB 222 -54.62 -24.77 67.30
CA GLU CB 222 -54.57 -24.81 65.84
C GLU CB 222 -53.93 -23.53 65.35
N ASP CB 223 -52.95 -23.65 64.46
CA ASP CB 223 -52.25 -22.48 63.95
C ASP CB 223 -53.24 -21.55 63.25
N GLN CB 224 -53.28 -20.28 63.68
CA GLN CB 224 -54.21 -19.30 63.16
C GLN CB 224 -53.46 -18.25 62.34
N THR CB 225 -53.83 -18.11 61.08
CA THR CB 225 -53.19 -17.19 60.16
C THR CB 225 -54.25 -16.55 59.27
N GLN CB 226 -53.82 -15.57 58.47
CA GLN CB 226 -54.65 -14.87 57.50
C GLN CB 226 -55.74 -14.02 58.16
N ASP CB 227 -56.13 -14.35 59.38
CA ASP CB 227 -56.98 -13.50 60.19
C ASP CB 227 -56.18 -12.66 61.18
N THR CB 228 -54.86 -12.66 61.06
CA THR CB 228 -53.95 -11.98 61.97
C THR CB 228 -53.21 -10.86 61.25
N GLU CB 229 -52.75 -9.90 62.05
CA GLU CB 229 -51.92 -8.79 61.59
C GLU CB 229 -50.52 -8.88 62.20
N LEU CB 230 -49.50 -8.68 61.38
CA LEU CB 230 -48.12 -8.78 61.82
C LEU CB 230 -47.31 -7.58 61.31
N VAL CB 231 -46.66 -6.88 62.24
CA VAL CB 231 -45.85 -5.70 61.94
C VAL CB 231 -44.39 -6.09 61.83
N GLU CB 232 -43.66 -5.30 61.04
CA GLU CB 232 -42.22 -5.46 60.92
C GLU CB 232 -41.53 -5.20 62.26
N THR CB 233 -40.47 -5.95 62.53
CA THR CB 233 -39.74 -5.78 63.78
C THR CB 233 -39.17 -4.37 63.86
N ARG CB 234 -39.29 -3.76 65.04
CA ARG CB 234 -38.92 -2.36 65.17
C ARG CB 234 -37.77 -2.20 66.15
N PRO CB 235 -36.89 -1.23 65.94
CA PRO CB 235 -35.85 -0.95 66.92
C PRO CB 235 -36.38 0.01 67.99
N ALA CB 236 -36.13 -0.32 69.26
CA ALA CB 236 -36.58 0.54 70.34
C ALA CB 236 -35.75 1.82 70.45
N GLY CB 237 -34.51 1.79 69.99
CA GLY CB 237 -33.63 2.93 70.10
C GLY CB 237 -32.58 2.81 71.20
N ASP CB 238 -32.62 1.76 72.00
CA ASP CB 238 -31.63 1.52 73.04
C ASP CB 238 -30.84 0.23 72.82
N GLY CB 239 -30.84 -0.26 71.58
CA GLY CB 239 -30.20 -1.53 71.26
C GLY CB 239 -31.10 -2.74 71.40
N THR CB 240 -32.38 -2.54 71.69
CA THR CB 240 -33.36 -3.60 71.80
C THR CB 240 -34.41 -3.40 70.71
N PHE CB 241 -35.16 -4.47 70.43
CA PHE CB 241 -36.14 -4.47 69.35
C PHE CB 241 -37.53 -4.76 69.91
N GLN CB 242 -38.54 -4.48 69.08
CA GLN CB 242 -39.94 -4.64 69.44
C GLN CB 242 -40.70 -5.23 68.26
N LYS CB 243 -41.75 -6.00 68.57
CA LYS CB 243 -42.61 -6.62 67.58
C LYS CB 243 -43.93 -6.97 68.25
N TRP CB 244 -45.01 -6.97 67.47
CA TRP CB 244 -46.29 -7.36 68.02
C TRP CB 244 -47.14 -8.04 66.95
N ALA CB 245 -48.05 -8.89 67.42
CA ALA CB 245 -48.97 -9.63 66.56
C ALA CB 245 -50.39 -9.47 67.10
N ALA CB 246 -51.36 -9.35 66.20
CA ALA CB 246 -52.75 -9.14 66.57
C ALA CB 246 -53.67 -10.09 65.81
N VAL CB 247 -54.78 -10.45 66.45
CA VAL CB 247 -55.79 -11.33 65.84
C VAL CB 247 -57.16 -10.82 66.23
N VAL CB 248 -58.11 -10.93 65.31
CA VAL CB 248 -59.50 -10.53 65.54
C VAL CB 248 -60.28 -11.73 66.04
N VAL CB 249 -60.95 -11.57 67.18
CA VAL CB 249 -61.66 -12.67 67.84
C VAL CB 249 -63.10 -12.26 68.12
N PRO CB 250 -64.06 -13.16 67.90
CA PRO CB 250 -65.45 -12.88 68.29
C PRO CB 250 -65.60 -12.86 69.80
N SER CB 251 -66.53 -12.03 70.27
CA SER CB 251 -66.70 -11.84 71.71
C SER CB 251 -67.04 -13.16 72.39
N GLY CB 252 -66.48 -13.35 73.59
CA GLY CB 252 -66.69 -14.55 74.36
C GLY CB 252 -65.80 -15.71 73.99
N GLN CB 253 -65.01 -15.58 72.92
CA GLN CB 253 -64.08 -16.61 72.46
C GLN CB 253 -62.62 -16.22 72.68
N GLU CB 254 -62.35 -15.19 73.49
CA GLU CB 254 -60.98 -14.75 73.71
C GLU CB 254 -60.12 -15.86 74.31
N GLN CB 255 -60.69 -16.66 75.21
CA GLN CB 255 -59.91 -17.69 75.90
C GLN CB 255 -59.49 -18.84 74.98
N ARG CB 256 -60.03 -18.92 73.76
CA ARG CB 256 -59.64 -19.99 72.85
C ARG CB 256 -58.24 -19.75 72.27
N TYR CB 257 -57.85 -18.49 72.11
CA TYR CB 257 -56.64 -18.14 71.37
C TYR CB 257 -55.43 -18.08 72.29
N THR CB 258 -54.28 -18.41 71.72
CA THR CB 258 -53.01 -18.45 72.44
C THR CB 258 -51.90 -17.85 71.57
N CYS CB 259 -51.01 -17.12 72.21
CA CYS CB 259 -49.86 -16.53 71.55
C CYS CB 259 -48.61 -17.30 71.94
N HIS CB 260 -47.81 -17.69 70.95
CA HIS CB 260 -46.61 -18.49 71.16
C HIS CB 260 -45.39 -17.71 70.70
N VAL CB 261 -44.41 -17.56 71.59
CA VAL CB 261 -43.20 -16.79 71.33
C VAL CB 261 -42.01 -17.74 71.32
N GLN CB 262 -41.16 -17.61 70.30
CA GLN CB 262 -39.91 -18.35 70.21
C GLN CB 262 -38.77 -17.36 70.05
N HIS CB 263 -37.87 -17.31 71.04
CA HIS CB 263 -36.71 -16.44 70.95
C HIS CB 263 -35.54 -17.13 71.63
N GLU CB 264 -34.33 -16.75 71.23
CA GLU CB 264 -33.12 -17.34 71.82
C GLU CB 264 -33.01 -16.99 73.30
N GLY CB 265 -33.51 -15.82 73.70
CA GLY CB 265 -33.48 -15.41 75.08
C GLY CB 265 -34.37 -16.23 75.99
N LEU CB 266 -35.35 -16.92 75.41
CA LEU CB 266 -36.30 -17.73 76.18
C LEU CB 266 -35.84 -19.16 76.16
N PRO CB 267 -35.59 -19.78 77.32
CA PRO CB 267 -35.25 -21.21 77.31
C PRO CB 267 -36.38 -22.10 76.85
N LYS CB 268 -37.63 -21.71 77.11
CA LYS CB 268 -38.81 -22.42 76.69
C LYS CB 268 -39.71 -21.49 75.88
N PRO CB 269 -40.34 -21.98 74.80
CA PRO CB 269 -41.27 -21.13 74.07
C PRO CB 269 -42.44 -20.72 74.96
N LEU CB 270 -42.66 -19.41 75.05
CA LEU CB 270 -43.68 -18.87 75.93
C LEU CB 270 -45.07 -18.97 75.30
N THR CB 271 -46.07 -19.17 76.17
CA THR CB 271 -47.47 -19.20 75.77
C THR CB 271 -48.23 -18.15 76.55
N LEU CB 272 -49.03 -17.36 75.83
CA LEU CB 272 -49.81 -16.27 76.43
C LEU CB 272 -51.28 -16.49 76.13
N ARG CB 273 -52.10 -16.53 77.17
CA ARG CB 273 -53.54 -16.71 77.03
C ARG CB 273 -54.25 -15.58 77.76
N TRP CB 274 -55.38 -15.14 77.20
CA TRP CB 274 -56.11 -13.99 77.73
C TRP CB 274 -57.13 -14.50 78.74
N GLU CB 275 -56.91 -14.20 80.02
CA GLU CB 275 -57.79 -14.69 81.08
C GLU CB 275 -57.74 -13.81 82.31
N MET DB 1 -35.57 2.12 36.64
CA MET DB 1 -35.50 2.36 38.08
C MET DB 1 -36.67 1.71 38.81
N ILE DB 2 -36.36 1.04 39.92
CA ILE DB 2 -37.38 0.48 40.80
C ILE DB 2 -37.56 1.44 41.98
N GLN DB 3 -38.81 1.66 42.36
CA GLN DB 3 -39.17 2.54 43.48
C GLN DB 3 -40.08 1.78 44.42
N ARG DB 4 -39.80 1.86 45.70
CA ARG DB 4 -40.60 1.21 46.73
C ARG DB 4 -41.09 2.27 47.71
N THR DB 5 -42.38 2.23 48.03
CA THR DB 5 -42.97 3.23 48.93
C THR DB 5 -42.69 2.86 50.38
N PRO DB 6 -42.41 3.84 51.24
CA PRO DB 6 -41.96 3.52 52.60
C PRO DB 6 -43.07 3.03 53.51
N LYS DB 7 -42.69 2.19 54.46
CA LYS DB 7 -43.55 1.73 55.54
C LYS DB 7 -43.22 2.51 56.81
N ILE DB 8 -44.25 2.98 57.50
CA ILE DB 8 -44.09 3.88 58.64
C ILE DB 8 -44.63 3.17 59.88
N GLN DB 9 -43.83 3.19 60.95
CA GLN DB 9 -44.23 2.67 62.26
C GLN DB 9 -43.88 3.71 63.30
N VAL DB 10 -44.90 4.31 63.92
CA VAL DB 10 -44.72 5.30 64.97
C VAL DB 10 -45.05 4.65 66.31
N TYR DB 11 -44.14 4.76 67.26
CA TYR DB 11 -44.26 4.09 68.55
C TYR DB 11 -43.38 4.82 69.56
N SER DB 12 -43.18 4.19 70.71
CA SER DB 12 -42.36 4.75 71.78
C SER DB 12 -41.29 3.75 72.19
N ARG DB 13 -40.17 4.27 72.70
CA ARG DB 13 -39.08 3.40 73.14
C ARG DB 13 -39.52 2.53 74.31
N HIS DB 14 -40.33 3.08 75.20
CA HIS DB 14 -40.79 2.40 76.40
C HIS DB 14 -42.32 2.42 76.43
N PRO DB 15 -42.94 1.58 77.26
CA PRO DB 15 -44.40 1.65 77.39
C PRO DB 15 -44.85 3.04 77.85
N ALA DB 16 -45.85 3.56 77.14
CA ALA DB 16 -46.26 4.96 77.28
C ALA DB 16 -46.94 5.21 78.62
N GLU DB 17 -46.18 5.70 79.59
CA GLU DB 17 -46.74 6.18 80.84
C GLU DB 17 -46.91 7.69 80.75
N ASN DB 18 -48.10 8.17 81.10
CA ASN DB 18 -48.38 9.59 80.95
C ASN DB 18 -47.64 10.41 82.00
N GLY DB 19 -47.08 11.53 81.56
CA GLY DB 19 -46.34 12.42 82.44
C GLY DB 19 -44.95 11.95 82.80
N LYS DB 20 -44.35 11.07 82.01
CA LYS DB 20 -43.01 10.57 82.28
C LYS DB 20 -42.16 10.65 81.01
N SER DB 21 -40.84 10.67 81.21
CA SER DB 21 -39.91 10.84 80.09
C SER DB 21 -39.86 9.56 79.25
N ASN DB 22 -39.92 9.75 77.93
CA ASN DB 22 -39.89 8.64 76.98
C ASN DB 22 -39.27 9.13 75.68
N PHE DB 23 -39.08 8.20 74.74
CA PHE DB 23 -38.56 8.53 73.42
C PHE DB 23 -39.62 8.17 72.39
N LEU DB 24 -39.84 9.08 71.44
CA LEU DB 24 -40.77 8.87 70.34
C LEU DB 24 -39.99 8.41 69.12
N ASN DB 25 -40.45 7.35 68.47
CA ASN DB 25 -39.75 6.75 67.36
C ASN DB 25 -40.59 6.75 66.10
N CYS DB 26 -39.95 7.02 64.98
CA CYS DB 26 -40.52 6.84 63.65
C CYS DB 26 -39.59 5.91 62.89
N TYR DB 27 -40.13 4.78 62.43
CA TYR DB 27 -39.34 3.78 61.72
C TYR DB 27 -39.84 3.67 60.29
N VAL DB 28 -39.06 4.18 59.36
CA VAL DB 28 -39.37 4.11 57.93
C VAL DB 28 -38.51 3.02 57.32
N SER DB 29 -39.14 2.15 56.52
CA SER DB 29 -38.47 1.02 55.92
C SER DB 29 -39.18 0.68 54.62
N GLY DB 30 -38.58 -0.24 53.87
CA GLY DB 30 -39.17 -0.65 52.60
C GLY DB 30 -39.32 0.46 51.60
N PHE DB 31 -38.33 1.35 51.50
CA PHE DB 31 -38.40 2.45 50.55
C PHE DB 31 -37.13 2.56 49.70
N HIS DB 32 -37.33 3.06 48.48
CA HIS DB 32 -36.25 3.35 47.54
C HIS DB 32 -36.72 4.48 46.62
N PRO DB 33 -35.83 5.45 46.29
CA PRO DB 33 -34.43 5.66 46.63
C PRO DB 33 -34.19 6.26 48.01
N SER DB 34 -32.95 6.68 48.27
CA SER DB 34 -32.56 7.08 49.62
C SER DB 34 -33.16 8.42 50.03
N ASP DB 35 -33.45 9.31 49.09
CA ASP DB 35 -33.93 10.65 49.46
C ASP DB 35 -35.31 10.53 50.09
N ILE DB 36 -35.41 10.94 51.35
CA ILE DB 36 -36.66 10.86 52.09
C ILE DB 36 -36.68 12.00 53.10
N GLU DB 37 -37.88 12.50 53.38
CA GLU DB 37 -38.07 13.56 54.37
C GLU DB 37 -38.98 13.06 55.47
N VAL DB 38 -38.48 13.06 56.71
CA VAL DB 38 -39.21 12.55 57.86
C VAL DB 38 -39.16 13.59 58.96
N ASP DB 39 -40.33 13.98 59.45
CA ASP DB 39 -40.44 14.96 60.52
C ASP DB 39 -41.33 14.40 61.63
N LEU DB 40 -41.00 14.75 62.88
CA LEU DB 40 -41.82 14.41 64.02
C LEU DB 40 -42.58 15.65 64.48
N LEU DB 41 -43.89 15.52 64.63
CA LEU DB 41 -44.77 16.64 64.94
C LEU DB 41 -45.47 16.43 66.26
N LYS DB 42 -45.64 17.52 67.01
CA LYS DB 42 -46.42 17.53 68.25
C LYS DB 42 -47.54 18.55 68.06
N ASN DB 43 -48.77 18.04 67.92
CA ASN DB 43 -49.95 18.86 67.67
C ASN DB 43 -49.84 19.63 66.35
N GLY DB 44 -49.14 19.06 65.38
CA GLY DB 44 -48.95 19.68 64.08
C GLY DB 44 -47.76 20.62 64.01
N GLU DB 45 -47.00 20.76 65.09
CA GLU DB 45 -45.85 21.65 65.13
C GLU DB 45 -44.57 20.83 65.11
N ARG DB 46 -43.60 21.29 64.33
CA ARG DB 46 -42.34 20.58 64.16
C ARG DB 46 -41.50 20.62 65.43
N ILE DB 47 -40.90 19.48 65.77
CA ILE DB 47 -40.03 19.35 66.94
C ILE DB 47 -38.62 19.70 66.50
N GLU DB 48 -37.92 20.51 67.30
CA GLU DB 48 -36.66 21.06 66.84
C GLU DB 48 -35.54 20.03 66.84
N LYS DB 49 -35.36 19.29 67.93
CA LYS DB 49 -34.23 18.35 68.04
C LYS DB 49 -34.73 16.95 67.72
N VAL DB 50 -34.42 16.47 66.52
CA VAL DB 50 -34.76 15.12 66.09
C VAL DB 50 -33.53 14.48 65.47
N GLU DB 51 -33.06 13.39 66.06
CA GLU DB 51 -31.94 12.62 65.54
C GLU DB 51 -32.44 11.45 64.70
N HIS DB 52 -31.53 10.84 63.95
CA HIS DB 52 -31.86 9.70 63.11
C HIS DB 52 -30.64 8.80 63.01
N SER DB 53 -30.86 7.57 62.56
CA SER DB 53 -29.79 6.60 62.44
C SER DB 53 -29.05 6.75 61.12
N ASP DB 54 -27.98 5.98 60.98
CA ASP DB 54 -27.15 5.99 59.78
C ASP DB 54 -27.78 5.12 58.69
N LEU DB 55 -27.73 5.62 57.45
CA LEU DB 55 -28.38 4.95 56.32
C LEU DB 55 -27.85 3.54 56.11
N SER DB 56 -28.77 2.59 56.08
CA SER DB 56 -28.47 1.18 55.83
C SER DB 56 -29.58 0.65 54.93
N PHE DB 57 -29.47 -0.61 54.53
CA PHE DB 57 -30.49 -1.17 53.65
C PHE DB 57 -30.67 -2.64 53.97
N SER DB 58 -31.82 -3.18 53.54
CA SER DB 58 -32.19 -4.55 53.84
C SER DB 58 -31.74 -5.48 52.71
N LYS DB 59 -32.13 -6.76 52.83
CA LYS DB 59 -31.70 -7.77 51.86
C LYS DB 59 -32.23 -7.47 50.47
N ASP DB 60 -33.39 -6.84 50.37
CA ASP DB 60 -34.01 -6.50 49.10
C ASP DB 60 -33.55 -5.14 48.56
N TRP DB 61 -32.47 -4.58 49.11
CA TRP DB 61 -31.86 -3.32 48.72
C TRP DB 61 -32.66 -2.11 49.18
N SER DB 62 -33.71 -2.34 49.97
CA SER DB 62 -34.53 -1.24 50.47
C SER DB 62 -33.90 -0.56 51.66
N PHE DB 63 -34.11 0.76 51.75
CA PHE DB 63 -33.47 1.57 52.78
C PHE DB 63 -34.35 1.62 54.02
N TYR DB 64 -33.71 1.75 55.18
CA TYR DB 64 -34.44 1.89 56.45
C TYR DB 64 -33.75 2.89 57.37
N LEU DB 65 -34.56 3.70 58.05
CA LEU DB 65 -34.10 4.75 58.97
C LEU DB 65 -35.01 4.80 60.20
N LEU DB 66 -34.42 5.23 61.33
CA LEU DB 66 -35.13 5.39 62.58
C LEU DB 66 -34.93 6.82 63.09
N TYR DB 67 -36.01 7.59 63.18
CA TYR DB 67 -35.99 8.95 63.70
C TYR DB 67 -36.52 8.95 65.12
N TYR DB 68 -35.83 9.65 66.02
CA TYR DB 68 -36.21 9.63 67.43
C TYR DB 68 -35.92 10.96 68.10
N THR DB 69 -36.68 11.23 69.15
CA THR DB 69 -36.49 12.39 70.01
C THR DB 69 -37.07 12.07 71.40
N GLU DB 70 -36.62 12.81 72.40
CA GLU DB 70 -37.16 12.65 73.74
C GLU DB 70 -38.47 13.40 73.87
N PHE DB 71 -39.43 12.81 74.59
CA PHE DB 71 -40.73 13.46 74.77
C PHE DB 71 -41.38 12.91 76.03
N THR DB 72 -42.39 13.64 76.49
CA THR DB 72 -43.22 13.22 77.61
C THR DB 72 -44.66 13.01 77.15
N PRO DB 73 -45.21 11.80 77.18
CA PRO DB 73 -46.57 11.62 76.68
C PRO DB 73 -47.57 12.24 77.64
N THR DB 74 -48.58 12.89 77.07
CA THR DB 74 -49.61 13.56 77.86
C THR DB 74 -51.00 13.26 77.28
N GLU DB 75 -52.00 13.16 78.17
CA GLU DB 75 -53.36 12.89 77.70
C GLU DB 75 -53.81 13.94 76.70
N LYS DB 76 -53.38 15.19 76.92
CA LYS DB 76 -53.79 16.33 76.10
C LYS DB 76 -53.12 16.35 74.74
N ASP DB 77 -51.87 15.88 74.64
CA ASP DB 77 -51.05 16.12 73.47
C ASP DB 77 -51.20 15.01 72.44
N GLU DB 78 -51.00 15.38 71.17
CA GLU DB 78 -50.99 14.46 70.05
C GLU DB 78 -49.63 14.50 69.38
N TYR DB 79 -49.17 13.35 68.90
CA TYR DB 79 -47.89 13.22 68.24
C TYR DB 79 -48.10 12.45 66.95
N ALA DB 80 -47.22 12.69 65.98
CA ALA DB 80 -47.36 12.07 64.67
C ALA DB 80 -46.02 12.13 63.96
N CYS DB 81 -45.97 11.42 62.82
CA CYS DB 81 -44.81 11.41 61.93
C CYS DB 81 -45.24 11.84 60.53
N ARG DB 82 -44.47 12.76 59.96
CA ARG DB 82 -44.71 13.24 58.60
C ARG DB 82 -43.56 12.75 57.74
N VAL DB 83 -43.88 11.92 56.74
CA VAL DB 83 -42.89 11.32 55.85
C VAL DB 83 -43.26 11.73 54.43
N ASN DB 84 -42.31 12.35 53.73
CA ASN DB 84 -42.49 12.72 52.34
C ASN DB 84 -41.48 11.97 51.48
N HIS DB 85 -41.94 11.47 50.34
CA HIS DB 85 -41.10 10.67 49.47
C HIS DB 85 -41.56 10.89 48.03
N VAL DB 86 -40.68 10.56 47.08
CA VAL DB 86 -41.02 10.74 45.67
C VAL DB 86 -42.18 9.84 45.28
N THR DB 87 -42.27 8.65 45.88
CA THR DB 87 -43.36 7.72 45.59
C THR DB 87 -44.68 8.21 46.15
N LEU DB 88 -44.66 9.15 47.09
CA LEU DB 88 -45.87 9.62 47.73
C LEU DB 88 -46.40 10.84 46.98
N SER DB 89 -47.67 10.77 46.55
CA SER DB 89 -48.28 11.91 45.87
C SER DB 89 -48.38 13.11 46.79
N GLN DB 90 -48.68 12.88 48.06
CA GLN DB 90 -48.79 13.89 49.09
C GLN DB 90 -48.07 13.39 50.33
N PRO DB 91 -47.57 14.29 51.18
CA PRO DB 91 -46.89 13.84 52.41
C PRO DB 91 -47.82 13.03 53.28
N LYS DB 92 -47.37 11.83 53.65
CA LYS DB 92 -48.17 10.92 54.46
C LYS DB 92 -47.90 11.16 55.94
N ILE DB 93 -48.98 11.32 56.70
CA ILE DB 93 -48.89 11.54 58.14
C ILE DB 93 -49.48 10.32 58.85
N VAL DB 94 -48.77 9.82 59.84
CA VAL DB 94 -49.21 8.70 60.66
C VAL DB 94 -49.19 9.16 62.11
N LYS DB 95 -50.35 9.09 62.76
CA LYS DB 95 -50.47 9.55 64.14
C LYS DB 95 -49.97 8.47 65.10
N TRP DB 96 -49.55 8.91 66.28
CA TRP DB 96 -48.99 7.99 67.26
C TRP DB 96 -50.12 7.35 68.06
N ASP DB 97 -50.14 6.03 68.07
CA ASP DB 97 -51.06 5.27 68.91
C ASP DB 97 -50.25 4.53 69.95
N ARG DB 98 -50.50 4.83 71.23
CA ARG DB 98 -49.75 4.20 72.31
C ARG DB 98 -50.08 2.71 72.44
N ASP DB 99 -51.18 2.27 71.83
CA ASP DB 99 -51.59 0.88 71.82
C ASP DB 99 -51.02 0.11 70.63
N MET DB 100 -50.20 0.76 69.81
CA MET DB 100 -49.59 0.11 68.66
C MET DB 100 -48.10 0.45 68.58
N GLY EB 1 29.85 -13.54 86.35
CA GLY EB 1 30.35 -13.08 87.63
C GLY EB 1 29.33 -13.19 88.76
N SER EB 2 29.27 -12.15 89.58
CA SER EB 2 28.33 -12.10 90.70
C SER EB 2 27.00 -11.51 90.25
N HIS EB 3 25.91 -12.12 90.70
CA HIS EB 3 24.57 -11.69 90.34
C HIS EB 3 23.77 -11.30 91.58
N SER EB 4 22.73 -10.49 91.36
CA SER EB 4 21.88 -10.01 92.44
C SER EB 4 20.46 -9.84 91.92
N MET EB 5 19.49 -9.95 92.82
CA MET EB 5 18.10 -9.63 92.51
C MET EB 5 17.58 -8.61 93.53
N ARG EB 6 16.98 -7.53 93.05
CA ARG EB 6 16.54 -6.44 93.90
C ARG EB 6 15.13 -5.99 93.53
N TYR EB 7 14.37 -5.62 94.55
CA TYR EB 7 13.03 -5.05 94.41
C TYR EB 7 13.05 -3.66 95.03
N PHE EB 8 12.51 -2.69 94.29
CA PHE EB 8 12.47 -1.31 94.74
C PHE EB 8 11.00 -0.89 94.85
N PHE EB 9 10.61 -0.42 96.03
CA PHE EB 9 9.25 0.00 96.29
C PHE EB 9 9.26 1.47 96.66
N THR EB 10 8.37 2.24 96.04
CA THR EB 10 8.20 3.65 96.35
C THR EB 10 6.72 3.93 96.52
N SER EB 11 6.36 4.53 97.65
CA SER EB 11 4.99 4.93 97.92
C SER EB 11 4.99 6.38 98.35
N VAL EB 12 4.27 7.22 97.62
CA VAL EB 12 4.20 8.65 97.89
C VAL EB 12 2.75 9.01 98.16
N SER EB 13 2.52 9.76 99.24
CA SER EB 13 1.17 10.10 99.65
C SER EB 13 0.77 11.44 99.03
N ARG EB 14 -0.39 11.47 98.40
CA ARG EB 14 -0.96 12.69 97.85
C ARG EB 14 -2.14 13.12 98.72
N PRO EB 15 -1.99 14.16 99.55
CA PRO EB 15 -3.05 14.50 100.51
C PRO EB 15 -4.23 15.16 99.80
N GLY EB 16 -5.39 14.50 99.87
CA GLY EB 16 -6.62 15.07 99.35
C GLY EB 16 -7.06 14.53 98.01
N ARG EB 17 -6.15 14.51 97.04
CA ARG EB 17 -6.47 14.13 95.67
C ARG EB 17 -6.55 12.62 95.46
N GLY EB 18 -6.72 11.82 96.51
CA GLY EB 18 -6.83 10.38 96.35
C GLY EB 18 -5.98 9.51 97.27
N GLU EB 19 -5.65 8.31 96.79
CA GLU EB 19 -4.89 7.35 97.56
C GLU EB 19 -3.40 7.57 97.30
N PRO EB 20 -2.51 6.89 98.02
CA PRO EB 20 -1.08 7.09 97.75
C PRO EB 20 -0.64 6.34 96.51
N ARG EB 21 0.29 6.98 95.79
CA ARG EB 21 0.86 6.39 94.59
C ARG EB 21 1.89 5.35 94.97
N PHE EB 22 1.80 4.17 94.35
CA PHE EB 22 2.70 3.07 94.66
C PHE EB 22 3.32 2.57 93.36
N ILE EB 23 4.65 2.56 93.31
CA ILE EB 23 5.41 2.06 92.18
C ILE EB 23 6.31 0.95 92.68
N ALA EB 24 6.32 -0.17 91.96
CA ALA EB 24 7.16 -1.31 92.29
C ALA EB 24 7.92 -1.72 91.04
N VAL EB 25 9.22 -1.94 91.18
CA VAL EB 25 10.06 -2.38 90.06
C VAL EB 25 10.98 -3.48 90.55
N GLY EB 26 11.25 -4.44 89.67
CA GLY EB 26 12.14 -5.54 90.01
C GLY EB 26 13.31 -5.65 89.07
N TYR EB 27 14.50 -5.83 89.65
CA TYR EB 27 15.73 -5.93 88.88
C TYR EB 27 16.46 -7.23 89.20
N VAL EB 28 17.01 -7.84 88.16
CA VAL EB 28 18.01 -8.89 88.28
C VAL EB 28 19.27 -8.35 87.62
N ASP EB 29 20.33 -8.18 88.40
CA ASP EB 29 21.56 -7.51 87.96
C ASP EB 29 21.17 -6.09 87.56
N ASP EB 30 21.40 -5.66 86.32
CA ASP EB 30 21.00 -4.33 85.89
C ASP EB 30 19.83 -4.34 84.92
N THR EB 31 19.09 -5.45 84.85
CA THR EB 31 17.96 -5.58 83.95
C THR EB 31 16.66 -5.59 84.76
N GLN EB 32 15.71 -4.75 84.34
CA GLN EB 32 14.40 -4.69 84.97
C GLN EB 32 13.45 -5.63 84.26
N PHE EB 33 12.77 -6.49 85.03
CA PHE EB 33 11.89 -7.50 84.45
C PHE EB 33 10.43 -7.42 84.88
N VAL EB 34 10.09 -6.69 85.96
CA VAL EB 34 8.71 -6.57 86.41
C VAL EB 34 8.47 -5.16 86.93
N ARG EB 35 7.22 -4.72 86.84
CA ARG EB 35 6.82 -3.41 87.33
C ARG EB 35 5.35 -3.44 87.71
N PHE EB 36 4.97 -2.54 88.62
CA PHE EB 36 3.58 -2.35 89.00
C PHE EB 36 3.32 -0.87 89.26
N ASP EB 37 2.24 -0.34 88.72
CA ASP EB 37 1.84 1.05 88.89
C ASP EB 37 0.42 1.10 89.45
N SER EB 38 0.23 1.89 90.50
CA SER EB 38 -1.09 2.03 91.11
C SER EB 38 -2.06 2.74 90.19
N ASP EB 39 -1.55 3.58 89.28
CA ASP EB 39 -2.38 4.29 88.32
C ASP EB 39 -2.43 3.59 86.97
N ALA EB 40 -1.90 2.37 86.88
CA ALA EB 40 -1.95 1.60 85.64
C ALA EB 40 -3.32 0.97 85.46
N ALA EB 41 -3.78 0.94 84.20
CA ALA EB 41 -5.08 0.37 83.91
C ALA EB 41 -5.11 -1.13 84.19
N SER EB 42 -3.99 -1.83 83.96
CA SER EB 42 -3.97 -3.27 84.16
C SER EB 42 -4.21 -3.61 85.63
N GLN EB 43 -3.64 -2.82 86.54
CA GLN EB 43 -3.70 -3.08 87.98
C GLN EB 43 -3.11 -4.45 88.32
N ARG EB 44 -2.11 -4.86 87.54
CA ARG EB 44 -1.48 -6.15 87.70
C ARG EB 44 0.03 -5.97 87.60
N MET EB 45 0.77 -6.97 88.07
CA MET EB 45 2.21 -6.97 87.89
C MET EB 45 2.53 -7.25 86.43
N GLU EB 46 3.15 -6.29 85.76
CA GLU EB 46 3.38 -6.47 84.33
C GLU EB 46 4.83 -6.84 84.06
N PRO EB 47 5.08 -7.59 82.98
CA PRO EB 47 6.46 -7.94 82.63
C PRO EB 47 7.13 -6.89 81.77
N ARG EB 48 8.42 -6.66 82.05
CA ARG EB 48 9.21 -5.70 81.31
C ARG EB 48 10.35 -6.34 80.52
N ALA EB 49 10.58 -7.63 80.70
CA ALA EB 49 11.62 -8.33 79.96
C ALA EB 49 11.02 -9.55 79.28
N PRO EB 50 11.50 -9.90 78.08
CA PRO EB 50 10.89 -11.02 77.35
C PRO EB 50 11.06 -12.37 78.04
N TRP EB 51 12.19 -12.61 78.69
CA TRP EB 51 12.46 -13.93 79.25
C TRP EB 51 11.52 -14.27 80.40
N ILE EB 52 11.00 -13.26 81.11
CA ILE EB 52 10.06 -13.54 82.20
C ILE EB 52 8.65 -13.79 81.67
N GLU EB 53 8.36 -13.33 80.45
CA GLU EB 53 7.01 -13.47 79.90
C GLU EB 53 6.58 -14.91 79.75
N GLN EB 54 7.53 -15.85 79.65
CA GLN EB 54 7.19 -17.26 79.47
C GLN EB 54 6.72 -17.91 80.77
N GLU EB 55 6.34 -17.11 81.76
CA GLU EB 55 5.81 -17.64 83.01
C GLU EB 55 4.31 -17.88 82.88
N GLY EB 56 3.82 -18.86 83.62
CA GLY EB 56 2.42 -19.20 83.57
C GLY EB 56 1.55 -18.14 84.22
N PRO EB 57 0.25 -18.15 83.91
CA PRO EB 57 -0.65 -17.18 84.54
C PRO EB 57 -0.77 -17.35 86.04
N GLU EB 58 -0.39 -18.51 86.56
CA GLU EB 58 -0.37 -18.72 88.00
C GLU EB 58 0.68 -17.85 88.68
N TYR EB 59 1.84 -17.68 88.03
CA TYR EB 59 2.89 -16.84 88.59
C TYR EB 59 2.44 -15.39 88.70
N TRP EB 60 1.88 -14.84 87.62
CA TRP EB 60 1.48 -13.44 87.63
C TRP EB 60 0.39 -13.17 88.65
N ASP EB 61 -0.55 -14.10 88.80
CA ASP EB 61 -1.61 -13.93 89.80
C ASP EB 61 -1.03 -13.88 91.21
N GLY EB 62 -0.04 -14.74 91.50
CA GLY EB 62 0.57 -14.70 92.82
C GLY EB 62 1.35 -13.42 93.03
N GLU EB 63 2.14 -13.02 92.03
CA GLU EB 63 2.92 -11.79 92.16
C GLU EB 63 2.01 -10.58 92.27
N THR EB 64 0.92 -10.55 91.50
CA THR EB 64 -0.05 -9.47 91.62
C THR EB 64 -0.68 -9.43 93.00
N ARG EB 65 -0.92 -10.60 93.59
CA ARG EB 65 -1.54 -10.64 94.92
C ARG EB 65 -0.63 -10.01 95.97
N LYS EB 66 0.66 -10.35 95.93
CA LYS EB 66 1.60 -9.89 96.95
C LYS EB 66 1.90 -8.41 96.82
N VAL EB 67 2.05 -7.91 95.59
CA VAL EB 67 2.40 -6.50 95.42
C VAL EB 67 1.27 -5.62 95.94
N LYS EB 68 0.02 -6.01 95.70
CA LYS EB 68 -1.10 -5.27 96.23
C LYS EB 68 -1.11 -5.30 97.75
N ALA EB 69 -0.76 -6.45 98.33
CA ALA EB 69 -0.65 -6.55 99.78
C ALA EB 69 0.44 -5.64 100.32
N HIS EB 70 1.58 -5.58 99.62
CA HIS EB 70 2.64 -4.65 100.02
C HIS EB 70 2.18 -3.20 99.88
N SER EB 71 1.37 -2.91 98.87
CA SER EB 71 0.85 -1.56 98.70
C SER EB 71 -0.02 -1.13 99.88
N GLN EB 72 -0.86 -2.03 100.38
CA GLN EB 72 -1.66 -1.73 101.56
C GLN EB 72 -0.78 -1.52 102.79
N THR EB 73 0.34 -2.24 102.87
CA THR EB 73 1.27 -2.04 103.98
C THR EB 73 1.82 -0.63 104.02
N HIS EB 74 2.33 -0.15 102.89
CA HIS EB 74 3.02 1.14 102.88
C HIS EB 74 2.05 2.30 103.05
N ARG EB 75 0.79 2.13 102.66
CA ARG EB 75 -0.20 3.17 102.95
C ARG EB 75 -0.44 3.29 104.44
N VAL EB 76 -0.46 2.16 105.17
CA VAL EB 76 -0.54 2.22 106.62
C VAL EB 76 0.74 2.77 107.21
N ASP EB 77 1.89 2.42 106.63
CA ASP EB 77 3.17 2.92 107.12
C ASP EB 77 3.24 4.44 107.00
N LEU EB 78 2.70 4.99 105.91
CA LEU EB 78 2.68 6.44 105.74
C LEU EB 78 1.89 7.12 106.85
N GLY EB 79 0.73 6.54 107.20
CA GLY EB 79 -0.05 7.09 108.31
C GLY EB 79 0.65 6.92 109.65
N THR EB 80 1.26 5.75 109.88
CA THR EB 80 1.97 5.50 111.12
C THR EB 80 3.15 6.45 111.29
N LEU EB 81 3.93 6.64 110.23
CA LEU EB 81 5.09 7.52 110.30
C LEU EB 81 4.68 8.97 110.51
N ARG EB 82 3.54 9.39 109.94
CA ARG EB 82 3.07 10.75 110.17
C ARG EB 82 2.79 10.99 111.65
N GLY EB 83 2.27 9.97 112.34
CA GLY EB 83 2.09 10.09 113.78
C GLY EB 83 3.40 10.07 114.54
N TYR EB 84 4.37 9.29 114.07
CA TYR EB 84 5.64 9.16 114.78
C TYR EB 84 6.35 10.50 114.87
N TYR EB 85 6.38 11.24 113.76
CA TYR EB 85 7.10 12.50 113.70
C TYR EB 85 6.22 13.70 114.01
N ASN EB 86 4.96 13.48 114.40
CA ASN EB 86 4.01 14.55 114.72
C ASN EB 86 3.80 15.49 113.54
N GLN EB 87 3.85 14.94 112.32
CA GLN EB 87 3.77 15.76 111.11
C GLN EB 87 2.31 16.04 110.77
N SER EB 88 2.09 17.21 110.17
CA SER EB 88 0.74 17.63 109.82
C SER EB 88 0.18 16.81 108.66
N GLU EB 89 -1.14 16.86 108.52
CA GLU EB 89 -1.82 16.07 107.49
C GLU EB 89 -1.53 16.60 106.09
N ALA EB 90 -1.19 17.87 105.97
CA ALA EB 90 -1.18 18.55 104.67
C ALA EB 90 0.02 18.20 103.81
N GLY EB 91 1.08 17.64 104.38
CA GLY EB 91 2.29 17.37 103.62
C GLY EB 91 2.28 16.05 102.87
N SER EB 92 2.94 16.06 101.72
CA SER EB 92 3.15 14.87 100.91
C SER EB 92 4.49 14.26 101.29
N HIS EB 93 4.48 12.97 101.62
CA HIS EB 93 5.66 12.27 102.12
C HIS EB 93 5.88 11.01 101.33
N THR EB 94 7.14 10.57 101.30
CA THR EB 94 7.54 9.41 100.50
C THR EB 94 8.09 8.32 101.42
N VAL EB 95 7.71 7.08 101.15
CA VAL EB 95 8.28 5.91 101.82
C VAL EB 95 8.84 4.98 100.77
N GLN EB 96 10.02 4.43 101.05
CA GLN EB 96 10.70 3.55 100.11
C GLN EB 96 11.23 2.33 100.83
N ARG EB 97 11.21 1.21 100.13
CA ARG EB 97 11.72 -0.05 100.65
C ARG EB 97 12.59 -0.69 99.58
N MET EB 98 13.67 -1.31 100.01
CA MET EB 98 14.55 -2.05 99.11
C MET EB 98 15.05 -3.29 99.85
N TYR EB 99 14.86 -4.45 99.24
CA TYR EB 99 15.42 -5.68 99.76
C TYR EB 99 16.00 -6.49 98.61
N GLY EB 100 17.08 -7.18 98.89
CA GLY EB 100 17.76 -7.92 97.84
C GLY EB 100 18.67 -8.99 98.40
N CYS EB 101 19.19 -9.78 97.48
CA CYS EB 101 20.04 -10.91 97.75
C CYS EB 101 21.22 -10.89 96.79
N ASP EB 102 22.38 -11.32 97.28
CA ASP EB 102 23.57 -11.40 96.45
C ASP EB 102 24.10 -12.83 96.42
N VAL EB 103 24.53 -13.26 95.24
CA VAL EB 103 25.13 -14.58 95.07
C VAL EB 103 26.49 -14.39 94.42
N GLY EB 104 27.42 -15.28 94.73
CA GLY EB 104 28.75 -15.23 94.17
C GLY EB 104 28.83 -15.92 92.82
N SER EB 105 30.05 -16.07 92.34
CA SER EB 105 30.26 -16.78 91.07
C SER EB 105 29.81 -18.23 91.20
N ASP EB 106 29.91 -18.80 92.40
CA ASP EB 106 29.44 -20.15 92.67
C ASP EB 106 27.92 -20.26 92.66
N TRP EB 107 27.22 -19.13 92.68
CA TRP EB 107 25.76 -19.03 92.68
C TRP EB 107 25.18 -19.36 94.05
N ARG EB 108 25.98 -19.30 95.10
CA ARG EB 108 25.51 -19.55 96.45
C ARG EB 108 25.36 -18.22 97.18
N PHE EB 109 24.65 -18.27 98.31
CA PHE EB 109 24.28 -17.04 99.00
C PHE EB 109 25.52 -16.26 99.41
N LEU EB 110 25.45 -14.95 99.27
CA LEU EB 110 26.56 -14.09 99.64
C LEU EB 110 26.15 -12.99 100.60
N ARG EB 111 25.04 -12.30 100.30
CA ARG EB 111 24.69 -11.11 101.05
C ARG EB 111 23.19 -10.86 100.92
N GLY EB 112 22.63 -10.18 101.92
CA GLY EB 112 21.22 -9.85 101.91
C GLY EB 112 21.01 -8.41 102.36
N TYR EB 113 19.92 -7.82 101.87
CA TYR EB 113 19.59 -6.44 102.18
C TYR EB 113 18.11 -6.28 102.51
N HIS EB 114 17.82 -5.51 103.56
CA HIS EB 114 16.47 -5.01 103.81
C HIS EB 114 16.60 -3.63 104.42
N GLN EB 115 16.11 -2.60 103.72
CA GLN EB 115 16.23 -1.24 104.21
C GLN EB 115 14.97 -0.45 103.92
N TYR EB 116 14.72 0.57 104.75
CA TYR EB 116 13.52 1.39 104.70
C TYR EB 116 13.92 2.86 104.72
N ALA EB 117 13.18 3.69 103.98
CA ALA EB 117 13.48 5.11 103.89
C ALA EB 117 12.21 5.92 103.98
N TYR EB 118 12.26 7.03 104.72
CA TYR EB 118 11.15 7.97 104.84
C TYR EB 118 11.64 9.36 104.51
N ASP EB 119 11.04 9.99 103.50
CA ASP EB 119 11.36 11.36 103.10
C ASP EB 119 12.83 11.51 102.71
N GLY EB 120 13.38 10.48 102.06
CA GLY EB 120 14.73 10.51 101.53
C GLY EB 120 15.85 10.26 102.50
N LYS EB 121 15.56 9.81 103.71
CA LYS EB 121 16.58 9.48 104.69
C LYS EB 121 16.39 8.05 105.15
N ASP EB 122 17.48 7.41 105.57
CA ASP EB 122 17.39 6.06 106.12
C ASP EB 122 16.52 6.04 107.36
N TYR EB 123 15.66 5.02 107.45
CA TYR EB 123 14.75 4.85 108.57
C TYR EB 123 15.12 3.61 109.39
N ILE EB 124 14.88 2.42 108.88
CA ILE EB 124 15.27 1.18 109.54
C ILE EB 124 15.86 0.24 108.50
N ALA EB 125 16.95 -0.42 108.87
CA ALA EB 125 17.64 -1.31 107.96
C ALA EB 125 18.03 -2.58 108.69
N LEU EB 126 18.11 -3.68 107.95
CA LEU EB 126 18.50 -4.97 108.48
C LEU EB 126 20.01 -5.10 108.37
N LYS EB 127 20.65 -5.50 109.46
CA LYS EB 127 22.09 -5.65 109.45
C LYS EB 127 22.52 -6.83 108.58
N GLU EB 128 23.82 -6.89 108.28
CA GLU EB 128 24.31 -7.88 107.33
C GLU EB 128 24.19 -9.30 107.85
N ASP EB 129 24.28 -9.49 109.17
CA ASP EB 129 24.04 -10.81 109.74
C ASP EB 129 22.60 -11.28 109.51
N LEU EB 130 21.69 -10.36 109.21
CA LEU EB 130 20.28 -10.63 108.95
C LEU EB 130 19.53 -10.99 110.21
N ARG EB 131 20.09 -10.62 111.38
CA ARG EB 131 19.51 -10.95 112.67
C ARG EB 131 19.37 -9.74 113.59
N SER EB 132 19.82 -8.57 113.17
CA SER EB 132 19.79 -7.37 113.99
C SER EB 132 19.30 -6.19 113.16
N TRP EB 133 18.84 -5.15 113.85
CA TRP EB 133 18.29 -3.96 113.20
C TRP EB 133 19.05 -2.71 113.62
N THR EB 134 19.14 -1.77 112.68
CA THR EB 134 19.75 -0.47 112.89
C THR EB 134 18.68 0.60 112.76
N ALA EB 135 18.52 1.42 113.80
CA ALA EB 135 17.51 2.46 113.83
C ALA EB 135 18.18 3.81 113.69
N ALA EB 136 17.70 4.62 112.74
CA ALA EB 136 18.33 5.90 112.45
C ALA EB 136 18.17 6.87 113.61
N ASP EB 137 16.94 7.03 114.11
CA ASP EB 137 16.67 8.03 115.13
C ASP EB 137 15.66 7.46 116.12
N MET EB 138 15.14 8.33 116.99
CA MET EB 138 14.19 7.89 118.02
C MET EB 138 12.93 7.31 117.40
N ALA EB 139 12.38 7.96 116.38
CA ALA EB 139 11.17 7.46 115.75
C ALA EB 139 11.38 6.07 115.15
N ALA EB 140 12.58 5.82 114.61
CA ALA EB 140 12.89 4.52 114.03
C ALA EB 140 12.99 3.44 115.11
N GLN EB 141 13.39 3.81 116.33
CA GLN EB 141 13.52 2.83 117.40
C GLN EB 141 12.18 2.22 117.80
N THR EB 142 11.10 2.98 117.71
CA THR EB 142 9.78 2.43 118.02
C THR EB 142 9.46 1.25 117.11
N THR EB 143 9.75 1.38 115.81
CA THR EB 143 9.54 0.26 114.89
C THR EB 143 10.51 -0.87 115.17
N LYS EB 144 11.74 -0.55 115.61
CA LYS EB 144 12.73 -1.59 115.89
C LYS EB 144 12.26 -2.53 116.99
N HIS EB 145 11.71 -1.98 118.07
CA HIS EB 145 11.29 -2.81 119.19
C HIS EB 145 10.16 -3.76 118.79
N LYS EB 146 9.19 -3.26 118.02
CA LYS EB 146 8.11 -4.12 117.56
C LYS EB 146 8.63 -5.23 116.66
N TRP EB 147 9.53 -4.88 115.73
CA TRP EB 147 10.07 -5.87 114.80
C TRP EB 147 10.94 -6.91 115.50
N GLU EB 148 11.67 -6.53 116.55
CA GLU EB 148 12.44 -7.51 117.29
C GLU EB 148 11.52 -8.51 117.97
N ALA EB 149 10.44 -8.04 118.58
CA ALA EB 149 9.52 -8.93 119.27
C ALA EB 149 8.81 -9.86 118.29
N ALA EB 150 8.48 -9.37 117.10
CA ALA EB 150 7.73 -10.17 116.14
C ALA EB 150 8.59 -11.16 115.36
N HIS EB 151 9.89 -11.24 115.66
CA HIS EB 151 10.81 -12.17 115.00
C HIS EB 151 10.82 -11.97 113.48
N VAL EB 152 10.81 -10.70 113.06
CA VAL EB 152 10.82 -10.38 111.64
C VAL EB 152 12.14 -10.77 110.98
N ALA EB 153 13.26 -10.60 111.69
CA ALA EB 153 14.56 -10.88 111.08
C ALA EB 153 14.65 -12.34 110.62
N GLU EB 154 14.11 -13.26 111.42
CA GLU EB 154 14.18 -14.67 111.05
C GLU EB 154 13.30 -14.95 109.83
N GLN EB 155 12.16 -14.29 109.75
CA GLN EB 155 11.27 -14.46 108.60
C GLN EB 155 11.90 -13.87 107.35
N LEU EB 156 12.53 -12.70 107.47
CA LEU EB 156 13.20 -12.09 106.33
C LEU EB 156 14.44 -12.89 105.92
N ARG EB 157 15.20 -13.37 106.90
CA ARG EB 157 16.41 -14.15 106.61
C ARG EB 157 16.07 -15.40 105.80
N ALA EB 158 14.92 -16.02 106.07
CA ALA EB 158 14.53 -17.18 105.29
C ALA EB 158 14.27 -16.81 103.83
N TYR EB 159 13.66 -15.65 103.59
CA TYR EB 159 13.39 -15.25 102.22
C TYR EB 159 14.68 -14.94 101.48
N LEU EB 160 15.54 -14.11 102.08
CA LEU EB 160 16.77 -13.68 101.41
C LEU EB 160 17.75 -14.84 101.24
N GLU EB 161 17.99 -15.60 102.31
CA GLU EB 161 18.98 -16.68 102.25
C GLU EB 161 18.50 -17.86 101.43
N GLY EB 162 17.18 -18.07 101.33
CA GLY EB 162 16.68 -19.24 100.63
C GLY EB 162 15.74 -18.95 99.48
N THR EB 163 14.65 -18.23 99.74
CA THR EB 163 13.62 -18.06 98.72
C THR EB 163 14.15 -17.26 97.53
N CYS EB 164 14.87 -16.17 97.78
CA CYS EB 164 15.42 -15.40 96.68
C CYS EB 164 16.43 -16.20 95.88
N VAL EB 165 17.37 -16.84 96.58
CA VAL EB 165 18.47 -17.53 95.90
C VAL EB 165 17.93 -18.59 94.94
N GLU EB 166 16.89 -19.31 95.37
CA GLU EB 166 16.28 -20.31 94.49
C GLU EB 166 15.65 -19.66 93.26
N TRP EB 167 14.91 -18.58 93.48
CA TRP EB 167 14.25 -17.90 92.36
C TRP EB 167 15.22 -17.07 91.53
N LEU EB 168 16.26 -16.52 92.15
CA LEU EB 168 17.25 -15.79 91.37
C LEU EB 168 17.96 -16.72 90.40
N ARG EB 169 18.34 -17.92 90.85
CA ARG EB 169 18.92 -18.90 89.95
C ARG EB 169 17.94 -19.29 88.86
N ARG EB 170 16.67 -19.50 89.24
CA ARG EB 170 15.65 -19.86 88.26
C ARG EB 170 15.48 -18.75 87.21
N TYR EB 171 15.52 -17.49 87.64
CA TYR EB 171 15.42 -16.39 86.69
C TYR EB 171 16.62 -16.38 85.73
N LEU EB 172 17.82 -16.64 86.26
CA LEU EB 172 19.02 -16.64 85.41
C LEU EB 172 18.95 -17.73 84.35
N GLU EB 173 18.49 -18.92 84.74
CA GLU EB 173 18.38 -20.02 83.78
C GLU EB 173 17.28 -19.74 82.76
N ASN EB 174 16.18 -19.15 83.19
CA ASN EB 174 15.09 -18.87 82.27
C ASN EB 174 15.49 -17.80 81.26
N GLY EB 175 16.33 -16.86 81.68
CA GLY EB 175 16.83 -15.82 80.79
C GLY EB 175 18.33 -15.90 80.64
N LYS EB 176 18.84 -17.06 80.28
CA LYS EB 176 20.29 -17.26 80.19
C LYS EB 176 20.88 -16.48 79.03
N GLU EB 177 20.19 -16.47 77.88
CA GLU EB 177 20.68 -15.72 76.72
C GLU EB 177 20.79 -14.24 77.02
N THR EB 178 19.93 -13.72 77.89
CA THR EB 178 19.78 -12.29 78.15
C THR EB 178 20.67 -11.80 79.30
N LEU EB 179 20.84 -12.58 80.36
CA LEU EB 179 21.53 -12.11 81.55
C LEU EB 179 22.85 -12.82 81.84
N GLN EB 180 23.15 -13.93 81.18
CA GLN EB 180 24.46 -14.56 81.31
C GLN EB 180 25.42 -14.13 80.22
N ARG EB 181 24.97 -13.24 79.32
CA ARG EB 181 25.81 -12.64 78.30
C ARG EB 181 26.66 -11.52 78.90
N THR EB 182 27.79 -11.25 78.27
CA THR EB 182 28.61 -10.09 78.61
C THR EB 182 28.95 -9.31 77.35
N ASP EB 183 28.74 -8.00 77.37
CA ASP EB 183 28.95 -7.15 76.20
C ASP EB 183 30.13 -6.23 76.45
N ALA EB 184 31.18 -6.37 75.64
CA ALA EB 184 32.37 -5.53 75.77
C ALA EB 184 32.09 -4.11 75.26
N PRO EB 185 32.70 -3.10 75.89
CA PRO EB 185 32.46 -1.72 75.47
C PRO EB 185 33.02 -1.44 74.08
N LYS EB 186 32.42 -0.47 73.41
CA LYS EB 186 32.90 0.01 72.11
C LYS EB 186 33.61 1.34 72.32
N THR EB 187 34.94 1.33 72.24
CA THR EB 187 35.76 2.45 72.66
C THR EB 187 36.26 3.25 71.47
N HIS EB 188 36.32 4.57 71.65
CA HIS EB 188 36.91 5.46 70.66
C HIS EB 188 37.27 6.76 71.38
N MET EB 189 38.06 7.59 70.73
CA MET EB 189 38.60 8.79 71.36
C MET EB 189 38.32 10.01 70.49
N THR EB 190 38.02 11.13 71.13
CA THR EB 190 37.70 12.38 70.44
C THR EB 190 38.56 13.51 71.00
N HIS EB 191 38.75 14.54 70.18
CA HIS EB 191 39.59 15.69 70.51
C HIS EB 191 38.76 16.96 70.45
N HIS EB 192 38.81 17.75 71.52
CA HIS EB 192 38.11 19.02 71.59
C HIS EB 192 39.09 20.08 72.09
N ALA EB 193 39.14 21.21 71.40
CA ALA EB 193 40.08 22.29 71.72
C ALA EB 193 39.34 23.44 72.40
N VAL EB 194 39.61 23.63 73.68
CA VAL EB 194 39.01 24.75 74.40
C VAL EB 194 39.61 26.07 73.91
N SER EB 195 40.93 26.11 73.74
CA SER EB 195 41.62 27.33 73.36
C SER EB 195 42.87 26.96 72.59
N ASP EB 196 43.64 27.98 72.24
CA ASP EB 196 44.87 27.80 71.48
C ASP EB 196 45.91 26.97 72.23
N HIS EB 197 45.83 26.91 73.57
CA HIS EB 197 46.91 26.35 74.35
C HIS EB 197 46.60 25.00 74.98
N GLU EB 198 45.32 24.65 75.15
CA GLU EB 198 44.96 23.38 75.77
C GLU EB 198 43.71 22.79 75.13
N ALA EB 199 43.68 21.46 75.07
CA ALA EB 199 42.60 20.72 74.46
C ALA EB 199 42.08 19.68 75.44
N THR EB 200 40.87 19.21 75.18
CA THR EB 200 40.22 18.20 76.00
C THR EB 200 40.20 16.88 75.26
N LEU EB 201 40.53 15.81 75.97
CA LEU EB 201 40.53 14.46 75.42
C LEU EB 201 39.37 13.69 76.04
N ARG EB 202 38.62 12.97 75.21
CA ARG EB 202 37.44 12.24 75.66
C ARG EB 202 37.61 10.75 75.40
N CYS EB 203 37.36 9.96 76.43
CA CYS EB 203 37.40 8.50 76.37
C CYS EB 203 35.96 7.99 76.39
N TRP EB 204 35.58 7.20 75.40
CA TRP EB 204 34.21 6.75 75.25
C TRP EB 204 34.10 5.24 75.43
N ALA EB 205 33.09 4.83 76.21
CA ALA EB 205 32.70 3.43 76.32
C ALA EB 205 31.21 3.34 76.04
N LEU EB 206 30.83 2.46 75.11
CA LEU EB 206 29.44 2.39 74.67
C LEU EB 206 29.02 0.94 74.47
N SER EB 207 27.71 0.73 74.54
CA SER EB 207 27.08 -0.55 74.22
C SER EB 207 27.67 -1.71 75.03
N PHE EB 208 27.71 -1.56 76.35
CA PHE EB 208 28.23 -2.62 77.19
C PHE EB 208 27.25 -2.96 78.32
N TYR EB 209 27.26 -4.24 78.69
CA TYR EB 209 26.48 -4.79 79.80
C TYR EB 209 27.36 -5.85 80.45
N PRO EB 210 27.41 -5.88 81.80
CA PRO EB 210 26.68 -5.09 82.80
C PRO EB 210 27.12 -3.62 82.89
N ALA EB 211 26.43 -2.87 83.75
CA ALA EB 211 26.67 -1.44 83.84
C ALA EB 211 28.03 -1.10 84.43
N GLU EB 212 28.53 -1.93 85.35
CA GLU EB 212 29.76 -1.58 86.07
C GLU EB 212 30.95 -1.56 85.12
N ILE EB 213 31.74 -0.47 85.19
CA ILE EB 213 32.93 -0.30 84.38
C ILE EB 213 33.86 0.64 85.12
N THR EB 214 35.15 0.55 84.81
CA THR EB 214 36.16 1.41 85.42
C THR EB 214 36.93 2.12 84.31
N LEU EB 215 37.01 3.45 84.43
CA LEU EB 215 37.75 4.28 83.49
C LEU EB 215 38.79 5.09 84.26
N THR EB 216 40.04 4.99 83.85
CA THR EB 216 41.14 5.63 84.55
C THR EB 216 42.01 6.37 83.54
N TRP EB 217 42.55 7.51 83.98
CA TRP EB 217 43.42 8.35 83.16
C TRP EB 217 44.84 8.26 83.71
N GLN EB 218 45.79 7.98 82.83
CA GLN EB 218 47.20 7.91 83.21
C GLN EB 218 48.03 8.79 82.27
N ARG EB 219 48.91 9.59 82.84
CA ARG EB 219 49.86 10.40 82.08
C ARG EB 219 51.26 9.85 82.29
N ASP EB 220 51.84 9.30 81.22
CA ASP EB 220 53.20 8.74 81.24
C ASP EB 220 53.30 7.53 82.16
N GLY EB 221 52.19 6.83 82.38
CA GLY EB 221 52.21 5.73 83.30
C GLY EB 221 52.01 6.14 84.74
N GLU EB 222 51.45 7.33 84.96
CA GLU EB 222 51.17 7.88 86.29
C GLU EB 222 49.69 8.15 86.40
N ASP EB 223 49.07 7.70 87.49
CA ASP EB 223 47.64 7.87 87.67
C ASP EB 223 47.28 9.35 87.63
N GLN EB 224 46.35 9.71 86.75
CA GLN EB 224 45.94 11.10 86.53
C GLN EB 224 44.52 11.28 87.05
N THR EB 225 44.35 12.21 88.00
CA THR EB 225 43.08 12.49 88.64
C THR EB 225 42.97 13.98 88.87
N GLN EB 226 41.81 14.39 89.37
CA GLN EB 226 41.54 15.77 89.82
C GLN EB 226 41.47 16.76 88.66
N ASP EB 227 42.19 16.49 87.57
CA ASP EB 227 42.11 17.27 86.35
C ASP EB 227 41.17 16.65 85.32
N THR EB 228 40.42 15.63 85.71
CA THR EB 228 39.55 14.89 84.81
C THR EB 228 38.08 15.07 85.17
N GLU EB 229 37.22 14.86 84.17
CA GLU EB 229 35.78 14.90 84.32
C GLU EB 229 35.21 13.51 84.05
N LEU EB 230 34.30 13.07 84.91
CA LEU EB 230 33.70 11.74 84.82
C LEU EB 230 32.19 11.84 84.99
N VAL EB 231 31.45 11.30 84.03
CA VAL EB 231 29.99 11.33 84.05
C VAL EB 231 29.45 10.03 84.62
N GLU EB 232 28.26 10.13 85.21
CA GLU EB 232 27.57 8.96 85.73
C GLU EB 232 27.23 8.00 84.60
N THR EB 233 27.31 6.70 84.88
CA THR EB 233 27.00 5.72 83.85
C THR EB 233 25.55 5.89 83.40
N ARG EB 234 25.34 5.86 82.09
CA ARG EB 234 24.03 6.15 81.54
C ARG EB 234 23.49 4.95 80.77
N PRO EB 235 22.18 4.74 80.79
CA PRO EB 235 21.59 3.67 79.96
C PRO EB 235 21.33 4.16 78.55
N ALA EB 236 21.73 3.34 77.57
CA ALA EB 236 21.50 3.69 76.17
C ALA EB 236 20.03 3.52 75.78
N GLY EB 237 19.28 2.68 76.49
CA GLY EB 237 17.90 2.40 76.16
C GLY EB 237 17.66 1.09 75.44
N ASP EB 238 18.70 0.35 75.11
CA ASP EB 238 18.57 -0.95 74.47
C ASP EB 238 19.14 -2.08 75.34
N GLY EB 239 19.30 -1.84 76.63
CA GLY EB 239 19.91 -2.80 77.52
C GLY EB 239 21.41 -2.65 77.65
N THR EB 240 21.99 -1.63 77.03
CA THR EB 240 23.41 -1.34 77.11
C THR EB 240 23.61 0.00 77.80
N PHE EB 241 24.83 0.22 78.29
CA PHE EB 241 25.16 1.42 79.04
C PHE EB 241 26.29 2.19 78.36
N GLN EB 242 26.46 3.43 78.79
CA GLN EB 242 27.47 4.33 78.23
C GLN EB 242 28.12 5.10 79.35
N LYS EB 243 29.38 5.48 79.13
CA LYS EB 243 30.14 6.28 80.09
C LYS EB 243 31.31 6.90 79.37
N TRP EB 244 31.74 8.08 79.83
CA TRP EB 244 32.90 8.71 79.23
C TRP EB 244 33.68 9.50 80.27
N ALA EB 245 34.98 9.67 80.01
CA ALA EB 245 35.91 10.39 80.85
C ALA EB 245 36.69 11.39 80.00
N ALA EB 246 36.97 12.56 80.57
CA ALA EB 246 37.66 13.62 79.85
C ALA EB 246 38.79 14.19 80.69
N VAL EB 247 39.84 14.65 80.02
CA VAL EB 247 41.01 15.25 80.66
C VAL EB 247 41.48 16.44 79.85
N VAL EB 248 41.95 17.48 80.53
CA VAL EB 248 42.48 18.68 79.89
C VAL EB 248 43.98 18.52 79.71
N VAL EB 249 44.46 18.70 78.48
CA VAL EB 249 45.87 18.48 78.17
C VAL EB 249 46.47 19.69 77.45
N PRO EB 250 47.70 20.08 77.81
CA PRO EB 250 48.39 21.14 77.07
C PRO EB 250 48.80 20.68 75.68
N SER EB 251 48.82 21.62 74.73
CA SER EB 251 49.11 21.27 73.35
C SER EB 251 50.48 20.62 73.23
N GLY EB 252 50.56 19.62 72.36
CA GLY EB 252 51.78 18.88 72.12
C GLY EB 252 52.04 17.76 73.10
N GLN EB 253 51.27 17.66 74.17
CA GLN EB 253 51.41 16.61 75.17
C GLN EB 253 50.26 15.61 75.11
N GLU EB 254 49.46 15.64 74.05
CA GLU EB 254 48.32 14.74 73.94
C GLU EB 254 48.72 13.27 73.98
N GLN EB 255 49.90 12.94 73.48
CA GLN EB 255 50.34 11.56 73.40
C GLN EB 255 50.79 10.99 74.74
N ARG EB 256 50.99 11.82 75.76
CA ARG EB 256 51.43 11.32 77.06
C ARG EB 256 50.33 10.61 77.82
N TYR EB 257 49.06 10.89 77.50
CA TYR EB 257 47.93 10.43 78.30
C TYR EB 257 47.39 9.12 77.75
N THR EB 258 46.86 8.30 78.66
CA THR EB 258 46.32 6.99 78.30
C THR EB 258 45.03 6.74 79.06
N CYS EB 259 44.08 6.10 78.36
CA CYS EB 259 42.80 5.72 78.95
C CYS EB 259 42.80 4.22 79.15
N HIS EB 260 42.40 3.78 80.35
CA HIS EB 260 42.40 2.38 80.71
C HIS EB 260 40.97 1.93 81.00
N VAL EB 261 40.52 0.88 80.33
CA VAL EB 261 39.17 0.37 80.45
C VAL EB 261 39.23 -1.03 81.06
N GLN EB 262 38.46 -1.24 82.12
CA GLN EB 262 38.32 -2.54 82.77
C GLN EB 262 36.85 -2.91 82.79
N HIS EB 263 36.54 -4.14 82.38
CA HIS EB 263 35.15 -4.57 82.25
C HIS EB 263 35.13 -6.08 82.08
N GLU EB 264 33.99 -6.68 82.44
CA GLU EB 264 33.86 -8.13 82.31
C GLU EB 264 33.94 -8.57 80.85
N GLY EB 265 33.49 -7.71 79.93
CA GLY EB 265 33.55 -8.05 78.51
C GLY EB 265 34.94 -8.08 77.94
N LEU EB 266 35.90 -7.43 78.59
CA LEU EB 266 37.27 -7.40 78.09
C LEU EB 266 38.10 -8.45 78.81
N PRO EB 267 38.68 -9.41 78.09
CA PRO EB 267 39.58 -10.36 78.78
C PRO EB 267 40.85 -9.68 79.28
N LYS EB 268 41.36 -8.70 78.52
CA LYS EB 268 42.48 -7.80 78.75
C LYS EB 268 41.99 -6.38 78.98
N PRO EB 269 42.48 -5.70 80.00
CA PRO EB 269 42.15 -4.27 80.15
C PRO EB 269 42.70 -3.48 78.97
N LEU EB 270 41.82 -2.75 78.31
CA LEU EB 270 42.17 -2.02 77.10
C LEU EB 270 42.87 -0.70 77.43
N THR EB 271 43.80 -0.32 76.56
CA THR EB 271 44.51 0.95 76.66
C THR EB 271 44.30 1.74 75.37
N LEU EB 272 43.96 3.02 75.51
CA LEU EB 272 43.70 3.90 74.38
C LEU EB 272 44.64 5.10 74.46
N ARG EB 273 45.44 5.31 73.42
CA ARG EB 273 46.34 6.45 73.33
C ARG EB 273 46.02 7.23 72.06
N TRP EB 274 46.29 8.54 72.10
CA TRP EB 274 45.91 9.44 71.03
C TRP EB 274 47.09 9.61 70.08
N GLU EB 275 46.89 9.29 68.80
CA GLU EB 275 47.95 9.42 67.80
C GLU EB 275 47.40 9.34 66.38
N MET FB 1 12.97 16.47 105.79
CA MET FB 1 12.99 15.96 104.42
C MET FB 1 14.32 16.27 103.75
N ILE FB 2 14.82 15.31 102.97
CA ILE FB 2 16.01 15.53 102.16
C ILE FB 2 15.58 15.79 100.73
N GLN FB 3 16.22 16.77 100.09
CA GLN FB 3 15.93 17.12 98.71
C GLN FB 3 17.25 17.17 97.94
N ARG FB 4 17.27 16.54 96.78
CA ARG FB 4 18.45 16.51 95.92
C ARG FB 4 18.07 17.05 94.56
N THR FB 5 18.87 17.96 94.04
CA THR FB 5 18.57 18.54 92.75
C THR FB 5 19.02 17.59 91.64
N PRO FB 6 18.26 17.48 90.56
CA PRO FB 6 18.54 16.42 89.59
C PRO FB 6 19.78 16.71 88.75
N LYS FB 7 20.43 15.63 88.33
CA LYS FB 7 21.54 15.68 87.40
C LYS FB 7 21.00 15.29 86.03
N ILE FB 8 21.36 16.06 85.01
CA ILE FB 8 20.77 15.90 83.68
C ILE FB 8 21.88 15.52 82.70
N GLN FB 9 21.61 14.48 81.91
CA GLN FB 9 22.48 14.04 80.83
C GLN FB 9 21.61 13.85 79.60
N VAL FB 10 21.79 14.70 78.60
CA VAL FB 10 21.07 14.58 77.34
C VAL FB 10 22.06 14.05 76.32
N TYR FB 11 21.67 12.98 75.61
CA TYR FB 11 22.57 12.30 74.71
C TYR FB 11 21.73 11.50 73.72
N SER FB 12 22.38 10.62 72.96
CA SER FB 12 21.72 9.79 71.98
C SER FB 12 22.05 8.33 72.22
N ARG FB 13 21.13 7.45 71.80
CA ARG FB 13 21.34 6.02 71.96
C ARG FB 13 22.51 5.54 71.11
N HIS FB 14 22.69 6.12 69.94
CA HIS FB 14 23.73 5.75 69.01
C HIS FB 14 24.56 6.98 68.67
N PRO FB 15 25.76 6.80 68.10
CA PRO FB 15 26.56 7.95 67.66
C PRO FB 15 25.79 8.80 66.66
N ALA FB 16 25.80 10.11 66.89
CA ALA FB 16 24.95 11.05 66.17
C ALA FB 16 25.43 11.20 64.73
N GLU FB 17 24.81 10.46 63.82
CA GLU FB 17 25.01 10.63 62.39
C GLU FB 17 23.88 11.50 61.84
N ASN FB 18 24.25 12.53 61.07
CA ASN FB 18 23.26 13.47 60.58
C ASN FB 18 22.40 12.82 59.50
N GLY FB 19 21.09 13.06 59.56
CA GLY FB 19 20.19 12.51 58.57
C GLY FB 19 19.85 11.05 58.74
N LYS FB 20 20.01 10.49 59.94
CA LYS FB 20 19.71 9.08 60.19
C LYS FB 20 18.84 8.95 61.43
N SER FB 21 18.12 7.82 61.50
CA SER FB 21 17.22 7.61 62.61
C SER FB 21 18.00 7.32 63.88
N ASN FB 22 17.64 7.98 64.98
CA ASN FB 22 18.32 7.81 66.25
C ASN FB 22 17.32 8.07 67.38
N PHE FB 23 17.77 7.87 68.61
CA PHE FB 23 16.95 8.12 69.79
C PHE FB 23 17.62 9.20 70.62
N LEU FB 24 16.83 10.17 71.08
CA LEU FB 24 17.30 11.22 71.96
C LEU FB 24 16.95 10.84 73.39
N ASN FB 25 17.92 10.94 74.29
CA ASN FB 25 17.74 10.49 75.66
C ASN FB 25 17.97 11.64 76.61
N CYS FB 26 17.13 11.68 77.65
CA CYS FB 26 17.35 12.55 78.80
C CYS FB 26 17.38 11.65 80.03
N TYR FB 27 18.48 11.68 80.77
CA TYR FB 27 18.67 10.85 81.94
C TYR FB 27 18.76 11.75 83.16
N VAL FB 28 17.71 11.76 83.97
CA VAL FB 28 17.69 12.51 85.21
C VAL FB 28 17.92 11.56 86.36
N SER FB 29 18.81 11.93 87.25
CA SER FB 29 19.22 11.08 88.37
C SER FB 29 19.64 12.00 89.51
N GLY FB 30 19.86 11.39 90.67
CA GLY FB 30 20.31 12.16 91.82
C GLY FB 30 19.32 13.23 92.23
N PHE FB 31 18.02 12.92 92.20
CA PHE FB 31 17.01 13.89 92.60
C PHE FB 31 16.03 13.29 93.59
N HIS FB 32 15.49 14.16 94.45
CA HIS FB 32 14.46 13.82 95.41
C HIS FB 32 13.64 15.08 95.70
N PRO FB 33 12.31 14.97 95.82
CA PRO FB 33 11.41 13.80 95.76
C PRO FB 33 11.09 13.33 94.35
N SER FB 34 10.10 12.43 94.25
CA SER FB 34 9.83 11.76 92.98
C SER FB 34 9.18 12.70 91.97
N ASP FB 35 8.46 13.71 92.42
CA ASP FB 35 7.75 14.58 91.49
C ASP FB 35 8.74 15.37 90.67
N ILE FB 36 8.71 15.16 89.36
CA ILE FB 36 9.64 15.83 88.44
C ILE FB 36 8.94 16.01 87.11
N GLU FB 37 9.27 17.10 86.43
CA GLU FB 37 8.71 17.39 85.11
C GLU FB 37 9.84 17.46 84.10
N VAL FB 38 9.78 16.58 83.09
CA VAL FB 38 10.84 16.47 82.08
C VAL FB 38 10.19 16.47 80.71
N ASP FB 39 10.64 17.40 79.86
CA ASP FB 39 10.17 17.50 78.48
C ASP FB 39 11.36 17.53 77.54
N LEU FB 40 11.19 16.96 76.36
CA LEU FB 40 12.20 17.01 75.31
C LEU FB 40 11.76 18.01 74.25
N LEU FB 41 12.66 18.93 73.90
CA LEU FB 41 12.33 20.04 73.01
C LEU FB 41 13.17 19.97 71.75
N LYS FB 42 12.55 20.33 70.63
CA LYS FB 42 13.23 20.46 69.34
C LYS FB 42 13.04 21.89 68.86
N ASN FB 43 14.12 22.68 68.90
CA ASN FB 43 14.12 24.09 68.53
C ASN FB 43 13.17 24.91 69.40
N GLY FB 44 13.03 24.52 70.67
CA GLY FB 44 12.16 25.19 71.60
C GLY FB 44 10.72 24.73 71.57
N GLU FB 45 10.39 23.73 70.76
CA GLU FB 45 9.04 23.20 70.64
C GLU FB 45 8.97 21.84 71.33
N ARG FB 46 7.90 21.61 72.09
CA ARG FB 46 7.77 20.38 72.83
C ARG FB 46 7.48 19.21 71.89
N ILE FB 47 8.15 18.09 72.14
CA ILE FB 47 7.95 16.87 71.35
C ILE FB 47 6.81 16.08 71.98
N GLU FB 48 5.88 15.60 71.14
CA GLU FB 48 4.66 15.02 71.68
C GLU FB 48 4.88 13.62 72.26
N LYS FB 49 5.57 12.75 71.53
CA LYS FB 49 5.72 11.36 71.96
C LYS FB 49 7.07 11.18 72.64
N VAL FB 50 7.04 11.16 73.97
CA VAL FB 50 8.22 10.92 74.79
C VAL FB 50 7.87 9.85 75.83
N GLU FB 51 8.55 8.72 75.78
CA GLU FB 51 8.37 7.66 76.75
C GLU FB 51 9.40 7.78 77.86
N HIS FB 52 9.17 7.05 78.95
CA HIS FB 52 10.10 7.06 80.06
C HIS FB 52 10.07 5.72 80.76
N SER FB 53 11.09 5.48 81.59
CA SER FB 53 11.21 4.23 82.31
C SER FB 53 10.40 4.28 83.60
N ASP FB 54 10.34 3.13 84.28
CA ASP FB 54 9.62 3.01 85.54
C ASP FB 54 10.47 3.52 86.69
N LEU FB 55 9.83 4.25 87.61
CA LEU FB 55 10.54 4.89 88.71
C LEU FB 55 11.30 3.88 89.56
N SER FB 56 12.60 4.13 89.71
CA SER FB 56 13.48 3.31 90.55
C SER FB 56 14.41 4.25 91.29
N PHE FB 57 15.25 3.69 92.16
CA PHE FB 57 16.15 4.52 92.94
C PHE FB 57 17.46 3.78 93.18
N SER FB 58 18.48 4.55 93.53
CA SER FB 58 19.83 4.03 93.73
C SER FB 58 20.03 3.69 95.20
N LYS FB 59 21.28 3.38 95.58
CA LYS FB 59 21.55 2.98 96.96
C LYS FB 59 21.31 4.11 97.93
N ASP FB 60 21.54 5.36 97.50
CA ASP FB 60 21.35 6.52 98.36
C ASP FB 60 19.91 7.03 98.36
N TRP FB 61 18.97 6.24 97.84
CA TRP FB 61 17.53 6.51 97.78
C TRP FB 61 17.15 7.55 96.74
N SER FB 62 18.09 8.01 95.93
CA SER FB 62 17.74 9.01 94.92
C SER FB 62 17.11 8.36 93.70
N PHE FB 63 16.18 9.08 93.08
CA PHE FB 63 15.40 8.56 91.98
C PHE FB 63 16.10 8.83 90.66
N TYR FB 64 15.88 7.95 89.69
CA TYR FB 64 16.43 8.13 88.35
C TYR FB 64 15.41 7.70 87.30
N LEU FB 65 15.34 8.46 86.22
CA LEU FB 65 14.40 8.25 85.12
C LEU FB 65 15.12 8.53 83.80
N LEU FB 66 14.65 7.86 82.75
CA LEU FB 66 15.19 8.03 81.40
C LEU FB 66 14.05 8.39 80.47
N TYR FB 67 14.11 9.60 79.91
CA TYR FB 67 13.12 10.08 78.94
C TYR FB 67 13.71 9.99 77.55
N TYR FB 68 12.94 9.46 76.61
CA TYR FB 68 13.45 9.24 75.26
C TYR FB 68 12.36 9.43 74.22
N THR FB 69 12.79 9.75 73.00
CA THR FB 69 11.92 9.86 71.85
C THR FB 69 12.74 9.58 70.60
N GLU FB 70 12.05 9.23 69.52
CA GLU FB 70 12.72 8.99 68.25
C GLU FB 70 12.97 10.32 67.56
N PHE FB 71 14.13 10.43 66.90
CA PHE FB 71 14.45 11.67 66.20
C PHE FB 71 15.49 11.39 65.15
N THR FB 72 15.62 12.33 64.23
CA THR FB 72 16.64 12.31 63.20
C THR FB 72 17.54 13.51 63.41
N PRO FB 73 18.82 13.35 63.72
CA PRO FB 73 19.66 14.51 64.00
C PRO FB 73 19.92 15.27 62.71
N THR FB 74 19.93 16.59 62.82
CA THR FB 74 20.12 17.46 61.67
C THR FB 74 21.15 18.53 61.98
N GLU FB 75 21.92 18.89 60.95
CA GLU FB 75 22.96 19.91 61.09
C GLU FB 75 22.40 21.24 61.57
N LYS FB 76 21.17 21.55 61.18
CA LYS FB 76 20.52 22.80 61.58
C LYS FB 76 19.76 22.67 62.90
N ASP FB 77 19.10 21.54 63.12
CA ASP FB 77 18.15 21.43 64.23
C ASP FB 77 18.86 21.50 65.58
N GLU FB 78 18.14 22.01 66.57
CA GLU FB 78 18.61 22.07 67.95
C GLU FB 78 17.69 21.25 68.84
N TYR FB 79 18.28 20.58 69.82
CA TYR FB 79 17.55 19.76 70.78
C TYR FB 79 18.02 20.08 72.19
N ALA FB 80 17.13 19.85 73.16
CA ALA FB 80 17.45 20.17 74.54
C ALA FB 80 16.50 19.39 75.45
N CYS FB 81 16.81 19.43 76.73
CA CYS FB 81 15.97 18.85 77.78
C CYS FB 81 15.62 19.90 78.82
N ARG FB 82 14.34 19.99 79.15
CA ARG FB 82 13.89 20.90 80.20
C ARG FB 82 13.38 20.07 81.38
N VAL FB 83 14.03 20.24 82.52
CA VAL FB 83 13.69 19.48 83.72
C VAL FB 83 13.33 20.52 84.78
N ASN FB 84 12.14 20.39 85.35
CA ASN FB 84 11.69 21.27 86.42
C ASN FB 84 11.47 20.45 87.68
N HIS FB 85 11.91 21.00 88.80
CA HIS FB 85 11.85 20.31 90.08
C HIS FB 85 11.65 21.35 91.16
N VAL FB 86 11.20 20.88 92.34
CA VAL FB 86 10.96 21.80 93.45
C VAL FB 86 12.26 22.46 93.90
N THR FB 87 13.38 21.73 93.81
CA THR FB 87 14.67 22.28 94.20
C THR FB 87 15.16 23.35 93.22
N LEU FB 88 14.60 23.40 92.02
CA LEU FB 88 15.05 24.32 90.99
C LEU FB 88 14.23 25.60 91.05
N SER FB 89 14.91 26.74 91.18
CA SER FB 89 14.21 28.02 91.20
C SER FB 89 13.50 28.28 89.89
N GLN FB 90 14.11 27.90 88.78
CA GLN FB 90 13.53 28.06 87.44
C GLN FB 90 13.78 26.77 86.67
N PRO FB 91 12.92 26.44 85.70
CA PRO FB 91 13.15 25.23 84.91
C PRO FB 91 14.51 25.28 84.22
N LYS FB 92 15.29 24.23 84.42
CA LYS FB 92 16.64 24.13 83.88
C LYS FB 92 16.59 23.48 82.50
N ILE FB 93 17.23 24.12 81.53
CA ILE FB 93 17.29 23.62 80.16
C ILE FB 93 18.73 23.25 79.87
N VAL FB 94 18.92 22.07 79.30
CA VAL FB 94 20.24 21.57 78.91
C VAL FB 94 20.19 21.23 77.42
N LYS FB 95 21.06 21.87 76.65
CA LYS FB 95 21.07 21.65 75.22
C LYS FB 95 21.83 20.37 74.90
N TRP FB 96 21.51 19.78 73.76
CA TRP FB 96 22.11 18.50 73.37
C TRP FB 96 23.45 18.75 72.70
N ASP FB 97 24.49 18.13 73.24
CA ASP FB 97 25.82 18.13 72.65
C ASP FB 97 26.15 16.74 72.17
N ARG FB 98 26.36 16.59 70.86
CA ARG FB 98 26.64 15.29 70.28
C ARG FB 98 28.01 14.77 70.72
N ASP FB 99 28.87 15.65 71.23
CA ASP FB 99 30.18 15.30 71.75
C ASP FB 99 30.17 14.96 73.22
N MET FB 100 29.01 14.96 73.86
CA MET FB 100 28.91 14.62 75.28
C MET FB 100 27.77 13.65 75.53
N TYR GB 1 58.67 4.29 -32.75
CA TYR GB 1 59.86 4.51 -33.56
C TYR GB 1 59.54 4.01 -34.97
N VAL GB 2 59.48 4.94 -35.93
CA VAL GB 2 59.13 4.55 -37.30
C VAL GB 2 60.29 3.76 -37.93
N LEU GB 3 59.96 2.97 -38.93
CA LEU GB 3 60.97 2.17 -39.61
C LEU GB 3 62.04 3.07 -40.20
N ASP GB 4 63.30 2.78 -39.86
CA ASP GB 4 64.45 3.56 -40.29
C ASP GB 4 64.94 3.19 -41.69
N HIS GB 5 64.52 2.05 -42.22
CA HIS GB 5 64.99 1.55 -43.50
C HIS GB 5 64.04 1.97 -44.61
N LEU GB 6 64.61 2.25 -45.78
CA LEU GB 6 63.87 2.69 -46.95
C LEU GB 6 63.82 1.52 -47.93
N ILE GB 7 62.64 1.34 -48.53
CA ILE GB 7 62.35 0.27 -49.47
C ILE GB 7 61.52 0.88 -50.59
N VAL GB 8 61.48 0.19 -51.74
CA VAL GB 8 60.63 0.62 -52.84
C VAL GB 8 59.95 -0.63 -53.38
N VAL GB 9 58.70 -0.48 -53.82
CA VAL GB 9 57.96 -1.63 -54.34
C VAL GB 9 58.36 -1.89 -55.79
N MET HB 1 -91.96 -21.71 -25.67
CA MET HB 1 -91.04 -22.71 -26.20
C MET HB 1 -89.79 -22.06 -26.82
N ILE HB 2 -88.62 -22.60 -26.46
CA ILE HB 2 -87.34 -22.17 -27.00
C ILE HB 2 -86.68 -23.35 -27.69
N GLN HB 3 -86.07 -23.09 -28.84
CA GLN HB 3 -85.39 -24.12 -29.62
C GLN HB 3 -83.98 -23.65 -29.94
N ARG HB 4 -83.01 -24.53 -29.71
CA ARG HB 4 -81.60 -24.28 -29.98
C ARG HB 4 -81.10 -25.35 -30.93
N THR HB 5 -80.40 -24.93 -31.98
CA THR HB 5 -79.89 -25.87 -32.97
C THR HB 5 -78.61 -26.55 -32.48
N PRO HB 6 -78.44 -27.83 -32.76
CA PRO HB 6 -77.33 -28.59 -32.16
C PRO HB 6 -75.98 -28.28 -32.79
N LYS HB 7 -74.95 -28.40 -31.97
CA LYS HB 7 -73.55 -28.29 -32.40
C LYS HB 7 -72.97 -29.71 -32.50
N ILE HB 8 -72.26 -29.99 -33.59
CA ILE HB 8 -71.78 -31.34 -33.88
C ILE HB 8 -70.25 -31.33 -33.93
N GLN HB 9 -69.64 -32.27 -33.19
CA GLN HB 9 -68.20 -32.50 -33.22
C GLN HB 9 -67.96 -34.00 -33.35
N VAL HB 10 -67.42 -34.43 -34.49
CA VAL HB 10 -67.07 -35.81 -34.73
C VAL HB 10 -65.56 -35.97 -34.62
N TYR HB 11 -65.11 -36.93 -33.83
CA TYR HB 11 -63.69 -37.09 -33.53
C TYR HB 11 -63.44 -38.53 -33.09
N SER HB 12 -62.24 -38.76 -32.54
CA SER HB 12 -61.83 -40.08 -32.09
C SER HB 12 -61.36 -40.02 -30.64
N ARG HB 13 -61.49 -41.16 -29.94
CA ARG HB 13 -61.08 -41.24 -28.55
C ARG HB 13 -59.56 -41.06 -28.41
N HIS HB 14 -58.80 -41.60 -29.34
CA HIS HB 14 -57.35 -41.54 -29.36
C HIS HB 14 -56.90 -40.95 -30.70
N PRO HB 15 -55.65 -40.51 -30.80
CA PRO HB 15 -55.14 -40.07 -32.10
C PRO HB 15 -55.28 -41.19 -33.13
N ALA HB 16 -55.81 -40.84 -34.30
CA ALA HB 16 -56.22 -41.83 -35.29
C ALA HB 16 -55.02 -42.53 -35.90
N GLU HB 17 -54.70 -43.70 -35.36
CA GLU HB 17 -53.71 -44.60 -35.94
C GLU HB 17 -54.40 -45.65 -36.79
N ASN HB 18 -53.94 -45.82 -38.02
CA ASN HB 18 -54.56 -46.73 -38.97
C ASN HB 18 -54.27 -48.19 -38.61
N GLY HB 19 -55.29 -49.04 -38.71
CA GLY HB 19 -55.09 -50.45 -38.42
C GLY HB 19 -55.03 -50.80 -36.95
N LYS HB 20 -55.55 -49.95 -36.07
CA LYS HB 20 -55.54 -50.18 -34.63
C LYS HB 20 -56.93 -49.95 -34.05
N SER HB 21 -57.16 -50.56 -32.88
CA SER HB 21 -58.49 -50.50 -32.27
C SER HB 21 -58.70 -49.08 -31.77
N ASN HB 22 -59.87 -48.53 -32.08
CA ASN HB 22 -60.20 -47.16 -31.66
C ASN HB 22 -61.71 -47.01 -31.52
N PHE HB 23 -62.12 -45.85 -31.03
CA PHE HB 23 -63.52 -45.48 -30.87
C PHE HB 23 -63.84 -44.23 -31.70
N LEU HB 24 -64.98 -44.27 -32.40
CA LEU HB 24 -65.47 -43.12 -33.16
C LEU HB 24 -66.50 -42.40 -32.30
N ASN HB 25 -66.37 -41.08 -32.17
CA ASN HB 25 -67.21 -40.30 -31.27
C ASN HB 25 -67.98 -39.22 -32.01
N CYS HB 26 -69.24 -39.03 -31.60
CA CYS HB 26 -70.07 -37.90 -32.01
C CYS HB 26 -70.57 -37.15 -30.78
N TYR HB 27 -70.25 -35.86 -30.70
CA TYR HB 27 -70.64 -35.03 -29.56
C TYR HB 27 -71.60 -33.94 -30.02
N VAL HB 28 -72.88 -34.10 -29.70
CA VAL HB 28 -73.92 -33.12 -29.99
C VAL HB 28 -74.25 -32.38 -28.71
N SER HB 29 -74.32 -31.05 -28.77
CA SER HB 29 -74.57 -30.26 -27.58
C SER HB 29 -75.28 -28.96 -27.96
N GLY HB 30 -75.72 -28.23 -26.94
CA GLY HB 30 -76.37 -26.96 -27.18
C GLY HB 30 -77.63 -27.02 -28.01
N PHE HB 31 -78.49 -28.01 -27.78
CA PHE HB 31 -79.73 -28.14 -28.52
C PHE HB 31 -80.92 -28.33 -27.60
N HIS HB 32 -82.08 -27.87 -28.08
CA HIS HB 32 -83.35 -28.02 -27.42
C HIS HB 32 -84.47 -28.05 -28.47
N PRO HB 33 -85.46 -28.93 -28.30
CA PRO HB 33 -85.70 -29.88 -27.22
C PRO HB 33 -84.87 -31.17 -27.32
N SER HB 34 -85.23 -32.15 -26.48
CA SER HB 34 -84.40 -33.35 -26.32
C SER HB 34 -84.47 -34.28 -27.53
N ASP HB 35 -85.58 -34.26 -28.28
CA ASP HB 35 -85.74 -35.21 -29.38
C ASP HB 35 -84.72 -34.92 -30.48
N ILE HB 36 -83.85 -35.90 -30.73
CA ILE HB 36 -82.79 -35.74 -31.72
C ILE HB 36 -82.48 -37.11 -32.32
N GLU HB 37 -82.08 -37.11 -33.59
CA GLU HB 37 -81.71 -38.33 -34.31
C GLU HB 37 -80.26 -38.21 -34.75
N VAL HB 38 -79.43 -39.15 -34.29
CA VAL HB 38 -77.98 -39.13 -34.54
C VAL HB 38 -77.55 -40.50 -35.05
N ASP HB 39 -76.89 -40.52 -36.21
CA ASP HB 39 -76.38 -41.75 -36.80
C ASP HB 39 -74.91 -41.60 -37.16
N LEU HB 40 -74.17 -42.71 -37.03
CA LEU HB 40 -72.78 -42.79 -37.45
C LEU HB 40 -72.69 -43.58 -38.75
N LEU HB 41 -72.00 -43.02 -39.75
CA LEU HB 41 -71.97 -43.58 -41.10
C LEU HB 41 -70.56 -43.99 -41.50
N LYS HB 42 -70.48 -45.09 -42.24
CA LYS HB 42 -69.23 -45.58 -42.84
C LYS HB 42 -69.42 -45.65 -44.35
N ASN HB 43 -68.79 -44.73 -45.06
CA ASN HB 43 -68.89 -44.63 -46.52
C ASN HB 43 -70.34 -44.37 -46.96
N GLY HB 44 -71.10 -43.66 -46.13
CA GLY HB 44 -72.48 -43.36 -46.39
C GLY HB 44 -73.47 -44.40 -45.91
N GLU HB 45 -73.00 -45.47 -45.27
CA GLU HB 45 -73.87 -46.53 -44.79
C GLU HB 45 -73.97 -46.45 -43.27
N ARG HB 46 -75.17 -46.61 -42.75
CA ARG HB 46 -75.38 -46.51 -41.31
C ARG HB 46 -74.77 -47.73 -40.61
N ILE HB 47 -74.12 -47.48 -39.48
CA ILE HB 47 -73.52 -48.54 -38.68
C ILE HB 47 -74.57 -49.05 -37.73
N GLU HB 48 -74.67 -50.38 -37.61
CA GLU HB 48 -75.78 -50.99 -36.90
C GLU HB 48 -75.66 -50.79 -35.40
N LYS HB 49 -74.49 -51.03 -34.82
CA LYS HB 49 -74.31 -50.97 -33.38
C LYS HB 49 -73.74 -49.59 -33.02
N VAL HB 50 -74.61 -48.71 -32.52
CA VAL HB 50 -74.22 -47.39 -32.06
C VAL HB 50 -74.83 -47.16 -30.68
N GLU HB 51 -73.96 -46.96 -29.69
CA GLU HB 51 -74.36 -46.65 -28.32
C GLU HB 51 -74.36 -45.15 -28.07
N HIS HB 52 -74.96 -44.75 -26.95
CA HIS HB 52 -75.01 -43.35 -26.57
C HIS HB 52 -75.01 -43.23 -25.05
N SER HB 53 -74.72 -42.02 -24.58
CA SER HB 53 -74.66 -41.72 -23.16
C SER HB 53 -76.06 -41.37 -22.64
N ASP HB 54 -76.16 -41.20 -21.33
CA ASP HB 54 -77.43 -40.84 -20.71
C ASP HB 54 -77.67 -39.34 -20.83
N LEU HB 55 -78.92 -38.98 -21.15
CA LEU HB 55 -79.29 -37.60 -21.41
C LEU HB 55 -79.03 -36.69 -20.21
N SER HB 56 -78.29 -35.61 -20.45
CA SER HB 56 -77.99 -34.59 -19.45
C SER HB 56 -78.09 -33.23 -20.12
N PHE HB 57 -77.93 -32.16 -19.35
CA PHE HB 57 -78.04 -30.82 -19.91
C PHE HB 57 -77.07 -29.88 -19.22
N SER HB 58 -76.79 -28.76 -19.88
CA SER HB 58 -75.82 -27.77 -19.43
C SER HB 58 -76.45 -26.66 -18.60
N LYS HB 59 -75.67 -25.59 -18.39
CA LYS HB 59 -76.08 -24.49 -17.52
C LYS HB 59 -77.28 -23.75 -18.09
N ASP HB 60 -77.29 -23.53 -19.41
CA ASP HB 60 -78.36 -22.83 -20.11
C ASP HB 60 -79.53 -23.74 -20.45
N TRP HB 61 -79.62 -24.92 -19.83
CA TRP HB 61 -80.68 -25.92 -20.00
C TRP HB 61 -80.53 -26.66 -21.32
N SER HB 62 -79.44 -26.44 -22.06
CA SER HB 62 -79.23 -27.08 -23.34
C SER HB 62 -78.71 -28.52 -23.16
N PHE HB 63 -79.13 -29.39 -24.07
CA PHE HB 63 -78.86 -30.82 -24.00
C PHE HB 63 -77.56 -31.18 -24.71
N TYR HB 64 -76.91 -32.24 -24.22
CA TYR HB 64 -75.69 -32.76 -24.84
C TYR HB 64 -75.72 -34.28 -24.81
N LEU HB 65 -75.24 -34.89 -25.90
CA LEU HB 65 -75.22 -36.34 -26.04
C LEU HB 65 -73.92 -36.78 -26.71
N LEU HB 66 -73.47 -37.99 -26.38
CA LEU HB 66 -72.27 -38.55 -26.98
C LEU HB 66 -72.60 -39.92 -27.59
N TYR HB 67 -72.49 -40.02 -28.91
CA TYR HB 67 -72.70 -41.28 -29.62
C TYR HB 67 -71.35 -41.85 -30.03
N TYR HB 68 -71.15 -43.15 -29.78
CA TYR HB 68 -69.85 -43.74 -30.07
C TYR HB 68 -69.99 -45.20 -30.49
N THR HB 69 -69.02 -45.66 -31.27
CA THR HB 69 -68.91 -47.07 -31.65
C THR HB 69 -67.46 -47.38 -31.98
N GLU HB 70 -67.11 -48.68 -31.89
CA GLU HB 70 -65.78 -49.13 -32.28
C GLU HB 70 -65.71 -49.34 -33.78
N PHE HB 71 -64.54 -49.01 -34.35
CA PHE HB 71 -64.31 -49.15 -35.78
C PHE HB 71 -62.82 -49.24 -36.01
N THR HB 72 -62.45 -49.67 -37.22
CA THR HB 72 -61.04 -49.69 -37.60
C THR HB 72 -60.84 -48.68 -38.72
N PRO HB 73 -60.07 -47.62 -38.48
CA PRO HB 73 -59.90 -46.57 -39.50
C PRO HB 73 -58.99 -47.01 -40.63
N THR HB 74 -59.01 -46.21 -41.68
CA THR HB 74 -58.21 -46.44 -42.88
C THR HB 74 -58.31 -45.20 -43.75
N GLU HB 75 -57.22 -44.84 -44.43
CA GLU HB 75 -57.20 -43.67 -45.29
C GLU HB 75 -58.24 -43.77 -46.41
N LYS HB 76 -58.74 -44.97 -46.67
CA LYS HB 76 -59.71 -45.26 -47.72
C LYS HB 76 -61.15 -45.07 -47.24
N ASP HB 77 -61.44 -45.42 -46.00
CA ASP HB 77 -62.80 -45.35 -45.47
C ASP HB 77 -63.14 -43.92 -45.05
N GLU HB 78 -64.42 -43.59 -45.12
CA GLU HB 78 -64.92 -42.30 -44.69
C GLU HB 78 -65.91 -42.49 -43.54
N TYR HB 79 -65.88 -41.58 -42.58
CA TYR HB 79 -66.78 -41.66 -41.44
C TYR HB 79 -67.40 -40.28 -41.22
N ALA HB 80 -68.60 -40.27 -40.64
CA ALA HB 80 -69.30 -39.01 -40.45
C ALA HB 80 -70.39 -39.19 -39.40
N CYS HB 81 -71.00 -38.06 -39.01
CA CYS HB 81 -72.13 -38.06 -38.12
C CYS HB 81 -73.28 -37.33 -38.81
N ARG HB 82 -74.45 -37.94 -38.82
CA ARG HB 82 -75.66 -37.35 -39.40
C ARG HB 82 -76.64 -37.04 -38.29
N VAL HB 83 -76.99 -35.78 -38.13
CA VAL HB 83 -77.87 -35.32 -37.07
C VAL HB 83 -79.08 -34.66 -37.71
N ASN HB 84 -80.27 -35.14 -37.34
CA ASN HB 84 -81.52 -34.55 -37.79
C ASN HB 84 -82.23 -34.00 -36.57
N HIS HB 85 -82.78 -32.81 -36.71
CA HIS HB 85 -83.40 -32.13 -35.58
C HIS HB 85 -84.54 -31.27 -36.11
N VAL HB 86 -85.44 -30.89 -35.20
CA VAL HB 86 -86.58 -30.07 -35.62
C VAL HB 86 -86.10 -28.71 -36.13
N THR HB 87 -85.04 -28.16 -35.52
CA THR HB 87 -84.52 -26.88 -35.97
C THR HB 87 -83.80 -26.98 -37.30
N LEU HB 88 -83.41 -28.17 -37.72
CA LEU HB 88 -82.64 -28.35 -38.95
C LEU HB 88 -83.57 -28.68 -40.11
N SER HB 89 -83.47 -27.88 -41.17
CA SER HB 89 -84.27 -28.14 -42.38
C SER HB 89 -83.90 -29.48 -43.01
N GLN HB 90 -82.62 -29.82 -42.98
CA GLN HB 90 -82.11 -31.07 -43.51
C GLN HB 90 -81.13 -31.68 -42.51
N PRO HB 91 -80.96 -33.01 -42.52
CA PRO HB 91 -80.00 -33.64 -41.61
C PRO HB 91 -78.57 -33.15 -41.82
N LYS HB 92 -78.08 -32.34 -40.89
CA LYS HB 92 -76.73 -31.78 -41.00
C LYS HB 92 -75.68 -32.90 -40.88
N ILE HB 93 -74.76 -32.95 -41.84
CA ILE HB 93 -73.70 -33.95 -41.86
C ILE HB 93 -72.35 -33.28 -41.63
N VAL HB 94 -71.55 -33.85 -40.74
CA VAL HB 94 -70.20 -33.38 -40.46
C VAL HB 94 -69.25 -34.56 -40.67
N LYS HB 95 -68.30 -34.41 -41.59
CA LYS HB 95 -67.38 -35.49 -41.90
C LYS HB 95 -66.23 -35.53 -40.89
N TRP HB 96 -65.65 -36.71 -40.73
CA TRP HB 96 -64.58 -36.90 -39.75
C TRP HB 96 -63.23 -36.55 -40.36
N ASP HB 97 -62.53 -35.61 -39.74
CA ASP HB 97 -61.16 -35.26 -40.08
C ASP HB 97 -60.29 -35.65 -38.89
N ARG HB 98 -59.31 -36.53 -39.12
CA ARG HB 98 -58.47 -37.00 -38.01
C ARG HB 98 -57.59 -35.90 -37.42
N ASP HB 99 -57.41 -34.79 -38.13
CA ASP HB 99 -56.64 -33.66 -37.63
C ASP HB 99 -57.47 -32.66 -36.84
N MET HB 100 -58.76 -32.90 -36.66
CA MET HB 100 -59.62 -32.00 -35.90
C MET HB 100 -60.50 -32.76 -34.92
#